data_5XQJ
#
_entry.id   5XQJ
#
_cell.length_a   167.616
_cell.length_b   171.800
_cell.length_c   342.337
_cell.angle_alpha   90.00
_cell.angle_beta   90.00
_cell.angle_gamma   90.00
#
_symmetry.space_group_name_H-M   'P 21 21 21'
#
loop_
_entity.id
_entity.type
_entity.pdbx_description
1 polymer 'Pcrglx protein'
2 branched '2,6-anhydro-3-deoxy-L-threo-hex-2-enonic acid-(1-2)-[beta-D-galactopyranose-(1-4)]alpha-L-rhamnopyranose'
3 branched '2,6-anhydro-3-deoxy-L-threo-hex-2-enonic acid-(1-2)-alpha-L-rhamnopyranose'
4 non-polymer 'CALCIUM ION'
5 water water
#
_entity_poly.entity_id   1
_entity_poly.type   'polypeptide(L)'
_entity_poly.pdbx_seq_one_letter_code
;FNCTSSSATVHWLGDKPTYHAGVTFGLPWPQGKYRPQETSFSLTGDTEDKSELQSWATGYWADGSLKWTAHAIAESNQIY
DQYTVTASSLGCVKSSSSSSESSAPNSSIVVTDNSDALTVNTGEVAVSFPKGGNVIIGDIKTKSGKVIGANGRLVLQSQD
SVPDNFDNRANSPIQYSNFDGNINEVFVNQTSARTLVTVRGNHTVTDGTDHDPWLPFVVRFYLYANSATIKVMHSIVFDG
DENDFITGLGIRFDVPLKGEEYYDRHIRFAGVDGGIFNEAVQGITGLRRDPGEEIRAAQFAGQKLADTETWEPRVSTRLK
WIPTWADYGLTQLTADGFGLKKRTKAGQSWVNIPSGTRAEGLAYLGGATQGGLAVGLRDFWKRYPVGLDISNAASDTGEL
TLWLYSPAAEPLDLRPFHDGLGQDGYEDQLDALEITYEDWEPGFDTPYGIARTSEVYLFAFDQTPTSDKLASLTAYMNDP
PVLVAEPKYIHETQALGEYWALPGSASPAAATLEDRLQFIFDFYKGQIEQRRWYGFLDYGDFMHTYDPDRHTWRYDVGGY
AWDNSELSPDLFFWLYFLRTGSKDAYRFAEALTRHTGEVDVYHIGDWKGLGTRHGVQHWSDSAKQARISQPQYRKYFFYL
SGGDERVGELLEELLDTDKTYGELDPQRKVRTDGWEPSPNSTVSFGLGTDWSGLAAGWLIEWERRGPRWEEAKTKLTNTI
AGIANLTNGFVTGSGLYDPVTWTLGPPPSDPGNRGNVSISHLNAVFGLPEVVSEAIAYLADDIPKGFKQAWLDYCYYYHA
SASEQKDRYGVSFSKISLLQAHSRLAAYAAYETKNKTLALRAWKDFYASDGLLPDAPWNITHVDGSDVLVPVDEAAWLAT
NDIAQYGLAVIQNLAYVSDSLDDYQS
;
_entity_poly.pdbx_strand_id   A,B,C,D,E,F,G,H
#
# COMPACT_ATOMS: atom_id res chain seq x y z
N ASN A 2 4.48 -61.39 -6.90
CA ASN A 2 2.98 -61.34 -7.03
C ASN A 2 2.34 -60.50 -5.89
N CYS A 3 0.99 -60.53 -5.83
CA CYS A 3 0.19 -59.65 -4.97
C CYS A 3 0.34 -59.82 -3.43
N THR A 4 0.46 -58.68 -2.71
CA THR A 4 0.47 -58.61 -1.22
C THR A 4 -0.45 -57.45 -0.82
N SER A 5 -1.47 -57.78 -0.03
CA SER A 5 -2.49 -56.80 0.41
C SER A 5 -2.94 -57.15 1.82
N SER A 6 -3.31 -56.11 2.56
CA SER A 6 -3.69 -56.20 4.00
C SER A 6 -4.47 -54.93 4.37
N SER A 7 -5.14 -54.92 5.50
CA SER A 7 -6.00 -53.79 5.83
C SER A 7 -5.80 -53.41 7.25
N ALA A 8 -6.04 -52.15 7.56
CA ALA A 8 -5.98 -51.65 8.93
C ALA A 8 -7.09 -50.63 9.12
N THR A 9 -7.77 -50.74 10.26
CA THR A 9 -8.89 -49.90 10.61
C THR A 9 -8.43 -48.82 11.60
N VAL A 10 -9.11 -47.69 11.50
CA VAL A 10 -8.76 -46.50 12.22
C VAL A 10 -10.09 -45.98 12.78
N HIS A 11 -10.05 -45.50 14.01
CA HIS A 11 -11.25 -45.03 14.71
C HIS A 11 -10.99 -43.62 15.15
N TRP A 12 -12.10 -42.92 15.39
CA TRP A 12 -12.09 -41.65 16.12
C TRP A 12 -11.71 -41.96 17.56
N LEU A 13 -10.94 -41.03 18.12
CA LEU A 13 -10.36 -41.11 19.45
C LEU A 13 -11.42 -41.25 20.54
N GLY A 14 -12.46 -40.44 20.45
CA GLY A 14 -13.59 -40.57 21.36
C GLY A 14 -14.85 -40.85 20.59
N ASP A 15 -15.87 -40.00 20.81
CA ASP A 15 -17.12 -40.05 20.08
C ASP A 15 -16.92 -39.63 18.63
N LYS A 16 -17.79 -40.10 17.76
CA LYS A 16 -17.82 -39.75 16.36
C LYS A 16 -18.05 -38.22 16.25
N PRO A 17 -17.18 -37.46 15.53
CA PRO A 17 -17.42 -36.03 15.45
C PRO A 17 -18.62 -35.65 14.60
N THR A 18 -19.14 -34.48 14.89
CA THR A 18 -20.25 -33.91 14.15
C THR A 18 -19.76 -33.15 12.89
N TYR A 19 -18.54 -32.64 12.98
CA TYR A 19 -17.86 -31.96 11.90
C TYR A 19 -16.37 -32.30 11.94
N HIS A 20 -15.74 -32.52 10.80
CA HIS A 20 -14.28 -32.40 10.71
C HIS A 20 -13.91 -31.56 9.51
N ALA A 21 -12.63 -31.15 9.44
CA ALA A 21 -12.15 -30.21 8.44
C ALA A 21 -11.04 -30.84 7.60
N GLY A 22 -11.20 -32.15 7.37
CA GLY A 22 -10.13 -33.03 6.92
C GLY A 22 -9.14 -33.34 8.00
N VAL A 23 -8.50 -34.51 7.92
CA VAL A 23 -7.62 -34.97 9.01
C VAL A 23 -6.47 -35.80 8.46
N THR A 24 -5.36 -35.80 9.20
CA THR A 24 -4.26 -36.69 8.93
C THR A 24 -4.21 -37.75 10.03
N PHE A 25 -3.67 -38.91 9.69
CA PHE A 25 -3.42 -39.96 10.66
C PHE A 25 -2.28 -40.87 10.25
N GLY A 26 -1.80 -41.64 11.22
CA GLY A 26 -0.66 -42.55 11.05
C GLY A 26 -1.13 -43.97 10.86
N LEU A 27 -0.33 -44.80 10.19
CA LEU A 27 -0.61 -46.24 10.13
C LEU A 27 0.74 -46.90 10.05
N PRO A 28 0.95 -47.95 10.86
CA PRO A 28 2.17 -48.76 10.86
C PRO A 28 2.03 -50.02 10.01
N TRP A 29 3.13 -50.59 9.57
CA TRP A 29 3.05 -51.72 8.67
C TRP A 29 4.11 -52.69 9.11
N PRO A 30 3.83 -54.02 9.02
CA PRO A 30 4.80 -55.07 9.48
C PRO A 30 6.14 -55.07 8.75
N GLN A 31 7.22 -55.25 9.50
CA GLN A 31 8.53 -55.23 8.88
C GLN A 31 8.54 -56.07 7.62
N GLY A 32 8.93 -55.47 6.50
CA GLY A 32 9.29 -56.16 5.26
C GLY A 32 8.18 -56.35 4.26
N LYS A 33 7.01 -55.84 4.57
CA LYS A 33 5.82 -56.19 3.81
C LYS A 33 5.65 -55.33 2.59
N TYR A 34 5.73 -54.02 2.74
CA TYR A 34 5.49 -53.13 1.60
C TYR A 34 6.67 -52.23 1.24
N ARG A 35 6.98 -52.14 -0.05
CA ARG A 35 8.05 -51.25 -0.50
C ARG A 35 7.51 -49.85 -0.69
N PRO A 36 8.35 -48.83 -0.48
CA PRO A 36 7.95 -47.44 -0.70
C PRO A 36 7.81 -47.18 -2.17
N GLN A 37 6.80 -46.40 -2.53
CA GLN A 37 6.58 -45.95 -3.92
C GLN A 37 6.09 -47.09 -4.83
N GLU A 38 5.89 -48.28 -4.28
CA GLU A 38 5.35 -49.44 -5.00
C GLU A 38 4.07 -49.94 -4.32
N THR A 39 3.46 -49.10 -3.48
CA THR A 39 2.39 -49.53 -2.60
C THR A 39 1.26 -48.53 -2.63
N SER A 40 0.10 -49.00 -3.02
CA SER A 40 -1.07 -48.17 -3.18
C SER A 40 -2.01 -48.39 -1.96
N PHE A 41 -2.79 -47.36 -1.64
CA PHE A 41 -3.62 -47.31 -0.43
C PHE A 41 -5.04 -46.81 -0.77
N SER A 42 -6.08 -47.42 -0.25
CA SER A 42 -7.43 -47.01 -0.59
C SER A 42 -8.20 -47.09 0.65
N LEU A 43 -9.32 -46.37 0.68
CA LEU A 43 -10.05 -46.08 1.90
C LEU A 43 -11.39 -46.70 1.77
N THR A 44 -11.96 -47.19 2.89
CA THR A 44 -13.36 -47.73 2.90
C THR A 44 -14.41 -47.03 3.84
N LEU A 53 -7.58 -42.25 -1.31
CA LEU A 53 -6.80 -41.85 -0.13
C LEU A 53 -5.34 -41.37 -0.38
N GLN A 54 -5.13 -40.10 -0.04
CA GLN A 54 -3.80 -39.47 -0.04
C GLN A 54 -2.79 -40.03 0.97
N SER A 55 -1.61 -40.46 0.51
CA SER A 55 -0.63 -41.20 1.36
C SER A 55 0.83 -40.88 1.13
N TRP A 56 1.61 -40.93 2.20
CA TRP A 56 3.02 -40.68 2.10
C TRP A 56 3.72 -41.33 3.31
N ALA A 57 5.01 -41.66 3.17
CA ALA A 57 5.78 -42.33 4.21
C ALA A 57 6.26 -41.37 5.30
N THR A 58 6.21 -41.78 6.57
CA THR A 58 6.83 -40.99 7.64
C THR A 58 8.01 -41.69 8.25
N GLY A 59 8.13 -42.98 7.97
CA GLY A 59 9.11 -43.84 8.63
C GLY A 59 9.34 -45.16 7.92
N TYR A 60 10.56 -45.72 8.09
CA TYR A 60 11.05 -46.89 7.38
C TYR A 60 11.77 -47.92 8.27
N TRP A 61 11.59 -49.20 7.97
CA TRP A 61 12.37 -50.28 8.60
C TRP A 61 13.79 -50.36 8.04
N ALA A 62 14.70 -51.06 8.73
CA ALA A 62 16.09 -51.16 8.25
C ALA A 62 16.23 -51.58 6.78
N ASP A 63 15.46 -52.57 6.34
CA ASP A 63 15.48 -52.95 4.91
C ASP A 63 14.76 -52.00 3.92
N GLY A 64 14.29 -50.84 4.38
CA GLY A 64 13.69 -49.87 3.49
C GLY A 64 12.19 -50.03 3.23
N SER A 65 11.57 -51.02 3.86
CA SER A 65 10.12 -51.17 3.77
C SER A 65 9.47 -50.18 4.72
N LEU A 66 8.22 -49.86 4.42
CA LEU A 66 7.46 -48.88 5.15
C LEU A 66 7.23 -49.37 6.59
N LYS A 67 7.59 -48.52 7.53
CA LYS A 67 7.34 -48.72 8.95
C LYS A 67 6.09 -47.94 9.38
N TRP A 68 6.04 -46.67 8.99
CA TRP A 68 4.88 -45.82 9.25
C TRP A 68 4.60 -44.99 8.03
N THR A 69 3.32 -44.75 7.80
CA THR A 69 2.84 -43.87 6.73
C THR A 69 1.89 -42.85 7.34
N ALA A 70 1.58 -41.83 6.57
CA ALA A 70 0.59 -40.85 6.96
C ALA A 70 -0.43 -40.79 5.89
N HIS A 71 -1.59 -40.27 6.23
CA HIS A 71 -2.73 -40.35 5.38
C HIS A 71 -3.60 -39.17 5.64
N ALA A 72 -4.23 -38.68 4.59
CA ALA A 72 -4.99 -37.49 4.72
C ALA A 72 -6.30 -37.65 4.03
N ILE A 73 -7.36 -37.11 4.65
CA ILE A 73 -8.69 -37.08 4.06
C ILE A 73 -9.25 -35.64 3.99
N ALA A 74 -9.98 -35.33 2.92
CA ALA A 74 -10.60 -34.03 2.71
C ALA A 74 -11.77 -33.77 3.68
N GLU A 75 -12.17 -32.52 3.86
CA GLU A 75 -13.40 -32.23 4.58
C GLU A 75 -14.56 -32.95 3.88
N SER A 76 -15.47 -33.56 4.66
CA SER A 76 -16.67 -34.19 4.10
C SER A 76 -17.87 -34.07 5.06
N ASN A 77 -19.09 -33.88 4.56
CA ASN A 77 -20.35 -34.03 5.37
C ASN A 77 -20.59 -35.47 5.79
N GLN A 78 -20.05 -36.42 5.03
CA GLN A 78 -20.15 -37.84 5.35
C GLN A 78 -19.06 -38.19 6.33
N ILE A 79 -19.47 -38.53 7.55
CA ILE A 79 -18.57 -38.95 8.60
C ILE A 79 -18.95 -40.35 9.05
N TYR A 80 -17.95 -41.25 9.10
CA TYR A 80 -18.12 -42.70 9.39
C TYR A 80 -17.70 -43.02 10.81
N ASP A 81 -18.13 -44.17 11.33
CA ASP A 81 -17.70 -44.65 12.66
C ASP A 81 -16.28 -45.25 12.64
N GLN A 82 -15.78 -45.56 11.45
CA GLN A 82 -14.47 -46.13 11.30
C GLN A 82 -14.08 -46.04 9.85
N TYR A 83 -12.81 -46.36 9.55
CA TYR A 83 -12.19 -46.11 8.25
C TYR A 83 -11.17 -47.21 8.02
N THR A 84 -11.16 -47.80 6.85
CA THR A 84 -10.28 -48.89 6.61
C THR A 84 -9.41 -48.56 5.43
N VAL A 85 -8.11 -48.69 5.67
CA VAL A 85 -7.11 -48.48 4.68
C VAL A 85 -6.66 -49.86 4.29
N THR A 86 -6.84 -50.22 3.02
CA THR A 86 -6.26 -51.41 2.46
C THR A 86 -5.02 -51.06 1.70
N ALA A 87 -3.89 -51.65 2.05
CA ALA A 87 -2.69 -51.49 1.24
C ALA A 87 -2.69 -52.56 0.16
N SER A 88 -1.87 -52.37 -0.88
CA SER A 88 -1.71 -53.30 -2.02
C SER A 88 -0.39 -53.05 -2.71
N SER A 89 0.45 -54.07 -2.87
CA SER A 89 1.70 -53.92 -3.62
C SER A 89 1.33 -53.72 -5.05
N LEU A 90 2.32 -53.28 -5.82
CA LEU A 90 2.18 -53.09 -7.27
C LEU A 90 1.79 -54.37 -8.00
N GLY A 91 2.34 -55.49 -7.56
CA GLY A 91 1.95 -56.80 -8.07
C GLY A 91 0.44 -57.06 -8.19
N CYS A 92 -0.36 -56.43 -7.34
CA CYS A 92 -1.81 -56.65 -7.36
C CYS A 92 -2.56 -56.03 -8.57
N VAL A 93 -2.03 -54.95 -9.13
CA VAL A 93 -2.59 -54.36 -10.35
C VAL A 93 -1.85 -54.92 -11.61
N LYS A 94 -0.51 -54.91 -11.56
CA LYS A 94 0.39 -55.43 -12.62
C LYS A 94 0.14 -56.92 -12.97
N SER A 95 -0.48 -57.70 -12.08
CA SER A 95 -0.81 -59.10 -12.36
C SER A 95 -2.21 -59.28 -12.94
N SER A 96 -3.23 -58.62 -12.38
CA SER A 96 -4.62 -58.73 -12.89
C SER A 96 -4.75 -58.02 -14.25
N SER A 97 -5.34 -58.71 -15.22
CA SER A 97 -5.92 -58.05 -16.40
C SER A 97 -7.42 -57.86 -16.10
N SER A 98 -7.70 -56.87 -15.26
CA SER A 98 -9.03 -56.30 -15.09
C SER A 98 -8.91 -54.85 -15.63
N SER A 99 -9.94 -54.35 -16.32
CA SER A 99 -9.99 -52.93 -16.73
C SER A 99 -10.72 -52.15 -15.66
N SER A 100 -10.08 -51.13 -15.09
CA SER A 100 -10.66 -50.32 -14.01
C SER A 100 -10.65 -48.76 -14.28
N GLU A 101 -11.70 -48.07 -13.80
CA GLU A 101 -11.93 -46.65 -14.10
C GLU A 101 -10.96 -45.77 -13.30
N SER A 102 -10.40 -44.78 -13.99
CA SER A 102 -9.68 -43.71 -13.34
C SER A 102 -10.61 -42.52 -13.38
N SER A 103 -10.93 -41.97 -12.20
CA SER A 103 -11.77 -40.75 -12.10
C SER A 103 -11.15 -39.77 -11.10
N ALA A 104 -11.39 -38.46 -11.31
CA ALA A 104 -10.90 -37.43 -10.40
C ALA A 104 -11.58 -37.57 -9.04
N PRO A 105 -10.90 -37.13 -7.96
CA PRO A 105 -11.63 -37.05 -6.69
C PRO A 105 -12.63 -35.90 -6.76
N ASN A 106 -13.71 -36.01 -5.99
CA ASN A 106 -14.82 -35.02 -6.04
C ASN A 106 -14.32 -33.60 -5.70
N SER A 107 -13.31 -33.52 -4.84
CA SER A 107 -12.65 -32.27 -4.44
C SER A 107 -11.13 -32.45 -4.46
N SER A 108 -10.39 -31.37 -4.75
CA SER A 108 -8.94 -31.45 -4.95
C SER A 108 -8.27 -30.09 -5.01
N ILE A 109 -7.23 -29.88 -4.19
CA ILE A 109 -6.54 -28.60 -4.03
C ILE A 109 -5.66 -28.29 -5.23
N VAL A 110 -5.71 -27.03 -5.70
CA VAL A 110 -4.76 -26.55 -6.69
C VAL A 110 -3.96 -25.40 -6.07
N VAL A 111 -2.69 -25.27 -6.45
CA VAL A 111 -1.84 -24.14 -6.00
C VAL A 111 -1.13 -23.48 -7.19
N THR A 112 -1.35 -22.17 -7.40
CA THR A 112 -0.62 -21.37 -8.43
C THR A 112 0.54 -20.63 -7.75
N ASP A 113 1.73 -20.67 -8.37
CA ASP A 113 3.00 -20.31 -7.74
C ASP A 113 3.83 -19.32 -8.56
N ASN A 114 3.97 -18.07 -8.09
CA ASN A 114 4.86 -17.08 -8.74
C ASN A 114 5.77 -16.32 -7.76
N SER A 115 6.70 -15.53 -8.33
CA SER A 115 7.77 -14.87 -7.54
C SER A 115 7.22 -13.94 -6.45
N ASP A 116 6.06 -13.34 -6.71
CA ASP A 116 5.36 -12.48 -5.72
C ASP A 116 4.78 -13.35 -4.59
N ALA A 117 4.06 -14.42 -4.94
CA ALA A 117 3.17 -15.12 -3.99
C ALA A 117 2.66 -16.52 -4.41
N LEU A 118 2.54 -17.37 -3.40
CA LEU A 118 1.91 -18.69 -3.48
C LEU A 118 0.39 -18.62 -3.16
N THR A 119 -0.46 -19.26 -3.95
CA THR A 119 -1.90 -19.24 -3.69
C THR A 119 -2.41 -20.68 -3.59
N VAL A 120 -3.15 -21.00 -2.52
CA VAL A 120 -3.68 -22.36 -2.28
C VAL A 120 -5.19 -22.31 -2.36
N ASN A 121 -5.80 -23.09 -3.27
CA ASN A 121 -7.25 -23.13 -3.42
C ASN A 121 -7.86 -24.52 -3.09
N THR A 122 -8.70 -24.59 -2.06
CA THR A 122 -9.27 -25.85 -1.59
C THR A 122 -10.62 -26.16 -2.23
N GLY A 123 -11.13 -25.28 -3.08
CA GLY A 123 -12.48 -25.41 -3.57
C GLY A 123 -13.49 -24.69 -2.69
N GLU A 124 -13.15 -24.50 -1.40
CA GLU A 124 -13.97 -23.70 -0.50
C GLU A 124 -13.33 -22.39 -0.09
N VAL A 125 -12.00 -22.28 -0.19
CA VAL A 125 -11.28 -20.99 -0.04
C VAL A 125 -10.02 -20.92 -0.88
N ALA A 126 -9.60 -19.70 -1.15
CA ALA A 126 -8.35 -19.45 -1.83
C ALA A 126 -7.57 -18.58 -0.91
N VAL A 127 -6.38 -18.99 -0.51
CA VAL A 127 -5.55 -18.12 0.31
C VAL A 127 -4.15 -17.97 -0.31
N SER A 128 -3.62 -16.75 -0.15
CA SER A 128 -2.39 -16.32 -0.78
C SER A 128 -1.35 -16.07 0.27
N PHE A 129 -0.14 -16.53 0.03
CA PHE A 129 0.96 -16.33 0.96
C PHE A 129 2.10 -15.55 0.27
N PRO A 130 2.25 -14.25 0.58
CA PRO A 130 3.42 -13.51 0.11
C PRO A 130 4.72 -14.24 0.37
N LYS A 131 5.72 -14.01 -0.47
CA LYS A 131 7.03 -14.70 -0.41
C LYS A 131 8.05 -13.88 0.25
N GLY A 132 7.69 -12.65 0.53
CA GLY A 132 8.48 -11.69 1.30
C GLY A 132 7.48 -10.72 1.92
N GLY A 133 8.00 -9.78 2.68
CA GLY A 133 7.13 -8.80 3.35
C GLY A 133 6.74 -9.07 4.78
N ASN A 134 5.80 -8.28 5.26
CA ASN A 134 5.45 -8.19 6.66
C ASN A 134 3.98 -8.59 6.82
N VAL A 135 3.49 -9.38 5.84
CA VAL A 135 2.09 -9.85 5.74
C VAL A 135 2.05 -11.33 5.32
N ILE A 136 1.57 -12.20 6.23
CA ILE A 136 1.71 -13.67 6.07
C ILE A 136 0.72 -14.23 5.07
N ILE A 137 -0.50 -13.73 5.17
CA ILE A 137 -1.58 -14.03 4.27
C ILE A 137 -1.97 -12.71 3.61
N GLY A 138 -1.98 -12.69 2.27
CA GLY A 138 -2.33 -11.51 1.51
C GLY A 138 -3.80 -11.24 1.63
N ASP A 139 -4.57 -12.24 1.22
CA ASP A 139 -6.01 -12.28 1.46
C ASP A 139 -6.61 -13.71 1.42
N ILE A 140 -7.89 -13.79 1.78
CA ILE A 140 -8.65 -15.01 1.85
C ILE A 140 -9.95 -14.77 1.09
N LYS A 141 -10.15 -15.55 0.04
CA LYS A 141 -11.35 -15.51 -0.79
C LYS A 141 -12.20 -16.77 -0.59
N THR A 142 -13.51 -16.60 -0.55
CA THR A 142 -14.42 -17.73 -0.63
C THR A 142 -14.49 -18.26 -2.07
N LYS A 143 -15.28 -19.33 -2.25
CA LYS A 143 -15.68 -19.90 -3.56
C LYS A 143 -15.89 -18.84 -4.61
N SER A 144 -16.81 -17.90 -4.29
CA SER A 144 -17.29 -16.86 -5.21
C SER A 144 -16.17 -15.92 -5.74
N GLY A 145 -15.04 -15.85 -5.04
CA GLY A 145 -13.97 -14.88 -5.33
C GLY A 145 -13.96 -13.77 -4.29
N LYS A 146 -15.02 -13.71 -3.49
CA LYS A 146 -15.25 -12.67 -2.48
C LYS A 146 -14.18 -12.70 -1.40
N VAL A 147 -13.51 -11.56 -1.24
CA VAL A 147 -12.53 -11.39 -0.21
C VAL A 147 -13.21 -11.22 1.17
N ILE A 148 -12.83 -12.10 2.08
CA ILE A 148 -13.38 -12.09 3.44
C ILE A 148 -12.34 -11.70 4.47
N GLY A 149 -11.06 -11.75 4.14
CA GLY A 149 -10.10 -11.23 5.09
C GLY A 149 -8.80 -11.01 4.40
N ALA A 150 -7.96 -10.14 4.95
CA ALA A 150 -6.72 -9.75 4.30
C ALA A 150 -5.65 -9.43 5.30
N ASN A 151 -4.43 -9.38 4.80
CA ASN A 151 -3.23 -9.00 5.55
C ASN A 151 -3.11 -9.64 6.88
N GLY A 152 -3.33 -10.94 6.88
CA GLY A 152 -2.94 -11.75 8.03
C GLY A 152 -1.51 -11.40 8.35
N ARG A 153 -1.26 -11.05 9.61
CA ARG A 153 0.07 -10.65 10.03
C ARG A 153 0.36 -11.04 11.49
N LEU A 154 1.63 -11.26 11.79
CA LEU A 154 2.04 -11.53 13.15
C LEU A 154 2.31 -10.19 13.80
N VAL A 155 1.95 -10.07 15.06
CA VAL A 155 2.31 -8.91 15.84
C VAL A 155 3.05 -9.32 17.09
N LEU A 156 3.95 -8.42 17.50
CA LEU A 156 4.65 -8.61 18.73
C LEU A 156 4.80 -7.22 19.35
N GLN A 157 4.70 -7.17 20.68
CA GLN A 157 4.92 -5.92 21.42
C GLN A 157 5.78 -6.26 22.63
N SER A 158 6.65 -5.35 23.01
CA SER A 158 7.57 -5.56 24.11
C SER A 158 7.95 -4.26 24.82
N GLN A 159 8.64 -4.41 25.95
CA GLN A 159 9.17 -3.26 26.68
C GLN A 159 10.59 -3.53 27.13
N ASP A 160 11.30 -2.42 27.35
CA ASP A 160 12.76 -2.36 27.49
C ASP A 160 13.15 -2.60 28.96
N SER A 161 12.17 -2.52 29.85
CA SER A 161 12.44 -2.72 31.25
C SER A 161 11.13 -2.85 31.99
N VAL A 162 11.21 -3.13 33.28
CA VAL A 162 10.06 -3.29 34.16
C VAL A 162 10.29 -2.54 35.52
N PRO A 163 9.28 -1.85 36.07
CA PRO A 163 9.52 -1.31 37.43
C PRO A 163 9.56 -2.36 38.53
N ASP A 164 10.36 -2.12 39.56
CA ASP A 164 10.33 -2.87 40.81
C ASP A 164 8.91 -3.20 41.33
N ASN A 165 7.98 -2.26 41.16
CA ASN A 165 6.62 -2.41 41.73
C ASN A 165 5.73 -1.28 41.21
N PHE A 166 4.47 -1.21 41.64
CA PHE A 166 3.50 -0.29 41.04
C PHE A 166 3.84 1.18 41.32
N ASP A 167 4.17 1.46 42.57
CA ASP A 167 4.78 2.75 42.97
C ASP A 167 5.96 3.22 42.08
N ASN A 168 6.83 2.30 41.69
CA ASN A 168 8.06 2.66 40.99
C ASN A 168 7.80 3.11 39.53
N ARG A 169 6.58 2.95 39.01
CA ARG A 169 6.24 3.46 37.67
C ARG A 169 6.59 4.93 37.50
N ALA A 170 6.28 5.73 38.50
CA ALA A 170 6.52 7.17 38.49
C ALA A 170 8.00 7.55 38.37
N ASN A 171 8.90 6.65 38.70
CA ASN A 171 10.34 6.91 38.65
C ASN A 171 11.12 5.93 37.79
N SER A 172 10.42 5.22 36.91
CA SER A 172 11.03 4.11 36.14
C SER A 172 10.34 3.99 34.77
N PRO A 173 10.84 4.76 33.80
CA PRO A 173 10.02 4.87 32.61
C PRO A 173 10.19 3.66 31.74
N ILE A 174 9.15 3.38 30.97
CA ILE A 174 9.03 2.18 30.17
C ILE A 174 9.06 2.59 28.68
N GLN A 175 9.99 2.07 27.87
CA GLN A 175 9.98 2.31 26.40
C GLN A 175 9.30 1.13 25.61
N TYR A 176 8.08 1.34 25.16
CA TYR A 176 7.33 0.35 24.42
C TYR A 176 7.76 0.26 22.93
N SER A 177 7.94 -0.96 22.43
CA SER A 177 8.21 -1.25 21.00
C SER A 177 7.08 -2.13 20.38
N ASN A 178 6.74 -1.90 19.10
CA ASN A 178 5.88 -2.80 18.31
C ASN A 178 6.64 -3.49 17.15
N PHE A 179 6.38 -4.79 16.92
CA PHE A 179 7.00 -5.54 15.82
C PHE A 179 6.00 -6.27 14.93
N ASP A 180 6.51 -6.63 13.76
CA ASP A 180 5.79 -7.30 12.67
C ASP A 180 6.50 -8.61 12.41
N GLY A 181 5.75 -9.53 11.85
CA GLY A 181 6.35 -10.73 11.30
C GLY A 181 6.92 -10.45 9.95
N ASN A 182 8.23 -10.60 9.83
CA ASN A 182 8.94 -10.43 8.56
C ASN A 182 9.34 -11.80 7.94
N ILE A 183 8.79 -12.10 6.76
CA ILE A 183 8.95 -13.38 6.06
C ILE A 183 10.31 -13.53 5.37
N ASN A 184 10.98 -14.67 5.56
CA ASN A 184 12.27 -14.96 4.92
C ASN A 184 12.21 -16.09 3.92
N GLU A 185 11.46 -17.14 4.27
CA GLU A 185 11.29 -18.32 3.43
C GLU A 185 9.85 -18.77 3.40
N VAL A 186 9.42 -19.36 2.30
CA VAL A 186 8.15 -20.04 2.22
C VAL A 186 8.32 -21.39 1.52
N PHE A 187 7.66 -22.42 2.05
CA PHE A 187 7.72 -23.76 1.48
C PHE A 187 6.31 -24.31 1.30
N VAL A 188 6.22 -25.41 0.60
CA VAL A 188 4.95 -26.04 0.32
C VAL A 188 5.18 -27.53 0.29
N ASN A 189 4.29 -28.28 0.97
CA ASN A 189 4.13 -29.69 0.74
C ASN A 189 2.74 -29.77 0.18
N GLN A 190 2.66 -29.90 -1.13
CA GLN A 190 1.39 -29.91 -1.84
C GLN A 190 0.93 -31.37 -2.03
N THR A 191 -0.34 -31.64 -1.72
CA THR A 191 -1.02 -32.83 -2.23
C THR A 191 -2.45 -32.44 -2.53
N SER A 192 -3.08 -33.28 -3.33
CA SER A 192 -4.47 -33.15 -3.74
C SER A 192 -5.47 -32.94 -2.55
N ALA A 193 -5.34 -33.75 -1.49
CA ALA A 193 -6.31 -33.73 -0.37
C ALA A 193 -5.86 -32.83 0.75
N ARG A 194 -4.55 -32.66 0.95
CA ARG A 194 -4.10 -31.58 1.80
C ARG A 194 -2.76 -30.95 1.43
N THR A 195 -2.66 -29.67 1.80
CA THR A 195 -1.50 -28.84 1.45
C THR A 195 -1.02 -28.07 2.69
N LEU A 196 0.30 -28.08 2.87
CA LEU A 196 0.97 -27.50 4.01
C LEU A 196 1.94 -26.45 3.53
N VAL A 197 1.60 -25.19 3.82
CA VAL A 197 2.48 -24.01 3.63
C VAL A 197 3.24 -23.72 4.94
N THR A 198 4.56 -23.90 4.95
CA THR A 198 5.41 -23.56 6.07
C THR A 198 6.06 -22.19 5.72
N VAL A 199 5.99 -21.24 6.67
CA VAL A 199 6.45 -19.87 6.52
C VAL A 199 7.38 -19.54 7.69
N ARG A 200 8.63 -19.22 7.39
CA ARG A 200 9.65 -18.88 8.40
C ARG A 200 10.00 -17.39 8.40
N GLY A 201 10.32 -16.86 9.59
CA GLY A 201 10.64 -15.47 9.71
C GLY A 201 11.17 -15.00 11.03
N ASN A 202 10.99 -13.69 11.23
CA ASN A 202 11.64 -12.84 12.21
C ASN A 202 10.66 -11.82 12.59
N HIS A 203 10.87 -11.18 13.72
CA HIS A 203 10.08 -10.02 14.04
C HIS A 203 10.97 -8.75 13.92
N THR A 204 10.53 -7.79 13.13
CA THR A 204 11.27 -6.53 12.95
C THR A 204 10.44 -5.34 13.45
N VAL A 205 11.14 -4.26 13.80
CA VAL A 205 10.51 -3.09 14.38
C VAL A 205 9.54 -2.40 13.40
N THR A 206 8.39 -1.96 13.90
CA THR A 206 7.48 -1.03 13.20
C THR A 206 7.39 0.34 13.93
N ASP A 207 7.33 0.31 15.26
CA ASP A 207 7.22 1.50 16.09
C ASP A 207 8.10 1.33 17.30
N GLY A 208 8.95 2.31 17.56
CA GLY A 208 9.85 2.32 18.70
C GLY A 208 11.28 2.39 18.19
N THR A 209 12.23 2.38 19.11
CA THR A 209 13.64 2.50 18.75
C THR A 209 14.17 1.23 18.06
N ASP A 210 15.24 1.39 17.26
CA ASP A 210 15.89 0.32 16.54
C ASP A 210 16.06 -0.80 17.53
N HIS A 211 15.79 -2.00 17.01
CA HIS A 211 15.89 -3.26 17.73
C HIS A 211 16.26 -4.27 16.67
N ASP A 212 17.30 -5.04 16.97
CA ASP A 212 17.75 -6.06 16.04
C ASP A 212 16.58 -6.99 15.76
N PRO A 213 16.53 -7.57 14.55
CA PRO A 213 15.48 -8.57 14.38
C PRO A 213 15.61 -9.70 15.40
N TRP A 214 14.47 -10.17 15.90
CA TRP A 214 14.47 -11.20 16.95
C TRP A 214 13.16 -12.01 16.94
N LEU A 215 13.04 -12.91 17.92
CA LEU A 215 11.92 -13.80 18.09
C LEU A 215 11.59 -14.58 16.82
N PRO A 216 12.54 -15.45 16.40
CA PRO A 216 12.33 -16.30 15.21
C PRO A 216 11.02 -17.09 15.30
N PHE A 217 10.26 -17.09 14.20
CA PHE A 217 9.03 -17.87 14.05
C PHE A 217 9.07 -18.83 12.89
N VAL A 218 8.19 -19.81 12.98
CA VAL A 218 7.80 -20.63 11.86
C VAL A 218 6.32 -20.81 12.09
N VAL A 219 5.51 -20.51 11.07
CA VAL A 219 4.08 -20.74 11.13
C VAL A 219 3.69 -21.74 10.02
N ARG A 220 2.86 -22.75 10.36
CA ARG A 220 2.48 -23.81 9.41
C ARG A 220 0.99 -23.78 9.19
N PHE A 221 0.56 -23.69 7.94
CA PHE A 221 -0.86 -23.63 7.60
C PHE A 221 -1.25 -24.96 6.98
N TYR A 222 -2.16 -25.68 7.61
CA TYR A 222 -2.66 -26.93 7.02
C TYR A 222 -3.98 -26.60 6.34
N LEU A 223 -4.03 -26.80 5.03
CA LEU A 223 -5.25 -26.70 4.26
C LEU A 223 -5.64 -28.02 3.61
N TYR A 224 -6.96 -28.24 3.61
CA TYR A 224 -7.56 -29.51 3.26
C TYR A 224 -8.63 -29.29 2.18
N ALA A 225 -8.72 -30.25 1.29
CA ALA A 225 -9.66 -30.15 0.21
C ALA A 225 -11.06 -29.98 0.80
N ASN A 226 -11.86 -29.14 0.12
CA ASN A 226 -13.25 -28.91 0.44
C ASN A 226 -13.50 -28.22 1.81
N SER A 227 -12.44 -27.59 2.34
CA SER A 227 -12.46 -26.95 3.67
C SER A 227 -12.17 -25.43 3.65
N ALA A 228 -13.08 -24.67 4.26
CA ALA A 228 -12.84 -23.25 4.57
C ALA A 228 -12.23 -23.06 5.96
N THR A 229 -11.75 -24.14 6.57
CA THR A 229 -11.10 -24.12 7.89
C THR A 229 -9.60 -24.32 7.75
N ILE A 230 -8.79 -23.56 8.44
CA ILE A 230 -7.34 -23.63 8.29
C ILE A 230 -6.69 -23.78 9.64
N LYS A 231 -5.98 -24.85 9.84
CA LYS A 231 -5.28 -25.11 11.09
C LYS A 231 -3.92 -24.48 10.95
N VAL A 232 -3.36 -23.98 12.06
CA VAL A 232 -2.22 -23.05 12.08
C VAL A 232 -1.31 -23.41 13.25
N MET A 233 -0.12 -23.93 13.00
CA MET A 233 0.83 -24.20 14.06
C MET A 233 1.88 -23.09 14.11
N HIS A 234 1.74 -22.23 15.11
CA HIS A 234 2.51 -21.04 15.28
C HIS A 234 3.57 -21.37 16.31
N SER A 235 4.84 -21.38 15.90
CA SER A 235 5.95 -21.71 16.78
C SER A 235 6.96 -20.54 16.77
N ILE A 236 7.43 -20.14 17.96
CA ILE A 236 8.41 -19.06 18.15
C ILE A 236 9.52 -19.51 19.10
N VAL A 237 10.75 -19.07 18.84
CA VAL A 237 11.87 -19.28 19.75
C VAL A 237 12.24 -18.01 20.50
N PHE A 238 12.51 -18.14 21.80
CA PHE A 238 12.81 -17.00 22.67
C PHE A 238 14.30 -16.66 22.73
N ASP A 239 14.71 -15.68 21.92
CA ASP A 239 16.10 -15.21 21.77
C ASP A 239 16.32 -13.78 22.21
N GLY A 240 15.44 -13.28 23.08
CA GLY A 240 15.58 -11.96 23.69
C GLY A 240 16.66 -12.10 24.71
N ASP A 241 16.90 -11.02 25.46
CA ASP A 241 17.84 -11.00 26.62
C ASP A 241 17.13 -10.45 27.89
N GLU A 242 17.91 -10.19 28.95
CA GLU A 242 17.44 -9.54 30.21
C GLU A 242 16.60 -8.24 30.04
N ASN A 243 16.65 -7.62 28.86
CA ASN A 243 15.96 -6.33 28.60
C ASN A 243 14.69 -6.47 27.75
N ASP A 244 14.47 -7.64 27.17
CA ASP A 244 13.35 -7.85 26.28
C ASP A 244 12.19 -8.47 27.05
N PHE A 245 11.17 -7.68 27.40
CA PHE A 245 9.97 -8.18 28.12
C PHE A 245 8.81 -8.23 27.13
N ILE A 246 8.47 -9.43 26.67
CA ILE A 246 7.32 -9.57 25.79
C ILE A 246 6.06 -9.08 26.51
N THR A 247 5.19 -8.46 25.76
CA THR A 247 4.05 -7.76 26.29
C THR A 247 2.71 -8.12 25.59
N GLY A 248 2.82 -8.78 24.46
CA GLY A 248 1.83 -8.70 23.41
C GLY A 248 2.39 -9.60 22.33
N LEU A 249 1.62 -10.59 21.95
CA LEU A 249 2.03 -11.57 20.97
C LEU A 249 0.76 -12.04 20.35
N GLY A 250 0.62 -11.88 19.03
CA GLY A 250 -0.70 -11.96 18.36
C GLY A 250 -0.68 -12.28 16.88
N ILE A 251 -1.89 -12.38 16.33
CA ILE A 251 -2.19 -12.70 14.93
C ILE A 251 -3.39 -11.88 14.53
N ARG A 252 -3.23 -11.07 13.50
CA ARG A 252 -4.21 -10.04 13.17
C ARG A 252 -4.67 -10.18 11.73
N PHE A 253 -5.95 -9.95 11.47
CA PHE A 253 -6.47 -9.85 10.11
C PHE A 253 -7.30 -8.58 9.94
N ASP A 254 -7.30 -8.03 8.72
CA ASP A 254 -8.29 -7.05 8.28
C ASP A 254 -9.49 -7.78 7.74
N VAL A 255 -10.65 -7.21 7.99
CA VAL A 255 -11.94 -7.73 7.51
C VAL A 255 -12.63 -6.55 6.77
N PRO A 256 -12.87 -6.69 5.45
CA PRO A 256 -13.49 -5.60 4.74
C PRO A 256 -14.95 -5.51 5.03
N LEU A 257 -15.35 -4.38 5.56
CA LEU A 257 -16.74 -4.11 5.89
C LEU A 257 -17.42 -3.00 4.98
N LYS A 258 -16.60 -2.20 4.25
CA LYS A 258 -17.08 -1.21 3.24
C LYS A 258 -18.22 -1.80 2.49
N GLY A 259 -19.40 -1.27 2.75
CA GLY A 259 -20.56 -1.70 2.02
C GLY A 259 -21.61 -2.38 2.83
N GLU A 260 -21.28 -2.80 4.06
CA GLU A 260 -22.28 -3.36 4.97
C GLU A 260 -22.82 -2.26 5.79
N GLU A 261 -24.15 -2.18 5.83
CA GLU A 261 -24.83 -1.33 6.79
C GLU A 261 -24.32 -1.76 8.16
N TYR A 262 -24.14 -0.80 9.08
CA TYR A 262 -23.71 -1.08 10.44
C TYR A 262 -24.59 -2.19 11.11
N TYR A 263 -25.89 -2.15 10.87
CA TYR A 263 -26.83 -3.12 11.48
C TYR A 263 -26.77 -4.56 10.89
N ASP A 264 -26.04 -4.74 9.78
CA ASP A 264 -25.70 -6.05 9.17
C ASP A 264 -24.19 -6.45 9.40
N ARG A 265 -23.47 -5.76 10.29
CA ARG A 265 -22.11 -6.16 10.66
C ARG A 265 -22.20 -6.88 11.98
N HIS A 266 -21.45 -7.96 12.12
CA HIS A 266 -21.74 -8.87 13.23
C HIS A 266 -20.52 -9.19 14.07
N ILE A 267 -20.75 -9.31 15.36
CA ILE A 267 -19.69 -9.62 16.28
C ILE A 267 -20.12 -10.87 16.99
N ARG A 268 -19.24 -11.85 17.08
CA ARG A 268 -19.51 -12.99 17.93
C ARG A 268 -18.25 -13.38 18.71
N PHE A 269 -18.43 -13.70 19.98
CA PHE A 269 -17.36 -14.26 20.81
C PHE A 269 -17.90 -15.56 21.36
N ALA A 270 -17.04 -16.56 21.43
CA ALA A 270 -17.45 -17.78 22.08
C ALA A 270 -17.32 -17.53 23.56
N GLY A 271 -18.35 -17.98 24.28
CA GLY A 271 -18.44 -17.88 25.73
C GLY A 271 -17.99 -19.12 26.47
N VAL A 272 -18.79 -19.55 27.46
CA VAL A 272 -18.53 -20.70 28.30
C VAL A 272 -19.37 -21.89 27.83
N ASP A 273 -18.77 -23.09 27.84
CA ASP A 273 -19.45 -24.36 27.48
C ASP A 273 -20.47 -24.26 26.31
N GLY A 274 -20.04 -23.96 25.09
CA GLY A 274 -20.99 -23.86 23.96
C GLY A 274 -21.81 -22.59 23.84
N GLY A 275 -21.53 -21.60 24.70
CA GLY A 275 -22.18 -20.28 24.64
C GLY A 275 -21.65 -19.41 23.51
N ILE A 276 -22.50 -18.54 22.98
CA ILE A 276 -22.03 -17.50 22.05
C ILE A 276 -22.62 -16.11 22.35
N PHE A 277 -21.75 -15.12 22.45
CA PHE A 277 -22.11 -13.69 22.49
C PHE A 277 -22.54 -13.21 21.09
N ASN A 278 -23.75 -12.64 20.94
CA ASN A 278 -24.30 -12.26 19.61
C ASN A 278 -24.72 -10.81 19.47
N GLU A 279 -23.85 -10.04 18.81
CA GLU A 279 -24.12 -8.62 18.59
C GLU A 279 -23.84 -8.06 17.20
N ALA A 280 -24.50 -6.94 16.97
CA ALA A 280 -24.34 -6.14 15.77
C ALA A 280 -23.56 -4.86 16.10
N VAL A 281 -22.83 -4.35 15.11
CA VAL A 281 -22.13 -3.08 15.28
C VAL A 281 -23.13 -1.95 15.61
N GLN A 282 -24.32 -1.99 15.02
CA GLN A 282 -25.41 -1.06 15.33
C GLN A 282 -26.64 -1.88 15.65
N GLY A 283 -27.08 -1.83 16.91
CA GLY A 283 -28.09 -2.73 17.44
C GLY A 283 -29.50 -2.18 17.28
N ILE A 284 -30.36 -3.05 16.76
CA ILE A 284 -31.72 -2.73 16.41
C ILE A 284 -32.70 -3.33 17.38
N THR A 285 -32.15 -4.15 18.30
CA THR A 285 -32.87 -4.86 19.37
C THR A 285 -32.74 -4.07 20.67
N GLY A 286 -33.83 -4.09 21.44
CA GLY A 286 -33.92 -3.44 22.76
C GLY A 286 -33.85 -1.91 22.81
N LEU A 287 -34.30 -1.30 21.71
CA LEU A 287 -34.51 0.13 21.59
C LEU A 287 -35.89 0.41 22.16
N ARG A 288 -36.18 1.69 22.41
CA ARG A 288 -37.50 2.14 22.89
C ARG A 288 -38.63 1.80 21.93
N ARG A 289 -38.31 1.82 20.63
CA ARG A 289 -39.22 1.47 19.51
C ARG A 289 -38.83 0.18 18.76
N ASP A 290 -39.84 -0.57 18.37
CA ASP A 290 -39.67 -1.87 17.71
C ASP A 290 -39.62 -1.68 16.18
N PRO A 291 -38.49 -2.01 15.50
CA PRO A 291 -38.52 -1.89 14.02
C PRO A 291 -39.40 -2.93 13.37
N GLY A 292 -39.71 -4.00 14.11
CA GLY A 292 -40.53 -5.12 13.68
C GLY A 292 -39.88 -6.42 14.13
N GLU A 293 -40.69 -7.31 14.70
CA GLU A 293 -40.26 -8.59 15.21
C GLU A 293 -39.33 -9.36 14.26
N GLU A 294 -39.70 -9.49 12.99
CA GLU A 294 -38.87 -10.26 12.02
C GLU A 294 -37.46 -9.67 11.86
N ILE A 295 -37.38 -8.35 11.84
CA ILE A 295 -36.14 -7.59 11.67
C ILE A 295 -35.16 -7.80 12.84
N ARG A 296 -35.68 -7.78 14.05
CA ARG A 296 -34.87 -8.10 15.24
C ARG A 296 -34.42 -9.56 15.23
N ALA A 297 -35.38 -10.47 15.00
CA ALA A 297 -35.06 -11.88 14.90
C ALA A 297 -33.97 -12.07 13.84
N ALA A 298 -34.10 -11.39 12.74
CA ALA A 298 -33.12 -11.44 11.70
C ALA A 298 -31.72 -10.96 12.13
N GLN A 299 -31.64 -9.91 12.95
CA GLN A 299 -30.32 -9.39 13.36
C GLN A 299 -29.58 -10.33 14.30
N PHE A 300 -30.32 -10.81 15.28
CA PHE A 300 -29.77 -11.74 16.25
C PHE A 300 -29.31 -13.04 15.57
N ALA A 301 -29.88 -13.35 14.40
CA ALA A 301 -29.47 -14.52 13.63
C ALA A 301 -28.30 -14.23 12.67
N GLY A 302 -27.87 -12.97 12.57
CA GLY A 302 -26.80 -12.56 11.65
C GLY A 302 -27.24 -12.47 10.21
N GLN A 303 -28.54 -12.33 9.98
CA GLN A 303 -29.10 -12.27 8.62
C GLN A 303 -29.10 -10.81 8.19
N LYS A 304 -29.03 -10.59 6.88
CA LYS A 304 -29.20 -9.27 6.30
C LYS A 304 -30.59 -8.75 6.65
N LEU A 305 -30.71 -7.52 7.17
CA LEU A 305 -32.04 -6.98 7.49
C LEU A 305 -32.80 -6.51 6.25
N ALA A 306 -34.12 -6.52 6.36
CA ALA A 306 -34.97 -6.03 5.27
C ALA A 306 -34.68 -4.54 4.95
N ASP A 307 -35.20 -4.05 3.82
CA ASP A 307 -35.02 -2.65 3.45
C ASP A 307 -35.61 -1.74 4.54
N THR A 308 -34.83 -0.71 4.92
CA THR A 308 -35.24 0.35 5.86
C THR A 308 -36.66 0.91 5.61
N GLU A 309 -37.10 0.93 4.35
CA GLU A 309 -38.46 1.36 3.97
C GLU A 309 -39.57 0.49 4.54
N THR A 310 -39.26 -0.73 4.98
CA THR A 310 -40.28 -1.66 5.50
C THR A 310 -40.36 -1.68 7.03
N TRP A 311 -39.45 -0.96 7.70
CA TRP A 311 -39.43 -0.96 9.14
C TRP A 311 -40.56 -0.04 9.59
N GLU A 312 -40.96 -0.20 10.86
CA GLU A 312 -41.66 0.84 11.57
C GLU A 312 -40.76 2.11 11.57
N PRO A 313 -41.23 3.21 10.92
CA PRO A 313 -40.37 4.39 10.65
C PRO A 313 -39.84 5.22 11.83
N ARG A 314 -40.41 5.06 13.04
CA ARG A 314 -39.83 5.71 14.23
C ARG A 314 -38.44 5.20 14.62
N VAL A 315 -37.90 4.20 13.90
CA VAL A 315 -36.56 3.67 14.08
C VAL A 315 -35.61 4.04 12.94
N SER A 316 -36.02 3.84 11.70
CA SER A 316 -35.18 4.18 10.50
C SER A 316 -34.82 5.66 10.37
N THR A 317 -35.74 6.53 10.80
CA THR A 317 -35.49 7.98 10.90
C THR A 317 -34.33 8.30 11.86
N ARG A 318 -34.26 7.54 12.98
CA ARG A 318 -33.32 7.74 14.09
C ARG A 318 -32.07 6.78 14.23
N LEU A 319 -31.61 6.17 13.14
CA LEU A 319 -30.40 5.32 13.19
C LEU A 319 -29.17 6.13 13.58
N LYS A 320 -29.10 7.37 13.10
CA LYS A 320 -28.12 8.40 13.53
C LYS A 320 -27.99 8.48 15.06
N TRP A 321 -29.06 8.26 15.84
CA TRP A 321 -29.00 8.37 17.33
C TRP A 321 -28.78 7.06 18.08
N ILE A 322 -28.68 5.95 17.35
CA ILE A 322 -28.29 4.66 17.90
C ILE A 322 -26.78 4.53 17.76
N PRO A 323 -26.05 4.42 18.89
CA PRO A 323 -24.60 4.42 18.74
C PRO A 323 -24.08 3.24 17.96
N THR A 324 -22.84 3.32 17.60
CA THR A 324 -22.21 2.42 16.68
C THR A 324 -21.07 1.84 17.51
N TRP A 325 -20.81 0.54 17.46
CA TRP A 325 -19.75 -0.03 18.34
C TRP A 325 -18.58 -0.56 17.56
N ALA A 326 -17.45 0.13 17.63
CA ALA A 326 -16.34 -0.16 16.75
C ALA A 326 -15.37 -1.14 17.34
N ASP A 327 -15.15 -1.10 18.66
CA ASP A 327 -14.09 -1.93 19.29
C ASP A 327 -14.68 -2.84 20.33
N TYR A 328 -14.27 -4.12 20.31
CA TYR A 328 -14.69 -5.13 21.33
C TYR A 328 -13.43 -5.82 21.86
N GLY A 329 -13.36 -6.03 23.17
CA GLY A 329 -12.20 -6.66 23.75
C GLY A 329 -12.53 -7.69 24.81
N LEU A 330 -12.20 -8.94 24.50
CA LEU A 330 -12.28 -10.04 25.48
C LEU A 330 -10.88 -10.31 26.04
N THR A 331 -10.75 -10.35 27.38
CA THR A 331 -9.47 -10.63 28.02
C THR A 331 -9.57 -11.78 29.02
N GLN A 332 -8.70 -12.79 28.89
CA GLN A 332 -8.64 -13.93 29.79
C GLN A 332 -7.28 -13.91 30.49
N LEU A 333 -7.19 -13.12 31.55
CA LEU A 333 -5.92 -12.83 32.21
C LEU A 333 -5.62 -13.77 33.35
N THR A 334 -6.57 -14.65 33.64
CA THR A 334 -6.38 -15.80 34.54
C THR A 334 -7.06 -17.01 33.90
N ALA A 335 -6.79 -18.18 34.45
CA ALA A 335 -7.45 -19.44 34.05
C ALA A 335 -8.93 -19.52 34.42
N ASP A 336 -9.38 -18.66 35.32
CA ASP A 336 -10.69 -18.73 35.92
C ASP A 336 -11.69 -17.64 35.61
N GLY A 337 -11.27 -16.56 34.97
CA GLY A 337 -12.20 -15.43 34.71
C GLY A 337 -11.79 -14.60 33.53
N PHE A 338 -12.76 -14.16 32.73
CA PHE A 338 -12.46 -13.27 31.59
C PHE A 338 -13.30 -12.01 31.64
N GLY A 339 -12.77 -10.93 31.06
CA GLY A 339 -13.49 -9.65 31.00
C GLY A 339 -13.95 -9.49 29.58
N LEU A 340 -14.91 -8.63 29.34
CA LEU A 340 -15.42 -8.42 28.00
C LEU A 340 -15.97 -7.04 27.94
N LYS A 341 -15.55 -6.25 26.97
CA LYS A 341 -15.99 -4.83 26.88
C LYS A 341 -16.03 -4.34 25.44
N LYS A 342 -16.91 -3.38 25.19
CA LYS A 342 -16.97 -2.71 23.90
C LYS A 342 -16.92 -1.18 24.05
N ARG A 343 -16.64 -0.48 22.96
CA ARG A 343 -16.73 0.97 22.94
C ARG A 343 -17.00 1.57 21.57
N THR A 344 -17.55 2.79 21.59
CA THR A 344 -17.98 3.47 20.36
C THR A 344 -16.77 3.82 19.47
N LYS A 345 -15.75 4.42 20.07
CA LYS A 345 -14.47 4.68 19.38
C LYS A 345 -13.47 5.23 20.37
N ALA A 346 -12.20 5.30 19.96
CA ALA A 346 -11.16 5.79 20.85
C ALA A 346 -11.44 7.24 21.29
N GLY A 347 -10.99 7.56 22.50
CA GLY A 347 -11.34 8.82 23.16
C GLY A 347 -12.62 8.77 23.99
N GLN A 348 -13.38 7.69 23.86
CA GLN A 348 -14.50 7.41 24.75
C GLN A 348 -14.04 6.35 25.72
N SER A 349 -14.87 6.13 26.71
CA SER A 349 -14.67 5.05 27.64
C SER A 349 -15.25 3.74 27.08
N TRP A 350 -14.82 2.63 27.71
CA TRP A 350 -15.36 1.31 27.40
C TRP A 350 -16.61 1.06 28.24
N VAL A 351 -17.57 0.40 27.62
CA VAL A 351 -18.76 -0.06 28.30
C VAL A 351 -18.48 -1.50 28.62
N ASN A 352 -18.79 -1.88 29.86
CA ASN A 352 -18.58 -3.25 30.30
C ASN A 352 -19.69 -4.19 29.84
N ILE A 353 -19.35 -5.45 29.61
CA ILE A 353 -20.30 -6.45 29.11
C ILE A 353 -20.39 -7.61 30.08
N PRO A 354 -21.61 -8.11 30.36
CA PRO A 354 -21.71 -9.27 31.26
C PRO A 354 -20.82 -10.44 30.81
N SER A 355 -19.92 -10.88 31.68
CA SER A 355 -18.82 -11.78 31.30
C SER A 355 -18.92 -13.13 32.05
N GLY A 356 -17.82 -13.86 32.16
CA GLY A 356 -17.80 -14.98 33.05
C GLY A 356 -16.46 -15.66 33.23
N THR A 357 -16.56 -16.96 33.53
CA THR A 357 -15.42 -17.80 33.93
C THR A 357 -14.44 -18.08 32.78
N ARG A 358 -14.79 -18.97 31.86
CA ARG A 358 -13.79 -19.52 30.90
C ARG A 358 -14.27 -19.47 29.49
N ALA A 359 -13.68 -18.55 28.71
CA ALA A 359 -14.10 -18.34 27.33
C ALA A 359 -13.47 -19.40 26.48
N GLU A 360 -14.18 -19.91 25.49
CA GLU A 360 -13.63 -20.98 24.68
C GLU A 360 -12.77 -20.50 23.48
N GLY A 361 -12.56 -19.20 23.32
CA GLY A 361 -11.44 -18.70 22.49
C GLY A 361 -11.61 -18.46 21.00
N LEU A 362 -12.82 -18.09 20.60
CA LEU A 362 -13.14 -17.75 19.24
C LEU A 362 -13.84 -16.42 19.19
N ALA A 363 -13.49 -15.64 18.16
CA ALA A 363 -14.17 -14.39 17.79
C ALA A 363 -14.43 -14.36 16.30
N TYR A 364 -15.59 -13.86 15.91
CA TYR A 364 -15.92 -13.65 14.52
C TYR A 364 -16.26 -12.18 14.28
N LEU A 365 -15.78 -11.69 13.14
CA LEU A 365 -16.11 -10.37 12.60
C LEU A 365 -16.43 -10.50 11.13
N GLY A 366 -17.62 -10.01 10.77
CA GLY A 366 -17.99 -9.92 9.38
C GLY A 366 -19.42 -9.39 9.22
N GLY A 367 -20.01 -9.67 8.05
CA GLY A 367 -21.38 -9.26 7.74
C GLY A 367 -22.20 -10.22 6.89
N ALA A 368 -23.52 -10.02 6.94
CA ALA A 368 -24.51 -10.80 6.17
C ALA A 368 -24.35 -10.82 4.65
N THR A 369 -23.62 -9.85 4.13
CA THR A 369 -23.39 -9.62 2.71
C THR A 369 -21.91 -9.67 2.37
N GLN A 370 -21.07 -9.02 3.18
CA GLN A 370 -19.63 -9.01 2.91
CA GLN A 370 -19.64 -9.00 2.95
C GLN A 370 -19.00 -10.34 3.30
N GLY A 371 -19.61 -11.09 4.22
CA GLY A 371 -18.98 -12.30 4.78
C GLY A 371 -17.95 -11.89 5.83
N GLY A 372 -17.12 -12.82 6.27
CA GLY A 372 -16.10 -12.47 7.25
C GLY A 372 -15.26 -13.63 7.72
N LEU A 373 -14.64 -13.44 8.89
CA LEU A 373 -13.57 -14.30 9.37
C LEU A 373 -13.74 -14.62 10.85
N ALA A 374 -13.48 -15.88 11.20
CA ALA A 374 -13.30 -16.22 12.61
C ALA A 374 -11.90 -16.80 12.84
N VAL A 375 -11.40 -16.52 14.02
CA VAL A 375 -10.09 -16.82 14.42
C VAL A 375 -10.22 -17.31 15.88
N GLY A 376 -9.41 -18.29 16.24
CA GLY A 376 -9.40 -18.81 17.58
C GLY A 376 -8.15 -19.56 17.95
N LEU A 377 -8.02 -19.77 19.26
CA LEU A 377 -6.91 -20.52 19.87
C LEU A 377 -7.45 -21.72 20.64
N ARG A 378 -6.97 -22.89 20.22
CA ARG A 378 -7.27 -24.11 20.90
C ARG A 378 -6.72 -23.97 22.26
N ASP A 379 -7.48 -24.43 23.26
CA ASP A 379 -7.11 -24.46 24.65
C ASP A 379 -7.00 -23.08 25.29
N PHE A 380 -7.62 -22.08 24.65
CA PHE A 380 -7.58 -20.66 25.04
C PHE A 380 -7.31 -20.35 26.53
N TRP A 381 -8.30 -20.56 27.39
CA TRP A 381 -8.15 -20.25 28.81
C TRP A 381 -7.07 -21.04 29.52
N LYS A 382 -6.70 -22.21 29.03
CA LYS A 382 -5.61 -22.97 29.65
C LYS A 382 -4.24 -22.40 29.38
N ARG A 383 -4.19 -21.41 28.49
CA ARG A 383 -2.94 -20.83 28.05
C ARG A 383 -2.91 -19.32 28.35
N TYR A 384 -3.64 -18.91 29.39
CA TYR A 384 -3.77 -17.50 29.80
C TYR A 384 -2.35 -16.95 29.97
N PRO A 385 -2.15 -15.64 29.88
CA PRO A 385 -3.16 -14.63 29.56
C PRO A 385 -3.33 -14.49 28.07
N VAL A 386 -4.58 -14.43 27.61
CA VAL A 386 -4.93 -14.35 26.19
C VAL A 386 -6.10 -13.40 25.93
N GLY A 387 -6.33 -13.06 24.66
CA GLY A 387 -7.42 -12.17 24.31
C GLY A 387 -7.88 -12.24 22.87
N LEU A 388 -9.03 -11.65 22.61
CA LEU A 388 -9.56 -11.46 21.26
C LEU A 388 -10.04 -9.99 21.13
N ASP A 389 -9.64 -9.31 20.06
CA ASP A 389 -10.08 -7.92 19.82
C ASP A 389 -10.64 -7.79 18.44
N ILE A 390 -11.84 -7.21 18.39
CA ILE A 390 -12.40 -6.60 17.20
C ILE A 390 -11.98 -5.11 17.27
N SER A 391 -11.51 -4.58 16.14
CA SER A 391 -11.13 -3.16 16.03
C SER A 391 -11.85 -2.53 14.88
N ASN A 392 -12.36 -1.33 15.10
CA ASN A 392 -12.72 -0.42 14.00
C ASN A 392 -13.83 -1.01 13.07
N ALA A 393 -14.84 -1.62 13.68
CA ALA A 393 -15.93 -2.28 12.97
C ALA A 393 -17.01 -1.31 12.50
N ALA A 394 -16.82 -0.02 12.75
CA ALA A 394 -17.63 1.04 12.10
C ALA A 394 -16.94 1.68 10.89
N SER A 395 -15.72 1.24 10.60
CA SER A 395 -14.91 1.76 9.50
C SER A 395 -15.10 0.87 8.30
N ASP A 396 -14.51 1.31 7.19
CA ASP A 396 -14.34 0.48 5.98
C ASP A 396 -13.58 -0.82 6.16
N THR A 397 -12.76 -0.90 7.22
CA THR A 397 -11.90 -2.05 7.45
C THR A 397 -11.79 -2.28 8.96
N GLY A 398 -12.31 -3.43 9.36
CA GLY A 398 -12.16 -3.95 10.71
C GLY A 398 -10.87 -4.73 10.82
N GLU A 399 -10.35 -4.82 12.04
CA GLU A 399 -9.28 -5.73 12.34
C GLU A 399 -9.82 -6.76 13.34
N LEU A 400 -9.45 -8.03 13.15
CA LEU A 400 -9.75 -9.11 14.10
C LEU A 400 -8.43 -9.60 14.62
N THR A 401 -8.25 -9.65 15.93
CA THR A 401 -6.95 -10.02 16.47
C THR A 401 -7.05 -11.09 17.61
N LEU A 402 -6.30 -12.18 17.46
CA LEU A 402 -6.10 -13.17 18.55
C LEU A 402 -4.79 -12.85 19.27
N TRP A 403 -4.84 -12.69 20.59
CA TRP A 403 -3.62 -12.43 21.34
C TRP A 403 -3.14 -13.69 22.04
N LEU A 404 -2.02 -14.25 21.58
CA LEU A 404 -1.42 -15.41 22.23
C LEU A 404 -0.88 -15.04 23.60
N TYR A 405 -0.52 -13.77 23.73
CA TYR A 405 -0.20 -13.17 25.02
C TYR A 405 -0.81 -11.75 25.07
N SER A 406 -1.63 -11.48 26.08
CA SER A 406 -2.37 -10.25 26.15
C SER A 406 -1.52 -9.15 26.71
N PRO A 407 -1.53 -7.98 26.06
CA PRO A 407 -0.97 -6.76 26.65
C PRO A 407 -1.62 -6.32 27.95
N ALA A 408 -2.90 -6.65 28.13
CA ALA A 408 -3.60 -6.49 29.42
C ALA A 408 -3.04 -7.34 30.54
N ALA A 409 -2.12 -8.26 30.25
CA ALA A 409 -1.44 -8.92 31.33
C ALA A 409 -0.18 -8.16 31.71
N GLU A 410 0.34 -8.52 32.88
CA GLU A 410 1.56 -7.95 33.38
C GLU A 410 2.57 -8.53 32.39
N PRO A 411 3.66 -7.83 32.06
CA PRO A 411 4.54 -8.35 30.99
C PRO A 411 5.22 -9.67 31.32
N LEU A 412 5.47 -10.46 30.30
CA LEU A 412 6.12 -11.76 30.46
C LEU A 412 7.60 -11.57 30.87
N ASP A 413 7.91 -12.00 32.09
CA ASP A 413 9.22 -11.91 32.68
C ASP A 413 9.84 -13.31 32.84
N LEU A 414 10.81 -13.60 31.97
CA LEU A 414 11.52 -14.89 31.99
C LEU A 414 12.91 -14.88 32.66
N ARG A 415 13.19 -13.87 33.48
CA ARG A 415 14.51 -13.71 34.12
C ARG A 415 14.61 -14.69 35.27
N PRO A 416 15.79 -14.79 35.88
CA PRO A 416 15.86 -15.73 36.98
C PRO A 416 14.96 -15.39 38.15
N PHE A 417 14.42 -16.41 38.83
CA PHE A 417 13.65 -16.18 40.06
C PHE A 417 14.54 -15.81 41.24
N HIS A 418 15.83 -16.17 41.19
CA HIS A 418 16.74 -15.74 42.26
C HIS A 418 18.10 -15.25 41.79
N ASP A 419 18.79 -14.54 42.67
CA ASP A 419 20.06 -13.92 42.32
C ASP A 419 21.31 -14.77 42.50
N GLY A 420 21.13 -15.97 43.05
CA GLY A 420 22.19 -16.95 43.23
C GLY A 420 22.49 -17.18 44.71
N LEU A 421 22.10 -16.23 45.57
CA LEU A 421 22.15 -16.36 47.00
C LEU A 421 23.59 -16.37 47.56
N GLY A 422 24.53 -15.79 46.80
CA GLY A 422 25.94 -15.72 47.20
C GLY A 422 26.71 -17.01 46.99
N GLN A 423 26.21 -17.86 46.11
CA GLN A 423 26.87 -19.09 45.80
C GLN A 423 28.04 -18.79 44.90
N ASP A 424 29.24 -19.09 45.39
CA ASP A 424 30.47 -18.84 44.65
C ASP A 424 31.14 -20.18 44.37
N GLY A 425 30.77 -20.80 43.25
CA GLY A 425 31.46 -22.00 42.74
C GLY A 425 30.79 -23.37 42.95
N TYR A 426 31.40 -24.40 42.35
CA TYR A 426 30.81 -25.74 42.38
C TYR A 426 30.48 -26.24 43.81
N GLU A 427 31.34 -25.93 44.78
CA GLU A 427 31.16 -26.43 46.11
C GLU A 427 29.88 -25.85 46.75
N ASP A 428 29.68 -24.53 46.65
CA ASP A 428 28.45 -23.91 47.12
C ASP A 428 27.21 -24.38 46.35
N GLN A 429 27.33 -24.60 45.04
CA GLN A 429 26.19 -25.00 44.21
C GLN A 429 25.71 -26.39 44.60
N LEU A 430 26.65 -27.29 44.80
CA LEU A 430 26.36 -28.66 45.22
C LEU A 430 25.86 -28.79 46.64
N ASP A 431 26.19 -27.82 47.46
CA ASP A 431 25.72 -27.78 48.84
C ASP A 431 24.28 -27.24 48.91
N ALA A 432 23.91 -26.36 47.97
CA ALA A 432 22.52 -25.91 47.83
C ALA A 432 21.63 -27.03 47.24
N LEU A 433 22.23 -27.83 46.35
CA LEU A 433 21.59 -29.06 45.84
C LEU A 433 21.15 -29.99 46.93
N GLU A 434 21.92 -30.08 48.01
CA GLU A 434 21.60 -30.92 49.16
C GLU A 434 20.35 -30.50 49.93
N ILE A 435 19.87 -29.24 49.78
CA ILE A 435 18.67 -28.75 50.50
C ILE A 435 17.43 -28.38 49.68
N THR A 436 17.60 -27.70 48.55
CA THR A 436 16.44 -27.41 47.68
C THR A 436 16.35 -28.35 46.47
N TYR A 437 17.42 -29.12 46.18
CA TYR A 437 17.50 -30.03 45.00
C TYR A 437 17.69 -29.25 43.69
N GLU A 438 18.17 -28.02 43.77
CA GLU A 438 18.49 -27.22 42.60
C GLU A 438 19.97 -27.26 42.34
N ASP A 439 20.37 -27.28 41.08
CA ASP A 439 21.80 -27.25 40.76
C ASP A 439 22.04 -25.92 40.09
N TRP A 440 22.29 -24.91 40.89
CA TRP A 440 22.40 -23.57 40.34
C TRP A 440 23.79 -23.29 39.69
N GLU A 441 23.80 -22.43 38.67
CA GLU A 441 25.05 -21.88 38.15
C GLU A 441 24.79 -20.54 37.43
N PRO A 442 25.64 -19.52 37.71
CA PRO A 442 25.64 -18.22 37.02
C PRO A 442 25.50 -18.35 35.48
N GLY A 443 24.54 -17.61 34.88
CA GLY A 443 24.28 -17.68 33.44
C GLY A 443 23.57 -18.95 32.91
N PHE A 444 23.29 -19.95 33.79
CA PHE A 444 22.66 -21.19 33.35
C PHE A 444 21.15 -21.10 33.47
N ASP A 445 20.70 -20.11 34.21
CA ASP A 445 19.30 -19.89 34.50
C ASP A 445 18.67 -18.99 33.46
N THR A 446 18.74 -19.39 32.20
CA THR A 446 18.39 -18.49 31.07
C THR A 446 17.35 -19.19 30.20
N PRO A 447 16.35 -18.43 29.72
CA PRO A 447 15.39 -18.90 28.76
C PRO A 447 15.84 -18.75 27.30
N TYR A 448 17.09 -18.36 27.08
CA TYR A 448 17.61 -18.20 25.73
C TYR A 448 17.51 -19.49 24.94
N GLY A 449 16.63 -19.49 23.96
CA GLY A 449 16.47 -20.62 23.04
C GLY A 449 15.30 -21.58 23.26
N ILE A 450 14.50 -21.38 24.31
CA ILE A 450 13.28 -22.18 24.49
C ILE A 450 12.27 -21.78 23.41
N ALA A 451 11.24 -22.58 23.22
CA ALA A 451 10.22 -22.32 22.21
C ALA A 451 8.84 -22.66 22.74
N ARG A 452 7.82 -22.22 22.02
CA ARG A 452 6.46 -22.61 22.30
C ARG A 452 5.67 -22.61 21.01
N THR A 453 4.92 -23.71 20.80
CA THR A 453 4.03 -23.85 19.65
C THR A 453 2.62 -23.69 20.11
N SER A 454 1.79 -22.99 19.33
CA SER A 454 0.39 -22.69 19.65
C SER A 454 -0.44 -23.18 18.50
N GLU A 455 -1.59 -23.81 18.78
CA GLU A 455 -2.45 -24.32 17.71
C GLU A 455 -3.64 -23.38 17.48
N VAL A 456 -3.64 -22.71 16.34
CA VAL A 456 -4.62 -21.70 15.98
C VAL A 456 -5.46 -22.18 14.83
N TYR A 457 -6.71 -21.71 14.75
CA TYR A 457 -7.57 -21.98 13.64
C TYR A 457 -8.12 -20.71 13.03
N LEU A 458 -8.43 -20.80 11.72
CA LEU A 458 -9.01 -19.71 10.91
C LEU A 458 -10.22 -20.25 10.18
N PHE A 459 -11.32 -19.51 10.22
CA PHE A 459 -12.57 -19.94 9.60
C PHE A 459 -13.10 -18.83 8.70
N ALA A 460 -13.22 -19.14 7.41
CA ALA A 460 -13.74 -18.23 6.42
C ALA A 460 -15.22 -18.50 6.27
N PHE A 461 -16.00 -17.42 6.16
CA PHE A 461 -17.44 -17.48 5.96
C PHE A 461 -17.86 -16.53 4.86
N ASP A 462 -18.66 -17.03 3.94
CA ASP A 462 -19.22 -16.23 2.86
C ASP A 462 -20.25 -15.22 3.39
N GLN A 463 -20.82 -15.50 4.53
CA GLN A 463 -21.85 -14.66 5.14
C GLN A 463 -21.86 -14.99 6.62
N THR A 464 -22.38 -14.10 7.47
CA THR A 464 -22.31 -14.36 8.90
C THR A 464 -22.97 -15.69 9.16
N PRO A 465 -22.24 -16.61 9.79
CA PRO A 465 -22.79 -17.92 9.96
C PRO A 465 -23.75 -17.98 11.16
N THR A 466 -24.53 -19.04 11.26
CA THR A 466 -25.36 -19.22 12.44
C THR A 466 -24.52 -19.35 13.73
N SER A 467 -25.16 -19.15 14.87
CA SER A 467 -24.49 -19.32 16.15
C SER A 467 -24.23 -20.81 16.49
N ASP A 468 -25.21 -21.67 16.23
CA ASP A 468 -24.97 -23.10 16.28
C ASP A 468 -23.69 -23.50 15.52
N LYS A 469 -23.45 -22.89 14.37
CA LYS A 469 -22.26 -23.23 13.57
C LYS A 469 -21.00 -22.78 14.28
N LEU A 470 -21.03 -21.58 14.85
CA LEU A 470 -19.85 -21.02 15.51
C LEU A 470 -19.46 -21.83 16.76
N ALA A 471 -20.47 -22.23 17.52
CA ALA A 471 -20.26 -23.01 18.74
C ALA A 471 -19.74 -24.37 18.38
N SER A 472 -20.38 -24.99 17.39
CA SER A 472 -19.88 -26.21 16.74
C SER A 472 -18.41 -26.14 16.21
N LEU A 473 -18.03 -25.02 15.63
CA LEU A 473 -16.62 -24.83 15.25
C LEU A 473 -15.68 -24.56 16.46
N THR A 474 -16.18 -23.85 17.45
CA THR A 474 -15.41 -23.60 18.66
C THR A 474 -15.08 -24.95 19.30
N ALA A 475 -16.08 -25.80 19.43
CA ALA A 475 -15.90 -27.16 19.97
C ALA A 475 -14.93 -27.95 19.07
N TYR A 476 -15.13 -27.92 17.74
CA TYR A 476 -14.17 -28.51 16.78
C TYR A 476 -12.74 -28.12 17.18
N MET A 477 -12.53 -26.83 17.32
CA MET A 477 -11.21 -26.26 17.60
C MET A 477 -10.58 -26.71 18.93
N ASN A 478 -11.39 -26.71 19.99
CA ASN A 478 -10.92 -27.19 21.32
C ASN A 478 -10.83 -28.70 21.49
N ASP A 479 -11.26 -29.45 20.50
CA ASP A 479 -11.22 -30.92 20.53
C ASP A 479 -11.09 -31.37 19.06
N PRO A 480 -9.90 -31.21 18.45
CA PRO A 480 -9.78 -31.53 17.04
C PRO A 480 -9.86 -33.03 16.85
N PRO A 481 -10.77 -33.51 16.00
CA PRO A 481 -10.85 -34.92 15.71
C PRO A 481 -9.54 -35.63 15.31
N VAL A 482 -9.40 -36.85 15.79
CA VAL A 482 -8.19 -37.64 15.62
C VAL A 482 -8.56 -39.06 15.21
N LEU A 483 -7.82 -39.61 14.26
CA LEU A 483 -8.03 -40.94 13.75
C LEU A 483 -6.81 -41.73 14.16
N VAL A 484 -7.02 -42.81 14.92
CA VAL A 484 -5.90 -43.68 15.33
C VAL A 484 -6.13 -45.11 14.98
N ALA A 485 -5.02 -45.78 14.71
CA ALA A 485 -5.05 -47.22 14.48
C ALA A 485 -5.43 -47.94 15.77
N GLU A 486 -5.83 -49.20 15.63
CA GLU A 486 -6.19 -50.06 16.77
C GLU A 486 -4.95 -50.39 17.62
N PRO A 487 -5.08 -50.39 18.96
CA PRO A 487 -3.92 -50.79 19.75
C PRO A 487 -3.35 -52.16 19.35
N LYS A 488 -4.23 -53.12 19.18
CA LYS A 488 -3.81 -54.46 18.74
C LYS A 488 -2.93 -54.42 17.49
N TYR A 489 -3.34 -53.65 16.50
CA TYR A 489 -2.61 -53.57 15.25
C TYR A 489 -1.26 -52.86 15.44
N ILE A 490 -1.27 -51.79 16.23
CA ILE A 490 -0.01 -51.11 16.49
C ILE A 490 0.93 -52.14 17.15
N HIS A 491 0.44 -52.86 18.13
CA HIS A 491 1.24 -53.84 18.80
C HIS A 491 1.73 -54.96 17.87
N GLU A 492 0.82 -55.49 17.04
CA GLU A 492 1.13 -56.60 16.11
C GLU A 492 2.28 -56.25 15.18
N THR A 493 2.23 -55.06 14.58
CA THR A 493 3.28 -54.56 13.69
C THR A 493 4.63 -54.36 14.33
N GLN A 494 4.65 -54.12 15.62
CA GLN A 494 5.91 -53.94 16.31
C GLN A 494 6.63 -52.68 15.79
N ALA A 495 5.86 -51.71 15.31
CA ALA A 495 6.39 -50.48 14.71
C ALA A 495 6.64 -49.32 15.68
N LEU A 496 6.38 -49.56 16.96
CA LEU A 496 6.55 -48.60 18.03
C LEU A 496 6.97 -49.32 19.34
N GLY A 497 8.00 -50.18 19.24
CA GLY A 497 8.60 -50.90 20.37
C GLY A 497 7.89 -52.20 20.76
N GLU A 498 8.68 -53.12 21.30
CA GLU A 498 8.19 -54.42 21.80
C GLU A 498 8.01 -54.45 23.30
N TYR A 499 8.19 -53.32 23.99
CA TYR A 499 8.22 -53.28 25.47
C TYR A 499 6.86 -52.90 26.09
N TRP A 500 5.76 -53.19 25.40
CA TRP A 500 4.40 -52.96 25.93
C TRP A 500 3.45 -53.89 25.19
N ALA A 501 2.27 -54.09 25.76
CA ALA A 501 1.28 -54.96 25.20
C ALA A 501 -0.04 -54.61 25.77
N LEU A 502 -1.08 -55.21 25.23
CA LEU A 502 -2.46 -54.87 25.60
C LEU A 502 -2.76 -55.37 27.04
N PRO A 503 -3.74 -54.77 27.75
CA PRO A 503 -4.21 -55.21 29.08
C PRO A 503 -4.84 -56.59 29.11
N SER A 505 -4.60 -59.93 30.08
CA SER A 505 -4.33 -61.03 31.02
C SER A 505 -5.38 -61.23 32.14
N ALA A 506 -5.54 -62.47 32.59
CA ALA A 506 -6.60 -62.84 33.50
C ALA A 506 -6.15 -62.95 34.96
N SER A 507 -4.86 -62.78 35.25
CA SER A 507 -4.38 -62.76 36.62
C SER A 507 -5.08 -61.66 37.45
N PRO A 508 -5.66 -62.02 38.61
CA PRO A 508 -6.26 -60.96 39.41
C PRO A 508 -5.25 -59.87 39.81
N ALA A 509 -3.98 -60.28 39.98
CA ALA A 509 -2.91 -59.33 40.27
C ALA A 509 -2.77 -58.32 39.13
N ALA A 510 -2.69 -58.80 37.89
CA ALA A 510 -2.63 -57.93 36.69
C ALA A 510 -3.77 -56.94 36.64
N ALA A 511 -4.95 -57.39 37.05
CA ALA A 511 -6.10 -56.52 36.98
C ALA A 511 -6.02 -55.43 38.09
N THR A 512 -5.37 -55.70 39.24
CA THR A 512 -5.19 -54.60 40.18
C THR A 512 -4.06 -53.66 39.72
N LEU A 513 -3.06 -54.18 39.00
CA LEU A 513 -2.10 -53.30 38.35
C LEU A 513 -2.77 -52.34 37.36
N GLU A 514 -3.69 -52.84 36.55
CA GLU A 514 -4.42 -51.96 35.64
C GLU A 514 -5.23 -50.89 36.35
N ASP A 515 -5.88 -51.26 37.45
CA ASP A 515 -6.69 -50.31 38.19
C ASP A 515 -5.83 -49.23 38.78
N ARG A 516 -4.61 -49.61 39.19
CA ARG A 516 -3.66 -48.63 39.71
C ARG A 516 -3.11 -47.66 38.69
N LEU A 517 -2.90 -48.07 37.46
CA LEU A 517 -2.53 -47.13 36.41
C LEU A 517 -3.67 -46.18 36.09
N GLN A 518 -4.91 -46.65 36.04
CA GLN A 518 -6.08 -45.77 35.95
C GLN A 518 -6.11 -44.77 37.15
N PHE A 519 -5.76 -45.24 38.35
CA PHE A 519 -5.74 -44.37 39.52
C PHE A 519 -4.71 -43.23 39.36
N ILE A 520 -3.47 -43.58 39.00
CA ILE A 520 -2.44 -42.63 38.67
C ILE A 520 -2.86 -41.62 37.58
N PHE A 521 -3.45 -42.09 36.49
CA PHE A 521 -3.80 -41.24 35.39
C PHE A 521 -4.85 -40.24 35.81
N ASP A 522 -5.93 -40.76 36.40
CA ASP A 522 -7.07 -39.94 36.88
C ASP A 522 -6.65 -38.85 37.87
N PHE A 523 -5.73 -39.23 38.75
CA PHE A 523 -5.14 -38.28 39.66
C PHE A 523 -4.30 -37.18 38.94
N TYR A 524 -3.34 -37.56 38.11
CA TYR A 524 -2.59 -36.59 37.37
C TYR A 524 -3.51 -35.70 36.49
N LYS A 525 -4.57 -36.28 35.89
CA LYS A 525 -5.51 -35.47 35.10
C LYS A 525 -6.23 -34.40 35.90
N GLY A 526 -6.57 -34.73 37.14
CA GLY A 526 -7.32 -33.81 37.99
C GLY A 526 -6.46 -32.75 38.63
N GLN A 527 -5.17 -33.08 38.82
CA GLN A 527 -4.27 -32.19 39.48
C GLN A 527 -4.05 -30.98 38.60
N ILE A 528 -4.03 -31.18 37.29
CA ILE A 528 -3.94 -30.10 36.32
C ILE A 528 -4.97 -29.00 36.50
N GLU A 529 -6.20 -29.38 36.75
CA GLU A 529 -7.28 -28.46 37.06
C GLU A 529 -7.17 -28.00 38.50
N GLN A 530 -6.99 -28.90 39.46
CA GLN A 530 -7.01 -28.47 40.86
C GLN A 530 -5.90 -27.52 41.27
N ARG A 531 -4.69 -27.78 40.77
CA ARG A 531 -3.54 -26.98 41.08
C ARG A 531 -3.28 -25.96 40.00
N ARG A 532 -4.23 -25.79 39.08
CA ARG A 532 -4.18 -24.71 38.08
C ARG A 532 -2.89 -24.63 37.30
N TRP A 533 -2.41 -25.78 36.84
CA TRP A 533 -1.20 -25.82 36.03
C TRP A 533 -1.51 -25.43 34.61
N TYR A 534 -1.91 -24.18 34.43
CA TYR A 534 -2.31 -23.65 33.13
C TYR A 534 -1.38 -22.50 32.88
N GLY A 535 -1.35 -22.01 31.65
CA GLY A 535 -0.58 -20.80 31.33
C GLY A 535 0.09 -20.88 29.99
N PHE A 536 0.31 -19.71 29.41
CA PHE A 536 1.00 -19.57 28.11
C PHE A 536 2.19 -20.51 27.92
N LEU A 537 3.08 -20.59 28.89
CA LEU A 537 4.19 -21.55 28.87
C LEU A 537 4.00 -22.81 29.76
N ASP A 538 3.20 -22.73 30.83
CA ASP A 538 3.19 -23.84 31.79
C ASP A 538 2.33 -25.01 31.31
N TYR A 539 1.19 -24.71 30.69
CA TYR A 539 0.23 -25.74 30.32
C TYR A 539 0.86 -26.94 29.65
N GLY A 540 0.66 -28.13 30.22
CA GLY A 540 1.16 -29.38 29.69
C GLY A 540 2.13 -30.09 30.60
N ASP A 541 2.79 -29.33 31.46
CA ASP A 541 3.70 -29.88 32.42
C ASP A 541 2.97 -30.04 33.73
N PHE A 542 3.63 -30.73 34.65
CA PHE A 542 3.10 -30.98 35.99
C PHE A 542 4.29 -31.04 36.95
N MET A 543 4.05 -31.08 38.27
CA MET A 543 5.16 -30.96 39.23
C MET A 543 5.75 -32.29 39.71
N HIS A 544 6.77 -32.22 40.57
CA HIS A 544 7.74 -33.31 40.80
C HIS A 544 7.56 -33.97 42.14
N THR A 545 7.53 -33.19 43.22
CA THR A 545 7.30 -33.75 44.57
C THR A 545 6.36 -32.87 45.32
N TYR A 546 5.70 -33.43 46.32
CA TYR A 546 4.69 -32.74 47.12
C TYR A 546 5.22 -32.29 48.45
N ASP A 547 4.55 -31.27 48.99
CA ASP A 547 4.82 -30.71 50.35
C ASP A 547 3.58 -31.07 51.15
N PRO A 548 3.67 -32.15 51.95
CA PRO A 548 2.55 -32.67 52.69
C PRO A 548 2.04 -31.74 53.80
N ASP A 549 2.86 -30.75 54.22
CA ASP A 549 2.47 -29.87 55.32
C ASP A 549 1.60 -28.75 54.81
N ARG A 550 2.09 -28.09 53.77
CA ARG A 550 1.38 -27.01 53.08
C ARG A 550 0.28 -27.54 52.13
N HIS A 551 0.31 -28.83 51.82
CA HIS A 551 -0.65 -29.46 50.94
C HIS A 551 -0.62 -28.77 49.59
N THR A 552 0.61 -28.60 49.05
CA THR A 552 0.89 -28.19 47.65
C THR A 552 2.06 -28.98 47.10
N TRP A 553 2.16 -28.94 45.78
CA TRP A 553 3.35 -29.37 45.09
C TRP A 553 4.38 -28.29 45.32
N ARG A 554 5.65 -28.73 45.39
CA ARG A 554 6.75 -27.84 45.79
C ARG A 554 7.15 -26.91 44.63
N TYR A 555 6.24 -25.98 44.34
CA TYR A 555 6.35 -25.02 43.25
C TYR A 555 7.51 -24.05 43.48
N ASP A 556 7.91 -23.91 44.74
CA ASP A 556 8.83 -22.89 45.14
C ASP A 556 10.11 -23.45 45.72
N VAL A 557 10.44 -24.71 45.45
CA VAL A 557 11.63 -25.31 46.06
C VAL A 557 12.43 -26.08 45.03
N GLY A 558 13.55 -25.51 44.63
CA GLY A 558 14.48 -26.10 43.66
C GLY A 558 13.91 -27.03 42.63
N GLY A 559 14.36 -28.27 42.68
CA GLY A 559 14.01 -29.27 41.66
C GLY A 559 12.72 -30.05 41.95
N TYR A 560 11.97 -29.63 42.97
CA TYR A 560 10.72 -30.27 43.26
C TYR A 560 9.50 -29.64 42.57
N ALA A 561 9.71 -28.59 41.78
CA ALA A 561 8.61 -27.94 41.07
C ALA A 561 8.32 -28.58 39.67
N TRP A 562 8.41 -27.83 38.58
CA TRP A 562 8.07 -28.36 37.27
C TRP A 562 8.95 -29.56 36.94
N ASP A 563 8.30 -30.56 36.37
CA ASP A 563 8.85 -31.92 36.32
C ASP A 563 9.80 -32.09 35.14
N ASN A 564 9.51 -31.46 34.02
CA ASN A 564 10.44 -31.42 32.89
C ASN A 564 10.91 -32.84 32.55
N SER A 565 9.91 -33.74 32.41
CA SER A 565 10.14 -35.13 32.06
C SER A 565 11.14 -35.91 32.92
N GLU A 566 11.31 -35.57 34.19
CA GLU A 566 12.19 -36.37 35.06
C GLU A 566 11.65 -37.80 35.26
N LEU A 567 12.52 -38.80 35.19
CA LEU A 567 12.18 -40.23 35.12
C LEU A 567 11.10 -40.60 34.11
N SER A 568 11.14 -39.95 32.97
CA SER A 568 10.41 -40.36 31.76
C SER A 568 8.91 -40.56 31.97
N PRO A 569 8.22 -39.55 32.53
CA PRO A 569 6.78 -39.69 32.54
C PRO A 569 6.20 -39.68 31.16
N ASP A 570 6.86 -38.99 30.21
CA ASP A 570 6.38 -38.93 28.83
C ASP A 570 6.22 -40.34 28.18
N LEU A 571 7.13 -41.27 28.51
CA LEU A 571 7.05 -42.68 28.08
C LEU A 571 5.89 -43.45 28.74
N PHE A 572 5.72 -43.31 30.04
CA PHE A 572 4.59 -43.94 30.68
C PHE A 572 3.29 -43.46 30.06
N PHE A 573 3.07 -42.14 29.98
CA PHE A 573 1.79 -41.64 29.49
C PHE A 573 1.51 -41.96 28.03
N TRP A 574 2.55 -41.94 27.20
CA TRP A 574 2.42 -42.45 25.83
C TRP A 574 2.17 -43.97 25.72
N LEU A 575 2.89 -44.79 26.49
CA LEU A 575 2.63 -46.22 26.46
C LEU A 575 1.26 -46.52 27.07
N TYR A 576 0.83 -45.73 28.05
CA TYR A 576 -0.50 -45.88 28.58
C TYR A 576 -1.56 -45.59 27.47
N PHE A 577 -1.36 -44.57 26.64
CA PHE A 577 -2.28 -44.37 25.51
C PHE A 577 -2.25 -45.54 24.52
N LEU A 578 -1.05 -46.01 24.18
CA LEU A 578 -0.89 -47.08 23.20
C LEU A 578 -1.66 -48.35 23.57
N ARG A 579 -1.59 -48.73 24.84
CA ARG A 579 -2.19 -49.98 25.29
C ARG A 579 -3.70 -49.91 25.30
N THR A 580 -4.24 -48.71 25.48
CA THR A 580 -5.67 -48.56 25.78
C THR A 580 -6.52 -47.89 24.69
N GLY A 581 -5.96 -46.96 23.89
CA GLY A 581 -6.75 -46.14 22.96
C GLY A 581 -7.59 -45.03 23.61
N SER A 582 -7.37 -44.82 24.91
CA SER A 582 -8.12 -43.79 25.64
C SER A 582 -7.88 -42.38 25.11
N LYS A 583 -8.94 -41.66 24.81
CA LYS A 583 -8.87 -40.22 24.49
C LYS A 583 -8.21 -39.34 25.57
N ASP A 584 -8.72 -39.33 26.80
CA ASP A 584 -8.11 -38.54 27.87
C ASP A 584 -6.63 -38.78 27.95
N ALA A 585 -6.31 -40.04 27.75
CA ALA A 585 -4.94 -40.48 27.77
C ALA A 585 -4.07 -39.83 26.69
N TYR A 586 -4.58 -39.79 25.46
CA TYR A 586 -3.94 -39.08 24.32
C TYR A 586 -3.78 -37.58 24.58
N ARG A 587 -4.87 -36.95 24.98
CA ARG A 587 -4.87 -35.55 25.34
C ARG A 587 -3.89 -35.20 26.44
N PHE A 588 -3.86 -35.99 27.49
CA PHE A 588 -2.91 -35.75 28.54
C PHE A 588 -1.53 -35.71 27.97
N ALA A 589 -1.21 -36.71 27.14
CA ALA A 589 0.14 -36.93 26.66
C ALA A 589 0.53 -35.93 25.61
N GLU A 590 -0.38 -35.67 24.69
CA GLU A 590 -0.20 -34.67 23.63
C GLU A 590 0.22 -33.32 24.25
N ALA A 591 -0.56 -32.85 25.21
CA ALA A 591 -0.25 -31.57 25.85
C ALA A 591 1.15 -31.60 26.55
N LEU A 592 1.42 -32.71 27.22
CA LEU A 592 2.69 -32.94 27.85
C LEU A 592 3.79 -32.82 26.79
N THR A 593 3.64 -33.55 25.71
CA THR A 593 4.66 -33.56 24.70
C THR A 593 4.79 -32.18 24.09
N ARG A 594 3.68 -31.49 23.87
CA ARG A 594 3.74 -30.11 23.33
C ARG A 594 4.48 -29.13 24.24
N HIS A 595 4.51 -29.39 25.55
CA HIS A 595 5.28 -28.55 26.47
C HIS A 595 6.75 -28.93 26.52
N THR A 596 6.96 -30.19 26.69
CA THR A 596 8.17 -30.71 27.25
C THR A 596 9.31 -30.63 26.21
N GLY A 597 8.92 -30.83 24.95
CA GLY A 597 9.84 -30.88 23.85
C GLY A 597 10.01 -29.54 23.17
N GLU A 598 9.22 -28.55 23.61
CA GLU A 598 9.31 -27.13 23.17
C GLU A 598 9.89 -26.20 24.24
N VAL A 599 9.27 -26.14 25.41
CA VAL A 599 9.64 -25.17 26.43
C VAL A 599 10.81 -25.66 27.29
N ASP A 600 10.91 -26.98 27.47
CA ASP A 600 11.91 -27.55 28.37
C ASP A 600 13.17 -27.86 27.61
N VAL A 601 13.28 -27.46 26.34
CA VAL A 601 14.52 -27.72 25.61
C VAL A 601 14.99 -26.51 24.82
N TYR A 602 16.30 -26.38 24.62
CA TYR A 602 16.85 -25.29 23.81
C TYR A 602 17.02 -25.68 22.34
N HIS A 603 16.56 -24.79 21.45
CA HIS A 603 16.53 -24.99 19.98
C HIS A 603 17.55 -24.17 19.16
N ILE A 604 18.25 -23.25 19.85
CA ILE A 604 19.37 -22.48 19.30
C ILE A 604 20.46 -22.29 20.33
N GLY A 605 21.59 -21.78 19.88
CA GLY A 605 22.70 -21.42 20.78
C GLY A 605 23.65 -22.59 21.04
N ASP A 606 24.48 -22.41 22.06
CA ASP A 606 25.58 -23.34 22.35
C ASP A 606 25.06 -24.62 22.93
N TRP A 607 23.93 -24.51 23.63
CA TRP A 607 23.30 -25.66 24.28
C TRP A 607 22.15 -26.23 23.43
N LYS A 608 22.10 -25.85 22.15
CA LYS A 608 21.12 -26.41 21.24
C LYS A 608 21.04 -27.93 21.33
N GLY A 609 19.85 -28.41 21.64
CA GLY A 609 19.59 -29.83 21.74
C GLY A 609 19.68 -30.44 23.12
N LEU A 610 20.04 -29.63 24.10
CA LEU A 610 19.84 -29.95 25.51
C LEU A 610 18.52 -29.37 25.99
N GLY A 611 18.00 -29.97 27.04
CA GLY A 611 16.83 -29.48 27.74
C GLY A 611 17.24 -29.27 29.18
N THR A 612 16.32 -28.80 30.00
CA THR A 612 16.68 -28.39 31.36
C THR A 612 16.05 -29.29 32.42
N ARG A 613 16.85 -29.62 33.42
CA ARG A 613 16.42 -30.43 34.55
C ARG A 613 15.32 -29.74 35.35
N HIS A 614 14.31 -30.53 35.75
CA HIS A 614 13.26 -30.11 36.68
C HIS A 614 13.66 -29.00 37.65
N GLY A 615 12.91 -27.91 37.63
CA GLY A 615 13.07 -26.88 38.67
C GLY A 615 11.92 -25.90 38.71
N VAL A 616 12.13 -24.86 39.51
CA VAL A 616 11.14 -23.80 39.79
C VAL A 616 10.72 -23.01 38.55
N GLN A 617 11.65 -22.68 37.70
CA GLN A 617 11.29 -22.29 36.34
C GLN A 617 11.61 -23.49 35.45
N HIS A 618 11.08 -23.47 34.21
CA HIS A 618 11.37 -24.51 33.21
C HIS A 618 12.83 -24.51 32.72
N TRP A 619 13.56 -23.43 32.97
CA TRP A 619 14.91 -23.23 32.51
C TRP A 619 15.83 -22.79 33.66
N SER A 620 15.40 -22.87 34.92
CA SER A 620 16.21 -22.34 36.05
C SER A 620 17.46 -23.15 36.35
N ASP A 621 17.39 -24.46 36.22
CA ASP A 621 18.46 -25.36 36.73
C ASP A 621 19.65 -25.44 35.78
N SER A 622 20.83 -25.73 36.33
CA SER A 622 22.07 -25.79 35.52
C SER A 622 22.41 -27.13 34.91
N ALA A 623 21.68 -28.18 35.23
CA ALA A 623 21.87 -29.45 34.57
C ALA A 623 21.22 -29.34 33.21
N LYS A 624 22.04 -29.22 32.16
CA LYS A 624 21.54 -29.09 30.81
C LYS A 624 21.93 -30.38 30.13
N GLN A 625 20.93 -31.14 29.74
CA GLN A 625 21.18 -32.52 29.43
C GLN A 625 20.28 -33.07 28.37
N ALA A 626 20.83 -34.08 27.67
CA ALA A 626 20.07 -34.77 26.63
C ALA A 626 18.97 -35.65 27.15
N ARG A 627 18.99 -36.01 28.42
CA ARG A 627 17.93 -36.85 28.97
C ARG A 627 16.59 -36.12 29.02
N ILE A 628 16.62 -34.79 29.00
CA ILE A 628 15.41 -34.01 28.90
C ILE A 628 15.00 -33.88 27.44
N SER A 629 15.91 -33.53 26.55
CA SER A 629 15.51 -33.38 25.15
C SER A 629 15.12 -34.73 24.52
N GLN A 630 15.74 -35.79 25.03
CA GLN A 630 15.45 -37.20 24.71
C GLN A 630 14.35 -37.43 23.66
N PRO A 631 14.73 -37.53 22.39
CA PRO A 631 13.72 -37.58 21.34
C PRO A 631 12.86 -38.83 21.35
N GLN A 632 13.24 -39.87 22.11
CA GLN A 632 12.35 -41.02 22.34
C GLN A 632 11.07 -40.56 22.94
N TYR A 633 11.12 -39.53 23.78
CA TYR A 633 9.90 -38.96 24.32
C TYR A 633 8.91 -38.36 23.29
N ARG A 634 9.34 -38.04 22.08
CA ARG A 634 8.47 -37.49 21.04
C ARG A 634 8.06 -38.47 19.90
N LYS A 635 8.72 -39.63 19.85
CA LYS A 635 8.62 -40.57 18.72
C LYS A 635 7.24 -41.10 18.50
N TYR A 636 6.59 -41.42 19.59
CA TYR A 636 5.30 -42.08 19.56
C TYR A 636 4.34 -41.08 19.00
N PHE A 637 4.38 -39.86 19.49
CA PHE A 637 3.53 -38.77 18.90
C PHE A 637 3.91 -38.41 17.46
N PHE A 638 5.20 -38.42 17.17
CA PHE A 638 5.60 -38.09 15.83
C PHE A 638 4.90 -39.03 14.84
N TYR A 639 4.91 -40.32 15.11
CA TYR A 639 4.31 -41.27 14.21
C TYR A 639 2.79 -41.31 14.23
N LEU A 640 2.21 -41.18 15.43
CA LEU A 640 0.73 -41.28 15.63
C LEU A 640 -0.07 -40.12 15.05
N SER A 641 0.58 -38.95 14.98
CA SER A 641 0.00 -37.73 14.43
C SER A 641 0.07 -37.67 12.92
N GLY A 642 0.79 -38.61 12.31
CA GLY A 642 1.03 -38.56 10.88
C GLY A 642 2.23 -37.71 10.54
N GLY A 643 3.21 -37.75 11.41
CA GLY A 643 4.45 -37.08 11.15
C GLY A 643 4.34 -35.60 11.38
N ASP A 644 3.75 -35.22 12.52
CA ASP A 644 3.58 -33.79 12.80
C ASP A 644 4.90 -33.09 12.48
N GLU A 645 4.80 -32.16 11.54
CA GLU A 645 5.96 -31.54 10.96
C GLU A 645 6.74 -30.68 11.94
N ARG A 646 6.08 -30.03 12.89
CA ARG A 646 6.81 -29.26 13.89
C ARG A 646 7.67 -30.14 14.78
N VAL A 647 7.11 -31.23 15.33
CA VAL A 647 7.90 -32.25 16.06
C VAL A 647 8.96 -32.83 15.15
N GLY A 648 8.56 -33.15 13.91
CA GLY A 648 9.53 -33.60 12.90
C GLY A 648 10.78 -32.72 12.87
N GLU A 649 10.55 -31.41 12.77
CA GLU A 649 11.56 -30.36 12.79
C GLU A 649 12.39 -30.36 14.08
N LEU A 650 11.69 -30.49 15.21
CA LEU A 650 12.32 -30.56 16.50
C LEU A 650 13.23 -31.74 16.65
N LEU A 651 12.80 -32.91 16.14
CA LEU A 651 13.63 -34.13 16.11
C LEU A 651 14.91 -33.98 15.28
N GLU A 652 14.82 -33.16 14.25
CA GLU A 652 16.02 -32.83 13.43
C GLU A 652 17.08 -32.02 14.20
N GLU A 653 16.64 -31.02 14.99
CA GLU A 653 17.55 -30.14 15.70
C GLU A 653 18.40 -30.92 16.67
N LEU A 654 17.81 -31.95 17.25
CA LEU A 654 18.47 -32.76 18.26
C LEU A 654 19.66 -33.54 17.72
N LEU A 655 19.75 -33.73 16.40
CA LEU A 655 20.94 -34.36 15.78
C LEU A 655 22.21 -33.54 15.98
N ASP A 656 22.03 -32.23 16.31
CA ASP A 656 23.13 -31.36 16.77
C ASP A 656 23.51 -31.50 18.25
N THR A 657 22.88 -32.42 18.96
CA THR A 657 23.09 -32.56 20.39
C THR A 657 24.53 -32.97 20.72
N ASP A 658 25.12 -33.84 19.89
CA ASP A 658 26.47 -34.35 20.15
C ASP A 658 27.58 -33.34 20.17
N LYS A 659 27.35 -32.19 19.50
CA LYS A 659 28.25 -31.02 19.56
C LYS A 659 28.36 -30.34 20.91
N THR A 660 27.24 -30.26 21.65
CA THR A 660 27.24 -29.69 23.03
C THR A 660 28.33 -30.26 23.95
N TYR A 661 28.72 -31.52 23.76
CA TYR A 661 29.68 -32.17 24.70
C TYR A 661 31.06 -31.50 24.71
N GLY A 662 31.36 -30.78 23.62
CA GLY A 662 32.52 -29.89 23.51
C GLY A 662 32.38 -28.51 24.14
N GLU A 663 31.16 -27.98 24.21
CA GLU A 663 30.86 -26.72 24.97
C GLU A 663 30.49 -26.91 26.45
N LEU A 664 29.97 -28.06 26.83
CA LEU A 664 29.45 -28.23 28.20
C LEU A 664 29.57 -29.66 28.67
N ASP A 665 30.25 -29.86 29.79
CA ASP A 665 30.28 -31.16 30.46
C ASP A 665 29.12 -31.21 31.45
N PRO A 666 28.20 -32.22 31.35
CA PRO A 666 27.17 -32.38 32.40
C PRO A 666 27.76 -32.87 33.72
N GLN A 667 28.94 -33.49 33.65
CA GLN A 667 29.66 -33.97 34.82
C GLN A 667 30.68 -33.01 35.40
N ARG A 668 30.75 -31.80 34.85
CA ARG A 668 31.72 -30.79 35.29
C ARG A 668 31.98 -30.68 36.80
N LYS A 669 30.91 -30.73 37.60
CA LYS A 669 30.97 -30.48 39.07
C LYS A 669 31.32 -31.70 39.93
N VAL A 670 31.15 -32.91 39.39
CA VAL A 670 31.19 -34.17 40.19
C VAL A 670 32.23 -35.21 39.75
N ARG A 671 32.51 -35.25 38.45
CA ARG A 671 33.65 -35.96 37.87
C ARG A 671 34.90 -35.84 38.74
N THR A 672 35.60 -36.95 39.03
CA THR A 672 36.88 -36.91 39.84
C THR A 672 38.19 -37.14 39.04
N ASP A 673 38.09 -37.22 37.71
CA ASP A 673 39.20 -37.62 36.84
C ASP A 673 40.03 -36.46 36.22
N GLY A 674 39.77 -35.22 36.66
CA GLY A 674 40.48 -34.03 36.16
C GLY A 674 40.23 -33.62 34.70
N TRP A 675 39.28 -34.25 34.04
CA TRP A 675 39.05 -33.99 32.61
C TRP A 675 38.20 -32.72 32.43
N GLU A 676 38.43 -32.04 31.31
CA GLU A 676 37.67 -30.88 30.89
C GLU A 676 37.61 -30.88 29.36
N PRO A 677 36.53 -30.39 28.76
CA PRO A 677 36.63 -30.21 27.30
C PRO A 677 37.73 -29.25 26.91
N SER A 678 38.27 -29.46 25.73
CA SER A 678 39.19 -28.50 25.14
C SER A 678 39.03 -28.64 23.63
N PRO A 679 39.52 -27.64 22.86
CA PRO A 679 39.14 -27.67 21.44
C PRO A 679 39.80 -28.77 20.61
N ASN A 680 39.05 -29.22 19.61
CA ASN A 680 39.43 -30.28 18.68
C ASN A 680 39.81 -31.61 19.39
N SER A 681 39.12 -31.85 20.49
CA SER A 681 39.44 -32.97 21.39
C SER A 681 38.24 -33.90 21.52
N THR A 682 38.50 -35.11 21.98
CA THR A 682 37.44 -36.09 22.12
C THR A 682 36.60 -35.59 23.28
N VAL A 683 35.27 -35.58 23.11
CA VAL A 683 34.34 -35.09 24.13
C VAL A 683 33.77 -36.22 24.99
N SER A 684 33.54 -35.93 26.26
CA SER A 684 33.02 -36.93 27.18
C SER A 684 31.51 -36.85 27.30
N PHE A 685 30.87 -38.02 27.21
CA PHE A 685 29.47 -38.20 27.60
C PHE A 685 29.14 -39.55 28.25
N GLY A 686 28.02 -39.57 28.99
CA GLY A 686 27.52 -40.77 29.69
C GLY A 686 26.95 -41.81 28.73
N LEU A 687 27.11 -43.09 29.08
CA LEU A 687 26.63 -44.19 28.25
C LEU A 687 25.18 -44.56 28.51
N GLY A 688 24.57 -43.99 29.54
CA GLY A 688 23.22 -44.33 29.93
C GLY A 688 22.28 -43.18 29.62
N THR A 689 22.38 -42.14 30.45
CA THR A 689 21.48 -41.03 30.26
C THR A 689 21.76 -40.29 28.96
N ASP A 690 22.96 -39.71 28.81
CA ASP A 690 23.32 -38.92 27.61
C ASP A 690 23.17 -39.76 26.33
N TRP A 691 23.84 -40.91 26.28
CA TRP A 691 23.83 -41.75 25.07
C TRP A 691 22.42 -42.19 24.63
N SER A 692 21.57 -42.53 25.58
CA SER A 692 20.18 -42.86 25.25
C SER A 692 19.45 -41.72 24.53
N GLY A 693 19.79 -40.46 24.84
CA GLY A 693 19.24 -39.33 24.08
C GLY A 693 19.78 -39.25 22.65
N LEU A 694 21.10 -39.28 22.57
CA LEU A 694 21.80 -39.33 21.29
C LEU A 694 21.30 -40.46 20.41
N ALA A 695 21.35 -41.68 20.95
CA ALA A 695 20.98 -42.85 20.16
C ALA A 695 19.60 -42.73 19.59
N ALA A 696 18.71 -42.23 20.42
CA ALA A 696 17.32 -42.10 20.03
C ALA A 696 17.18 -41.13 18.88
N GLY A 697 17.90 -40.01 18.93
CA GLY A 697 17.86 -39.05 17.83
C GLY A 697 18.40 -39.60 16.54
N TRP A 698 19.51 -40.33 16.62
CA TRP A 698 20.09 -41.00 15.45
C TRP A 698 19.21 -42.12 14.87
N LEU A 699 18.69 -42.98 15.74
CA LEU A 699 17.79 -44.04 15.29
C LEU A 699 16.58 -43.44 14.60
N ILE A 700 16.05 -42.33 15.09
CA ILE A 700 14.90 -41.71 14.44
C ILE A 700 15.28 -41.14 13.10
N GLU A 701 16.43 -40.44 13.01
CA GLU A 701 16.84 -39.88 11.68
C GLU A 701 17.05 -40.95 10.65
N TRP A 702 17.64 -42.06 11.08
CA TRP A 702 17.80 -43.25 10.26
C TRP A 702 16.43 -43.80 9.81
N GLU A 703 15.53 -44.05 10.76
CA GLU A 703 14.17 -44.51 10.43
C GLU A 703 13.45 -43.58 9.45
N ARG A 704 13.74 -42.28 9.53
CA ARG A 704 13.04 -41.30 8.66
C ARG A 704 13.61 -41.14 7.27
N ARG A 705 14.82 -41.69 7.07
CA ARG A 705 15.61 -41.44 5.89
C ARG A 705 15.58 -39.94 5.56
N GLY A 706 15.83 -39.13 6.60
CA GLY A 706 15.98 -37.69 6.45
C GLY A 706 17.40 -37.33 6.01
N PRO A 707 17.61 -36.03 5.74
CA PRO A 707 18.88 -35.56 5.14
C PRO A 707 20.18 -35.92 5.91
N ARG A 708 20.06 -36.43 7.14
CA ARG A 708 21.23 -36.82 7.88
C ARG A 708 21.28 -38.31 8.26
N TRP A 709 20.53 -39.15 7.51
CA TRP A 709 20.38 -40.56 7.92
C TRP A 709 21.64 -41.42 7.85
N GLU A 710 22.43 -41.24 6.80
CA GLU A 710 23.70 -41.98 6.68
C GLU A 710 24.63 -41.65 7.85
N GLU A 711 24.67 -40.36 8.22
CA GLU A 711 25.40 -39.88 9.41
C GLU A 711 24.87 -40.53 10.68
N ALA A 712 23.56 -40.42 10.82
CA ALA A 712 22.83 -40.97 11.94
C ALA A 712 23.10 -42.45 12.13
N LYS A 713 22.97 -43.19 11.05
CA LYS A 713 23.24 -44.62 11.04
C LYS A 713 24.65 -44.94 11.49
N THR A 714 25.61 -44.14 11.04
CA THR A 714 27.04 -44.34 11.38
C THR A 714 27.31 -44.04 12.85
N LYS A 715 26.84 -42.91 13.36
CA LYS A 715 27.07 -42.57 14.76
C LYS A 715 26.51 -43.62 15.72
N LEU A 716 25.29 -44.09 15.41
CA LEU A 716 24.57 -45.04 16.24
C LEU A 716 25.32 -46.31 16.25
N THR A 717 25.64 -46.81 15.04
CA THR A 717 26.37 -48.06 14.88
C THR A 717 27.74 -48.02 15.50
N ASN A 718 28.51 -46.96 15.25
CA ASN A 718 29.86 -46.85 15.81
C ASN A 718 29.85 -46.76 17.34
N THR A 719 28.92 -46.00 17.91
CA THR A 719 28.81 -45.86 19.36
C THR A 719 28.32 -47.18 20.00
N ILE A 720 27.41 -47.87 19.33
CA ILE A 720 26.98 -49.19 19.80
C ILE A 720 28.20 -50.12 19.82
N ALA A 721 28.92 -50.11 18.71
CA ALA A 721 30.15 -50.88 18.54
C ALA A 721 31.19 -50.50 19.56
N GLY A 722 31.33 -49.20 19.84
CA GLY A 722 32.21 -48.72 20.89
C GLY A 722 31.83 -49.16 22.31
N ILE A 723 30.56 -49.11 22.65
CA ILE A 723 30.12 -49.61 23.96
C ILE A 723 30.44 -51.10 24.03
N ALA A 724 30.13 -51.84 22.96
CA ALA A 724 30.45 -53.28 22.90
C ALA A 724 31.90 -53.56 23.24
N ASN A 725 32.80 -52.70 22.74
CA ASN A 725 34.23 -52.92 22.85
C ASN A 725 34.82 -52.48 24.16
N LEU A 726 34.03 -51.79 25.00
CA LEU A 726 34.49 -51.46 26.34
C LEU A 726 34.50 -52.74 27.14
N THR A 727 35.52 -52.86 27.98
CA THR A 727 35.73 -54.07 28.77
C THR A 727 34.51 -54.41 29.61
N ASN A 728 33.91 -53.40 30.24
CA ASN A 728 32.75 -53.58 31.11
C ASN A 728 31.48 -52.97 30.50
N GLY A 729 31.55 -52.72 29.19
CA GLY A 729 30.41 -52.26 28.42
C GLY A 729 29.70 -51.13 29.12
N PHE A 730 28.42 -51.33 29.40
CA PHE A 730 27.62 -50.26 30.01
C PHE A 730 28.06 -49.90 31.40
N VAL A 731 28.64 -50.82 32.13
CA VAL A 731 29.04 -50.61 33.49
C VAL A 731 30.19 -49.65 33.67
N THR A 732 30.74 -49.21 32.56
CA THR A 732 31.84 -48.27 32.51
C THR A 732 31.43 -46.88 32.86
N GLY A 733 30.24 -46.51 32.45
CA GLY A 733 29.75 -45.19 32.75
C GLY A 733 29.79 -44.18 31.65
N SER A 734 30.95 -44.03 31.06
CA SER A 734 31.14 -43.04 30.05
C SER A 734 32.26 -43.37 29.11
N GLY A 735 32.41 -42.54 28.11
CA GLY A 735 33.42 -42.69 27.12
C GLY A 735 33.88 -41.36 26.58
N LEU A 736 34.68 -41.42 25.53
CA LEU A 736 35.22 -40.29 24.84
C LEU A 736 34.82 -40.52 23.41
N TYR A 737 34.12 -39.54 22.86
CA TYR A 737 33.59 -39.57 21.50
C TYR A 737 34.46 -38.63 20.64
N ASP A 738 34.82 -39.10 19.46
CA ASP A 738 35.55 -38.26 18.52
C ASP A 738 34.53 -37.61 17.59
N PRO A 739 34.47 -36.28 17.54
CA PRO A 739 33.52 -35.64 16.61
C PRO A 739 33.89 -35.69 15.11
N VAL A 740 35.13 -36.12 14.76
CA VAL A 740 35.47 -36.31 13.33
C VAL A 740 35.29 -37.77 12.90
N THR A 741 35.88 -38.74 13.63
CA THR A 741 35.71 -40.17 13.25
C THR A 741 34.37 -40.77 13.69
N TRP A 742 33.61 -40.06 14.54
CA TRP A 742 32.34 -40.54 15.11
C TRP A 742 32.50 -41.92 15.76
N THR A 743 33.43 -42.00 16.72
CA THR A 743 33.77 -43.26 17.41
C THR A 743 33.74 -43.02 18.92
N LEU A 744 33.77 -44.11 19.69
CA LEU A 744 33.58 -44.04 21.12
C LEU A 744 34.63 -44.93 21.74
N GLY A 745 35.49 -44.31 22.52
CA GLY A 745 36.55 -45.03 23.19
C GLY A 745 36.32 -44.91 24.67
N PRO A 746 37.18 -45.53 25.47
CA PRO A 746 37.06 -45.53 26.94
C PRO A 746 37.22 -44.17 27.60
N PRO A 747 36.92 -44.07 28.92
CA PRO A 747 36.91 -42.75 29.58
C PRO A 747 38.30 -42.32 30.00
N PRO A 748 38.46 -41.05 30.41
CA PRO A 748 39.81 -40.53 30.69
C PRO A 748 40.61 -41.32 31.74
N SER A 749 39.95 -41.92 32.72
CA SER A 749 40.64 -42.72 33.74
C SER A 749 41.13 -44.09 33.23
N ASP A 750 40.74 -44.48 32.04
CA ASP A 750 41.03 -45.84 31.57
C ASP A 750 41.39 -45.81 30.08
N PRO A 751 42.48 -45.10 29.71
CA PRO A 751 42.90 -45.12 28.29
C PRO A 751 43.31 -46.52 27.76
N GLY A 752 43.76 -47.43 28.63
CA GLY A 752 44.06 -48.83 28.26
C GLY A 752 42.88 -49.78 28.00
N ASN A 753 41.66 -49.32 28.28
CA ASN A 753 40.47 -50.15 28.34
C ASN A 753 40.64 -51.38 29.23
N ARG A 754 41.36 -51.20 30.33
CA ARG A 754 41.68 -52.30 31.24
C ARG A 754 40.39 -52.73 32.01
N GLY A 755 39.49 -51.77 32.22
CA GLY A 755 38.20 -52.00 32.88
C GLY A 755 37.90 -50.88 33.86
N ASN A 756 36.76 -50.20 33.68
CA ASN A 756 36.28 -49.14 34.58
C ASN A 756 34.90 -49.46 35.13
N VAL A 757 34.60 -48.92 36.32
CA VAL A 757 33.30 -49.16 36.94
C VAL A 757 32.70 -47.92 37.57
N SER A 758 31.55 -47.53 37.02
CA SER A 758 30.83 -46.35 37.49
C SER A 758 29.32 -46.53 37.22
N ILE A 759 28.56 -46.65 38.29
CA ILE A 759 27.12 -46.96 38.22
C ILE A 759 26.32 -45.73 38.64
N SER A 760 25.25 -45.47 37.91
CA SER A 760 24.22 -44.56 38.36
C SER A 760 22.82 -45.15 38.20
N HIS A 761 22.06 -44.98 39.28
CA HIS A 761 20.64 -45.31 39.31
C HIS A 761 19.88 -44.60 38.18
N LEU A 762 20.41 -43.49 37.67
CA LEU A 762 19.73 -42.75 36.60
C LEU A 762 19.92 -43.32 35.20
N ASN A 763 20.97 -44.10 34.97
CA ASN A 763 21.34 -44.47 33.60
C ASN A 763 20.23 -45.14 32.76
N ALA A 764 19.44 -46.02 33.38
CA ALA A 764 18.41 -46.77 32.65
C ALA A 764 17.04 -46.10 32.56
N VAL A 765 16.80 -45.05 33.29
CA VAL A 765 15.41 -44.58 33.53
C VAL A 765 14.99 -43.35 32.65
N PHE A 766 15.82 -43.03 31.65
CA PHE A 766 15.58 -41.90 30.75
C PHE A 766 15.49 -42.39 29.29
N GLY A 767 15.05 -43.65 29.14
CA GLY A 767 14.72 -44.20 27.86
C GLY A 767 15.71 -45.21 27.34
N LEU A 768 16.73 -45.59 28.14
CA LEU A 768 17.75 -46.54 27.68
C LEU A 768 17.19 -47.85 27.18
N PRO A 769 16.47 -48.64 28.03
CA PRO A 769 16.02 -49.95 27.55
C PRO A 769 15.14 -49.91 26.31
N GLU A 770 14.42 -48.81 26.17
CA GLU A 770 13.51 -48.66 25.04
C GLU A 770 14.32 -48.47 23.73
N VAL A 771 15.24 -47.51 23.74
CA VAL A 771 16.12 -47.23 22.62
C VAL A 771 16.95 -48.45 22.31
N VAL A 772 17.58 -49.02 23.33
CA VAL A 772 18.46 -50.16 23.08
C VAL A 772 17.70 -51.32 22.41
N SER A 773 16.45 -51.59 22.77
CA SER A 773 15.75 -52.73 22.15
C SER A 773 15.40 -52.41 20.72
N GLU A 774 14.82 -51.23 20.53
CA GLU A 774 14.51 -50.77 19.19
C GLU A 774 15.78 -50.80 18.33
N ALA A 775 16.87 -50.26 18.82
CA ALA A 775 18.16 -50.31 18.12
C ALA A 775 18.60 -51.70 17.74
N ILE A 776 18.50 -52.62 18.69
CA ILE A 776 18.87 -54.03 18.48
C ILE A 776 18.04 -54.66 17.35
N ALA A 777 16.74 -54.42 17.36
CA ALA A 777 15.88 -54.92 16.30
C ALA A 777 16.09 -54.19 14.99
N TYR A 778 16.68 -52.99 14.98
CA TYR A 778 16.84 -52.25 13.74
C TYR A 778 18.06 -52.77 13.05
N LEU A 779 19.16 -52.82 13.79
CA LEU A 779 20.43 -53.38 13.32
C LEU A 779 20.36 -54.83 12.84
N ALA A 780 19.51 -55.64 13.48
CA ALA A 780 19.29 -57.00 13.03
C ALA A 780 20.66 -57.74 12.89
N ASP A 781 20.86 -58.52 11.82
CA ASP A 781 22.14 -59.21 11.47
C ASP A 781 23.43 -58.38 11.61
N ASP A 782 23.40 -57.08 11.34
CA ASP A 782 24.61 -56.22 11.41
C ASP A 782 24.85 -55.54 12.76
N ILE A 783 24.19 -56.04 13.83
CA ILE A 783 24.46 -55.65 15.22
C ILE A 783 25.93 -55.86 15.51
N PRO A 784 26.62 -54.82 15.99
CA PRO A 784 28.01 -55.09 16.33
C PRO A 784 28.16 -56.19 17.36
N LYS A 785 29.25 -56.94 17.25
CA LYS A 785 29.52 -58.14 18.07
C LYS A 785 29.62 -57.75 19.54
N GLY A 786 28.95 -58.51 20.40
CA GLY A 786 29.08 -58.39 21.86
C GLY A 786 28.30 -57.27 22.54
N PHE A 787 27.42 -56.59 21.79
CA PHE A 787 26.59 -55.51 22.33
C PHE A 787 25.36 -56.03 23.08
N LYS A 788 24.63 -56.96 22.46
CA LYS A 788 23.47 -57.55 23.13
C LYS A 788 23.91 -58.17 24.44
N GLN A 789 25.06 -58.83 24.43
CA GLN A 789 25.61 -59.37 25.66
C GLN A 789 25.89 -58.30 26.72
N ALA A 790 26.47 -57.18 26.30
CA ALA A 790 26.79 -56.07 27.21
C ALA A 790 25.51 -55.45 27.79
N TRP A 791 24.46 -55.38 26.98
CA TRP A 791 23.14 -54.93 27.46
C TRP A 791 22.54 -55.94 28.46
N LEU A 792 22.57 -57.22 28.10
CA LEU A 792 22.15 -58.26 29.06
C LEU A 792 22.96 -58.21 30.36
N ASP A 793 24.25 -57.95 30.26
CA ASP A 793 25.09 -57.90 31.42
C ASP A 793 24.61 -56.81 32.36
N TYR A 794 24.30 -55.65 31.82
CA TYR A 794 23.84 -54.55 32.63
C TYR A 794 22.50 -54.89 33.25
N CYS A 795 21.56 -55.41 32.44
CA CYS A 795 20.23 -55.74 32.95
C CYS A 795 20.33 -56.80 34.09
N TYR A 796 21.22 -57.80 33.96
CA TYR A 796 21.32 -58.85 34.93
C TYR A 796 22.11 -58.42 36.19
N TYR A 797 23.20 -57.69 36.01
CA TYR A 797 24.11 -57.47 37.15
C TYR A 797 23.67 -56.36 38.08
N TYR A 798 22.79 -55.48 37.57
CA TYR A 798 22.33 -54.29 38.31
C TYR A 798 21.84 -54.64 39.71
N HIS A 799 20.93 -55.60 39.79
CA HIS A 799 20.46 -56.12 41.07
C HIS A 799 20.66 -57.63 41.16
N ALA A 800 21.83 -58.06 40.72
CA ALA A 800 22.34 -59.35 41.15
C ALA A 800 22.96 -59.18 42.53
N SER A 801 23.49 -60.23 43.10
CA SER A 801 24.12 -60.15 44.42
C SER A 801 25.40 -59.29 44.37
N ALA A 802 25.79 -58.77 45.51
CA ALA A 802 27.04 -58.02 45.61
C ALA A 802 28.23 -58.89 45.19
N SER A 803 28.27 -60.13 45.65
CA SER A 803 29.31 -61.08 45.24
C SER A 803 29.28 -61.34 43.72
N GLU A 804 28.09 -61.47 43.13
CA GLU A 804 28.00 -61.67 41.68
C GLU A 804 28.62 -60.49 40.92
N GLN A 805 28.31 -59.29 41.38
CA GLN A 805 28.85 -58.06 40.81
C GLN A 805 30.35 -58.07 41.00
N LYS A 806 30.82 -58.22 42.25
CA LYS A 806 32.29 -58.24 42.58
C LYS A 806 33.03 -59.25 41.67
N ASP A 807 32.44 -60.42 41.46
CA ASP A 807 32.97 -61.48 40.59
C ASP A 807 33.17 -61.08 39.10
N ARG A 808 32.25 -60.29 38.56
CA ARG A 808 32.31 -59.90 37.13
C ARG A 808 33.11 -58.66 36.89
N TYR A 809 33.03 -57.72 37.82
CA TYR A 809 33.53 -56.37 37.63
C TYR A 809 34.53 -55.89 38.69
N GLY A 810 34.96 -56.78 39.60
CA GLY A 810 35.93 -56.43 40.67
C GLY A 810 35.47 -55.58 41.87
N VAL A 811 34.29 -54.96 41.78
CA VAL A 811 33.63 -54.31 42.93
C VAL A 811 32.11 -54.56 42.95
N SER A 812 31.55 -54.60 44.16
CA SER A 812 30.12 -54.56 44.31
C SER A 812 29.62 -53.18 43.85
N PHE A 813 28.35 -53.11 43.41
CA PHE A 813 27.70 -51.86 42.98
C PHE A 813 27.06 -51.19 44.19
N SER A 814 27.65 -50.09 44.69
CA SER A 814 27.27 -49.61 46.04
C SER A 814 26.02 -48.72 46.10
N LYS A 815 25.92 -47.71 45.22
CA LYS A 815 24.80 -46.74 45.30
C LYS A 815 23.60 -47.07 44.36
N ILE A 816 23.24 -48.36 44.24
CA ILE A 816 22.04 -48.78 43.46
C ILE A 816 20.74 -48.50 44.16
N SER A 817 19.85 -47.81 43.48
CA SER A 817 18.52 -47.60 44.00
C SER A 817 17.58 -47.71 42.80
N LEU A 818 16.33 -47.31 42.98
CA LEU A 818 15.31 -47.43 41.96
C LEU A 818 15.14 -48.90 41.55
N LEU A 819 15.10 -49.77 42.55
CA LEU A 819 14.96 -51.21 42.32
C LEU A 819 13.69 -51.58 41.54
N GLN A 820 12.59 -50.89 41.86
CA GLN A 820 11.30 -51.10 41.19
C GLN A 820 11.37 -50.65 39.74
N ALA A 821 11.92 -49.46 39.56
CA ALA A 821 12.16 -48.91 38.25
C ALA A 821 13.01 -49.81 37.36
N HIS A 822 14.05 -50.40 37.92
CA HIS A 822 14.89 -51.32 37.15
C HIS A 822 14.37 -52.75 37.06
N SER A 823 13.25 -53.05 37.72
CA SER A 823 12.69 -54.39 37.67
C SER A 823 12.41 -54.77 36.22
N ARG A 824 11.95 -53.81 35.43
CA ARG A 824 11.79 -54.02 34.01
C ARG A 824 13.02 -54.41 33.22
N LEU A 825 14.21 -54.04 33.65
CA LEU A 825 15.40 -54.54 32.99
C LEU A 825 15.56 -56.07 33.19
N ALA A 826 15.36 -56.54 34.41
CA ALA A 826 15.38 -57.97 34.68
C ALA A 826 14.30 -58.70 33.85
N ALA A 827 13.16 -58.04 33.71
CA ALA A 827 12.07 -58.57 32.91
C ALA A 827 12.51 -58.81 31.49
N TYR A 828 13.07 -57.78 30.89
CA TYR A 828 13.63 -57.88 29.54
C TYR A 828 14.66 -59.00 29.42
N ALA A 829 15.62 -59.04 30.33
CA ALA A 829 16.62 -60.08 30.29
C ALA A 829 16.01 -61.47 30.49
N ALA A 830 14.97 -61.55 31.33
CA ALA A 830 14.29 -62.82 31.55
C ALA A 830 13.61 -63.32 30.26
N TYR A 831 13.06 -62.40 29.48
CA TYR A 831 12.43 -62.78 28.23
C TYR A 831 13.46 -63.25 27.22
N GLU A 832 14.59 -62.59 27.17
CA GLU A 832 15.57 -62.84 26.14
C GLU A 832 16.39 -64.08 26.45
N THR A 833 16.58 -64.40 27.72
CA THR A 833 17.25 -65.64 28.11
C THR A 833 16.30 -66.78 28.51
N LYS A 834 14.99 -66.53 28.51
CA LYS A 834 13.97 -67.52 28.90
C LYS A 834 14.27 -68.12 30.30
N ASN A 835 14.63 -67.26 31.23
CA ASN A 835 15.03 -67.68 32.57
C ASN A 835 13.92 -67.31 33.53
N LYS A 836 13.13 -68.29 33.94
CA LYS A 836 12.05 -68.12 34.91
C LYS A 836 12.53 -67.46 36.21
N THR A 837 13.69 -67.87 36.68
CA THR A 837 14.19 -67.43 37.98
C THR A 837 14.46 -65.94 38.01
N LEU A 838 14.94 -65.42 36.87
CA LEU A 838 15.19 -63.99 36.66
C LEU A 838 13.87 -63.24 36.51
N ALA A 839 12.91 -63.81 35.80
CA ALA A 839 11.59 -63.20 35.72
C ALA A 839 10.98 -62.99 37.08
N LEU A 840 11.17 -63.97 37.98
CA LEU A 840 10.65 -63.88 39.34
C LEU A 840 11.36 -62.80 40.13
N ARG A 841 12.63 -62.56 39.84
CA ARG A 841 13.30 -61.41 40.41
C ARG A 841 12.64 -60.06 39.98
N ALA A 842 12.29 -59.97 38.70
CA ALA A 842 11.63 -58.79 38.20
C ALA A 842 10.40 -58.58 39.03
N TRP A 843 9.53 -59.57 39.15
CA TRP A 843 8.33 -59.35 39.98
C TRP A 843 8.59 -59.03 41.50
N LYS A 844 9.57 -59.69 42.10
CA LYS A 844 9.99 -59.37 43.46
C LYS A 844 10.46 -57.90 43.67
N ASP A 845 11.26 -57.38 42.76
CA ASP A 845 11.66 -55.96 42.88
C ASP A 845 10.49 -55.01 42.59
N PHE A 846 9.56 -55.45 41.75
CA PHE A 846 8.39 -54.66 41.52
C PHE A 846 7.52 -54.58 42.79
N TYR A 847 7.18 -55.71 43.43
CA TYR A 847 6.25 -55.78 44.60
C TYR A 847 6.92 -55.57 45.95
N ALA A 848 8.22 -55.74 46.01
CA ALA A 848 8.85 -55.72 47.33
C ALA A 848 10.27 -55.11 47.33
N SER A 849 10.39 -53.91 46.75
CA SER A 849 11.56 -53.05 47.02
C SER A 849 11.13 -51.62 47.37
N ASP A 850 11.12 -50.71 46.38
CA ASP A 850 10.95 -49.29 46.62
C ASP A 850 9.92 -48.74 45.63
N GLY A 851 9.90 -47.42 45.42
CA GLY A 851 8.84 -46.84 44.62
C GLY A 851 7.51 -47.03 45.34
N LEU A 852 6.47 -47.42 44.61
CA LEU A 852 5.16 -47.63 45.20
C LEU A 852 4.95 -49.10 45.53
N LEU A 853 5.01 -49.43 46.82
CA LEU A 853 4.72 -50.80 47.31
C LEU A 853 3.24 -51.15 47.18
N PRO A 854 2.91 -52.44 46.99
CA PRO A 854 1.49 -52.80 46.82
C PRO A 854 0.59 -52.42 48.02
N ASP A 855 1.18 -52.27 49.21
CA ASP A 855 0.45 -51.87 50.45
C ASP A 855 0.58 -50.37 50.81
N ALA A 856 0.90 -49.55 49.82
CA ALA A 856 0.90 -48.11 49.98
C ALA A 856 -0.56 -47.65 50.06
N PRO A 857 -0.79 -46.42 50.48
CA PRO A 857 -2.19 -46.10 50.73
C PRO A 857 -3.10 -46.33 49.53
N TRP A 858 -2.63 -45.99 48.32
CA TRP A 858 -3.39 -46.22 47.09
C TRP A 858 -4.77 -45.59 47.13
N ASN A 859 -4.85 -44.36 47.62
CA ASN A 859 -6.10 -43.54 47.61
C ASN A 859 -5.72 -42.05 47.65
N ILE A 860 -6.72 -41.20 47.52
CA ILE A 860 -6.54 -39.75 47.66
C ILE A 860 -7.20 -39.31 48.97
N THR A 861 -6.68 -38.22 49.54
CA THR A 861 -7.26 -37.56 50.73
C THR A 861 -7.71 -36.17 50.32
N HIS A 862 -8.95 -35.79 50.60
CA HIS A 862 -9.45 -34.44 50.28
C HIS A 862 -9.09 -33.47 51.41
N VAL A 863 -8.68 -32.27 51.04
CA VAL A 863 -8.24 -31.28 52.00
C VAL A 863 -8.97 -30.00 51.73
N ASP A 864 -9.38 -29.31 52.79
CA ASP A 864 -10.17 -28.09 52.62
C ASP A 864 -10.19 -27.24 53.87
N GLY A 865 -11.10 -26.26 53.93
CA GLY A 865 -11.07 -25.21 54.92
C GLY A 865 -9.78 -24.37 54.94
N SER A 866 -9.41 -23.97 56.13
CA SER A 866 -8.35 -23.01 56.32
C SER A 866 -6.95 -23.59 56.13
N ASP A 867 -6.80 -24.83 55.71
CA ASP A 867 -5.47 -25.41 55.51
C ASP A 867 -4.90 -25.01 54.16
N VAL A 868 -5.78 -24.61 53.24
CA VAL A 868 -5.43 -24.39 51.84
C VAL A 868 -6.27 -23.28 51.18
N LEU A 869 -5.78 -22.81 50.05
CA LEU A 869 -6.39 -21.69 49.36
C LEU A 869 -7.72 -22.15 48.78
N VAL A 870 -7.63 -23.28 48.08
CA VAL A 870 -8.78 -23.90 47.47
C VAL A 870 -8.83 -25.36 47.91
N PRO A 871 -10.00 -26.01 47.79
CA PRO A 871 -9.95 -27.45 48.17
C PRO A 871 -9.12 -28.25 47.17
N VAL A 872 -8.33 -29.22 47.65
CA VAL A 872 -7.54 -30.11 46.79
C VAL A 872 -7.61 -31.59 47.24
N ASP A 873 -7.51 -32.49 46.25
CA ASP A 873 -7.22 -33.90 46.48
C ASP A 873 -5.70 -34.12 46.46
N GLU A 874 -5.17 -34.86 47.43
CA GLU A 874 -3.75 -35.14 47.48
C GLU A 874 -3.43 -36.61 47.61
N ALA A 875 -2.23 -36.97 47.16
CA ALA A 875 -1.63 -38.29 47.38
C ALA A 875 -0.22 -38.17 47.96
N ALA A 876 -0.10 -37.71 49.21
CA ALA A 876 1.23 -37.35 49.76
C ALA A 876 2.22 -38.50 49.69
N TRP A 877 1.71 -39.72 49.55
CA TRP A 877 2.47 -40.97 49.58
C TRP A 877 3.19 -41.25 48.27
N LEU A 878 2.94 -40.44 47.25
CA LEU A 878 3.62 -40.56 45.95
C LEU A 878 4.28 -39.27 45.47
N ALA A 879 5.30 -39.42 44.65
CA ALA A 879 5.83 -38.36 43.80
C ALA A 879 5.91 -38.81 42.34
N THR A 880 6.09 -37.84 41.43
CA THR A 880 6.01 -38.13 40.00
C THR A 880 7.11 -39.17 39.55
N ASN A 881 8.27 -39.10 40.15
CA ASN A 881 9.32 -40.08 39.94
C ASN A 881 8.81 -41.49 40.13
N ASP A 882 8.03 -41.65 41.21
CA ASP A 882 7.47 -42.94 41.56
C ASP A 882 6.48 -43.40 40.54
N ILE A 883 5.48 -42.57 40.20
CA ILE A 883 4.43 -43.01 39.27
C ILE A 883 4.97 -43.25 37.89
N ALA A 884 5.92 -42.46 37.44
CA ALA A 884 6.43 -42.65 36.09
C ALA A 884 7.12 -44.00 35.94
N GLN A 885 7.95 -44.36 36.90
CA GLN A 885 8.63 -45.65 36.85
C GLN A 885 7.73 -46.81 37.27
N TYR A 886 6.80 -46.62 38.19
CA TYR A 886 5.85 -47.71 38.54
C TYR A 886 5.13 -48.15 37.30
N GLY A 887 4.54 -47.18 36.59
CA GLY A 887 3.77 -47.45 35.38
C GLY A 887 4.56 -48.02 34.22
N LEU A 888 5.81 -47.61 34.04
CA LEU A 888 6.67 -48.27 33.05
C LEU A 888 6.94 -49.71 33.46
N ALA A 889 7.33 -49.91 34.72
CA ALA A 889 7.51 -51.24 35.29
C ALA A 889 6.30 -52.13 35.03
N VAL A 890 5.13 -51.65 35.41
CA VAL A 890 3.93 -52.41 35.20
C VAL A 890 3.85 -52.78 33.74
N ILE A 891 3.92 -51.78 32.87
CA ILE A 891 3.70 -52.00 31.44
C ILE A 891 4.74 -52.95 30.84
N GLN A 892 6.00 -52.72 31.14
CA GLN A 892 7.07 -53.54 30.61
C GLN A 892 7.16 -54.91 31.25
N ASN A 893 6.86 -55.05 32.55
CA ASN A 893 6.88 -56.38 33.18
C ASN A 893 5.73 -57.26 32.65
N LEU A 894 4.53 -56.68 32.56
CA LEU A 894 3.45 -57.42 31.93
C LEU A 894 3.82 -57.92 30.56
N ALA A 895 4.46 -57.07 29.76
CA ALA A 895 4.79 -57.41 28.39
C ALA A 895 5.81 -58.52 28.28
N TYR A 896 6.84 -58.50 29.10
CA TYR A 896 7.91 -59.48 29.01
C TYR A 896 7.66 -60.76 29.80
N VAL A 897 7.08 -60.63 31.00
CA VAL A 897 7.09 -61.69 32.01
C VAL A 897 5.74 -61.92 32.74
N SER A 898 4.61 -61.61 32.10
CA SER A 898 3.31 -62.00 32.66
C SER A 898 3.13 -63.53 32.82
N ASP A 899 3.77 -64.36 32.00
CA ASP A 899 3.72 -65.83 32.15
C ASP A 899 4.21 -66.25 33.51
N SER A 900 5.06 -65.42 34.13
CA SER A 900 5.64 -65.69 35.43
C SER A 900 4.94 -64.97 36.58
N LEU A 901 3.84 -64.23 36.32
CA LEU A 901 3.20 -63.38 37.38
C LEU A 901 2.38 -64.18 38.41
N ASP A 902 1.48 -65.02 37.90
CA ASP A 902 0.72 -65.93 38.74
C ASP A 902 1.70 -66.75 39.54
N ASP A 903 2.77 -67.19 38.85
CA ASP A 903 3.82 -67.98 39.52
C ASP A 903 4.38 -67.26 40.76
N TYR A 904 4.60 -65.94 40.66
CA TYR A 904 5.14 -65.10 41.76
C TYR A 904 4.14 -65.03 42.88
N GLN A 905 2.89 -64.72 42.53
CA GLN A 905 1.78 -64.66 43.49
C GLN A 905 1.49 -65.96 44.27
N SER A 906 2.20 -67.06 44.01
CA SER A 906 2.02 -68.33 44.77
C SER A 906 3.31 -68.88 45.43
N ASN B 2 -21.49 51.25 -26.15
CA ASN B 2 -21.06 50.43 -27.33
C ASN B 2 -19.62 49.85 -27.08
N CYS B 3 -18.78 49.73 -28.10
CA CYS B 3 -17.53 49.00 -27.96
C CYS B 3 -16.42 49.82 -27.28
N THR B 4 -15.67 49.16 -26.40
CA THR B 4 -14.57 49.76 -25.63
C THR B 4 -13.38 48.80 -25.60
N SER B 5 -12.27 49.24 -26.16
CA SER B 5 -11.11 48.40 -26.28
C SER B 5 -9.83 49.23 -26.07
N SER B 6 -8.81 48.58 -25.53
CA SER B 6 -7.50 49.17 -25.34
C SER B 6 -6.48 48.07 -25.16
N SER B 7 -5.21 48.45 -25.10
CA SER B 7 -4.16 47.48 -25.09
C SER B 7 -3.13 47.93 -24.08
N ALA B 8 -2.53 46.95 -23.41
CA ALA B 8 -1.33 47.17 -22.63
C ALA B 8 -0.32 46.13 -22.98
N THR B 9 0.95 46.52 -22.91
CA THR B 9 2.07 45.70 -23.31
C THR B 9 2.81 45.39 -22.04
N VAL B 10 3.45 44.25 -22.08
CA VAL B 10 4.03 43.71 -20.91
C VAL B 10 5.38 43.21 -21.42
N HIS B 11 6.40 43.31 -20.58
CA HIS B 11 7.77 43.04 -20.98
C HIS B 11 8.39 42.07 -19.96
N TRP B 12 9.46 41.40 -20.37
CA TRP B 12 10.22 40.57 -19.46
C TRP B 12 11.02 41.48 -18.58
N LEU B 13 11.23 41.04 -17.37
CA LEU B 13 11.91 41.84 -16.37
C LEU B 13 13.36 42.18 -16.73
N GLY B 14 14.07 41.29 -17.40
CA GLY B 14 15.38 41.67 -17.90
C GLY B 14 15.54 41.18 -19.31
N ASP B 15 16.65 40.46 -19.56
CA ASP B 15 16.86 39.73 -20.82
C ASP B 15 15.68 38.77 -21.05
N LYS B 16 15.30 38.64 -22.30
CA LYS B 16 14.37 37.63 -22.76
C LYS B 16 14.84 36.25 -22.24
N PRO B 17 13.96 35.49 -21.56
CA PRO B 17 14.39 34.16 -21.09
C PRO B 17 14.50 33.15 -22.24
N THR B 18 15.35 32.15 -22.04
CA THR B 18 15.53 31.05 -22.98
C THR B 18 14.52 29.94 -22.69
N TYR B 19 14.01 29.92 -21.45
CA TYR B 19 12.94 29.01 -21.08
C TYR B 19 12.02 29.64 -20.04
N HIS B 20 10.72 29.39 -20.21
CA HIS B 20 9.72 29.58 -19.13
C HIS B 20 8.79 28.37 -19.01
N ALA B 21 8.14 28.27 -17.85
CA ALA B 21 7.29 27.14 -17.55
C ALA B 21 5.85 27.61 -17.41
N GLY B 22 5.52 28.63 -18.17
CA GLY B 22 4.30 29.44 -17.98
C GLY B 22 4.42 30.47 -16.89
N VAL B 23 3.68 31.57 -17.01
CA VAL B 23 3.81 32.70 -16.04
C VAL B 23 2.49 33.43 -15.76
N THR B 24 2.37 34.00 -14.55
CA THR B 24 1.26 34.88 -14.25
C THR B 24 1.79 36.30 -14.23
N PHE B 25 0.97 37.24 -14.66
CA PHE B 25 1.33 38.67 -14.53
C PHE B 25 0.10 39.46 -14.28
N GLY B 26 0.33 40.70 -13.87
CA GLY B 26 -0.74 41.63 -13.55
C GLY B 26 -0.81 42.76 -14.55
N LEU B 27 -2.04 43.18 -14.86
CA LEU B 27 -2.28 44.38 -15.65
C LEU B 27 -3.21 45.25 -14.86
N PRO B 28 -3.00 46.57 -14.90
CA PRO B 28 -3.97 47.52 -14.34
C PRO B 28 -4.82 48.16 -15.40
N TRP B 29 -5.93 48.79 -14.99
CA TRP B 29 -6.90 49.37 -15.95
C TRP B 29 -7.44 50.69 -15.42
N PRO B 30 -7.67 51.68 -16.30
CA PRO B 30 -8.25 52.93 -15.82
C PRO B 30 -9.59 52.77 -15.14
N GLN B 31 -9.79 53.61 -14.12
CA GLN B 31 -11.01 53.64 -13.33
C GLN B 31 -12.20 53.83 -14.26
N GLY B 32 -13.13 52.90 -14.18
CA GLY B 32 -14.45 53.03 -14.79
C GLY B 32 -14.53 52.53 -16.20
N LYS B 33 -13.49 51.92 -16.71
CA LYS B 33 -13.46 51.56 -18.12
C LYS B 33 -14.06 50.19 -18.46
N TYR B 34 -13.73 49.17 -17.66
CA TYR B 34 -14.13 47.79 -17.95
C TYR B 34 -14.92 47.10 -16.84
N ARG B 35 -16.05 46.49 -17.19
CA ARG B 35 -16.83 45.77 -16.17
C ARG B 35 -16.29 44.35 -16.05
N PRO B 36 -16.30 43.77 -14.84
CA PRO B 36 -15.92 42.35 -14.72
C PRO B 36 -16.97 41.46 -15.38
N GLN B 37 -16.52 40.35 -15.97
CA GLN B 37 -17.39 39.42 -16.72
C GLN B 37 -17.91 39.98 -18.05
N GLU B 38 -17.71 41.25 -18.34
CA GLU B 38 -18.13 41.81 -19.60
C GLU B 38 -16.92 42.19 -20.43
N THR B 39 -15.75 41.59 -20.14
CA THR B 39 -14.52 42.01 -20.77
C THR B 39 -13.64 40.82 -21.19
N SER B 40 -13.40 40.62 -22.49
CA SER B 40 -12.45 39.59 -22.98
C SER B 40 -11.02 40.11 -22.97
N PHE B 41 -10.06 39.19 -23.10
CA PHE B 41 -8.64 39.54 -23.19
C PHE B 41 -7.93 38.63 -24.17
N SER B 42 -7.41 39.19 -25.26
CA SER B 42 -6.60 38.48 -26.23
C SER B 42 -5.16 38.78 -26.01
N LEU B 43 -4.28 37.91 -26.51
CA LEU B 43 -2.83 38.08 -26.39
C LEU B 43 -2.22 38.25 -27.77
N THR B 44 -1.21 39.13 -27.91
CA THR B 44 -0.40 39.31 -29.15
C THR B 44 1.11 39.44 -28.92
N LEU B 53 -6.15 34.01 -24.19
CA LEU B 53 -5.55 34.34 -22.87
C LEU B 53 -6.41 34.17 -21.57
N GLN B 54 -5.84 33.45 -20.63
CA GLN B 54 -6.41 33.21 -19.31
C GLN B 54 -6.38 34.41 -18.36
N SER B 55 -7.54 34.84 -17.88
CA SER B 55 -7.64 36.15 -17.20
C SER B 55 -8.61 36.14 -16.03
N TRP B 56 -8.22 36.76 -14.92
CA TRP B 56 -9.07 36.90 -13.74
C TRP B 56 -8.79 38.22 -13.00
N ALA B 57 -9.74 38.63 -12.16
CA ALA B 57 -9.67 39.88 -11.42
C ALA B 57 -8.93 39.63 -10.14
N THR B 58 -8.06 40.60 -9.77
CA THR B 58 -7.50 40.69 -8.41
C THR B 58 -7.91 41.94 -7.66
N GLY B 59 -8.41 42.95 -8.35
CA GLY B 59 -8.72 44.19 -7.67
C GLY B 59 -9.68 45.05 -8.43
N TYR B 60 -10.52 45.81 -7.73
CA TYR B 60 -11.63 46.57 -8.33
C TYR B 60 -11.63 48.01 -7.84
N TRP B 61 -12.16 48.90 -8.67
CA TRP B 61 -12.32 50.31 -8.29
C TRP B 61 -13.56 50.42 -7.43
N ALA B 62 -13.74 51.56 -6.76
CA ALA B 62 -14.92 51.74 -5.92
C ALA B 62 -16.24 51.47 -6.67
N ASP B 63 -16.32 51.87 -7.94
CA ASP B 63 -17.50 51.62 -8.79
C ASP B 63 -17.66 50.17 -9.30
N GLY B 64 -16.73 49.28 -8.97
CA GLY B 64 -16.83 47.89 -9.36
C GLY B 64 -16.17 47.53 -10.68
N SER B 65 -15.63 48.53 -11.39
CA SER B 65 -14.86 48.26 -12.60
C SER B 65 -13.55 47.58 -12.20
N LEU B 66 -12.84 47.04 -13.18
CA LEU B 66 -11.62 46.34 -12.92
C LEU B 66 -10.51 47.35 -12.64
N LYS B 67 -9.74 47.08 -11.59
CA LYS B 67 -8.56 47.85 -11.26
C LYS B 67 -7.29 47.11 -11.61
N TRP B 68 -7.17 45.88 -11.11
CA TRP B 68 -6.10 44.97 -11.54
C TRP B 68 -6.71 43.64 -11.94
N THR B 69 -6.10 43.07 -12.96
CA THR B 69 -6.30 41.71 -13.33
C THR B 69 -5.00 40.95 -13.28
N ALA B 70 -5.14 39.65 -13.44
CA ALA B 70 -4.03 38.75 -13.53
C ALA B 70 -4.24 37.90 -14.76
N HIS B 71 -3.15 37.39 -15.30
CA HIS B 71 -3.18 36.65 -16.55
C HIS B 71 -2.19 35.54 -16.51
N ALA B 72 -2.51 34.44 -17.17
CA ALA B 72 -1.57 33.33 -17.28
C ALA B 72 -1.38 32.87 -18.71
N ILE B 73 -0.15 32.50 -19.01
CA ILE B 73 0.20 31.91 -20.28
C ILE B 73 0.87 30.58 -20.03
N ALA B 74 0.56 29.63 -20.90
CA ALA B 74 1.07 28.28 -20.80
C ALA B 74 2.59 28.21 -21.05
N GLU B 75 3.26 27.16 -20.58
CA GLU B 75 4.63 26.90 -21.06
C GLU B 75 4.61 26.81 -22.61
N SER B 76 5.60 27.48 -23.24
CA SER B 76 5.82 27.44 -24.67
C SER B 76 7.30 27.56 -25.03
N ASN B 77 7.73 26.79 -26.03
CA ASN B 77 9.12 26.85 -26.56
C ASN B 77 9.35 28.07 -27.48
N GLN B 78 8.26 28.70 -27.94
CA GLN B 78 8.32 29.99 -28.66
C GLN B 78 8.06 31.12 -27.67
N ILE B 79 9.01 32.06 -27.63
CA ILE B 79 9.10 33.06 -26.57
C ILE B 79 9.36 34.43 -27.19
N TYR B 80 8.47 35.39 -26.88
CA TYR B 80 8.51 36.70 -27.51
C TYR B 80 9.24 37.71 -26.65
N ASP B 81 9.57 38.85 -27.25
CA ASP B 81 10.22 39.98 -26.57
C ASP B 81 9.26 40.84 -25.80
N GLN B 82 7.99 40.75 -26.17
CA GLN B 82 6.93 41.51 -25.55
C GLN B 82 5.59 40.88 -25.88
N TYR B 83 4.62 41.07 -25.00
CA TYR B 83 3.30 40.49 -25.13
C TYR B 83 2.31 41.62 -24.93
N THR B 84 1.32 41.69 -25.80
CA THR B 84 0.31 42.71 -25.73
C THR B 84 -1.03 42.09 -25.44
N VAL B 85 -1.68 42.58 -24.38
CA VAL B 85 -3.00 42.14 -24.01
C VAL B 85 -3.96 43.21 -24.51
N THR B 86 -4.98 42.83 -25.27
CA THR B 86 -6.01 43.75 -25.72
C THR B 86 -7.27 43.40 -24.97
N ALA B 87 -7.86 44.38 -24.31
CA ALA B 87 -9.14 44.19 -23.63
C ALA B 87 -10.24 44.64 -24.58
N SER B 88 -11.46 44.10 -24.39
CA SER B 88 -12.63 44.40 -25.20
C SER B 88 -13.89 44.22 -24.38
N SER B 89 -14.77 45.20 -24.36
CA SER B 89 -16.03 45.02 -23.68
C SER B 89 -16.88 44.11 -24.52
N LEU B 90 -17.84 43.49 -23.85
CA LEU B 90 -18.92 42.73 -24.48
C LEU B 90 -19.55 43.49 -25.65
N GLY B 91 -19.71 44.80 -25.54
CA GLY B 91 -20.24 45.62 -26.63
C GLY B 91 -19.63 45.34 -28.01
N CYS B 92 -18.31 45.10 -28.02
CA CYS B 92 -17.60 44.90 -29.29
C CYS B 92 -18.05 43.67 -30.02
N VAL B 93 -18.28 42.59 -29.28
CA VAL B 93 -18.68 41.28 -29.86
C VAL B 93 -20.22 41.30 -30.16
N LYS B 94 -21.00 41.72 -29.17
CA LYS B 94 -22.48 41.85 -29.25
C LYS B 94 -23.07 42.78 -30.31
N SER B 95 -22.31 43.73 -30.82
CA SER B 95 -22.85 44.60 -31.88
C SER B 95 -22.12 44.50 -33.22
N SER B 96 -21.07 43.68 -33.31
CA SER B 96 -20.50 43.26 -34.60
C SER B 96 -21.19 41.96 -35.03
N SER B 97 -21.76 41.96 -36.26
CA SER B 97 -22.17 40.74 -36.95
C SER B 97 -21.05 40.29 -37.92
N SER B 98 -19.93 39.84 -37.32
CA SER B 98 -18.91 39.00 -37.99
C SER B 98 -18.99 37.61 -37.34
N SER B 99 -18.19 36.66 -37.83
CA SER B 99 -18.17 35.31 -37.26
C SER B 99 -16.77 34.98 -36.84
N SER B 100 -16.57 34.59 -35.59
CA SER B 100 -15.26 34.08 -35.11
C SER B 100 -15.26 32.57 -35.12
N GLU B 101 -14.14 31.97 -35.54
CA GLU B 101 -13.88 30.57 -35.20
C GLU B 101 -13.81 30.49 -33.67
N SER B 102 -14.43 29.49 -33.07
CA SER B 102 -14.19 29.10 -31.67
C SER B 102 -13.27 27.91 -31.78
N SER B 103 -12.22 27.89 -30.96
CA SER B 103 -11.06 27.02 -31.17
C SER B 103 -10.57 26.45 -29.84
N ALA B 104 -10.19 25.17 -29.77
CA ALA B 104 -9.54 24.63 -28.54
C ALA B 104 -8.14 25.28 -28.39
N PRO B 105 -7.69 25.58 -27.14
CA PRO B 105 -6.32 26.06 -27.03
C PRO B 105 -5.37 24.88 -27.23
N ASN B 106 -4.13 25.16 -27.65
CA ASN B 106 -3.18 24.11 -28.11
C ASN B 106 -2.99 23.00 -27.04
N SER B 107 -2.89 23.44 -25.78
CA SER B 107 -2.83 22.57 -24.60
C SER B 107 -3.68 23.16 -23.46
N SER B 108 -4.23 22.30 -22.63
CA SER B 108 -5.20 22.71 -21.64
C SER B 108 -5.22 21.78 -20.44
N ILE B 109 -4.98 22.27 -19.24
CA ILE B 109 -5.01 21.44 -18.03
C ILE B 109 -6.41 20.85 -17.85
N VAL B 110 -6.46 19.59 -17.46
CA VAL B 110 -7.69 18.91 -17.13
C VAL B 110 -7.47 18.35 -15.73
N VAL B 111 -8.46 18.43 -14.84
CA VAL B 111 -8.30 17.83 -13.50
C VAL B 111 -9.48 16.93 -13.18
N THR B 112 -9.20 15.75 -12.65
CA THR B 112 -10.24 14.78 -12.27
C THR B 112 -10.31 14.83 -10.74
N ASP B 113 -11.53 14.84 -10.24
CA ASP B 113 -11.82 15.04 -8.82
C ASP B 113 -12.55 13.80 -8.34
N ASN B 114 -11.91 13.06 -7.43
CA ASN B 114 -12.63 12.08 -6.62
C ASN B 114 -12.21 12.18 -5.16
N SER B 115 -12.98 11.50 -4.32
CA SER B 115 -12.95 11.64 -2.85
C SER B 115 -11.63 11.24 -2.21
N ASP B 116 -10.87 10.38 -2.88
CA ASP B 116 -9.50 10.07 -2.45
C ASP B 116 -8.52 11.24 -2.80
N ALA B 117 -8.57 11.79 -4.01
CA ALA B 117 -7.51 12.70 -4.50
C ALA B 117 -7.81 13.52 -5.81
N LEU B 118 -7.24 14.73 -5.91
CA LEU B 118 -7.17 15.50 -7.20
C LEU B 118 -6.12 14.88 -8.09
N THR B 119 -6.30 15.04 -9.38
CA THR B 119 -5.25 14.75 -10.30
C THR B 119 -5.27 15.89 -11.30
N VAL B 120 -4.13 16.58 -11.42
CA VAL B 120 -3.98 17.69 -12.33
C VAL B 120 -3.10 17.14 -13.44
N ASN B 121 -3.62 17.11 -14.67
CA ASN B 121 -2.84 16.74 -15.83
C ASN B 121 -2.63 17.95 -16.72
N THR B 122 -1.38 18.30 -16.98
CA THR B 122 -1.07 19.49 -17.79
C THR B 122 -0.86 19.24 -19.27
N GLY B 123 -0.91 17.96 -19.68
CA GLY B 123 -0.40 17.56 -21.00
C GLY B 123 1.02 17.04 -20.97
N GLU B 124 1.85 17.46 -20.00
CA GLU B 124 3.21 16.92 -19.80
C GLU B 124 3.47 16.16 -18.52
N VAL B 125 2.65 16.39 -17.50
CA VAL B 125 2.65 15.57 -16.31
C VAL B 125 1.27 15.44 -15.77
N ALA B 126 1.09 14.38 -14.99
CA ALA B 126 -0.13 14.16 -14.21
C ALA B 126 0.28 14.00 -12.76
N VAL B 127 -0.17 14.92 -11.91
CA VAL B 127 0.23 14.95 -10.50
C VAL B 127 -1.03 14.69 -9.69
N SER B 128 -0.92 13.80 -8.71
CA SER B 128 -2.05 13.40 -7.87
C SER B 128 -1.92 14.04 -6.50
N PHE B 129 -2.99 14.60 -5.98
CA PHE B 129 -2.96 15.26 -4.64
C PHE B 129 -3.94 14.61 -3.64
N PRO B 130 -3.46 13.68 -2.80
CA PRO B 130 -4.31 13.13 -1.74
C PRO B 130 -5.10 14.19 -0.94
N LYS B 131 -6.33 13.85 -0.57
CA LYS B 131 -7.19 14.76 0.19
C LYS B 131 -7.07 14.58 1.69
N GLY B 132 -6.30 13.58 2.10
CA GLY B 132 -6.01 13.32 3.53
C GLY B 132 -4.74 12.49 3.72
N GLY B 133 -4.27 12.39 4.94
CA GLY B 133 -3.10 11.56 5.18
C GLY B 133 -1.80 12.32 5.13
N ASN B 134 -0.71 11.58 4.93
CA ASN B 134 0.63 12.10 5.10
C ASN B 134 1.45 12.03 3.82
N VAL B 135 0.78 12.11 2.67
CA VAL B 135 1.48 12.15 1.41
C VAL B 135 0.87 13.28 0.64
N ILE B 136 1.66 14.32 0.35
CA ILE B 136 1.14 15.52 -0.32
C ILE B 136 0.92 15.22 -1.77
N ILE B 137 1.84 14.47 -2.37
CA ILE B 137 1.72 13.97 -3.75
C ILE B 137 1.77 12.43 -3.84
N GLY B 138 0.73 11.83 -4.42
CA GLY B 138 0.67 10.39 -4.59
C GLY B 138 1.73 9.95 -5.57
N ASP B 139 1.64 10.48 -6.78
CA ASP B 139 2.68 10.27 -7.75
C ASP B 139 2.67 11.32 -8.86
N ILE B 140 3.76 11.32 -9.63
CA ILE B 140 3.97 12.22 -10.77
C ILE B 140 4.29 11.37 -12.01
N LYS B 141 3.50 11.55 -13.07
CA LYS B 141 3.59 10.75 -14.30
C LYS B 141 3.83 11.62 -15.54
N THR B 142 4.67 11.17 -16.45
CA THR B 142 4.82 11.83 -17.75
C THR B 142 3.63 11.57 -18.72
N LYS B 143 3.66 12.25 -19.88
CA LYS B 143 2.73 12.00 -21.00
C LYS B 143 2.44 10.51 -21.10
N SER B 144 3.52 9.73 -21.20
CA SER B 144 3.46 8.28 -21.50
C SER B 144 3.00 7.41 -20.33
N GLY B 145 2.16 7.94 -19.43
CA GLY B 145 1.68 7.26 -18.20
C GLY B 145 2.69 6.84 -17.12
N LYS B 146 3.98 7.11 -17.33
CA LYS B 146 5.02 6.48 -16.52
C LYS B 146 5.30 7.19 -15.20
N VAL B 147 5.18 6.47 -14.08
CA VAL B 147 5.51 7.04 -12.78
C VAL B 147 7.01 7.34 -12.67
N ILE B 148 7.32 8.63 -12.45
CA ILE B 148 8.70 9.09 -12.28
C ILE B 148 8.96 9.60 -10.89
N GLY B 149 7.93 9.89 -10.11
CA GLY B 149 8.12 10.23 -8.70
C GLY B 149 6.89 9.91 -7.88
N ALA B 150 7.08 9.59 -6.60
CA ALA B 150 5.98 9.17 -5.77
C ALA B 150 6.14 9.59 -4.33
N ASN B 151 5.00 9.66 -3.66
CA ASN B 151 4.94 9.92 -2.26
C ASN B 151 5.68 11.18 -1.88
N GLY B 152 5.44 12.27 -2.59
CA GLY B 152 5.90 13.58 -2.12
C GLY B 152 5.38 13.82 -0.70
N ARG B 153 6.25 14.27 0.20
CA ARG B 153 5.90 14.40 1.61
C ARG B 153 6.79 15.44 2.32
N LEU B 154 6.19 16.21 3.21
CA LEU B 154 6.95 17.15 4.05
C LEU B 154 7.69 16.39 5.13
N VAL B 155 8.88 16.84 5.50
CA VAL B 155 9.61 16.27 6.62
C VAL B 155 10.09 17.35 7.57
N LEU B 156 10.08 16.99 8.84
CA LEU B 156 10.49 17.86 9.90
C LEU B 156 11.15 16.99 10.97
N GLN B 157 12.19 17.55 11.59
CA GLN B 157 12.89 16.91 12.68
C GLN B 157 13.21 17.94 13.73
N SER B 158 12.92 17.66 14.98
CA SER B 158 13.17 18.60 16.06
C SER B 158 13.79 17.89 17.25
N GLN B 159 14.41 18.66 18.15
CA GLN B 159 14.88 18.13 19.42
C GLN B 159 14.31 19.03 20.52
N ASP B 160 14.40 18.53 21.77
CA ASP B 160 13.70 19.05 22.97
C ASP B 160 14.57 19.81 23.98
N SER B 161 15.86 19.83 23.74
CA SER B 161 16.76 20.67 24.49
C SER B 161 18.00 20.81 23.63
N VAL B 162 18.85 21.78 23.95
CA VAL B 162 20.16 21.89 23.32
C VAL B 162 21.22 22.01 24.47
N PRO B 163 22.40 21.39 24.37
CA PRO B 163 23.34 21.62 25.48
C PRO B 163 23.99 23.02 25.48
N ASP B 164 24.36 23.47 26.67
CA ASP B 164 25.12 24.71 26.82
C ASP B 164 26.29 24.91 25.84
N ASN B 165 27.00 23.85 25.50
CA ASN B 165 28.20 23.91 24.66
C ASN B 165 28.61 22.49 24.27
N PHE B 166 29.64 22.38 23.45
CA PHE B 166 30.05 21.08 22.91
C PHE B 166 30.46 20.07 24.01
N ASP B 167 31.19 20.54 25.00
CA ASP B 167 31.50 19.77 26.21
C ASP B 167 30.30 19.21 26.96
N ASN B 168 29.19 19.96 26.99
CA ASN B 168 28.01 19.64 27.77
C ASN B 168 27.13 18.55 27.12
N ARG B 169 27.47 18.06 25.92
CA ARG B 169 26.73 16.93 25.31
C ARG B 169 26.81 15.67 26.19
N ALA B 170 27.95 15.50 26.84
CA ALA B 170 28.21 14.38 27.74
C ALA B 170 27.22 14.29 28.91
N ASN B 171 26.74 15.44 29.36
CA ASN B 171 25.92 15.55 30.57
C ASN B 171 24.55 16.15 30.29
N SER B 172 24.20 16.42 29.04
CA SER B 172 22.88 17.02 28.70
C SER B 172 22.26 16.22 27.55
N PRO B 173 21.35 15.29 27.87
CA PRO B 173 20.78 14.43 26.83
C PRO B 173 19.80 15.16 25.88
N ILE B 174 19.92 14.82 24.60
CA ILE B 174 19.08 15.35 23.52
C ILE B 174 18.10 14.24 23.14
N GLN B 175 16.81 14.57 23.04
CA GLN B 175 15.80 13.65 22.52
C GLN B 175 15.20 14.09 21.17
N TYR B 176 15.50 13.32 20.13
CA TYR B 176 15.13 13.63 18.76
C TYR B 176 13.69 13.22 18.45
N SER B 177 13.03 13.93 17.50
CA SER B 177 11.67 13.61 16.99
C SER B 177 11.60 13.86 15.49
N ASN B 178 11.00 12.95 14.72
CA ASN B 178 10.75 13.17 13.31
C ASN B 178 9.26 13.42 13.14
N PHE B 179 8.88 14.17 12.12
CA PHE B 179 7.48 14.44 11.81
C PHE B 179 7.33 14.45 10.29
N ASP B 180 6.14 14.20 9.80
N ASP B 180 6.11 14.17 9.84
CA ASP B 180 5.89 14.42 8.40
CA ASP B 180 5.75 14.36 8.45
C ASP B 180 4.56 15.17 8.37
C ASP B 180 4.55 15.24 8.41
N GLY B 181 4.20 15.68 7.20
CA GLY B 181 3.14 16.63 7.05
C GLY B 181 1.83 15.94 6.87
N ASN B 182 0.88 16.25 7.74
CA ASN B 182 -0.45 15.70 7.71
C ASN B 182 -1.44 16.66 6.98
N ILE B 183 -2.00 16.21 5.87
CA ILE B 183 -2.98 16.98 5.14
C ILE B 183 -4.31 17.08 5.88
N ASN B 184 -4.82 18.29 6.04
N ASN B 184 -4.76 18.33 6.06
CA ASN B 184 -6.11 18.53 6.68
CA ASN B 184 -6.03 18.72 6.69
C ASN B 184 -7.16 19.20 5.79
C ASN B 184 -7.08 18.96 5.61
N GLU B 185 -6.76 19.83 4.68
CA GLU B 185 -7.71 20.24 3.61
C GLU B 185 -6.98 20.62 2.30
N VAL B 186 -7.69 20.41 1.20
CA VAL B 186 -7.15 20.63 -0.14
C VAL B 186 -8.13 21.45 -0.93
N PHE B 187 -7.60 22.42 -1.69
CA PHE B 187 -8.40 23.41 -2.42
C PHE B 187 -7.80 23.50 -3.80
N VAL B 188 -8.59 23.98 -4.78
CA VAL B 188 -8.14 23.99 -6.16
C VAL B 188 -8.72 25.17 -6.92
N ASN B 189 -7.87 26.07 -7.41
CA ASN B 189 -8.26 27.06 -8.40
C ASN B 189 -7.87 26.56 -9.80
N GLN B 190 -8.85 26.13 -10.56
CA GLN B 190 -8.59 25.49 -11.83
C GLN B 190 -8.89 26.47 -12.92
N THR B 191 -7.92 26.65 -13.82
CA THR B 191 -8.16 27.22 -15.15
C THR B 191 -7.41 26.34 -16.13
N SER B 192 -7.65 26.52 -17.43
CA SER B 192 -7.00 25.64 -18.40
C SER B 192 -5.51 25.94 -18.59
N ALA B 193 -5.11 27.21 -18.48
CA ALA B 193 -3.69 27.57 -18.65
C ALA B 193 -2.95 27.39 -17.34
N ARG B 194 -3.63 27.60 -16.21
CA ARG B 194 -2.95 27.43 -14.91
C ARG B 194 -3.86 26.92 -13.82
N THR B 195 -3.35 25.99 -13.02
CA THR B 195 -4.14 25.37 -11.97
C THR B 195 -3.32 25.38 -10.70
N LEU B 196 -3.93 25.80 -9.61
CA LEU B 196 -3.26 26.01 -8.32
C LEU B 196 -3.91 25.15 -7.24
N VAL B 197 -3.11 24.22 -6.70
CA VAL B 197 -3.54 23.36 -5.62
C VAL B 197 -2.89 23.86 -4.36
N THR B 198 -3.74 24.26 -3.41
CA THR B 198 -3.35 24.70 -2.07
C THR B 198 -3.64 23.57 -1.07
N VAL B 199 -2.61 23.13 -0.36
CA VAL B 199 -2.72 22.01 0.56
C VAL B 199 -2.39 22.50 1.93
N ARG B 200 -3.30 22.29 2.88
CA ARG B 200 -3.13 22.76 4.29
C ARG B 200 -3.00 21.66 5.33
N GLY B 201 -2.21 21.93 6.37
CA GLY B 201 -1.92 20.95 7.39
C GLY B 201 -0.96 21.34 8.48
N ASN B 202 -0.37 20.32 9.08
CA ASN B 202 0.20 20.31 10.41
C ASN B 202 1.35 19.39 10.23
N HIS B 203 2.33 19.45 11.12
CA HIS B 203 3.32 18.39 11.13
C HIS B 203 2.99 17.47 12.29
N THR B 204 2.78 16.18 11.97
CA THR B 204 2.52 15.18 13.00
C THR B 204 3.69 14.23 13.11
N VAL B 205 3.84 13.70 14.31
CA VAL B 205 4.99 12.94 14.70
C VAL B 205 4.97 11.56 14.06
N THR B 206 6.15 11.06 13.68
CA THR B 206 6.33 9.73 13.12
C THR B 206 7.22 8.93 14.09
N ASP B 207 8.53 9.03 13.91
CA ASP B 207 9.48 8.40 14.83
C ASP B 207 9.93 9.38 15.92
N GLY B 208 10.42 8.82 17.01
CA GLY B 208 11.06 9.58 18.07
C GLY B 208 10.15 9.71 19.26
N THR B 209 10.45 10.70 20.10
CA THR B 209 9.69 10.88 21.33
C THR B 209 8.42 11.67 21.00
N ASP B 210 7.34 11.37 21.73
CA ASP B 210 6.07 11.96 21.38
C ASP B 210 6.11 13.48 21.44
N HIS B 211 5.31 14.08 20.56
CA HIS B 211 5.17 15.52 20.44
C HIS B 211 3.82 15.81 19.82
N ASP B 212 3.10 16.80 20.35
CA ASP B 212 1.77 17.13 19.79
C ASP B 212 1.91 17.76 18.42
N PRO B 213 0.86 17.70 17.59
CA PRO B 213 0.96 18.33 16.27
C PRO B 213 1.31 19.80 16.33
N TRP B 214 2.25 20.22 15.48
CA TRP B 214 2.75 21.60 15.46
C TRP B 214 3.19 22.00 14.04
N LEU B 215 3.68 23.24 13.90
CA LEU B 215 4.19 23.80 12.65
C LEU B 215 3.16 23.73 11.54
N PRO B 216 2.12 24.55 11.63
CA PRO B 216 1.14 24.57 10.55
C PRO B 216 1.81 24.96 9.26
N PHE B 217 1.38 24.35 8.15
CA PHE B 217 1.93 24.63 6.83
C PHE B 217 0.84 24.92 5.86
N VAL B 218 1.20 25.58 4.78
CA VAL B 218 0.38 25.52 3.58
C VAL B 218 1.35 25.52 2.42
N VAL B 219 1.05 24.69 1.41
CA VAL B 219 1.92 24.49 0.27
C VAL B 219 1.10 24.66 -0.98
N ARG B 220 1.57 25.52 -1.86
CA ARG B 220 0.85 25.86 -3.05
C ARG B 220 1.59 25.25 -4.21
N PHE B 221 0.86 24.62 -5.11
CA PHE B 221 1.46 23.99 -6.27
C PHE B 221 0.93 24.72 -7.46
N TYR B 222 1.80 25.43 -8.17
CA TYR B 222 1.37 26.06 -9.42
C TYR B 222 1.77 25.14 -10.55
N LEU B 223 0.75 24.68 -11.27
CA LEU B 223 0.87 23.86 -12.49
C LEU B 223 0.37 24.61 -13.69
N TYR B 224 1.04 24.43 -14.82
CA TYR B 224 0.73 25.18 -16.03
C TYR B 224 0.63 24.23 -17.22
N ALA B 225 -0.15 24.63 -18.21
CA ALA B 225 -0.37 23.81 -19.37
C ALA B 225 0.92 23.65 -20.12
N ASN B 226 1.10 22.47 -20.72
CA ASN B 226 2.27 22.14 -21.51
C ASN B 226 3.56 22.07 -20.68
N SER B 227 3.42 21.94 -19.35
CA SER B 227 4.59 22.07 -18.45
C SER B 227 4.81 20.96 -17.45
N ALA B 228 6.02 20.40 -17.47
CA ALA B 228 6.46 19.42 -16.48
C ALA B 228 7.23 20.07 -15.32
N THR B 229 7.18 21.41 -15.23
CA THR B 229 7.78 22.18 -14.16
C THR B 229 6.67 22.57 -13.20
N ILE B 230 6.92 22.43 -11.90
CA ILE B 230 5.96 22.80 -10.87
C ILE B 230 6.58 23.71 -9.83
N LYS B 231 5.98 24.87 -9.66
CA LYS B 231 6.45 25.83 -8.71
C LYS B 231 5.67 25.50 -7.48
N VAL B 232 6.37 25.52 -6.35
CA VAL B 232 5.91 25.11 -5.03
C VAL B 232 6.21 26.21 -4.00
N MET B 233 5.19 26.96 -3.56
CA MET B 233 5.36 27.86 -2.42
C MET B 233 4.96 27.18 -1.11
N HIS B 234 5.97 26.92 -0.28
CA HIS B 234 5.88 26.20 1.01
C HIS B 234 5.97 27.22 2.14
N SER B 235 4.87 27.44 2.86
CA SER B 235 4.83 28.38 3.96
C SER B 235 4.65 27.65 5.28
N ILE B 236 5.38 28.06 6.31
CA ILE B 236 5.19 27.58 7.69
C ILE B 236 4.99 28.70 8.74
N VAL B 237 4.17 28.42 9.78
CA VAL B 237 4.09 29.25 10.96
C VAL B 237 4.82 28.58 12.14
N PHE B 238 5.75 29.28 12.79
CA PHE B 238 6.43 28.73 13.92
C PHE B 238 5.52 28.81 15.16
N ASP B 239 4.94 27.65 15.43
CA ASP B 239 4.00 27.30 16.46
C ASP B 239 4.67 26.97 17.79
N GLY B 240 5.95 26.63 17.77
CA GLY B 240 6.59 25.96 18.90
C GLY B 240 6.86 26.89 20.06
N ASP B 241 7.43 26.32 21.11
CA ASP B 241 7.88 27.06 22.31
C ASP B 241 9.44 26.99 22.50
N GLU B 242 9.93 27.46 23.65
CA GLU B 242 11.34 27.46 24.02
C GLU B 242 11.98 26.09 24.10
N ASN B 243 11.17 25.02 24.09
CA ASN B 243 11.71 23.65 24.12
C ASN B 243 11.77 23.04 22.72
N ASP B 244 11.24 23.73 21.71
CA ASP B 244 11.23 23.22 20.36
C ASP B 244 12.36 23.83 19.54
N PHE B 245 13.30 22.98 19.15
CA PHE B 245 14.45 23.34 18.33
C PHE B 245 14.39 22.61 16.98
N ILE B 246 13.97 23.33 15.93
CA ILE B 246 13.93 22.71 14.61
C ILE B 246 15.38 22.26 14.29
N THR B 247 15.51 21.12 13.64
CA THR B 247 16.79 20.44 13.37
C THR B 247 16.97 20.13 11.87
N GLY B 248 15.87 19.71 11.24
CA GLY B 248 15.75 19.58 9.79
C GLY B 248 14.32 19.91 9.34
N LEU B 249 14.18 20.30 8.10
CA LEU B 249 12.91 20.65 7.51
C LEU B 249 13.09 20.43 6.04
N GLY B 250 12.10 19.78 5.43
CA GLY B 250 12.31 19.15 4.14
C GLY B 250 11.09 18.88 3.33
N ILE B 251 11.33 18.50 2.09
CA ILE B 251 10.35 17.97 1.18
C ILE B 251 11.09 16.83 0.53
N ARG B 252 10.45 15.65 0.54
CA ARG B 252 11.10 14.42 0.10
C ARG B 252 10.23 13.68 -0.89
N PHE B 253 10.87 13.08 -1.91
CA PHE B 253 10.20 12.21 -2.89
C PHE B 253 10.86 10.83 -3.06
N ASP B 254 10.05 9.82 -3.32
CA ASP B 254 10.51 8.50 -3.81
C ASP B 254 10.61 8.53 -5.32
N VAL B 255 11.71 8.04 -5.86
CA VAL B 255 11.95 7.91 -7.29
C VAL B 255 12.11 6.40 -7.59
N PRO B 256 11.24 5.82 -8.42
CA PRO B 256 11.25 4.43 -8.77
C PRO B 256 12.57 3.78 -9.06
N LEU B 257 13.24 3.93 -10.19
CA LEU B 257 14.54 3.18 -10.34
C LEU B 257 14.53 1.63 -10.48
N LYS B 258 13.69 0.87 -9.76
CA LYS B 258 13.54 -0.60 -10.03
C LYS B 258 13.40 -0.94 -11.52
N GLY B 259 14.31 -1.78 -12.01
CA GLY B 259 14.37 -2.04 -13.43
C GLY B 259 15.54 -1.40 -14.13
N GLU B 260 16.12 -0.35 -13.58
CA GLU B 260 17.28 0.28 -14.22
C GLU B 260 18.51 -0.34 -13.69
N GLU B 261 19.40 -0.71 -14.61
CA GLU B 261 20.73 -1.19 -14.30
C GLU B 261 21.44 -0.02 -13.61
N TYR B 262 22.26 -0.35 -12.60
CA TYR B 262 22.97 0.66 -11.82
C TYR B 262 23.80 1.69 -12.68
N TYR B 263 24.39 1.23 -13.79
CA TYR B 263 25.14 2.10 -14.70
C TYR B 263 24.23 3.01 -15.54
N ASP B 264 22.92 2.79 -15.53
CA ASP B 264 21.92 3.67 -16.20
C ASP B 264 21.16 4.59 -15.18
N ARG B 265 21.53 4.53 -13.91
CA ARG B 265 20.98 5.42 -12.88
C ARG B 265 21.88 6.62 -12.69
N HIS B 266 21.27 7.77 -12.51
CA HIS B 266 22.00 8.99 -12.69
C HIS B 266 21.77 9.98 -11.56
N ILE B 267 22.85 10.66 -11.22
CA ILE B 267 22.83 11.62 -10.16
C ILE B 267 23.28 12.94 -10.76
N ARG B 268 22.60 14.02 -10.45
CA ARG B 268 23.13 15.32 -10.82
C ARG B 268 22.83 16.31 -9.71
N PHE B 269 23.83 17.14 -9.41
CA PHE B 269 23.70 18.27 -8.53
C PHE B 269 24.21 19.47 -9.28
N ALA B 270 23.47 20.57 -9.21
CA ALA B 270 23.92 21.85 -9.68
C ALA B 270 25.04 22.28 -8.77
N GLY B 271 26.14 22.74 -9.37
CA GLY B 271 27.23 23.38 -8.65
C GLY B 271 27.19 24.92 -8.71
N VAL B 272 28.28 25.50 -9.21
CA VAL B 272 28.60 26.90 -9.06
C VAL B 272 28.54 27.52 -10.45
N ASP B 273 27.89 28.70 -10.52
CA ASP B 273 27.80 29.54 -11.75
C ASP B 273 27.61 28.67 -13.00
N GLY B 274 26.54 27.86 -13.05
CA GLY B 274 26.19 27.07 -14.27
C GLY B 274 26.82 25.69 -14.41
N GLY B 275 27.50 25.25 -13.35
CA GLY B 275 28.07 23.94 -13.26
C GLY B 275 27.03 22.86 -12.98
N ILE B 276 27.39 21.62 -13.36
CA ILE B 276 26.67 20.40 -13.00
C ILE B 276 27.65 19.26 -12.70
N PHE B 277 27.37 18.58 -11.59
CA PHE B 277 28.02 17.31 -11.13
C PHE B 277 27.29 16.11 -11.76
N ASN B 278 28.03 15.21 -12.42
CA ASN B 278 27.45 14.21 -13.33
C ASN B 278 28.00 12.83 -12.99
N GLU B 279 27.14 12.04 -12.34
CA GLU B 279 27.53 10.67 -11.96
C GLU B 279 26.47 9.61 -12.12
N ALA B 280 26.96 8.38 -12.27
CA ALA B 280 26.10 7.19 -12.21
C ALA B 280 26.24 6.47 -10.89
N VAL B 281 25.17 5.78 -10.52
CA VAL B 281 25.17 5.00 -9.29
C VAL B 281 26.30 3.95 -9.38
N GLN B 282 26.48 3.33 -10.56
CA GLN B 282 27.61 2.43 -10.82
C GLN B 282 28.41 2.97 -11.99
N GLY B 283 29.57 3.55 -11.70
CA GLY B 283 30.37 4.30 -12.69
C GLY B 283 31.24 3.40 -13.52
N ILE B 284 31.27 3.67 -14.82
CA ILE B 284 31.94 2.83 -15.82
C ILE B 284 33.08 3.56 -16.53
N THR B 285 33.29 4.80 -16.09
CA THR B 285 34.33 5.73 -16.51
C THR B 285 35.38 5.73 -15.41
N GLY B 286 36.64 5.86 -15.82
CA GLY B 286 37.77 5.92 -14.91
C GLY B 286 38.21 4.63 -14.28
N LEU B 287 37.88 3.50 -14.93
CA LEU B 287 38.30 2.14 -14.50
C LEU B 287 39.63 1.83 -15.18
N ARG B 288 40.24 0.72 -14.77
CA ARG B 288 41.54 0.27 -15.29
C ARG B 288 41.45 -0.14 -16.74
N ARG B 289 40.28 -0.69 -17.09
CA ARG B 289 39.93 -1.18 -18.41
C ARG B 289 38.75 -0.38 -18.94
N ASP B 290 38.74 -0.22 -20.24
CA ASP B 290 37.80 0.63 -20.96
C ASP B 290 36.66 -0.21 -21.58
N PRO B 291 35.39 0.05 -21.22
CA PRO B 291 34.37 -0.75 -21.89
C PRO B 291 34.13 -0.30 -23.34
N GLY B 292 34.62 0.88 -23.72
CA GLY B 292 34.47 1.44 -25.07
C GLY B 292 34.12 2.92 -24.92
N GLU B 293 34.75 3.76 -25.73
CA GLU B 293 34.62 5.21 -25.65
C GLU B 293 33.20 5.72 -25.83
N GLU B 294 32.40 5.06 -26.63
CA GLU B 294 31.03 5.50 -26.91
C GLU B 294 30.15 5.18 -25.68
N ILE B 295 30.47 4.08 -25.01
CA ILE B 295 29.77 3.62 -23.82
C ILE B 295 30.07 4.57 -22.68
N ARG B 296 31.34 4.89 -22.48
CA ARG B 296 31.72 5.97 -21.56
C ARG B 296 31.03 7.30 -21.87
N ALA B 297 31.12 7.77 -23.11
CA ALA B 297 30.44 9.00 -23.52
C ALA B 297 28.97 8.94 -23.17
N ALA B 298 28.36 7.80 -23.45
CA ALA B 298 26.93 7.64 -23.17
C ALA B 298 26.53 7.75 -21.70
N GLN B 299 27.33 7.20 -20.78
CA GLN B 299 27.04 7.25 -19.33
C GLN B 299 27.12 8.69 -18.79
N PHE B 300 28.13 9.42 -19.24
CA PHE B 300 28.30 10.83 -18.93
C PHE B 300 27.16 11.64 -19.49
N ALA B 301 26.68 11.27 -20.67
CA ALA B 301 25.56 11.98 -21.30
C ALA B 301 24.24 11.73 -20.57
N GLY B 302 24.18 10.64 -19.80
CA GLY B 302 23.01 10.20 -19.07
C GLY B 302 22.14 9.27 -19.88
N GLN B 303 22.74 8.54 -20.82
CA GLN B 303 21.95 7.73 -21.78
C GLN B 303 21.92 6.26 -21.36
N LYS B 304 20.94 5.52 -21.84
CA LYS B 304 20.97 4.07 -21.72
C LYS B 304 22.25 3.57 -22.38
N LEU B 305 22.97 2.69 -21.69
CA LEU B 305 24.16 2.12 -22.28
C LEU B 305 23.83 0.95 -23.23
N ALA B 306 24.69 0.77 -24.22
CA ALA B 306 24.65 -0.42 -25.07
C ALA B 306 24.55 -1.72 -24.25
N ASP B 307 24.14 -2.78 -24.92
CA ASP B 307 24.04 -4.06 -24.28
C ASP B 307 25.43 -4.56 -23.85
N THR B 308 25.50 -5.19 -22.67
CA THR B 308 26.76 -5.68 -22.10
C THR B 308 27.55 -6.66 -22.99
N GLU B 309 26.88 -7.42 -23.87
CA GLU B 309 27.57 -8.22 -24.91
C GLU B 309 28.47 -7.39 -25.84
N THR B 310 28.18 -6.09 -26.03
CA THR B 310 28.97 -5.23 -26.94
C THR B 310 30.18 -4.60 -26.28
N TRP B 311 30.30 -4.73 -24.96
CA TRP B 311 31.40 -4.10 -24.24
C TRP B 311 32.65 -4.93 -24.39
N GLU B 312 33.81 -4.30 -24.23
CA GLU B 312 35.03 -5.03 -23.93
C GLU B 312 34.79 -5.86 -22.63
N PRO B 313 34.96 -7.20 -22.70
CA PRO B 313 34.50 -8.03 -21.58
C PRO B 313 35.34 -8.11 -20.32
N ARG B 314 36.58 -7.61 -20.31
CA ARG B 314 37.27 -7.44 -19.03
C ARG B 314 36.61 -6.40 -18.10
N VAL B 315 35.52 -5.76 -18.56
CA VAL B 315 34.62 -4.92 -17.74
C VAL B 315 33.32 -5.59 -17.36
N SER B 316 32.60 -6.09 -18.37
CA SER B 316 31.26 -6.67 -18.16
C SER B 316 31.26 -7.83 -17.19
N THR B 317 32.31 -8.66 -17.23
CA THR B 317 32.52 -9.77 -16.31
C THR B 317 32.81 -9.35 -14.85
N ARG B 318 33.16 -8.07 -14.64
CA ARG B 318 33.63 -7.53 -13.35
C ARG B 318 32.78 -6.40 -12.72
N LEU B 319 31.59 -6.15 -13.26
CA LEU B 319 30.66 -5.20 -12.65
C LEU B 319 30.48 -5.44 -11.13
N LYS B 320 30.32 -6.71 -10.72
CA LYS B 320 30.27 -7.09 -9.31
C LYS B 320 31.30 -6.33 -8.45
N TRP B 321 32.54 -6.21 -8.93
CA TRP B 321 33.64 -5.55 -8.16
C TRP B 321 33.74 -4.00 -8.27
N ILE B 322 32.82 -3.39 -9.01
CA ILE B 322 32.67 -1.96 -9.08
C ILE B 322 31.60 -1.49 -8.09
N PRO B 323 32.02 -0.65 -7.13
CA PRO B 323 31.12 -0.32 -6.05
C PRO B 323 29.89 0.39 -6.53
N THR B 324 28.84 0.26 -5.78
CA THR B 324 27.61 0.85 -6.13
C THR B 324 27.34 1.94 -5.05
N TRP B 325 27.03 3.17 -5.48
CA TRP B 325 26.90 4.34 -4.56
C TRP B 325 25.47 4.72 -4.35
N ALA B 326 24.94 4.41 -3.18
CA ALA B 326 23.54 4.58 -2.89
C ALA B 326 23.19 5.96 -2.39
N ASP B 327 24.09 6.62 -1.64
CA ASP B 327 23.76 7.87 -0.95
C ASP B 327 24.71 8.98 -1.36
N TYR B 328 24.14 10.16 -1.54
CA TYR B 328 24.85 11.36 -1.92
C TYR B 328 24.31 12.49 -1.07
N GLY B 329 25.18 13.35 -0.54
CA GLY B 329 24.77 14.48 0.30
C GLY B 329 25.56 15.74 0.02
N LEU B 330 24.85 16.76 -0.45
CA LEU B 330 25.37 18.12 -0.55
C LEU B 330 24.93 18.95 0.67
N THR B 331 25.86 19.59 1.36
CA THR B 331 25.47 20.48 2.47
C THR B 331 26.07 21.89 2.39
N GLN B 332 25.16 22.88 2.51
CA GLN B 332 25.43 24.30 2.39
C GLN B 332 25.12 24.99 3.74
N LEU B 333 26.08 24.91 4.66
CA LEU B 333 25.85 25.29 6.04
C LEU B 333 26.39 26.67 6.35
N THR B 334 26.96 27.31 5.34
CA THR B 334 27.22 28.74 5.34
C THR B 334 26.89 29.28 3.95
N ALA B 335 26.77 30.59 3.85
CA ALA B 335 26.62 31.23 2.56
C ALA B 335 27.86 31.14 1.68
N ASP B 336 29.02 30.70 2.17
CA ASP B 336 30.26 30.73 1.35
C ASP B 336 30.91 29.45 0.94
N GLY B 337 30.52 28.32 1.53
CA GLY B 337 31.04 27.00 1.13
C GLY B 337 30.05 25.83 1.23
N PHE B 338 30.22 24.81 0.39
CA PHE B 338 29.40 23.59 0.50
C PHE B 338 30.26 22.34 0.50
N GLY B 339 29.82 21.34 1.23
CA GLY B 339 30.44 20.01 1.17
C GLY B 339 29.59 19.08 0.31
N LEU B 340 30.21 18.01 -0.19
CA LEU B 340 29.53 17.07 -1.03
C LEU B 340 30.20 15.75 -0.86
N LYS B 341 29.43 14.70 -0.80
CA LYS B 341 30.01 13.40 -0.40
C LYS B 341 29.12 12.22 -0.80
N LYS B 342 29.70 11.06 -1.01
CA LYS B 342 28.89 9.89 -1.29
C LYS B 342 29.28 8.67 -0.49
N ARG B 343 28.37 7.71 -0.48
CA ARG B 343 28.47 6.51 0.34
C ARG B 343 27.92 5.30 -0.40
N THR B 344 28.54 4.15 -0.19
CA THR B 344 28.06 2.88 -0.77
C THR B 344 26.72 2.49 -0.16
N LYS B 345 26.68 2.50 1.18
CA LYS B 345 25.70 1.77 1.97
C LYS B 345 25.85 2.32 3.41
N ALA B 346 24.78 2.47 4.17
CA ALA B 346 24.93 2.77 5.60
C ALA B 346 25.79 1.71 6.29
N GLY B 347 26.54 2.10 7.32
CA GLY B 347 27.54 1.22 7.95
C GLY B 347 28.95 1.32 7.36
N GLN B 348 29.11 2.09 6.29
CA GLN B 348 30.40 2.37 5.70
C GLN B 348 30.61 3.84 5.83
N SER B 349 31.84 4.25 5.59
CA SER B 349 32.18 5.65 5.62
C SER B 349 31.76 6.34 4.31
N TRP B 350 31.71 7.67 4.38
CA TRP B 350 31.42 8.50 3.24
C TRP B 350 32.73 8.82 2.57
N VAL B 351 32.70 8.96 1.24
CA VAL B 351 33.85 9.43 0.48
C VAL B 351 33.59 10.90 0.15
N ASN B 352 34.60 11.72 0.40
CA ASN B 352 34.45 13.15 0.14
C ASN B 352 34.59 13.43 -1.35
N ILE B 353 33.80 14.37 -1.86
CA ILE B 353 33.79 14.71 -3.30
C ILE B 353 34.31 16.14 -3.49
N PRO B 354 35.03 16.38 -4.61
CA PRO B 354 35.44 17.76 -4.88
C PRO B 354 34.24 18.73 -4.91
N SER B 355 34.26 19.71 -4.01
CA SER B 355 33.11 20.62 -3.80
C SER B 355 33.49 22.10 -4.08
N GLY B 356 32.75 23.06 -3.54
CA GLY B 356 33.22 24.43 -3.63
C GLY B 356 32.38 25.46 -2.90
N THR B 357 32.14 26.56 -3.58
CA THR B 357 31.70 27.79 -2.95
C THR B 357 30.19 27.77 -2.65
N ARG B 358 29.38 27.98 -3.70
CA ARG B 358 27.97 28.23 -3.56
C ARG B 358 27.18 27.38 -4.55
N ALA B 359 26.51 26.33 -4.03
CA ALA B 359 25.81 25.40 -4.90
C ALA B 359 24.52 26.08 -5.33
N GLU B 360 24.13 25.97 -6.60
CA GLU B 360 22.95 26.67 -7.09
C GLU B 360 21.64 25.92 -6.76
N GLY B 361 21.73 24.76 -6.12
CA GLY B 361 20.60 24.18 -5.38
C GLY B 361 19.54 23.31 -6.05
N LEU B 362 19.97 22.48 -7.01
CA LEU B 362 19.12 21.51 -7.69
C LEU B 362 19.78 20.14 -7.58
N ALA B 363 18.95 19.10 -7.44
CA ALA B 363 19.40 17.72 -7.38
C ALA B 363 18.49 16.92 -8.25
N TYR B 364 19.06 15.97 -8.98
CA TYR B 364 18.30 15.07 -9.86
C TYR B 364 18.62 13.62 -9.51
N LEU B 365 17.58 12.79 -9.40
CA LEU B 365 17.72 11.35 -9.25
C LEU B 365 16.75 10.69 -10.20
N GLY B 366 17.26 9.74 -10.98
CA GLY B 366 16.46 9.05 -11.97
C GLY B 366 17.29 8.13 -12.86
N GLY B 367 16.77 7.82 -14.04
CA GLY B 367 17.46 6.91 -14.99
C GLY B 367 17.10 7.10 -16.45
N ALA B 368 17.90 6.51 -17.34
CA ALA B 368 17.64 6.64 -18.80
C ALA B 368 16.37 5.96 -19.34
N THR B 369 15.72 5.16 -18.51
CA THR B 369 14.61 4.31 -18.89
C THR B 369 13.47 4.52 -17.87
N GLN B 370 13.81 4.47 -16.58
CA GLN B 370 12.84 4.76 -15.53
C GLN B 370 12.39 6.21 -15.47
N GLY B 371 13.16 7.12 -16.04
CA GLY B 371 12.86 8.54 -15.91
C GLY B 371 13.38 9.06 -14.59
N GLY B 372 12.83 10.16 -14.10
CA GLY B 372 13.24 10.65 -12.78
C GLY B 372 12.79 12.06 -12.42
N LEU B 373 13.35 12.55 -11.32
CA LEU B 373 12.89 13.76 -10.69
C LEU B 373 14.06 14.67 -10.33
N ALA B 374 13.84 15.98 -10.53
CA ALA B 374 14.72 17.03 -10.00
C ALA B 374 13.93 17.90 -9.04
N VAL B 375 14.58 18.27 -7.95
CA VAL B 375 13.98 19.13 -6.96
C VAL B 375 14.96 20.26 -6.74
N GLY B 376 14.46 21.43 -6.38
CA GLY B 376 15.38 22.50 -6.04
C GLY B 376 14.75 23.61 -5.26
N LEU B 377 15.62 24.42 -4.65
CA LEU B 377 15.22 25.64 -3.91
C LEU B 377 15.75 26.92 -4.56
N ARG B 378 14.86 27.85 -4.88
CA ARG B 378 15.25 29.18 -5.32
C ARG B 378 16.11 29.85 -4.26
N ASP B 379 17.21 30.50 -4.67
CA ASP B 379 18.12 31.27 -3.75
C ASP B 379 18.73 30.33 -2.67
N PHE B 380 19.00 29.10 -3.06
CA PHE B 380 19.37 28.00 -2.17
C PHE B 380 20.39 28.44 -1.13
N TRP B 381 21.56 28.89 -1.58
CA TRP B 381 22.67 29.22 -0.66
C TRP B 381 22.41 30.54 0.11
N LYS B 382 21.50 31.37 -0.41
CA LYS B 382 21.16 32.63 0.26
C LYS B 382 20.29 32.40 1.46
N ARG B 383 19.83 31.16 1.60
CA ARG B 383 18.92 30.73 2.63
C ARG B 383 19.54 29.61 3.49
N TYR B 384 20.88 29.56 3.51
CA TYR B 384 21.64 28.55 4.24
C TYR B 384 21.10 28.56 5.68
N PRO B 385 21.22 27.49 6.47
CA PRO B 385 21.81 26.24 6.09
C PRO B 385 20.83 25.30 5.36
N VAL B 386 21.16 24.85 4.17
CA VAL B 386 20.30 23.99 3.37
C VAL B 386 21.05 22.76 2.84
N GLY B 387 20.32 21.88 2.15
CA GLY B 387 20.93 20.61 1.68
C GLY B 387 20.15 19.85 0.64
N LEU B 388 20.81 18.90 0.00
CA LEU B 388 20.17 17.98 -0.97
C LEU B 388 20.71 16.57 -0.73
N ASP B 389 19.81 15.60 -0.64
CA ASP B 389 20.15 14.20 -0.38
C ASP B 389 19.50 13.28 -1.39
N ILE B 390 20.30 12.46 -2.05
CA ILE B 390 19.89 11.28 -2.78
C ILE B 390 20.20 10.16 -1.80
N SER B 391 19.38 9.14 -1.84
CA SER B 391 19.26 8.20 -0.75
C SER B 391 18.78 6.86 -1.34
N ASN B 392 19.49 5.77 -1.06
CA ASN B 392 19.13 4.40 -1.54
C ASN B 392 18.99 4.21 -3.07
N ALA B 393 19.85 4.87 -3.86
CA ALA B 393 19.83 4.78 -5.31
C ALA B 393 20.39 3.47 -5.89
N ALA B 394 20.86 2.58 -5.01
CA ALA B 394 21.11 1.16 -5.36
C ALA B 394 19.95 0.18 -5.10
N SER B 395 18.82 0.68 -4.58
CA SER B 395 17.61 -0.09 -4.29
C SER B 395 16.53 0.11 -5.34
N ASP B 396 15.49 -0.71 -5.25
CA ASP B 396 14.23 -0.55 -5.97
C ASP B 396 13.66 0.85 -5.97
N THR B 397 13.89 1.59 -4.88
CA THR B 397 13.34 2.91 -4.66
C THR B 397 14.39 3.82 -4.03
N GLY B 398 14.72 4.89 -4.79
CA GLY B 398 15.53 6.00 -4.31
C GLY B 398 14.66 7.01 -3.58
N GLU B 399 15.31 7.85 -2.78
CA GLU B 399 14.66 9.03 -2.24
C GLU B 399 15.49 10.28 -2.60
N LEU B 400 14.78 11.32 -3.01
CA LEU B 400 15.33 12.62 -3.33
C LEU B 400 14.76 13.56 -2.33
N THR B 401 15.63 14.27 -1.59
CA THR B 401 15.19 15.15 -0.52
C THR B 401 15.89 16.50 -0.58
N LEU B 402 15.09 17.56 -0.51
CA LEU B 402 15.55 18.95 -0.38
C LEU B 402 15.40 19.34 1.09
N TRP B 403 16.47 19.83 1.71
CA TRP B 403 16.41 20.25 3.09
C TRP B 403 16.32 21.75 3.11
N LEU B 404 15.17 22.29 3.51
CA LEU B 404 15.04 23.74 3.69
C LEU B 404 15.82 24.23 4.91
N TYR B 405 16.03 23.31 5.86
CA TYR B 405 16.92 23.55 6.98
C TYR B 405 17.66 22.25 7.13
N SER B 406 18.99 22.29 7.03
CA SER B 406 19.84 21.09 7.09
C SER B 406 20.08 20.63 8.49
N PRO B 407 19.87 19.32 8.72
CA PRO B 407 20.33 18.64 9.93
C PRO B 407 21.82 18.68 10.23
N ALA B 408 22.68 18.87 9.21
CA ALA B 408 24.14 19.04 9.42
C ALA B 408 24.49 20.40 10.02
N ALA B 409 23.54 21.31 10.09
CA ALA B 409 23.71 22.55 10.83
C ALA B 409 23.43 22.35 12.35
N GLU B 410 23.89 23.31 13.14
CA GLU B 410 23.53 23.43 14.54
C GLU B 410 21.98 23.67 14.59
N PRO B 411 21.31 23.28 15.66
CA PRO B 411 19.84 23.40 15.60
C PRO B 411 19.31 24.85 15.55
N LEU B 412 18.12 25.05 15.05
CA LEU B 412 17.58 26.39 14.90
C LEU B 412 17.07 26.84 16.26
N ASP B 413 17.65 27.93 16.80
CA ASP B 413 17.38 28.47 18.14
C ASP B 413 16.75 29.84 18.05
N LEU B 414 15.44 29.89 18.20
CA LEU B 414 14.66 31.14 18.09
C LEU B 414 14.41 31.85 19.44
N ARG B 415 15.04 31.37 20.50
CA ARG B 415 14.90 31.95 21.86
C ARG B 415 15.49 33.35 22.04
N PRO B 416 15.14 34.04 23.14
CA PRO B 416 15.73 35.35 23.39
C PRO B 416 17.25 35.33 23.43
N PHE B 417 17.87 36.38 22.86
CA PHE B 417 19.34 36.51 22.88
C PHE B 417 19.81 37.03 24.21
N HIS B 418 18.93 37.69 24.98
CA HIS B 418 19.24 37.96 26.39
C HIS B 418 18.11 37.64 27.39
N ASP B 419 18.50 37.63 28.69
CA ASP B 419 17.58 37.34 29.83
C ASP B 419 16.83 38.54 30.47
N GLY B 420 17.11 39.75 29.95
CA GLY B 420 16.45 40.98 30.35
C GLY B 420 17.40 41.86 31.15
N LEU B 421 18.59 41.35 31.46
CA LEU B 421 19.68 42.12 32.04
C LEU B 421 19.40 42.71 33.47
N GLY B 422 18.34 42.20 34.11
CA GLY B 422 17.82 42.69 35.40
C GLY B 422 16.66 43.67 35.31
N GLN B 423 16.05 43.79 34.13
CA GLN B 423 15.04 44.81 33.92
C GLN B 423 13.75 44.42 34.61
N ASP B 424 13.25 45.33 35.44
CA ASP B 424 12.07 45.09 36.25
C ASP B 424 11.02 46.20 36.09
N GLY B 425 10.25 46.12 35.02
CA GLY B 425 9.16 47.07 34.72
C GLY B 425 9.43 48.21 33.73
N TYR B 426 8.36 48.94 33.41
CA TYR B 426 8.41 49.98 32.39
C TYR B 426 9.55 51.01 32.55
N GLU B 427 9.93 51.32 33.79
CA GLU B 427 10.91 52.36 33.97
C GLU B 427 12.31 51.90 33.54
N ASP B 428 12.75 50.72 34.00
CA ASP B 428 14.04 50.12 33.57
C ASP B 428 14.06 49.83 32.05
N GLN B 429 12.94 49.40 31.51
CA GLN B 429 12.80 49.05 30.12
C GLN B 429 13.00 50.28 29.24
N LEU B 430 12.41 51.40 29.63
CA LEU B 430 12.58 52.70 28.92
C LEU B 430 13.95 53.33 29.11
N ASP B 431 14.62 52.94 30.17
CA ASP B 431 15.93 53.45 30.48
C ASP B 431 16.99 52.67 29.65
N ALA B 432 16.74 51.38 29.45
CA ALA B 432 17.57 50.57 28.54
C ALA B 432 17.44 51.11 27.12
N LEU B 433 16.20 51.50 26.77
CA LEU B 433 15.85 52.08 25.46
C LEU B 433 16.67 53.32 25.16
N GLU B 434 17.03 54.07 26.20
CA GLU B 434 17.89 55.23 26.04
C GLU B 434 19.32 54.90 25.62
N ILE B 435 19.81 53.68 25.91
CA ILE B 435 21.21 53.33 25.53
C ILE B 435 21.41 52.32 24.37
N THR B 436 20.50 51.37 24.20
CA THR B 436 20.64 50.40 23.07
C THR B 436 19.52 50.52 22.08
N TYR B 437 18.57 51.41 22.31
CA TYR B 437 17.43 51.55 21.41
C TYR B 437 16.47 50.34 21.29
N GLU B 438 16.57 49.44 22.26
CA GLU B 438 15.67 48.28 22.40
C GLU B 438 14.63 48.63 23.43
N ASP B 439 13.37 48.31 23.15
CA ASP B 439 12.29 48.40 24.13
C ASP B 439 11.98 47.00 24.64
N TRP B 440 12.68 46.53 25.65
CA TRP B 440 12.49 45.13 26.08
C TRP B 440 11.25 44.91 26.95
N GLU B 441 10.68 43.72 26.89
CA GLU B 441 9.64 43.34 27.85
C GLU B 441 9.54 41.82 28.02
N PRO B 442 9.53 41.30 29.28
CA PRO B 442 9.38 39.86 29.57
C PRO B 442 8.29 39.22 28.71
N GLY B 443 8.59 38.07 28.11
CA GLY B 443 7.63 37.35 27.28
C GLY B 443 7.26 38.02 25.94
N PHE B 444 7.82 39.19 25.62
CA PHE B 444 7.57 39.81 24.31
C PHE B 444 8.60 39.39 23.29
N ASP B 445 9.77 39.00 23.78
CA ASP B 445 10.86 38.55 22.93
C ASP B 445 10.65 37.16 22.39
N THR B 446 9.57 36.96 21.61
CA THR B 446 9.14 35.61 21.26
C THR B 446 8.88 35.45 19.74
N PRO B 447 9.34 34.30 19.15
CA PRO B 447 9.13 33.93 17.77
C PRO B 447 7.78 33.29 17.46
N TYR B 448 6.97 33.06 18.50
CA TYR B 448 5.68 32.38 18.37
C TYR B 448 4.78 33.14 17.40
N GLY B 449 4.49 32.52 16.27
CA GLY B 449 3.52 33.03 15.31
C GLY B 449 4.13 33.56 14.02
N ILE B 450 5.47 33.58 13.93
CA ILE B 450 6.12 34.08 12.72
C ILE B 450 6.03 33.05 11.63
N ALA B 451 6.36 33.46 10.41
CA ALA B 451 6.24 32.57 9.28
C ALA B 451 7.43 32.72 8.39
N ARG B 452 7.62 31.74 7.52
CA ARG B 452 8.56 31.86 6.42
C ARG B 452 8.02 31.11 5.23
N THR B 453 8.09 31.71 4.03
CA THR B 453 7.74 31.05 2.76
C THR B 453 9.01 30.77 1.93
N SER B 454 9.07 29.60 1.32
CA SER B 454 10.24 29.11 0.58
C SER B 454 9.75 28.83 -0.82
N GLU B 455 10.54 29.16 -1.84
CA GLU B 455 10.11 28.95 -3.20
C GLU B 455 10.86 27.74 -3.78
N VAL B 456 10.09 26.74 -4.21
CA VAL B 456 10.59 25.40 -4.58
C VAL B 456 10.08 24.98 -5.96
N TYR B 457 10.90 24.22 -6.66
CA TYR B 457 10.59 23.74 -7.98
C TYR B 457 10.77 22.22 -8.06
N LEU B 458 9.80 21.56 -8.71
CA LEU B 458 9.84 20.15 -9.05
C LEU B 458 9.83 20.11 -10.54
N PHE B 459 10.66 19.22 -11.10
CA PHE B 459 10.77 19.05 -12.53
C PHE B 459 10.74 17.55 -12.83
N ALA B 460 9.83 17.11 -13.71
CA ALA B 460 9.65 15.69 -13.99
C ALA B 460 10.30 15.42 -15.32
N PHE B 461 11.09 14.35 -15.37
CA PHE B 461 11.68 13.95 -16.66
C PHE B 461 11.29 12.53 -17.07
N ASP B 462 11.07 12.38 -18.37
CA ASP B 462 10.80 11.07 -18.96
C ASP B 462 12.02 10.14 -18.90
N GLN B 463 13.20 10.76 -18.90
CA GLN B 463 14.50 10.09 -18.96
C GLN B 463 15.54 11.10 -18.45
N THR B 464 16.71 10.61 -18.01
CA THR B 464 17.80 11.47 -17.52
C THR B 464 18.09 12.51 -18.60
N PRO B 465 17.93 13.81 -18.27
CA PRO B 465 18.05 14.80 -19.30
C PRO B 465 19.50 15.18 -19.51
N THR B 466 19.76 15.97 -20.54
CA THR B 466 21.11 16.56 -20.76
C THR B 466 21.49 17.42 -19.52
N SER B 467 22.79 17.55 -19.29
CA SER B 467 23.29 18.46 -18.26
C SER B 467 22.96 19.93 -18.59
N ASP B 468 23.12 20.31 -19.86
CA ASP B 468 22.69 21.63 -20.36
C ASP B 468 21.23 21.98 -19.98
N LYS B 469 20.32 21.02 -20.10
CA LYS B 469 18.94 21.23 -19.62
C LYS B 469 18.85 21.45 -18.10
N LEU B 470 19.62 20.70 -17.30
CA LEU B 470 19.57 20.87 -15.86
C LEU B 470 20.20 22.20 -15.39
N ALA B 471 21.15 22.72 -16.17
CA ALA B 471 21.80 23.97 -15.89
C ALA B 471 20.86 25.09 -16.24
N SER B 472 20.26 24.94 -17.40
CA SER B 472 19.18 25.83 -17.84
C SER B 472 18.05 25.95 -16.80
N LEU B 473 17.71 24.85 -16.16
CA LEU B 473 16.56 24.83 -15.27
C LEU B 473 16.97 25.37 -13.89
N THR B 474 18.19 25.04 -13.45
CA THR B 474 18.77 25.66 -12.24
C THR B 474 18.75 27.19 -12.37
N ALA B 475 19.14 27.68 -13.53
CA ALA B 475 19.14 29.09 -13.81
C ALA B 475 17.71 29.68 -13.82
N TYR B 476 16.80 29.09 -14.62
CA TYR B 476 15.38 29.36 -14.50
C TYR B 476 14.95 29.49 -13.04
N MET B 477 15.23 28.46 -12.24
CA MET B 477 14.70 28.35 -10.88
C MET B 477 15.17 29.52 -10.00
N ASN B 478 16.45 29.86 -10.14
CA ASN B 478 17.03 30.97 -9.37
C ASN B 478 16.71 32.32 -9.92
N ASP B 479 16.11 32.39 -11.09
CA ASP B 479 15.73 33.68 -11.68
C ASP B 479 14.44 33.48 -12.48
N PRO B 480 13.32 33.23 -11.79
CA PRO B 480 12.11 32.90 -12.52
C PRO B 480 11.65 34.10 -13.35
N PRO B 481 11.46 33.89 -14.66
CA PRO B 481 10.95 34.95 -15.52
C PRO B 481 9.66 35.64 -15.02
N VAL B 482 9.64 36.96 -15.22
CA VAL B 482 8.59 37.83 -14.80
C VAL B 482 8.17 38.77 -15.94
N LEU B 483 6.86 38.81 -16.20
CA LEU B 483 6.24 39.78 -17.06
C LEU B 483 5.63 40.93 -16.22
N VAL B 484 5.90 42.16 -16.67
CA VAL B 484 5.42 43.37 -16.01
C VAL B 484 5.02 44.41 -17.01
N ALA B 485 4.03 45.20 -16.62
CA ALA B 485 3.54 46.28 -17.44
C ALA B 485 4.57 47.40 -17.58
N GLU B 486 4.40 48.27 -18.58
CA GLU B 486 5.23 49.45 -18.73
C GLU B 486 5.01 50.38 -17.54
N PRO B 487 6.09 50.89 -16.95
CA PRO B 487 5.93 51.89 -15.88
C PRO B 487 4.94 53.00 -16.23
N LYS B 488 5.04 53.49 -17.45
CA LYS B 488 4.19 54.56 -17.93
C LYS B 488 2.72 54.20 -17.80
N TYR B 489 2.38 53.00 -18.26
CA TYR B 489 0.99 52.56 -18.26
C TYR B 489 0.52 52.34 -16.82
N ILE B 490 1.38 51.77 -15.98
CA ILE B 490 1.00 51.62 -14.58
C ILE B 490 0.74 53.02 -13.98
N HIS B 491 1.59 54.00 -14.26
CA HIS B 491 1.36 55.37 -13.82
C HIS B 491 0.06 56.01 -14.37
N GLU B 492 -0.20 55.77 -15.65
CA GLU B 492 -1.31 56.38 -16.37
C GLU B 492 -2.67 55.95 -15.78
N THR B 493 -2.79 54.67 -15.39
CA THR B 493 -4.02 54.07 -14.84
C THR B 493 -4.27 54.45 -13.41
N GLN B 494 -3.24 54.98 -12.74
CA GLN B 494 -3.40 55.49 -11.39
C GLN B 494 -3.87 54.38 -10.48
N ALA B 495 -3.57 53.13 -10.84
CA ALA B 495 -4.04 51.99 -10.08
C ALA B 495 -3.09 51.56 -9.00
N LEU B 496 -1.95 52.21 -8.87
CA LEU B 496 -1.05 51.92 -7.78
C LEU B 496 -0.50 53.20 -7.15
N GLY B 497 -1.40 54.11 -6.79
CA GLY B 497 -1.03 55.36 -6.14
C GLY B 497 -0.70 56.50 -7.12
N GLU B 498 -1.00 57.73 -6.71
CA GLU B 498 -0.70 58.96 -7.48
C GLU B 498 0.54 59.68 -6.96
N TYR B 499 1.19 59.13 -5.96
CA TYR B 499 2.27 59.80 -5.23
C TYR B 499 3.64 59.44 -5.84
N TRP B 500 3.65 59.05 -7.11
CA TRP B 500 4.89 58.71 -7.82
C TRP B 500 4.71 58.93 -9.30
N ALA B 501 5.82 59.16 -9.99
CA ALA B 501 5.80 59.49 -11.39
C ALA B 501 7.07 59.01 -12.01
N LEU B 502 7.16 58.97 -13.33
CA LEU B 502 8.42 58.52 -13.97
C LEU B 502 9.57 59.54 -13.83
N PRO B 503 10.83 59.07 -13.96
CA PRO B 503 12.03 59.93 -13.97
C PRO B 503 12.37 60.48 -15.35
N SER B 505 11.68 64.56 -16.08
CA SER B 505 12.06 65.95 -15.75
C SER B 505 13.49 66.23 -16.19
N ALA B 506 13.73 67.48 -16.59
CA ALA B 506 14.99 67.93 -17.21
C ALA B 506 15.80 68.90 -16.35
N SER B 507 15.26 69.29 -15.20
CA SER B 507 16.05 70.02 -14.23
C SER B 507 17.34 69.28 -13.91
N PRO B 508 18.49 69.96 -14.01
CA PRO B 508 19.74 69.31 -13.58
C PRO B 508 19.72 68.77 -12.13
N ALA B 509 18.94 69.44 -11.28
CA ALA B 509 18.76 69.02 -9.91
C ALA B 509 18.03 67.71 -9.87
N ALA B 510 16.96 67.59 -10.65
CA ALA B 510 16.21 66.33 -10.71
C ALA B 510 17.11 65.21 -11.16
N ALA B 511 18.01 65.50 -12.08
CA ALA B 511 18.92 64.46 -12.57
C ALA B 511 19.92 64.01 -11.49
N THR B 512 20.41 64.94 -10.65
CA THR B 512 21.28 64.50 -9.57
C THR B 512 20.47 63.78 -8.47
N LEU B 513 19.20 64.10 -8.31
CA LEU B 513 18.35 63.32 -7.41
C LEU B 513 18.19 61.88 -7.90
N GLU B 514 18.03 61.68 -9.20
CA GLU B 514 17.98 60.31 -9.77
C GLU B 514 19.34 59.57 -9.59
N ASP B 515 20.45 60.24 -9.85
CA ASP B 515 21.74 59.64 -9.60
C ASP B 515 21.93 59.22 -8.13
N ARG B 516 21.37 60.03 -7.22
CA ARG B 516 21.45 59.73 -5.80
C ARG B 516 20.55 58.61 -5.30
N LEU B 517 19.44 58.35 -5.99
CA LEU B 517 18.59 57.21 -5.61
C LEU B 517 19.27 55.93 -6.05
N GLN B 518 19.84 55.94 -7.26
CA GLN B 518 20.68 54.86 -7.80
C GLN B 518 21.83 54.55 -6.87
N PHE B 519 22.48 55.58 -6.34
CA PHE B 519 23.59 55.37 -5.42
C PHE B 519 23.12 54.60 -4.14
N ILE B 520 22.01 55.02 -3.57
CA ILE B 520 21.41 54.36 -2.43
C ILE B 520 21.04 52.91 -2.77
N PHE B 521 20.43 52.70 -3.92
CA PHE B 521 20.05 51.36 -4.30
C PHE B 521 21.26 50.43 -4.43
N ASP B 522 22.28 50.90 -5.15
CA ASP B 522 23.46 50.07 -5.49
C ASP B 522 24.24 49.71 -4.25
N PHE B 523 24.29 50.64 -3.31
CA PHE B 523 24.94 50.42 -2.02
C PHE B 523 24.16 49.37 -1.20
N TYR B 524 22.84 49.56 -1.08
CA TYR B 524 22.00 48.63 -0.34
C TYR B 524 22.03 47.24 -1.00
N LYS B 525 22.00 47.18 -2.34
CA LYS B 525 22.16 45.90 -3.06
C LYS B 525 23.47 45.17 -2.75
N GLY B 526 24.58 45.91 -2.68
CA GLY B 526 25.93 45.35 -2.43
C GLY B 526 26.20 44.98 -0.99
N GLN B 527 25.47 45.62 -0.07
CA GLN B 527 25.64 45.36 1.36
C GLN B 527 25.11 43.96 1.71
N ILE B 528 24.11 43.49 0.98
CA ILE B 528 23.55 42.18 1.19
C ILE B 528 24.63 41.11 1.05
N GLU B 529 25.45 41.23 0.02
CA GLU B 529 26.57 40.32 -0.20
C GLU B 529 27.67 40.63 0.80
N GLN B 530 28.03 41.89 0.97
CA GLN B 530 29.24 42.20 1.72
C GLN B 530 29.18 41.87 3.20
N ARG B 531 28.00 42.10 3.74
CA ARG B 531 27.72 41.85 5.14
C ARG B 531 26.99 40.54 5.35
N ARG B 532 26.91 39.73 4.30
CA ARG B 532 26.30 38.38 4.31
C ARG B 532 24.95 38.31 4.97
N TRP B 533 24.02 39.18 4.58
CA TRP B 533 22.64 39.15 5.09
C TRP B 533 21.82 38.06 4.35
N TYR B 534 22.20 36.86 4.66
CA TYR B 534 21.68 35.65 4.05
C TYR B 534 21.28 34.72 5.21
N GLY B 535 20.37 33.78 4.92
CA GLY B 535 19.98 32.76 5.90
C GLY B 535 18.52 32.38 5.81
N PHE B 536 18.21 31.22 6.38
CA PHE B 536 16.87 30.67 6.39
C PHE B 536 15.82 31.73 6.70
N LEU B 537 15.99 32.40 7.83
CA LEU B 537 15.11 33.52 8.17
C LEU B 537 15.65 34.92 7.76
N ASP B 538 16.96 35.16 7.86
CA ASP B 538 17.51 36.51 7.67
C ASP B 538 17.35 37.09 6.24
N TYR B 539 17.35 36.20 5.23
CA TYR B 539 17.49 36.64 3.86
C TYR B 539 16.37 37.56 3.46
N GLY B 540 16.70 38.76 3.00
CA GLY B 540 15.70 39.74 2.54
C GLY B 540 15.72 41.06 3.28
N ASP B 541 16.15 41.01 4.54
CA ASP B 541 16.16 42.17 5.40
C ASP B 541 17.55 42.76 5.33
N PHE B 542 17.68 43.95 5.91
CA PHE B 542 18.96 44.64 5.99
C PHE B 542 18.89 45.37 7.30
N MET B 543 19.95 46.05 7.67
CA MET B 543 20.05 46.60 9.02
C MET B 543 19.79 48.11 9.09
N HIS B 544 19.78 48.64 10.29
CA HIS B 544 19.17 49.90 10.59
C HIS B 544 20.17 51.05 10.65
N THR B 545 21.23 50.89 11.47
CA THR B 545 22.26 51.93 11.64
C THR B 545 23.66 51.37 11.71
N TYR B 546 24.65 52.17 11.30
CA TYR B 546 26.05 51.74 11.26
C TYR B 546 26.88 52.08 12.47
N ASP B 547 27.90 51.26 12.74
CA ASP B 547 28.89 51.48 13.80
C ASP B 547 30.16 51.88 13.07
N PRO B 548 30.47 53.18 13.03
CA PRO B 548 31.63 53.62 12.25
C PRO B 548 32.95 53.25 12.88
N ASP B 549 32.98 52.79 14.13
CA ASP B 549 34.24 52.46 14.80
C ASP B 549 34.69 51.07 14.46
N ARG B 550 33.75 50.13 14.56
CA ARG B 550 33.97 48.72 14.15
C ARG B 550 33.74 48.50 12.65
N HIS B 551 33.18 49.51 11.98
CA HIS B 551 32.90 49.44 10.55
C HIS B 551 31.99 48.24 10.32
N THR B 552 30.89 48.21 11.04
CA THR B 552 29.92 47.13 10.99
C THR B 552 28.53 47.73 11.22
N TRP B 553 27.50 47.15 10.62
CA TRP B 553 26.17 47.49 10.98
C TRP B 553 25.99 46.97 12.40
N ARG B 554 25.10 47.62 13.15
CA ARG B 554 24.98 47.38 14.58
C ARG B 554 24.12 46.13 14.90
N TYR B 555 24.63 45.00 14.44
CA TYR B 555 23.93 43.70 14.56
C TYR B 555 23.68 43.29 16.02
N ASP B 556 24.59 43.68 16.90
CA ASP B 556 24.52 43.37 18.33
C ASP B 556 23.94 44.46 19.29
N VAL B 557 23.47 45.60 18.79
CA VAL B 557 22.99 46.70 19.69
C VAL B 557 21.52 46.98 19.40
N GLY B 558 20.70 46.53 20.32
CA GLY B 558 19.25 46.69 20.32
C GLY B 558 18.62 47.00 19.00
N GLY B 559 18.16 48.26 18.86
CA GLY B 559 17.26 48.65 17.78
C GLY B 559 17.95 49.05 16.52
N TYR B 560 19.27 48.93 16.50
CA TYR B 560 20.02 49.36 15.35
C TYR B 560 20.37 48.18 14.43
N ALA B 561 19.94 46.98 14.79
CA ALA B 561 20.22 45.78 13.98
C ALA B 561 19.14 45.58 12.86
N TRP B 562 18.39 44.48 12.84
CA TRP B 562 17.49 44.18 11.71
C TRP B 562 16.40 45.24 11.60
N ASP B 563 16.16 45.67 10.39
CA ASP B 563 15.48 46.94 10.14
C ASP B 563 13.98 46.80 10.24
N ASN B 564 13.46 45.68 9.80
CA ASN B 564 12.07 45.34 10.03
C ASN B 564 11.17 46.47 9.52
N SER B 565 11.38 46.89 8.31
CA SER B 565 10.53 47.89 7.64
C SER B 565 10.48 49.24 8.34
N GLU B 566 11.46 49.56 9.15
CA GLU B 566 11.39 50.81 9.93
C GLU B 566 11.56 52.03 9.05
N LEU B 567 10.71 53.02 9.26
CA LEU B 567 10.48 54.13 8.32
C LEU B 567 10.25 53.75 6.83
N SER B 568 9.63 52.60 6.60
CA SER B 568 9.02 52.28 5.30
C SER B 568 9.94 52.13 4.12
N PRO B 569 11.14 51.51 4.28
CA PRO B 569 11.97 51.19 3.13
C PRO B 569 11.25 50.34 2.07
N ASP B 570 10.31 49.49 2.47
CA ASP B 570 9.49 48.75 1.54
C ASP B 570 8.83 49.68 0.50
N LEU B 571 8.35 50.87 0.91
CA LEU B 571 7.67 51.77 -0.05
C LEU B 571 8.66 52.43 -1.01
N PHE B 572 9.78 52.93 -0.50
CA PHE B 572 10.82 53.46 -1.38
C PHE B 572 11.27 52.43 -2.41
N PHE B 573 11.69 51.26 -1.93
CA PHE B 573 12.11 50.20 -2.82
C PHE B 573 11.04 49.76 -3.81
N TRP B 574 9.78 49.68 -3.40
CA TRP B 574 8.73 49.38 -4.36
C TRP B 574 8.44 50.52 -5.34
N LEU B 575 8.43 51.77 -4.87
CA LEU B 575 8.16 52.90 -5.78
C LEU B 575 9.34 53.09 -6.69
N TYR B 576 10.53 52.83 -6.20
CA TYR B 576 11.72 52.85 -7.03
C TYR B 576 11.58 51.82 -8.18
N PHE B 577 11.11 50.62 -7.90
CA PHE B 577 10.88 49.66 -9.00
C PHE B 577 9.85 50.23 -9.97
N LEU B 578 8.76 50.72 -9.43
CA LEU B 578 7.68 51.20 -10.27
C LEU B 578 8.12 52.23 -11.30
N ARG B 579 8.96 53.17 -10.91
CA ARG B 579 9.32 54.31 -11.78
C ARG B 579 10.31 53.91 -12.87
N THR B 580 11.13 52.90 -12.57
CA THR B 580 12.24 52.52 -13.44
C THR B 580 11.96 51.23 -14.25
N GLY B 581 11.17 50.29 -13.74
CA GLY B 581 11.17 48.92 -14.31
C GLY B 581 12.46 48.09 -14.16
N SER B 582 13.41 48.54 -13.34
CA SER B 582 14.69 47.81 -13.12
C SER B 582 14.48 46.40 -12.50
N LYS B 583 15.05 45.39 -13.13
CA LYS B 583 14.99 44.02 -12.64
C LYS B 583 15.63 43.85 -11.24
N ASP B 584 16.87 44.33 -11.07
CA ASP B 584 17.54 44.33 -9.78
C ASP B 584 16.64 44.96 -8.71
N ALA B 585 16.04 46.09 -9.08
CA ALA B 585 15.14 46.77 -8.18
C ALA B 585 13.95 45.93 -7.76
N TYR B 586 13.38 45.19 -8.70
CA TYR B 586 12.29 44.27 -8.44
C TYR B 586 12.73 43.11 -7.51
N ARG B 587 13.88 42.53 -7.79
CA ARG B 587 14.42 41.46 -6.99
C ARG B 587 14.75 41.89 -5.55
N PHE B 588 15.38 43.06 -5.41
CA PHE B 588 15.69 43.59 -4.08
C PHE B 588 14.36 43.70 -3.28
N ALA B 589 13.36 44.38 -3.86
CA ALA B 589 12.07 44.56 -3.20
C ALA B 589 11.28 43.26 -2.97
N GLU B 590 11.27 42.37 -3.96
CA GLU B 590 10.60 41.05 -3.81
C GLU B 590 11.12 40.30 -2.58
N ALA B 591 12.44 40.19 -2.50
CA ALA B 591 13.08 39.56 -1.37
C ALA B 591 12.86 40.28 -0.04
N LEU B 592 12.77 41.62 -0.07
CA LEU B 592 12.42 42.38 1.15
C LEU B 592 10.99 41.96 1.57
N THR B 593 10.05 42.06 0.64
CA THR B 593 8.68 41.74 0.94
C THR B 593 8.50 40.31 1.45
N ARG B 594 9.21 39.36 0.84
CA ARG B 594 9.13 37.98 1.23
C ARG B 594 9.70 37.75 2.63
N HIS B 595 10.66 38.58 3.04
CA HIS B 595 11.10 38.56 4.45
C HIS B 595 10.16 39.27 5.42
N THR B 596 9.92 40.52 5.15
CA THR B 596 9.40 41.44 6.12
C THR B 596 7.89 41.13 6.47
N GLY B 597 7.09 40.77 5.47
CA GLY B 597 5.69 40.44 5.67
C GLY B 597 5.48 39.06 6.27
N GLU B 598 6.54 38.23 6.33
CA GLU B 598 6.46 36.84 6.85
C GLU B 598 7.16 36.70 8.19
N VAL B 599 8.44 37.01 8.24
CA VAL B 599 9.26 36.76 9.41
C VAL B 599 9.05 37.85 10.47
N ASP B 600 8.77 39.07 10.03
CA ASP B 600 8.76 40.22 10.93
C ASP B 600 7.34 40.53 11.42
N VAL B 601 6.38 39.65 11.10
CA VAL B 601 5.00 39.79 11.58
C VAL B 601 4.50 38.47 12.20
N TYR B 602 3.59 38.58 13.16
CA TYR B 602 2.91 37.43 13.76
C TYR B 602 1.59 37.09 13.04
N HIS B 603 1.39 35.80 12.80
CA HIS B 603 0.26 35.26 12.00
C HIS B 603 -0.78 34.45 12.78
N ILE B 604 -0.47 34.13 14.05
CA ILE B 604 -1.42 33.52 15.00
C ILE B 604 -1.26 34.15 16.37
N GLY B 605 -2.15 33.78 17.26
CA GLY B 605 -2.03 34.16 18.68
C GLY B 605 -2.68 35.49 18.95
N ASP B 606 -2.41 36.01 20.14
CA ASP B 606 -3.04 37.24 20.65
C ASP B 606 -2.60 38.46 19.90
N TRP B 607 -1.37 38.43 19.38
CA TRP B 607 -0.78 39.51 18.61
C TRP B 607 -0.79 39.21 17.11
N LYS B 608 -1.70 38.35 16.65
CA LYS B 608 -1.92 38.16 15.21
C LYS B 608 -2.23 39.48 14.53
N GLY B 609 -1.43 39.80 13.52
CA GLY B 609 -1.63 41.01 12.72
C GLY B 609 -0.76 42.19 13.08
N LEU B 610 -0.07 42.09 14.23
CA LEU B 610 1.05 42.95 14.59
C LEU B 610 2.39 42.41 14.06
N GLY B 611 3.32 43.33 13.85
CA GLY B 611 4.69 43.00 13.51
C GLY B 611 5.64 43.54 14.55
N THR B 612 6.93 43.25 14.41
CA THR B 612 7.89 43.59 15.48
C THR B 612 8.91 44.66 15.07
N ARG B 613 9.02 45.66 15.93
CA ARG B 613 9.99 46.73 15.79
C ARG B 613 11.40 46.17 15.68
N HIS B 614 12.14 46.76 14.74
CA HIS B 614 13.58 46.57 14.53
C HIS B 614 14.42 46.26 15.79
N GLY B 615 15.23 45.20 15.63
CA GLY B 615 16.09 44.73 16.69
C GLY B 615 17.01 43.59 16.32
N VAL B 616 17.74 43.12 17.32
CA VAL B 616 18.83 42.15 17.18
C VAL B 616 18.35 40.81 16.70
N GLN B 617 17.19 40.40 17.16
CA GLN B 617 16.44 39.36 16.46
C GLN B 617 15.30 40.04 15.73
N HIS B 618 14.70 39.31 14.81
CA HIS B 618 13.56 39.82 14.09
C HIS B 618 12.29 39.87 14.95
N TRP B 619 12.29 39.28 16.17
CA TRP B 619 11.13 39.25 17.11
C TRP B 619 11.52 39.71 18.55
N SER B 620 12.70 40.29 18.73
CA SER B 620 13.21 40.56 20.08
C SER B 620 12.52 41.71 20.81
N ASP B 621 12.10 42.73 20.07
CA ASP B 621 11.61 43.98 20.69
C ASP B 621 10.15 43.88 21.10
N SER B 622 9.79 44.60 22.15
CA SER B 622 8.44 44.59 22.75
C SER B 622 7.43 45.51 22.08
N ALA B 623 7.87 46.45 21.27
CA ALA B 623 6.94 47.23 20.45
C ALA B 623 6.34 46.34 19.36
N LYS B 624 5.23 45.67 19.68
CA LYS B 624 4.46 44.94 18.69
C LYS B 624 3.41 45.90 18.10
N GLN B 625 3.52 46.21 16.82
CA GLN B 625 2.74 47.30 16.24
C GLN B 625 2.31 46.99 14.84
N ALA B 626 1.29 47.70 14.39
CA ALA B 626 0.78 47.55 13.03
C ALA B 626 1.56 48.28 11.95
N ARG B 627 2.48 49.14 12.32
CA ARG B 627 3.31 49.88 11.34
C ARG B 627 4.39 48.96 10.71
N ILE B 628 4.68 47.85 11.36
CA ILE B 628 5.55 46.84 10.79
C ILE B 628 4.75 45.99 9.78
N SER B 629 3.57 45.53 10.19
CA SER B 629 2.79 44.60 9.35
C SER B 629 2.12 45.31 8.20
N GLN B 630 1.84 46.59 8.43
CA GLN B 630 1.38 47.58 7.44
C GLN B 630 1.15 47.01 6.02
N PRO B 631 -0.08 46.57 5.73
CA PRO B 631 -0.39 45.91 4.43
C PRO B 631 -0.08 46.71 3.17
N GLN B 632 0.08 48.02 3.32
CA GLN B 632 0.50 48.90 2.22
C GLN B 632 1.85 48.52 1.68
N TYR B 633 2.72 48.00 2.54
CA TYR B 633 4.04 47.53 2.11
C TYR B 633 3.97 46.33 1.16
N ARG B 634 2.86 45.60 1.16
CA ARG B 634 2.69 44.42 0.29
C ARG B 634 1.74 44.62 -0.87
N LYS B 635 1.16 45.81 -1.00
CA LYS B 635 0.11 46.01 -1.97
C LYS B 635 0.67 45.98 -3.39
N TYR B 636 1.74 46.72 -3.58
CA TYR B 636 2.39 46.81 -4.88
C TYR B 636 2.77 45.44 -5.38
N PHE B 637 3.44 44.64 -4.54
CA PHE B 637 3.76 43.25 -4.94
C PHE B 637 2.53 42.40 -5.15
N PHE B 638 1.54 42.54 -4.27
CA PHE B 638 0.34 41.74 -4.45
C PHE B 638 -0.25 41.91 -5.87
N TYR B 639 -0.32 43.13 -6.33
CA TYR B 639 -0.84 43.32 -7.66
C TYR B 639 0.17 43.03 -8.77
N LEU B 640 1.39 43.51 -8.67
CA LEU B 640 2.35 43.39 -9.79
C LEU B 640 2.67 41.95 -10.19
N SER B 641 2.57 41.04 -9.22
CA SER B 641 2.77 39.59 -9.38
C SER B 641 1.50 38.81 -9.80
N GLY B 642 0.40 39.50 -10.02
CA GLY B 642 -0.82 38.83 -10.36
C GLY B 642 -1.51 38.11 -9.22
N GLY B 643 -1.55 38.76 -8.08
CA GLY B 643 -2.39 38.29 -6.98
C GLY B 643 -1.72 37.14 -6.27
N ASP B 644 -0.41 37.24 -6.08
CA ASP B 644 0.33 36.18 -5.40
C ASP B 644 -0.49 35.69 -4.20
N GLU B 645 -0.86 34.42 -4.23
CA GLU B 645 -1.88 33.87 -3.35
C GLU B 645 -1.43 33.75 -1.91
N ARG B 646 -0.13 33.57 -1.64
CA ARG B 646 0.36 33.60 -0.27
C ARG B 646 0.21 34.98 0.34
N VAL B 647 0.66 36.02 -0.36
CA VAL B 647 0.54 37.42 0.12
C VAL B 647 -0.92 37.78 0.21
N GLY B 648 -1.69 37.46 -0.84
CA GLY B 648 -3.16 37.53 -0.77
C GLY B 648 -3.67 37.08 0.61
N GLU B 649 -3.26 35.88 1.01
CA GLU B 649 -3.62 35.29 2.30
C GLU B 649 -3.08 36.07 3.52
N LEU B 650 -1.83 36.51 3.45
CA LEU B 650 -1.25 37.36 4.49
C LEU B 650 -2.06 38.63 4.69
N LEU B 651 -2.47 39.25 3.59
CA LEU B 651 -3.28 40.45 3.66
C LEU B 651 -4.61 40.23 4.40
N GLU B 652 -5.27 39.13 4.12
CA GLU B 652 -6.47 38.78 4.90
C GLU B 652 -6.18 38.57 6.42
N GLU B 653 -5.04 37.97 6.78
CA GLU B 653 -4.73 37.79 8.20
C GLU B 653 -4.79 39.11 8.97
N LEU B 654 -4.34 40.19 8.33
CA LEU B 654 -4.25 41.55 8.90
C LEU B 654 -5.60 42.25 9.16
N LEU B 655 -6.68 41.71 8.61
CA LEU B 655 -8.04 42.19 8.91
C LEU B 655 -8.47 42.00 10.38
N ASP B 656 -7.79 41.13 11.11
CA ASP B 656 -7.94 40.97 12.57
C ASP B 656 -6.95 41.84 13.40
N THR B 657 -6.29 42.79 12.75
CA THR B 657 -5.30 43.64 13.43
C THR B 657 -6.00 44.50 14.49
N ASP B 658 -7.21 44.99 14.19
CA ASP B 658 -7.95 45.82 15.17
C ASP B 658 -8.24 45.15 16.53
N LYS B 659 -8.45 43.85 16.52
CA LYS B 659 -8.71 43.12 17.75
C LYS B 659 -7.55 43.15 18.72
N THR B 660 -6.32 43.36 18.22
CA THR B 660 -5.14 43.37 19.10
C THR B 660 -5.15 44.52 20.15
N TYR B 661 -5.85 45.61 19.83
CA TYR B 661 -5.88 46.79 20.70
C TYR B 661 -6.66 46.48 22.01
N GLY B 662 -7.52 45.48 21.96
CA GLY B 662 -8.08 44.84 23.19
C GLY B 662 -7.08 44.07 24.04
N GLU B 663 -6.17 43.31 23.41
CA GLU B 663 -5.11 42.54 24.13
C GLU B 663 -3.85 43.34 24.51
N LEU B 664 -3.51 44.37 23.71
CA LEU B 664 -2.25 45.09 23.86
C LEU B 664 -2.26 46.57 23.45
N ASP B 665 -1.82 47.46 24.35
CA ASP B 665 -1.61 48.87 24.00
C ASP B 665 -0.16 49.14 23.53
N PRO B 666 0.01 49.63 22.29
CA PRO B 666 1.37 50.06 21.89
C PRO B 666 1.97 51.17 22.78
N GLN B 667 1.06 51.97 23.37
CA GLN B 667 1.39 53.14 24.21
C GLN B 667 1.50 52.88 25.69
N ARG B 668 1.22 51.67 26.13
CA ARG B 668 1.17 51.32 27.54
C ARG B 668 2.26 51.93 28.43
N LYS B 669 3.48 52.06 27.92
CA LYS B 669 4.60 52.49 28.78
C LYS B 669 4.77 54.01 28.86
N VAL B 670 4.06 54.74 28.01
CA VAL B 670 4.30 56.18 27.82
C VAL B 670 3.08 57.13 27.85
N ARG B 671 1.87 56.64 27.58
CA ARG B 671 0.67 57.46 27.76
C ARG B 671 0.58 57.91 29.21
N THR B 672 0.12 59.15 29.38
CA THR B 672 0.02 59.82 30.68
C THR B 672 -1.42 59.92 31.19
N ASP B 673 -2.39 59.40 30.41
CA ASP B 673 -3.82 59.52 30.73
C ASP B 673 -4.36 58.38 31.61
N GLY B 674 -3.49 57.50 32.11
CA GLY B 674 -3.90 56.43 33.02
C GLY B 674 -4.83 55.35 32.43
N TRP B 675 -5.10 55.41 31.11
CA TRP B 675 -5.98 54.45 30.43
C TRP B 675 -5.27 53.07 30.26
N GLU B 676 -6.07 51.99 30.33
CA GLU B 676 -5.67 50.59 30.12
C GLU B 676 -6.84 49.88 29.45
N PRO B 677 -6.57 48.83 28.64
CA PRO B 677 -7.73 48.16 28.05
C PRO B 677 -8.43 47.30 29.08
N SER B 678 -9.74 47.16 28.92
CA SER B 678 -10.52 46.31 29.78
C SER B 678 -11.55 45.63 28.88
N PRO B 679 -12.06 44.46 29.32
CA PRO B 679 -13.05 43.71 28.57
C PRO B 679 -14.26 44.52 28.13
N ASN B 680 -14.65 44.31 26.87
CA ASN B 680 -15.89 44.88 26.28
C ASN B 680 -15.95 46.42 26.29
N SER B 681 -14.77 47.05 26.31
CA SER B 681 -14.64 48.50 26.26
C SER B 681 -14.08 48.94 24.90
N THR B 682 -14.02 50.24 24.75
CA THR B 682 -13.41 50.86 23.60
C THR B 682 -11.89 50.65 23.73
N VAL B 683 -11.19 50.64 22.61
CA VAL B 683 -9.77 50.34 22.60
C VAL B 683 -8.99 51.53 22.07
N SER B 684 -7.74 51.69 22.53
CA SER B 684 -6.98 52.87 22.12
C SER B 684 -6.00 52.56 21.02
N PHE B 685 -6.08 53.33 19.94
CA PHE B 685 -5.05 53.33 18.94
C PHE B 685 -4.72 54.67 18.34
N GLY B 686 -3.52 54.73 17.78
CA GLY B 686 -2.97 55.96 17.18
C GLY B 686 -3.58 56.26 15.84
N LEU B 687 -3.65 57.54 15.49
CA LEU B 687 -4.23 57.97 14.22
C LEU B 687 -3.22 58.02 13.09
N GLY B 688 -1.93 57.85 13.40
CA GLY B 688 -0.90 57.91 12.40
C GLY B 688 -0.31 56.55 12.15
N THR B 689 0.56 56.11 13.03
CA THR B 689 1.19 54.83 12.86
C THR B 689 0.12 53.73 12.75
N ASP B 690 -0.59 53.48 13.85
CA ASP B 690 -1.57 52.37 13.95
C ASP B 690 -2.64 52.47 12.86
N TRP B 691 -3.49 53.50 12.89
CA TRP B 691 -4.54 53.70 11.86
C TRP B 691 -4.06 53.57 10.39
N SER B 692 -2.85 54.05 10.07
CA SER B 692 -2.34 53.87 8.70
C SER B 692 -2.25 52.37 8.36
N GLY B 693 -1.86 51.56 9.34
CA GLY B 693 -1.87 50.11 9.14
C GLY B 693 -3.29 49.60 8.92
N LEU B 694 -4.19 49.94 9.84
CA LEU B 694 -5.56 49.46 9.74
C LEU B 694 -6.22 49.81 8.42
N ALA B 695 -6.06 51.06 8.01
CA ALA B 695 -6.75 51.62 6.83
C ALA B 695 -6.29 50.97 5.57
N ALA B 696 -5.02 50.65 5.52
CA ALA B 696 -4.44 49.97 4.38
C ALA B 696 -5.02 48.58 4.21
N GLY B 697 -5.10 47.86 5.32
CA GLY B 697 -5.70 46.52 5.36
C GLY B 697 -7.12 46.53 4.83
N TRP B 698 -7.87 47.51 5.32
CA TRP B 698 -9.27 47.63 5.00
C TRP B 698 -9.47 48.03 3.57
N LEU B 699 -8.70 49.01 3.13
CA LEU B 699 -8.85 49.49 1.76
C LEU B 699 -8.55 48.37 0.76
N ILE B 700 -7.53 47.57 1.04
CA ILE B 700 -7.13 46.50 0.13
C ILE B 700 -8.19 45.43 0.05
N GLU B 701 -8.80 45.07 1.21
CA GLU B 701 -9.87 44.06 1.25
C GLU B 701 -11.09 44.54 0.48
N TRP B 702 -11.43 45.81 0.68
CA TRP B 702 -12.44 46.48 -0.14
C TRP B 702 -12.09 46.38 -1.65
N GLU B 703 -10.88 46.79 -2.08
CA GLU B 703 -10.44 46.64 -3.49
C GLU B 703 -10.56 45.21 -4.02
N ARG B 704 -10.30 44.26 -3.14
CA ARG B 704 -10.37 42.86 -3.51
C ARG B 704 -11.75 42.29 -3.62
N ARG B 705 -12.74 42.98 -3.03
CA ARG B 705 -14.07 42.42 -2.86
C ARG B 705 -14.01 41.00 -2.26
N GLY B 706 -13.21 40.83 -1.22
CA GLY B 706 -13.07 39.57 -0.54
C GLY B 706 -14.17 39.34 0.52
N PRO B 707 -14.10 38.17 1.19
CA PRO B 707 -15.13 37.70 2.16
C PRO B 707 -15.61 38.77 3.16
N ARG B 708 -14.71 39.70 3.52
CA ARG B 708 -15.00 40.70 4.55
C ARG B 708 -14.92 42.09 3.95
N TRP B 709 -15.22 42.25 2.66
CA TRP B 709 -15.16 43.59 2.06
C TRP B 709 -16.16 44.59 2.59
N GLU B 710 -17.40 44.17 2.86
CA GLU B 710 -18.40 45.10 3.40
C GLU B 710 -17.96 45.62 4.79
N GLU B 711 -17.43 44.72 5.61
CA GLU B 711 -16.85 45.09 6.90
C GLU B 711 -15.71 46.12 6.75
N ALA B 712 -14.74 45.77 5.90
CA ALA B 712 -13.60 46.63 5.65
C ALA B 712 -14.05 47.99 5.14
N LYS B 713 -15.03 48.02 4.27
CA LYS B 713 -15.52 49.29 3.78
C LYS B 713 -16.05 50.13 4.92
N THR B 714 -16.84 49.51 5.79
CA THR B 714 -17.47 50.21 6.90
C THR B 714 -16.44 50.73 7.89
N LYS B 715 -15.48 49.90 8.29
CA LYS B 715 -14.46 50.38 9.25
C LYS B 715 -13.60 51.56 8.71
N LEU B 716 -13.29 51.55 7.41
CA LEU B 716 -12.57 52.65 6.77
C LEU B 716 -13.43 53.89 6.73
N THR B 717 -14.66 53.76 6.22
CA THR B 717 -15.53 54.90 6.15
C THR B 717 -15.76 55.47 7.55
N ASN B 718 -16.07 54.62 8.52
CA ASN B 718 -16.44 55.07 9.85
C ASN B 718 -15.31 55.74 10.57
N THR B 719 -14.10 55.19 10.40
CA THR B 719 -12.93 55.77 11.05
C THR B 719 -12.40 57.01 10.33
N ILE B 720 -12.51 57.07 9.03
CA ILE B 720 -12.27 58.33 8.33
C ILE B 720 -13.23 59.40 8.90
N ALA B 721 -14.51 59.05 8.92
CA ALA B 721 -15.56 59.92 9.41
C ALA B 721 -15.31 60.34 10.84
N GLY B 722 -14.86 59.37 11.64
CA GLY B 722 -14.51 59.60 13.04
C GLY B 722 -13.38 60.60 13.20
N ILE B 723 -12.32 60.46 12.41
CA ILE B 723 -11.18 61.38 12.47
C ILE B 723 -11.63 62.77 12.08
N ALA B 724 -12.47 62.87 11.05
CA ALA B 724 -13.04 64.18 10.64
C ALA B 724 -13.79 64.86 11.77
N ASN B 725 -14.46 64.09 12.62
CA ASN B 725 -15.30 64.65 13.68
C ASN B 725 -14.52 65.03 14.91
N LEU B 726 -13.25 64.63 14.97
CA LEU B 726 -12.33 65.12 16.02
C LEU B 726 -12.04 66.60 15.77
N THR B 727 -12.05 67.38 16.86
CA THR B 727 -11.88 68.84 16.76
C THR B 727 -10.54 69.17 16.12
N ASN B 728 -9.50 68.44 16.48
CA ASN B 728 -8.18 68.69 15.94
C ASN B 728 -7.74 67.67 14.91
N GLY B 729 -8.69 66.90 14.38
CA GLY B 729 -8.46 65.89 13.35
C GLY B 729 -7.28 65.01 13.69
N PHE B 730 -6.30 64.96 12.77
CA PHE B 730 -5.13 64.12 12.96
C PHE B 730 -4.18 64.61 14.06
N VAL B 731 -4.23 65.89 14.38
CA VAL B 731 -3.41 66.46 15.47
C VAL B 731 -3.80 65.87 16.85
N THR B 732 -5.03 65.35 16.96
CA THR B 732 -5.48 64.59 18.12
C THR B 732 -4.49 63.50 18.57
N GLY B 733 -3.86 62.80 17.63
CA GLY B 733 -2.88 61.76 17.95
C GLY B 733 -3.50 60.37 18.07
N SER B 734 -4.58 60.26 18.82
CA SER B 734 -5.13 58.96 19.13
C SER B 734 -6.61 59.07 19.37
N GLY B 735 -7.23 57.90 19.37
CA GLY B 735 -8.67 57.80 19.51
C GLY B 735 -9.00 56.58 20.30
N LEU B 736 -10.30 56.33 20.37
CA LEU B 736 -10.92 55.18 21.04
C LEU B 736 -11.91 54.62 20.04
N TYR B 737 -11.75 53.33 19.78
CA TYR B 737 -12.47 52.61 18.74
C TYR B 737 -13.45 51.63 19.41
N ASP B 738 -14.69 51.63 18.93
CA ASP B 738 -15.69 50.66 19.38
C ASP B 738 -15.57 49.37 18.54
N PRO B 739 -15.31 48.23 19.18
CA PRO B 739 -15.18 46.99 18.42
C PRO B 739 -16.51 46.37 17.97
N VAL B 740 -17.66 46.88 18.41
CA VAL B 740 -18.95 46.35 17.95
C VAL B 740 -19.65 47.33 16.99
N THR B 741 -19.60 48.61 17.28
CA THR B 741 -20.18 49.59 16.39
C THR B 741 -19.24 49.93 15.24
N TRP B 742 -17.93 49.68 15.43
CA TRP B 742 -16.91 50.03 14.45
C TRP B 742 -16.85 51.56 14.21
N THR B 743 -16.89 52.33 15.30
CA THR B 743 -16.83 53.80 15.26
C THR B 743 -15.56 54.28 16.00
N LEU B 744 -15.18 55.54 15.78
CA LEU B 744 -13.95 56.13 16.39
C LEU B 744 -14.26 57.45 17.03
N GLY B 745 -13.97 57.56 18.32
CA GLY B 745 -14.19 58.81 19.07
C GLY B 745 -12.93 59.33 19.75
N PRO B 746 -13.04 60.48 20.41
CA PRO B 746 -11.86 61.12 20.98
C PRO B 746 -11.15 60.27 22.01
N PRO B 747 -9.89 60.59 22.33
CA PRO B 747 -9.06 59.77 23.24
C PRO B 747 -9.54 59.92 24.67
N PRO B 748 -8.92 59.20 25.65
CA PRO B 748 -9.47 59.15 27.04
C PRO B 748 -9.49 60.48 27.77
N SER B 749 -8.42 61.26 27.60
CA SER B 749 -8.32 62.60 28.21
C SER B 749 -9.30 63.66 27.65
N ASP B 750 -10.04 63.41 26.57
CA ASP B 750 -10.86 64.43 25.91
C ASP B 750 -12.24 63.88 25.47
N PRO B 751 -13.01 63.29 26.42
CA PRO B 751 -14.36 62.76 26.11
C PRO B 751 -15.34 63.78 25.51
N GLY B 752 -15.19 65.04 25.89
CA GLY B 752 -16.02 66.11 25.33
C GLY B 752 -15.71 66.54 23.90
N ASN B 753 -14.60 66.03 23.34
CA ASN B 753 -14.09 66.44 22.04
C ASN B 753 -13.92 67.96 21.98
N ARG B 754 -13.34 68.51 23.06
CA ARG B 754 -13.10 69.94 23.22
C ARG B 754 -11.76 70.31 22.52
N GLY B 755 -11.00 69.28 22.10
CA GLY B 755 -9.76 69.45 21.36
C GLY B 755 -8.60 68.87 22.17
N ASN B 756 -7.65 68.26 21.49
CA ASN B 756 -6.50 67.63 22.12
C ASN B 756 -5.33 67.73 21.17
N VAL B 757 -4.11 67.76 21.70
CA VAL B 757 -2.93 67.88 20.85
C VAL B 757 -1.76 66.95 21.25
N SER B 758 -1.47 66.00 20.36
CA SER B 758 -0.42 65.02 20.56
C SER B 758 0.25 64.72 19.20
N ILE B 759 1.45 65.25 19.01
CA ILE B 759 2.19 65.11 17.77
C ILE B 759 3.30 64.09 17.92
N SER B 760 3.45 63.23 16.92
CA SER B 760 4.63 62.39 16.77
C SER B 760 5.26 62.57 15.39
N HIS B 761 6.60 62.67 15.38
CA HIS B 761 7.36 62.63 14.15
C HIS B 761 7.16 61.33 13.36
N LEU B 762 6.71 60.26 14.04
CA LEU B 762 6.50 58.94 13.44
C LEU B 762 5.18 58.79 12.74
N ASN B 763 4.18 59.56 13.14
CA ASN B 763 2.81 59.40 12.58
C ASN B 763 2.66 59.33 11.07
N ALA B 764 3.44 60.08 10.31
CA ALA B 764 3.25 60.09 8.84
C ALA B 764 4.22 59.22 8.03
N VAL B 765 5.19 58.59 8.68
CA VAL B 765 6.31 57.97 7.93
C VAL B 765 6.20 56.43 7.75
N PHE B 766 5.00 55.88 7.93
CA PHE B 766 4.76 54.43 7.87
C PHE B 766 3.52 54.11 7.01
N GLY B 767 3.32 54.90 5.95
CA GLY B 767 2.31 54.62 4.97
C GLY B 767 1.17 55.61 4.94
N LEU B 768 1.13 56.53 5.91
CA LEU B 768 -0.03 57.42 6.09
C LEU B 768 -0.40 58.25 4.86
N PRO B 769 0.50 59.10 4.32
CA PRO B 769 0.04 59.88 3.15
C PRO B 769 -0.31 59.01 1.95
N GLU B 770 0.32 57.85 1.84
CA GLU B 770 0.03 56.96 0.73
C GLU B 770 -1.39 56.34 0.85
N VAL B 771 -1.68 55.81 2.04
CA VAL B 771 -3.00 55.21 2.36
C VAL B 771 -4.11 56.23 2.25
N VAL B 772 -3.91 57.36 2.90
CA VAL B 772 -4.86 58.46 2.88
C VAL B 772 -5.20 58.90 1.43
N SER B 773 -4.21 59.16 0.58
CA SER B 773 -4.55 59.60 -0.77
C SER B 773 -5.28 58.49 -1.49
N GLU B 774 -4.76 57.27 -1.49
CA GLU B 774 -5.49 56.13 -2.14
C GLU B 774 -6.98 56.06 -1.72
N ALA B 775 -7.24 56.33 -0.44
CA ALA B 775 -8.55 56.24 0.18
C ALA B 775 -9.44 57.39 -0.18
N ILE B 776 -8.91 58.60 -0.13
CA ILE B 776 -9.63 59.77 -0.65
C ILE B 776 -10.16 59.53 -2.09
N ALA B 777 -9.28 59.02 -2.96
CA ALA B 777 -9.64 58.73 -4.35
C ALA B 777 -10.64 57.57 -4.42
N TYR B 778 -10.47 56.53 -3.59
CA TYR B 778 -11.39 55.39 -3.58
C TYR B 778 -12.76 55.83 -3.14
N LEU B 779 -12.80 56.49 -1.98
CA LEU B 779 -14.05 57.06 -1.44
C LEU B 779 -14.75 58.08 -2.31
N ALA B 780 -14.03 58.80 -3.16
CA ALA B 780 -14.65 59.71 -4.14
C ALA B 780 -15.72 60.66 -3.49
N ASP B 781 -16.97 60.64 -3.98
CA ASP B 781 -18.09 61.46 -3.46
C ASP B 781 -18.74 60.99 -2.19
N ASP B 782 -18.28 59.90 -1.60
CA ASP B 782 -18.83 59.41 -0.36
C ASP B 782 -17.86 59.68 0.78
N ILE B 783 -17.02 60.67 0.61
CA ILE B 783 -15.92 60.96 1.52
C ILE B 783 -16.55 61.68 2.71
N PRO B 784 -16.39 61.17 3.92
CA PRO B 784 -17.08 61.89 5.00
C PRO B 784 -16.65 63.36 5.05
N LYS B 785 -17.59 64.28 5.35
CA LYS B 785 -17.34 65.75 5.22
C LYS B 785 -16.20 66.21 6.12
N GLY B 786 -15.31 67.06 5.60
CA GLY B 786 -14.21 67.64 6.40
C GLY B 786 -12.99 66.78 6.80
N PHE B 787 -12.86 65.60 6.16
CA PHE B 787 -11.68 64.75 6.31
C PHE B 787 -10.52 65.25 5.46
N LYS B 788 -10.80 65.42 4.17
CA LYS B 788 -9.89 66.10 3.23
C LYS B 788 -9.23 67.40 3.78
N GLN B 789 -10.00 68.19 4.54
CA GLN B 789 -9.47 69.36 5.24
C GLN B 789 -8.62 68.98 6.41
N ALA B 790 -9.04 68.01 7.20
CA ALA B 790 -8.21 67.53 8.34
C ALA B 790 -6.83 67.07 7.91
N TRP B 791 -6.78 66.46 6.71
CA TRP B 791 -5.52 65.87 6.16
C TRP B 791 -4.58 67.02 5.75
N LEU B 792 -5.10 67.93 4.94
CA LEU B 792 -4.42 69.17 4.59
C LEU B 792 -3.98 69.92 5.84
N ASP B 793 -4.85 69.96 6.86
CA ASP B 793 -4.50 70.63 8.10
C ASP B 793 -3.19 70.03 8.61
N TYR B 794 -3.14 68.69 8.72
CA TYR B 794 -1.93 68.04 9.26
C TYR B 794 -0.71 68.31 8.38
N CYS B 795 -0.91 68.23 7.06
CA CYS B 795 0.20 68.40 6.11
C CYS B 795 0.79 69.79 6.17
N TYR B 796 -0.05 70.78 6.43
CA TYR B 796 0.35 72.15 6.42
C TYR B 796 0.87 72.60 7.78
N TYR B 797 0.23 72.23 8.87
CA TYR B 797 0.66 72.81 10.14
C TYR B 797 1.95 72.18 10.64
N TYR B 798 2.29 70.98 10.16
CA TYR B 798 3.43 70.22 10.70
C TYR B 798 4.71 71.04 10.77
N HIS B 799 5.00 71.76 9.67
CA HIS B 799 6.11 72.69 9.62
C HIS B 799 5.70 74.05 9.08
N ALA B 800 4.58 74.55 9.58
CA ALA B 800 4.33 75.98 9.56
C ALA B 800 5.02 76.57 10.82
N SER B 801 4.86 77.85 11.06
CA SER B 801 5.51 78.46 12.23
C SER B 801 4.88 77.98 13.57
N ALA B 802 5.65 78.14 14.64
CA ALA B 802 5.16 77.93 16.00
C ALA B 802 3.87 78.72 16.29
N SER B 803 3.82 79.97 15.82
CA SER B 803 2.65 80.80 15.97
C SER B 803 1.46 80.28 15.20
N GLU B 804 1.69 79.84 13.96
CA GLU B 804 0.60 79.29 13.15
C GLU B 804 -0.02 78.09 13.88
N GLN B 805 0.83 77.20 14.36
CA GLN B 805 0.36 76.05 15.12
C GLN B 805 -0.48 76.55 16.33
N LYS B 806 0.13 77.33 17.24
CA LYS B 806 -0.55 77.95 18.44
C LYS B 806 -1.87 78.67 18.10
N ASP B 807 -1.95 79.26 16.91
CA ASP B 807 -3.15 79.98 16.48
C ASP B 807 -4.34 79.02 16.19
N ARG B 808 -4.09 78.01 15.36
CA ARG B 808 -5.08 76.95 14.98
C ARG B 808 -5.34 75.92 16.10
N TYR B 809 -4.33 75.62 16.92
CA TYR B 809 -4.41 74.52 17.90
C TYR B 809 -4.19 74.82 19.40
N GLY B 810 -3.78 76.04 19.77
CA GLY B 810 -3.51 76.42 21.17
C GLY B 810 -2.10 76.18 21.72
N VAL B 811 -1.30 75.34 21.06
CA VAL B 811 0.15 75.21 21.36
C VAL B 811 0.96 74.98 20.07
N SER B 812 2.20 75.46 20.06
CA SER B 812 3.14 75.15 19.01
C SER B 812 3.44 73.68 19.12
N PHE B 813 4.04 73.10 18.08
CA PHE B 813 4.38 71.69 18.08
C PHE B 813 5.78 71.50 18.60
N SER B 814 5.91 70.75 19.68
CA SER B 814 7.18 70.71 20.44
C SER B 814 8.26 69.87 19.72
N LYS B 815 8.13 68.55 19.78
CA LYS B 815 9.15 67.65 19.21
C LYS B 815 8.86 67.26 17.74
N ILE B 816 8.77 68.26 16.85
CA ILE B 816 8.71 68.01 15.40
C ILE B 816 10.09 67.80 14.82
N SER B 817 10.33 66.59 14.31
CA SER B 817 11.55 66.22 13.61
C SER B 817 11.18 65.48 12.32
N LEU B 818 12.20 64.94 11.63
CA LEU B 818 12.04 64.32 10.31
C LEU B 818 11.41 65.29 9.30
N LEU B 819 12.04 66.45 9.17
CA LEU B 819 11.51 67.51 8.30
C LEU B 819 11.65 67.19 6.81
N GLN B 820 12.78 66.60 6.43
CA GLN B 820 13.00 66.10 5.09
C GLN B 820 11.94 65.06 4.77
N ALA B 821 11.83 64.05 5.64
CA ALA B 821 10.78 63.03 5.50
C ALA B 821 9.40 63.64 5.33
N HIS B 822 9.10 64.68 6.09
CA HIS B 822 7.77 65.30 6.02
C HIS B 822 7.58 66.32 4.88
N SER B 823 8.65 66.68 4.18
CA SER B 823 8.51 67.57 3.05
C SER B 823 7.49 67.10 2.02
N ARG B 824 7.47 65.81 1.73
CA ARG B 824 6.41 65.27 0.89
C ARG B 824 4.96 65.53 1.32
N LEU B 825 4.69 65.76 2.60
CA LEU B 825 3.35 66.12 3.01
C LEU B 825 3.02 67.53 2.51
N ALA B 826 3.99 68.43 2.70
CA ALA B 826 3.88 69.79 2.16
C ALA B 826 3.73 69.84 0.62
N ALA B 827 4.42 68.93 -0.07
CA ALA B 827 4.28 68.78 -1.50
C ALA B 827 2.91 68.36 -1.94
N TYR B 828 2.32 67.38 -1.24
CA TYR B 828 0.94 66.92 -1.49
C TYR B 828 -0.02 68.08 -1.27
N ALA B 829 0.07 68.76 -0.14
CA ALA B 829 -0.86 69.86 0.09
C ALA B 829 -0.59 71.02 -0.88
N ALA B 830 0.66 71.17 -1.33
CA ALA B 830 0.99 72.16 -2.37
C ALA B 830 0.30 71.83 -3.69
N TYR B 831 0.29 70.56 -4.06
CA TYR B 831 -0.43 70.11 -5.27
C TYR B 831 -1.94 70.24 -5.17
N GLU B 832 -2.51 70.04 -3.99
CA GLU B 832 -3.95 70.00 -3.85
C GLU B 832 -4.55 71.41 -3.70
N THR B 833 -3.79 72.33 -3.12
CA THR B 833 -4.19 73.75 -3.02
C THR B 833 -3.63 74.67 -4.10
N LYS B 834 -2.83 74.14 -5.03
CA LYS B 834 -2.23 74.92 -6.16
C LYS B 834 -1.42 76.12 -5.61
N ASN B 835 -0.69 75.91 -4.53
CA ASN B 835 0.01 76.98 -3.82
C ASN B 835 1.50 76.78 -4.00
N LYS B 836 2.03 77.53 -4.95
CA LYS B 836 3.45 77.72 -5.17
C LYS B 836 4.32 77.93 -3.93
N THR B 837 3.90 78.81 -3.02
CA THR B 837 4.72 79.18 -1.87
C THR B 837 4.91 77.94 -0.99
N LEU B 838 3.85 77.16 -0.85
CA LEU B 838 3.89 75.90 -0.10
C LEU B 838 4.79 74.84 -0.76
N ALA B 839 4.73 74.71 -2.07
CA ALA B 839 5.65 73.85 -2.82
C ALA B 839 7.12 74.17 -2.49
N LEU B 840 7.45 75.46 -2.42
CA LEU B 840 8.81 75.88 -2.11
C LEU B 840 9.23 75.47 -0.70
N ARG B 841 8.29 75.45 0.24
CA ARG B 841 8.53 74.85 1.56
C ARG B 841 8.98 73.42 1.47
N ALA B 842 8.29 72.63 0.68
CA ALA B 842 8.62 71.24 0.52
C ALA B 842 10.05 71.12 0.05
N TRP B 843 10.39 71.78 -1.05
CA TRP B 843 11.79 71.72 -1.53
C TRP B 843 12.78 72.26 -0.53
N LYS B 844 12.46 73.35 0.14
CA LYS B 844 13.36 73.90 1.18
C LYS B 844 13.62 72.84 2.29
N ASP B 845 12.56 72.17 2.75
CA ASP B 845 12.72 71.13 3.77
C ASP B 845 13.47 69.90 3.24
N PHE B 846 13.22 69.57 1.97
CA PHE B 846 13.99 68.53 1.32
C PHE B 846 15.49 68.83 1.29
N TYR B 847 15.91 70.02 0.82
CA TYR B 847 17.34 70.36 0.63
C TYR B 847 18.05 70.98 1.84
N ALA B 848 17.28 71.53 2.76
CA ALA B 848 17.81 72.40 3.79
C ALA B 848 17.19 72.18 5.18
N SER B 849 17.01 70.92 5.59
CA SER B 849 16.72 70.59 6.98
C SER B 849 17.62 69.46 7.51
N ASP B 850 17.09 68.23 7.51
CA ASP B 850 17.75 67.10 8.21
C ASP B 850 17.80 65.92 7.22
N GLY B 851 18.01 64.70 7.69
CA GLY B 851 18.15 63.57 6.80
C GLY B 851 19.44 63.67 6.00
N LEU B 852 19.36 63.45 4.69
CA LEU B 852 20.55 63.57 3.87
C LEU B 852 20.58 64.94 3.17
N LEU B 853 21.50 65.80 3.64
CA LEU B 853 21.72 67.10 3.02
C LEU B 853 22.37 66.93 1.65
N PRO B 854 22.09 67.84 0.69
CA PRO B 854 22.71 67.73 -0.65
C PRO B 854 24.24 67.77 -0.64
N ASP B 855 24.85 68.41 0.36
CA ASP B 855 26.33 68.50 0.55
C ASP B 855 26.93 67.42 1.51
N ALA B 856 26.14 66.39 1.82
CA ALA B 856 26.64 65.20 2.51
C ALA B 856 27.64 64.49 1.62
N PRO B 857 28.40 63.55 2.18
CA PRO B 857 29.50 63.00 1.42
C PRO B 857 29.10 62.32 0.13
N TRP B 858 28.02 61.54 0.13
CA TRP B 858 27.51 60.92 -1.11
C TRP B 858 28.58 60.10 -1.81
N ASN B 859 29.38 59.40 -1.03
CA ASN B 859 30.38 58.50 -1.57
C ASN B 859 30.55 57.33 -0.58
N ILE B 860 31.02 56.21 -1.09
CA ILE B 860 31.33 55.09 -0.22
C ILE B 860 32.81 55.20 0.05
N THR B 861 33.22 54.73 1.23
CA THR B 861 34.62 54.54 1.62
C THR B 861 34.91 53.04 1.76
N HIS B 862 36.06 52.57 1.27
CA HIS B 862 36.44 51.15 1.38
C HIS B 862 37.29 50.91 2.65
N VAL B 863 37.05 49.80 3.34
CA VAL B 863 37.80 49.51 4.54
C VAL B 863 38.33 48.09 4.41
N ASP B 864 39.58 47.89 4.82
CA ASP B 864 40.25 46.59 4.72
C ASP B 864 41.40 46.47 5.74
N GLY B 865 42.24 45.44 5.57
CA GLY B 865 43.26 45.09 6.55
C GLY B 865 42.72 44.68 7.90
N SER B 866 43.53 44.95 8.92
CA SER B 866 43.20 44.58 10.27
C SER B 866 42.07 45.35 10.97
N ASP B 867 41.31 46.22 10.30
CA ASP B 867 40.20 46.92 11.00
C ASP B 867 38.91 46.13 11.01
N VAL B 868 38.83 45.13 10.11
CA VAL B 868 37.60 44.43 9.82
C VAL B 868 37.90 42.96 9.40
N LEU B 869 36.90 42.11 9.55
CA LEU B 869 37.04 40.68 9.26
C LEU B 869 37.29 40.45 7.77
N VAL B 870 36.43 41.08 6.97
CA VAL B 870 36.59 41.10 5.54
C VAL B 870 36.52 42.52 5.01
N PRO B 871 37.04 42.71 3.80
CA PRO B 871 36.88 44.03 3.18
C PRO B 871 35.42 44.36 2.93
N VAL B 872 35.04 45.59 3.29
CA VAL B 872 33.70 46.14 3.13
C VAL B 872 33.69 47.63 2.68
N ASP B 873 32.67 47.99 1.92
CA ASP B 873 32.36 49.36 1.59
C ASP B 873 31.38 49.95 2.63
N GLU B 874 31.57 51.21 3.01
CA GLU B 874 30.72 51.88 4.03
C GLU B 874 30.32 53.28 3.65
N ALA B 875 29.16 53.70 4.18
CA ALA B 875 28.56 55.05 4.01
C ALA B 875 28.16 55.49 5.37
N ALA B 876 29.13 55.66 6.24
CA ALA B 876 28.85 55.89 7.67
C ALA B 876 27.95 57.11 7.90
N TRP B 877 27.90 57.97 6.89
CA TRP B 877 27.14 59.20 6.87
C TRP B 877 25.64 59.00 6.70
N LEU B 878 25.19 57.76 6.46
CA LEU B 878 23.75 57.50 6.41
C LEU B 878 23.36 56.36 7.32
N ALA B 879 22.05 56.26 7.46
CA ALA B 879 21.39 55.15 8.10
C ALA B 879 20.10 54.86 7.31
N THR B 880 19.54 53.66 7.48
CA THR B 880 18.37 53.20 6.72
C THR B 880 17.10 54.10 6.90
N ASN B 881 16.97 54.79 8.01
CA ASN B 881 15.88 55.77 8.19
C ASN B 881 16.05 56.91 7.18
N ASP B 882 17.30 57.35 7.03
CA ASP B 882 17.62 58.49 6.16
C ASP B 882 17.24 58.19 4.72
N ILE B 883 17.71 57.04 4.20
CA ILE B 883 17.54 56.67 2.79
C ILE B 883 16.12 56.31 2.44
N ALA B 884 15.42 55.69 3.36
CA ALA B 884 14.07 55.27 3.09
C ALA B 884 13.24 56.53 2.89
N GLN B 885 13.37 57.49 3.80
CA GLN B 885 12.56 58.69 3.72
C GLN B 885 13.08 59.68 2.67
N TYR B 886 14.40 59.74 2.48
CA TYR B 886 14.98 60.59 1.42
C TYR B 886 14.42 60.21 0.06
N GLY B 887 14.43 58.90 -0.21
CA GLY B 887 13.92 58.35 -1.48
C GLY B 887 12.42 58.54 -1.64
N LEU B 888 11.68 58.44 -0.53
CA LEU B 888 10.26 58.75 -0.59
C LEU B 888 10.08 60.21 -0.89
N ALA B 889 10.82 61.08 -0.20
CA ALA B 889 10.75 62.52 -0.47
C ALA B 889 11.01 62.85 -1.93
N VAL B 890 12.10 62.31 -2.47
CA VAL B 890 12.49 62.58 -3.84
C VAL B 890 11.39 62.17 -4.75
N ILE B 891 10.96 60.93 -4.59
CA ILE B 891 9.93 60.39 -5.46
C ILE B 891 8.67 61.20 -5.33
N GLN B 892 8.28 61.51 -4.11
CA GLN B 892 6.97 62.15 -3.90
C GLN B 892 6.99 63.62 -4.25
N ASN B 893 8.10 64.28 -3.92
CA ASN B 893 8.29 65.66 -4.24
C ASN B 893 8.40 65.92 -5.74
N LEU B 894 8.98 64.99 -6.48
CA LEU B 894 9.01 65.14 -7.93
C LEU B 894 7.62 64.96 -8.46
N ALA B 895 6.83 64.07 -7.87
CA ALA B 895 5.53 63.74 -8.46
C ALA B 895 4.55 64.90 -8.31
N TYR B 896 4.59 65.57 -7.16
CA TYR B 896 3.66 66.65 -6.87
C TYR B 896 4.18 68.05 -7.23
N VAL B 897 5.46 68.32 -7.03
CA VAL B 897 5.94 69.70 -7.07
C VAL B 897 7.21 69.86 -7.88
N SER B 898 7.37 69.05 -8.93
CA SER B 898 8.51 69.21 -9.84
C SER B 898 8.44 70.52 -10.60
N ASP B 899 7.24 70.98 -10.93
CA ASP B 899 7.11 72.28 -11.68
C ASP B 899 7.66 73.50 -10.89
N SER B 900 7.66 73.40 -9.56
CA SER B 900 8.32 74.34 -8.66
C SER B 900 9.85 74.08 -8.37
N LEU B 901 10.50 73.11 -9.01
CA LEU B 901 11.88 72.67 -8.58
C LEU B 901 12.97 73.60 -9.08
N ASP B 902 12.89 73.93 -10.36
CA ASP B 902 13.81 74.92 -10.93
C ASP B 902 13.59 76.28 -10.25
N ASP B 903 12.35 76.52 -9.84
CA ASP B 903 11.96 77.78 -9.20
C ASP B 903 12.73 77.94 -7.90
N TYR B 904 12.74 76.87 -7.10
CA TYR B 904 13.54 76.79 -5.87
C TYR B 904 15.02 76.98 -6.16
N GLN B 905 15.52 76.39 -7.22
CA GLN B 905 16.96 76.43 -7.44
C GLN B 905 17.55 77.83 -7.77
N SER B 906 16.79 78.92 -7.65
CA SER B 906 17.18 80.25 -8.19
C SER B 906 16.78 81.42 -7.30
N PHE C 1 98.35 23.62 16.39
CA PHE C 1 98.35 22.86 15.14
C PHE C 1 97.67 23.69 14.04
N ASN C 2 97.52 23.09 12.88
CA ASN C 2 96.85 23.75 11.77
C ASN C 2 95.39 24.12 12.04
N CYS C 3 94.91 25.09 11.26
CA CYS C 3 93.52 25.53 11.27
C CYS C 3 92.80 25.12 9.97
N THR C 4 91.65 24.50 10.15
CA THR C 4 90.74 24.22 9.05
C THR C 4 89.40 24.95 9.37
N SER C 5 88.97 25.79 8.43
CA SER C 5 87.88 26.73 8.61
C SER C 5 87.24 27.12 7.25
N SER C 6 85.93 27.36 7.31
CA SER C 6 85.12 27.66 6.12
C SER C 6 83.77 28.27 6.54
N SER C 7 83.04 28.73 5.53
CA SER C 7 81.86 29.53 5.72
C SER C 7 80.74 29.02 4.85
N ALA C 8 79.53 29.13 5.38
CA ALA C 8 78.31 28.80 4.67
C ALA C 8 77.20 29.73 5.12
N THR C 9 76.34 30.04 4.18
CA THR C 9 75.47 31.17 4.27
C THR C 9 74.02 30.72 4.10
N VAL C 10 73.13 31.15 5.01
CA VAL C 10 71.71 30.83 4.85
C VAL C 10 70.90 32.06 4.57
N HIS C 11 69.93 31.89 3.66
CA HIS C 11 69.11 32.98 3.15
CA HIS C 11 69.09 32.96 3.12
C HIS C 11 67.67 32.65 3.56
N TRP C 12 66.78 33.66 3.57
CA TRP C 12 65.36 33.40 3.90
C TRP C 12 64.75 32.73 2.73
N LEU C 13 63.94 31.72 2.99
CA LEU C 13 63.18 31.07 1.96
C LEU C 13 62.23 32.15 1.54
N GLY C 14 62.28 32.49 0.26
CA GLY C 14 61.48 33.61 -0.29
C GLY C 14 61.86 34.97 0.27
N ASP C 15 60.82 35.76 0.55
CA ASP C 15 60.95 37.15 1.01
C ASP C 15 61.45 37.23 2.44
N LYS C 16 62.33 38.20 2.70
CA LYS C 16 62.77 38.53 4.04
C LYS C 16 61.53 38.88 4.88
N PRO C 17 61.39 38.28 6.08
CA PRO C 17 60.23 38.56 6.88
C PRO C 17 60.41 39.81 7.70
N THR C 18 59.29 40.39 8.09
CA THR C 18 59.27 41.54 8.94
C THR C 18 59.29 41.08 10.39
N TYR C 19 58.96 39.80 10.65
CA TYR C 19 58.98 39.22 11.99
C TYR C 19 59.40 37.74 11.99
N HIS C 20 60.13 37.34 13.05
CA HIS C 20 60.38 35.92 13.35
C HIS C 20 60.62 35.68 14.85
N ALA C 21 60.25 34.50 15.34
CA ALA C 21 60.14 34.19 16.76
C ALA C 21 61.23 33.20 17.23
N GLY C 22 62.40 33.40 16.65
CA GLY C 22 63.44 32.39 16.56
C GLY C 22 63.26 31.38 15.45
N VAL C 23 64.37 30.94 14.86
CA VAL C 23 64.36 29.81 13.92
C VAL C 23 65.51 28.81 14.14
N THR C 24 65.19 27.55 13.86
CA THR C 24 66.17 26.47 13.70
C THR C 24 66.39 26.21 12.19
N PHE C 25 67.64 26.00 11.80
CA PHE C 25 67.97 25.73 10.41
C PHE C 25 69.10 24.72 10.31
N GLY C 26 69.31 24.19 9.11
CA GLY C 26 70.33 23.19 8.91
C GLY C 26 71.45 23.69 8.02
N LEU C 27 72.55 22.95 8.05
CA LEU C 27 73.71 23.25 7.25
C LEU C 27 74.46 21.95 7.01
N PRO C 28 74.75 21.63 5.75
CA PRO C 28 75.60 20.48 5.43
C PRO C 28 77.11 20.82 5.42
N TRP C 29 77.93 19.79 5.48
CA TRP C 29 79.38 19.92 5.63
C TRP C 29 80.10 18.83 4.85
N PRO C 30 81.27 19.15 4.24
CA PRO C 30 81.86 18.11 3.39
C PRO C 30 82.42 16.98 4.23
N GLN C 31 82.37 15.78 3.66
CA GLN C 31 82.98 14.59 4.25
C GLN C 31 84.43 14.89 4.77
N GLY C 32 84.63 14.61 6.05
CA GLY C 32 85.96 14.62 6.67
C GLY C 32 86.46 15.94 7.19
N LYS C 33 85.66 17.00 7.13
CA LYS C 33 86.20 18.35 7.34
C LYS C 33 86.24 18.78 8.81
N TYR C 34 85.17 18.46 9.55
CA TYR C 34 84.99 18.95 10.92
C TYR C 34 84.62 17.83 11.90
N ARG C 35 85.36 17.70 13.01
CA ARG C 35 85.08 16.71 14.05
C ARG C 35 83.97 17.30 14.92
N PRO C 36 82.89 16.51 15.19
CA PRO C 36 81.90 16.95 16.18
C PRO C 36 82.55 17.16 17.55
N GLN C 37 82.00 18.11 18.31
CA GLN C 37 82.43 18.50 19.66
C GLN C 37 83.70 19.33 19.72
N GLU C 38 84.54 19.29 18.69
CA GLU C 38 85.79 20.08 18.57
C GLU C 38 85.69 21.30 17.66
N THR C 39 84.66 21.32 16.86
CA THR C 39 84.48 22.37 15.91
C THR C 39 83.64 23.45 16.55
N SER C 40 84.07 24.70 16.44
CA SER C 40 83.26 25.82 16.91
C SER C 40 82.64 26.63 15.74
N PHE C 41 81.56 27.34 16.10
CA PHE C 41 80.64 27.97 15.15
C PHE C 41 80.35 29.44 15.53
N SER C 42 80.31 30.31 14.51
CA SER C 42 80.02 31.75 14.69
C SER C 42 79.01 32.20 13.67
N LEU C 43 78.12 33.10 14.11
CA LEU C 43 77.06 33.72 13.28
C LEU C 43 77.45 35.19 12.97
N THR C 44 76.90 35.74 11.88
CA THR C 44 77.23 37.09 11.36
C THR C 44 75.97 37.80 10.77
N SER C 51 79.04 36.86 16.54
CA SER C 51 78.60 36.18 17.78
C SER C 51 78.51 34.59 17.77
N GLU C 52 78.77 33.98 18.92
CA GLU C 52 78.68 32.51 19.14
C GLU C 52 77.26 32.03 18.84
N LEU C 53 77.14 30.78 18.40
CA LEU C 53 75.88 30.24 17.79
C LEU C 53 75.49 28.87 18.36
N GLN C 54 74.23 28.70 18.72
CA GLN C 54 73.72 27.43 19.22
C GLN C 54 73.84 26.40 18.10
N SER C 55 74.61 25.34 18.33
CA SER C 55 74.89 24.37 17.29
C SER C 55 74.82 22.95 17.84
N TRP C 56 74.32 22.05 17.01
CA TRP C 56 74.38 20.64 17.27
C TRP C 56 74.33 19.86 15.98
N ALA C 57 74.69 18.58 16.05
CA ALA C 57 74.87 17.74 14.89
C ALA C 57 73.58 16.97 14.71
N THR C 58 73.12 16.82 13.45
CA THR C 58 71.98 15.98 13.16
C THR C 58 72.37 14.75 12.34
N GLY C 59 73.48 14.84 11.62
CA GLY C 59 73.97 13.71 10.85
C GLY C 59 75.46 13.69 10.75
N TYR C 60 75.99 12.50 10.53
CA TYR C 60 77.42 12.27 10.57
C TYR C 60 77.89 11.54 9.31
N TRP C 61 79.10 11.85 8.82
CA TRP C 61 79.73 11.02 7.77
C TRP C 61 80.21 9.73 8.39
N ALA C 62 80.61 8.78 7.55
CA ALA C 62 81.00 7.44 8.04
C ALA C 62 82.20 7.47 8.99
N ASP C 63 83.16 8.36 8.71
CA ASP C 63 84.31 8.56 9.56
C ASP C 63 84.02 9.38 10.85
N GLY C 64 82.75 9.61 11.18
CA GLY C 64 82.34 10.36 12.35
C GLY C 64 82.41 11.87 12.26
N SER C 65 82.78 12.42 11.10
CA SER C 65 82.80 13.88 10.94
C SER C 65 81.39 14.38 10.58
N LEU C 66 81.22 15.70 10.63
CA LEU C 66 79.90 16.29 10.56
C LEU C 66 79.32 16.26 9.14
N LYS C 67 78.15 15.65 8.98
CA LYS C 67 77.47 15.65 7.71
C LYS C 67 76.43 16.77 7.70
N TRP C 68 75.58 16.82 8.74
CA TRP C 68 74.61 17.89 8.94
C TRP C 68 74.62 18.36 10.39
N THR C 69 74.62 19.68 10.54
CA THR C 69 74.37 20.37 11.80
C THR C 69 73.01 21.06 11.79
N ALA C 70 72.54 21.36 12.99
CA ALA C 70 71.40 22.22 13.19
C ALA C 70 71.88 23.39 14.02
N HIS C 71 71.17 24.50 13.88
CA HIS C 71 71.52 25.78 14.49
C HIS C 71 70.26 26.52 14.87
N ALA C 72 70.29 27.22 16.02
CA ALA C 72 69.18 28.10 16.43
C ALA C 72 69.63 29.52 16.73
N ILE C 73 68.82 30.49 16.26
CA ILE C 73 68.96 31.89 16.69
C ILE C 73 67.72 32.33 17.47
N ALA C 74 67.95 33.18 18.48
CA ALA C 74 66.87 33.77 19.27
C ALA C 74 65.98 34.70 18.44
N GLU C 75 64.79 35.00 18.95
CA GLU C 75 63.98 36.06 18.34
C GLU C 75 64.75 37.38 18.46
N SER C 76 64.72 38.17 17.38
CA SER C 76 65.41 39.45 17.32
C SER C 76 64.67 40.47 16.47
N ASN C 77 64.69 41.74 16.90
CA ASN C 77 64.22 42.88 16.07
C ASN C 77 65.04 43.01 14.79
N GLN C 78 66.35 42.78 14.90
CA GLN C 78 67.26 42.94 13.77
C GLN C 78 67.18 41.67 12.95
N ILE C 79 66.90 41.86 11.66
CA ILE C 79 66.67 40.78 10.70
C ILE C 79 67.50 41.04 9.43
N TYR C 80 68.52 40.20 9.17
CA TYR C 80 69.52 40.43 8.12
C TYR C 80 69.09 39.70 6.87
N ASP C 81 69.73 39.95 5.72
CA ASP C 81 69.35 39.25 4.46
C ASP C 81 69.93 37.85 4.38
N GLN C 82 71.10 37.72 4.96
CA GLN C 82 71.85 36.48 4.97
C GLN C 82 72.54 36.30 6.32
N TYR C 83 72.66 35.04 6.73
CA TYR C 83 73.21 34.68 8.02
C TYR C 83 74.40 33.81 7.74
N THR C 84 75.58 34.25 8.14
CA THR C 84 76.80 33.56 7.72
C THR C 84 77.46 32.80 8.88
N VAL C 85 77.43 31.47 8.79
CA VAL C 85 77.97 30.60 9.81
C VAL C 85 79.41 30.21 9.47
N THR C 86 80.34 30.49 10.39
CA THR C 86 81.72 30.12 10.20
C THR C 86 82.03 28.95 11.12
N ALA C 87 82.69 27.93 10.56
CA ALA C 87 83.07 26.73 11.30
C ALA C 87 84.57 26.72 11.42
N SER C 88 85.06 26.41 12.60
CA SER C 88 86.49 26.44 12.87
C SER C 88 86.86 25.18 13.60
N SER C 89 87.86 24.46 13.09
CA SER C 89 88.51 23.33 13.79
C SER C 89 89.20 23.73 15.12
N LEU C 90 89.86 22.76 15.74
CA LEU C 90 90.43 22.92 17.08
C LEU C 90 91.62 23.87 17.10
N GLY C 91 92.47 23.76 16.09
CA GLY C 91 93.70 24.54 16.06
C GLY C 91 93.51 26.05 15.91
N CYS C 92 92.35 26.46 15.39
CA CYS C 92 92.08 27.84 15.02
C CYS C 92 92.00 28.81 16.23
N VAL C 93 91.97 30.12 15.93
CA VAL C 93 91.99 31.29 16.88
C VAL C 93 93.31 31.32 17.68
N SER C 107 71.39 36.87 25.71
CA SER C 107 70.15 36.41 26.36
C SER C 107 69.92 34.88 26.24
N SER C 108 69.75 34.23 27.40
CA SER C 108 69.55 32.79 27.52
C SER C 108 68.20 32.45 28.15
N ILE C 109 67.63 31.34 27.72
CA ILE C 109 66.48 30.71 28.36
C ILE C 109 66.92 30.20 29.73
N VAL C 110 66.10 30.40 30.75
CA VAL C 110 66.36 29.88 32.09
C VAL C 110 65.32 28.79 32.30
N VAL C 111 65.71 27.55 32.64
CA VAL C 111 64.70 26.54 33.04
C VAL C 111 64.85 26.15 34.53
N THR C 112 63.77 26.21 35.27
CA THR C 112 63.80 25.91 36.68
C THR C 112 62.98 24.64 36.85
N ASP C 113 63.55 23.71 37.63
CA ASP C 113 62.95 22.42 37.94
C ASP C 113 62.43 22.52 39.38
N ASN C 114 61.16 22.15 39.56
CA ASN C 114 60.54 22.01 40.87
C ASN C 114 60.02 20.59 40.96
N SER C 115 59.36 20.27 42.06
CA SER C 115 58.93 18.91 42.29
C SER C 115 57.94 18.43 41.24
N ASP C 116 56.91 19.23 41.04
CA ASP C 116 55.69 18.80 40.33
C ASP C 116 55.60 19.38 38.89
N ALA C 117 56.57 20.25 38.55
CA ALA C 117 56.50 21.05 37.31
C ALA C 117 57.83 21.66 36.88
N LEU C 118 58.01 21.75 35.57
CA LEU C 118 59.21 22.31 34.97
C LEU C 118 58.84 23.70 34.42
N THR C 119 59.70 24.70 34.64
CA THR C 119 59.43 26.04 34.11
C THR C 119 60.47 26.51 33.09
N VAL C 120 60.03 26.87 31.89
CA VAL C 120 60.91 27.49 30.87
C VAL C 120 60.62 29.01 30.80
N ASN C 121 61.66 29.81 30.98
CA ASN C 121 61.58 31.28 30.90
C ASN C 121 62.43 31.77 29.75
N THR C 122 61.84 32.51 28.81
CA THR C 122 62.60 32.99 27.63
C THR C 122 63.15 34.42 27.73
N GLY C 123 62.82 35.14 28.79
CA GLY C 123 63.00 36.58 28.86
C GLY C 123 61.75 37.37 28.49
N GLU C 124 60.88 36.81 27.63
CA GLU C 124 59.60 37.43 27.30
C GLU C 124 58.42 36.70 27.92
N VAL C 125 58.56 35.39 28.16
CA VAL C 125 57.46 34.55 28.60
C VAL C 125 57.99 33.46 29.55
N ALA C 126 57.14 33.01 30.48
CA ALA C 126 57.50 31.97 31.43
C ALA C 126 56.41 30.92 31.44
N VAL C 127 56.72 29.68 31.06
CA VAL C 127 55.70 28.63 30.88
C VAL C 127 56.05 27.45 31.76
N SER C 128 55.11 27.02 32.57
CA SER C 128 55.31 25.92 33.53
C SER C 128 54.65 24.67 32.95
N PHE C 129 55.45 23.62 32.73
CA PHE C 129 54.97 22.30 32.24
C PHE C 129 54.91 21.26 33.38
N PRO C 130 53.71 20.88 33.84
CA PRO C 130 53.60 19.85 34.88
C PRO C 130 54.04 18.47 34.45
N LYS C 131 54.65 17.74 35.40
CA LYS C 131 55.30 16.42 35.16
C LYS C 131 54.36 15.26 35.21
N GLY C 132 53.12 15.48 35.63
CA GLY C 132 52.04 14.47 35.58
C GLY C 132 50.67 15.15 35.69
N GLY C 133 49.60 14.40 35.43
CA GLY C 133 48.21 14.95 35.54
C GLY C 133 47.55 15.34 34.22
N ASN C 134 46.44 16.05 34.33
CA ASN C 134 45.62 16.35 33.18
C ASN C 134 45.71 17.79 32.63
N VAL C 135 46.81 18.47 32.96
CA VAL C 135 47.07 19.85 32.58
C VAL C 135 48.46 19.95 31.96
N ILE C 136 48.53 20.21 30.65
CA ILE C 136 49.79 20.16 29.87
C ILE C 136 50.67 21.36 30.21
N ILE C 137 50.04 22.53 30.34
CA ILE C 137 50.70 23.77 30.73
C ILE C 137 50.01 24.34 31.98
N GLY C 138 50.82 24.64 33.01
CA GLY C 138 50.34 25.11 34.30
C GLY C 138 49.94 26.56 34.21
N ASP C 139 50.87 27.40 33.78
CA ASP C 139 50.52 28.78 33.44
C ASP C 139 51.53 29.47 32.56
N ILE C 140 51.11 30.60 32.00
CA ILE C 140 51.93 31.45 31.12
C ILE C 140 52.00 32.85 31.72
N LYS C 141 53.19 33.27 32.12
CA LYS C 141 53.44 34.62 32.63
C LYS C 141 54.19 35.46 31.57
N THR C 142 54.01 36.78 31.59
CA THR C 142 54.85 37.70 30.77
C THR C 142 56.00 38.25 31.63
N LYS C 143 56.99 38.94 31.07
CA LYS C 143 58.19 39.35 31.91
C LYS C 143 57.89 40.14 33.18
N SER C 144 56.76 40.86 33.19
CA SER C 144 56.31 41.58 34.37
C SER C 144 55.87 40.63 35.50
N GLY C 145 55.46 39.41 35.13
CA GLY C 145 55.12 38.30 36.06
C GLY C 145 53.65 37.92 36.07
N LYS C 146 52.82 38.66 35.33
CA LYS C 146 51.38 38.46 35.39
C LYS C 146 50.96 37.22 34.61
N VAL C 147 50.11 36.43 35.24
CA VAL C 147 49.54 35.25 34.62
C VAL C 147 48.58 35.76 33.55
N ILE C 148 48.89 35.46 32.28
CA ILE C 148 48.03 35.84 31.16
C ILE C 148 47.29 34.64 30.58
N GLY C 149 47.59 33.46 31.12
CA GLY C 149 47.06 32.22 30.55
C GLY C 149 47.44 31.05 31.45
N ALA C 150 46.54 30.08 31.58
CA ALA C 150 46.71 28.98 32.52
C ALA C 150 45.91 27.74 32.12
N ASN C 151 46.37 26.60 32.60
CA ASN C 151 45.73 25.31 32.39
C ASN C 151 45.59 24.85 30.94
N GLY C 152 46.69 24.91 30.21
CA GLY C 152 46.71 24.32 28.88
C GLY C 152 46.34 22.85 28.99
N ARG C 153 45.36 22.42 28.20
CA ARG C 153 44.86 21.08 28.27
C ARG C 153 44.36 20.57 26.94
N LEU C 154 44.56 19.28 26.69
CA LEU C 154 44.07 18.66 25.49
C LEU C 154 42.60 18.35 25.70
N VAL C 155 41.79 18.46 24.65
CA VAL C 155 40.39 18.00 24.71
C VAL C 155 40.07 17.07 23.54
N LEU C 156 39.17 16.14 23.84
CA LEU C 156 38.78 15.06 22.93
C LEU C 156 37.36 14.64 23.28
N GLN C 157 36.53 14.48 22.26
CA GLN C 157 35.14 14.04 22.48
CA GLN C 157 35.14 14.15 22.43
C GLN C 157 34.84 13.07 21.39
N SER C 158 34.17 11.97 21.77
CA SER C 158 33.89 10.88 20.83
C SER C 158 32.45 10.43 21.01
N GLN C 159 31.93 9.64 20.08
CA GLN C 159 30.66 8.92 20.31
C GLN C 159 30.84 7.49 19.92
N ASP C 160 29.91 6.65 20.35
CA ASP C 160 30.04 5.16 20.27
C ASP C 160 29.25 4.49 19.13
N SER C 161 28.20 5.12 18.62
CA SER C 161 27.64 4.76 17.31
C SER C 161 27.47 6.05 16.49
N VAL C 162 27.05 5.85 15.24
CA VAL C 162 26.63 6.94 14.38
C VAL C 162 25.32 6.45 13.77
N PRO C 163 24.27 7.29 13.75
CA PRO C 163 23.05 6.95 13.02
C PRO C 163 23.29 6.86 11.52
N ASP C 164 22.40 6.17 10.81
CA ASP C 164 22.59 5.88 9.40
C ASP C 164 22.43 7.06 8.47
N ASN C 165 21.55 7.96 8.90
CA ASN C 165 21.17 9.13 8.13
C ASN C 165 20.47 10.09 9.10
N PHE C 166 19.96 11.22 8.62
CA PHE C 166 19.42 12.19 9.59
C PHE C 166 18.15 11.61 10.24
N ASP C 167 17.29 10.96 9.47
CA ASP C 167 16.05 10.37 9.99
C ASP C 167 16.29 9.35 11.08
N ASN C 168 17.43 8.66 11.03
CA ASN C 168 17.74 7.58 11.95
C ASN C 168 18.17 8.06 13.34
N ARG C 169 18.49 9.32 13.50
CA ARG C 169 18.84 9.86 14.82
C ARG C 169 17.79 9.58 15.89
N ALA C 170 16.53 9.64 15.48
CA ALA C 170 15.40 9.45 16.36
C ALA C 170 15.27 8.03 16.91
N ASN C 171 15.83 7.06 16.20
CA ASN C 171 15.79 5.64 16.58
C ASN C 171 17.18 5.01 16.78
N SER C 172 18.26 5.78 16.82
CA SER C 172 19.62 5.23 17.00
C SER C 172 20.36 6.10 18.01
N PRO C 173 20.18 5.80 19.32
CA PRO C 173 20.79 6.65 20.36
C PRO C 173 22.32 6.76 20.24
N ILE C 174 22.81 7.95 20.58
CA ILE C 174 24.21 8.29 20.52
C ILE C 174 24.71 8.41 21.97
N GLN C 175 25.93 7.95 22.24
CA GLN C 175 26.50 8.17 23.58
C GLN C 175 27.82 8.93 23.56
N TYR C 176 27.77 10.13 24.14
CA TYR C 176 28.91 11.02 24.14
C TYR C 176 29.91 10.70 25.24
N SER C 177 31.19 10.90 24.94
CA SER C 177 32.30 10.83 25.90
C SER C 177 33.27 11.98 25.73
N ASN C 178 33.77 12.54 26.83
CA ASN C 178 34.78 13.59 26.81
C ASN C 178 36.07 13.07 27.43
N PHE C 179 37.19 13.60 26.95
CA PHE C 179 38.52 13.17 27.37
C PHE C 179 39.52 14.33 27.52
N ASP C 180 40.59 14.02 28.24
CA ASP C 180 41.65 14.90 28.67
C ASP C 180 42.96 14.31 28.24
N GLY C 181 43.95 15.15 28.00
CA GLY C 181 45.30 14.68 27.89
C GLY C 181 45.89 14.32 29.26
N ASN C 182 46.24 13.05 29.44
CA ASN C 182 46.88 12.57 30.62
C ASN C 182 48.37 12.44 30.33
N ILE C 183 49.19 13.07 31.16
CA ILE C 183 50.65 13.06 30.98
C ILE C 183 51.29 11.84 31.64
N ASN C 184 52.14 11.14 30.88
CA ASN C 184 52.94 10.00 31.35
C ASN C 184 54.40 10.35 31.45
N GLU C 185 54.94 11.06 30.47
CA GLU C 185 56.32 11.49 30.51
C GLU C 185 56.51 12.90 29.91
N VAL C 186 57.52 13.61 30.41
CA VAL C 186 57.89 14.96 29.96
C VAL C 186 59.38 15.01 29.76
N PHE C 187 59.84 15.39 28.58
CA PHE C 187 61.29 15.53 28.29
C PHE C 187 61.58 16.99 27.98
N VAL C 188 62.85 17.35 27.98
CA VAL C 188 63.31 18.74 27.85
C VAL C 188 64.63 18.68 27.17
N ASN C 189 64.75 19.39 26.05
CA ASN C 189 66.02 19.65 25.40
C ASN C 189 66.33 21.16 25.52
N GLN C 190 67.01 21.50 26.61
CA GLN C 190 67.36 22.87 26.94
C GLN C 190 68.68 23.19 26.30
N THR C 191 68.68 24.29 25.53
CA THR C 191 69.87 25.10 25.20
C THR C 191 69.67 26.62 25.53
N SER C 192 70.63 27.48 25.21
CA SER C 192 70.42 28.92 25.40
C SER C 192 69.34 29.57 24.54
N ALA C 193 69.37 29.26 23.25
CA ALA C 193 68.63 29.95 22.23
C ALA C 193 67.28 29.29 22.07
N ARG C 194 67.26 27.96 22.20
CA ARG C 194 66.07 27.17 22.02
C ARG C 194 65.87 26.10 23.11
N THR C 195 64.66 26.04 23.63
CA THR C 195 64.28 24.94 24.49
C THR C 195 63.02 24.24 23.95
N LEU C 196 63.05 22.91 23.94
CA LEU C 196 62.00 22.06 23.39
C LEU C 196 61.47 21.12 24.47
N VAL C 197 60.22 21.27 24.83
CA VAL C 197 59.60 20.45 25.86
C VAL C 197 58.70 19.46 25.15
N THR C 198 59.01 18.17 25.22
CA THR C 198 58.23 17.12 24.58
C THR C 198 57.35 16.49 25.65
N VAL C 199 56.02 16.50 25.50
CA VAL C 199 55.09 15.89 26.49
C VAL C 199 54.30 14.74 25.85
N ARG C 200 54.38 13.50 26.41
CA ARG C 200 53.62 12.31 25.90
C ARG C 200 52.55 11.77 26.83
N GLY C 201 51.53 11.16 26.25
CA GLY C 201 50.46 10.63 27.03
C GLY C 201 49.34 10.06 26.19
N ASN C 202 48.14 10.13 26.78
CA ASN C 202 46.93 9.44 26.39
C ASN C 202 45.79 10.37 26.64
N HIS C 203 44.68 10.14 25.97
CA HIS C 203 43.45 10.78 26.36
C HIS C 203 42.67 9.83 27.24
N THR C 204 42.37 10.27 28.46
CA THR C 204 41.59 9.48 29.42
C THR C 204 40.23 10.13 29.66
N VAL C 205 39.21 9.29 29.88
CA VAL C 205 37.84 9.75 30.00
C VAL C 205 37.68 10.74 31.15
N THR C 206 36.78 11.71 30.99
CA THR C 206 36.35 12.58 32.10
C THR C 206 34.85 12.42 32.32
N ASP C 207 34.06 13.24 31.65
CA ASP C 207 32.60 13.17 31.71
C ASP C 207 32.07 12.14 30.68
N GLY C 208 30.76 11.91 30.66
CA GLY C 208 30.13 11.03 29.67
C GLY C 208 30.38 9.53 29.90
N THR C 209 30.11 8.72 28.86
CA THR C 209 30.21 7.27 28.96
C THR C 209 31.67 6.81 29.16
N ASP C 210 31.84 5.84 30.06
CA ASP C 210 33.13 5.27 30.35
C ASP C 210 33.73 4.59 29.10
N HIS C 211 35.04 4.64 29.00
CA HIS C 211 35.80 4.22 27.81
C HIS C 211 37.27 4.06 28.21
N ASP C 212 37.98 3.06 27.71
CA ASP C 212 39.43 2.95 27.99
C ASP C 212 40.29 4.09 27.44
N PRO C 213 41.44 4.35 28.11
CA PRO C 213 42.45 5.25 27.57
C PRO C 213 42.83 4.90 26.13
N TRP C 214 42.84 5.93 25.29
CA TRP C 214 43.22 5.79 23.89
C TRP C 214 43.79 7.09 23.34
N LEU C 215 44.09 7.09 22.04
CA LEU C 215 44.54 8.25 21.31
C LEU C 215 45.78 8.82 21.92
N PRO C 216 46.85 8.01 21.89
CA PRO C 216 48.09 8.52 22.43
C PRO C 216 48.53 9.76 21.70
N PHE C 217 49.21 10.66 22.42
CA PHE C 217 49.68 11.94 21.90
C PHE C 217 51.12 12.21 22.20
N VAL C 218 51.68 13.15 21.44
CA VAL C 218 52.92 13.81 21.82
C VAL C 218 52.89 15.26 21.36
N VAL C 219 53.14 16.17 22.30
CA VAL C 219 53.06 17.60 22.04
C VAL C 219 54.42 18.21 22.27
N ARG C 220 55.04 18.71 21.20
CA ARG C 220 56.32 19.39 21.30
C ARG C 220 56.10 20.93 21.41
N PHE C 221 56.84 21.57 22.30
CA PHE C 221 56.71 22.98 22.53
C PHE C 221 58.07 23.56 22.30
N TYR C 222 58.17 24.41 21.29
CA TYR C 222 59.42 25.04 20.98
C TYR C 222 59.35 26.49 21.51
N LEU C 223 60.25 26.80 22.43
CA LEU C 223 60.45 28.12 22.96
C LEU C 223 61.83 28.59 22.59
N TYR C 224 61.88 29.85 22.16
CA TYR C 224 63.12 30.51 21.83
C TYR C 224 63.33 31.70 22.76
N ALA C 225 64.61 32.02 22.94
CA ALA C 225 65.02 33.14 23.74
C ALA C 225 64.48 34.43 23.11
N ASN C 226 64.06 35.34 23.99
CA ASN C 226 63.50 36.66 23.63
C ASN C 226 62.18 36.60 22.84
N SER C 227 61.44 35.51 22.98
CA SER C 227 60.21 35.31 22.24
C SER C 227 59.06 34.95 23.16
N ALA C 228 57.89 35.51 22.87
CA ALA C 228 56.59 35.13 23.49
C ALA C 228 55.69 34.34 22.50
N THR C 229 56.34 33.67 21.56
CA THR C 229 55.66 32.89 20.55
C THR C 229 56.16 31.47 20.81
N ILE C 230 55.22 30.57 21.05
CA ILE C 230 55.50 29.17 21.17
C ILE C 230 54.89 28.39 19.99
N LYS C 231 55.74 27.64 19.29
CA LYS C 231 55.30 26.71 18.27
C LYS C 231 55.02 25.39 18.96
N VAL C 232 53.95 24.73 18.54
CA VAL C 232 53.37 23.54 19.23
C VAL C 232 53.05 22.46 18.18
N MET C 233 53.91 21.46 18.07
CA MET C 233 53.64 20.36 17.16
C MET C 233 52.86 19.32 17.96
N HIS C 234 51.58 19.21 17.66
CA HIS C 234 50.67 18.30 18.31
C HIS C 234 50.49 17.11 17.37
N SER C 235 50.81 15.90 17.84
CA SER C 235 50.80 14.66 17.04
C SER C 235 49.93 13.67 17.77
N ILE C 236 49.04 12.99 17.03
CA ILE C 236 48.27 11.87 17.58
C ILE C 236 48.33 10.62 16.70
N VAL C 237 48.10 9.47 17.34
CA VAL C 237 48.02 8.17 16.69
C VAL C 237 46.61 7.68 16.97
N PHE C 238 45.85 7.34 15.93
N PHE C 238 45.92 7.26 15.92
CA PHE C 238 44.47 6.82 16.14
CA PHE C 238 44.53 6.83 16.00
C PHE C 238 44.52 5.33 16.37
C PHE C 238 44.47 5.32 16.34
N ASP C 239 44.34 4.94 17.61
CA ASP C 239 44.27 3.51 18.06
C ASP C 239 42.85 3.04 18.41
N GLY C 240 41.81 3.76 17.99
CA GLY C 240 40.44 3.37 18.27
C GLY C 240 39.99 2.31 17.29
N ASP C 241 38.77 1.82 17.48
CA ASP C 241 38.12 0.82 16.58
C ASP C 241 36.90 1.39 15.79
N GLU C 242 36.18 0.56 15.05
CA GLU C 242 34.99 0.99 14.33
C GLU C 242 33.89 1.60 15.20
N ASN C 243 33.98 1.50 16.52
CA ASN C 243 33.02 2.16 17.42
C ASN C 243 33.48 3.50 17.96
N ASP C 244 34.63 3.97 17.54
CA ASP C 244 35.13 5.19 18.09
C ASP C 244 35.03 6.25 17.03
N PHE C 245 34.09 7.18 17.18
CA PHE C 245 33.93 8.28 16.23
C PHE C 245 34.36 9.62 16.84
N ILE C 246 35.57 10.08 16.51
CA ILE C 246 36.07 11.37 17.00
C ILE C 246 35.04 12.45 16.65
N THR C 247 34.81 13.32 17.59
CA THR C 247 33.74 14.28 17.54
C THR C 247 34.29 15.71 17.73
N GLY C 248 35.27 15.85 18.61
CA GLY C 248 36.00 17.08 18.79
C GLY C 248 37.43 16.78 19.22
N LEU C 249 38.34 17.64 18.84
CA LEU C 249 39.72 17.46 19.18
C LEU C 249 40.29 18.84 19.30
N GLY C 250 40.93 19.13 20.42
CA GLY C 250 41.48 20.47 20.63
C GLY C 250 42.46 20.74 21.74
N ILE C 251 42.79 22.04 21.85
CA ILE C 251 43.69 22.55 22.89
C ILE C 251 42.91 23.68 23.49
N ARG C 252 42.98 23.80 24.80
CA ARG C 252 42.19 24.77 25.51
C ARG C 252 42.99 25.40 26.64
N PHE C 253 42.92 26.72 26.76
CA PHE C 253 43.48 27.42 27.92
C PHE C 253 42.41 28.25 28.61
N ASP C 254 42.59 28.43 29.92
CA ASP C 254 41.84 29.43 30.71
C ASP C 254 42.54 30.78 30.55
N VAL C 255 41.79 31.88 30.54
CA VAL C 255 42.41 33.22 30.54
C VAL C 255 41.84 33.94 31.72
N PRO C 256 42.71 34.43 32.62
CA PRO C 256 42.12 35.04 33.84
C PRO C 256 41.76 36.50 33.55
N LEU C 257 40.52 36.88 33.83
CA LEU C 257 39.98 38.21 33.44
C LEU C 257 39.47 39.04 34.60
N LYS C 258 39.09 38.40 35.72
CA LYS C 258 38.70 39.09 36.96
C LYS C 258 39.56 40.34 37.18
N GLY C 259 38.89 41.46 37.44
CA GLY C 259 39.54 42.76 37.55
C GLY C 259 39.62 43.61 36.29
N GLU C 260 39.22 43.06 35.14
CA GLU C 260 38.98 43.88 33.95
C GLU C 260 37.54 44.26 33.93
N GLU C 261 37.30 45.52 33.63
CA GLU C 261 35.98 45.98 33.38
C GLU C 261 35.54 45.20 32.11
N TYR C 262 34.26 44.83 32.00
CA TYR C 262 33.73 44.19 30.76
C TYR C 262 34.11 44.93 29.44
N TYR C 263 34.08 46.26 29.48
CA TYR C 263 34.45 47.10 28.33
C TYR C 263 35.93 47.16 28.06
N ASP C 264 36.76 46.51 28.86
CA ASP C 264 38.22 46.48 28.63
C ASP C 264 38.69 45.09 28.28
N ARG C 265 37.74 44.16 28.07
CA ARG C 265 38.03 42.77 27.70
C ARG C 265 37.76 42.61 26.24
N HIS C 266 38.72 42.04 25.54
CA HIS C 266 38.74 42.10 24.09
C HIS C 266 38.80 40.74 23.44
N ILE C 267 38.05 40.64 22.36
CA ILE C 267 38.00 39.45 21.55
C ILE C 267 38.55 39.83 20.19
N ARG C 268 39.31 38.96 19.56
CA ARG C 268 39.68 39.13 18.15
C ARG C 268 39.75 37.76 17.46
N PHE C 269 39.25 37.71 16.22
CA PHE C 269 39.51 36.61 15.32
C PHE C 269 40.17 37.09 14.06
N ALA C 270 41.15 36.35 13.57
CA ALA C 270 41.61 36.50 12.20
C ALA C 270 40.49 36.16 11.17
N GLY C 271 40.47 36.90 10.07
CA GLY C 271 39.42 36.79 9.09
C GLY C 271 40.09 36.37 7.81
N VAL C 272 39.72 37.03 6.72
CA VAL C 272 40.15 36.68 5.41
C VAL C 272 41.30 37.64 5.04
N ASP C 273 42.47 37.07 4.68
CA ASP C 273 43.57 37.84 4.02
C ASP C 273 43.98 39.08 4.84
N GLY C 274 44.57 38.94 6.02
CA GLY C 274 44.91 40.13 6.80
C GLY C 274 43.78 40.80 7.58
N GLY C 275 42.53 40.31 7.46
CA GLY C 275 41.43 40.75 8.31
C GLY C 275 41.55 40.37 9.80
N ILE C 276 41.01 41.24 10.65
CA ILE C 276 40.82 40.95 12.06
C ILE C 276 39.44 41.43 12.49
N PHE C 277 38.73 40.57 13.23
CA PHE C 277 37.45 40.89 13.85
C PHE C 277 37.86 41.50 15.18
N ASN C 278 37.21 42.60 15.59
CA ASN C 278 37.64 43.44 16.74
C ASN C 278 36.47 43.83 17.60
N GLU C 279 36.29 43.11 18.70
CA GLU C 279 35.21 43.44 19.61
C GLU C 279 35.57 43.41 21.09
N ALA C 280 34.67 44.02 21.84
CA ALA C 280 34.79 44.04 23.27
C ALA C 280 33.66 43.23 23.89
N VAL C 281 33.93 42.60 25.03
CA VAL C 281 32.91 41.80 25.74
C VAL C 281 31.70 42.68 26.04
N GLN C 282 31.97 43.94 26.41
CA GLN C 282 30.94 44.97 26.51
C GLN C 282 31.27 46.17 25.64
N GLY C 283 30.63 46.21 24.47
CA GLY C 283 30.79 47.24 23.47
C GLY C 283 30.16 48.55 23.87
N ILE C 284 30.92 49.60 23.64
CA ILE C 284 30.60 50.96 23.93
C ILE C 284 30.54 51.84 22.65
N THR C 285 30.86 51.25 21.49
CA THR C 285 30.65 51.84 20.19
C THR C 285 29.29 51.42 19.71
N GLY C 286 28.74 52.18 18.78
CA GLY C 286 27.46 51.91 18.15
C GLY C 286 26.24 52.08 19.02
N LEU C 287 26.36 52.78 20.14
CA LEU C 287 25.20 52.95 21.06
C LEU C 287 24.37 54.17 20.71
N ARG C 288 23.19 54.29 21.32
CA ARG C 288 22.35 55.45 21.11
C ARG C 288 23.02 56.72 21.62
N ARG C 289 23.94 56.57 22.57
CA ARG C 289 24.65 57.66 23.18
C ARG C 289 26.15 57.45 23.02
N ASP C 290 26.85 58.59 23.05
CA ASP C 290 28.25 58.64 22.70
C ASP C 290 29.00 58.86 23.99
N PRO C 291 29.76 57.85 24.46
CA PRO C 291 30.51 58.12 25.70
C PRO C 291 31.58 59.20 25.46
N GLY C 292 31.99 59.39 24.20
CA GLY C 292 33.11 60.24 23.80
C GLY C 292 33.89 59.56 22.70
N GLU C 293 34.18 60.28 21.63
CA GLU C 293 34.88 59.70 20.49
C GLU C 293 36.24 59.07 20.87
N GLU C 294 36.98 59.65 21.81
CA GLU C 294 38.32 59.17 22.13
C GLU C 294 38.18 57.83 22.85
N ILE C 295 37.11 57.68 23.64
CA ILE C 295 36.82 56.48 24.41
C ILE C 295 36.41 55.30 23.52
N ARG C 296 35.53 55.60 22.55
CA ARG C 296 35.17 54.66 21.53
C ARG C 296 36.36 54.18 20.74
N ALA C 297 37.27 55.06 20.38
CA ALA C 297 38.46 54.66 19.54
C ALA C 297 39.46 53.82 20.33
N ALA C 298 39.64 54.20 21.59
CA ALA C 298 40.33 53.38 22.55
C ALA C 298 39.80 51.91 22.64
N GLN C 299 38.46 51.69 22.75
CA GLN C 299 37.90 50.30 22.68
C GLN C 299 38.26 49.50 21.43
N PHE C 300 38.00 50.09 20.29
CA PHE C 300 38.30 49.43 19.05
C PHE C 300 39.79 49.03 18.94
N ALA C 301 40.62 49.85 19.58
CA ALA C 301 42.07 49.76 19.53
C ALA C 301 42.61 48.80 20.56
N GLY C 302 41.77 48.39 21.50
CA GLY C 302 42.14 47.47 22.57
C GLY C 302 42.88 48.11 23.73
N GLN C 303 42.60 49.37 23.98
CA GLN C 303 43.23 50.13 25.06
C GLN C 303 42.23 50.16 26.18
N LYS C 304 42.72 50.58 27.35
CA LYS C 304 41.98 50.56 28.59
C LYS C 304 41.21 51.84 28.56
N LEU C 305 39.90 51.78 28.74
CA LEU C 305 39.12 53.00 28.65
C LEU C 305 39.44 53.94 29.79
N ALA C 306 39.26 55.22 29.54
CA ALA C 306 39.44 56.23 30.55
C ALA C 306 38.41 56.04 31.67
N ASP C 307 38.70 56.68 32.80
CA ASP C 307 37.83 56.69 33.94
C ASP C 307 36.40 57.03 33.51
N THR C 308 35.40 56.41 34.13
CA THR C 308 33.98 56.69 33.78
C THR C 308 33.50 58.14 34.09
N GLU C 309 34.25 58.86 34.93
CA GLU C 309 34.07 60.31 35.10
C GLU C 309 34.32 61.12 33.86
N THR C 310 35.13 60.63 32.92
CA THR C 310 35.35 61.40 31.67
C THR C 310 34.31 61.12 30.59
N TRP C 311 33.52 60.05 30.77
CA TRP C 311 32.48 59.65 29.82
C TRP C 311 31.26 60.58 29.93
N GLU C 312 30.39 60.56 28.92
CA GLU C 312 29.11 61.26 28.97
C GLU C 312 28.15 60.48 29.88
N PRO C 313 27.64 61.10 30.95
CA PRO C 313 26.78 60.38 31.91
C PRO C 313 25.60 59.55 31.34
N ARG C 314 25.02 59.96 30.22
CA ARG C 314 23.98 59.13 29.61
C ARG C 314 24.47 57.76 29.06
N VAL C 315 25.79 57.53 29.02
CA VAL C 315 26.36 56.19 28.85
C VAL C 315 26.78 55.49 30.16
N SER C 316 27.59 56.14 30.99
CA SER C 316 28.13 55.50 32.19
C SER C 316 27.06 55.06 33.21
N THR C 317 26.00 55.85 33.36
CA THR C 317 24.91 55.48 34.29
C THR C 317 24.11 54.27 33.82
N ARG C 318 24.24 53.91 32.54
CA ARG C 318 23.45 52.84 31.90
C ARG C 318 24.25 51.65 31.40
N LEU C 319 25.50 51.56 31.84
CA LEU C 319 26.34 50.41 31.51
C LEU C 319 25.66 49.05 31.74
N LYS C 320 24.81 48.95 32.77
CA LYS C 320 24.14 47.69 33.05
C LYS C 320 23.14 47.28 31.97
N TRP C 321 22.63 48.19 31.15
CA TRP C 321 21.68 47.78 30.09
C TRP C 321 22.34 47.35 28.78
N ILE C 322 23.67 47.44 28.73
CA ILE C 322 24.40 47.02 27.56
C ILE C 322 24.82 45.57 27.78
N PRO C 323 24.32 44.64 26.93
CA PRO C 323 24.57 43.21 27.08
C PRO C 323 26.02 42.88 27.24
N THR C 324 26.37 41.86 28.04
CA THR C 324 27.74 41.30 27.95
C THR C 324 27.74 40.05 27.06
N TRP C 325 28.83 39.86 26.31
CA TRP C 325 28.94 38.73 25.38
C TRP C 325 30.01 37.76 25.86
N ALA C 326 29.57 36.71 26.54
CA ALA C 326 30.46 35.68 27.10
C ALA C 326 31.01 34.71 26.07
N ASP C 327 30.23 34.33 25.06
CA ASP C 327 30.68 33.29 24.12
C ASP C 327 30.70 33.79 22.66
N TYR C 328 31.80 33.47 21.98
CA TYR C 328 32.03 33.67 20.56
C TYR C 328 32.56 32.35 19.95
N GLY C 329 32.09 31.99 18.76
CA GLY C 329 32.52 30.75 18.10
C GLY C 329 32.65 30.87 16.60
N LEU C 330 33.84 30.51 16.09
CA LEU C 330 34.11 30.52 14.66
C LEU C 330 34.21 29.06 14.24
N THR C 331 33.43 28.67 13.22
CA THR C 331 33.41 27.31 12.69
C THR C 331 33.63 27.30 11.20
N GLN C 332 34.69 26.58 10.82
CA GLN C 332 35.16 26.44 9.45
C GLN C 332 34.95 24.97 9.07
N LEU C 333 33.83 24.68 8.38
CA LEU C 333 33.35 23.32 8.17
C LEU C 333 33.54 22.81 6.72
N THR C 334 33.78 23.71 5.79
CA THR C 334 34.28 23.39 4.48
C THR C 334 35.61 24.18 4.30
N ALA C 335 36.35 23.90 3.24
CA ALA C 335 37.46 24.76 2.87
C ALA C 335 37.03 26.15 2.39
N ASP C 336 35.74 26.38 2.22
CA ASP C 336 35.23 27.55 1.54
C ASP C 336 34.36 28.54 2.36
N GLY C 337 33.96 28.17 3.57
CA GLY C 337 33.04 29.02 4.32
C GLY C 337 33.21 28.90 5.80
N PHE C 338 33.15 30.02 6.52
CA PHE C 338 33.10 29.94 7.98
C PHE C 338 31.91 30.70 8.48
N GLY C 339 31.42 30.25 9.63
CA GLY C 339 30.31 30.91 10.31
C GLY C 339 30.89 31.51 11.56
N LEU C 340 30.24 32.56 12.03
CA LEU C 340 30.70 33.26 13.23
C LEU C 340 29.49 33.80 13.96
N LYS C 341 29.45 33.54 15.26
CA LYS C 341 28.33 33.93 16.10
C LYS C 341 28.77 34.21 17.48
N LYS C 342 27.91 34.90 18.24
CA LYS C 342 28.15 35.14 19.66
C LYS C 342 26.92 34.97 20.52
N ARG C 343 27.14 34.90 21.81
CA ARG C 343 26.03 34.65 22.73
C ARG C 343 26.25 35.38 24.04
N THR C 344 25.19 35.99 24.58
CA THR C 344 25.32 36.59 25.90
C THR C 344 25.72 35.56 26.95
N LYS C 345 24.97 34.46 26.99
CA LYS C 345 25.28 33.35 27.90
C LYS C 345 24.39 32.12 27.55
N ALA C 346 24.77 30.94 28.08
CA ALA C 346 23.99 29.73 27.83
C ALA C 346 22.50 29.85 28.25
N GLY C 347 21.59 29.27 27.49
CA GLY C 347 20.16 29.51 27.69
C GLY C 347 19.59 30.61 26.84
N GLN C 348 20.44 31.24 26.06
CA GLN C 348 20.04 32.26 25.14
C GLN C 348 20.47 31.88 23.74
N SER C 349 19.77 32.40 22.73
CA SER C 349 20.16 32.13 21.34
C SER C 349 21.46 32.82 21.00
N TRP C 350 22.15 32.29 19.99
CA TRP C 350 23.30 32.95 19.39
C TRP C 350 22.84 34.07 18.43
N VAL C 351 23.71 35.07 18.28
CA VAL C 351 23.50 36.15 17.34
C VAL C 351 24.54 35.89 16.26
N ASN C 352 24.04 35.73 15.03
CA ASN C 352 24.93 35.48 13.92
C ASN C 352 25.73 36.78 13.67
N ILE C 353 27.02 36.60 13.35
CA ILE C 353 27.99 37.67 13.03
C ILE C 353 28.34 37.60 11.54
N PRO C 354 28.38 38.72 10.84
CA PRO C 354 28.87 38.81 9.46
C PRO C 354 30.21 38.11 9.29
N SER C 355 30.23 37.08 8.45
CA SER C 355 31.37 36.14 8.33
C SER C 355 31.85 36.10 6.87
N GLY C 356 32.49 35.01 6.45
CA GLY C 356 33.02 34.91 5.10
C GLY C 356 33.62 33.58 4.70
N THR C 357 34.71 33.61 3.94
CA THR C 357 35.19 32.42 3.25
C THR C 357 36.22 31.62 4.05
N ARG C 358 37.42 32.16 4.18
CA ARG C 358 38.55 31.42 4.70
C ARG C 358 39.17 32.16 5.85
N ALA C 359 38.86 31.71 7.06
CA ALA C 359 39.44 32.28 8.27
C ALA C 359 40.89 31.84 8.40
N GLU C 360 41.76 32.81 8.68
CA GLU C 360 43.20 32.62 8.78
CA GLU C 360 43.17 32.49 8.70
C GLU C 360 43.62 31.90 10.06
N GLY C 361 42.68 31.74 10.99
CA GLY C 361 42.81 30.78 12.05
C GLY C 361 43.47 31.15 13.37
N LEU C 362 43.31 32.40 13.79
CA LEU C 362 43.86 32.85 15.07
C LEU C 362 42.75 33.40 15.90
N ALA C 363 42.89 33.25 17.21
CA ALA C 363 41.96 33.91 18.12
C ALA C 363 42.68 34.40 19.37
N TYR C 364 42.15 35.51 19.90
CA TYR C 364 42.70 36.23 21.02
C TYR C 364 41.60 36.45 22.02
N LEU C 365 41.94 36.23 23.30
CA LEU C 365 41.10 36.61 24.44
C LEU C 365 42.00 37.16 25.54
N GLY C 366 41.64 38.34 26.03
CA GLY C 366 42.43 39.01 27.02
C GLY C 366 41.82 40.35 27.25
N GLY C 367 42.65 41.31 27.65
CA GLY C 367 42.16 42.61 28.11
C GLY C 367 43.27 43.61 28.23
N ALA C 368 42.91 44.89 28.40
CA ALA C 368 43.90 46.00 28.37
C ALA C 368 44.89 46.05 29.56
N THR C 369 44.50 45.39 30.64
CA THR C 369 45.14 45.38 31.95
C THR C 369 45.60 43.93 32.27
N GLN C 370 44.70 42.94 32.23
CA GLN C 370 45.06 41.55 32.57
C GLN C 370 45.94 40.90 31.48
N GLY C 371 45.97 41.47 30.30
CA GLY C 371 46.74 40.83 29.21
C GLY C 371 45.94 39.64 28.74
N GLY C 372 46.61 38.76 28.02
CA GLY C 372 45.91 37.59 27.49
C GLY C 372 46.71 36.84 26.46
N LEU C 373 45.99 35.95 25.79
CA LEU C 373 46.55 34.88 25.00
C LEU C 373 45.85 34.79 23.65
N ALA C 374 46.65 34.53 22.62
CA ALA C 374 46.12 34.15 21.33
C ALA C 374 46.56 32.74 21.03
N VAL C 375 45.72 32.00 20.33
CA VAL C 375 46.04 30.66 19.83
C VAL C 375 45.59 30.52 18.39
N GLY C 376 46.33 29.74 17.61
CA GLY C 376 45.93 29.48 16.24
C GLY C 376 46.56 28.28 15.60
N LEU C 377 46.06 27.96 14.42
CA LEU C 377 46.46 26.76 13.71
C LEU C 377 47.00 27.14 12.32
N ARG C 378 48.26 26.80 12.06
CA ARG C 378 48.84 26.91 10.71
C ARG C 378 47.98 26.14 9.73
N ASP C 379 47.68 26.74 8.59
CA ASP C 379 46.80 26.18 7.51
C ASP C 379 45.32 25.92 7.93
N PHE C 380 44.85 26.62 8.95
CA PHE C 380 43.50 26.43 9.54
C PHE C 380 42.44 25.90 8.56
N TRP C 381 42.06 26.70 7.56
CA TRP C 381 40.96 26.37 6.64
C TRP C 381 41.33 25.26 5.65
N LYS C 382 42.63 25.03 5.43
CA LYS C 382 43.05 23.94 4.61
C LYS C 382 42.94 22.64 5.36
N ARG C 383 42.70 22.72 6.67
CA ARG C 383 42.75 21.54 7.51
C ARG C 383 41.40 21.26 8.20
N TYR C 384 40.34 21.76 7.57
CA TYR C 384 38.96 21.74 8.07
C TYR C 384 38.49 20.27 8.28
N PRO C 385 37.49 20.01 9.13
CA PRO C 385 36.71 21.04 9.84
C PRO C 385 37.37 21.43 11.14
N VAL C 386 37.57 22.74 11.30
CA VAL C 386 38.21 23.32 12.45
C VAL C 386 37.36 24.44 12.97
N GLY C 387 37.68 24.88 14.19
CA GLY C 387 36.96 25.97 14.88
C GLY C 387 37.83 26.72 15.88
N LEU C 388 37.34 27.89 16.30
CA LEU C 388 37.90 28.61 17.44
C LEU C 388 36.73 29.02 18.30
N ASP C 389 36.80 28.73 19.59
CA ASP C 389 35.75 29.12 20.56
C ASP C 389 36.38 29.95 21.66
N ILE C 390 35.69 31.03 22.02
CA ILE C 390 35.94 31.78 23.24
C ILE C 390 34.72 31.57 24.09
N SER C 391 34.95 31.36 25.38
CA SER C 391 33.83 31.06 26.29
C SER C 391 34.01 31.76 27.64
N ASN C 392 32.89 32.18 28.20
CA ASN C 392 32.77 32.72 29.52
C ASN C 392 33.53 34.02 29.70
N ALA C 393 33.57 34.83 28.66
CA ALA C 393 34.36 36.06 28.73
C ALA C 393 33.78 37.17 29.68
N ALA C 394 32.60 36.94 30.26
CA ALA C 394 32.04 37.79 31.30
C ALA C 394 32.20 37.20 32.72
N SER C 395 33.13 36.28 32.89
CA SER C 395 33.39 35.63 34.16
C SER C 395 34.81 35.90 34.55
N ASP C 396 35.19 35.44 35.74
CA ASP C 396 36.52 35.68 36.30
C ASP C 396 37.58 34.96 35.46
N THR C 397 37.16 33.85 34.87
CA THR C 397 38.00 33.09 33.96
C THR C 397 37.21 32.82 32.70
N GLY C 398 37.77 33.18 31.55
CA GLY C 398 37.26 32.73 30.25
C GLY C 398 38.08 31.56 29.76
N GLU C 399 37.55 30.81 28.79
CA GLU C 399 38.36 29.81 28.08
C GLU C 399 38.54 30.22 26.66
N LEU C 400 39.72 29.90 26.16
CA LEU C 400 40.07 30.00 24.74
C LEU C 400 40.42 28.57 24.23
N THR C 401 39.70 28.18 23.17
CA THR C 401 39.72 26.82 22.62
C THR C 401 39.98 26.81 21.10
N LEU C 402 41.02 26.10 20.69
CA LEU C 402 41.23 25.77 19.30
C LEU C 402 40.74 24.32 19.04
N TRP C 403 39.78 24.21 18.13
CA TRP C 403 39.36 22.90 17.66
C TRP C 403 40.14 22.52 16.41
N LEU C 404 40.96 21.48 16.56
CA LEU C 404 41.59 20.79 15.41
C LEU C 404 40.59 19.96 14.61
N TYR C 405 39.60 19.43 15.31
CA TYR C 405 38.46 18.83 14.67
C TYR C 405 37.24 19.36 15.40
N SER C 406 36.28 19.91 14.66
CA SER C 406 35.21 20.73 15.24
C SER C 406 33.99 19.90 15.56
N PRO C 407 33.47 20.01 16.80
CA PRO C 407 32.19 19.34 17.10
C PRO C 407 31.02 19.69 16.19
N ALA C 408 31.07 20.86 15.54
CA ALA C 408 30.05 21.30 14.59
C ALA C 408 30.11 20.56 13.26
N ALA C 409 31.23 19.90 12.97
CA ALA C 409 31.28 19.02 11.84
C ALA C 409 30.69 17.68 12.22
N GLU C 410 30.46 16.85 11.21
CA GLU C 410 29.94 15.49 11.39
C GLU C 410 31.01 14.65 12.08
N PRO C 411 30.62 13.51 12.65
CA PRO C 411 31.69 12.74 13.28
C PRO C 411 32.70 12.17 12.29
N LEU C 412 33.96 12.16 12.71
CA LEU C 412 35.03 11.65 11.88
C LEU C 412 34.84 10.15 11.81
N ASP C 413 34.51 9.68 10.62
CA ASP C 413 34.18 8.29 10.36
C ASP C 413 35.28 7.69 9.49
N LEU C 414 36.12 6.84 10.09
CA LEU C 414 37.34 6.28 9.43
C LEU C 414 37.15 4.84 8.99
N ARG C 415 35.95 4.32 9.20
CA ARG C 415 35.61 2.94 8.82
C ARG C 415 35.77 2.73 7.31
N PRO C 416 35.76 1.46 6.88
CA PRO C 416 35.85 1.21 5.44
C PRO C 416 34.73 1.87 4.59
N PHE C 417 35.07 2.26 3.36
CA PHE C 417 34.08 2.82 2.41
C PHE C 417 33.22 1.80 1.71
N HIS C 418 33.70 0.55 1.66
CA HIS C 418 32.85 -0.55 1.21
C HIS C 418 32.98 -1.82 2.07
N ASP C 419 32.04 -2.76 1.87
CA ASP C 419 31.89 -3.96 2.71
C ASP C 419 32.63 -5.20 2.19
N GLY C 420 33.25 -5.05 1.02
CA GLY C 420 34.07 -6.05 0.36
C GLY C 420 33.45 -6.54 -0.93
N LEU C 421 32.18 -6.18 -1.16
CA LEU C 421 31.45 -6.47 -2.41
C LEU C 421 31.24 -7.95 -2.64
N GLY C 422 31.23 -8.75 -1.56
CA GLY C 422 31.18 -10.21 -1.62
C GLY C 422 32.45 -10.88 -2.16
N GLN C 423 33.61 -10.22 -2.03
CA GLN C 423 34.90 -10.83 -2.34
C GLN C 423 35.32 -11.83 -1.25
N ASP C 424 35.64 -13.06 -1.67
CA ASP C 424 35.97 -14.16 -0.76
C ASP C 424 37.28 -14.82 -1.25
N GLY C 425 38.40 -14.47 -0.63
CA GLY C 425 39.69 -15.01 -0.94
C GLY C 425 40.49 -14.27 -1.98
N TYR C 426 41.76 -14.63 -2.09
CA TYR C 426 42.71 -13.95 -2.95
C TYR C 426 42.29 -13.84 -4.43
N GLU C 427 41.45 -14.74 -4.92
CA GLU C 427 41.16 -14.83 -6.38
C GLU C 427 40.25 -13.67 -6.78
N ASP C 428 39.18 -13.54 -6.00
CA ASP C 428 38.22 -12.45 -6.11
C ASP C 428 38.94 -11.11 -5.95
N GLN C 429 39.76 -11.00 -4.93
CA GLN C 429 40.50 -9.81 -4.65
C GLN C 429 41.29 -9.37 -5.87
N LEU C 430 42.07 -10.28 -6.46
CA LEU C 430 42.91 -9.94 -7.61
C LEU C 430 42.11 -9.76 -8.89
N ASP C 431 40.87 -10.29 -8.93
CA ASP C 431 39.96 -10.09 -10.05
C ASP C 431 39.43 -8.66 -9.96
N ALA C 432 38.92 -8.27 -8.78
CA ALA C 432 38.51 -6.89 -8.44
C ALA C 432 39.61 -5.90 -8.77
N LEU C 433 40.85 -6.28 -8.40
CA LEU C 433 42.01 -5.48 -8.76
C LEU C 433 42.12 -5.17 -10.25
N GLU C 434 41.55 -5.98 -11.13
CA GLU C 434 41.74 -5.77 -12.56
C GLU C 434 40.85 -4.68 -13.05
N ILE C 435 39.81 -4.30 -12.27
CA ILE C 435 38.88 -3.23 -12.73
C ILE C 435 38.99 -1.85 -12.00
N THR C 436 39.14 -1.86 -10.69
CA THR C 436 39.27 -0.65 -9.86
C THR C 436 40.72 -0.31 -9.44
N TYR C 437 41.66 -1.21 -9.73
CA TYR C 437 43.08 -1.11 -9.31
C TYR C 437 43.26 -1.11 -7.80
N GLU C 438 42.26 -1.60 -7.07
CA GLU C 438 42.32 -1.74 -5.62
C GLU C 438 42.58 -3.19 -5.24
N ASP C 439 43.48 -3.41 -4.29
CA ASP C 439 43.77 -4.77 -3.84
C ASP C 439 43.18 -4.91 -2.48
N TRP C 440 41.92 -5.29 -2.40
CA TRP C 440 41.22 -5.39 -1.11
C TRP C 440 41.54 -6.69 -0.33
N GLU C 441 41.31 -6.65 0.99
CA GLU C 441 41.32 -7.82 1.84
C GLU C 441 40.64 -7.47 3.15
N PRO C 442 39.82 -8.39 3.70
CA PRO C 442 39.11 -8.08 4.97
C PRO C 442 40.04 -7.90 6.14
N GLY C 443 39.78 -6.87 6.93
CA GLY C 443 40.60 -6.51 8.07
C GLY C 443 41.75 -5.60 7.72
N PHE C 444 42.02 -5.43 6.40
CA PHE C 444 43.10 -4.55 5.92
C PHE C 444 42.67 -3.11 5.64
N ASP C 445 41.38 -2.87 5.44
CA ASP C 445 40.84 -1.50 5.23
C ASP C 445 40.70 -0.79 6.60
N THR C 446 41.82 -0.58 7.27
CA THR C 446 41.82 -0.18 8.67
C THR C 446 42.70 1.05 8.94
N PRO C 447 42.15 2.04 9.69
CA PRO C 447 42.98 3.16 10.05
C PRO C 447 43.76 2.94 11.34
N TYR C 448 43.70 1.75 11.95
CA TYR C 448 44.38 1.49 13.23
C TYR C 448 45.88 1.83 13.16
N GLY C 449 46.28 2.84 13.93
CA GLY C 449 47.68 3.28 14.00
C GLY C 449 48.19 4.34 12.99
N ILE C 450 47.29 4.95 12.21
CA ILE C 450 47.72 6.10 11.40
C ILE C 450 47.94 7.31 12.31
N ALA C 451 48.47 8.39 11.75
CA ALA C 451 48.76 9.54 12.59
C ALA C 451 48.58 10.84 11.85
N ARG C 452 48.64 11.93 12.61
CA ARG C 452 48.61 13.26 12.06
C ARG C 452 49.22 14.29 13.02
N THR C 453 50.08 15.17 12.49
CA THR C 453 50.70 16.21 13.28
C THR C 453 50.17 17.59 12.90
N SER C 454 49.72 18.36 13.88
CA SER C 454 49.13 19.69 13.64
C SER C 454 50.07 20.78 14.15
N GLU C 455 50.25 21.85 13.37
CA GLU C 455 51.21 22.91 13.72
C GLU C 455 50.46 24.10 14.33
N VAL C 456 50.50 24.20 15.65
CA VAL C 456 49.74 25.11 16.45
C VAL C 456 50.69 26.14 17.00
N TYR C 457 50.16 27.34 17.30
CA TYR C 457 50.98 28.49 17.74
C TYR C 457 50.30 29.22 18.91
N LEU C 458 51.08 29.53 19.95
CA LEU C 458 50.60 30.28 21.12
C LEU C 458 51.35 31.58 21.18
N PHE C 459 50.65 32.66 21.55
CA PHE C 459 51.23 33.98 21.58
C PHE C 459 50.82 34.68 22.85
N ALA C 460 51.80 35.04 23.70
CA ALA C 460 51.48 35.67 24.99
C ALA C 460 51.56 37.21 24.90
N PHE C 461 50.65 37.88 25.60
CA PHE C 461 50.55 39.31 25.53
C PHE C 461 50.32 39.99 26.91
N ASP C 462 51.13 41.01 27.21
CA ASP C 462 51.07 41.72 28.49
C ASP C 462 49.80 42.55 28.60
N GLN C 463 49.37 43.04 27.46
CA GLN C 463 48.11 43.79 27.30
C GLN C 463 47.54 43.40 25.92
N THR C 464 46.26 43.63 25.69
CA THR C 464 45.69 43.46 24.32
C THR C 464 46.61 44.13 23.28
N PRO C 465 47.02 43.37 22.26
CA PRO C 465 47.91 43.92 21.25
C PRO C 465 47.13 44.71 20.20
N THR C 466 47.82 45.41 19.32
CA THR C 466 47.17 46.04 18.17
C THR C 466 46.64 44.98 17.19
N SER C 467 45.63 45.36 16.44
CA SER C 467 45.14 44.52 15.37
C SER C 467 46.22 44.34 14.29
N ASP C 468 47.05 45.36 14.05
CA ASP C 468 48.18 45.16 13.12
C ASP C 468 49.12 44.01 13.56
N LYS C 469 49.44 43.93 14.86
CA LYS C 469 50.31 42.86 15.36
C LYS C 469 49.62 41.47 15.29
N LEU C 470 48.31 41.39 15.54
CA LEU C 470 47.62 40.12 15.44
C LEU C 470 47.53 39.63 13.98
N ALA C 471 47.22 40.53 13.06
CA ALA C 471 47.33 40.20 11.63
C ALA C 471 48.72 39.68 11.22
N SER C 472 49.75 40.31 11.75
CA SER C 472 51.14 39.94 11.47
C SER C 472 51.48 38.51 11.98
N LEU C 473 51.09 38.26 13.23
CA LEU C 473 51.30 36.98 13.86
C LEU C 473 50.48 35.90 13.16
N THR C 474 49.28 36.27 12.71
CA THR C 474 48.44 35.38 11.89
C THR C 474 49.19 35.05 10.60
N ALA C 475 49.74 36.05 9.94
CA ALA C 475 50.52 35.79 8.71
C ALA C 475 51.78 34.94 9.00
N TYR C 476 52.45 35.22 10.10
CA TYR C 476 53.63 34.48 10.53
C TYR C 476 53.31 33.01 10.66
N MET C 477 52.25 32.75 11.40
CA MET C 477 51.75 31.42 11.68
C MET C 477 51.59 30.61 10.41
N ASN C 478 51.02 31.25 9.39
CA ASN C 478 50.63 30.57 8.13
C ASN C 478 51.73 30.59 7.10
N ASP C 479 52.85 31.26 7.38
CA ASP C 479 54.08 31.22 6.55
C ASP C 479 55.35 31.33 7.44
N PRO C 480 55.64 30.27 8.23
CA PRO C 480 56.73 30.41 9.21
C PRO C 480 58.11 30.60 8.57
N PRO C 481 58.86 31.60 9.01
CA PRO C 481 60.09 31.88 8.28
C PRO C 481 61.12 30.77 8.34
N VAL C 482 61.78 30.57 7.23
CA VAL C 482 62.70 29.49 7.05
C VAL C 482 64.05 30.02 6.54
N LEU C 483 65.12 29.49 7.13
CA LEU C 483 66.47 29.72 6.63
C LEU C 483 66.97 28.41 6.10
N VAL C 484 67.60 28.44 4.95
CA VAL C 484 68.23 27.25 4.35
C VAL C 484 69.54 27.61 3.68
N ALA C 485 70.38 26.60 3.50
CA ALA C 485 71.63 26.77 2.75
C ALA C 485 71.41 27.06 1.27
N GLU C 486 72.49 27.49 0.61
CA GLU C 486 72.44 27.82 -0.81
C GLU C 486 72.42 26.48 -1.59
N PRO C 487 71.55 26.36 -2.61
CA PRO C 487 71.55 25.12 -3.43
C PRO C 487 72.93 24.65 -3.95
N LYS C 488 73.74 25.59 -4.42
CA LYS C 488 75.13 25.32 -4.85
C LYS C 488 75.97 24.69 -3.74
N TYR C 489 75.84 25.22 -2.52
CA TYR C 489 76.63 24.75 -1.41
C TYR C 489 76.12 23.36 -0.95
N ILE C 490 74.80 23.16 -0.90
CA ILE C 490 74.25 21.85 -0.61
C ILE C 490 74.84 20.82 -1.59
N HIS C 491 74.94 21.19 -2.87
CA HIS C 491 75.50 20.31 -3.92
C HIS C 491 77.00 19.96 -3.70
N GLU C 492 77.86 20.97 -3.52
CA GLU C 492 79.31 20.77 -3.20
C GLU C 492 79.57 19.80 -2.04
N THR C 493 78.79 19.88 -0.95
CA THR C 493 79.03 19.03 0.22
C THR C 493 78.73 17.57 -0.06
N GLN C 494 77.77 17.32 -0.94
CA GLN C 494 77.27 15.97 -1.23
C GLN C 494 76.58 15.37 0.00
N ALA C 495 76.06 16.22 0.91
CA ALA C 495 75.43 15.73 2.14
C ALA C 495 73.99 15.32 1.94
N LEU C 496 73.50 15.44 0.71
CA LEU C 496 72.13 15.10 0.43
C LEU C 496 72.06 14.45 -0.93
N GLY C 497 72.95 13.48 -1.13
CA GLY C 497 72.98 12.70 -2.37
C GLY C 497 73.55 13.44 -3.58
N GLU C 498 74.10 12.68 -4.53
CA GLU C 498 74.78 13.20 -5.72
C GLU C 498 73.97 13.10 -7.02
N TYR C 499 72.69 12.75 -6.92
CA TYR C 499 71.90 12.39 -8.11
C TYR C 499 71.20 13.61 -8.69
N TRP C 500 71.57 14.81 -8.27
CA TRP C 500 70.93 16.01 -8.79
C TRP C 500 71.99 17.07 -9.01
N ALA C 501 71.66 18.06 -9.84
CA ALA C 501 72.55 19.22 -10.11
C ALA C 501 71.68 20.46 -10.20
N LEU C 502 72.30 21.64 -10.09
CA LEU C 502 71.55 22.87 -10.26
C LEU C 502 71.13 23.00 -11.73
N PRO C 503 70.08 23.79 -12.02
CA PRO C 503 69.73 23.94 -13.44
C PRO C 503 70.86 24.59 -14.23
N GLY C 504 71.27 23.94 -15.32
CA GLY C 504 72.40 24.36 -16.16
C GLY C 504 72.04 25.43 -17.18
N SER C 505 72.72 25.35 -18.34
CA SER C 505 72.68 26.37 -19.42
C SER C 505 72.07 25.82 -20.69
N SER C 507 72.46 24.68 -23.47
CA SER C 507 71.68 23.63 -24.10
C SER C 507 70.20 24.00 -24.03
N PRO C 508 69.62 24.56 -25.13
CA PRO C 508 68.20 24.91 -25.16
C PRO C 508 67.24 23.76 -24.86
N ALA C 509 67.64 22.53 -25.14
CA ALA C 509 66.83 21.35 -24.83
C ALA C 509 66.72 21.08 -23.32
N ALA C 510 67.81 21.36 -22.61
CA ALA C 510 67.80 21.27 -21.17
C ALA C 510 66.85 22.35 -20.63
N ALA C 511 66.94 23.56 -21.18
CA ALA C 511 66.06 24.66 -20.78
C ALA C 511 64.57 24.32 -20.90
N THR C 512 64.18 23.54 -21.91
CA THR C 512 62.77 23.14 -22.05
C THR C 512 62.43 21.93 -21.22
N LEU C 513 63.43 21.14 -20.80
CA LEU C 513 63.19 20.19 -19.73
C LEU C 513 62.84 20.92 -18.43
N GLU C 514 63.49 22.04 -18.11
CA GLU C 514 63.21 22.78 -16.86
C GLU C 514 61.87 23.51 -16.94
N ASP C 515 61.50 23.96 -18.15
CA ASP C 515 60.19 24.59 -18.36
C ASP C 515 59.11 23.59 -18.09
N ARG C 516 59.39 22.36 -18.49
CA ARG C 516 58.45 21.27 -18.31
C ARG C 516 58.32 20.75 -16.85
N LEU C 517 59.39 20.82 -16.08
CA LEU C 517 59.27 20.60 -14.63
C LEU C 517 58.45 21.72 -13.99
N GLN C 518 58.70 22.97 -14.39
CA GLN C 518 57.94 24.14 -13.92
C GLN C 518 56.46 23.94 -14.19
N PHE C 519 56.14 23.44 -15.38
CA PHE C 519 54.74 23.20 -15.79
C PHE C 519 54.01 22.17 -14.89
N ILE C 520 54.65 21.02 -14.70
CA ILE C 520 54.20 19.99 -13.76
C ILE C 520 53.95 20.55 -12.36
N PHE C 521 54.96 21.23 -11.84
CA PHE C 521 54.84 21.86 -10.53
C PHE C 521 53.68 22.88 -10.49
N ASP C 522 53.54 23.70 -11.53
CA ASP C 522 52.54 24.77 -11.53
C ASP C 522 51.17 24.15 -11.57
N PHE C 523 51.06 23.06 -12.32
CA PHE C 523 49.80 22.33 -12.49
C PHE C 523 49.37 21.57 -11.22
N TYR C 524 50.32 20.91 -10.57
CA TYR C 524 50.03 20.14 -9.37
C TYR C 524 49.67 21.05 -8.17
N LYS C 525 50.41 22.13 -7.97
CA LYS C 525 50.08 23.14 -6.96
C LYS C 525 48.69 23.76 -7.20
N GLY C 526 48.33 23.89 -8.48
CA GLY C 526 47.02 24.41 -8.86
C GLY C 526 45.88 23.43 -8.58
N GLN C 527 46.14 22.15 -8.76
CA GLN C 527 45.12 21.15 -8.56
C GLN C 527 44.70 21.04 -7.10
N ILE C 528 45.66 21.19 -6.20
CA ILE C 528 45.33 21.29 -4.74
C ILE C 528 44.18 22.25 -4.48
N GLU C 529 44.21 23.44 -5.07
CA GLU C 529 43.11 24.39 -4.88
C GLU C 529 41.89 24.05 -5.69
N GLN C 530 42.03 23.76 -6.97
CA GLN C 530 40.84 23.56 -7.81
C GLN C 530 40.03 22.33 -7.41
N ARG C 531 40.70 21.22 -7.05
CA ARG C 531 40.02 19.99 -6.61
C ARG C 531 39.76 19.92 -5.09
N ARG C 532 40.06 20.99 -4.37
CA ARG C 532 39.80 21.09 -2.94
C ARG C 532 40.43 19.98 -2.09
N TRP C 533 41.69 19.62 -2.43
CA TRP C 533 42.50 18.63 -1.67
C TRP C 533 43.00 19.17 -0.32
N TYR C 534 42.01 19.45 0.51
CA TYR C 534 42.12 19.99 1.84
C TYR C 534 41.40 19.03 2.79
N GLY C 535 41.71 19.19 4.08
CA GLY C 535 41.02 18.51 5.18
C GLY C 535 41.97 18.08 6.30
N PHE C 536 41.40 17.89 7.47
CA PHE C 536 42.06 17.39 8.67
C PHE C 536 43.16 16.40 8.33
N LEU C 537 42.77 15.31 7.67
CA LEU C 537 43.70 14.26 7.21
C LEU C 537 44.14 14.37 5.75
N ASP C 538 43.29 14.90 4.88
CA ASP C 538 43.56 14.86 3.44
C ASP C 538 44.68 15.82 3.00
N TYR C 539 44.71 17.03 3.56
CA TYR C 539 45.64 18.08 3.12
C TYR C 539 47.02 17.53 3.10
N GLY C 540 47.72 17.88 2.02
CA GLY C 540 49.06 17.42 1.73
C GLY C 540 49.10 16.38 0.61
N ASP C 541 48.08 15.55 0.53
CA ASP C 541 48.07 14.56 -0.54
C ASP C 541 47.44 15.14 -1.80
N PHE C 542 47.59 14.40 -2.88
CA PHE C 542 46.98 14.62 -4.19
C PHE C 542 46.62 13.23 -4.81
N MET C 543 45.93 13.20 -5.95
CA MET C 543 45.46 11.93 -6.50
C MET C 543 46.34 11.35 -7.59
N HIS C 544 45.91 10.21 -8.13
CA HIS C 544 46.78 9.24 -8.83
C HIS C 544 46.52 9.29 -10.32
N THR C 545 45.27 9.05 -10.73
CA THR C 545 44.92 9.06 -12.16
C THR C 545 43.60 9.85 -12.42
N TYR C 546 43.46 10.37 -13.63
CA TYR C 546 42.32 11.22 -14.04
C TYR C 546 41.22 10.48 -14.78
N ASP C 547 39.98 10.95 -14.61
CA ASP C 547 38.86 10.44 -15.37
C ASP C 547 38.49 11.51 -16.41
N PRO C 548 38.82 11.27 -17.68
CA PRO C 548 38.59 12.31 -18.71
C PRO C 548 37.13 12.54 -19.11
N ASP C 549 36.28 11.56 -18.84
CA ASP C 549 34.89 11.67 -19.16
C ASP C 549 34.19 12.62 -18.19
N ARG C 550 34.33 12.35 -16.88
CA ARG C 550 33.79 13.25 -15.81
C ARG C 550 34.64 14.50 -15.52
N HIS C 551 35.89 14.51 -15.96
CA HIS C 551 36.83 15.59 -15.66
C HIS C 551 37.03 15.77 -14.14
N THR C 552 37.20 14.65 -13.43
CA THR C 552 37.68 14.61 -12.05
C THR C 552 38.86 13.71 -12.06
N TRP C 553 39.62 13.80 -10.99
CA TRP C 553 40.52 12.75 -10.61
C TRP C 553 39.68 11.62 -10.07
N ARG C 554 40.22 10.42 -10.12
CA ARG C 554 39.43 9.23 -9.82
C ARG C 554 39.36 8.99 -8.33
N TYR C 555 38.73 9.94 -7.64
CA TYR C 555 38.52 9.91 -6.21
C TYR C 555 37.71 8.67 -5.79
N ASP C 556 36.86 8.12 -6.67
CA ASP C 556 35.94 7.02 -6.31
C ASP C 556 36.32 5.65 -6.87
N VAL C 557 37.46 5.55 -7.55
CA VAL C 557 37.85 4.29 -8.16
C VAL C 557 39.12 3.73 -7.57
N GLY C 558 38.93 2.80 -6.63
CA GLY C 558 40.00 1.97 -6.07
C GLY C 558 41.35 2.61 -5.92
N GLY C 559 42.32 2.19 -6.72
CA GLY C 559 43.70 2.63 -6.57
C GLY C 559 44.06 3.86 -7.36
N TYR C 560 43.07 4.56 -7.92
CA TYR C 560 43.36 5.75 -8.72
C TYR C 560 43.11 7.07 -7.95
N ALA C 561 42.75 6.95 -6.67
CA ALA C 561 42.45 8.07 -5.82
C ALA C 561 43.72 8.63 -5.17
N TRP C 562 43.84 8.61 -3.85
CA TRP C 562 44.96 9.28 -3.21
C TRP C 562 46.28 8.58 -3.51
N ASP C 563 47.30 9.34 -3.83
CA ASP C 563 48.53 8.81 -4.44
C ASP C 563 49.35 8.02 -3.44
N ASN C 564 49.46 8.50 -2.21
CA ASN C 564 50.19 7.81 -1.12
C ASN C 564 51.56 7.43 -1.62
N SER C 565 52.21 8.44 -2.22
CA SER C 565 53.59 8.37 -2.64
C SER C 565 53.92 7.35 -3.75
N GLU C 566 52.91 6.89 -4.48
CA GLU C 566 53.15 5.93 -5.57
C GLU C 566 54.13 6.50 -6.61
N LEU C 567 55.20 5.76 -6.85
CA LEU C 567 56.31 6.14 -7.76
C LEU C 567 57.08 7.42 -7.38
N SER C 568 57.14 7.71 -6.11
CA SER C 568 58.11 8.62 -5.55
C SER C 568 57.94 10.11 -5.86
N PRO C 569 56.70 10.63 -5.81
CA PRO C 569 56.57 12.09 -5.95
C PRO C 569 57.36 12.81 -4.88
N ASP C 570 57.33 12.30 -3.67
CA ASP C 570 58.12 12.85 -2.58
C ASP C 570 59.56 13.13 -3.03
N LEU C 571 60.17 12.18 -3.72
CA LEU C 571 61.53 12.34 -4.18
C LEU C 571 61.57 13.40 -5.25
N PHE C 572 60.66 13.37 -6.22
CA PHE C 572 60.67 14.39 -7.27
C PHE C 572 60.57 15.80 -6.67
N PHE C 573 59.58 16.02 -5.82
CA PHE C 573 59.31 17.36 -5.31
C PHE C 573 60.41 17.90 -4.40
N TRP C 574 60.96 17.08 -3.52
CA TRP C 574 62.09 17.50 -2.69
C TRP C 574 63.35 17.81 -3.50
N LEU C 575 63.66 16.92 -4.45
CA LEU C 575 64.76 17.19 -5.35
C LEU C 575 64.51 18.49 -6.13
N TYR C 576 63.26 18.72 -6.55
CA TYR C 576 62.90 19.95 -7.27
C TYR C 576 63.13 21.20 -6.43
N PHE C 577 62.86 21.14 -5.12
CA PHE C 577 63.23 22.25 -4.20
C PHE C 577 64.74 22.39 -4.06
N LEU C 578 65.48 21.29 -3.94
CA LEU C 578 66.95 21.38 -3.75
C LEU C 578 67.62 22.11 -4.90
N ARG C 579 67.27 21.75 -6.12
CA ARG C 579 67.80 22.41 -7.32
C ARG C 579 67.50 23.91 -7.38
N THR C 580 66.32 24.30 -6.89
CA THR C 580 65.80 25.64 -7.19
C THR C 580 65.73 26.58 -6.03
N GLY C 581 65.62 26.07 -4.80
CA GLY C 581 65.48 26.93 -3.61
C GLY C 581 64.18 27.69 -3.54
N SER C 582 63.20 27.28 -4.33
CA SER C 582 61.91 27.98 -4.40
C SER C 582 61.05 27.76 -3.14
N LYS C 583 60.56 28.85 -2.55
CA LYS C 583 59.60 28.78 -1.45
C LYS C 583 58.38 27.87 -1.75
N ASP C 584 57.69 28.13 -2.88
CA ASP C 584 56.55 27.30 -3.33
C ASP C 584 56.86 25.78 -3.37
N ALA C 585 58.01 25.44 -3.92
CA ALA C 585 58.44 24.07 -3.96
C ALA C 585 58.59 23.44 -2.57
N TYR C 586 59.27 24.13 -1.68
CA TYR C 586 59.46 23.69 -0.30
C TYR C 586 58.14 23.53 0.39
N ARG C 587 57.30 24.54 0.29
CA ARG C 587 55.98 24.50 0.95
C ARG C 587 55.07 23.37 0.41
N PHE C 588 55.17 23.07 -0.87
CA PHE C 588 54.42 21.99 -1.50
C PHE C 588 54.89 20.64 -0.97
N ALA C 589 56.20 20.45 -1.02
CA ALA C 589 56.87 19.25 -0.55
C ALA C 589 56.77 19.03 0.95
N GLU C 590 56.90 20.10 1.74
CA GLU C 590 56.63 20.06 3.19
C GLU C 590 55.23 19.52 3.48
N ALA C 591 54.21 20.11 2.86
CA ALA C 591 52.86 19.62 3.05
C ALA C 591 52.75 18.16 2.66
N LEU C 592 53.39 17.81 1.56
CA LEU C 592 53.34 16.46 1.07
C LEU C 592 53.87 15.48 2.12
N THR C 593 55.06 15.80 2.60
CA THR C 593 55.77 15.02 3.61
C THR C 593 55.09 14.97 5.00
N ARG C 594 54.36 16.01 5.36
CA ARG C 594 53.59 16.02 6.59
C ARG C 594 52.36 15.14 6.49
N HIS C 595 51.90 14.86 5.28
CA HIS C 595 50.74 13.96 5.09
C HIS C 595 51.18 12.50 5.05
N THR C 596 51.97 12.27 4.02
CA THR C 596 52.38 11.00 3.48
C THR C 596 53.05 10.15 4.58
N GLY C 597 53.97 10.76 5.34
CA GLY C 597 54.67 10.09 6.46
C GLY C 597 53.90 9.90 7.77
N GLU C 598 52.73 10.53 7.84
CA GLU C 598 51.86 10.52 8.99
C GLU C 598 50.58 9.72 8.73
N VAL C 599 49.82 10.08 7.72
CA VAL C 599 48.48 9.50 7.49
C VAL C 599 48.61 8.19 6.70
N ASP C 600 49.57 8.15 5.77
CA ASP C 600 49.72 6.99 4.89
C ASP C 600 50.66 5.90 5.48
N VAL C 601 51.00 5.99 6.78
CA VAL C 601 51.81 4.94 7.46
C VAL C 601 51.31 4.55 8.85
N TYR C 602 51.61 3.32 9.26
CA TYR C 602 51.18 2.82 10.55
C TYR C 602 52.30 3.01 11.56
N HIS C 603 51.93 3.49 12.73
CA HIS C 603 52.88 3.85 13.77
C HIS C 603 52.82 2.90 14.98
N ILE C 604 51.84 2.01 14.96
CA ILE C 604 51.68 0.99 16.01
C ILE C 604 51.11 -0.30 15.42
N GLY C 605 51.03 -1.35 16.25
CA GLY C 605 50.42 -2.64 15.85
C GLY C 605 51.36 -3.51 15.03
N ASP C 606 50.78 -4.52 14.38
CA ASP C 606 51.54 -5.58 13.69
C ASP C 606 52.18 -5.13 12.39
N TRP C 607 51.55 -4.15 11.75
CA TRP C 607 52.06 -3.57 10.52
C TRP C 607 52.82 -2.26 10.74
N LYS C 608 53.21 -2.00 11.99
CA LYS C 608 53.97 -0.80 12.32
C LYS C 608 55.18 -0.68 11.44
N GLY C 609 55.33 0.46 10.79
CA GLY C 609 56.44 0.70 9.88
C GLY C 609 56.13 0.45 8.43
N LEU C 610 54.95 -0.06 8.13
CA LEU C 610 54.48 -0.14 6.74
C LEU C 610 53.55 1.04 6.41
N GLY C 611 53.47 1.31 5.12
CA GLY C 611 52.50 2.23 4.58
C GLY C 611 51.51 1.56 3.67
N THR C 612 50.46 2.30 3.33
CA THR C 612 49.39 1.75 2.54
C THR C 612 49.38 2.30 1.14
N ARG C 613 49.18 1.39 0.21
CA ARG C 613 49.19 1.68 -1.20
C ARG C 613 48.00 2.59 -1.52
N HIS C 614 48.20 3.42 -2.54
CA HIS C 614 47.17 4.32 -3.07
C HIS C 614 45.79 3.76 -3.15
N GLY C 615 44.80 4.57 -2.74
CA GLY C 615 43.43 4.10 -2.58
C GLY C 615 42.37 5.15 -2.26
N VAL C 616 41.11 4.76 -2.29
CA VAL C 616 39.99 5.71 -2.14
C VAL C 616 40.06 6.47 -0.82
N GLN C 617 40.37 5.71 0.26
CA GLN C 617 40.82 6.23 1.57
C GLN C 617 42.32 6.08 1.64
N HIS C 618 42.96 6.79 2.55
CA HIS C 618 44.42 6.69 2.72
C HIS C 618 44.92 5.34 3.26
N TRP C 619 43.99 4.55 3.80
CA TRP C 619 44.30 3.32 4.49
C TRP C 619 43.42 2.15 4.02
N SER C 620 42.83 2.23 2.81
CA SER C 620 41.81 1.22 2.38
C SER C 620 42.42 -0.06 1.71
N ASP C 621 43.55 0.09 1.03
CA ASP C 621 44.15 -0.97 0.23
C ASP C 621 44.80 -1.94 1.18
N SER C 622 44.95 -3.19 0.74
CA SER C 622 45.50 -4.29 1.55
C SER C 622 47.00 -4.39 1.37
N ALA C 623 47.53 -3.71 0.36
CA ALA C 623 48.95 -3.76 0.08
C ALA C 623 49.70 -2.88 1.07
N LYS C 624 50.19 -3.51 2.16
CA LYS C 624 50.92 -2.78 3.21
C LYS C 624 52.38 -3.04 3.01
N GLN C 625 53.09 -1.98 2.63
CA GLN C 625 54.43 -2.09 2.16
C GLN C 625 55.33 -0.99 2.66
N ALA C 626 56.61 -1.34 2.76
CA ALA C 626 57.65 -0.43 3.18
C ALA C 626 58.00 0.63 2.14
N ARG C 627 57.61 0.41 0.88
CA ARG C 627 57.84 1.39 -0.19
C ARG C 627 56.99 2.67 -0.06
N ILE C 628 55.93 2.63 0.76
CA ILE C 628 55.15 3.80 1.05
C ILE C 628 55.82 4.51 2.23
N SER C 629 56.21 3.76 3.24
CA SER C 629 56.83 4.33 4.45
C SER C 629 58.23 4.85 4.18
N GLN C 630 58.90 4.24 3.20
CA GLN C 630 60.17 4.67 2.59
C GLN C 630 60.81 5.94 3.20
N PRO C 631 61.63 5.72 4.22
CA PRO C 631 62.14 6.86 4.97
C PRO C 631 63.01 7.81 4.19
N GLN C 632 63.52 7.38 3.04
CA GLN C 632 64.21 8.30 2.12
C GLN C 632 63.31 9.48 1.68
N TYR C 633 61.98 9.26 1.69
CA TYR C 633 61.02 10.35 1.42
C TYR C 633 61.05 11.47 2.45
N ARG C 634 61.59 11.18 3.64
CA ARG C 634 61.64 12.18 4.72
C ARG C 634 63.03 12.71 5.02
N LYS C 635 64.03 12.18 4.33
CA LYS C 635 65.43 12.44 4.67
C LYS C 635 65.79 13.90 4.38
N TYR C 636 65.28 14.41 3.27
CA TYR C 636 65.61 15.73 2.78
C TYR C 636 64.98 16.73 3.74
N PHE C 637 63.71 16.52 4.08
CA PHE C 637 63.05 17.40 5.02
C PHE C 637 63.64 17.28 6.39
N PHE C 638 63.91 16.05 6.84
CA PHE C 638 64.55 15.86 8.17
C PHE C 638 65.77 16.75 8.36
N TYR C 639 66.71 16.67 7.43
CA TYR C 639 67.93 17.47 7.51
C TYR C 639 67.71 18.99 7.28
N LEU C 640 67.07 19.35 6.17
CA LEU C 640 66.76 20.77 5.82
C LEU C 640 66.07 21.62 6.90
N SER C 641 65.16 21.00 7.64
CA SER C 641 64.41 21.66 8.72
C SER C 641 65.15 21.82 10.06
N GLY C 642 66.43 21.39 10.11
CA GLY C 642 67.20 21.28 11.35
C GLY C 642 66.91 20.09 12.27
N GLY C 643 66.56 18.96 11.70
CA GLY C 643 66.27 17.78 12.48
C GLY C 643 64.94 17.80 13.22
N ASP C 644 63.92 18.27 12.51
CA ASP C 644 62.54 18.26 12.99
C ASP C 644 62.30 17.02 13.83
N GLU C 645 62.04 17.25 15.12
CA GLU C 645 62.08 16.17 16.10
C GLU C 645 60.96 15.13 15.89
N ARG C 646 59.79 15.58 15.41
CA ARG C 646 58.70 14.67 15.02
C ARG C 646 59.12 13.77 13.88
N VAL C 647 59.66 14.35 12.80
CA VAL C 647 60.13 13.52 11.67
C VAL C 647 61.24 12.56 12.15
N GLY C 648 62.06 13.00 13.10
CA GLY C 648 63.10 12.14 13.66
C GLY C 648 62.52 10.93 14.34
N GLU C 649 61.49 11.15 15.16
CA GLU C 649 60.73 10.11 15.85
C GLU C 649 60.08 9.15 14.83
N LEU C 650 59.48 9.68 13.76
CA LEU C 650 58.93 8.84 12.69
C LEU C 650 59.97 7.95 12.04
N LEU C 651 61.17 8.50 11.85
CA LEU C 651 62.24 7.78 11.21
C LEU C 651 62.75 6.60 12.06
N GLU C 652 62.76 6.78 13.38
CA GLU C 652 63.10 5.68 14.30
C GLU C 652 62.02 4.56 14.39
N GLU C 653 60.73 4.90 14.35
CA GLU C 653 59.63 3.91 14.24
C GLU C 653 59.85 2.86 13.12
N LEU C 654 60.34 3.34 11.98
CA LEU C 654 60.53 2.52 10.81
C LEU C 654 61.68 1.51 10.91
N LEU C 655 62.52 1.64 11.93
CA LEU C 655 63.54 0.62 12.21
C LEU C 655 62.91 -0.77 12.55
N ASP C 656 61.66 -0.75 13.07
CA ASP C 656 60.83 -1.94 13.31
C ASP C 656 60.09 -2.51 12.07
N THR C 657 60.41 -2.03 10.87
CA THR C 657 59.71 -2.50 9.66
C THR C 657 60.05 -3.94 9.33
N ASP C 658 61.31 -4.34 9.48
CA ASP C 658 61.72 -5.74 9.21
C ASP C 658 60.93 -6.78 10.04
N LYS C 659 60.50 -6.41 11.24
CA LYS C 659 59.63 -7.29 12.02
C LYS C 659 58.35 -7.71 11.30
N THR C 660 57.85 -6.85 10.39
CA THR C 660 56.55 -7.09 9.77
C THR C 660 56.53 -8.25 8.82
N TYR C 661 57.69 -8.62 8.28
CA TYR C 661 57.75 -9.71 7.29
C TYR C 661 57.46 -11.09 7.84
N GLY C 662 57.48 -11.24 9.16
CA GLY C 662 57.03 -12.47 9.77
C GLY C 662 55.57 -12.43 10.14
N GLU C 663 55.00 -11.24 10.18
CA GLU C 663 53.55 -11.06 10.37
C GLU C 663 52.77 -11.02 9.04
N LEU C 664 53.40 -10.55 7.97
CA LEU C 664 52.65 -10.26 6.77
C LEU C 664 53.58 -10.34 5.59
N ASP C 665 53.14 -11.10 4.57
CA ASP C 665 53.89 -11.28 3.31
C ASP C 665 53.24 -10.38 2.26
N PRO C 666 53.98 -9.34 1.80
CA PRO C 666 53.43 -8.45 0.79
C PRO C 666 53.08 -9.20 -0.52
N GLN C 667 53.80 -10.29 -0.74
CA GLN C 667 53.63 -11.13 -1.91
C GLN C 667 52.66 -12.25 -1.67
N ARG C 668 51.93 -12.23 -0.56
CA ARG C 668 51.05 -13.35 -0.21
C ARG C 668 50.15 -13.87 -1.33
N LYS C 669 49.70 -13.01 -2.25
CA LYS C 669 48.66 -13.39 -3.25
C LYS C 669 49.15 -13.78 -4.63
N VAL C 670 50.33 -13.31 -5.02
CA VAL C 670 50.86 -13.48 -6.39
C VAL C 670 52.06 -14.49 -6.47
N ARG C 671 52.82 -14.58 -5.38
CA ARG C 671 53.91 -15.55 -5.17
C ARG C 671 53.51 -16.96 -5.62
N THR C 672 54.39 -17.60 -6.42
CA THR C 672 54.18 -19.02 -6.96
C THR C 672 55.04 -20.17 -6.34
N ASP C 673 55.92 -19.85 -5.40
CA ASP C 673 56.83 -20.85 -4.77
C ASP C 673 56.31 -21.51 -3.45
N GLY C 674 55.04 -21.32 -3.10
CA GLY C 674 54.41 -21.99 -1.96
C GLY C 674 54.95 -21.63 -0.59
N TRP C 675 55.74 -20.55 -0.51
CA TRP C 675 56.36 -20.10 0.75
C TRP C 675 55.34 -19.27 1.59
N GLU C 676 55.45 -19.41 2.92
CA GLU C 676 54.68 -18.63 3.88
C GLU C 676 55.54 -18.29 5.10
N PRO C 677 55.16 -17.19 5.81
CA PRO C 677 55.82 -16.95 7.10
C PRO C 677 55.45 -18.06 8.07
N SER C 678 56.44 -18.60 8.78
CA SER C 678 56.20 -19.48 9.93
C SER C 678 56.86 -18.78 11.09
N PRO C 679 56.60 -19.23 12.34
CA PRO C 679 57.36 -18.65 13.47
C PRO C 679 58.82 -19.10 13.49
N ASN C 680 59.67 -18.22 14.05
CA ASN C 680 61.14 -18.43 14.17
C ASN C 680 61.93 -18.70 12.88
N SER C 681 61.27 -18.61 11.72
CA SER C 681 61.90 -18.93 10.43
C SER C 681 62.37 -17.65 9.76
N THR C 682 63.16 -17.79 8.70
CA THR C 682 63.56 -16.64 7.90
C THR C 682 62.35 -16.04 7.23
N VAL C 683 62.52 -14.82 6.69
CA VAL C 683 61.40 -14.06 6.10
C VAL C 683 61.76 -13.56 4.70
N SER C 684 60.76 -13.52 3.80
CA SER C 684 61.02 -13.11 2.43
C SER C 684 60.66 -11.65 2.20
N PHE C 685 61.54 -10.93 1.53
CA PHE C 685 61.22 -9.61 1.08
C PHE C 685 61.99 -9.35 -0.20
N GLY C 686 61.47 -8.46 -1.04
CA GLY C 686 62.09 -8.10 -2.31
C GLY C 686 63.32 -7.21 -2.19
N LEU C 687 64.20 -7.29 -3.19
CA LEU C 687 65.42 -6.51 -3.20
C LEU C 687 65.27 -5.14 -3.79
N GLY C 688 64.12 -4.85 -4.40
CA GLY C 688 63.92 -3.54 -4.98
C GLY C 688 63.04 -2.69 -4.12
N THR C 689 61.76 -3.03 -4.14
CA THR C 689 60.78 -2.33 -3.34
C THR C 689 61.09 -2.39 -1.86
N ASP C 690 60.96 -3.61 -1.31
CA ASP C 690 61.00 -3.81 0.14
C ASP C 690 62.32 -3.37 0.75
N TRP C 691 63.42 -3.96 0.30
CA TRP C 691 64.74 -3.58 0.78
C TRP C 691 65.07 -2.07 0.56
N SER C 692 64.65 -1.44 -0.54
CA SER C 692 65.00 0.02 -0.72
C SER C 692 64.55 0.83 0.50
N GLY C 693 63.30 0.62 0.92
CA GLY C 693 62.75 1.24 2.12
C GLY C 693 63.49 0.84 3.38
N LEU C 694 63.72 -0.47 3.57
CA LEU C 694 64.52 -0.91 4.72
C LEU C 694 65.91 -0.29 4.80
N ALA C 695 66.67 -0.36 3.70
CA ALA C 695 68.06 0.11 3.70
C ALA C 695 68.17 1.57 3.99
N ALA C 696 67.18 2.34 3.57
CA ALA C 696 67.14 3.78 3.80
C ALA C 696 66.90 4.08 5.25
N GLY C 697 66.00 3.33 5.89
CA GLY C 697 65.75 3.45 7.33
C GLY C 697 67.02 3.21 8.15
N TRP C 698 67.73 2.15 7.79
CA TRP C 698 69.00 1.79 8.41
C TRP C 698 70.13 2.83 8.19
N LEU C 699 70.25 3.35 6.97
CA LEU C 699 71.32 4.27 6.67
C LEU C 699 71.07 5.62 7.33
N ILE C 700 69.80 6.05 7.45
CA ILE C 700 69.48 7.28 8.19
C ILE C 700 69.93 7.15 9.63
N GLU C 701 69.63 6.02 10.28
CA GLU C 701 69.94 5.82 11.70
C GLU C 701 71.43 5.75 11.91
N TRP C 702 72.14 5.15 10.96
CA TRP C 702 73.59 5.07 11.03
C TRP C 702 74.16 6.53 10.98
N GLU C 703 73.74 7.30 9.96
CA GLU C 703 74.07 8.71 9.78
C GLU C 703 73.76 9.51 11.03
N ARG C 704 72.57 9.32 11.61
CA ARG C 704 72.24 10.00 12.85
C ARG C 704 73.03 9.52 14.09
N ARG C 705 73.74 8.41 14.02
CA ARG C 705 74.25 7.76 15.25
C ARG C 705 73.18 7.72 16.36
N GLY C 706 71.99 7.23 16.02
CA GLY C 706 70.88 7.14 16.96
C GLY C 706 71.00 5.93 17.88
N PRO C 707 70.04 5.75 18.78
CA PRO C 707 70.15 4.69 19.80
C PRO C 707 70.40 3.29 19.25
N ARG C 708 69.94 3.05 18.01
CA ARG C 708 70.06 1.76 17.33
C ARG C 708 70.96 1.84 16.09
N TRP C 709 71.97 2.68 16.11
CA TRP C 709 72.83 2.79 14.94
C TRP C 709 73.73 1.58 14.64
N GLU C 710 74.26 0.90 15.66
CA GLU C 710 75.14 -0.27 15.43
C GLU C 710 74.35 -1.37 14.74
N GLU C 711 73.13 -1.58 15.26
CA GLU C 711 72.13 -2.46 14.65
C GLU C 711 71.95 -2.13 13.17
N ALA C 712 71.72 -0.84 12.88
CA ALA C 712 71.43 -0.43 11.52
C ALA C 712 72.63 -0.55 10.57
N LYS C 713 73.83 -0.20 11.03
CA LYS C 713 75.08 -0.46 10.25
C LYS C 713 75.29 -1.98 9.98
N THR C 714 74.85 -2.83 10.90
CA THR C 714 75.01 -4.28 10.73
C THR C 714 74.00 -4.79 9.70
N LYS C 715 72.73 -4.43 9.88
CA LYS C 715 71.70 -4.87 8.94
C LYS C 715 72.00 -4.33 7.53
N LEU C 716 72.35 -3.06 7.41
CA LEU C 716 72.63 -2.51 6.09
C LEU C 716 73.85 -3.18 5.45
N THR C 717 74.89 -3.43 6.24
CA THR C 717 76.14 -4.02 5.72
C THR C 717 75.92 -5.52 5.43
N ASN C 718 75.21 -6.22 6.28
CA ASN C 718 74.86 -7.63 6.02
C ASN C 718 73.91 -7.83 4.82
N THR C 719 72.81 -7.10 4.73
CA THR C 719 71.95 -7.20 3.55
C THR C 719 72.73 -6.82 2.30
N ILE C 720 73.54 -5.76 2.36
CA ILE C 720 74.37 -5.38 1.21
C ILE C 720 75.29 -6.54 0.74
N ALA C 721 76.17 -7.02 1.62
CA ALA C 721 77.03 -8.21 1.37
C ALA C 721 76.25 -9.43 0.91
N GLY C 722 75.12 -9.68 1.55
CA GLY C 722 74.20 -10.72 1.14
C GLY C 722 73.82 -10.61 -0.33
N ILE C 723 73.48 -9.40 -0.79
CA ILE C 723 73.10 -9.20 -2.21
C ILE C 723 74.29 -9.37 -3.16
N ALA C 724 75.45 -8.90 -2.77
CA ALA C 724 76.66 -9.14 -3.59
C ALA C 724 76.96 -10.64 -3.90
N ASN C 725 76.80 -11.49 -2.88
CA ASN C 725 77.15 -12.90 -3.03
CA ASN C 725 77.09 -12.93 -2.90
C ASN C 725 75.97 -13.76 -3.50
N LEU C 726 74.81 -13.13 -3.76
CA LEU C 726 73.77 -13.80 -4.55
C LEU C 726 74.34 -13.84 -5.95
N THR C 727 73.97 -14.87 -6.71
CA THR C 727 74.72 -15.16 -7.92
C THR C 727 74.41 -14.06 -8.90
N ASN C 728 73.12 -13.81 -9.11
CA ASN C 728 72.67 -12.76 -9.99
C ASN C 728 72.32 -11.46 -9.24
N GLY C 729 73.14 -11.06 -8.26
CA GLY C 729 72.91 -9.86 -7.45
C GLY C 729 71.46 -9.37 -7.38
N PHE C 730 71.20 -8.18 -7.92
CA PHE C 730 69.84 -7.62 -7.83
C PHE C 730 68.86 -8.38 -8.72
N VAL C 731 69.32 -8.91 -9.84
CA VAL C 731 68.44 -9.62 -10.77
C VAL C 731 67.73 -10.81 -10.13
N THR C 732 68.30 -11.32 -9.04
CA THR C 732 67.59 -12.21 -8.16
C THR C 732 66.28 -11.49 -7.75
N GLY C 733 65.23 -12.24 -7.48
CA GLY C 733 63.98 -11.55 -7.06
C GLY C 733 64.08 -10.95 -5.66
N SER C 734 64.07 -11.88 -4.72
CA SER C 734 64.06 -11.62 -3.33
C SER C 734 65.34 -12.19 -2.77
N GLY C 735 65.40 -12.13 -1.46
CA GLY C 735 66.17 -13.04 -0.65
C GLY C 735 65.34 -13.43 0.56
N LEU C 736 65.87 -14.38 1.31
CA LEU C 736 65.35 -14.74 2.62
C LEU C 736 66.26 -14.07 3.63
N TYR C 737 65.64 -13.49 4.66
CA TYR C 737 66.29 -12.68 5.61
C TYR C 737 66.15 -13.30 7.00
N ASP C 738 67.25 -13.43 7.73
CA ASP C 738 67.15 -13.95 9.08
C ASP C 738 66.91 -12.83 10.12
N PRO C 739 65.74 -12.85 10.77
CA PRO C 739 65.44 -11.79 11.73
C PRO C 739 66.24 -11.82 13.04
N VAL C 740 66.95 -12.92 13.33
CA VAL C 740 67.86 -12.98 14.50
C VAL C 740 69.33 -12.68 14.12
N THR C 741 69.82 -13.28 13.05
CA THR C 741 71.21 -13.13 12.62
C THR C 741 71.42 -11.98 11.61
N TRP C 742 70.32 -11.40 11.11
CA TRP C 742 70.38 -10.20 10.26
C TRP C 742 71.19 -10.42 9.00
N THR C 743 71.06 -11.60 8.39
CA THR C 743 71.74 -11.96 7.13
C THR C 743 70.72 -12.27 6.06
N LEU C 744 71.21 -12.24 4.82
CA LEU C 744 70.37 -12.42 3.61
C LEU C 744 70.96 -13.45 2.65
N GLY C 745 70.16 -14.48 2.39
CA GLY C 745 70.51 -15.53 1.45
C GLY C 745 69.58 -15.53 0.26
N PRO C 746 69.56 -16.63 -0.50
CA PRO C 746 68.76 -16.68 -1.73
C PRO C 746 67.30 -16.92 -1.45
N PRO C 747 66.45 -16.74 -2.46
CA PRO C 747 65.01 -16.92 -2.27
C PRO C 747 64.59 -18.41 -2.24
N PRO C 748 63.42 -18.75 -1.63
CA PRO C 748 62.97 -20.14 -1.47
C PRO C 748 63.21 -21.07 -2.68
N SER C 749 62.96 -20.57 -3.89
CA SER C 749 63.14 -21.41 -5.08
C SER C 749 64.59 -21.77 -5.50
N ASP C 750 65.62 -21.25 -4.81
CA ASP C 750 67.05 -21.39 -5.22
C ASP C 750 67.97 -21.59 -4.00
N PRO C 751 67.76 -22.66 -3.20
CA PRO C 751 68.46 -22.70 -1.91
C PRO C 751 69.97 -22.83 -2.00
N GLY C 752 70.51 -23.26 -3.13
CA GLY C 752 71.97 -23.42 -3.28
C GLY C 752 72.69 -22.30 -4.02
N ASN C 753 71.96 -21.19 -4.21
CA ASN C 753 72.47 -19.97 -4.84
C ASN C 753 73.13 -20.23 -6.20
N ARG C 754 72.36 -20.90 -7.07
CA ARG C 754 72.83 -21.22 -8.41
C ARG C 754 72.41 -20.15 -9.40
N GLY C 755 71.41 -19.35 -9.03
CA GLY C 755 70.80 -18.37 -9.95
C GLY C 755 69.26 -18.35 -9.99
N ASN C 756 68.71 -17.17 -9.72
CA ASN C 756 67.27 -16.88 -9.84
C ASN C 756 67.18 -15.64 -10.69
N VAL C 757 66.15 -15.56 -11.53
CA VAL C 757 65.92 -14.38 -12.40
C VAL C 757 64.48 -13.91 -12.25
N SER C 758 64.33 -12.67 -11.78
CA SER C 758 63.03 -12.18 -11.40
C SER C 758 63.01 -10.65 -11.37
N ILE C 759 62.36 -10.07 -12.37
CA ILE C 759 62.28 -8.63 -12.58
C ILE C 759 60.92 -8.05 -12.29
N SER C 760 60.92 -6.85 -11.73
CA SER C 760 59.70 -6.10 -11.61
C SER C 760 60.04 -4.71 -11.98
N HIS C 761 59.22 -4.14 -12.86
CA HIS C 761 59.22 -2.71 -13.16
C HIS C 761 59.19 -1.77 -11.90
N LEU C 762 58.59 -2.24 -10.80
CA LEU C 762 58.48 -1.47 -9.53
C LEU C 762 59.76 -1.37 -8.69
N ASN C 763 60.70 -2.30 -8.88
CA ASN C 763 61.81 -2.46 -7.92
C ASN C 763 62.69 -1.21 -7.75
N ALA C 764 63.02 -0.57 -8.87
CA ALA C 764 63.92 0.58 -8.88
C ALA C 764 63.27 1.96 -8.66
N VAL C 765 61.94 2.04 -8.65
CA VAL C 765 61.28 3.37 -8.75
C VAL C 765 60.75 3.89 -7.42
N PHE C 766 61.09 3.23 -6.31
CA PHE C 766 60.63 3.66 -4.97
C PHE C 766 61.79 4.03 -4.04
N GLY C 767 62.86 4.61 -4.61
CA GLY C 767 64.03 4.99 -3.84
C GLY C 767 65.32 4.20 -4.06
N LEU C 768 65.26 3.07 -4.73
CA LEU C 768 66.43 2.21 -4.81
C LEU C 768 67.74 2.87 -5.35
N PRO C 769 67.72 3.53 -6.52
CA PRO C 769 68.96 4.19 -7.00
C PRO C 769 69.51 5.27 -6.10
N GLU C 770 68.62 5.94 -5.42
CA GLU C 770 68.96 6.98 -4.45
C GLU C 770 69.60 6.42 -3.15
N VAL C 771 68.97 5.39 -2.56
CA VAL C 771 69.48 4.72 -1.35
C VAL C 771 70.83 4.11 -1.65
N VAL C 772 70.84 3.35 -2.74
CA VAL C 772 72.04 2.63 -3.15
C VAL C 772 73.23 3.59 -3.46
N SER C 773 73.03 4.64 -4.27
CA SER C 773 74.13 5.57 -4.51
C SER C 773 74.63 6.13 -3.16
N GLU C 774 73.72 6.49 -2.26
CA GLU C 774 74.11 7.05 -0.96
C GLU C 774 74.85 6.01 -0.11
N ALA C 775 74.36 4.75 -0.14
CA ALA C 775 74.98 3.68 0.68
C ALA C 775 76.36 3.30 0.16
N ILE C 776 76.55 3.29 -1.15
CA ILE C 776 77.86 3.05 -1.73
C ILE C 776 78.85 4.13 -1.29
N ALA C 777 78.44 5.39 -1.43
CA ALA C 777 79.28 6.51 -1.01
C ALA C 777 79.56 6.50 0.49
N TYR C 778 78.59 6.08 1.30
CA TYR C 778 78.71 6.17 2.75
C TYR C 778 79.64 5.07 3.23
N LEU C 779 79.59 3.89 2.60
CA LEU C 779 80.47 2.74 2.94
C LEU C 779 81.92 2.85 2.47
N ALA C 780 82.17 3.48 1.31
CA ALA C 780 83.55 3.76 0.90
C ALA C 780 84.38 2.44 0.84
N ASP C 781 85.65 2.44 1.32
CA ASP C 781 86.55 1.26 1.24
C ASP C 781 85.99 -0.02 1.86
N ASP C 782 85.10 0.09 2.86
CA ASP C 782 84.50 -1.10 3.49
C ASP C 782 83.34 -1.69 2.70
N ILE C 783 83.01 -1.15 1.53
CA ILE C 783 81.96 -1.73 0.72
C ILE C 783 82.27 -3.20 0.36
N PRO C 784 81.33 -4.13 0.60
CA PRO C 784 81.52 -5.53 0.21
C PRO C 784 81.93 -5.77 -1.27
N LYS C 785 82.93 -6.63 -1.51
CA LYS C 785 83.37 -6.97 -2.88
C LYS C 785 82.16 -7.49 -3.66
N GLY C 786 81.95 -6.89 -4.84
CA GLY C 786 80.90 -7.29 -5.79
C GLY C 786 79.63 -6.44 -5.86
N PHE C 787 79.39 -5.58 -4.86
CA PHE C 787 78.09 -4.90 -4.73
C PHE C 787 77.92 -3.76 -5.74
N LYS C 788 78.91 -2.87 -5.83
CA LYS C 788 78.86 -1.82 -6.84
C LYS C 788 78.66 -2.36 -8.27
N GLN C 789 79.25 -3.51 -8.57
CA GLN C 789 79.09 -4.16 -9.87
C GLN C 789 77.70 -4.81 -9.99
N ALA C 790 77.20 -5.46 -8.93
CA ALA C 790 75.84 -6.03 -9.00
C ALA C 790 74.78 -4.95 -9.33
N TRP C 791 74.87 -3.78 -8.68
CA TRP C 791 74.04 -2.61 -9.00
C TRP C 791 74.25 -2.08 -10.46
N LEU C 792 75.49 -1.83 -10.85
CA LEU C 792 75.79 -1.49 -12.24
C LEU C 792 75.14 -2.47 -13.21
N ASP C 793 75.26 -3.77 -12.91
CA ASP C 793 74.62 -4.83 -13.71
C ASP C 793 73.15 -4.52 -13.85
N TYR C 794 72.45 -4.29 -12.73
CA TYR C 794 71.01 -4.03 -12.81
C TYR C 794 70.73 -2.82 -13.71
N CYS C 795 71.49 -1.74 -13.54
CA CYS C 795 71.23 -0.51 -14.28
C CYS C 795 71.45 -0.69 -15.76
N TYR C 796 72.53 -1.41 -16.09
CA TYR C 796 72.89 -1.75 -17.49
C TYR C 796 71.83 -2.65 -18.15
N TYR C 797 71.57 -3.81 -17.55
CA TYR C 797 70.77 -4.84 -18.22
C TYR C 797 69.26 -4.65 -18.14
N TYR C 798 68.76 -3.80 -17.23
CA TYR C 798 67.30 -3.63 -17.09
C TYR C 798 66.69 -3.48 -18.49
N HIS C 799 67.22 -2.55 -19.30
CA HIS C 799 66.76 -2.37 -20.69
C HIS C 799 67.91 -2.43 -21.68
N ALA C 800 68.76 -3.44 -21.51
CA ALA C 800 69.68 -3.83 -22.58
C ALA C 800 68.88 -4.76 -23.47
N SER C 801 69.42 -5.06 -24.65
CA SER C 801 68.71 -5.91 -25.61
C SER C 801 68.55 -7.33 -25.08
N ALA C 802 67.45 -7.96 -25.49
CA ALA C 802 67.13 -9.30 -25.03
C ALA C 802 68.25 -10.35 -25.20
N SER C 803 69.19 -10.13 -26.15
CA SER C 803 70.42 -10.96 -26.29
C SER C 803 71.26 -10.94 -25.04
N GLU C 804 71.68 -9.73 -24.66
CA GLU C 804 72.73 -9.56 -23.63
C GLU C 804 72.18 -10.04 -22.30
N GLN C 805 70.89 -9.83 -22.11
CA GLN C 805 70.19 -10.38 -21.00
C GLN C 805 70.36 -11.90 -20.94
N LYS C 806 69.93 -12.62 -21.97
CA LYS C 806 70.12 -14.11 -22.04
C LYS C 806 71.58 -14.54 -21.97
N ASP C 807 72.42 -13.83 -22.73
CA ASP C 807 73.84 -14.06 -22.76
C ASP C 807 74.48 -13.96 -21.37
N ARG C 808 73.96 -13.03 -20.56
CA ARG C 808 74.45 -12.75 -19.18
C ARG C 808 73.80 -13.56 -18.06
N TYR C 809 72.54 -13.96 -18.21
CA TYR C 809 71.73 -14.58 -17.14
C TYR C 809 70.99 -15.87 -17.49
N GLY C 810 71.07 -16.34 -18.73
CA GLY C 810 70.30 -17.50 -19.18
C GLY C 810 69.04 -17.06 -19.91
N VAL C 811 68.14 -16.36 -19.21
CA VAL C 811 66.89 -15.86 -19.83
C VAL C 811 66.99 -14.38 -20.16
N SER C 812 66.02 -13.94 -20.95
CA SER C 812 65.78 -12.53 -21.20
C SER C 812 64.59 -12.14 -20.31
N PHE C 813 64.42 -10.84 -20.08
CA PHE C 813 63.63 -10.37 -18.94
C PHE C 813 62.12 -10.35 -19.24
N LYS C 815 59.32 -9.13 -18.06
CA LYS C 815 58.14 -8.26 -18.27
C LYS C 815 58.50 -6.78 -17.95
N ILE C 816 59.47 -6.23 -18.71
CA ILE C 816 60.05 -4.89 -18.46
C ILE C 816 59.16 -3.78 -18.98
N SER C 817 59.05 -2.69 -18.22
CA SER C 817 58.26 -1.52 -18.59
C SER C 817 58.79 -0.34 -17.79
N LEU C 818 58.10 0.81 -17.82
CA LEU C 818 58.60 2.04 -17.21
C LEU C 818 60.01 2.42 -17.71
N LEU C 819 60.18 2.33 -19.02
CA LEU C 819 61.46 2.59 -19.66
C LEU C 819 61.98 4.03 -19.39
N GLN C 820 61.10 5.03 -19.42
CA GLN C 820 61.49 6.43 -19.11
C GLN C 820 61.98 6.56 -17.65
N ALA C 821 61.15 6.02 -16.76
CA ALA C 821 61.48 5.98 -15.34
C ALA C 821 62.86 5.38 -15.10
N HIS C 822 63.19 4.30 -15.82
CA HIS C 822 64.48 3.61 -15.65
C HIS C 822 65.65 4.16 -16.45
N SER C 823 65.44 5.27 -17.15
CA SER C 823 66.47 5.80 -18.00
C SER C 823 67.55 6.38 -17.11
N ARG C 824 67.17 6.81 -15.92
CA ARG C 824 68.11 7.37 -14.93
C ARG C 824 69.07 6.32 -14.33
N LEU C 825 68.74 5.03 -14.44
CA LEU C 825 69.69 3.98 -14.04
C LEU C 825 70.80 3.87 -15.07
N ALA C 826 70.40 3.83 -16.34
CA ALA C 826 71.36 3.91 -17.44
C ALA C 826 72.25 5.12 -17.26
N ALA C 827 71.65 6.25 -16.86
CA ALA C 827 72.41 7.51 -16.70
C ALA C 827 73.46 7.42 -15.60
N TYR C 828 73.05 6.90 -14.45
CA TYR C 828 73.95 6.67 -13.32
C TYR C 828 75.11 5.80 -13.81
N ALA C 829 74.80 4.67 -14.47
CA ALA C 829 75.84 3.72 -14.82
C ALA C 829 76.77 4.24 -15.93
N ALA C 830 76.20 4.97 -16.89
CA ALA C 830 76.97 5.74 -17.91
C ALA C 830 77.98 6.72 -17.28
N TYR C 831 77.52 7.51 -16.31
CA TYR C 831 78.42 8.42 -15.62
C TYR C 831 79.51 7.65 -14.91
N GLU C 832 79.11 6.63 -14.17
CA GLU C 832 80.02 5.92 -13.30
C GLU C 832 81.03 5.05 -14.06
N THR C 833 80.67 4.55 -15.26
CA THR C 833 81.58 3.69 -16.08
C THR C 833 82.15 4.43 -17.30
N LYS C 834 82.04 5.76 -17.25
CA LYS C 834 82.37 6.64 -18.38
C LYS C 834 82.06 5.96 -19.72
N ASN C 835 80.82 5.46 -19.86
CA ASN C 835 80.34 4.77 -21.07
C ASN C 835 79.48 5.72 -21.90
N LYS C 836 80.04 6.14 -23.02
CA LYS C 836 79.39 7.11 -23.91
C LYS C 836 78.12 6.55 -24.57
N THR C 837 78.19 5.31 -25.06
CA THR C 837 77.08 4.64 -25.78
C THR C 837 75.81 4.41 -24.96
N LEU C 838 76.03 4.16 -23.67
CA LEU C 838 74.99 3.94 -22.67
C LEU C 838 74.29 5.24 -22.35
N ALA C 839 75.04 6.30 -22.04
CA ALA C 839 74.43 7.65 -21.91
C ALA C 839 73.45 7.96 -23.06
N LEU C 840 73.84 7.66 -24.30
CA LEU C 840 72.93 7.82 -25.43
C LEU C 840 71.66 7.00 -25.27
N ARG C 841 71.79 5.73 -24.89
CA ARG C 841 70.61 4.87 -24.67
C ARG C 841 69.70 5.42 -23.56
N ALA C 842 70.31 5.91 -22.48
CA ALA C 842 69.60 6.62 -21.42
C ALA C 842 68.72 7.72 -22.00
N TRP C 843 69.33 8.62 -22.76
CA TRP C 843 68.59 9.71 -23.41
C TRP C 843 67.51 9.26 -24.41
N LYS C 844 67.71 8.13 -25.09
CA LYS C 844 66.72 7.64 -26.04
C LYS C 844 65.52 7.11 -25.33
N ASP C 845 65.76 6.33 -24.28
CA ASP C 845 64.70 5.82 -23.38
C ASP C 845 63.91 6.97 -22.78
N PHE C 846 64.61 8.07 -22.45
CA PHE C 846 63.92 9.21 -21.87
C PHE C 846 63.01 9.86 -22.91
N TYR C 847 63.61 10.28 -24.02
CA TYR C 847 62.90 10.99 -25.14
C TYR C 847 62.05 10.13 -26.06
N ALA C 848 62.11 8.79 -26.00
CA ALA C 848 61.38 7.96 -26.99
C ALA C 848 61.03 6.53 -26.57
N SER C 849 60.58 6.34 -25.33
CA SER C 849 59.94 5.07 -24.93
C SER C 849 58.52 5.36 -24.48
N ASP C 850 58.26 5.35 -23.18
CA ASP C 850 56.91 5.50 -22.63
C ASP C 850 56.95 6.77 -21.77
N GLY C 851 56.18 6.79 -20.68
CA GLY C 851 56.16 7.94 -19.78
C GLY C 851 55.46 9.11 -20.47
N LEU C 852 56.07 10.30 -20.40
CA LEU C 852 55.61 11.46 -21.11
C LEU C 852 56.55 11.74 -22.27
N LEU C 853 56.05 11.46 -23.48
CA LEU C 853 56.82 11.73 -24.69
C LEU C 853 57.01 13.22 -24.90
N PRO C 854 58.09 13.63 -25.57
CA PRO C 854 58.35 15.06 -25.83
C PRO C 854 57.27 15.79 -26.66
N ASP C 855 56.64 15.10 -27.61
CA ASP C 855 55.56 15.68 -28.44
C ASP C 855 54.17 15.34 -27.89
N ALA C 856 54.07 15.01 -26.61
CA ALA C 856 52.75 15.01 -25.90
C ALA C 856 52.19 16.48 -25.80
N PRO C 857 50.93 16.64 -25.39
CA PRO C 857 50.35 17.99 -25.51
C PRO C 857 51.06 19.11 -24.70
N TRP C 858 51.69 18.75 -23.59
CA TRP C 858 52.36 19.72 -22.70
C TRP C 858 51.57 21.01 -22.45
N ASN C 859 50.28 20.85 -22.15
CA ASN C 859 49.40 22.00 -21.96
C ASN C 859 48.13 21.62 -21.22
N ILE C 860 47.49 22.63 -20.65
CA ILE C 860 46.28 22.42 -19.88
C ILE C 860 45.09 22.89 -20.73
N THR C 861 43.99 22.15 -20.67
CA THR C 861 42.70 22.50 -21.23
C THR C 861 41.81 22.93 -20.06
N HIS C 862 41.05 24.02 -20.22
CA HIS C 862 40.02 24.48 -19.26
C HIS C 862 38.66 23.82 -19.55
N VAL C 863 37.89 23.45 -18.52
CA VAL C 863 36.58 22.80 -18.66
C VAL C 863 35.60 23.50 -17.75
N ASP C 864 34.44 23.91 -18.28
CA ASP C 864 33.46 24.63 -17.49
C ASP C 864 32.03 24.41 -17.95
N GLY C 865 31.08 25.27 -17.60
CA GLY C 865 29.67 24.94 -17.83
C GLY C 865 29.14 23.66 -17.16
N SER C 866 28.09 23.10 -17.76
CA SER C 866 27.39 21.92 -17.22
C SER C 866 28.19 20.60 -17.27
N ASP C 867 29.37 20.59 -17.90
CA ASP C 867 30.21 19.40 -17.82
C ASP C 867 30.76 19.09 -16.40
N VAL C 868 30.99 20.12 -15.59
CA VAL C 868 31.61 19.96 -14.26
C VAL C 868 30.95 20.85 -13.22
N LEU C 869 30.94 20.35 -11.98
CA LEU C 869 30.49 21.10 -10.82
C LEU C 869 31.05 22.54 -10.74
N VAL C 870 32.35 22.67 -10.91
CA VAL C 870 33.04 23.95 -10.81
C VAL C 870 34.07 24.02 -11.92
N PRO C 871 34.50 25.22 -12.30
CA PRO C 871 35.49 25.19 -13.39
C PRO C 871 36.87 24.59 -13.01
N VAL C 872 37.49 23.85 -13.93
CA VAL C 872 38.78 23.20 -13.71
C VAL C 872 39.73 23.24 -14.92
N ASP C 873 41.04 23.16 -14.66
CA ASP C 873 42.04 22.90 -15.68
C ASP C 873 42.37 21.42 -15.61
N GLU C 874 42.73 20.84 -16.76
CA GLU C 874 43.02 19.43 -16.79
C GLU C 874 44.20 19.14 -17.72
N ALA C 875 44.82 17.99 -17.46
CA ALA C 875 45.90 17.49 -18.25
C ALA C 875 45.65 16.00 -18.37
N ALA C 876 44.61 15.64 -19.09
CA ALA C 876 44.21 14.22 -19.08
C ALA C 876 45.24 13.25 -19.63
N TRP C 877 46.20 13.79 -20.39
CA TRP C 877 47.36 13.11 -21.00
C TRP C 877 48.52 12.75 -20.02
N LEU C 878 48.42 13.18 -18.77
CA LEU C 878 49.36 12.76 -17.73
C LEU C 878 48.60 12.19 -16.57
N ALA C 879 49.34 11.42 -15.78
CA ALA C 879 48.91 10.92 -14.50
C ALA C 879 50.12 11.09 -13.58
N THR C 880 49.91 10.85 -12.30
CA THR C 880 50.92 11.21 -11.31
C THR C 880 52.16 10.30 -11.35
N ASN C 881 51.98 9.01 -11.62
CA ASN C 881 53.09 8.11 -11.94
C ASN C 881 53.99 8.67 -13.03
N ASP C 882 53.40 9.32 -14.03
CA ASP C 882 54.15 9.76 -15.19
C ASP C 882 55.03 10.95 -14.73
N ILE C 883 54.40 11.94 -14.08
CA ILE C 883 55.11 13.19 -13.70
C ILE C 883 56.19 12.99 -12.67
N ALA C 884 55.98 12.05 -11.76
CA ALA C 884 56.96 11.72 -10.73
C ALA C 884 58.24 11.19 -11.35
N GLN C 885 58.07 10.18 -12.20
CA GLN C 885 59.22 9.53 -12.81
C GLN C 885 59.86 10.40 -13.88
N TYR C 886 59.06 11.11 -14.68
CA TYR C 886 59.57 12.07 -15.67
C TYR C 886 60.51 13.07 -15.01
N GLY C 887 60.07 13.65 -13.91
CA GLY C 887 60.85 14.64 -13.18
C GLY C 887 62.10 14.08 -12.52
N LEU C 888 61.98 12.89 -11.95
CA LEU C 888 63.16 12.19 -11.43
C LEU C 888 64.11 11.81 -12.56
N ALA C 889 63.56 11.39 -13.70
CA ALA C 889 64.39 11.05 -14.85
C ALA C 889 65.09 12.32 -15.33
N VAL C 890 64.33 13.43 -15.50
CA VAL C 890 64.91 14.73 -15.98
C VAL C 890 66.06 15.15 -15.08
N ILE C 891 65.82 15.18 -13.78
CA ILE C 891 66.80 15.70 -12.86
C ILE C 891 68.06 14.84 -12.83
N GLN C 892 67.88 13.54 -12.70
CA GLN C 892 69.03 12.64 -12.62
C GLN C 892 69.77 12.47 -13.97
N ASN C 893 69.04 12.40 -15.09
CA ASN C 893 69.69 12.40 -16.40
C ASN C 893 70.49 13.69 -16.62
N LEU C 894 69.95 14.84 -16.21
CA LEU C 894 70.73 16.08 -16.30
C LEU C 894 71.99 16.10 -15.47
N ALA C 895 71.94 15.48 -14.30
CA ALA C 895 73.04 15.52 -13.33
C ALA C 895 74.15 14.54 -13.67
N TYR C 896 73.78 13.37 -14.22
CA TYR C 896 74.73 12.34 -14.61
C TYR C 896 75.28 12.48 -16.05
N VAL C 897 74.41 12.77 -17.03
CA VAL C 897 74.82 12.75 -18.43
C VAL C 897 74.33 13.93 -19.27
N SER C 898 74.36 15.16 -18.75
CA SER C 898 74.04 16.33 -19.62
C SER C 898 75.10 16.56 -20.69
N ASP C 899 76.31 16.02 -20.50
CA ASP C 899 77.32 16.01 -21.57
C ASP C 899 76.90 15.23 -22.87
N SER C 900 76.06 14.21 -22.75
CA SER C 900 75.59 13.45 -23.94
C SER C 900 74.26 13.95 -24.54
N LEU C 901 73.65 14.95 -23.93
CA LEU C 901 72.36 15.46 -24.36
C LEU C 901 72.48 16.23 -25.69
N ASP C 902 73.45 17.15 -25.79
CA ASP C 902 73.73 17.89 -27.05
C ASP C 902 73.98 16.85 -28.19
N ASP C 903 74.71 15.77 -27.89
CA ASP C 903 74.94 14.67 -28.84
C ASP C 903 73.67 13.97 -29.25
N TYR C 904 72.90 13.47 -28.27
CA TYR C 904 71.60 12.88 -28.59
C TYR C 904 70.72 13.77 -29.54
N GLN C 905 70.84 15.10 -29.51
CA GLN C 905 70.15 15.97 -30.51
C GLN C 905 70.79 15.75 -31.91
N SER C 906 70.23 14.76 -32.63
CA SER C 906 70.80 14.11 -33.85
C SER C 906 69.97 12.88 -34.23
N PHE D 1 -41.82 11.33 91.44
CA PHE D 1 -42.86 11.34 90.42
C PHE D 1 -43.08 9.97 89.74
N ASN D 2 -43.69 10.00 88.57
CA ASN D 2 -44.00 8.84 87.73
C ASN D 2 -42.86 8.03 87.22
N CYS D 3 -43.14 6.85 86.70
CA CYS D 3 -42.15 6.10 85.96
C CYS D 3 -42.86 5.60 84.75
N THR D 4 -42.31 5.92 83.62
CA THR D 4 -42.79 5.40 82.38
C THR D 4 -41.65 4.51 81.95
N SER D 5 -41.90 3.22 81.76
CA SER D 5 -40.86 2.31 81.37
C SER D 5 -41.35 1.30 80.39
N SER D 6 -40.44 0.81 79.57
CA SER D 6 -40.79 -0.20 78.57
C SER D 6 -39.54 -0.90 78.10
N SER D 7 -39.72 -2.05 77.45
CA SER D 7 -38.60 -2.87 76.94
C SER D 7 -38.69 -2.96 75.45
N ALA D 8 -37.54 -3.07 74.81
CA ALA D 8 -37.50 -3.44 73.39
C ALA D 8 -36.34 -4.37 73.17
N THR D 9 -36.53 -5.28 72.20
CA THR D 9 -35.71 -6.47 72.07
C THR D 9 -35.09 -6.55 70.66
N VAL D 10 -33.81 -6.89 70.64
CA VAL D 10 -33.02 -6.81 69.44
C VAL D 10 -32.39 -8.19 69.12
N HIS D 11 -32.53 -8.64 67.88
CA HIS D 11 -32.12 -9.99 67.44
CA HIS D 11 -32.10 -9.99 67.45
C HIS D 11 -31.00 -9.93 66.38
N TRP D 12 -30.24 -11.02 66.23
CA TRP D 12 -29.21 -11.11 65.19
C TRP D 12 -29.88 -11.27 63.84
N LEU D 13 -29.27 -10.67 62.83
CA LEU D 13 -29.92 -10.55 61.53
C LEU D 13 -30.11 -11.90 60.87
N GLY D 14 -29.09 -12.75 60.89
CA GLY D 14 -29.28 -14.12 60.43
C GLY D 14 -29.07 -15.11 61.55
N ASP D 15 -28.20 -16.08 61.33
CA ASP D 15 -27.85 -16.97 62.40
C ASP D 15 -27.03 -16.15 63.41
N LYS D 16 -27.22 -16.48 64.68
CA LYS D 16 -26.33 -16.05 65.75
C LYS D 16 -24.85 -16.24 65.33
N PRO D 17 -24.01 -15.19 65.42
CA PRO D 17 -22.62 -15.38 65.00
C PRO D 17 -21.81 -16.00 66.10
N THR D 18 -20.63 -16.45 65.71
CA THR D 18 -19.65 -17.10 66.61
C THR D 18 -18.62 -16.07 67.05
N TYR D 19 -18.60 -14.92 66.36
CA TYR D 19 -17.72 -13.80 66.67
C TYR D 19 -18.35 -12.47 66.27
N HIS D 20 -18.23 -11.48 67.14
CA HIS D 20 -18.53 -10.10 66.77
C HIS D 20 -17.54 -9.15 67.45
N ALA D 21 -17.29 -7.99 66.84
CA ALA D 21 -16.22 -7.08 67.30
C ALA D 21 -16.78 -5.77 67.83
N GLY D 22 -17.88 -5.85 68.55
CA GLY D 22 -18.69 -4.70 68.89
C GLY D 22 -19.71 -4.42 67.83
N VAL D 23 -20.95 -4.09 68.24
CA VAL D 23 -21.95 -3.66 67.26
C VAL D 23 -22.74 -2.42 67.72
N THR D 24 -23.18 -1.66 66.73
CA THR D 24 -24.02 -0.50 66.89
C THR D 24 -25.34 -0.85 66.24
N PHE D 25 -26.44 -0.66 66.95
CA PHE D 25 -27.79 -0.91 66.40
C PHE D 25 -28.74 0.20 66.76
N GLY D 26 -29.87 0.24 66.08
CA GLY D 26 -30.89 1.25 66.29
C GLY D 26 -32.09 0.69 67.00
N LEU D 27 -32.91 1.58 67.55
CA LEU D 27 -34.14 1.21 68.23
C LEU D 27 -35.10 2.37 68.13
N PRO D 28 -36.35 2.13 67.68
CA PRO D 28 -37.36 3.19 67.63
C PRO D 28 -38.18 3.23 68.89
N TRP D 29 -38.80 4.37 69.13
CA TRP D 29 -39.59 4.60 70.32
C TRP D 29 -40.88 5.31 69.97
N PRO D 30 -41.95 5.02 70.74
CA PRO D 30 -43.20 5.66 70.35
C PRO D 30 -43.17 7.17 70.58
N GLN D 31 -43.83 7.87 69.68
CA GLN D 31 -44.08 9.29 69.79
C GLN D 31 -44.58 9.71 71.19
N GLY D 32 -43.80 10.59 71.83
CA GLY D 32 -44.16 11.19 73.12
C GLY D 32 -43.78 10.40 74.36
N LYS D 33 -43.01 9.32 74.23
CA LYS D 33 -42.76 8.46 75.40
C LYS D 33 -41.56 8.87 76.25
N TYR D 34 -40.45 9.27 75.64
CA TYR D 34 -39.18 9.44 76.35
C TYR D 34 -38.45 10.71 76.01
N ARG D 35 -38.05 11.47 77.02
CA ARG D 35 -37.35 12.73 76.78
C ARG D 35 -35.85 12.42 76.60
N PRO D 36 -35.20 13.06 75.63
CA PRO D 36 -33.74 12.93 75.48
C PRO D 36 -32.97 13.37 76.73
N GLN D 37 -31.84 12.74 77.01
CA GLN D 37 -30.98 13.07 78.17
C GLN D 37 -31.63 12.76 79.54
N GLU D 38 -32.92 12.45 79.58
CA GLU D 38 -33.64 12.16 80.82
C GLU D 38 -33.92 10.68 81.08
N THR D 39 -33.86 9.89 80.02
CA THR D 39 -34.35 8.57 79.96
C THR D 39 -33.12 7.72 80.03
N SER D 40 -33.08 6.76 80.96
CA SER D 40 -31.95 5.82 81.09
C SER D 40 -32.22 4.45 80.41
N PHE D 41 -31.12 3.79 80.03
CA PHE D 41 -31.12 2.61 79.17
C PHE D 41 -30.27 1.47 79.78
N SER D 42 -30.82 0.25 79.83
CA SER D 42 -30.03 -0.91 80.25
C SER D 42 -30.26 -2.10 79.39
N LEU D 43 -29.20 -2.91 79.30
CA LEU D 43 -29.08 -4.06 78.42
C LEU D 43 -29.11 -5.31 79.26
N THR D 44 -29.64 -6.40 78.68
CA THR D 44 -29.66 -7.74 79.30
C THR D 44 -29.01 -8.85 78.42
N SER D 51 -26.50 -4.53 82.95
CA SER D 51 -25.55 -3.41 82.78
C SER D 51 -26.06 -2.11 82.03
N GLU D 52 -25.44 -0.97 82.36
CA GLU D 52 -25.57 0.31 81.60
C GLU D 52 -25.16 0.13 80.12
N LEU D 53 -25.90 0.81 79.23
CA LEU D 53 -25.76 0.65 77.76
C LEU D 53 -25.51 2.01 77.03
N GLN D 54 -24.39 2.07 76.32
CA GLN D 54 -24.02 3.24 75.55
C GLN D 54 -25.19 3.68 74.69
N SER D 55 -25.71 4.90 74.93
CA SER D 55 -26.88 5.34 74.17
C SER D 55 -26.81 6.81 73.76
N TRP D 56 -27.52 7.12 72.69
CA TRP D 56 -27.50 8.42 72.04
C TRP D 56 -28.62 8.48 71.01
N ALA D 57 -29.08 9.67 70.65
CA ALA D 57 -30.28 9.78 69.84
C ALA D 57 -29.88 10.00 68.39
N THR D 58 -30.56 9.33 67.45
CA THR D 58 -30.43 9.61 66.02
C THR D 58 -31.65 10.32 65.41
N GLY D 59 -32.78 10.28 66.11
CA GLY D 59 -34.00 10.90 65.62
C GLY D 59 -34.95 11.32 66.73
N TYR D 60 -35.69 12.37 66.44
CA TYR D 60 -36.63 12.91 67.41
C TYR D 60 -37.98 13.15 66.76
N TRP D 61 -39.02 12.88 67.55
CA TRP D 61 -40.37 13.30 67.22
C TRP D 61 -40.48 14.83 67.22
N ALA D 62 -41.60 15.33 66.67
CA ALA D 62 -41.84 16.79 66.49
C ALA D 62 -41.91 17.50 67.84
N ASP D 63 -42.47 16.84 68.85
CA ASP D 63 -42.47 17.36 70.21
C ASP D 63 -41.11 17.17 70.93
N GLY D 64 -40.04 16.86 70.18
CA GLY D 64 -38.73 16.54 70.74
C GLY D 64 -38.54 15.30 71.62
N SER D 65 -39.48 14.36 71.62
CA SER D 65 -39.21 13.08 72.29
C SER D 65 -38.44 12.17 71.34
N LEU D 66 -37.90 11.08 71.91
CA LEU D 66 -36.99 10.18 71.21
C LEU D 66 -37.79 9.42 70.20
N LYS D 67 -37.28 9.39 68.96
CA LYS D 67 -37.91 8.66 67.86
C LYS D 67 -37.03 7.46 67.44
N TRP D 68 -35.75 7.70 67.13
CA TRP D 68 -34.73 6.65 67.02
C TRP D 68 -33.50 6.91 67.93
N THR D 69 -33.00 5.85 68.56
CA THR D 69 -31.77 5.86 69.35
C THR D 69 -30.75 4.98 68.68
N ALA D 70 -29.53 5.01 69.19
CA ALA D 70 -28.47 4.18 68.71
C ALA D 70 -27.78 3.72 69.93
N HIS D 71 -27.38 2.45 69.93
CA HIS D 71 -26.77 1.83 71.07
C HIS D 71 -25.56 1.10 70.59
N ALA D 72 -24.60 0.87 71.49
CA ALA D 72 -23.36 0.17 71.17
C ALA D 72 -22.99 -0.79 72.27
N ILE D 73 -22.51 -1.99 71.88
CA ILE D 73 -21.98 -2.93 72.88
C ILE D 73 -20.55 -3.25 72.56
N ALA D 74 -19.74 -3.51 73.60
CA ALA D 74 -18.35 -3.93 73.41
C ALA D 74 -18.19 -5.29 72.65
N GLU D 75 -16.99 -5.59 72.13
CA GLU D 75 -16.64 -6.97 71.75
C GLU D 75 -16.72 -7.80 72.99
N SER D 76 -17.35 -8.97 72.87
CA SER D 76 -17.49 -9.94 73.94
C SER D 76 -17.59 -11.33 73.32
N ASN D 77 -17.02 -12.33 73.99
CA ASN D 77 -17.20 -13.73 73.54
C ASN D 77 -18.47 -14.36 74.12
N GLN D 78 -19.08 -13.70 75.10
CA GLN D 78 -20.45 -14.02 75.47
C GLN D 78 -21.29 -13.40 74.38
N ILE D 79 -22.01 -14.22 73.60
CA ILE D 79 -22.89 -13.78 72.53
C ILE D 79 -24.29 -14.39 72.77
N TYR D 80 -25.34 -13.57 72.81
CA TYR D 80 -26.67 -14.01 73.27
C TYR D 80 -27.60 -14.01 72.08
N ASP D 81 -28.81 -14.57 72.22
CA ASP D 81 -29.75 -14.65 71.06
C ASP D 81 -30.51 -13.37 70.89
N GLN D 82 -30.95 -12.85 72.01
CA GLN D 82 -31.68 -11.61 72.03
C GLN D 82 -31.00 -10.66 73.04
N TYR D 83 -31.04 -9.34 72.73
CA TYR D 83 -30.59 -8.29 73.63
C TYR D 83 -31.79 -7.41 73.94
N THR D 84 -32.08 -7.24 75.22
CA THR D 84 -33.22 -6.45 75.67
C THR D 84 -32.82 -5.11 76.35
N VAL D 85 -33.17 -4.03 75.65
CA VAL D 85 -32.94 -2.66 76.09
C VAL D 85 -34.21 -2.19 76.81
N THR D 86 -34.06 -1.87 78.09
CA THR D 86 -35.14 -1.30 78.89
C THR D 86 -34.93 0.20 79.04
N ALA D 87 -35.90 0.98 78.55
CA ALA D 87 -35.91 2.43 78.67
C ALA D 87 -36.78 2.85 79.87
N SER D 88 -36.21 3.66 80.76
CA SER D 88 -36.91 4.09 81.99
C SER D 88 -36.77 5.60 82.11
N SER D 89 -37.89 6.28 82.35
CA SER D 89 -37.91 7.75 82.45
C SER D 89 -37.27 8.28 83.73
N LEU D 90 -37.30 9.61 83.89
CA LEU D 90 -36.56 10.32 84.95
C LEU D 90 -36.95 9.96 86.41
N GLY D 91 -38.24 9.77 86.68
CA GLY D 91 -38.73 9.46 88.02
C GLY D 91 -38.78 7.99 88.42
N CYS D 92 -38.36 7.09 87.53
CA CYS D 92 -38.18 5.67 87.88
C CYS D 92 -37.03 5.55 88.87
N VAL D 93 -36.92 4.39 89.54
CA VAL D 93 -35.85 4.10 90.54
C VAL D 93 -34.82 3.11 89.94
N SER D 107 -15.18 -2.67 81.00
CA SER D 107 -14.67 -2.51 79.62
C SER D 107 -14.92 -1.06 79.07
N SER D 108 -13.86 -0.26 78.97
CA SER D 108 -13.96 1.17 78.55
C SER D 108 -12.76 1.63 77.70
N ILE D 109 -13.04 2.35 76.61
CA ILE D 109 -12.00 2.91 75.75
C ILE D 109 -11.37 4.10 76.49
N VAL D 110 -10.07 4.27 76.37
CA VAL D 110 -9.33 5.36 76.96
C VAL D 110 -8.73 6.13 75.78
N VAL D 111 -9.12 7.39 75.57
CA VAL D 111 -8.45 8.19 74.54
C VAL D 111 -7.56 9.18 75.27
N THR D 112 -6.40 9.43 74.68
CA THR D 112 -5.39 10.33 75.23
C THR D 112 -4.94 11.27 74.13
N ASP D 113 -4.53 12.47 74.55
CA ASP D 113 -4.13 13.52 73.63
C ASP D 113 -2.67 13.98 73.84
N ASN D 114 -1.95 14.10 72.72
CA ASN D 114 -0.61 14.69 72.66
C ASN D 114 -0.69 15.90 71.69
N SER D 115 0.41 16.65 71.56
CA SER D 115 0.41 17.76 70.62
C SER D 115 0.24 17.22 69.18
N ASP D 116 1.17 16.38 68.76
CA ASP D 116 1.22 15.65 67.46
C ASP D 116 -0.04 14.82 67.05
N ALA D 117 -0.59 14.09 68.03
CA ALA D 117 -1.48 12.95 67.75
C ALA D 117 -2.38 12.50 68.89
N LEU D 118 -3.49 11.91 68.46
CA LEU D 118 -4.56 11.35 69.30
C LEU D 118 -4.45 9.80 69.34
N THR D 119 -4.49 9.21 70.52
CA THR D 119 -4.45 7.75 70.66
C THR D 119 -5.80 7.20 71.16
N VAL D 120 -6.32 6.14 70.53
CA VAL D 120 -7.52 5.43 71.02
C VAL D 120 -7.11 4.03 71.49
N ASN D 121 -7.42 3.70 72.75
CA ASN D 121 -7.05 2.42 73.34
C ASN D 121 -8.26 1.62 73.83
N THR D 122 -8.51 0.47 73.20
CA THR D 122 -9.73 -0.30 73.42
C THR D 122 -9.62 -1.32 74.53
N GLY D 123 -8.46 -1.44 75.18
CA GLY D 123 -8.16 -2.60 76.03
C GLY D 123 -7.40 -3.70 75.31
N GLU D 124 -7.52 -3.78 73.97
CA GLU D 124 -6.80 -4.77 73.12
C GLU D 124 -5.87 -4.17 72.07
N VAL D 125 -6.19 -2.99 71.56
CA VAL D 125 -5.30 -2.22 70.68
C VAL D 125 -5.23 -0.77 71.09
N ALA D 126 -4.08 -0.18 70.84
CA ALA D 126 -3.86 1.26 70.98
C ALA D 126 -3.53 1.75 69.60
N VAL D 127 -4.41 2.57 69.01
CA VAL D 127 -4.06 3.16 67.73
C VAL D 127 -4.03 4.68 67.82
N SER D 128 -2.97 5.23 67.25
CA SER D 128 -2.63 6.63 67.26
C SER D 128 -2.92 7.24 65.90
N PHE D 129 -3.73 8.29 65.89
CA PHE D 129 -4.01 9.07 64.69
C PHE D 129 -3.30 10.47 64.67
N PRO D 130 -2.25 10.67 63.83
CA PRO D 130 -1.74 12.03 63.69
C PRO D 130 -2.86 13.02 63.33
N LYS D 131 -2.63 14.28 63.65
CA LYS D 131 -3.55 15.41 63.40
C LYS D 131 -3.21 16.20 62.17
N GLY D 132 -2.07 15.92 61.56
CA GLY D 132 -1.70 16.48 60.31
C GLY D 132 -0.67 15.58 59.64
N GLY D 133 -0.34 15.92 58.39
CA GLY D 133 0.64 15.20 57.59
C GLY D 133 0.03 14.16 56.66
N ASN D 134 0.91 13.32 56.15
CA ASN D 134 0.58 12.26 55.23
C ASN D 134 0.55 10.84 55.84
N VAL D 135 0.25 10.71 57.13
CA VAL D 135 0.13 9.41 57.80
C VAL D 135 -1.18 9.37 58.59
N ILE D 136 -2.13 8.56 58.14
CA ILE D 136 -3.45 8.47 58.79
C ILE D 136 -3.37 7.79 60.15
N ILE D 137 -2.47 6.81 60.30
CA ILE D 137 -2.28 6.09 61.55
C ILE D 137 -0.82 6.03 61.86
N GLY D 138 -0.45 6.45 63.09
CA GLY D 138 0.94 6.52 63.51
C GLY D 138 1.43 5.14 63.83
N ASP D 139 0.79 4.47 64.78
CA ASP D 139 1.07 3.05 65.05
C ASP D 139 -0.04 2.29 65.78
N ILE D 140 0.01 0.97 65.65
CA ILE D 140 -0.96 0.06 66.27
C ILE D 140 -0.16 -0.82 67.22
N LYS D 141 -0.52 -0.77 68.49
CA LYS D 141 0.06 -1.60 69.53
C LYS D 141 -1.00 -2.58 70.02
N THR D 142 -0.56 -3.73 70.50
CA THR D 142 -1.40 -4.70 71.29
C THR D 142 -1.27 -4.45 72.81
N LYS D 143 -2.18 -5.04 73.61
CA LYS D 143 -2.11 -5.03 75.13
C LYS D 143 -0.71 -4.88 75.73
N SER D 144 0.18 -5.77 75.27
CA SER D 144 1.57 -5.90 75.74
C SER D 144 2.36 -4.65 75.50
N GLY D 145 2.04 -3.95 74.42
CA GLY D 145 2.69 -2.69 74.02
C GLY D 145 3.56 -2.82 72.77
N LYS D 146 3.71 -4.03 72.21
CA LYS D 146 4.53 -4.19 71.02
C LYS D 146 3.87 -3.54 69.81
N VAL D 147 4.68 -2.87 69.01
CA VAL D 147 4.19 -2.29 67.80
C VAL D 147 3.99 -3.44 66.81
N ILE D 148 2.76 -3.54 66.29
CA ILE D 148 2.47 -4.51 65.21
C ILE D 148 2.17 -3.92 63.83
N GLY D 149 1.93 -2.62 63.76
CA GLY D 149 1.83 -1.93 62.46
C GLY D 149 2.05 -0.44 62.67
N ALA D 150 2.46 0.26 61.60
CA ALA D 150 2.82 1.68 61.65
C ALA D 150 2.55 2.36 60.32
N ASN D 151 2.28 3.66 60.34
CA ASN D 151 2.20 4.44 59.12
C ASN D 151 1.15 4.00 58.14
N GLY D 152 -0.05 3.84 58.66
CA GLY D 152 -1.20 3.64 57.80
C GLY D 152 -1.20 4.83 56.89
N ARG D 153 -1.28 4.63 55.60
CA ARG D 153 -1.29 5.76 54.70
C ARG D 153 -2.16 5.48 53.52
N LEU D 154 -2.83 6.50 52.98
CA LEU D 154 -3.61 6.34 51.73
C LEU D 154 -2.63 6.38 50.56
N VAL D 155 -2.76 5.47 49.60
CA VAL D 155 -2.08 5.62 48.31
C VAL D 155 -3.10 5.77 47.19
N LEU D 156 -2.66 6.43 46.13
CA LEU D 156 -3.43 6.73 44.95
C LEU D 156 -2.38 6.90 43.86
N GLN D 157 -2.60 6.33 42.68
CA GLN D 157 -1.75 6.72 41.54
CA GLN D 157 -1.72 6.52 41.52
C GLN D 157 -2.59 6.86 40.32
N SER D 158 -2.12 7.71 39.43
CA SER D 158 -2.91 8.15 38.28
C SER D 158 -2.01 8.36 37.06
N GLN D 159 -2.64 8.51 35.90
CA GLN D 159 -1.92 8.87 34.67
C GLN D 159 -2.71 9.93 33.99
N ASP D 160 -2.07 10.55 32.99
CA ASP D 160 -2.55 11.77 32.32
C ASP D 160 -3.07 11.54 30.91
N SER D 161 -2.58 10.53 30.20
CA SER D 161 -3.20 10.11 28.94
C SER D 161 -3.61 8.65 29.08
N VAL D 162 -4.32 8.18 28.06
CA VAL D 162 -4.57 6.78 27.86
C VAL D 162 -4.33 6.46 26.35
N PRO D 163 -3.67 5.33 26.05
CA PRO D 163 -3.51 5.04 24.64
C PRO D 163 -4.78 4.53 23.93
N ASP D 164 -4.93 4.85 22.65
CA ASP D 164 -6.12 4.44 21.88
C ASP D 164 -6.41 2.91 21.97
N ASN D 165 -5.37 2.11 21.89
CA ASN D 165 -5.41 0.67 21.98
C ASN D 165 -4.01 0.21 22.39
N PHE D 166 -3.75 -1.10 22.42
CA PHE D 166 -2.43 -1.58 22.88
C PHE D 166 -1.29 -1.21 21.91
N ASP D 167 -1.61 -1.20 20.62
CA ASP D 167 -0.68 -0.77 19.58
C ASP D 167 -0.23 0.67 19.73
N ASN D 168 -1.10 1.51 20.27
CA ASN D 168 -0.84 2.95 20.39
C ASN D 168 0.17 3.28 21.50
N ARG D 169 0.44 2.34 22.39
CA ARG D 169 1.36 2.56 23.52
C ARG D 169 2.76 2.94 23.09
N ALA D 170 3.18 2.50 21.91
CA ALA D 170 4.47 2.91 21.36
C ALA D 170 4.56 4.37 20.90
N ASN D 171 3.42 5.07 20.75
CA ASN D 171 3.37 6.48 20.27
C ASN D 171 2.29 7.29 21.01
N SER D 172 2.21 7.07 22.31
CA SER D 172 1.31 7.80 23.15
C SER D 172 1.78 7.57 24.58
N PRO D 173 2.90 8.24 24.99
CA PRO D 173 3.50 8.16 26.32
C PRO D 173 2.56 8.40 27.44
N ILE D 174 2.90 7.84 28.59
CA ILE D 174 2.09 7.87 29.81
C ILE D 174 2.93 8.50 30.91
N GLN D 175 2.35 9.47 31.61
CA GLN D 175 3.05 10.09 32.71
C GLN D 175 2.32 9.73 34.02
N TYR D 176 3.03 8.95 34.85
CA TYR D 176 2.51 8.49 36.13
C TYR D 176 2.74 9.46 37.28
N SER D 177 1.77 9.49 38.18
CA SER D 177 1.83 10.31 39.37
C SER D 177 1.34 9.51 40.58
N ASN D 178 2.16 9.43 41.63
CA ASN D 178 1.72 8.89 42.95
C ASN D 178 1.33 10.02 43.90
N PHE D 179 0.44 9.66 44.82
CA PHE D 179 -0.14 10.57 45.76
C PHE D 179 -0.33 9.89 47.14
N ASP D 180 -0.67 10.73 48.10
CA ASP D 180 -0.73 10.44 49.53
C ASP D 180 -1.95 11.11 50.12
N GLY D 181 -2.48 10.56 51.20
CA GLY D 181 -3.55 11.22 51.91
C GLY D 181 -2.95 12.25 52.83
N ASN D 182 -3.29 13.51 52.57
CA ASN D 182 -2.95 14.62 53.42
C ASN D 182 -4.13 14.99 54.31
N ILE D 183 -3.89 15.08 55.62
CA ILE D 183 -4.95 15.38 56.61
C ILE D 183 -5.22 16.88 56.80
N ASN D 184 -6.48 17.27 56.74
CA ASN D 184 -6.90 18.61 57.11
C ASN D 184 -7.55 18.63 58.50
N GLU D 185 -8.51 17.73 58.73
CA GLU D 185 -9.28 17.66 59.97
C GLU D 185 -9.30 16.23 60.48
N VAL D 186 -9.15 16.09 61.79
CA VAL D 186 -9.41 14.86 62.55
C VAL D 186 -10.48 15.14 63.59
N PHE D 187 -11.56 14.37 63.63
CA PHE D 187 -12.64 14.50 64.61
C PHE D 187 -12.71 13.22 65.44
N VAL D 188 -13.30 13.32 66.63
CA VAL D 188 -13.37 12.21 67.61
C VAL D 188 -14.73 12.23 68.24
N ASN D 189 -15.40 11.08 68.20
CA ASN D 189 -16.64 10.88 68.92
C ASN D 189 -16.39 9.73 69.88
N GLN D 190 -16.02 10.07 71.10
CA GLN D 190 -15.62 9.11 72.11
C GLN D 190 -16.76 8.77 73.01
N THR D 191 -17.07 7.49 73.12
CA THR D 191 -17.86 6.95 74.23
C THR D 191 -17.07 5.79 74.83
N SER D 192 -17.52 5.26 75.96
CA SER D 192 -16.79 4.11 76.58
C SER D 192 -16.80 2.88 75.66
N ALA D 193 -17.98 2.53 75.12
CA ALA D 193 -18.15 1.32 74.33
C ALA D 193 -17.52 1.48 72.92
N ARG D 194 -17.79 2.59 72.23
CA ARG D 194 -17.11 2.85 70.97
C ARG D 194 -16.68 4.27 70.70
N THR D 195 -15.53 4.37 70.00
CA THR D 195 -14.95 5.61 69.55
C THR D 195 -14.78 5.68 67.99
N LEU D 196 -15.27 6.76 67.41
CA LEU D 196 -15.29 6.97 65.98
C LEU D 196 -14.31 8.07 65.70
N VAL D 197 -13.25 7.79 64.95
CA VAL D 197 -12.26 8.81 64.56
C VAL D 197 -12.59 9.10 63.12
N THR D 198 -12.75 10.37 62.77
CA THR D 198 -13.13 10.74 61.40
C THR D 198 -12.01 11.58 60.81
N VAL D 199 -11.30 11.08 59.79
CA VAL D 199 -10.17 11.81 59.19
C VAL D 199 -10.49 12.31 57.77
N ARG D 200 -10.42 13.61 57.52
CA ARG D 200 -10.69 14.17 56.18
C ARG D 200 -9.46 14.77 55.61
N GLY D 201 -9.41 14.77 54.29
CA GLY D 201 -8.32 15.35 53.60
C GLY D 201 -8.48 15.28 52.10
N ASN D 202 -7.33 15.29 51.44
CA ASN D 202 -7.17 15.44 50.00
CA ASN D 202 -7.29 15.18 50.00
C ASN D 202 -5.99 14.51 49.65
N HIS D 203 -5.83 14.19 48.38
CA HIS D 203 -4.65 13.43 47.94
C HIS D 203 -3.67 14.39 47.30
N THR D 204 -2.48 14.52 47.90
CA THR D 204 -1.36 15.33 47.38
C THR D 204 -0.20 14.52 46.73
N VAL D 205 0.37 15.02 45.62
CA VAL D 205 1.57 14.40 45.01
C VAL D 205 2.69 14.02 45.94
N THR D 206 3.43 13.02 45.50
CA THR D 206 4.70 12.62 46.09
C THR D 206 5.65 12.52 44.89
N ASP D 207 5.84 11.33 44.34
CA ASP D 207 6.67 11.15 43.15
C ASP D 207 5.86 11.38 41.85
N GLY D 208 6.57 11.37 40.74
CA GLY D 208 5.94 11.42 39.45
C GLY D 208 5.67 12.83 38.99
N THR D 209 4.92 12.92 37.89
CA THR D 209 4.61 14.18 37.24
C THR D 209 3.69 14.98 38.18
N ASP D 210 3.84 16.31 38.16
CA ASP D 210 3.20 17.21 39.12
C ASP D 210 1.68 17.36 38.89
N HIS D 211 0.91 17.51 39.97
CA HIS D 211 -0.59 17.52 39.94
C HIS D 211 -1.13 18.26 41.17
N ASP D 212 -2.20 19.03 41.00
CA ASP D 212 -2.78 19.77 42.15
C ASP D 212 -3.50 18.83 43.13
N PRO D 213 -3.66 19.24 44.40
CA PRO D 213 -4.42 18.32 45.26
C PRO D 213 -5.78 17.95 44.66
N TRP D 214 -6.15 16.66 44.77
CA TRP D 214 -7.48 16.18 44.31
C TRP D 214 -7.98 14.96 45.13
N LEU D 215 -9.10 14.39 44.69
CA LEU D 215 -9.70 13.20 45.24
C LEU D 215 -9.88 13.29 46.72
N PRO D 216 -10.75 14.21 47.15
CA PRO D 216 -11.09 14.41 48.55
C PRO D 216 -11.47 13.10 49.16
N PHE D 217 -10.97 12.83 50.37
CA PHE D 217 -11.39 11.66 51.11
C PHE D 217 -11.99 12.00 52.43
N VAL D 218 -12.81 11.09 52.93
CA VAL D 218 -13.08 11.00 54.37
C VAL D 218 -13.00 9.53 54.79
N VAL D 219 -12.23 9.24 55.84
CA VAL D 219 -12.03 7.90 56.36
C VAL D 219 -12.45 7.80 57.81
N ARG D 220 -13.43 6.94 58.07
CA ARG D 220 -13.93 6.73 59.41
C ARG D 220 -13.40 5.44 60.06
N PHE D 221 -13.04 5.52 61.35
CA PHE D 221 -12.47 4.42 62.11
C PHE D 221 -13.35 4.15 63.34
N TYR D 222 -13.97 2.97 63.37
CA TYR D 222 -14.81 2.55 64.47
C TYR D 222 -14.03 1.57 65.32
N LEU D 223 -13.72 1.99 66.54
CA LEU D 223 -13.03 1.18 67.51
C LEU D 223 -14.05 0.86 68.56
N TYR D 224 -14.11 -0.42 68.99
CA TYR D 224 -14.98 -0.81 70.10
C TYR D 224 -14.13 -1.29 71.27
N ALA D 225 -14.71 -1.21 72.45
CA ALA D 225 -14.00 -1.60 73.65
C ALA D 225 -13.81 -3.11 73.58
N ASN D 226 -12.66 -3.55 74.09
CA ASN D 226 -12.22 -4.93 74.12
C ASN D 226 -12.04 -5.60 72.71
N SER D 227 -12.01 -4.82 71.63
CA SER D 227 -11.77 -5.33 70.28
C SER D 227 -10.43 -4.90 69.69
N ALA D 228 -9.79 -5.81 68.95
CA ALA D 228 -8.65 -5.51 68.08
C ALA D 228 -9.03 -5.53 66.59
N THR D 229 -10.33 -5.34 66.33
CA THR D 229 -10.87 -5.27 64.99
C THR D 229 -11.23 -3.82 64.85
N ILE D 230 -10.80 -3.23 63.74
CA ILE D 230 -11.15 -1.88 63.40
C ILE D 230 -11.89 -1.90 62.08
N LYS D 231 -13.11 -1.36 62.07
CA LYS D 231 -13.86 -1.14 60.84
C LYS D 231 -13.54 0.24 60.28
N VAL D 232 -13.28 0.30 58.98
CA VAL D 232 -12.68 1.47 58.35
C VAL D 232 -13.53 1.86 57.16
N MET D 233 -14.49 2.77 57.31
CA MET D 233 -15.31 3.19 56.15
C MET D 233 -14.54 4.23 55.37
N HIS D 234 -14.20 3.96 54.13
CA HIS D 234 -13.31 4.82 53.34
C HIS D 234 -14.08 5.38 52.18
N SER D 235 -14.27 6.70 52.16
CA SER D 235 -15.13 7.36 51.16
C SER D 235 -14.25 8.28 50.32
N ILE D 236 -14.56 8.37 49.02
CA ILE D 236 -13.89 9.36 48.16
C ILE D 236 -14.85 10.00 47.18
N VAL D 237 -14.51 11.23 46.81
CA VAL D 237 -15.23 12.01 45.83
C VAL D 237 -14.29 12.14 44.63
N PHE D 238 -14.79 11.83 43.42
CA PHE D 238 -14.02 12.04 42.21
C PHE D 238 -14.18 13.48 41.71
N ASP D 239 -13.13 14.29 41.86
CA ASP D 239 -13.11 15.72 41.46
C ASP D 239 -12.12 15.95 40.32
N GLY D 240 -11.64 14.88 39.71
CA GLY D 240 -10.75 14.99 38.59
C GLY D 240 -11.54 15.29 37.34
N ASP D 241 -10.81 15.37 36.22
CA ASP D 241 -11.38 15.61 34.90
C ASP D 241 -10.97 14.53 33.84
N GLU D 242 -11.39 14.77 32.59
CA GLU D 242 -10.98 14.01 31.39
CA GLU D 242 -11.02 13.93 31.43
C GLU D 242 -9.54 13.47 31.37
N ASN D 243 -8.59 14.23 31.93
CA ASN D 243 -7.17 13.76 31.90
C ASN D 243 -6.70 13.04 33.17
N ASP D 244 -7.60 12.77 34.10
CA ASP D 244 -7.26 12.06 35.33
C ASP D 244 -7.79 10.63 35.23
N PHE D 245 -6.89 9.68 35.09
CA PHE D 245 -7.24 8.27 35.04
C PHE D 245 -6.66 7.56 36.26
N ILE D 246 -7.54 7.25 37.21
CA ILE D 246 -7.10 6.53 38.42
C ILE D 246 -6.51 5.18 37.97
N THR D 247 -5.39 4.86 38.59
CA THR D 247 -4.54 3.76 38.20
C THR D 247 -4.36 2.74 39.35
N GLY D 248 -4.19 3.22 40.59
CA GLY D 248 -4.21 2.44 41.80
C GLY D 248 -4.86 3.24 42.93
N LEU D 249 -5.58 2.55 43.81
CA LEU D 249 -6.16 3.18 44.99
C LEU D 249 -6.07 2.20 46.14
N GLY D 250 -5.56 2.62 47.30
CA GLY D 250 -5.33 1.68 48.38
C GLY D 250 -4.96 2.22 49.74
N ILE D 251 -4.77 1.30 50.69
CA ILE D 251 -4.36 1.64 52.07
C ILE D 251 -3.18 0.76 52.41
N ARG D 252 -2.21 1.33 53.12
CA ARG D 252 -0.90 0.70 53.29
C ARG D 252 -0.41 0.84 54.72
N PHE D 253 0.20 -0.23 55.24
CA PHE D 253 0.83 -0.20 56.54
C PHE D 253 2.22 -0.78 56.41
N ASP D 254 3.11 -0.33 57.30
CA ASP D 254 4.43 -0.92 57.50
C ASP D 254 4.21 -1.97 58.57
N VAL D 255 4.95 -3.06 58.48
CA VAL D 255 4.85 -4.10 59.51
C VAL D 255 6.28 -4.34 59.94
N PRO D 256 6.59 -4.05 61.22
CA PRO D 256 7.98 -4.16 61.66
C PRO D 256 8.34 -5.61 61.90
N LEU D 257 9.39 -6.08 61.26
CA LEU D 257 9.77 -7.52 61.34
C LEU D 257 11.18 -7.74 61.88
N LYS D 258 11.97 -6.68 62.10
CA LYS D 258 13.39 -6.78 62.35
C LYS D 258 13.90 -7.96 63.19
N GLY D 259 13.33 -8.14 64.38
CA GLY D 259 13.93 -9.17 65.28
C GLY D 259 13.54 -10.62 65.05
N GLU D 260 13.14 -10.94 63.83
CA GLU D 260 12.32 -12.11 63.51
C GLU D 260 13.06 -12.91 62.48
N GLU D 261 13.26 -14.19 62.76
CA GLU D 261 13.90 -15.10 61.82
C GLU D 261 12.97 -15.20 60.61
N TYR D 262 13.50 -15.12 59.40
CA TYR D 262 12.69 -15.31 58.19
C TYR D 262 11.74 -16.54 58.23
N TYR D 263 12.17 -17.64 58.89
CA TYR D 263 11.34 -18.85 59.02
C TYR D 263 10.26 -18.71 60.05
N ASP D 264 10.24 -17.58 60.75
CA ASP D 264 9.22 -17.24 61.74
C ASP D 264 8.30 -16.10 61.25
N ARG D 265 8.54 -15.63 60.02
CA ARG D 265 7.68 -14.59 59.44
C ARG D 265 6.63 -15.24 58.57
N HIS D 266 5.39 -14.77 58.68
CA HIS D 266 4.27 -15.49 58.08
C HIS D 266 3.48 -14.64 57.13
N ILE D 267 3.10 -15.26 56.01
CA ILE D 267 2.20 -14.67 55.02
C ILE D 267 0.92 -15.48 55.02
N ARG D 268 -0.23 -14.82 54.98
CA ARG D 268 -1.48 -15.51 54.67
C ARG D 268 -2.33 -14.69 53.72
N PHE D 269 -3.05 -15.35 52.79
CA PHE D 269 -4.19 -14.70 52.10
C PHE D 269 -5.40 -15.55 52.28
N ALA D 270 -6.57 -14.93 52.41
CA ALA D 270 -7.83 -15.67 52.33
C ALA D 270 -8.02 -16.21 50.91
N GLY D 271 -8.62 -17.39 50.83
CA GLY D 271 -8.79 -18.06 49.58
C GLY D 271 -10.24 -18.04 49.20
N VAL D 272 -10.69 -19.17 48.63
CA VAL D 272 -12.04 -19.33 48.13
C VAL D 272 -12.84 -19.98 49.24
N ASP D 273 -14.06 -19.47 49.42
CA ASP D 273 -14.89 -19.80 50.58
C ASP D 273 -14.13 -19.60 51.91
N GLY D 274 -13.93 -20.68 52.66
CA GLY D 274 -13.22 -20.63 53.93
C GLY D 274 -11.74 -20.92 53.84
N GLY D 275 -11.13 -20.79 52.68
CA GLY D 275 -9.72 -21.08 52.56
C GLY D 275 -8.74 -20.03 53.06
N ILE D 276 -7.52 -20.50 53.33
CA ILE D 276 -6.39 -19.66 53.63
C ILE D 276 -5.15 -20.26 53.01
N PHE D 277 -4.34 -19.40 52.42
CA PHE D 277 -3.02 -19.73 51.90
C PHE D 277 -2.04 -19.47 53.03
N ASN D 278 -1.09 -20.39 53.28
CA ASN D 278 -0.30 -20.41 54.53
C ASN D 278 1.15 -20.60 54.22
N GLU D 279 1.91 -19.50 54.16
CA GLU D 279 3.34 -19.61 53.87
C GLU D 279 4.22 -18.87 54.84
N ALA D 280 5.51 -19.15 54.73
CA ALA D 280 6.50 -18.43 55.50
C ALA D 280 7.50 -17.78 54.56
N VAL D 281 8.15 -16.69 55.00
CA VAL D 281 9.09 -15.95 54.16
C VAL D 281 10.27 -16.85 53.81
N GLN D 282 10.73 -17.67 54.77
CA GLN D 282 11.66 -18.74 54.51
C GLN D 282 11.03 -20.06 54.88
N GLY D 283 10.52 -20.76 53.87
CA GLY D 283 9.98 -22.12 54.02
C GLY D 283 10.99 -23.23 54.37
N ILE D 284 10.61 -23.99 55.37
CA ILE D 284 11.33 -25.12 55.95
C ILE D 284 10.60 -26.48 55.72
N THR D 285 9.39 -26.42 55.18
CA THR D 285 8.67 -27.60 54.77
C THR D 285 8.99 -27.77 53.33
N GLY D 286 8.85 -29.01 52.85
CA GLY D 286 8.97 -29.36 51.45
C GLY D 286 10.39 -29.33 50.94
N LEU D 287 11.37 -29.40 51.83
CA LEU D 287 12.78 -29.40 51.45
C LEU D 287 13.24 -30.82 51.18
N ARG D 288 14.46 -30.92 50.67
CA ARG D 288 15.09 -32.19 50.45
C ARG D 288 15.40 -32.91 51.74
N ARG D 289 15.73 -32.15 52.77
CA ARG D 289 16.01 -32.69 54.10
C ARG D 289 14.93 -32.24 55.10
N ASP D 290 14.77 -33.02 56.16
CA ASP D 290 13.68 -32.88 57.09
C ASP D 290 14.28 -32.27 58.34
N PRO D 291 13.88 -31.04 58.67
CA PRO D 291 14.42 -30.46 59.89
C PRO D 291 13.86 -31.16 61.11
N GLY D 292 12.67 -31.73 60.97
CA GLY D 292 11.95 -32.33 62.07
C GLY D 292 10.47 -32.26 61.80
N GLU D 293 9.76 -33.36 62.02
CA GLU D 293 8.35 -33.30 61.81
C GLU D 293 7.68 -32.23 62.71
N GLU D 294 8.15 -32.05 63.94
CA GLU D 294 7.49 -31.09 64.85
C GLU D 294 7.71 -29.65 64.36
N ILE D 295 8.93 -29.37 63.93
CA ILE D 295 9.31 -28.07 63.43
C ILE D 295 8.52 -27.68 62.21
N ARG D 296 8.40 -28.56 61.23
CA ARG D 296 7.64 -28.25 60.01
C ARG D 296 6.17 -27.92 60.28
N ALA D 297 5.56 -28.65 61.21
CA ALA D 297 4.11 -28.47 61.55
C ALA D 297 3.85 -27.13 62.28
N ALA D 298 4.83 -26.77 63.11
CA ALA D 298 4.91 -25.47 63.73
C ALA D 298 5.00 -24.31 62.68
N GLN D 299 5.83 -24.43 61.65
CA GLN D 299 5.86 -23.38 60.63
C GLN D 299 4.51 -23.18 59.96
N PHE D 300 3.90 -24.30 59.60
CA PHE D 300 2.63 -24.23 58.94
C PHE D 300 1.58 -23.61 59.86
N ALA D 301 1.73 -23.86 61.17
CA ALA D 301 0.74 -23.39 62.15
C ALA D 301 0.91 -21.92 62.56
N GLY D 302 1.96 -21.25 62.07
CA GLY D 302 2.29 -19.87 62.42
C GLY D 302 2.99 -19.71 63.78
N GLN D 303 3.71 -20.74 64.18
CA GLN D 303 4.35 -20.78 65.48
C GLN D 303 5.84 -20.53 65.35
N LYS D 304 6.41 -20.11 66.47
CA LYS D 304 7.82 -19.76 66.59
C LYS D 304 8.54 -21.08 66.55
N LEU D 305 9.41 -21.28 65.58
CA LEU D 305 10.12 -22.57 65.46
C LEU D 305 11.07 -22.82 66.63
N ALA D 306 11.36 -24.07 66.90
CA ALA D 306 12.25 -24.41 67.99
C ALA D 306 13.65 -23.89 67.71
N ASP D 307 14.48 -23.85 68.75
CA ASP D 307 15.86 -23.42 68.61
C ASP D 307 16.55 -24.26 67.51
N THR D 308 17.41 -23.64 66.71
CA THR D 308 18.06 -24.35 65.59
C THR D 308 18.93 -25.53 66.02
N GLU D 309 19.43 -25.49 67.26
CA GLU D 309 20.20 -26.59 67.87
C GLU D 309 19.44 -27.91 68.00
N THR D 310 18.10 -27.83 68.02
CA THR D 310 17.26 -29.03 67.98
C THR D 310 16.92 -29.49 66.55
N TRP D 311 17.19 -28.68 65.52
CA TRP D 311 16.88 -29.06 64.14
C TRP D 311 17.89 -30.12 63.73
N GLU D 312 17.65 -30.75 62.59
CA GLU D 312 18.57 -31.73 62.07
C GLU D 312 19.62 -30.98 61.19
N PRO D 313 20.90 -31.02 61.59
CA PRO D 313 21.92 -30.11 60.99
C PRO D 313 22.05 -30.09 59.46
N ARG D 314 21.68 -31.17 58.79
CA ARG D 314 21.71 -31.14 57.33
C ARG D 314 20.74 -30.08 56.77
N VAL D 315 19.77 -29.63 57.59
CA VAL D 315 18.93 -28.48 57.25
C VAL D 315 19.42 -27.12 57.80
N SER D 316 19.64 -27.06 59.12
CA SER D 316 19.93 -25.80 59.80
C SER D 316 21.24 -25.21 59.33
N THR D 317 22.22 -26.05 58.97
CA THR D 317 23.48 -25.48 58.43
C THR D 317 23.34 -24.92 56.98
N ARG D 318 22.17 -25.05 56.36
CA ARG D 318 21.98 -24.72 54.96
C ARG D 318 20.91 -23.66 54.68
N LEU D 319 20.47 -22.96 55.72
CA LEU D 319 19.42 -21.95 55.61
C LEU D 319 19.77 -20.85 54.61
N LYS D 320 21.06 -20.55 54.52
CA LYS D 320 21.54 -19.57 53.57
C LYS D 320 21.12 -19.90 52.12
N TRP D 321 20.97 -21.18 51.80
CA TRP D 321 20.57 -21.63 50.43
C TRP D 321 19.05 -21.76 50.13
N ILE D 322 18.25 -21.50 51.13
CA ILE D 322 16.83 -21.56 51.00
C ILE D 322 16.42 -20.15 50.67
N PRO D 323 15.87 -19.90 49.46
CA PRO D 323 15.41 -18.58 49.10
C PRO D 323 14.55 -17.92 50.16
N THR D 324 14.43 -16.61 50.03
CA THR D 324 13.71 -15.80 50.99
C THR D 324 12.68 -15.03 50.13
N TRP D 325 11.41 -14.98 50.56
CA TRP D 325 10.32 -14.48 49.67
C TRP D 325 9.77 -13.15 50.13
N ALA D 326 10.20 -12.07 49.48
CA ALA D 326 9.94 -10.72 49.95
C ALA D 326 8.59 -10.25 49.56
N ASP D 327 8.13 -10.57 48.35
CA ASP D 327 6.90 -9.99 47.84
C ASP D 327 5.89 -11.08 47.48
N TYR D 328 4.61 -10.81 47.76
CA TYR D 328 3.49 -11.63 47.33
C TYR D 328 2.42 -10.70 46.77
N GLY D 329 1.78 -11.08 45.68
CA GLY D 329 0.71 -10.26 45.12
C GLY D 329 -0.50 -11.04 44.63
N LEU D 330 -1.63 -10.84 45.29
CA LEU D 330 -2.91 -11.34 44.82
C LEU D 330 -3.61 -10.24 44.05
N THR D 331 -4.12 -10.57 42.87
CA THR D 331 -4.84 -9.65 41.97
C THR D 331 -6.19 -10.26 41.56
N GLN D 332 -7.28 -9.56 41.87
CA GLN D 332 -8.62 -9.97 41.48
C GLN D 332 -9.11 -9.01 40.40
N LEU D 333 -8.96 -9.37 39.12
CA LEU D 333 -9.16 -8.45 37.96
C LEU D 333 -10.49 -8.65 37.23
N THR D 334 -11.11 -9.81 37.42
CA THR D 334 -12.49 -10.06 37.04
C THR D 334 -13.24 -10.41 38.32
N ALA D 335 -14.55 -10.45 38.26
CA ALA D 335 -15.33 -11.08 39.35
C ALA D 335 -15.13 -12.61 39.46
N ASP D 336 -14.54 -13.23 38.44
CA ASP D 336 -14.44 -14.67 38.36
C ASP D 336 -13.09 -15.31 38.57
N GLY D 337 -12.00 -14.56 38.49
CA GLY D 337 -10.68 -15.17 38.62
C GLY D 337 -9.64 -14.35 39.32
N PHE D 338 -8.76 -14.99 40.11
CA PHE D 338 -7.61 -14.27 40.67
C PHE D 338 -6.28 -14.95 40.44
N GLY D 339 -5.25 -14.10 40.31
CA GLY D 339 -3.87 -14.53 40.20
C GLY D 339 -3.14 -14.32 41.49
N LEU D 340 -2.13 -15.13 41.72
CA LEU D 340 -1.34 -15.08 42.92
C LEU D 340 0.08 -15.47 42.56
N LYS D 341 1.05 -14.73 43.07
CA LYS D 341 2.45 -14.84 42.62
C LYS D 341 3.34 -14.29 43.69
N LYS D 342 4.59 -14.71 43.71
CA LYS D 342 5.52 -14.25 44.75
C LYS D 342 6.90 -14.08 44.17
N ARG D 343 7.78 -13.35 44.87
CA ARG D 343 9.07 -12.96 44.31
C ARG D 343 10.11 -12.84 45.40
N THR D 344 11.29 -13.38 45.16
CA THR D 344 12.36 -13.29 46.15
C THR D 344 12.68 -11.85 46.43
N LYS D 345 13.02 -11.13 45.37
CA LYS D 345 13.15 -9.66 45.41
C LYS D 345 13.11 -9.01 43.99
N ALA D 346 13.03 -7.67 43.98
CA ALA D 346 12.94 -6.91 42.72
C ALA D 346 14.18 -7.16 41.91
N GLY D 347 14.02 -7.17 40.60
CA GLY D 347 15.05 -7.66 39.67
C GLY D 347 15.03 -9.14 39.33
N GLN D 348 14.11 -9.90 39.92
CA GLN D 348 13.91 -11.30 39.66
C GLN D 348 12.52 -11.48 39.12
N SER D 349 12.31 -12.59 38.40
CA SER D 349 10.97 -12.93 37.92
C SER D 349 10.07 -13.37 39.08
N TRP D 350 8.77 -13.25 38.90
CA TRP D 350 7.81 -13.80 39.84
C TRP D 350 7.56 -15.32 39.58
N VAL D 351 7.34 -16.05 40.66
CA VAL D 351 6.95 -17.42 40.63
C VAL D 351 5.43 -17.40 40.82
N ASN D 352 4.72 -17.87 39.79
CA ASN D 352 3.29 -18.04 39.87
C ASN D 352 2.94 -19.11 40.92
N ILE D 353 1.82 -18.88 41.62
CA ILE D 353 1.31 -19.73 42.74
C ILE D 353 -0.05 -20.27 42.32
N PRO D 354 -0.39 -21.52 42.72
CA PRO D 354 -1.71 -22.12 42.38
C PRO D 354 -2.81 -21.27 42.89
N SER D 355 -3.65 -20.76 42.00
CA SER D 355 -4.67 -19.75 42.37
C SER D 355 -6.11 -20.28 42.21
N GLY D 356 -7.07 -19.40 41.93
CA GLY D 356 -8.46 -19.75 42.03
C GLY D 356 -9.42 -18.70 41.56
N THR D 357 -10.68 -18.88 41.90
CA THR D 357 -11.76 -18.08 41.33
C THR D 357 -11.94 -16.73 42.00
N ARG D 358 -12.35 -16.80 43.27
CA ARG D 358 -12.86 -15.67 44.03
C ARG D 358 -12.24 -15.63 45.44
N ALA D 359 -11.22 -14.79 45.59
CA ALA D 359 -10.56 -14.55 46.85
C ALA D 359 -11.47 -13.77 47.79
N GLU D 360 -11.57 -14.22 49.05
CA GLU D 360 -12.45 -13.59 50.04
C GLU D 360 -11.82 -12.30 50.67
N GLY D 361 -10.57 -12.00 50.34
CA GLY D 361 -10.05 -10.62 50.38
C GLY D 361 -9.47 -10.08 51.67
N LEU D 362 -8.69 -10.91 52.33
CA LEU D 362 -7.90 -10.55 53.49
C LEU D 362 -6.48 -11.03 53.30
N ALA D 363 -5.53 -10.27 53.84
CA ALA D 363 -4.13 -10.68 53.85
C ALA D 363 -3.51 -10.28 55.18
N TYR D 364 -2.58 -11.12 55.66
CA TYR D 364 -1.87 -10.93 56.91
C TYR D 364 -0.37 -11.00 56.61
N LEU D 365 0.37 -10.09 57.23
CA LEU D 365 1.83 -10.13 57.31
C LEU D 365 2.20 -9.93 58.77
N GLY D 366 3.15 -10.73 59.22
CA GLY D 366 3.64 -10.62 60.56
C GLY D 366 4.49 -11.82 60.92
N GLY D 367 4.57 -12.10 62.22
CA GLY D 367 5.53 -13.06 62.76
C GLY D 367 5.06 -13.62 64.09
N ALA D 368 5.78 -14.62 64.57
CA ALA D 368 5.36 -15.36 65.75
C ALA D 368 5.76 -14.58 66.99
N THR D 369 6.88 -13.87 66.87
CA THR D 369 7.46 -13.07 67.91
C THR D 369 6.97 -11.60 67.77
N GLN D 370 7.12 -11.02 66.58
CA GLN D 370 6.81 -9.60 66.36
C GLN D 370 5.30 -9.27 66.23
N GLY D 371 4.43 -10.28 66.13
CA GLY D 371 3.00 -10.07 65.88
C GLY D 371 2.75 -9.49 64.49
N GLY D 372 1.54 -9.04 64.23
CA GLY D 372 1.36 -8.31 62.97
C GLY D 372 -0.07 -7.91 62.70
N LEU D 373 -0.39 -7.82 61.41
CA LEU D 373 -1.56 -7.12 60.95
C LEU D 373 -2.20 -7.84 59.79
N ALA D 374 -3.53 -7.96 59.86
CA ALA D 374 -4.32 -8.32 58.70
C ALA D 374 -5.15 -7.12 58.23
N VAL D 375 -5.23 -6.93 56.93
CA VAL D 375 -6.04 -5.90 56.36
C VAL D 375 -6.94 -6.63 55.40
N GLY D 376 -8.13 -6.10 55.15
CA GLY D 376 -9.07 -6.76 54.21
C GLY D 376 -10.18 -5.88 53.73
N LEU D 377 -10.85 -6.28 52.66
CA LEU D 377 -11.96 -5.51 52.10
C LEU D 377 -13.25 -6.36 52.03
N ARG D 378 -14.34 -5.87 52.62
CA ARG D 378 -15.67 -6.49 52.52
C ARG D 378 -16.09 -6.56 51.08
N ASP D 379 -16.72 -7.66 50.67
CA ASP D 379 -17.12 -7.88 49.26
C ASP D 379 -15.99 -7.79 48.17
N PHE D 380 -14.75 -8.08 48.55
CA PHE D 380 -13.51 -7.93 47.71
C PHE D 380 -13.74 -8.20 46.23
N TRP D 381 -14.11 -9.43 45.89
CA TRP D 381 -14.18 -9.86 44.48
C TRP D 381 -15.41 -9.27 43.78
N LYS D 382 -16.45 -8.90 44.52
CA LYS D 382 -17.61 -8.24 43.94
C LYS D 382 -17.34 -6.78 43.61
N ARG D 383 -16.21 -6.25 44.04
CA ARG D 383 -15.86 -4.86 43.84
C ARG D 383 -14.54 -4.72 43.07
N TYR D 384 -14.24 -5.75 42.28
CA TYR D 384 -13.05 -5.86 41.42
C TYR D 384 -12.99 -4.64 40.48
N PRO D 385 -11.82 -4.23 40.03
CA PRO D 385 -10.54 -4.90 40.24
C PRO D 385 -9.86 -4.46 41.48
N VAL D 386 -9.55 -5.41 42.33
CA VAL D 386 -8.90 -5.16 43.60
C VAL D 386 -7.61 -6.02 43.69
N GLY D 387 -6.89 -5.88 44.81
CA GLY D 387 -5.69 -6.68 45.05
C GLY D 387 -5.17 -6.56 46.46
N LEU D 388 -4.19 -7.39 46.78
CA LEU D 388 -3.48 -7.39 48.06
C LEU D 388 -1.99 -7.62 47.83
N ASP D 389 -1.14 -6.89 48.55
CA ASP D 389 0.31 -7.03 48.45
C ASP D 389 0.99 -7.12 49.81
N ILE D 390 1.88 -8.08 49.96
CA ILE D 390 2.92 -8.03 50.96
C ILE D 390 4.14 -7.59 50.20
N SER D 391 5.02 -6.77 50.81
CA SER D 391 6.32 -6.44 50.15
C SER D 391 7.49 -6.30 51.14
N ASN D 392 8.69 -6.53 50.65
CA ASN D 392 9.91 -6.49 51.48
C ASN D 392 9.80 -7.28 52.78
N ALA D 393 9.21 -8.47 52.72
CA ALA D 393 9.03 -9.28 53.93
C ALA D 393 10.35 -9.95 54.37
N ALA D 394 11.43 -9.81 53.57
CA ALA D 394 12.81 -10.12 53.99
C ALA D 394 13.58 -8.98 54.68
N SER D 395 12.98 -7.79 54.74
CA SER D 395 13.59 -6.58 55.32
C SER D 395 13.14 -6.34 56.78
N ASP D 396 13.75 -5.33 57.38
CA ASP D 396 13.42 -4.91 58.75
C ASP D 396 11.99 -4.42 58.87
N THR D 397 11.48 -3.87 57.77
CA THR D 397 10.11 -3.39 57.70
C THR D 397 9.46 -3.91 56.43
N GLY D 398 8.36 -4.65 56.56
CA GLY D 398 7.53 -5.02 55.41
C GLY D 398 6.38 -4.05 55.24
N GLU D 399 5.75 -4.06 54.07
CA GLU D 399 4.51 -3.34 53.85
C GLU D 399 3.40 -4.31 53.52
N LEU D 400 2.19 -3.94 53.93
CA LEU D 400 0.96 -4.65 53.64
C LEU D 400 0.04 -3.62 53.03
N THR D 401 -0.39 -3.86 51.80
CA THR D 401 -1.17 -2.94 50.99
C THR D 401 -2.50 -3.59 50.59
N LEU D 402 -3.59 -2.83 50.71
CA LEU D 402 -4.86 -3.25 50.16
C LEU D 402 -5.15 -2.38 48.96
N TRP D 403 -5.40 -2.97 47.81
CA TRP D 403 -5.77 -2.18 46.63
C TRP D 403 -7.29 -2.18 46.45
N LEU D 404 -7.91 -1.01 46.67
CA LEU D 404 -9.33 -0.79 46.33
C LEU D 404 -9.58 -0.68 44.83
N TYR D 405 -8.52 -0.28 44.14
CA TYR D 405 -8.45 -0.33 42.71
C TYR D 405 -7.04 -0.79 42.37
N SER D 406 -6.88 -1.84 41.57
CA SER D 406 -5.57 -2.43 41.34
C SER D 406 -4.84 -1.89 40.16
N PRO D 407 -3.53 -1.62 40.33
CA PRO D 407 -2.77 -1.22 39.14
C PRO D 407 -2.66 -2.29 38.07
N ALA D 408 -2.89 -3.57 38.41
CA ALA D 408 -2.83 -4.65 37.40
C ALA D 408 -3.98 -4.60 36.40
N ALA D 409 -5.06 -3.95 36.82
CA ALA D 409 -6.19 -3.57 35.93
C ALA D 409 -5.86 -2.44 34.94
N GLU D 410 -6.71 -2.32 33.94
CA GLU D 410 -6.72 -1.20 33.02
C GLU D 410 -7.03 0.05 33.84
N PRO D 411 -6.54 1.21 33.36
CA PRO D 411 -6.84 2.41 34.12
C PRO D 411 -8.37 2.64 34.20
N LEU D 412 -8.83 3.18 35.32
CA LEU D 412 -10.23 3.59 35.47
C LEU D 412 -10.52 4.80 34.57
N ASP D 413 -11.36 4.58 33.57
CA ASP D 413 -11.76 5.59 32.59
C ASP D 413 -13.24 6.00 32.80
N LEU D 414 -13.47 7.14 33.45
CA LEU D 414 -14.85 7.62 33.68
C LEU D 414 -15.41 8.51 32.55
N ARG D 415 -14.66 8.72 31.48
CA ARG D 415 -15.08 9.66 30.44
C ARG D 415 -16.33 9.17 29.72
N PRO D 416 -17.01 10.05 28.98
CA PRO D 416 -18.27 9.58 28.35
C PRO D 416 -18.13 8.44 27.33
N PHE D 417 -19.13 7.56 27.28
CA PHE D 417 -19.08 6.39 26.38
C PHE D 417 -19.32 6.66 24.87
N HIS D 418 -20.07 7.72 24.54
CA HIS D 418 -20.17 8.22 23.17
C HIS D 418 -19.82 9.70 23.09
N ASP D 419 -19.64 10.21 21.87
CA ASP D 419 -19.18 11.61 21.61
C ASP D 419 -20.28 12.65 21.40
N GLY D 420 -21.53 12.20 21.35
CA GLY D 420 -22.70 13.06 21.18
C GLY D 420 -23.49 12.66 19.92
N LEU D 421 -22.82 12.01 19.00
CA LEU D 421 -23.46 11.46 17.82
C LEU D 421 -23.86 12.56 16.83
N GLY D 422 -23.27 13.77 16.97
CA GLY D 422 -23.63 14.94 16.17
C GLY D 422 -24.95 15.58 16.60
N GLN D 423 -25.40 15.31 17.81
CA GLN D 423 -26.57 15.99 18.40
C GLN D 423 -26.21 17.48 18.66
N ASP D 424 -27.12 18.35 18.23
CA ASP D 424 -26.95 19.81 18.30
C ASP D 424 -28.27 20.48 18.82
N GLY D 425 -28.36 20.65 20.14
CA GLY D 425 -29.46 21.36 20.77
C GLY D 425 -30.58 20.46 21.21
N TYR D 426 -31.53 21.02 21.96
CA TYR D 426 -32.62 20.24 22.55
C TYR D 426 -33.49 19.44 21.57
N GLU D 427 -33.61 19.89 20.33
CA GLU D 427 -34.48 19.21 19.35
C GLU D 427 -33.93 17.78 19.01
N ASP D 428 -32.63 17.73 18.68
CA ASP D 428 -31.86 16.51 18.45
C ASP D 428 -31.81 15.58 19.67
N GLN D 429 -31.57 16.14 20.86
CA GLN D 429 -31.44 15.34 22.08
C GLN D 429 -32.75 14.66 22.44
N LEU D 430 -33.85 15.39 22.26
CA LEU D 430 -35.18 14.84 22.50
C LEU D 430 -35.57 13.82 21.46
N ASP D 431 -35.01 13.94 20.26
CA ASP D 431 -35.22 12.96 19.20
C ASP D 431 -34.49 11.65 19.56
N ALA D 432 -33.19 11.76 19.85
CA ALA D 432 -32.38 10.64 20.33
C ALA D 432 -33.06 9.94 21.50
N LEU D 433 -33.67 10.74 22.38
CA LEU D 433 -34.45 10.19 23.50
C LEU D 433 -35.57 9.24 23.06
N GLU D 434 -36.16 9.48 21.89
CA GLU D 434 -37.26 8.64 21.41
C GLU D 434 -36.76 7.29 20.98
N ILE D 435 -35.46 7.15 20.67
CA ILE D 435 -34.94 5.83 20.30
C ILE D 435 -34.15 5.04 21.39
N THR D 436 -33.16 5.64 22.05
CA THR D 436 -32.40 4.92 23.11
C THR D 436 -32.87 5.16 24.55
N TYR D 437 -33.92 5.99 24.70
CA TYR D 437 -34.39 6.49 26.01
C TYR D 437 -33.33 7.25 26.83
N GLU D 438 -32.28 7.75 26.18
CA GLU D 438 -31.25 8.59 26.81
C GLU D 438 -31.48 10.04 26.42
N ASP D 439 -31.55 10.91 27.42
CA ASP D 439 -31.65 12.33 27.21
C ASP D 439 -30.27 12.97 27.34
N TRP D 440 -29.50 13.00 26.26
CA TRP D 440 -28.13 13.56 26.28
C TRP D 440 -28.04 15.11 26.24
N GLU D 441 -26.92 15.62 26.76
CA GLU D 441 -26.53 17.01 26.63
C GLU D 441 -25.02 17.12 26.84
N PRO D 442 -24.34 17.98 26.05
CA PRO D 442 -22.87 18.10 26.24
C PRO D 442 -22.51 18.71 27.58
N GLY D 443 -21.50 18.13 28.23
CA GLY D 443 -21.06 18.57 29.55
C GLY D 443 -21.83 17.94 30.69
N PHE D 444 -22.97 17.28 30.40
CA PHE D 444 -23.75 16.57 31.42
C PHE D 444 -23.30 15.12 31.69
N ASP D 445 -22.69 14.49 30.69
CA ASP D 445 -22.15 13.14 30.78
C ASP D 445 -20.83 13.12 31.56
N THR D 446 -20.90 13.48 32.84
CA THR D 446 -19.70 13.78 33.62
C THR D 446 -19.72 13.08 34.96
N PRO D 447 -18.61 12.46 35.33
CA PRO D 447 -18.49 11.88 36.67
C PRO D 447 -18.10 12.87 37.78
N TYR D 448 -17.91 14.16 37.45
CA TYR D 448 -17.42 15.17 38.43
C TYR D 448 -18.31 15.28 39.69
N GLY D 449 -17.81 14.78 40.82
CA GLY D 449 -18.52 14.82 42.10
C GLY D 449 -19.24 13.55 42.54
N ILE D 450 -19.07 12.43 41.83
CA ILE D 450 -19.60 11.15 42.33
C ILE D 450 -18.74 10.63 43.48
N ALA D 451 -19.20 9.57 44.15
CA ALA D 451 -18.49 9.00 45.31
C ALA D 451 -18.68 7.51 45.43
N ARG D 452 -17.85 6.93 46.29
CA ARG D 452 -17.93 5.53 46.60
C ARG D 452 -17.26 5.25 47.91
N THR D 453 -17.99 4.54 48.77
CA THR D 453 -17.53 4.20 50.11
C THR D 453 -17.13 2.71 50.15
N SER D 454 -15.94 2.42 50.65
CA SER D 454 -15.43 1.04 50.67
C SER D 454 -15.28 0.66 52.11
N GLU D 455 -15.77 -0.52 52.49
CA GLU D 455 -15.79 -0.99 53.90
C GLU D 455 -14.58 -1.91 54.17
N VAL D 456 -13.54 -1.36 54.76
CA VAL D 456 -12.24 -2.01 54.95
C VAL D 456 -12.19 -2.44 56.40
N TYR D 457 -11.36 -3.43 56.74
CA TYR D 457 -11.22 -3.94 58.12
C TYR D 457 -9.76 -4.16 58.47
N LEU D 458 -9.34 -3.70 59.65
CA LEU D 458 -7.98 -3.96 60.17
C LEU D 458 -8.12 -4.84 61.39
N PHE D 459 -7.31 -5.88 61.48
CA PHE D 459 -7.28 -6.75 62.63
C PHE D 459 -5.85 -6.77 63.14
N ALA D 460 -5.65 -6.56 64.44
CA ALA D 460 -4.30 -6.61 65.01
C ALA D 460 -4.05 -7.95 65.73
N PHE D 461 -2.78 -8.39 65.75
CA PHE D 461 -2.41 -9.63 66.44
C PHE D 461 -1.06 -9.58 67.18
N ASP D 462 -1.06 -10.03 68.44
CA ASP D 462 0.19 -10.13 69.25
C ASP D 462 1.19 -11.13 68.72
N GLN D 463 0.69 -12.13 68.02
CA GLN D 463 1.49 -13.15 67.34
C GLN D 463 0.70 -13.60 66.12
N THR D 464 1.37 -14.21 65.13
CA THR D 464 0.63 -14.83 64.03
C THR D 464 -0.53 -15.68 64.61
N PRO D 465 -1.78 -15.43 64.17
CA PRO D 465 -2.92 -16.19 64.61
C PRO D 465 -3.06 -17.50 63.83
N THR D 466 -4.02 -18.31 64.24
CA THR D 466 -4.31 -19.56 63.56
C THR D 466 -5.03 -19.31 62.22
N SER D 467 -4.98 -20.29 61.35
CA SER D 467 -5.64 -20.20 60.07
C SER D 467 -7.14 -20.16 60.25
N ASP D 468 -7.62 -20.93 61.24
CA ASP D 468 -9.06 -20.97 61.58
C ASP D 468 -9.56 -19.59 61.94
N LYS D 469 -8.74 -18.86 62.73
CA LYS D 469 -9.00 -17.48 63.12
C LYS D 469 -9.03 -16.53 61.90
N LEU D 470 -8.03 -16.63 61.04
CA LEU D 470 -8.04 -15.75 59.86
C LEU D 470 -9.25 -16.00 58.96
N ALA D 471 -9.64 -17.25 58.83
CA ALA D 471 -10.84 -17.56 58.08
C ALA D 471 -12.07 -17.02 58.76
N SER D 472 -12.11 -17.10 60.08
CA SER D 472 -13.23 -16.50 60.83
C SER D 472 -13.36 -14.97 60.65
N LEU D 473 -12.23 -14.26 60.83
CA LEU D 473 -12.24 -12.81 60.66
C LEU D 473 -12.58 -12.47 59.17
N THR D 474 -12.05 -13.27 58.23
CA THR D 474 -12.43 -13.13 56.83
C THR D 474 -13.96 -13.23 56.62
N ALA D 475 -14.59 -14.25 57.23
CA ALA D 475 -16.04 -14.41 57.11
C ALA D 475 -16.80 -13.28 57.87
N TYR D 476 -16.31 -12.89 59.06
CA TYR D 476 -16.82 -11.73 59.80
C TYR D 476 -16.94 -10.47 58.89
N MET D 477 -15.82 -10.17 58.24
CA MET D 477 -15.67 -9.03 57.34
C MET D 477 -16.70 -9.06 56.24
N ASN D 478 -16.89 -10.24 55.64
CA ASN D 478 -17.81 -10.37 54.49
C ASN D 478 -19.27 -10.49 54.86
N ASP D 479 -19.56 -10.67 56.15
CA ASP D 479 -20.93 -10.68 56.70
C ASP D 479 -20.96 -10.09 58.15
N PRO D 480 -20.78 -8.76 58.26
CA PRO D 480 -20.61 -8.18 59.58
C PRO D 480 -21.90 -8.27 60.33
N PRO D 481 -21.88 -8.91 61.51
CA PRO D 481 -23.06 -9.06 62.36
C PRO D 481 -23.87 -7.78 62.60
N VAL D 482 -25.18 -7.93 62.50
CA VAL D 482 -26.13 -6.86 62.66
C VAL D 482 -27.16 -7.27 63.68
N LEU D 483 -27.44 -6.35 64.60
CA LEU D 483 -28.56 -6.48 65.52
C LEU D 483 -29.70 -5.60 65.01
N VAL D 484 -30.94 -6.08 65.13
CA VAL D 484 -32.11 -5.32 64.68
C VAL D 484 -33.31 -5.48 65.59
N ALA D 485 -34.21 -4.51 65.49
CA ALA D 485 -35.48 -4.55 66.19
C ALA D 485 -36.42 -5.59 65.56
N GLU D 486 -37.38 -6.03 66.34
CA GLU D 486 -38.42 -6.91 65.85
C GLU D 486 -39.30 -6.10 64.86
N PRO D 487 -39.57 -6.67 63.66
CA PRO D 487 -40.40 -5.98 62.67
C PRO D 487 -41.70 -5.45 63.23
N LYS D 488 -42.35 -6.29 64.02
CA LYS D 488 -43.57 -5.99 64.76
C LYS D 488 -43.39 -4.75 65.66
N TYR D 489 -42.26 -4.69 66.38
CA TYR D 489 -42.04 -3.58 67.29
C TYR D 489 -41.88 -2.31 66.47
N ILE D 490 -41.04 -2.37 65.45
CA ILE D 490 -40.87 -1.25 64.52
C ILE D 490 -42.22 -0.72 64.05
N HIS D 491 -43.11 -1.62 63.67
CA HIS D 491 -44.43 -1.23 63.19
C HIS D 491 -45.25 -0.52 64.28
N GLU D 492 -45.40 -1.12 65.46
CA GLU D 492 -46.05 -0.47 66.63
C GLU D 492 -45.66 1.01 66.77
N THR D 493 -44.35 1.31 66.83
CA THR D 493 -43.83 2.68 67.10
C THR D 493 -44.18 3.73 66.04
N GLN D 494 -44.50 3.27 64.82
CA GLN D 494 -44.70 4.16 63.69
C GLN D 494 -43.48 5.07 63.45
N ALA D 495 -42.26 4.60 63.82
CA ALA D 495 -41.07 5.42 63.71
C ALA D 495 -40.43 5.35 62.36
N LEU D 496 -41.03 4.61 61.44
CA LEU D 496 -40.42 4.37 60.16
C LEU D 496 -41.48 4.15 59.10
N GLY D 497 -42.44 5.07 59.07
CA GLY D 497 -43.57 4.98 58.16
C GLY D 497 -44.73 4.17 58.70
N GLU D 498 -45.91 4.47 58.15
CA GLU D 498 -47.13 3.74 58.40
C GLU D 498 -47.59 2.99 57.16
N TYR D 499 -46.89 3.15 56.04
CA TYR D 499 -47.37 2.66 54.73
C TYR D 499 -47.01 1.18 54.55
N TRP D 500 -46.80 0.46 55.64
CA TRP D 500 -46.49 -0.95 55.51
C TRP D 500 -46.91 -1.69 56.75
N ALA D 501 -47.29 -2.96 56.59
CA ALA D 501 -47.57 -3.85 57.70
C ALA D 501 -46.92 -5.20 57.47
N LEU D 502 -46.86 -5.97 58.56
CA LEU D 502 -46.34 -7.35 58.56
C LEU D 502 -47.22 -8.31 57.74
N PRO D 503 -46.61 -9.35 57.12
CA PRO D 503 -47.34 -10.28 56.21
C PRO D 503 -48.47 -11.09 56.85
N SER D 507 -55.89 -14.98 54.38
CA SER D 507 -56.38 -14.79 52.99
C SER D 507 -55.46 -15.43 51.94
N PRO D 508 -55.96 -16.41 51.16
CA PRO D 508 -55.18 -17.02 50.06
C PRO D 508 -54.63 -16.04 49.02
N ALA D 509 -55.39 -14.99 48.74
CA ALA D 509 -55.00 -13.99 47.75
C ALA D 509 -53.76 -13.18 48.20
N ALA D 510 -53.70 -12.85 49.48
CA ALA D 510 -52.54 -12.17 50.03
C ALA D 510 -51.30 -13.07 50.03
N ALA D 511 -51.45 -14.29 50.51
CA ALA D 511 -50.40 -15.30 50.42
C ALA D 511 -49.71 -15.35 49.03
N THR D 512 -50.47 -15.26 47.95
CA THR D 512 -49.84 -15.34 46.62
C THR D 512 -49.25 -13.97 46.24
N LEU D 513 -49.76 -12.87 46.81
CA LEU D 513 -49.02 -11.59 46.74
C LEU D 513 -47.62 -11.70 47.37
N GLU D 514 -47.51 -12.36 48.52
CA GLU D 514 -46.23 -12.45 49.21
C GLU D 514 -45.26 -13.37 48.44
N ASP D 515 -45.82 -14.45 47.93
CA ASP D 515 -45.03 -15.41 47.14
C ASP D 515 -44.52 -14.72 45.89
N ARG D 516 -45.32 -13.81 45.35
CA ARG D 516 -44.92 -13.01 44.19
C ARG D 516 -43.81 -11.98 44.50
N LEU D 517 -43.82 -11.42 45.72
CA LEU D 517 -42.75 -10.54 46.15
C LEU D 517 -41.49 -11.39 46.36
N GLN D 518 -41.63 -12.52 47.06
CA GLN D 518 -40.53 -13.51 47.16
C GLN D 518 -39.92 -13.85 45.80
N PHE D 519 -40.79 -14.00 44.80
CA PHE D 519 -40.35 -14.33 43.45
C PHE D 519 -39.54 -13.19 42.84
N ILE D 520 -40.06 -11.97 42.92
CA ILE D 520 -39.34 -10.82 42.46
C ILE D 520 -37.98 -10.72 43.16
N PHE D 521 -37.99 -10.87 44.47
CA PHE D 521 -36.75 -10.77 45.20
C PHE D 521 -35.73 -11.85 44.81
N ASP D 522 -36.18 -13.07 44.60
CA ASP D 522 -35.28 -14.17 44.26
C ASP D 522 -34.66 -14.00 42.89
N PHE D 523 -35.45 -13.53 41.93
CA PHE D 523 -34.96 -13.23 40.60
C PHE D 523 -33.91 -12.08 40.56
N TYR D 524 -34.15 -11.01 41.34
CA TYR D 524 -33.23 -9.86 41.33
C TYR D 524 -31.91 -10.20 42.02
N LYS D 525 -32.00 -10.84 43.18
CA LYS D 525 -30.79 -11.35 43.87
C LYS D 525 -30.00 -12.30 42.97
N GLY D 526 -30.71 -13.09 42.18
CA GLY D 526 -30.09 -14.04 41.27
C GLY D 526 -29.44 -13.35 40.10
N GLN D 527 -30.10 -12.33 39.53
CA GLN D 527 -29.53 -11.61 38.40
C GLN D 527 -28.22 -10.87 38.75
N ILE D 528 -28.03 -10.49 40.00
CA ILE D 528 -26.76 -9.89 40.38
C ILE D 528 -25.61 -10.81 39.96
N GLU D 529 -25.72 -12.10 40.30
CA GLU D 529 -24.67 -13.08 40.04
C GLU D 529 -24.65 -13.42 38.57
N GLN D 530 -25.79 -13.73 37.97
CA GLN D 530 -25.78 -14.26 36.61
C GLN D 530 -25.37 -13.25 35.58
N ARG D 531 -25.74 -11.98 35.76
CA ARG D 531 -25.34 -10.91 34.82
C ARG D 531 -24.05 -10.21 35.23
N ARG D 532 -23.53 -10.63 36.36
CA ARG D 532 -22.20 -10.29 36.81
C ARG D 532 -22.14 -8.82 37.11
N TRP D 533 -23.15 -8.33 37.87
CA TRP D 533 -23.28 -6.91 38.26
C TRP D 533 -22.41 -6.54 39.46
N TYR D 534 -21.11 -6.69 39.23
CA TYR D 534 -20.11 -6.47 40.24
C TYR D 534 -19.20 -5.37 39.71
N GLY D 535 -18.33 -4.84 40.58
CA GLY D 535 -17.23 -3.93 40.18
C GLY D 535 -17.07 -2.78 41.14
N PHE D 536 -15.88 -2.19 41.19
CA PHE D 536 -15.55 -1.03 42.05
C PHE D 536 -16.73 -0.08 42.27
N LEU D 537 -17.34 0.38 41.18
CA LEU D 537 -18.46 1.31 41.24
C LEU D 537 -19.79 0.66 40.99
N ASP D 538 -19.84 -0.23 40.02
CA ASP D 538 -21.10 -0.87 39.63
C ASP D 538 -21.78 -1.65 40.77
N TYR D 539 -21.03 -2.39 41.59
CA TYR D 539 -21.68 -3.30 42.54
C TYR D 539 -22.68 -2.55 43.39
N GLY D 540 -23.87 -3.11 43.49
CA GLY D 540 -24.99 -2.46 44.19
C GLY D 540 -26.18 -2.19 43.28
N ASP D 541 -25.91 -1.75 42.07
CA ASP D 541 -26.98 -1.41 41.17
C ASP D 541 -27.42 -2.64 40.41
N PHE D 542 -28.47 -2.46 39.63
CA PHE D 542 -28.97 -3.48 38.72
C PHE D 542 -29.53 -2.67 37.58
N MET D 543 -30.07 -3.33 36.54
CA MET D 543 -30.48 -2.62 35.30
C MET D 543 -31.99 -2.45 35.18
N HIS D 544 -32.43 -1.81 34.10
CA HIS D 544 -33.75 -1.21 33.96
C HIS D 544 -34.67 -2.09 33.08
N THR D 545 -34.38 -2.20 31.78
CA THR D 545 -35.20 -3.03 30.90
C THR D 545 -34.38 -4.13 30.20
N TYR D 546 -35.05 -5.23 29.87
CA TYR D 546 -34.43 -6.39 29.20
C TYR D 546 -34.54 -6.41 27.68
N ASP D 547 -33.50 -6.92 27.01
CA ASP D 547 -33.55 -7.18 25.58
C ASP D 547 -33.92 -8.66 25.36
N PRO D 548 -35.16 -8.93 24.92
CA PRO D 548 -35.61 -10.34 24.75
C PRO D 548 -34.94 -11.11 23.62
N ASP D 549 -34.45 -10.41 22.60
CA ASP D 549 -33.83 -11.02 21.44
C ASP D 549 -32.44 -11.51 21.81
N ARG D 550 -31.66 -10.63 22.43
CA ARG D 550 -30.29 -10.96 22.80
C ARG D 550 -30.17 -11.73 24.16
N HIS D 551 -31.24 -11.74 24.94
CA HIS D 551 -31.24 -12.29 26.28
C HIS D 551 -30.16 -11.65 27.17
N THR D 552 -30.12 -10.32 27.16
CA THR D 552 -29.31 -9.52 28.08
C THR D 552 -30.23 -8.42 28.56
N TRP D 553 -29.89 -7.83 29.68
CA TRP D 553 -30.44 -6.55 30.03
C TRP D 553 -29.84 -5.53 29.12
N ARG D 554 -30.52 -4.39 28.95
CA ARG D 554 -30.10 -3.41 27.92
C ARG D 554 -28.96 -2.51 28.39
N TYR D 555 -27.83 -3.17 28.65
CA TYR D 555 -26.63 -2.55 29.20
C TYR D 555 -26.07 -1.51 28.24
N ASP D 556 -26.44 -1.57 26.98
CA ASP D 556 -25.81 -0.75 25.94
C ASP D 556 -26.81 0.12 25.22
N VAL D 557 -28.04 0.21 25.72
CA VAL D 557 -29.04 1.07 25.08
C VAL D 557 -29.53 2.11 26.05
N GLY D 558 -28.86 3.26 25.97
CA GLY D 558 -29.27 4.52 26.59
C GLY D 558 -29.87 4.46 27.97
N GLY D 559 -31.17 4.71 28.08
CA GLY D 559 -31.86 4.75 29.39
C GLY D 559 -32.25 3.42 29.96
N TYR D 560 -31.99 2.35 29.22
CA TYR D 560 -32.43 1.02 29.60
C TYR D 560 -31.37 0.18 30.38
N ALA D 561 -30.23 0.79 30.64
CA ALA D 561 -29.12 0.19 31.33
C ALA D 561 -29.22 0.32 32.87
N TRP D 562 -28.23 0.90 33.56
CA TRP D 562 -28.26 0.86 35.04
C TRP D 562 -29.48 1.63 35.54
N ASP D 563 -30.14 1.10 36.57
CA ASP D 563 -31.47 1.54 36.97
C ASP D 563 -31.44 2.88 37.73
N ASN D 564 -30.44 3.12 38.57
CA ASN D 564 -30.25 4.40 39.31
C ASN D 564 -31.56 4.86 39.99
N SER D 565 -32.16 3.92 40.71
CA SER D 565 -33.30 4.21 41.57
C SER D 565 -34.60 4.66 40.84
N GLU D 566 -34.64 4.53 39.52
CA GLU D 566 -35.87 4.84 38.76
C GLU D 566 -37.09 4.03 39.24
N LEU D 567 -38.15 4.79 39.51
CA LEU D 567 -39.37 4.32 40.20
C LEU D 567 -39.12 3.60 41.54
N SER D 568 -38.17 4.09 42.32
CA SER D 568 -38.06 3.75 43.72
C SER D 568 -37.91 2.27 44.13
N PRO D 569 -37.03 1.53 43.44
CA PRO D 569 -36.72 0.20 43.93
C PRO D 569 -36.17 0.22 45.33
N ASP D 570 -35.44 1.27 45.67
CA ASP D 570 -34.94 1.44 47.06
C ASP D 570 -36.06 1.34 48.09
N LEU D 571 -37.19 1.98 47.79
CA LEU D 571 -38.34 1.93 48.70
C LEU D 571 -38.85 0.52 48.79
N PHE D 572 -39.07 -0.12 47.64
CA PHE D 572 -39.59 -1.48 47.65
C PHE D 572 -38.68 -2.37 48.50
N PHE D 573 -37.41 -2.44 48.12
CA PHE D 573 -36.51 -3.38 48.76
C PHE D 573 -36.37 -3.14 50.28
N TRP D 574 -36.23 -1.88 50.71
CA TRP D 574 -36.20 -1.58 52.16
C TRP D 574 -37.48 -1.93 52.92
N LEU D 575 -38.63 -1.59 52.34
CA LEU D 575 -39.89 -1.94 53.00
C LEU D 575 -40.02 -3.47 53.05
N TYR D 576 -39.64 -4.16 51.97
CA TYR D 576 -39.58 -5.63 51.95
C TYR D 576 -38.71 -6.19 53.08
N PHE D 577 -37.57 -5.55 53.38
CA PHE D 577 -36.82 -5.92 54.60
C PHE D 577 -37.58 -5.68 55.89
N LEU D 578 -38.20 -4.51 56.04
CA LEU D 578 -38.88 -4.14 57.32
C LEU D 578 -39.91 -5.15 57.75
N ARG D 579 -40.75 -5.53 56.77
CA ARG D 579 -41.85 -6.46 56.95
C ARG D 579 -41.39 -7.85 57.35
N THR D 580 -40.27 -8.29 56.78
CA THR D 580 -39.83 -9.69 56.91
C THR D 580 -38.72 -9.96 57.93
N GLY D 581 -37.76 -9.05 58.09
CA GLY D 581 -36.56 -9.33 58.92
C GLY D 581 -35.51 -10.25 58.27
N SER D 582 -35.64 -10.45 56.96
CA SER D 582 -34.74 -11.34 56.22
C SER D 582 -33.32 -10.76 56.06
N LYS D 583 -32.28 -11.51 56.43
CA LYS D 583 -30.89 -11.11 56.14
C LYS D 583 -30.64 -10.78 54.65
N ASP D 584 -31.03 -11.70 53.78
CA ASP D 584 -30.91 -11.50 52.33
C ASP D 584 -31.50 -10.18 51.87
N ALA D 585 -32.67 -9.86 52.40
CA ALA D 585 -33.32 -8.61 52.07
C ALA D 585 -32.47 -7.40 52.49
N TYR D 586 -31.94 -7.46 53.70
CA TYR D 586 -31.14 -6.37 54.27
C TYR D 586 -29.89 -6.18 53.44
N ARG D 587 -29.21 -7.29 53.16
CA ARG D 587 -27.96 -7.22 52.39
C ARG D 587 -28.18 -6.71 50.95
N PHE D 588 -29.29 -7.05 50.34
CA PHE D 588 -29.60 -6.62 48.97
C PHE D 588 -29.82 -5.12 48.99
N ALA D 589 -30.65 -4.66 49.93
CA ALA D 589 -31.00 -3.24 50.06
C ALA D 589 -29.84 -2.38 50.54
N GLU D 590 -29.07 -2.90 51.47
CA GLU D 590 -27.81 -2.26 51.88
C GLU D 590 -26.87 -1.99 50.72
N ALA D 591 -26.54 -3.02 49.94
CA ALA D 591 -25.72 -2.84 48.75
C ALA D 591 -26.26 -1.77 47.78
N LEU D 592 -27.56 -1.86 47.52
CA LEU D 592 -28.28 -0.91 46.69
C LEU D 592 -28.06 0.56 47.20
N THR D 593 -28.38 0.75 48.47
CA THR D 593 -28.17 1.99 49.20
C THR D 593 -26.72 2.53 49.12
N ARG D 594 -25.75 1.65 49.29
CA ARG D 594 -24.32 2.01 49.19
C ARG D 594 -23.90 2.35 47.78
N HIS D 595 -24.68 1.94 46.79
CA HIS D 595 -24.40 2.34 45.42
C HIS D 595 -25.08 3.64 45.01
N THR D 596 -26.42 3.63 45.04
CA THR D 596 -27.27 4.68 44.45
C THR D 596 -27.02 6.00 45.20
N GLY D 597 -26.87 5.93 46.53
CA GLY D 597 -26.52 7.12 47.32
C GLY D 597 -25.12 7.71 47.16
N GLU D 598 -24.19 6.94 46.62
CA GLU D 598 -22.80 7.34 46.48
C GLU D 598 -22.51 7.62 45.02
N VAL D 599 -22.68 6.62 44.17
CA VAL D 599 -22.27 6.68 42.76
C VAL D 599 -23.31 7.46 41.87
N ASP D 600 -24.59 7.27 42.17
CA ASP D 600 -25.64 7.88 41.37
C ASP D 600 -26.01 9.33 41.80
N VAL D 601 -25.20 9.98 42.63
CA VAL D 601 -25.47 11.42 42.97
C VAL D 601 -24.19 12.24 43.01
N TYR D 602 -24.32 13.53 42.76
CA TYR D 602 -23.22 14.46 42.93
C TYR D 602 -23.13 15.01 44.39
N HIS D 603 -21.90 15.02 44.90
CA HIS D 603 -21.55 15.49 46.24
C HIS D 603 -20.75 16.81 46.29
N ILE D 604 -20.38 17.35 45.13
CA ILE D 604 -19.75 18.68 45.03
C ILE D 604 -20.22 19.38 43.76
N GLY D 605 -19.88 20.67 43.62
CA GLY D 605 -20.13 21.42 42.35
C GLY D 605 -21.55 21.94 42.17
N ASP D 606 -21.84 22.39 40.95
CA ASP D 606 -23.06 23.16 40.68
C ASP D 606 -24.30 22.35 40.78
N TRP D 607 -24.16 21.05 40.49
CA TRP D 607 -25.27 20.12 40.54
C TRP D 607 -25.26 19.31 41.83
N LYS D 608 -24.57 19.79 42.86
CA LYS D 608 -24.51 19.06 44.12
C LYS D 608 -25.90 18.85 44.68
N GLY D 609 -26.21 17.61 45.02
CA GLY D 609 -27.47 17.27 45.67
C GLY D 609 -28.45 16.70 44.68
N LEU D 610 -28.15 16.77 43.40
CA LEU D 610 -28.85 16.04 42.36
C LEU D 610 -28.23 14.64 42.13
N GLY D 611 -29.06 13.73 41.66
CA GLY D 611 -28.59 12.46 41.12
C GLY D 611 -28.88 12.36 39.64
N THR D 612 -28.32 11.34 38.98
CA THR D 612 -28.44 11.19 37.51
C THR D 612 -29.42 10.09 37.07
N ARG D 613 -30.33 10.44 36.20
CA ARG D 613 -31.25 9.48 35.56
C ARG D 613 -30.53 8.22 35.02
N HIS D 614 -31.22 7.10 35.17
CA HIS D 614 -30.81 5.81 34.61
C HIS D 614 -30.17 5.88 33.22
N GLY D 615 -28.96 5.33 33.08
CA GLY D 615 -28.27 5.24 31.78
C GLY D 615 -27.13 4.22 31.69
N VAL D 616 -26.36 4.30 30.61
CA VAL D 616 -25.31 3.30 30.27
C VAL D 616 -24.11 3.34 31.24
N GLN D 617 -23.71 4.56 31.59
CA GLN D 617 -22.87 4.85 32.75
C GLN D 617 -23.77 5.41 33.83
N HIS D 618 -23.28 5.39 35.06
CA HIS D 618 -24.09 5.87 36.19
C HIS D 618 -24.29 7.39 36.17
N TRP D 619 -23.55 8.08 35.28
CA TRP D 619 -23.49 9.55 35.22
C TRP D 619 -23.60 10.11 33.79
N SER D 620 -24.15 9.32 32.85
CA SER D 620 -24.15 9.68 31.42
C SER D 620 -25.32 10.58 30.98
N ASP D 621 -26.46 10.52 31.67
CA ASP D 621 -27.71 11.17 31.22
C ASP D 621 -27.71 12.62 31.66
N SER D 622 -28.44 13.47 30.94
CA SER D 622 -28.47 14.90 31.24
C SER D 622 -29.50 15.23 32.28
N ALA D 623 -30.44 14.31 32.55
CA ALA D 623 -31.49 14.54 33.53
C ALA D 623 -30.92 14.41 34.95
N LYS D 624 -30.48 15.55 35.50
CA LYS D 624 -29.96 15.61 36.85
C LYS D 624 -31.16 16.12 37.62
N GLN D 625 -31.61 15.35 38.58
CA GLN D 625 -32.87 15.62 39.28
C GLN D 625 -32.75 15.10 40.68
N ALA D 626 -33.50 15.72 41.58
CA ALA D 626 -33.60 15.28 42.97
C ALA D 626 -34.35 13.95 43.20
N ARG D 627 -35.10 13.47 42.21
CA ARG D 627 -35.79 12.20 42.37
C ARG D 627 -34.81 10.99 42.47
N ILE D 628 -33.58 11.14 41.95
CA ILE D 628 -32.55 10.11 42.10
C ILE D 628 -31.91 10.25 43.51
N SER D 629 -31.43 11.45 43.81
CA SER D 629 -30.82 11.78 45.11
C SER D 629 -31.95 12.09 46.03
N GLN D 630 -32.57 11.09 46.62
CA GLN D 630 -33.88 11.29 47.23
C GLN D 630 -33.72 10.73 48.63
N PRO D 631 -33.57 11.63 49.59
CA PRO D 631 -33.09 11.13 50.86
C PRO D 631 -34.03 10.10 51.50
N GLN D 632 -35.29 10.04 51.09
CA GLN D 632 -36.18 8.99 51.61
C GLN D 632 -35.63 7.60 51.36
N TYR D 633 -34.94 7.42 50.23
CA TYR D 633 -34.25 6.17 49.89
C TYR D 633 -33.22 5.76 50.90
N ARG D 634 -32.57 6.71 51.58
CA ARG D 634 -31.56 6.37 52.59
C ARG D 634 -32.04 6.38 54.03
N LYS D 635 -33.32 6.66 54.25
CA LYS D 635 -33.82 6.96 55.62
C LYS D 635 -33.88 5.77 56.54
N TYR D 636 -34.34 4.67 55.92
CA TYR D 636 -34.59 3.40 56.59
C TYR D 636 -33.23 2.86 56.98
N PHE D 637 -32.28 2.84 56.04
CA PHE D 637 -30.92 2.41 56.37
C PHE D 637 -30.22 3.34 57.33
N PHE D 638 -30.48 4.66 57.23
CA PHE D 638 -29.83 5.55 58.19
C PHE D 638 -30.19 5.16 59.60
N TYR D 639 -31.48 5.02 59.86
CA TYR D 639 -31.96 4.68 61.20
C TYR D 639 -31.65 3.23 61.62
N LEU D 640 -31.86 2.24 60.74
CA LEU D 640 -31.62 0.82 61.13
C LEU D 640 -30.16 0.50 61.46
N SER D 641 -29.22 1.10 60.74
CA SER D 641 -27.76 0.97 61.02
C SER D 641 -27.27 1.66 62.29
N GLY D 642 -28.14 2.37 63.02
CA GLY D 642 -27.69 3.13 64.22
C GLY D 642 -27.05 4.47 63.86
N GLY D 643 -27.64 5.11 62.84
CA GLY D 643 -27.19 6.37 62.34
C GLY D 643 -25.83 6.33 61.69
N ASP D 644 -25.64 5.38 60.77
CA ASP D 644 -24.40 5.26 60.00
C ASP D 644 -23.93 6.67 59.62
N GLU D 645 -22.73 7.01 60.10
CA GLU D 645 -22.24 8.37 59.99
C GLU D 645 -22.02 8.77 58.54
N ARG D 646 -21.55 7.88 57.68
CA ARG D 646 -21.38 8.25 56.27
C ARG D 646 -22.72 8.63 55.62
N VAL D 647 -23.74 7.82 55.85
CA VAL D 647 -25.07 8.14 55.34
C VAL D 647 -25.58 9.46 55.96
N GLY D 648 -25.24 9.70 57.24
CA GLY D 648 -25.54 10.97 57.92
C GLY D 648 -25.01 12.19 57.19
N GLU D 649 -23.73 12.13 56.91
CA GLU D 649 -23.04 13.10 56.07
C GLU D 649 -23.74 13.27 54.73
N LEU D 650 -24.11 12.19 54.05
CA LEU D 650 -24.75 12.27 52.72
C LEU D 650 -26.09 12.97 52.76
N LEU D 651 -26.86 12.71 53.83
CA LEU D 651 -28.17 13.33 54.02
C LEU D 651 -28.04 14.84 54.26
N GLU D 652 -26.99 15.24 54.97
CA GLU D 652 -26.69 16.66 55.19
C GLU D 652 -26.33 17.39 53.86
N GLU D 653 -25.60 16.73 52.97
CA GLU D 653 -25.26 17.29 51.67
C GLU D 653 -26.52 17.68 50.83
N LEU D 654 -27.56 16.85 50.93
CA LEU D 654 -28.76 17.02 50.11
C LEU D 654 -29.60 18.24 50.50
N LEU D 655 -29.27 18.87 51.63
CA LEU D 655 -29.90 20.13 52.03
C LEU D 655 -29.59 21.32 51.06
N ASP D 656 -28.45 21.27 50.35
CA ASP D 656 -28.16 22.26 49.31
C ASP D 656 -28.79 21.93 47.93
N THR D 657 -29.76 21.00 47.88
CA THR D 657 -30.39 20.62 46.61
C THR D 657 -31.21 21.80 46.03
N ASP D 658 -31.89 22.57 46.88
CA ASP D 658 -32.63 23.74 46.40
C ASP D 658 -31.76 24.75 45.64
N LYS D 659 -30.51 24.94 46.02
CA LYS D 659 -29.62 25.83 45.25
C LYS D 659 -29.57 25.52 43.75
N THR D 660 -29.64 24.24 43.40
CA THR D 660 -29.46 23.82 42.01
C THR D 660 -30.52 24.34 41.07
N TYR D 661 -31.75 24.55 41.54
CA TYR D 661 -32.83 25.04 40.64
C TYR D 661 -32.56 26.43 40.10
N GLY D 662 -31.73 27.20 40.81
CA GLY D 662 -31.16 28.45 40.27
C GLY D 662 -30.09 28.27 39.20
N GLU D 663 -29.37 27.16 39.25
CA GLU D 663 -28.33 26.80 38.29
C GLU D 663 -28.80 25.96 37.12
N LEU D 664 -29.95 25.27 37.24
CA LEU D 664 -30.31 24.22 36.28
C LEU D 664 -31.74 23.86 36.37
N ASP D 665 -32.45 24.04 35.26
CA ASP D 665 -33.90 23.74 35.22
C ASP D 665 -34.10 22.28 34.74
N PRO D 666 -34.54 21.36 35.64
CA PRO D 666 -34.76 19.96 35.19
C PRO D 666 -35.77 19.82 34.04
N GLN D 667 -36.69 20.79 33.94
CA GLN D 667 -37.72 20.82 32.91
C GLN D 667 -37.32 21.68 31.70
N ARG D 668 -36.02 21.95 31.53
CA ARG D 668 -35.54 22.97 30.58
C ARG D 668 -35.83 22.67 29.14
N LYS D 669 -35.96 21.41 28.78
CA LYS D 669 -36.10 21.03 27.37
C LYS D 669 -37.55 20.99 26.89
N VAL D 670 -38.49 20.81 27.82
CA VAL D 670 -39.90 20.48 27.53
C VAL D 670 -40.98 21.48 28.02
N ARG D 671 -40.68 22.31 29.02
CA ARG D 671 -41.66 23.31 29.50
C ARG D 671 -42.02 24.23 28.35
N THR D 672 -43.32 24.52 28.25
CA THR D 672 -43.95 25.25 27.12
C THR D 672 -44.10 26.77 27.39
N ASP D 673 -43.97 27.16 28.66
CA ASP D 673 -44.30 28.51 29.17
C ASP D 673 -43.15 29.57 29.13
N GLY D 674 -42.07 29.31 28.38
CA GLY D 674 -41.00 30.32 28.16
C GLY D 674 -40.13 30.76 29.33
N TRP D 675 -40.38 30.21 30.52
CA TRP D 675 -39.62 30.57 31.73
C TRP D 675 -38.24 29.93 31.69
N GLU D 676 -37.28 30.62 32.34
CA GLU D 676 -35.86 30.27 32.37
C GLU D 676 -35.31 30.74 33.74
N PRO D 677 -34.16 30.21 34.21
CA PRO D 677 -33.62 30.81 35.45
C PRO D 677 -32.86 32.10 35.19
N SER D 678 -33.13 33.11 36.04
CA SER D 678 -32.34 34.36 36.11
C SER D 678 -31.77 34.44 37.53
N PRO D 679 -30.77 35.31 37.76
CA PRO D 679 -30.20 35.50 39.13
C PRO D 679 -31.09 36.37 40.04
N ASN D 680 -31.03 36.11 41.34
CA ASN D 680 -31.88 36.82 42.37
C ASN D 680 -33.41 36.70 42.17
N SER D 681 -33.80 35.63 41.46
CA SER D 681 -35.17 35.39 41.08
C SER D 681 -35.66 34.17 41.83
N THR D 682 -36.97 33.93 41.69
CA THR D 682 -37.56 32.67 42.09
C THR D 682 -37.12 31.57 41.11
N VAL D 683 -37.22 30.33 41.59
CA VAL D 683 -36.78 29.13 40.87
C VAL D 683 -37.94 28.14 40.83
N SER D 684 -38.09 27.46 39.70
CA SER D 684 -39.23 26.59 39.47
C SER D 684 -38.87 25.14 39.84
N PHE D 685 -39.84 24.43 40.40
CA PHE D 685 -39.70 22.98 40.50
C PHE D 685 -41.05 22.27 40.59
N GLY D 686 -41.07 21.01 40.15
CA GLY D 686 -42.27 20.19 40.23
C GLY D 686 -42.72 19.86 41.66
N LEU D 687 -44.03 19.66 41.83
CA LEU D 687 -44.57 19.33 43.14
C LEU D 687 -44.53 17.85 43.48
N GLY D 688 -44.14 16.99 42.54
CA GLY D 688 -44.00 15.58 42.84
C GLY D 688 -42.59 15.09 42.73
N THR D 689 -42.07 15.05 41.51
CA THR D 689 -40.69 14.66 41.32
C THR D 689 -39.75 15.43 42.30
N ASP D 690 -39.63 16.73 42.07
CA ASP D 690 -38.57 17.52 42.69
C ASP D 690 -38.85 17.76 44.17
N TRP D 691 -40.05 18.27 44.44
CA TRP D 691 -40.47 18.58 45.80
C TRP D 691 -40.41 17.36 46.73
N SER D 692 -40.85 16.18 46.27
CA SER D 692 -40.76 14.98 47.11
C SER D 692 -39.33 14.77 47.67
N GLY D 693 -38.30 14.99 46.84
CA GLY D 693 -36.88 14.91 47.26
C GLY D 693 -36.44 16.02 48.22
N LEU D 694 -36.81 17.26 47.90
CA LEU D 694 -36.53 18.37 48.82
C LEU D 694 -37.23 18.14 50.16
N ALA D 695 -38.51 17.84 50.12
CA ALA D 695 -39.28 17.69 51.37
C ALA D 695 -38.65 16.68 52.28
N ALA D 696 -38.26 15.54 51.69
CA ALA D 696 -37.70 14.44 52.45
C ALA D 696 -36.37 14.83 53.08
N GLY D 697 -35.51 15.55 52.33
CA GLY D 697 -34.26 16.11 52.88
C GLY D 697 -34.52 16.93 54.12
N TRP D 698 -35.44 17.89 54.00
CA TRP D 698 -35.86 18.75 55.09
C TRP D 698 -36.46 18.00 56.28
N LEU D 699 -37.33 17.02 56.04
CA LEU D 699 -37.91 16.29 57.16
C LEU D 699 -36.89 15.42 57.90
N ILE D 700 -35.87 14.90 57.20
CA ILE D 700 -34.83 14.10 57.84
C ILE D 700 -33.98 14.98 58.74
N GLU D 701 -33.59 16.16 58.26
CA GLU D 701 -32.76 17.07 59.06
C GLU D 701 -33.54 17.58 60.25
N TRP D 702 -34.83 17.79 60.08
CA TRP D 702 -35.65 18.26 61.17
C TRP D 702 -35.66 17.18 62.27
N GLU D 703 -36.06 15.96 61.87
CA GLU D 703 -36.03 14.74 62.71
C GLU D 703 -34.72 14.51 63.44
N ARG D 704 -33.63 14.77 62.73
CA ARG D 704 -32.29 14.64 63.32
C ARG D 704 -31.88 15.78 64.25
N ARG D 705 -32.53 16.93 64.13
CA ARG D 705 -32.12 18.16 64.82
C ARG D 705 -30.65 18.47 64.54
N GLY D 706 -30.27 18.43 63.28
CA GLY D 706 -28.92 18.78 62.86
C GLY D 706 -28.68 20.28 62.82
N PRO D 707 -27.46 20.67 62.50
CA PRO D 707 -27.11 22.10 62.47
C PRO D 707 -28.12 23.00 61.72
N ARG D 708 -28.73 22.49 60.64
CA ARG D 708 -29.68 23.25 59.79
C ARG D 708 -31.15 22.86 59.94
N TRP D 709 -31.50 22.35 61.10
CA TRP D 709 -32.85 21.91 61.31
C TRP D 709 -33.89 23.04 61.36
N GLU D 710 -33.56 24.21 61.91
CA GLU D 710 -34.60 25.26 61.99
C GLU D 710 -34.95 25.70 60.56
N GLU D 711 -33.91 25.84 59.74
CA GLU D 711 -34.04 26.10 58.28
C GLU D 711 -34.90 25.04 57.60
N ALA D 712 -34.55 23.79 57.85
CA ALA D 712 -35.27 22.65 57.26
C ALA D 712 -36.77 22.65 57.64
N LYS D 713 -37.07 22.85 58.92
CA LYS D 713 -38.45 22.96 59.38
C LYS D 713 -39.17 24.13 58.70
N THR D 714 -38.47 25.23 58.47
CA THR D 714 -39.10 26.41 57.86
C THR D 714 -39.42 26.16 56.38
N LYS D 715 -38.47 25.61 55.65
CA LYS D 715 -38.67 25.32 54.24
C LYS D 715 -39.74 24.21 54.02
N LEU D 716 -39.76 23.19 54.86
CA LEU D 716 -40.81 22.16 54.73
C LEU D 716 -42.16 22.76 55.06
N THR D 717 -42.23 23.39 56.23
CA THR D 717 -43.47 24.00 56.72
C THR D 717 -44.06 25.06 55.74
N ASN D 718 -43.19 25.88 55.15
CA ASN D 718 -43.64 26.93 54.23
C ASN D 718 -44.20 26.35 52.94
N THR D 719 -43.36 25.58 52.24
CA THR D 719 -43.72 24.89 50.99
C THR D 719 -44.99 24.05 51.15
N ILE D 720 -45.14 23.35 52.27
CA ILE D 720 -46.43 22.69 52.56
C ILE D 720 -47.58 23.75 52.52
N ALA D 721 -47.50 24.81 53.34
CA ALA D 721 -48.50 25.90 53.31
C ALA D 721 -48.65 26.51 51.92
N GLY D 722 -47.53 26.63 51.22
CA GLY D 722 -47.57 27.07 49.83
C GLY D 722 -48.53 26.20 49.03
N ILE D 723 -48.30 24.89 49.07
CA ILE D 723 -49.09 23.93 48.29
C ILE D 723 -50.56 23.95 48.69
N ALA D 724 -50.83 24.00 50.01
CA ALA D 724 -52.22 24.16 50.49
C ALA D 724 -52.94 25.42 49.95
N ASN D 725 -52.20 26.53 49.92
CA ASN D 725 -52.81 27.77 49.54
CA ASN D 725 -52.65 27.89 49.52
C ASN D 725 -52.72 28.00 48.01
N LEU D 726 -52.16 27.04 47.28
CA LEU D 726 -52.41 26.98 45.80
C LEU D 726 -53.86 26.54 45.61
N THR D 727 -54.48 26.95 44.52
CA THR D 727 -55.93 26.74 44.32
C THR D 727 -56.20 25.26 44.11
N ASN D 728 -55.54 24.67 43.10
CA ASN D 728 -55.69 23.22 42.83
C ASN D 728 -54.71 22.33 43.61
N GLY D 729 -53.96 22.87 44.57
CA GLY D 729 -53.09 22.06 45.40
C GLY D 729 -52.01 21.31 44.62
N PHE D 730 -51.94 19.99 44.83
CA PHE D 730 -50.96 19.17 44.12
C PHE D 730 -51.30 19.10 42.63
N VAL D 731 -52.59 19.08 42.27
CA VAL D 731 -52.96 19.06 40.85
C VAL D 731 -52.28 20.19 40.05
N THR D 732 -51.96 21.32 40.68
CA THR D 732 -51.07 22.32 40.08
C THR D 732 -49.79 21.58 39.63
N GLY D 733 -49.23 21.96 38.51
CA GLY D 733 -48.01 21.25 38.08
C GLY D 733 -46.88 21.43 39.09
N SER D 734 -46.48 22.68 39.24
CA SER D 734 -45.28 23.05 39.92
C SER D 734 -45.62 24.29 40.71
N GLY D 735 -44.59 24.91 41.26
CA GLY D 735 -44.66 26.23 41.83
C GLY D 735 -43.37 27.00 41.58
N LEU D 736 -43.39 28.27 42.03
CA LEU D 736 -42.21 29.13 42.02
C LEU D 736 -41.83 29.30 43.47
N TYR D 737 -40.54 29.05 43.73
CA TYR D 737 -39.98 28.95 45.05
C TYR D 737 -39.01 30.09 45.17
N ASP D 738 -38.98 30.72 46.33
CA ASP D 738 -38.04 31.80 46.58
C ASP D 738 -36.81 31.29 47.30
N PRO D 739 -35.61 31.48 46.70
CA PRO D 739 -34.41 30.95 47.33
C PRO D 739 -33.95 31.72 48.55
N VAL D 740 -34.46 32.94 48.78
CA VAL D 740 -34.07 33.73 49.97
C VAL D 740 -35.14 33.67 51.07
N THR D 741 -36.41 33.81 50.69
CA THR D 741 -37.55 33.86 51.64
C THR D 741 -38.25 32.52 51.89
N TRP D 742 -37.97 31.52 51.05
CA TRP D 742 -38.34 30.11 51.26
C TRP D 742 -39.84 29.85 51.22
N THR D 743 -40.49 30.40 50.20
CA THR D 743 -41.96 30.36 50.03
C THR D 743 -42.35 29.80 48.66
N LEU D 744 -43.59 29.32 48.56
CA LEU D 744 -44.04 28.68 47.33
C LEU D 744 -45.33 29.29 46.79
N GLY D 745 -45.21 29.80 45.57
CA GLY D 745 -46.32 30.46 44.90
C GLY D 745 -46.65 29.80 43.57
N PRO D 746 -47.71 30.29 42.91
CA PRO D 746 -48.09 29.76 41.61
C PRO D 746 -46.96 29.65 40.59
N PRO D 747 -47.14 28.75 39.59
CA PRO D 747 -46.16 28.67 38.48
C PRO D 747 -46.26 29.86 37.50
N PRO D 748 -45.19 30.12 36.70
CA PRO D 748 -45.16 31.26 35.78
C PRO D 748 -46.51 31.63 35.10
N SER D 749 -47.25 30.62 34.64
CA SER D 749 -48.48 30.78 33.82
C SER D 749 -49.81 30.95 34.63
N ASP D 750 -49.70 31.24 35.91
CA ASP D 750 -50.87 31.52 36.76
C ASP D 750 -50.45 32.53 37.86
N PRO D 751 -49.98 33.74 37.46
CA PRO D 751 -49.49 34.68 38.48
C PRO D 751 -50.49 34.96 39.60
N GLY D 752 -51.81 34.86 39.29
CA GLY D 752 -52.90 35.16 40.23
C GLY D 752 -53.57 34.00 40.96
N ASN D 753 -52.88 32.86 41.01
CA ASN D 753 -53.41 31.66 41.68
C ASN D 753 -54.91 31.44 41.39
N ARG D 754 -55.25 31.48 40.10
CA ARG D 754 -56.62 31.19 39.65
C ARG D 754 -56.81 29.67 39.40
N GLY D 755 -55.72 28.94 39.08
CA GLY D 755 -55.80 27.48 38.80
C GLY D 755 -55.03 27.01 37.55
N ASN D 756 -54.06 26.13 37.76
CA ASN D 756 -53.29 25.46 36.70
C ASN D 756 -53.53 23.98 36.94
N VAL D 757 -53.67 23.21 35.84
CA VAL D 757 -53.76 21.74 35.87
C VAL D 757 -52.64 21.18 35.01
N SER D 758 -51.73 20.44 35.64
CA SER D 758 -50.59 19.81 34.96
C SER D 758 -50.25 18.52 35.71
N ILE D 759 -50.68 17.41 35.11
CA ILE D 759 -50.55 16.09 35.71
C ILE D 759 -49.34 15.38 35.14
N SER D 760 -48.62 14.66 35.99
CA SER D 760 -47.60 13.75 35.49
C SER D 760 -47.65 12.43 36.21
N HIS D 761 -47.47 11.39 35.41
CA HIS D 761 -47.41 10.00 35.84
C HIS D 761 -46.17 9.71 36.73
N LEU D 762 -45.15 10.57 36.64
CA LEU D 762 -43.97 10.47 37.51
C LEU D 762 -44.13 11.08 38.90
N ASN D 763 -45.04 12.01 39.07
CA ASN D 763 -45.00 12.84 40.29
C ASN D 763 -45.14 12.06 41.61
N ALA D 764 -45.92 10.98 41.62
CA ALA D 764 -46.19 10.23 42.86
C ALA D 764 -45.24 9.07 43.16
N VAL D 765 -44.43 8.68 42.18
CA VAL D 765 -43.78 7.35 42.24
C VAL D 765 -42.32 7.39 42.75
N PHE D 766 -41.87 8.53 43.28
CA PHE D 766 -40.49 8.70 43.74
C PHE D 766 -40.40 9.08 45.20
N GLY D 767 -41.36 8.66 46.01
CA GLY D 767 -41.35 9.05 47.42
C GLY D 767 -42.47 9.98 47.91
N LEU D 768 -43.17 10.64 46.99
CA LEU D 768 -44.19 11.59 47.40
C LEU D 768 -45.15 11.10 48.50
N PRO D 769 -45.78 9.93 48.33
CA PRO D 769 -46.79 9.51 49.33
C PRO D 769 -46.20 9.09 50.63
N GLU D 770 -45.05 8.44 50.57
CA GLU D 770 -44.29 8.12 51.73
C GLU D 770 -43.88 9.42 52.49
N VAL D 771 -43.37 10.42 51.75
CA VAL D 771 -42.85 11.65 52.38
C VAL D 771 -44.01 12.41 52.98
N VAL D 772 -45.08 12.57 52.19
CA VAL D 772 -46.26 13.30 52.62
C VAL D 772 -46.94 12.65 53.82
N SER D 773 -47.10 11.33 53.83
CA SER D 773 -47.72 10.68 55.00
C SER D 773 -46.86 10.93 56.23
N GLU D 774 -45.54 10.93 56.07
CA GLU D 774 -44.65 11.14 57.22
C GLU D 774 -44.74 12.62 57.71
N ALA D 775 -44.76 13.56 56.77
CA ALA D 775 -44.88 15.01 57.09
C ALA D 775 -46.22 15.36 57.73
N ILE D 776 -47.31 14.81 57.23
CA ILE D 776 -48.60 15.02 57.86
C ILE D 776 -48.59 14.58 59.33
N ALA D 777 -48.07 13.38 59.60
CA ALA D 777 -48.02 12.83 60.95
C ALA D 777 -47.11 13.64 61.89
N TYR D 778 -46.00 14.13 61.35
CA TYR D 778 -44.95 14.81 62.11
C TYR D 778 -45.39 16.24 62.49
N LEU D 779 -46.08 16.92 61.57
CA LEU D 779 -46.63 18.26 61.82
C LEU D 779 -47.81 18.28 62.80
N ALA D 780 -48.49 17.14 62.97
CA ALA D 780 -49.54 16.98 63.99
C ALA D 780 -50.54 18.14 63.89
N ASP D 781 -50.90 18.81 64.99
CA ASP D 781 -51.93 19.89 64.93
C ASP D 781 -51.45 21.20 64.27
N ASP D 782 -50.12 21.38 64.07
CA ASP D 782 -49.53 22.54 63.32
C ASP D 782 -49.61 22.48 61.76
N ILE D 783 -50.24 21.44 61.22
CA ILE D 783 -50.29 21.27 59.77
C ILE D 783 -51.05 22.42 59.13
N PRO D 784 -50.47 23.04 58.10
CA PRO D 784 -51.17 24.09 57.42
C PRO D 784 -52.61 23.71 57.01
N LYS D 785 -53.59 24.60 57.26
CA LYS D 785 -55.01 24.28 56.93
C LYS D 785 -55.12 23.87 55.45
N GLY D 786 -55.75 22.72 55.23
CA GLY D 786 -56.17 22.21 53.90
C GLY D 786 -55.16 21.47 53.04
N PHE D 787 -53.99 21.13 53.61
CA PHE D 787 -52.92 20.41 52.91
C PHE D 787 -53.27 18.94 52.78
N LYS D 788 -53.69 18.34 53.91
CA LYS D 788 -54.10 16.94 53.94
C LYS D 788 -55.20 16.61 52.91
N GLN D 789 -56.10 17.57 52.76
CA GLN D 789 -57.21 17.50 51.84
C GLN D 789 -56.71 17.72 50.41
N ALA D 790 -55.69 18.58 50.22
CA ALA D 790 -55.10 18.71 48.87
C ALA D 790 -54.41 17.39 48.42
N TRP D 791 -53.82 16.67 49.40
CA TRP D 791 -53.22 15.38 49.16
C TRP D 791 -54.32 14.36 48.87
N LEU D 792 -55.28 14.21 49.77
CA LEU D 792 -56.46 13.35 49.50
C LEU D 792 -57.09 13.64 48.12
N ASP D 793 -57.17 14.91 47.76
CA ASP D 793 -57.64 15.26 46.42
C ASP D 793 -56.76 14.65 45.32
N TYR D 794 -55.43 14.65 45.46
CA TYR D 794 -54.58 14.02 44.43
C TYR D 794 -54.82 12.51 44.40
N CYS D 795 -54.68 11.89 45.57
CA CYS D 795 -54.92 10.47 45.72
C CYS D 795 -56.27 10.04 45.15
N TYR D 796 -57.33 10.83 45.41
CA TYR D 796 -58.68 10.52 44.91
C TYR D 796 -58.84 10.67 43.39
N TYR D 797 -58.48 11.82 42.83
CA TYR D 797 -58.86 12.17 41.46
C TYR D 797 -57.88 11.76 40.37
N TYR D 798 -56.67 11.32 40.73
CA TYR D 798 -55.68 10.87 39.73
C TYR D 798 -56.36 9.92 38.73
N HIS D 799 -56.98 8.85 39.22
CA HIS D 799 -57.70 7.94 38.36
C HIS D 799 -59.14 7.82 38.82
N ALA D 800 -59.81 8.97 38.90
CA ALA D 800 -61.25 8.99 38.99
C ALA D 800 -61.71 9.15 37.55
N SER D 801 -63.01 9.07 37.32
CA SER D 801 -63.57 9.20 35.99
C SER D 801 -63.31 10.61 35.44
N ALA D 802 -63.29 10.74 34.13
CA ALA D 802 -63.05 12.03 33.50
C ALA D 802 -64.07 13.08 33.93
N SER D 803 -65.29 12.64 34.28
CA SER D 803 -66.33 13.55 34.78
C SER D 803 -66.01 14.10 36.15
N GLU D 804 -65.78 13.22 37.11
CA GLU D 804 -65.43 13.66 38.46
C GLU D 804 -64.22 14.63 38.46
N GLN D 805 -63.32 14.44 37.48
CA GLN D 805 -62.18 15.32 37.24
C GLN D 805 -62.56 16.67 36.66
N LYS D 806 -63.41 16.70 35.63
CA LYS D 806 -63.90 17.97 35.04
C LYS D 806 -64.85 18.76 35.98
N ASP D 807 -65.64 18.04 36.81
CA ASP D 807 -66.52 18.67 37.82
C ASP D 807 -65.72 19.36 38.96
N ARG D 808 -64.46 18.97 39.14
CA ARG D 808 -63.64 19.44 40.25
C ARG D 808 -62.64 20.51 39.83
N TYR D 809 -62.00 20.34 38.69
CA TYR D 809 -60.89 21.19 38.25
C TYR D 809 -61.10 21.80 36.86
N GLY D 810 -62.25 21.54 36.25
CA GLY D 810 -62.56 22.08 34.94
C GLY D 810 -62.01 21.34 33.73
N VAL D 811 -60.96 20.52 33.87
CA VAL D 811 -60.53 19.59 32.79
C VAL D 811 -60.45 18.17 33.33
N SER D 812 -60.40 17.22 32.40
CA SER D 812 -60.08 15.83 32.73
C SER D 812 -58.57 15.67 32.57
N PHE D 813 -58.01 14.66 33.23
CA PHE D 813 -56.57 14.49 33.30
C PHE D 813 -56.11 13.70 32.08
N SER D 814 -55.35 14.38 31.22
CA SER D 814 -54.95 13.85 29.91
C SER D 814 -54.08 12.59 30.03
N LYS D 815 -52.81 12.79 30.42
CA LYS D 815 -51.77 11.80 30.15
C LYS D 815 -51.51 10.87 31.33
N ILE D 816 -52.58 10.39 31.96
CA ILE D 816 -52.47 9.42 33.08
C ILE D 816 -51.93 8.05 32.64
N SER D 817 -51.08 7.45 33.47
CA SER D 817 -50.64 6.08 33.27
C SER D 817 -50.04 5.61 34.59
N LEU D 818 -49.34 4.47 34.62
CA LEU D 818 -48.93 3.82 35.87
C LEU D 818 -50.07 3.60 36.88
N LEU D 819 -51.21 3.12 36.41
CA LEU D 819 -52.39 2.97 37.27
C LEU D 819 -52.22 1.97 38.44
N GLN D 820 -51.51 0.87 38.20
CA GLN D 820 -51.13 -0.11 39.25
C GLN D 820 -50.29 0.59 40.31
N ALA D 821 -49.26 1.30 39.84
CA ALA D 821 -48.39 2.08 40.71
C ALA D 821 -49.18 3.12 41.55
N HIS D 822 -50.17 3.77 40.95
CA HIS D 822 -51.01 4.72 41.68
C HIS D 822 -52.19 4.11 42.51
N SER D 823 -52.40 2.81 42.41
CA SER D 823 -53.39 2.14 43.26
C SER D 823 -53.15 2.38 44.74
N ARG D 824 -51.89 2.40 45.18
CA ARG D 824 -51.54 2.66 46.59
C ARG D 824 -51.88 4.07 47.09
N LEU D 825 -52.16 5.02 46.20
CA LEU D 825 -52.68 6.34 46.58
C LEU D 825 -54.14 6.23 46.94
N ALA D 826 -54.92 5.64 46.04
CA ALA D 826 -56.32 5.34 46.31
C ALA D 826 -56.45 4.62 47.64
N ALA D 827 -55.56 3.66 47.89
CA ALA D 827 -55.58 2.90 49.13
C ALA D 827 -55.35 3.79 50.38
N TYR D 828 -54.41 4.75 50.26
CA TYR D 828 -54.12 5.70 51.34
C TYR D 828 -55.41 6.47 51.61
N ALA D 829 -55.96 7.09 50.57
CA ALA D 829 -57.16 7.89 50.71
C ALA D 829 -58.32 7.08 51.24
N ALA D 830 -58.46 5.87 50.71
CA ALA D 830 -59.46 4.89 51.15
C ALA D 830 -59.38 4.64 52.64
N TYR D 831 -58.19 4.35 53.14
CA TYR D 831 -58.04 4.04 54.56
C TYR D 831 -58.38 5.25 55.37
N GLU D 832 -57.79 6.38 54.99
CA GLU D 832 -57.94 7.62 55.75
C GLU D 832 -59.39 8.17 55.75
N THR D 833 -60.10 8.10 54.61
CA THR D 833 -61.50 8.57 54.53
C THR D 833 -62.54 7.50 54.87
N LYS D 834 -62.10 6.34 55.35
CA LYS D 834 -62.96 5.15 55.59
C LYS D 834 -63.95 4.88 54.43
N ASN D 835 -63.43 4.83 53.21
CA ASN D 835 -64.26 4.71 51.99
C ASN D 835 -64.01 3.37 51.29
N LYS D 836 -64.99 2.45 51.48
CA LYS D 836 -64.95 1.07 50.95
C LYS D 836 -65.03 1.03 49.43
N THR D 837 -65.78 1.95 48.81
CA THR D 837 -65.84 2.05 47.33
C THR D 837 -64.50 2.39 46.65
N LEU D 838 -63.75 3.25 47.31
CA LEU D 838 -62.48 3.71 46.79
C LEU D 838 -61.45 2.58 46.93
N ALA D 839 -61.46 1.91 48.10
CA ALA D 839 -60.66 0.71 48.32
C ALA D 839 -60.83 -0.31 47.19
N LEU D 840 -62.06 -0.58 46.76
CA LEU D 840 -62.27 -1.53 45.67
C LEU D 840 -61.72 -0.99 44.34
N ARG D 841 -61.91 0.30 44.05
CA ARG D 841 -61.24 0.89 42.85
C ARG D 841 -59.70 0.73 42.89
N ALA D 842 -59.12 0.81 44.10
CA ALA D 842 -57.68 0.65 44.32
C ALA D 842 -57.25 -0.74 43.96
N TRP D 843 -57.89 -1.73 44.57
CA TRP D 843 -57.65 -3.14 44.21
C TRP D 843 -57.97 -3.47 42.75
N LYS D 844 -58.96 -2.78 42.16
CA LYS D 844 -59.26 -2.97 40.72
C LYS D 844 -58.11 -2.46 39.84
N ASP D 845 -57.56 -1.30 40.22
CA ASP D 845 -56.38 -0.72 39.55
C ASP D 845 -55.14 -1.62 39.70
N PHE D 846 -55.00 -2.23 40.88
CA PHE D 846 -53.87 -3.11 41.12
C PHE D 846 -54.00 -4.36 40.21
N TYR D 847 -55.09 -5.11 40.40
CA TYR D 847 -55.30 -6.41 39.71
C TYR D 847 -55.68 -6.35 38.22
N ALA D 848 -56.05 -5.18 37.69
CA ALA D 848 -56.66 -5.12 36.35
C ALA D 848 -56.49 -3.78 35.63
N SER D 849 -55.26 -3.29 35.60
CA SER D 849 -54.94 -2.13 34.76
C SER D 849 -53.71 -2.46 33.94
N ASP D 850 -52.53 -2.20 34.49
CA ASP D 850 -51.22 -2.29 33.81
C ASP D 850 -50.17 -2.78 34.82
N GLY D 851 -48.91 -2.39 34.67
CA GLY D 851 -47.85 -2.98 35.48
C GLY D 851 -47.76 -4.47 35.18
N LEU D 852 -47.86 -5.27 36.25
CA LEU D 852 -47.82 -6.71 36.16
C LEU D 852 -49.18 -7.28 36.54
N LEU D 853 -49.90 -7.66 35.48
CA LEU D 853 -51.22 -8.29 35.60
C LEU D 853 -51.09 -9.61 36.35
N PRO D 854 -52.15 -10.03 37.05
CA PRO D 854 -52.08 -11.23 37.90
C PRO D 854 -51.94 -12.54 37.09
N ASP D 855 -52.41 -12.56 35.86
CA ASP D 855 -52.30 -13.73 34.99
C ASP D 855 -51.22 -13.49 33.90
N ALA D 856 -50.14 -12.77 34.25
CA ALA D 856 -48.92 -12.70 33.44
C ALA D 856 -48.10 -13.96 33.76
N PRO D 857 -46.99 -14.19 33.05
CA PRO D 857 -46.34 -15.51 33.20
C PRO D 857 -45.84 -15.88 34.58
N TRP D 858 -45.43 -14.91 35.39
CA TRP D 858 -44.97 -15.15 36.77
C TRP D 858 -44.01 -16.36 36.92
N ASN D 859 -43.05 -16.45 36.01
CA ASN D 859 -41.97 -17.45 36.11
C ASN D 859 -40.77 -17.09 35.26
N ILE D 860 -39.67 -17.77 35.53
CA ILE D 860 -38.45 -17.60 34.75
C ILE D 860 -38.35 -18.68 33.66
N THR D 861 -37.70 -18.33 32.56
CA THR D 861 -37.35 -19.20 31.48
C THR D 861 -35.83 -19.32 31.45
N HIS D 862 -35.25 -20.52 31.30
CA HIS D 862 -33.79 -20.73 31.23
C HIS D 862 -33.26 -20.65 29.82
N VAL D 863 -32.11 -20.02 29.62
CA VAL D 863 -31.56 -19.85 28.25
C VAL D 863 -30.09 -20.29 28.30
N ASP D 864 -29.66 -21.02 27.27
CA ASP D 864 -28.28 -21.53 27.20
C ASP D 864 -27.97 -21.96 25.75
N GLY D 865 -26.92 -22.74 25.53
CA GLY D 865 -26.44 -22.98 24.18
C GLY D 865 -25.89 -21.73 23.49
N SER D 866 -25.96 -21.74 22.16
CA SER D 866 -25.34 -20.71 21.35
C SER D 866 -26.11 -19.42 21.30
N ASP D 867 -27.25 -19.33 22.03
CA ASP D 867 -27.97 -18.04 22.10
C ASP D 867 -27.27 -17.01 22.94
N VAL D 868 -26.48 -17.44 23.92
CA VAL D 868 -25.92 -16.54 24.94
C VAL D 868 -24.53 -16.98 25.38
N LEU D 869 -23.71 -16.00 25.74
CA LEU D 869 -22.36 -16.21 26.23
C LEU D 869 -22.36 -17.22 27.39
N VAL D 870 -23.21 -17.00 28.37
CA VAL D 870 -23.36 -17.92 29.49
C VAL D 870 -24.84 -18.20 29.80
N PRO D 871 -25.11 -19.32 30.47
CA PRO D 871 -26.48 -19.62 30.87
C PRO D 871 -27.12 -18.55 31.78
N VAL D 872 -28.35 -18.15 31.47
CA VAL D 872 -29.07 -17.18 32.27
C VAL D 872 -30.55 -17.55 32.50
N ASP D 873 -31.14 -16.98 33.56
CA ASP D 873 -32.59 -17.02 33.79
C ASP D 873 -33.13 -15.65 33.40
N GLU D 874 -34.32 -15.63 32.83
CA GLU D 874 -34.93 -14.41 32.32
C GLU D 874 -36.41 -14.34 32.66
N ALA D 875 -36.88 -13.10 32.73
CA ALA D 875 -38.29 -12.78 32.81
C ALA D 875 -38.55 -11.57 31.87
N ALA D 876 -38.39 -11.81 30.57
CA ALA D 876 -38.62 -10.76 29.57
C ALA D 876 -39.91 -9.98 29.73
N TRP D 877 -40.88 -10.57 30.44
CA TRP D 877 -42.22 -10.04 30.69
C TRP D 877 -42.34 -8.98 31.83
N LEU D 878 -41.26 -8.78 32.58
CA LEU D 878 -41.16 -7.70 33.57
C LEU D 878 -39.91 -6.82 33.27
N ALA D 879 -39.98 -5.58 33.71
CA ALA D 879 -38.86 -4.66 33.75
C ALA D 879 -38.85 -4.07 35.17
N THR D 880 -37.80 -3.34 35.51
CA THR D 880 -37.60 -2.93 36.91
C THR D 880 -38.61 -1.86 37.31
N ASN D 881 -39.03 -1.01 36.37
CA ASN D 881 -40.15 -0.07 36.66
C ASN D 881 -41.37 -0.80 37.18
N ASP D 882 -41.70 -1.94 36.57
CA ASP D 882 -42.88 -2.72 36.95
C ASP D 882 -42.71 -3.32 38.37
N ILE D 883 -41.58 -3.98 38.64
CA ILE D 883 -41.42 -4.74 39.89
C ILE D 883 -41.31 -3.89 41.12
N ALA D 884 -40.80 -2.67 40.97
CA ALA D 884 -40.66 -1.72 42.09
C ALA D 884 -42.04 -1.17 42.52
N GLN D 885 -42.80 -0.69 41.55
CA GLN D 885 -44.15 -0.23 41.80
C GLN D 885 -45.16 -1.36 42.09
N TYR D 886 -44.92 -2.57 41.59
CA TYR D 886 -45.74 -3.72 41.99
C TYR D 886 -45.53 -4.03 43.45
N GLY D 887 -44.28 -4.04 43.88
CA GLY D 887 -44.01 -4.37 45.27
C GLY D 887 -44.48 -3.29 46.21
N LEU D 888 -44.34 -2.03 45.80
CA LEU D 888 -44.80 -0.92 46.65
C LEU D 888 -46.33 -0.93 46.76
N ALA D 889 -47.00 -1.11 45.61
CA ALA D 889 -48.44 -1.29 45.57
C ALA D 889 -48.91 -2.43 46.47
N VAL D 890 -48.27 -3.60 46.38
CA VAL D 890 -48.68 -4.76 47.18
C VAL D 890 -48.50 -4.38 48.62
N ILE D 891 -47.31 -3.89 48.97
CA ILE D 891 -47.03 -3.67 50.40
C ILE D 891 -48.02 -2.68 51.00
N GLN D 892 -48.29 -1.61 50.23
CA GLN D 892 -49.08 -0.51 50.70
C GLN D 892 -50.56 -0.81 50.62
N ASN D 893 -50.99 -1.41 49.52
CA ASN D 893 -52.38 -1.82 49.40
C ASN D 893 -52.75 -2.77 50.55
N LEU D 894 -51.92 -3.77 50.87
CA LEU D 894 -52.20 -4.65 52.01
C LEU D 894 -52.20 -3.95 53.36
N ALA D 895 -51.36 -2.95 53.52
CA ALA D 895 -51.22 -2.23 54.81
C ALA D 895 -52.38 -1.28 55.06
N TYR D 896 -52.88 -0.69 53.98
CA TYR D 896 -53.96 0.24 54.06
C TYR D 896 -55.33 -0.43 53.94
N VAL D 897 -55.51 -1.35 53.00
CA VAL D 897 -56.85 -1.84 52.70
C VAL D 897 -56.90 -3.35 52.46
N SER D 898 -56.29 -4.14 53.34
CA SER D 898 -56.44 -5.61 53.22
C SER D 898 -57.85 -6.06 53.57
N ASP D 899 -58.60 -5.24 54.30
CA ASP D 899 -60.02 -5.54 54.58
C ASP D 899 -60.88 -5.68 53.33
N SER D 900 -60.65 -4.83 52.33
CA SER D 900 -61.40 -4.89 51.06
C SER D 900 -60.85 -5.87 50.03
N LEU D 901 -59.76 -6.57 50.36
CA LEU D 901 -59.19 -7.57 49.44
C LEU D 901 -60.12 -8.78 49.21
N ASP D 902 -60.69 -9.33 50.28
CA ASP D 902 -61.59 -10.50 50.18
C ASP D 902 -62.87 -10.07 49.47
N ASP D 903 -63.40 -8.90 49.85
CA ASP D 903 -64.54 -8.27 49.13
C ASP D 903 -64.25 -8.11 47.61
N TYR D 904 -63.03 -7.70 47.25
CA TYR D 904 -62.65 -7.64 45.83
C TYR D 904 -62.60 -9.04 45.16
N GLN D 905 -62.11 -10.06 45.85
CA GLN D 905 -61.96 -11.36 45.16
C GLN D 905 -63.37 -11.96 44.86
N SER D 906 -64.31 -11.85 45.80
CA SER D 906 -65.72 -12.16 45.51
C SER D 906 -66.56 -10.89 45.35
N ASN E 2 7.64 87.89 -8.04
CA ASN E 2 8.21 86.51 -7.81
C ASN E 2 8.23 85.67 -9.12
N CYS E 3 8.90 84.53 -9.07
CA CYS E 3 9.54 83.93 -10.23
C CYS E 3 9.14 82.55 -10.77
N THR E 4 9.56 82.33 -12.00
CA THR E 4 9.22 81.21 -12.84
C THR E 4 10.48 80.66 -13.50
N SER E 5 10.65 79.33 -13.47
CA SER E 5 11.84 78.67 -14.03
C SER E 5 11.61 77.19 -14.46
N SER E 6 12.29 76.79 -15.52
CA SER E 6 12.10 75.49 -16.12
C SER E 6 13.29 75.15 -17.01
N SER E 7 13.45 73.88 -17.31
CA SER E 7 14.63 73.42 -18.02
C SER E 7 14.24 72.56 -19.24
N ALA E 8 15.03 72.62 -20.30
CA ALA E 8 14.78 71.71 -21.40
C ALA E 8 16.12 71.22 -21.89
N THR E 9 16.22 69.93 -22.20
CA THR E 9 17.52 69.35 -22.56
C THR E 9 17.55 69.14 -24.06
N VAL E 10 18.72 69.37 -24.64
CA VAL E 10 18.95 69.13 -26.05
C VAL E 10 19.99 68.06 -26.21
N HIS E 11 19.82 67.26 -27.26
CA HIS E 11 20.69 66.14 -27.57
C HIS E 11 21.30 66.32 -28.92
N TRP E 12 22.47 65.74 -29.10
CA TRP E 12 23.05 65.59 -30.45
C TRP E 12 22.18 64.68 -31.28
N LEU E 13 22.12 65.00 -32.55
CA LEU E 13 21.18 64.42 -33.46
C LEU E 13 21.50 62.96 -33.65
N GLY E 14 22.76 62.60 -33.89
CA GLY E 14 23.12 61.17 -33.85
C GLY E 14 23.97 60.82 -32.65
N ASP E 15 25.10 60.20 -32.95
CA ASP E 15 26.19 60.01 -32.00
C ASP E 15 26.80 61.37 -31.71
N LYS E 16 27.44 61.49 -30.56
CA LYS E 16 28.08 62.73 -30.16
C LYS E 16 29.35 62.97 -31.04
N PRO E 17 29.57 64.23 -31.45
CA PRO E 17 30.66 64.54 -32.34
C PRO E 17 32.04 64.49 -31.66
N THR E 18 33.09 64.30 -32.47
CA THR E 18 34.46 64.46 -32.01
C THR E 18 34.91 65.92 -32.08
N TYR E 19 34.30 66.63 -33.01
CA TYR E 19 34.52 68.05 -33.18
C TYR E 19 33.20 68.80 -33.45
N HIS E 20 33.08 70.00 -32.90
CA HIS E 20 32.12 70.96 -33.44
C HIS E 20 32.75 72.34 -33.40
N ALA E 21 32.19 73.30 -34.14
CA ALA E 21 32.81 74.62 -34.33
C ALA E 21 31.89 75.72 -33.86
N GLY E 22 31.24 75.44 -32.73
CA GLY E 22 30.05 76.16 -32.25
C GLY E 22 28.78 75.79 -32.98
N VAL E 23 27.64 75.84 -32.27
CA VAL E 23 26.36 75.44 -32.86
C VAL E 23 25.19 76.29 -32.42
N THR E 24 24.20 76.39 -33.29
CA THR E 24 22.96 77.06 -33.00
C THR E 24 21.86 76.04 -32.92
N PHE E 25 20.95 76.21 -31.97
CA PHE E 25 19.78 75.37 -31.88
C PHE E 25 18.55 76.11 -31.39
N GLY E 26 17.38 75.49 -31.56
CA GLY E 26 16.10 76.04 -31.12
C GLY E 26 15.52 75.43 -29.84
N LEU E 27 14.76 76.22 -29.08
CA LEU E 27 13.97 75.68 -27.98
C LEU E 27 12.56 76.25 -27.99
N PRO E 28 11.54 75.38 -27.85
CA PRO E 28 10.20 75.85 -27.66
C PRO E 28 9.93 76.11 -26.19
N TRP E 29 8.88 76.88 -25.91
CA TRP E 29 8.50 77.29 -24.55
C TRP E 29 6.97 77.38 -24.44
N PRO E 30 6.38 76.87 -23.32
CA PRO E 30 4.93 76.85 -23.14
C PRO E 30 4.30 78.20 -23.33
N GLN E 31 3.20 78.26 -24.05
CA GLN E 31 2.39 79.44 -24.12
C GLN E 31 2.14 80.13 -22.75
N GLY E 32 2.43 81.43 -22.73
CA GLY E 32 2.21 82.34 -21.61
C GLY E 32 3.28 82.37 -20.51
N LYS E 33 4.40 81.71 -20.71
CA LYS E 33 5.23 81.35 -19.58
C LYS E 33 6.34 82.35 -19.35
N TYR E 34 7.05 82.70 -20.43
CA TYR E 34 8.22 83.58 -20.38
C TYR E 34 8.02 84.78 -21.28
N ARG E 35 8.36 85.95 -20.73
CA ARG E 35 8.25 87.22 -21.48
C ARG E 35 9.57 87.53 -22.16
N PRO E 36 9.51 88.11 -23.36
CA PRO E 36 10.78 88.48 -23.99
C PRO E 36 11.42 89.66 -23.27
N GLN E 37 12.75 89.76 -23.39
CA GLN E 37 13.60 90.71 -22.67
CA GLN E 37 13.49 90.83 -22.68
C GLN E 37 13.38 90.70 -21.13
N GLU E 38 12.75 89.62 -20.63
CA GLU E 38 12.49 89.42 -19.17
C GLU E 38 12.86 88.00 -18.68
N THR E 39 13.74 87.34 -19.42
CA THR E 39 14.03 85.93 -19.26
C THR E 39 15.51 85.69 -19.52
N SER E 40 16.19 85.11 -18.54
CA SER E 40 17.60 84.67 -18.64
C SER E 40 17.61 83.18 -19.00
N PHE E 41 18.69 82.73 -19.62
CA PHE E 41 18.87 81.34 -20.03
C PHE E 41 20.28 80.92 -19.64
N SER E 42 20.47 79.65 -19.33
CA SER E 42 21.72 79.22 -18.75
C SER E 42 21.96 77.73 -19.03
N LEU E 43 23.19 77.35 -19.28
CA LEU E 43 23.54 76.06 -19.85
C LEU E 43 24.12 75.20 -18.77
N THR E 44 24.01 73.87 -18.94
CA THR E 44 24.67 72.84 -18.09
C THR E 44 25.20 71.66 -18.95
N GLY E 45 26.31 71.05 -18.52
CA GLY E 45 26.93 69.87 -19.18
C GLY E 45 26.08 68.59 -19.09
N SER E 51 26.72 78.07 -16.67
CA SER E 51 27.41 79.02 -17.61
C SER E 51 26.48 79.85 -18.61
N GLU E 52 26.63 81.19 -18.63
CA GLU E 52 25.78 82.13 -19.42
C GLU E 52 25.78 81.80 -20.92
N LEU E 53 24.60 81.77 -21.53
CA LEU E 53 24.37 81.16 -22.86
C LEU E 53 23.75 82.18 -23.78
N GLN E 54 24.32 82.31 -24.98
CA GLN E 54 23.81 83.29 -25.96
C GLN E 54 22.39 83.01 -26.50
N SER E 55 21.43 83.91 -26.30
CA SER E 55 20.03 83.57 -26.57
C SER E 55 19.25 84.69 -27.22
N TRP E 56 18.31 84.33 -28.09
CA TRP E 56 17.41 85.31 -28.76
C TRP E 56 16.10 84.67 -29.20
N ALA E 57 15.14 85.48 -29.56
CA ALA E 57 13.81 85.05 -29.94
C ALA E 57 13.72 84.80 -31.42
N THR E 58 13.10 83.68 -31.80
CA THR E 58 12.76 83.45 -33.23
C THR E 58 11.28 83.47 -33.48
N GLY E 59 10.50 83.24 -32.44
CA GLY E 59 9.04 83.25 -32.58
C GLY E 59 8.32 83.46 -31.25
N TYR E 60 7.13 84.00 -31.35
CA TYR E 60 6.37 84.47 -30.21
C TYR E 60 4.98 83.83 -30.24
N TRP E 61 4.38 83.68 -29.07
CA TRP E 61 2.94 83.34 -29.00
C TRP E 61 2.05 84.57 -29.26
N ALA E 62 0.75 84.35 -29.42
CA ALA E 62 -0.20 85.47 -29.64
C ALA E 62 -0.23 86.48 -28.49
N ASP E 63 -0.07 85.99 -27.26
CA ASP E 63 -0.05 86.85 -26.07
C ASP E 63 1.26 87.66 -25.87
N GLY E 64 2.23 87.55 -26.78
CA GLY E 64 3.50 88.29 -26.67
C GLY E 64 4.60 87.47 -26.03
N SER E 65 4.28 86.23 -25.57
CA SER E 65 5.25 85.44 -24.79
C SER E 65 6.14 84.64 -25.69
N LEU E 66 7.28 84.19 -25.15
CA LEU E 66 8.28 83.52 -26.02
C LEU E 66 7.78 82.16 -26.48
N LYS E 67 7.82 81.91 -27.80
CA LYS E 67 7.37 80.61 -28.36
C LYS E 67 8.55 79.76 -28.78
N TRP E 68 9.41 80.31 -29.62
CA TRP E 68 10.72 79.72 -29.94
C TRP E 68 11.82 80.71 -29.65
N THR E 69 12.90 80.17 -29.14
CA THR E 69 14.15 80.84 -29.03
C THR E 69 15.20 80.07 -29.81
N ALA E 70 16.28 80.77 -30.08
CA ALA E 70 17.46 80.21 -30.68
C ALA E 70 18.57 80.44 -29.68
N HIS E 71 19.55 79.56 -29.68
CA HIS E 71 20.66 79.67 -28.75
C HIS E 71 21.92 79.28 -29.45
N ALA E 72 23.04 79.81 -28.99
CA ALA E 72 24.32 79.57 -29.64
C ALA E 72 25.34 79.21 -28.61
N ILE E 73 26.21 78.27 -28.92
CA ILE E 73 27.39 78.00 -28.10
C ILE E 73 28.67 78.10 -28.95
N ALA E 74 29.78 78.39 -28.28
CA ALA E 74 31.06 78.59 -28.91
C ALA E 74 31.68 77.25 -29.20
N GLU E 75 32.62 77.22 -30.12
CA GLU E 75 33.50 76.07 -30.28
C GLU E 75 34.24 75.78 -28.95
N SER E 76 34.05 74.56 -28.45
CA SER E 76 34.77 74.03 -27.30
C SER E 76 35.30 72.64 -27.63
N ASN E 77 36.48 72.36 -27.14
CA ASN E 77 37.02 71.02 -27.21
C ASN E 77 36.41 70.13 -26.09
N GLN E 78 35.64 70.71 -25.15
CA GLN E 78 34.76 69.96 -24.20
C GLN E 78 33.41 69.69 -24.86
N ILE E 79 33.07 68.41 -24.99
CA ILE E 79 31.86 68.02 -25.71
C ILE E 79 31.04 67.05 -24.89
N TYR E 80 29.81 67.43 -24.60
CA TYR E 80 28.92 66.70 -23.69
C TYR E 80 27.96 65.79 -24.43
N ASP E 81 27.41 64.79 -23.72
CA ASP E 81 26.37 63.92 -24.29
C ASP E 81 25.06 64.70 -24.35
N GLN E 82 24.83 65.57 -23.36
CA GLN E 82 23.67 66.49 -23.37
C GLN E 82 23.95 67.91 -22.80
N TYR E 83 23.12 68.85 -23.22
CA TYR E 83 23.21 70.23 -22.80
C TYR E 83 21.83 70.58 -22.23
N THR E 84 21.78 71.07 -21.02
CA THR E 84 20.49 71.46 -20.44
C THR E 84 20.42 72.98 -20.34
N VAL E 85 19.32 73.56 -20.82
CA VAL E 85 19.07 75.01 -20.81
C VAL E 85 18.02 75.31 -19.77
N THR E 86 18.36 76.12 -18.78
CA THR E 86 17.41 76.56 -17.78
C THR E 86 17.08 78.01 -18.05
N ALA E 87 15.79 78.25 -18.26
CA ALA E 87 15.24 79.59 -18.35
C ALA E 87 14.88 80.01 -16.94
N SER E 88 15.03 81.29 -16.64
CA SER E 88 14.52 81.89 -15.38
C SER E 88 13.96 83.26 -15.72
N SER E 89 12.88 83.67 -15.05
CA SER E 89 12.39 85.04 -15.22
C SER E 89 13.25 86.03 -14.41
N LEU E 90 13.01 87.32 -14.61
CA LEU E 90 13.78 88.36 -13.89
C LEU E 90 13.51 88.37 -12.41
N GLY E 91 12.26 88.13 -12.00
CA GLY E 91 11.89 88.07 -10.58
C GLY E 91 12.72 87.08 -9.78
N CYS E 92 13.18 86.08 -10.49
CA CYS E 92 13.98 85.02 -9.93
C CYS E 92 15.28 85.54 -9.31
N VAL E 93 15.97 86.47 -9.97
CA VAL E 93 17.19 87.07 -9.37
C VAL E 93 16.88 88.36 -8.58
N LYS E 94 15.92 89.16 -9.09
CA LYS E 94 15.45 90.42 -8.47
C LYS E 94 14.83 90.33 -7.04
N SER E 95 14.48 89.13 -6.56
CA SER E 95 14.01 88.98 -5.16
C SER E 95 14.92 88.08 -4.37
N SER E 96 16.10 87.80 -4.93
CA SER E 96 16.91 86.68 -4.53
C SER E 96 17.69 87.04 -3.28
N SER E 97 18.57 88.03 -3.41
CA SER E 97 19.59 88.30 -2.39
C SER E 97 20.48 87.06 -2.07
N SER E 98 21.50 86.90 -2.90
CA SER E 98 22.52 85.87 -2.74
C SER E 98 23.67 86.23 -3.70
N SER E 99 24.85 86.54 -3.14
CA SER E 99 26.00 86.94 -3.98
C SER E 99 26.35 85.77 -4.94
N SER E 100 26.27 86.03 -6.25
CA SER E 100 26.76 85.10 -7.29
C SER E 100 27.95 85.72 -8.04
N GLU E 101 29.03 84.94 -8.25
CA GLU E 101 30.20 85.40 -9.04
C GLU E 101 29.87 85.68 -10.50
N SER E 102 30.31 86.83 -11.00
CA SER E 102 30.28 87.17 -12.43
C SER E 102 31.69 86.87 -12.99
N SER E 103 31.75 86.17 -14.12
CA SER E 103 33.04 85.87 -14.78
C SER E 103 32.90 85.77 -16.29
N ALA E 104 34.01 86.02 -16.95
CA ALA E 104 34.11 86.11 -18.42
C ALA E 104 34.08 84.71 -19.02
N PRO E 105 33.53 84.55 -20.22
CA PRO E 105 33.83 83.30 -20.91
C PRO E 105 35.33 83.19 -21.29
N ASN E 106 35.78 81.96 -21.53
CA ASN E 106 37.14 81.67 -22.04
C ASN E 106 37.45 82.50 -23.32
N SER E 107 36.47 82.54 -24.24
CA SER E 107 36.57 83.27 -25.54
C SER E 107 35.29 84.06 -25.88
N SER E 108 35.48 85.14 -26.63
CA SER E 108 34.40 86.02 -26.98
C SER E 108 34.73 86.87 -28.22
N ILE E 109 33.74 87.05 -29.10
CA ILE E 109 33.93 87.71 -30.41
C ILE E 109 34.02 89.21 -30.23
N VAL E 110 34.92 89.87 -30.98
CA VAL E 110 34.90 91.35 -31.09
C VAL E 110 34.86 91.79 -32.55
N VAL E 111 33.95 92.70 -32.89
CA VAL E 111 33.85 93.22 -34.25
C VAL E 111 34.22 94.70 -34.26
N THR E 112 35.08 95.10 -35.20
CA THR E 112 35.38 96.51 -35.42
C THR E 112 34.73 96.95 -36.73
N ASP E 113 33.90 97.99 -36.66
CA ASP E 113 33.23 98.55 -37.84
C ASP E 113 34.05 99.71 -38.46
N ASN E 114 33.72 100.04 -39.71
CA ASN E 114 33.95 101.35 -40.32
C ASN E 114 33.28 101.41 -41.72
N SER E 115 33.44 102.51 -42.45
CA SER E 115 32.75 102.67 -43.74
C SER E 115 33.48 101.96 -44.88
N ASP E 116 34.73 101.49 -44.63
CA ASP E 116 35.43 100.52 -45.50
C ASP E 116 35.10 99.03 -45.25
N ALA E 117 35.06 98.62 -43.99
CA ALA E 117 35.18 97.20 -43.67
C ALA E 117 34.85 96.81 -42.21
N LEU E 118 34.10 95.73 -42.10
CA LEU E 118 33.72 95.08 -40.87
C LEU E 118 34.75 93.99 -40.61
N THR E 119 35.33 93.95 -39.42
CA THR E 119 36.30 92.90 -39.05
C THR E 119 35.74 92.08 -37.87
N VAL E 120 35.66 90.76 -38.04
CA VAL E 120 35.16 89.85 -37.03
C VAL E 120 36.33 88.98 -36.54
N ASN E 121 36.66 89.11 -35.25
CA ASN E 121 37.73 88.38 -34.58
C ASN E 121 37.09 87.42 -33.60
N THR E 122 37.45 86.14 -33.67
CA THR E 122 36.88 85.10 -32.78
C THR E 122 37.87 84.69 -31.70
N GLY E 123 39.09 85.22 -31.76
CA GLY E 123 40.18 84.75 -30.90
C GLY E 123 41.01 83.65 -31.52
N GLU E 124 40.49 83.06 -32.61
CA GLU E 124 41.23 82.08 -33.41
C GLU E 124 41.36 82.50 -34.88
N VAL E 125 40.44 83.34 -35.38
CA VAL E 125 40.64 84.04 -36.66
C VAL E 125 40.10 85.46 -36.62
N ALA E 126 40.56 86.24 -37.58
CA ALA E 126 40.00 87.56 -37.81
C ALA E 126 39.80 87.72 -39.29
N VAL E 127 38.61 88.15 -39.66
CA VAL E 127 38.19 88.10 -41.06
C VAL E 127 37.61 89.46 -41.36
N SER E 128 38.15 90.14 -42.36
CA SER E 128 37.64 91.44 -42.78
C SER E 128 36.60 91.26 -43.87
N PHE E 129 35.53 92.04 -43.85
CA PHE E 129 34.49 92.01 -44.88
C PHE E 129 34.30 93.38 -45.46
N PRO E 130 34.85 93.66 -46.62
CA PRO E 130 34.66 95.00 -47.18
C PRO E 130 33.22 95.39 -47.28
N LYS E 131 33.00 96.69 -47.34
CA LYS E 131 31.64 97.27 -47.42
C LYS E 131 31.22 97.52 -48.85
N GLY E 132 32.17 97.33 -49.78
CA GLY E 132 31.94 97.55 -51.21
C GLY E 132 33.06 96.91 -52.04
N GLY E 133 32.83 96.83 -53.37
CA GLY E 133 33.83 96.26 -54.29
C GLY E 133 33.59 94.80 -54.70
N ASN E 134 34.61 94.21 -55.29
CA ASN E 134 34.57 92.83 -55.76
C ASN E 134 35.36 91.83 -54.91
N VAL E 135 35.59 92.12 -53.63
CA VAL E 135 36.21 91.14 -52.75
C VAL E 135 35.26 91.01 -51.55
N ILE E 136 34.75 89.79 -51.31
CA ILE E 136 33.81 89.53 -50.20
C ILE E 136 34.57 89.48 -48.87
N ILE E 137 35.79 88.93 -48.89
CA ILE E 137 36.70 88.88 -47.72
C ILE E 137 38.10 89.46 -48.07
N GLY E 138 38.54 90.49 -47.33
CA GLY E 138 39.82 91.13 -47.57
C GLY E 138 40.97 90.19 -47.28
N ASP E 139 41.06 89.77 -46.01
CA ASP E 139 42.03 88.77 -45.57
C ASP E 139 41.49 87.96 -44.40
N ILE E 140 42.22 86.91 -44.06
CA ILE E 140 41.87 86.05 -42.94
C ILE E 140 43.11 85.81 -42.09
N LYS E 141 43.07 86.27 -40.83
CA LYS E 141 44.20 86.18 -39.91
C LYS E 141 43.98 85.17 -38.81
N THR E 142 45.05 84.45 -38.47
CA THR E 142 45.09 83.60 -37.29
C THR E 142 45.31 84.46 -36.02
N LYS E 143 45.38 83.81 -34.86
CA LYS E 143 45.55 84.57 -33.59
C LYS E 143 46.92 85.26 -33.52
N SER E 144 47.95 84.73 -34.22
CA SER E 144 49.27 85.43 -34.39
C SER E 144 49.09 86.78 -35.08
N GLY E 145 48.33 86.82 -36.18
CA GLY E 145 48.19 88.01 -37.04
C GLY E 145 48.62 87.70 -38.47
N LYS E 146 49.33 86.58 -38.62
CA LYS E 146 49.63 85.93 -39.89
C LYS E 146 48.43 85.91 -40.83
N VAL E 147 48.59 86.55 -41.99
CA VAL E 147 47.60 86.46 -43.06
C VAL E 147 47.73 85.09 -43.73
N ILE E 148 46.67 84.29 -43.61
CA ILE E 148 46.70 82.90 -44.12
C ILE E 148 45.84 82.69 -45.32
N GLY E 149 44.96 83.65 -45.61
CA GLY E 149 44.31 83.75 -46.92
C GLY E 149 43.73 85.13 -47.16
N ALA E 150 43.49 85.46 -48.43
CA ALA E 150 43.03 86.80 -48.80
C ALA E 150 42.18 86.82 -50.04
N ASN E 151 41.46 87.92 -50.22
CA ASN E 151 40.67 88.18 -51.42
C ASN E 151 39.67 87.12 -51.81
N GLY E 152 39.10 86.46 -50.80
CA GLY E 152 37.81 85.77 -51.00
C GLY E 152 36.88 86.56 -51.94
N ARG E 153 36.45 85.90 -53.00
CA ARG E 153 35.72 86.54 -54.09
C ARG E 153 34.86 85.51 -54.80
N LEU E 154 33.70 85.90 -55.27
CA LEU E 154 32.82 85.02 -56.02
C LEU E 154 33.21 85.04 -57.52
N VAL E 155 33.26 83.84 -58.11
CA VAL E 155 33.61 83.70 -59.51
C VAL E 155 32.41 83.04 -60.16
N LEU E 156 32.00 83.60 -61.29
CA LEU E 156 30.83 83.18 -62.09
C LEU E 156 31.29 83.24 -63.56
N GLN E 157 31.08 82.18 -64.32
CA GLN E 157 31.38 82.18 -65.77
C GLN E 157 30.11 81.75 -66.54
N SER E 158 29.87 82.30 -67.73
CA SER E 158 28.69 81.93 -68.55
C SER E 158 29.04 81.87 -70.04
N GLN E 159 28.15 81.31 -70.88
CA GLN E 159 28.26 81.38 -72.35
C GLN E 159 26.97 81.86 -72.94
N ASP E 160 27.01 82.31 -74.18
CA ASP E 160 25.89 83.04 -74.83
C ASP E 160 25.00 82.16 -75.72
N SER E 161 25.46 80.93 -75.97
CA SER E 161 24.76 79.96 -76.77
C SER E 161 25.48 78.62 -76.59
N VAL E 162 24.98 77.61 -77.27
CA VAL E 162 25.41 76.24 -77.10
C VAL E 162 25.31 75.63 -78.49
N PRO E 163 26.33 74.90 -78.95
CA PRO E 163 26.08 74.20 -80.23
C PRO E 163 25.03 73.08 -80.13
N ASP E 164 24.42 72.74 -81.26
CA ASP E 164 23.45 71.67 -81.29
C ASP E 164 24.03 70.37 -80.73
N ASN E 165 25.31 70.14 -81.00
CA ASN E 165 26.02 68.90 -80.71
C ASN E 165 27.52 69.11 -80.93
N PHE E 166 28.32 68.07 -80.73
CA PHE E 166 29.79 68.20 -80.76
C PHE E 166 30.32 68.61 -82.14
N ASP E 167 29.78 67.99 -83.19
CA ASP E 167 30.03 68.38 -84.60
C ASP E 167 29.78 69.88 -84.94
N ASN E 168 28.75 70.45 -84.35
CA ASN E 168 28.36 71.84 -84.63
C ASN E 168 29.24 72.90 -83.91
N ARG E 169 30.22 72.48 -83.13
CA ARG E 169 31.19 73.39 -82.54
C ARG E 169 32.00 74.14 -83.60
N ALA E 170 32.35 73.41 -84.66
CA ALA E 170 32.91 73.97 -85.92
C ALA E 170 32.26 75.22 -86.48
N ASN E 171 30.94 75.34 -86.30
CA ASN E 171 30.09 76.35 -86.92
C ASN E 171 29.29 77.18 -85.94
N SER E 172 29.29 76.86 -84.65
CA SER E 172 28.58 77.69 -83.67
C SER E 172 29.64 78.25 -82.78
N PRO E 173 30.11 79.48 -83.09
CA PRO E 173 31.06 80.12 -82.19
C PRO E 173 30.37 80.49 -80.87
N ILE E 174 31.13 80.40 -79.80
CA ILE E 174 30.63 80.57 -78.44
C ILE E 174 31.32 81.81 -77.86
N GLN E 175 30.55 82.82 -77.44
CA GLN E 175 31.10 83.94 -76.65
C GLN E 175 31.07 83.68 -75.11
N TYR E 176 32.26 83.59 -74.52
CA TYR E 176 32.42 83.37 -73.08
C TYR E 176 32.59 84.67 -72.27
N SER E 177 31.73 84.89 -71.26
CA SER E 177 31.93 85.94 -70.24
C SER E 177 32.41 85.41 -68.86
N ASN E 178 33.00 86.32 -68.08
CA ASN E 178 33.55 86.07 -66.74
C ASN E 178 33.03 87.16 -65.84
N PHE E 179 32.59 86.80 -64.63
CA PHE E 179 32.05 87.77 -63.68
C PHE E 179 32.68 87.62 -62.26
N ASP E 180 32.64 88.74 -61.51
CA ASP E 180 33.12 88.87 -60.12
C ASP E 180 31.84 89.08 -59.32
N GLY E 181 31.83 88.72 -58.06
CA GLY E 181 30.74 89.12 -57.18
C GLY E 181 30.91 90.53 -56.64
N ASN E 182 29.94 91.39 -56.94
CA ASN E 182 30.00 92.81 -56.62
C ASN E 182 29.01 93.16 -55.49
N ILE E 183 29.56 93.74 -54.44
CA ILE E 183 28.86 93.93 -53.19
C ILE E 183 28.01 95.20 -53.13
N ASN E 184 26.81 95.07 -52.58
CA ASN E 184 25.88 96.18 -52.38
C ASN E 184 25.50 96.48 -50.93
N GLU E 185 25.41 95.47 -50.08
CA GLU E 185 25.16 95.71 -48.66
C GLU E 185 25.91 94.69 -47.85
N VAL E 186 26.34 95.12 -46.68
CA VAL E 186 26.91 94.24 -45.66
C VAL E 186 26.14 94.51 -44.37
N PHE E 187 25.64 93.46 -43.72
CA PHE E 187 24.86 93.57 -42.48
C PHE E 187 25.58 92.70 -41.48
N VAL E 188 25.34 92.93 -40.19
CA VAL E 188 25.97 92.13 -39.14
C VAL E 188 25.00 91.85 -37.98
N ASN E 189 25.06 90.62 -37.46
CA ASN E 189 24.32 90.23 -36.28
C ASN E 189 25.32 89.76 -35.26
N GLN E 190 25.90 90.75 -34.59
CA GLN E 190 26.88 90.53 -33.57
C GLN E 190 26.25 89.92 -32.33
N THR E 191 26.83 88.81 -31.88
CA THR E 191 26.74 88.41 -30.48
C THR E 191 28.06 87.84 -30.02
N SER E 192 28.21 87.83 -28.71
CA SER E 192 29.46 87.44 -28.07
C SER E 192 29.94 86.04 -28.52
N ALA E 193 28.99 85.12 -28.70
CA ALA E 193 29.30 83.71 -29.05
C ALA E 193 29.19 83.48 -30.54
N ARG E 194 28.34 84.23 -31.23
CA ARG E 194 28.20 84.02 -32.63
C ARG E 194 27.85 85.30 -33.32
N THR E 195 28.52 85.50 -34.47
CA THR E 195 28.29 86.62 -35.35
C THR E 195 28.05 86.12 -36.79
N LEU E 196 26.96 86.63 -37.35
CA LEU E 196 26.45 86.29 -38.66
C LEU E 196 26.65 87.53 -39.53
N VAL E 197 27.48 87.41 -40.56
CA VAL E 197 27.69 88.53 -41.51
C VAL E 197 26.91 88.20 -42.78
N THR E 198 25.86 88.96 -43.07
CA THR E 198 25.07 88.74 -44.29
C THR E 198 25.56 89.74 -45.39
N VAL E 199 26.23 89.25 -46.45
CA VAL E 199 26.64 90.09 -47.60
C VAL E 199 25.76 89.96 -48.86
N ARG E 200 25.16 91.05 -49.36
CA ARG E 200 24.32 91.00 -50.57
C ARG E 200 24.92 91.70 -51.80
N GLY E 201 24.52 91.25 -52.98
CA GLY E 201 25.11 91.74 -54.20
C GLY E 201 24.65 91.14 -55.51
N ASN E 202 25.51 91.28 -56.51
CA ASN E 202 25.23 91.05 -57.93
C ASN E 202 26.53 90.56 -58.51
N HIS E 203 26.47 89.86 -59.64
CA HIS E 203 27.66 89.53 -60.41
C HIS E 203 27.81 90.47 -61.63
N THR E 204 29.03 91.01 -61.76
CA THR E 204 29.34 92.03 -62.75
C THR E 204 30.42 91.49 -63.67
N VAL E 205 30.38 91.81 -64.94
CA VAL E 205 31.39 91.31 -65.83
C VAL E 205 32.74 91.79 -65.50
N THR E 206 33.71 90.94 -65.72
CA THR E 206 35.08 91.31 -65.56
C THR E 206 35.68 91.11 -66.94
N ASP E 207 36.00 89.89 -67.30
CA ASP E 207 36.56 89.61 -68.60
C ASP E 207 35.50 89.17 -69.58
N GLY E 208 35.88 89.03 -70.83
CA GLY E 208 34.99 88.55 -71.86
C GLY E 208 33.98 89.54 -72.31
N THR E 209 32.96 89.05 -72.98
CA THR E 209 31.90 89.87 -73.53
C THR E 209 31.10 90.63 -72.48
N ASP E 210 30.43 91.72 -72.88
CA ASP E 210 29.59 92.48 -71.98
C ASP E 210 28.31 91.76 -71.59
N HIS E 211 27.59 92.32 -70.64
CA HIS E 211 26.47 91.60 -70.04
C HIS E 211 26.01 92.40 -68.80
N ASP E 212 24.76 92.83 -68.78
CA ASP E 212 24.17 93.41 -67.57
C ASP E 212 24.60 92.75 -66.22
N PRO E 213 24.69 93.54 -65.13
CA PRO E 213 24.94 92.80 -63.89
C PRO E 213 23.75 91.82 -63.55
N TRP E 214 24.09 90.62 -63.07
CA TRP E 214 23.08 89.57 -62.82
C TRP E 214 23.50 88.53 -61.75
N LEU E 215 22.59 87.56 -61.55
CA LEU E 215 22.72 86.45 -60.63
C LEU E 215 22.83 86.98 -59.21
N PRO E 216 21.73 87.60 -58.73
CA PRO E 216 21.76 88.19 -57.41
C PRO E 216 22.20 87.15 -56.40
N PHE E 217 23.09 87.57 -55.48
CA PHE E 217 23.67 86.66 -54.51
C PHE E 217 23.43 87.19 -53.11
N VAL E 218 23.40 86.27 -52.15
CA VAL E 218 23.42 86.59 -50.72
C VAL E 218 24.34 85.57 -50.13
N VAL E 219 25.22 86.01 -49.25
CA VAL E 219 26.16 85.10 -48.67
C VAL E 219 26.28 85.40 -47.19
N ARG E 220 25.98 84.37 -46.40
CA ARG E 220 25.93 84.42 -44.95
C ARG E 220 27.14 83.71 -44.33
N PHE E 221 27.94 84.45 -43.54
CA PHE E 221 29.08 83.89 -42.85
C PHE E 221 28.75 83.77 -41.37
N TYR E 222 28.80 82.54 -40.85
CA TYR E 222 28.52 82.25 -39.46
C TYR E 222 29.85 82.05 -38.77
N LEU E 223 30.21 82.94 -37.85
CA LEU E 223 31.44 82.79 -37.10
C LEU E 223 31.09 82.66 -35.61
N TYR E 224 31.79 81.74 -34.94
CA TYR E 224 31.51 81.39 -33.60
C TYR E 224 32.78 81.63 -32.81
N ALA E 225 32.66 82.05 -31.57
CA ALA E 225 33.80 82.21 -30.67
C ALA E 225 34.70 80.98 -30.56
N ASN E 226 36.00 81.20 -30.40
CA ASN E 226 37.01 80.11 -30.26
C ASN E 226 37.06 79.19 -31.49
N SER E 227 36.64 79.71 -32.66
CA SER E 227 36.56 78.92 -33.92
C SER E 227 37.30 79.50 -35.10
N ALA E 228 38.02 78.63 -35.81
CA ALA E 228 38.69 78.97 -37.06
C ALA E 228 37.93 78.39 -38.25
N THR E 229 36.73 77.89 -37.98
CA THR E 229 35.86 77.26 -38.96
C THR E 229 34.75 78.27 -39.23
N ILE E 230 34.49 78.56 -40.50
CA ILE E 230 33.43 79.51 -40.89
C ILE E 230 32.43 78.81 -41.80
N LYS E 231 31.14 78.91 -41.49
CA LYS E 231 30.10 78.26 -42.27
C LYS E 231 29.47 79.29 -43.17
N VAL E 232 29.46 79.02 -44.48
CA VAL E 232 29.08 79.97 -45.51
C VAL E 232 27.82 79.46 -46.27
N MET E 233 26.69 80.14 -46.09
CA MET E 233 25.49 79.84 -46.80
C MET E 233 25.41 80.78 -47.99
N HIS E 234 25.72 80.24 -49.15
CA HIS E 234 25.81 80.98 -50.39
C HIS E 234 24.53 80.75 -51.15
N SER E 235 23.77 81.81 -51.42
CA SER E 235 22.49 81.72 -52.13
C SER E 235 22.50 82.61 -53.41
N ILE E 236 22.17 82.03 -54.57
CA ILE E 236 22.00 82.79 -55.82
C ILE E 236 20.59 82.61 -56.32
N VAL E 237 20.13 83.60 -57.07
CA VAL E 237 18.85 83.56 -57.80
C VAL E 237 19.14 83.62 -59.30
N PHE E 238 18.50 82.75 -60.09
CA PHE E 238 18.75 82.72 -61.55
C PHE E 238 17.82 83.68 -62.27
N ASP E 239 18.33 84.88 -62.58
CA ASP E 239 17.61 85.89 -63.40
C ASP E 239 18.04 85.90 -64.87
N GLY E 240 18.80 84.90 -65.31
CA GLY E 240 19.16 84.77 -66.72
C GLY E 240 18.00 84.46 -67.63
N ASP E 241 18.29 84.42 -68.94
CA ASP E 241 17.28 84.16 -69.98
C ASP E 241 17.72 83.06 -70.96
N GLU E 242 16.81 82.69 -71.88
CA GLU E 242 17.08 81.87 -73.10
C GLU E 242 18.57 81.67 -73.45
N ASN E 243 19.32 82.77 -73.37
CA ASN E 243 20.69 82.86 -73.82
C ASN E 243 21.77 82.90 -72.79
N ASP E 244 21.43 82.85 -71.51
CA ASP E 244 22.47 82.81 -70.45
C ASP E 244 22.75 81.36 -69.97
N PHE E 245 23.93 80.84 -70.25
CA PHE E 245 24.29 79.46 -69.95
C PHE E 245 25.43 79.47 -68.96
N ILE E 246 25.10 79.26 -67.67
CA ILE E 246 26.11 79.23 -66.61
C ILE E 246 27.05 78.07 -66.89
N THR E 247 28.36 78.34 -66.92
CA THR E 247 29.38 77.33 -67.24
C THR E 247 30.33 77.00 -66.07
N GLY E 248 30.48 77.96 -65.17
CA GLY E 248 31.24 77.80 -63.94
C GLY E 248 30.65 78.66 -62.85
N LEU E 249 30.73 78.20 -61.62
CA LEU E 249 30.24 78.96 -60.49
C LEU E 249 31.07 78.56 -59.30
N GLY E 250 31.53 79.54 -58.52
CA GLY E 250 32.57 79.27 -57.53
C GLY E 250 32.85 80.32 -56.50
N ILE E 251 33.78 79.95 -55.61
CA ILE E 251 34.32 80.80 -54.56
C ILE E 251 35.81 80.56 -54.57
N ARG E 252 36.58 81.65 -54.54
CA ARG E 252 38.03 81.62 -54.73
C ARG E 252 38.74 82.53 -53.71
N PHE E 253 39.95 82.15 -53.35
CA PHE E 253 40.76 82.85 -52.35
C PHE E 253 42.21 82.82 -52.76
N ASP E 254 42.95 83.85 -52.42
CA ASP E 254 44.41 83.85 -52.53
C ASP E 254 44.96 83.24 -51.24
N VAL E 255 46.06 82.50 -51.41
CA VAL E 255 46.82 81.98 -50.30
C VAL E 255 48.28 82.44 -50.49
N PRO E 256 48.75 83.35 -49.61
CA PRO E 256 50.15 83.80 -49.63
C PRO E 256 51.12 82.68 -49.35
N LEU E 257 52.00 82.43 -50.30
CA LEU E 257 53.01 81.39 -50.16
C LEU E 257 54.45 81.92 -50.21
N LYS E 258 54.65 83.16 -50.71
CA LYS E 258 56.00 83.78 -50.77
C LYS E 258 56.71 83.64 -49.42
N GLY E 259 57.93 83.11 -49.47
CA GLY E 259 58.67 82.78 -48.28
C GLY E 259 58.78 81.29 -47.96
N GLU E 260 57.77 80.50 -48.34
CA GLU E 260 57.84 79.04 -48.16
C GLU E 260 58.67 78.38 -49.22
N GLU E 261 59.67 77.64 -48.79
CA GLU E 261 60.40 76.78 -49.69
C GLU E 261 59.39 75.87 -50.39
N TYR E 262 59.60 75.60 -51.69
CA TYR E 262 58.65 74.77 -52.47
C TYR E 262 58.32 73.41 -51.81
N TYR E 263 59.31 72.81 -51.16
CA TYR E 263 59.14 71.52 -50.46
C TYR E 263 58.40 71.60 -49.08
N ASP E 264 58.02 72.81 -48.67
CA ASP E 264 57.19 73.10 -47.47
C ASP E 264 55.84 73.76 -47.85
N ARG E 265 55.48 73.73 -49.12
CA ARG E 265 54.12 74.10 -49.54
C ARG E 265 53.37 72.77 -49.71
N HIS E 266 52.11 72.77 -49.27
CA HIS E 266 51.34 71.55 -49.04
C HIS E 266 49.97 71.58 -49.68
N ILE E 267 49.70 70.49 -50.38
CA ILE E 267 48.44 70.30 -51.04
C ILE E 267 47.81 69.10 -50.39
N ARG E 268 46.52 69.24 -50.08
CA ARG E 268 45.66 68.09 -49.76
C ARG E 268 44.31 68.23 -50.41
N PHE E 269 43.77 67.06 -50.71
CA PHE E 269 42.40 66.90 -51.19
C PHE E 269 41.74 65.79 -50.41
N ALA E 270 40.49 65.98 -50.00
CA ALA E 270 39.73 64.89 -49.39
C ALA E 270 39.37 63.86 -50.48
N GLY E 271 39.45 62.58 -50.13
CA GLY E 271 39.11 61.43 -51.00
C GLY E 271 37.84 60.68 -50.60
N VAL E 272 37.93 59.37 -50.57
CA VAL E 272 36.80 58.53 -50.27
C VAL E 272 36.90 58.02 -48.83
N ASP E 273 35.76 58.06 -48.11
CA ASP E 273 35.63 57.60 -46.69
C ASP E 273 36.82 57.93 -45.82
N GLY E 274 37.08 59.22 -45.60
CA GLY E 274 38.19 59.64 -44.75
C GLY E 274 39.59 59.55 -45.35
N GLY E 275 39.68 59.33 -46.67
CA GLY E 275 40.92 59.52 -47.40
C GLY E 275 41.38 60.97 -47.43
N ILE E 276 42.69 61.16 -47.51
CA ILE E 276 43.28 62.44 -47.80
C ILE E 276 44.44 62.19 -48.77
N PHE E 277 44.41 62.94 -49.87
CA PHE E 277 45.52 63.04 -50.83
C PHE E 277 46.58 63.94 -50.20
N ASN E 278 47.82 63.45 -50.06
CA ASN E 278 48.90 64.18 -49.30
C ASN E 278 50.16 64.48 -50.10
N GLU E 279 50.32 65.75 -50.51
CA GLU E 279 51.43 66.16 -51.38
C GLU E 279 52.04 67.53 -51.14
N ALA E 280 53.21 67.70 -51.78
CA ALA E 280 53.98 68.93 -51.74
C ALA E 280 54.16 69.52 -53.14
N VAL E 281 54.19 70.85 -53.23
CA VAL E 281 54.43 71.56 -54.48
C VAL E 281 55.77 71.12 -55.09
N GLN E 282 56.78 70.87 -54.26
CA GLN E 282 58.00 70.13 -54.69
C GLN E 282 58.34 68.94 -53.77
N GLY E 283 58.30 67.73 -54.32
CA GLY E 283 58.32 66.51 -53.55
C GLY E 283 59.68 65.90 -53.38
N ILE E 284 59.91 65.42 -52.16
CA ILE E 284 61.19 64.94 -51.69
C ILE E 284 61.14 63.43 -51.46
N THR E 285 59.92 62.89 -51.40
CA THR E 285 59.67 61.48 -51.25
C THR E 285 59.69 60.82 -52.61
N GLY E 286 60.07 59.55 -52.62
CA GLY E 286 60.14 58.73 -53.83
C GLY E 286 60.99 59.21 -54.99
N LEU E 287 62.05 59.97 -54.67
CA LEU E 287 63.12 60.38 -55.61
C LEU E 287 64.16 59.27 -55.67
N ARG E 288 65.16 59.44 -56.54
CA ARG E 288 66.20 58.43 -56.72
C ARG E 288 67.16 58.30 -55.54
N ARG E 289 67.53 59.45 -54.96
CA ARG E 289 68.26 59.50 -53.67
C ARG E 289 67.37 59.91 -52.46
N ASP E 290 67.78 59.44 -51.29
CA ASP E 290 67.03 59.58 -50.05
C ASP E 290 67.62 60.76 -49.28
N PRO E 291 66.92 61.90 -49.21
CA PRO E 291 67.50 63.00 -48.45
C PRO E 291 67.56 62.75 -46.93
N GLY E 292 66.97 61.64 -46.47
CA GLY E 292 66.89 61.24 -45.06
C GLY E 292 65.47 60.80 -44.71
N GLU E 293 65.37 59.62 -44.08
CA GLU E 293 64.10 59.08 -43.58
C GLU E 293 63.19 60.09 -42.81
N GLU E 294 63.78 60.93 -41.97
CA GLU E 294 63.04 61.91 -41.13
C GLU E 294 62.41 63.00 -42.00
N ILE E 295 63.19 63.47 -42.98
CA ILE E 295 62.82 64.60 -43.85
C ILE E 295 61.64 64.17 -44.72
N ARG E 296 61.72 62.94 -45.20
CA ARG E 296 60.62 62.35 -45.94
C ARG E 296 59.33 62.34 -45.10
N ALA E 297 59.40 61.73 -43.92
CA ALA E 297 58.24 61.63 -43.01
C ALA E 297 57.73 63.01 -42.59
N ALA E 298 58.65 63.93 -42.40
CA ALA E 298 58.31 65.31 -42.11
C ALA E 298 57.51 65.99 -43.22
N GLN E 299 57.90 65.78 -44.49
CA GLN E 299 57.13 66.37 -45.61
C GLN E 299 55.73 65.77 -45.77
N PHE E 300 55.64 64.46 -45.65
CA PHE E 300 54.37 63.78 -45.72
C PHE E 300 53.43 64.24 -44.61
N ALA E 301 54.00 64.48 -43.43
CA ALA E 301 53.22 64.97 -42.31
C ALA E 301 52.94 66.45 -42.35
N GLY E 302 53.48 67.13 -43.34
CA GLY E 302 53.22 68.55 -43.55
C GLY E 302 54.07 69.49 -42.71
N GLN E 303 55.21 69.01 -42.21
CA GLN E 303 56.04 69.82 -41.31
C GLN E 303 57.08 70.55 -42.10
N LYS E 304 57.58 71.65 -41.52
CA LYS E 304 58.73 72.38 -42.07
C LYS E 304 59.91 71.44 -42.11
N LEU E 305 60.49 71.21 -43.29
CA LEU E 305 61.67 70.33 -43.41
C LEU E 305 62.88 70.95 -42.70
N ALA E 306 63.80 70.11 -42.25
CA ALA E 306 65.10 70.56 -41.74
C ALA E 306 65.88 71.39 -42.75
N ASP E 307 66.95 71.98 -42.26
CA ASP E 307 67.82 72.83 -43.06
C ASP E 307 68.43 72.01 -44.23
N THR E 308 68.36 72.57 -45.46
CA THR E 308 69.19 72.15 -46.64
C THR E 308 70.46 71.42 -46.23
N GLU E 309 71.24 72.04 -45.33
CA GLU E 309 72.52 71.50 -44.87
C GLU E 309 72.44 70.13 -44.24
N THR E 310 71.32 69.74 -43.61
CA THR E 310 71.25 68.41 -42.93
C THR E 310 70.97 67.23 -43.85
N TRP E 311 70.48 67.51 -45.07
CA TRP E 311 70.06 66.47 -45.99
C TRP E 311 71.28 65.84 -46.61
N GLU E 312 71.23 64.56 -46.94
CA GLU E 312 72.33 63.93 -47.66
C GLU E 312 72.49 64.66 -49.02
N PRO E 313 73.73 65.10 -49.39
CA PRO E 313 73.85 66.15 -50.42
C PRO E 313 73.55 65.77 -51.91
N ARG E 314 73.55 64.48 -52.25
CA ARG E 314 73.08 64.04 -53.56
C ARG E 314 71.61 64.36 -53.87
N VAL E 315 70.91 65.03 -52.95
CA VAL E 315 69.56 65.54 -53.18
C VAL E 315 69.51 67.04 -53.21
N SER E 316 70.04 67.73 -52.19
CA SER E 316 69.84 69.20 -52.03
C SER E 316 70.44 70.02 -53.16
N THR E 317 71.59 69.57 -53.66
CA THR E 317 72.23 70.18 -54.84
C THR E 317 71.47 70.02 -56.18
N ARG E 318 70.38 69.24 -56.15
CA ARG E 318 69.56 68.89 -57.31
C ARG E 318 68.10 69.22 -57.13
N LEU E 319 67.74 69.95 -56.07
CA LEU E 319 66.40 70.51 -55.98
C LEU E 319 65.92 71.26 -57.23
N LYS E 320 66.80 71.82 -58.06
CA LYS E 320 66.34 72.57 -59.24
C LYS E 320 65.84 71.66 -60.35
N TRP E 321 66.30 70.41 -60.36
CA TRP E 321 65.85 69.38 -61.33
C TRP E 321 64.60 68.59 -60.89
N ILE E 322 64.12 68.85 -59.68
CA ILE E 322 62.91 68.22 -59.22
C ILE E 322 61.77 69.18 -59.55
N PRO E 323 60.76 68.70 -60.32
CA PRO E 323 59.76 69.62 -60.79
C PRO E 323 58.93 70.21 -59.70
N THR E 324 58.45 71.40 -60.00
CA THR E 324 57.57 72.15 -59.18
C THR E 324 56.15 71.94 -59.79
N TRP E 325 55.14 71.75 -58.92
CA TRP E 325 53.75 71.49 -59.34
C TRP E 325 52.81 72.62 -58.95
N ALA E 326 52.51 73.48 -59.89
CA ALA E 326 51.73 74.69 -59.58
C ALA E 326 50.20 74.53 -59.51
N ASP E 327 49.65 73.51 -60.20
CA ASP E 327 48.20 73.42 -60.44
C ASP E 327 47.68 72.02 -60.10
N TYR E 328 46.52 71.95 -59.45
CA TYR E 328 45.90 70.65 -59.10
C TYR E 328 44.42 70.78 -59.33
N GLY E 329 43.86 69.81 -60.03
CA GLY E 329 42.45 69.89 -60.48
C GLY E 329 41.73 68.62 -60.10
N LEU E 330 40.68 68.77 -59.30
CA LEU E 330 39.76 67.68 -58.95
C LEU E 330 38.38 68.02 -59.49
N THR E 331 37.82 67.10 -60.28
CA THR E 331 36.54 67.32 -60.93
C THR E 331 35.61 66.15 -60.65
N GLN E 332 34.39 66.46 -60.18
CA GLN E 332 33.37 65.47 -59.86
C GLN E 332 32.18 65.78 -60.74
N LEU E 333 32.18 65.16 -61.93
CA LEU E 333 31.25 65.48 -63.03
C LEU E 333 30.11 64.52 -63.13
N THR E 334 30.21 63.38 -62.41
CA THR E 334 29.08 62.51 -62.09
C THR E 334 29.05 62.27 -60.58
N ALA E 335 27.95 61.71 -60.10
CA ALA E 335 27.86 61.37 -58.69
C ALA E 335 28.66 60.13 -58.36
N ASP E 336 29.22 59.47 -59.36
CA ASP E 336 29.90 58.21 -59.13
C ASP E 336 31.42 58.12 -59.30
N GLY E 337 32.06 59.08 -59.98
CA GLY E 337 33.52 59.05 -60.24
C GLY E 337 34.06 60.47 -60.24
N PHE E 338 35.32 60.66 -59.79
CA PHE E 338 36.03 61.95 -59.95
C PHE E 338 37.39 61.80 -60.59
N GLY E 339 37.81 62.87 -61.27
CA GLY E 339 39.12 62.91 -61.95
C GLY E 339 40.01 63.74 -61.07
N LEU E 340 41.29 63.49 -61.12
CA LEU E 340 42.24 64.30 -60.34
C LEU E 340 43.49 64.44 -61.19
N LYS E 341 43.98 65.66 -61.29
CA LYS E 341 45.22 65.89 -62.06
C LYS E 341 46.01 67.08 -61.54
N LYS E 342 47.33 67.01 -61.73
CA LYS E 342 48.24 68.16 -61.54
C LYS E 342 49.06 68.54 -62.77
N ARG E 343 49.61 69.76 -62.72
CA ARG E 343 50.36 70.32 -63.83
C ARG E 343 51.51 71.20 -63.34
N THR E 344 52.73 70.96 -63.83
CA THR E 344 53.88 71.85 -63.52
C THR E 344 53.59 73.35 -63.73
N LYS E 345 53.04 73.69 -64.88
CA LYS E 345 52.51 75.06 -65.16
C LYS E 345 51.83 75.10 -66.54
N ALA E 346 51.01 76.14 -66.73
CA ALA E 346 50.31 76.34 -67.99
C ALA E 346 51.27 76.38 -69.20
N GLY E 347 50.76 75.96 -70.38
CA GLY E 347 51.59 75.54 -71.51
C GLY E 347 52.19 74.11 -71.48
N GLN E 348 52.03 73.38 -70.36
CA GLN E 348 52.44 71.95 -70.32
C GLN E 348 51.22 71.09 -70.02
N SER E 349 51.39 69.80 -70.21
CA SER E 349 50.25 68.90 -70.07
C SER E 349 50.01 68.57 -68.62
N TRP E 350 48.77 68.24 -68.29
CA TRP E 350 48.42 67.72 -66.98
C TRP E 350 48.96 66.28 -66.88
N VAL E 351 49.44 65.91 -65.70
CA VAL E 351 49.76 64.53 -65.34
C VAL E 351 48.60 63.97 -64.53
N ASN E 352 48.14 62.80 -64.94
CA ASN E 352 46.97 62.20 -64.28
C ASN E 352 47.36 61.48 -62.97
N ILE E 353 46.46 61.62 -62.00
CA ILE E 353 46.65 61.15 -60.63
C ILE E 353 45.63 60.08 -60.31
N PRO E 354 46.06 59.00 -59.65
CA PRO E 354 45.12 57.93 -59.23
C PRO E 354 43.91 58.47 -58.42
N SER E 355 42.71 58.22 -58.92
CA SER E 355 41.52 58.90 -58.42
C SER E 355 40.53 57.85 -57.95
N GLY E 356 39.26 58.23 -57.80
CA GLY E 356 38.26 57.25 -57.43
C GLY E 356 36.82 57.69 -57.58
N THR E 357 35.95 57.08 -56.77
CA THR E 357 34.48 57.25 -56.84
C THR E 357 33.98 58.64 -56.43
N ARG E 358 33.89 58.89 -55.12
CA ARG E 358 33.18 60.07 -54.60
C ARG E 358 34.09 60.83 -53.70
N ALA E 359 34.54 62.01 -54.12
CA ALA E 359 35.48 62.79 -53.32
C ALA E 359 34.66 63.49 -52.28
N GLU E 360 35.14 63.55 -51.06
CA GLU E 360 34.29 64.07 -49.97
C GLU E 360 34.34 65.62 -49.85
N GLY E 361 35.05 66.28 -50.76
CA GLY E 361 34.75 67.66 -51.11
C GLY E 361 35.48 68.79 -50.45
N LEU E 362 36.75 68.56 -50.07
CA LEU E 362 37.58 69.57 -49.44
C LEU E 362 38.97 69.64 -50.06
N ALA E 363 39.53 70.84 -50.16
CA ALA E 363 40.95 71.06 -50.56
C ALA E 363 41.67 72.01 -49.63
N TYR E 364 42.93 71.67 -49.34
CA TYR E 364 43.85 72.56 -48.57
C TYR E 364 45.01 73.07 -49.43
N LEU E 365 45.20 74.40 -49.44
CA LEU E 365 46.43 75.03 -49.95
C LEU E 365 47.14 75.82 -48.89
N GLY E 366 48.36 75.42 -48.55
CA GLY E 366 49.17 76.22 -47.65
C GLY E 366 50.55 75.65 -47.44
N GLY E 367 51.21 76.05 -46.33
CA GLY E 367 52.54 75.55 -46.01
C GLY E 367 52.86 75.56 -44.53
N ALA E 368 53.97 74.93 -44.17
CA ALA E 368 54.35 74.70 -42.77
C ALA E 368 54.56 75.97 -41.97
N THR E 369 55.07 77.01 -42.62
CA THR E 369 55.47 78.31 -42.05
C THR E 369 54.45 79.40 -42.37
N GLN E 370 53.94 79.44 -43.60
CA GLN E 370 53.05 80.55 -44.03
C GLN E 370 51.60 80.36 -43.60
N GLY E 371 51.26 79.12 -43.26
CA GLY E 371 49.91 78.74 -42.94
C GLY E 371 49.17 78.41 -44.20
N GLY E 372 47.85 78.48 -44.13
CA GLY E 372 46.99 78.24 -45.26
C GLY E 372 45.51 78.18 -44.95
N LEU E 373 44.77 77.75 -45.95
CA LEU E 373 43.31 77.83 -45.99
C LEU E 373 42.80 76.51 -46.58
N ALA E 374 41.72 76.00 -46.01
CA ALA E 374 41.01 74.90 -46.62
C ALA E 374 39.58 75.31 -46.87
N VAL E 375 39.03 74.81 -47.94
CA VAL E 375 37.70 75.17 -48.41
C VAL E 375 36.99 73.86 -48.73
N GLY E 376 35.66 73.87 -48.59
CA GLY E 376 34.91 72.66 -48.86
C GLY E 376 33.46 72.94 -49.07
N LEU E 377 32.79 71.98 -49.69
CA LEU E 377 31.32 72.06 -49.94
C LEU E 377 30.58 70.83 -49.34
N ARG E 378 29.61 71.10 -48.47
CA ARG E 378 28.74 70.07 -47.91
C ARG E 378 28.05 69.28 -48.99
N ASP E 379 28.07 67.96 -48.84
CA ASP E 379 27.44 67.06 -49.82
C ASP E 379 28.04 67.20 -51.23
N PHE E 380 29.34 67.52 -51.32
CA PHE E 380 30.08 67.74 -52.59
C PHE E 380 29.59 66.91 -53.75
N TRP E 381 29.73 65.60 -53.63
CA TRP E 381 29.45 64.70 -54.73
C TRP E 381 28.00 64.52 -55.00
N LYS E 382 27.17 64.74 -54.00
CA LYS E 382 25.72 64.69 -54.19
C LYS E 382 25.22 65.89 -54.96
N ARG E 383 26.01 66.95 -55.07
CA ARG E 383 25.62 68.17 -55.80
C ARG E 383 26.45 68.45 -57.07
N TYR E 384 26.98 67.40 -57.69
CA TYR E 384 27.74 67.45 -58.95
C TYR E 384 26.99 68.20 -60.07
N PRO E 385 27.64 68.69 -61.13
CA PRO E 385 29.09 68.73 -61.33
C PRO E 385 29.76 69.81 -60.49
N VAL E 386 30.80 69.43 -59.74
CA VAL E 386 31.48 70.33 -58.84
C VAL E 386 32.99 70.07 -59.00
N GLY E 387 33.82 70.90 -58.34
CA GLY E 387 35.27 70.72 -58.37
C GLY E 387 36.06 71.60 -57.40
N LEU E 388 37.37 71.37 -57.34
CA LEU E 388 38.28 72.06 -56.44
C LEU E 388 39.59 72.29 -57.17
N ASP E 389 40.02 73.53 -57.35
CA ASP E 389 41.32 73.86 -58.00
C ASP E 389 42.29 74.49 -57.01
N ILE E 390 43.51 73.97 -56.94
CA ILE E 390 44.68 74.75 -56.53
C ILE E 390 45.30 75.26 -57.82
N SER E 391 45.61 76.54 -57.88
CA SER E 391 46.48 77.08 -58.95
C SER E 391 47.64 77.96 -58.46
N ASN E 392 48.68 78.07 -59.30
CA ASN E 392 49.87 78.92 -59.06
C ASN E 392 50.53 78.67 -57.71
N ALA E 393 50.53 77.42 -57.30
CA ALA E 393 51.12 77.04 -56.05
C ALA E 393 52.62 77.19 -56.03
N ALA E 394 53.29 77.31 -57.19
CA ALA E 394 54.73 77.59 -57.20
C ALA E 394 55.11 79.08 -57.26
N SER E 395 54.14 79.98 -57.02
CA SER E 395 54.32 81.44 -56.99
C SER E 395 54.23 82.10 -55.59
N ASP E 396 54.42 83.41 -55.57
CA ASP E 396 54.22 84.20 -54.35
C ASP E 396 52.82 84.07 -53.80
N THR E 397 51.85 84.07 -54.72
CA THR E 397 50.45 83.82 -54.43
C THR E 397 49.82 82.65 -55.25
N GLY E 398 49.42 81.61 -54.52
CA GLY E 398 48.51 80.61 -55.04
C GLY E 398 47.07 81.05 -54.91
N GLU E 399 46.20 80.45 -55.71
CA GLU E 399 44.74 80.55 -55.56
C GLU E 399 44.22 79.17 -55.12
N LEU E 400 43.13 79.20 -54.33
CA LEU E 400 42.36 78.02 -53.94
C LEU E 400 40.91 78.25 -54.31
N THR E 401 40.38 77.45 -55.24
CA THR E 401 39.01 77.63 -55.79
C THR E 401 38.09 76.39 -55.56
N LEU E 402 36.88 76.66 -55.08
CA LEU E 402 35.77 75.69 -55.01
C LEU E 402 34.80 76.00 -56.13
N TRP E 403 34.54 75.01 -56.99
CA TRP E 403 33.53 75.12 -58.03
C TRP E 403 32.20 74.43 -57.61
N LEU E 404 31.21 75.25 -57.30
CA LEU E 404 29.83 74.82 -57.10
C LEU E 404 29.19 74.23 -58.36
N TYR E 405 29.62 74.74 -59.51
CA TYR E 405 29.37 74.16 -60.83
C TYR E 405 30.66 74.19 -61.62
N SER E 406 31.07 73.03 -62.13
CA SER E 406 32.37 72.89 -62.75
C SER E 406 32.35 73.31 -64.22
N PRO E 407 33.31 74.15 -64.63
CA PRO E 407 33.54 74.32 -66.06
C PRO E 407 33.93 73.05 -66.84
N ALA E 408 34.44 72.00 -66.19
CA ALA E 408 34.70 70.73 -66.92
C ALA E 408 33.44 69.98 -67.33
N ALA E 409 32.30 70.40 -66.79
CA ALA E 409 30.99 69.91 -67.19
C ALA E 409 30.43 70.61 -68.41
N GLU E 410 29.48 69.95 -69.04
CA GLU E 410 28.65 70.58 -70.04
C GLU E 410 27.98 71.73 -69.32
N PRO E 411 27.61 72.80 -70.07
CA PRO E 411 27.16 73.99 -69.42
C PRO E 411 25.73 73.80 -68.94
N LEU E 412 25.32 74.60 -67.96
CA LEU E 412 24.03 74.45 -67.30
C LEU E 412 22.93 75.02 -68.20
N ASP E 413 22.02 74.14 -68.65
CA ASP E 413 20.99 74.46 -69.62
C ASP E 413 19.63 74.34 -68.95
N LEU E 414 19.05 75.49 -68.61
CA LEU E 414 17.77 75.55 -67.89
C LEU E 414 16.59 75.90 -68.82
N ARG E 415 16.75 75.64 -70.10
CA ARG E 415 15.71 75.99 -71.07
C ARG E 415 14.71 74.90 -71.10
N PRO E 416 13.55 75.14 -71.74
CA PRO E 416 12.52 74.12 -71.81
C PRO E 416 12.93 72.83 -72.49
N PHE E 417 12.56 71.67 -71.90
CA PHE E 417 12.85 70.34 -72.49
C PHE E 417 12.06 70.00 -73.76
N HIS E 418 10.90 70.65 -73.98
CA HIS E 418 10.20 70.57 -75.30
C HIS E 418 9.71 71.92 -75.86
N ASP E 419 9.44 71.97 -77.16
CA ASP E 419 8.92 73.20 -77.81
C ASP E 419 7.43 73.52 -77.64
N GLY E 420 6.66 72.62 -77.03
CA GLY E 420 5.22 72.79 -76.84
C GLY E 420 4.42 71.78 -77.66
N LEU E 421 5.12 71.05 -78.55
CA LEU E 421 4.53 70.04 -79.43
C LEU E 421 3.30 70.56 -80.22
N GLY E 422 3.30 71.88 -80.53
CA GLY E 422 2.22 72.55 -81.20
C GLY E 422 0.96 72.69 -80.40
N GLN E 423 1.07 72.77 -79.10
CA GLN E 423 -0.10 73.11 -78.34
C GLN E 423 -0.40 74.59 -78.57
N ASP E 424 -1.65 74.87 -78.82
CA ASP E 424 -2.09 76.19 -79.19
C ASP E 424 -3.33 76.45 -78.35
N GLY E 425 -3.11 77.00 -77.15
CA GLY E 425 -4.20 77.42 -76.25
C GLY E 425 -4.74 76.36 -75.28
N TYR E 426 -5.58 76.80 -74.35
CA TYR E 426 -6.03 76.00 -73.21
C TYR E 426 -6.56 74.59 -73.53
N GLU E 427 -7.54 74.55 -74.42
CA GLU E 427 -8.15 73.29 -74.92
C GLU E 427 -7.07 72.23 -75.28
N ASP E 428 -6.10 72.62 -76.12
CA ASP E 428 -4.93 71.78 -76.45
C ASP E 428 -4.07 71.42 -75.18
N GLN E 429 -3.81 72.42 -74.34
CA GLN E 429 -2.97 72.22 -73.15
C GLN E 429 -3.54 71.21 -72.16
N LEU E 430 -4.87 71.28 -72.00
CA LEU E 430 -5.61 70.40 -71.10
C LEU E 430 -5.87 69.02 -71.70
N ASP E 431 -5.80 68.93 -73.04
CA ASP E 431 -5.83 67.61 -73.72
C ASP E 431 -4.50 66.84 -73.45
N ALA E 432 -3.37 67.55 -73.60
CA ALA E 432 -2.06 66.98 -73.34
C ALA E 432 -1.92 66.55 -71.87
N LEU E 433 -2.41 67.42 -70.97
CA LEU E 433 -2.52 67.09 -69.52
C LEU E 433 -3.17 65.73 -69.24
N GLU E 434 -4.10 65.32 -70.09
CA GLU E 434 -4.81 64.06 -69.91
C GLU E 434 -4.02 62.80 -70.25
N ILE E 435 -2.82 62.95 -70.83
CA ILE E 435 -1.98 61.77 -71.21
C ILE E 435 -0.56 61.83 -70.56
N THR E 436 0.06 63.01 -70.43
CA THR E 436 1.36 63.12 -69.76
C THR E 436 1.31 63.67 -68.34
N TYR E 437 0.21 64.34 -68.00
CA TYR E 437 -0.06 64.97 -66.67
C TYR E 437 0.67 66.31 -66.47
N GLU E 438 1.09 66.90 -67.60
CA GLU E 438 1.72 68.20 -67.64
C GLU E 438 0.71 69.23 -68.10
N ASP E 439 0.61 70.35 -67.40
CA ASP E 439 -0.25 71.42 -67.80
C ASP E 439 0.67 72.51 -68.34
N TRP E 440 0.95 72.44 -69.63
CA TRP E 440 1.94 73.31 -70.28
C TRP E 440 1.30 74.64 -70.69
N GLU E 441 2.10 75.71 -70.75
CA GLU E 441 1.67 76.98 -71.35
C GLU E 441 2.92 77.72 -71.82
N PRO E 442 2.89 78.27 -73.06
CA PRO E 442 4.05 79.04 -73.57
C PRO E 442 4.50 80.17 -72.62
N GLY E 443 5.80 80.21 -72.28
CA GLY E 443 6.36 81.23 -71.40
C GLY E 443 6.39 80.81 -69.95
N PHE E 444 5.64 79.77 -69.58
CA PHE E 444 5.55 79.33 -68.18
C PHE E 444 6.63 78.35 -67.79
N ASP E 445 7.32 77.78 -68.78
CA ASP E 445 8.37 76.76 -68.60
C ASP E 445 9.72 77.44 -68.43
N THR E 446 9.80 78.29 -67.42
CA THR E 446 10.92 79.24 -67.26
C THR E 446 11.54 79.09 -65.85
N PRO E 447 12.88 79.02 -65.76
CA PRO E 447 13.53 79.10 -64.48
C PRO E 447 13.71 80.51 -63.95
N TYR E 448 13.22 81.54 -64.65
CA TYR E 448 13.40 82.89 -64.17
C TYR E 448 12.86 82.98 -62.76
N GLY E 449 13.77 83.14 -61.80
CA GLY E 449 13.40 83.43 -60.42
C GLY E 449 13.64 82.33 -59.39
N ILE E 450 14.15 81.16 -59.84
CA ILE E 450 14.45 80.04 -58.95
C ILE E 450 15.69 80.43 -58.17
N ALA E 451 16.05 79.66 -57.15
CA ALA E 451 17.25 79.95 -56.34
C ALA E 451 17.84 78.66 -55.91
N ARG E 452 18.97 78.75 -55.23
CA ARG E 452 19.66 77.60 -54.70
C ARG E 452 20.79 78.05 -53.73
N THR E 453 20.76 77.46 -52.55
CA THR E 453 21.69 77.73 -51.49
C THR E 453 22.67 76.55 -51.34
N SER E 454 23.97 76.86 -51.26
CA SER E 454 25.02 75.92 -51.01
C SER E 454 25.69 76.19 -49.64
N GLU E 455 25.93 75.12 -48.92
CA GLU E 455 26.52 75.17 -47.58
C GLU E 455 28.00 74.90 -47.75
N VAL E 456 28.75 75.96 -47.70
CA VAL E 456 30.18 75.95 -47.92
C VAL E 456 30.87 76.10 -46.54
N TYR E 457 32.12 75.65 -46.42
CA TYR E 457 32.88 75.77 -45.16
C TYR E 457 34.30 76.21 -45.49
N LEU E 458 34.83 77.12 -44.66
CA LEU E 458 36.22 77.58 -44.69
C LEU E 458 36.90 77.24 -43.37
N PHE E 459 38.16 76.83 -43.44
CA PHE E 459 39.01 76.49 -42.29
C PHE E 459 40.36 77.19 -42.39
N ALA E 460 40.72 77.95 -41.36
CA ALA E 460 42.01 78.66 -41.31
C ALA E 460 43.00 77.88 -40.44
N PHE E 461 44.25 77.83 -40.87
CA PHE E 461 45.28 77.10 -40.15
C PHE E 461 46.53 77.96 -40.05
N ASP E 462 47.16 77.99 -38.87
CA ASP E 462 48.39 78.77 -38.67
C ASP E 462 49.54 78.05 -39.39
N GLN E 463 49.34 76.77 -39.69
CA GLN E 463 50.36 75.95 -40.33
C GLN E 463 49.69 74.72 -40.93
N THR E 464 50.39 73.99 -41.78
CA THR E 464 49.76 72.84 -42.41
C THR E 464 49.33 71.91 -41.29
N PRO E 465 48.04 71.51 -41.29
CA PRO E 465 47.48 70.68 -40.23
C PRO E 465 47.80 69.26 -40.45
N THR E 466 47.59 68.42 -39.45
CA THR E 466 47.67 66.98 -39.74
C THR E 466 46.61 66.55 -40.77
N SER E 467 46.83 65.37 -41.34
CA SER E 467 45.84 64.75 -42.24
C SER E 467 44.64 64.23 -41.45
N ASP E 468 44.85 63.68 -40.25
CA ASP E 468 43.74 63.30 -39.39
C ASP E 468 42.86 64.51 -39.14
N LYS E 469 43.47 65.67 -38.91
CA LYS E 469 42.68 66.86 -38.70
C LYS E 469 41.81 67.10 -39.93
N LEU E 470 42.42 67.10 -41.12
CA LEU E 470 41.70 67.41 -42.35
C LEU E 470 40.55 66.44 -42.63
N ALA E 471 40.80 65.17 -42.33
CA ALA E 471 39.75 64.12 -42.30
C ALA E 471 38.60 64.43 -41.35
N SER E 472 38.92 64.84 -40.11
CA SER E 472 37.91 65.27 -39.16
C SER E 472 37.02 66.42 -39.67
N LEU E 473 37.63 67.44 -40.26
CA LEU E 473 36.86 68.60 -40.71
C LEU E 473 36.05 68.29 -41.98
N THR E 474 36.61 67.47 -42.82
CA THR E 474 35.88 66.96 -43.97
C THR E 474 34.64 66.14 -43.48
N ALA E 475 34.81 65.32 -42.45
CA ALA E 475 33.70 64.54 -41.90
C ALA E 475 32.66 65.43 -41.26
N TYR E 476 33.16 66.37 -40.44
CA TYR E 476 32.40 67.47 -39.89
C TYR E 476 31.51 68.15 -40.93
N MET E 477 32.09 68.79 -41.95
CA MET E 477 31.27 69.59 -42.86
C MET E 477 30.23 68.78 -43.62
N ASN E 478 30.50 67.48 -43.80
CA ASN E 478 29.55 66.57 -44.45
C ASN E 478 28.48 65.98 -43.54
N ASP E 479 28.69 66.08 -42.23
CA ASP E 479 27.69 65.72 -41.22
C ASP E 479 27.77 66.70 -40.04
N PRO E 480 27.21 67.90 -40.23
CA PRO E 480 27.53 68.91 -39.24
C PRO E 480 26.69 68.79 -38.01
N PRO E 481 27.30 68.74 -36.83
CA PRO E 481 26.48 68.53 -35.64
C PRO E 481 25.34 69.53 -35.41
N VAL E 482 24.26 68.94 -34.90
CA VAL E 482 22.98 69.54 -34.69
C VAL E 482 22.55 69.17 -33.29
N LEU E 483 22.20 70.19 -32.51
CA LEU E 483 21.55 70.01 -31.24
C LEU E 483 20.06 70.20 -31.41
N VAL E 484 19.28 69.29 -30.86
CA VAL E 484 17.85 69.38 -31.01
C VAL E 484 17.15 68.99 -29.72
N ALA E 485 16.00 69.61 -29.49
CA ALA E 485 15.21 69.34 -28.31
C ALA E 485 14.57 67.95 -28.39
N GLU E 486 13.92 67.56 -27.30
CA GLU E 486 13.33 66.24 -27.17
C GLU E 486 11.95 66.25 -27.74
N PRO E 487 11.61 65.24 -28.56
CA PRO E 487 10.25 65.09 -29.09
C PRO E 487 9.16 65.34 -28.06
N LYS E 488 9.32 64.71 -26.90
CA LYS E 488 8.38 64.81 -25.77
C LYS E 488 8.14 66.24 -25.45
N TYR E 489 9.24 66.99 -25.29
CA TYR E 489 9.18 68.40 -24.88
C TYR E 489 8.68 69.31 -26.01
N ILE E 490 9.16 69.10 -27.23
CA ILE E 490 8.62 69.82 -28.39
C ILE E 490 7.10 69.67 -28.39
N HIS E 491 6.66 68.45 -28.13
CA HIS E 491 5.25 68.17 -28.17
C HIS E 491 4.47 68.83 -27.01
N GLU E 492 5.01 68.77 -25.79
CA GLU E 492 4.31 69.26 -24.60
C GLU E 492 4.09 70.77 -24.64
N THR E 493 4.99 71.50 -25.30
CA THR E 493 4.84 72.94 -25.45
C THR E 493 3.81 73.36 -26.47
N GLN E 494 3.45 72.45 -27.36
CA GLN E 494 2.49 72.72 -28.42
C GLN E 494 2.98 73.84 -29.35
N ALA E 495 4.30 73.99 -29.42
CA ALA E 495 4.93 75.11 -30.13
C ALA E 495 5.13 74.81 -31.60
N LEU E 496 4.69 73.62 -32.01
CA LEU E 496 4.91 73.19 -33.37
C LEU E 496 3.74 72.35 -33.85
N GLY E 497 2.52 72.82 -33.54
CA GLY E 497 1.26 72.14 -33.94
C GLY E 497 0.80 71.08 -32.95
N GLU E 498 -0.50 70.87 -32.88
CA GLU E 498 -1.13 69.89 -32.00
C GLU E 498 -1.40 68.52 -32.68
N TYR E 499 -1.30 68.50 -34.02
CA TYR E 499 -1.75 67.43 -34.92
C TYR E 499 -0.70 66.28 -35.14
N TRP E 500 0.16 66.06 -34.17
CA TRP E 500 1.10 64.94 -34.18
C TRP E 500 1.48 64.69 -32.73
N ALA E 501 1.93 63.48 -32.47
CA ALA E 501 2.24 63.07 -31.12
C ALA E 501 3.27 61.92 -31.19
N LEU E 502 3.76 61.44 -30.05
CA LEU E 502 4.88 60.53 -30.05
C LEU E 502 4.32 59.19 -30.44
N PRO E 503 5.18 58.24 -30.87
CA PRO E 503 4.68 56.93 -31.24
C PRO E 503 4.62 56.02 -30.04
N GLY E 504 3.95 56.44 -28.97
CA GLY E 504 3.81 55.55 -27.80
C GLY E 504 2.42 54.92 -27.64
N SER E 505 2.13 53.82 -28.37
CA SER E 505 0.81 53.12 -28.18
C SER E 505 0.99 51.63 -28.16
N ALA E 506 0.28 51.00 -27.21
CA ALA E 506 0.40 49.59 -26.99
C ALA E 506 -0.34 48.82 -28.09
N SER E 507 -1.30 49.45 -28.76
CA SER E 507 -2.07 48.79 -29.83
C SER E 507 -1.19 48.08 -30.86
N PRO E 508 -1.45 46.80 -31.13
CA PRO E 508 -0.62 46.14 -32.14
C PRO E 508 -0.85 46.72 -33.51
N ALA E 509 -2.07 47.17 -33.79
CA ALA E 509 -2.37 47.88 -35.04
C ALA E 509 -1.48 49.17 -35.19
N ALA E 510 -1.32 49.93 -34.09
CA ALA E 510 -0.46 51.12 -34.13
C ALA E 510 0.98 50.73 -34.43
N ALA E 511 1.41 49.63 -33.83
CA ALA E 511 2.79 49.14 -34.04
C ALA E 511 3.06 48.79 -35.50
N THR E 512 2.03 48.27 -36.18
CA THR E 512 2.14 47.89 -37.58
C THR E 512 2.27 49.15 -38.42
N LEU E 513 1.52 50.20 -38.03
CA LEU E 513 1.56 51.48 -38.71
C LEU E 513 2.88 52.14 -38.54
N GLU E 514 3.48 52.06 -37.36
CA GLU E 514 4.84 52.58 -37.19
C GLU E 514 5.82 51.90 -38.12
N ASP E 515 5.77 50.57 -38.17
CA ASP E 515 6.61 49.82 -39.08
C ASP E 515 6.46 50.23 -40.53
N ARG E 516 5.24 50.58 -40.91
CA ARG E 516 4.99 50.99 -42.26
C ARG E 516 5.53 52.36 -42.61
N LEU E 517 5.45 53.32 -41.68
CA LEU E 517 6.08 54.60 -41.88
C LEU E 517 7.61 54.36 -42.06
N GLN E 518 8.18 53.50 -41.21
CA GLN E 518 9.60 53.15 -41.29
C GLN E 518 9.94 52.55 -42.66
N PHE E 519 9.04 51.69 -43.14
CA PHE E 519 9.20 51.07 -44.44
C PHE E 519 9.24 52.14 -45.54
N ILE E 520 8.24 52.99 -45.52
CA ILE E 520 8.13 54.09 -46.46
C ILE E 520 9.39 54.96 -46.40
N PHE E 521 9.85 55.28 -45.20
CA PHE E 521 11.03 56.10 -45.03
C PHE E 521 12.26 55.43 -45.60
N ASP E 522 12.41 54.16 -45.28
CA ASP E 522 13.55 53.37 -45.69
C ASP E 522 13.63 53.23 -47.18
N PHE E 523 12.48 53.06 -47.83
CA PHE E 523 12.40 53.00 -49.28
C PHE E 523 12.86 54.34 -49.91
N TYR E 524 12.25 55.45 -49.46
CA TYR E 524 12.57 56.78 -49.97
C TYR E 524 14.04 57.16 -49.79
N LYS E 525 14.59 56.94 -48.60
CA LYS E 525 16.04 57.13 -48.35
C LYS E 525 16.91 56.33 -49.32
N GLY E 526 16.50 55.08 -49.55
CA GLY E 526 17.25 54.13 -50.39
C GLY E 526 17.15 54.48 -51.85
N GLN E 527 15.99 55.01 -52.26
CA GLN E 527 15.71 55.41 -53.63
C GLN E 527 16.55 56.59 -54.09
N ILE E 528 16.94 57.45 -53.18
CA ILE E 528 17.81 58.54 -53.59
C ILE E 528 19.16 58.04 -54.17
N GLU E 529 19.77 57.09 -53.48
CA GLU E 529 21.01 56.50 -53.93
C GLU E 529 20.76 55.71 -55.18
N GLN E 530 19.79 54.81 -55.14
CA GLN E 530 19.62 53.88 -56.25
C GLN E 530 19.30 54.50 -57.63
N ARG E 531 18.56 55.60 -57.62
CA ARG E 531 18.12 56.28 -58.82
C ARG E 531 18.97 57.52 -59.14
N ARG E 532 19.98 57.77 -58.30
CA ARG E 532 20.90 58.86 -58.45
C ARG E 532 20.23 60.22 -58.50
N TRP E 533 19.40 60.52 -57.50
CA TRP E 533 18.75 61.82 -57.39
C TRP E 533 19.67 62.77 -56.66
N TYR E 534 20.70 63.13 -57.40
CA TYR E 534 21.77 63.93 -56.97
C TYR E 534 21.94 65.00 -58.05
N GLY E 535 22.66 66.08 -57.73
CA GLY E 535 22.95 67.11 -58.69
C GLY E 535 22.77 68.51 -58.16
N PHE E 536 23.50 69.41 -58.80
CA PHE E 536 23.56 70.83 -58.43
C PHE E 536 22.19 71.33 -57.99
N LEU E 537 21.18 71.15 -58.85
CA LEU E 537 19.80 71.58 -58.53
C LEU E 537 18.90 70.46 -58.03
N ASP E 538 19.08 69.25 -58.57
CA ASP E 538 18.21 68.11 -58.21
C ASP E 538 18.28 67.65 -56.75
N TYR E 539 19.48 67.57 -56.16
CA TYR E 539 19.66 66.94 -54.85
C TYR E 539 18.67 67.45 -53.81
N GLY E 540 18.01 66.52 -53.12
CA GLY E 540 16.96 66.82 -52.13
C GLY E 540 15.53 66.49 -52.53
N ASP E 541 15.27 66.41 -53.81
CA ASP E 541 13.95 66.09 -54.31
C ASP E 541 13.89 64.59 -54.66
N PHE E 542 12.68 64.13 -55.02
CA PHE E 542 12.41 62.76 -55.42
C PHE E 542 11.24 62.79 -56.41
N MET E 543 10.95 61.67 -57.07
CA MET E 543 9.95 61.71 -58.09
C MET E 543 8.57 61.33 -57.57
N HIS E 544 7.58 61.31 -58.48
CA HIS E 544 6.18 61.35 -58.16
C HIS E 544 5.50 60.01 -58.44
N THR E 545 5.67 59.46 -59.64
CA THR E 545 5.01 58.17 -60.03
C THR E 545 5.93 57.31 -60.88
N TYR E 546 5.78 55.99 -60.73
CA TYR E 546 6.70 54.98 -61.23
C TYR E 546 6.16 54.36 -62.51
N ASP E 547 7.07 53.91 -63.38
CA ASP E 547 6.76 53.21 -64.62
C ASP E 547 7.11 51.74 -64.36
N PRO E 548 6.10 50.87 -64.12
CA PRO E 548 6.32 49.45 -63.83
C PRO E 548 6.89 48.61 -64.95
N ASP E 549 6.69 48.99 -66.20
CA ASP E 549 7.27 48.20 -67.30
C ASP E 549 8.75 48.54 -67.46
N ARG E 550 9.07 49.82 -67.47
CA ARG E 550 10.46 50.22 -67.56
C ARG E 550 11.25 50.07 -66.28
N HIS E 551 10.58 49.92 -65.15
CA HIS E 551 11.24 49.80 -63.87
C HIS E 551 12.05 51.06 -63.51
N THR E 552 11.50 52.24 -63.80
CA THR E 552 12.06 53.53 -63.38
C THR E 552 10.91 54.40 -62.95
N TRP E 553 11.27 55.48 -62.26
CA TRP E 553 10.34 56.51 -61.94
C TRP E 553 10.13 57.21 -63.27
N ARG E 554 9.01 57.92 -63.41
CA ARG E 554 8.60 58.50 -64.69
C ARG E 554 9.24 59.87 -64.88
N TYR E 555 10.56 59.84 -65.00
CA TYR E 555 11.42 61.05 -65.16
C TYR E 555 11.15 61.82 -66.45
N ASP E 556 10.56 61.14 -67.43
CA ASP E 556 10.38 61.66 -68.76
C ASP E 556 8.94 61.86 -69.14
N VAL E 557 8.01 61.76 -68.21
CA VAL E 557 6.61 61.87 -68.56
C VAL E 557 6.03 62.92 -67.66
N GLY E 558 5.98 64.14 -68.23
CA GLY E 558 5.21 65.26 -67.67
C GLY E 558 5.11 65.32 -66.15
N GLY E 559 3.89 65.27 -65.64
CA GLY E 559 3.63 65.50 -64.23
C GLY E 559 4.10 64.44 -63.23
N TYR E 560 4.61 63.32 -63.72
CA TYR E 560 5.00 62.21 -62.88
C TYR E 560 6.47 62.21 -62.50
N ALA E 561 7.24 63.19 -62.99
CA ALA E 561 8.70 63.26 -62.71
C ALA E 561 9.01 63.93 -61.34
N TRP E 562 9.70 65.07 -61.27
CA TRP E 562 10.05 65.63 -59.99
C TRP E 562 8.80 65.99 -59.15
N ASP E 563 8.74 65.59 -57.89
CA ASP E 563 7.48 65.60 -57.12
C ASP E 563 7.08 66.97 -56.58
N ASN E 564 8.07 67.83 -56.36
CA ASN E 564 7.88 69.23 -56.00
C ASN E 564 6.76 69.41 -54.95
N SER E 565 6.92 68.68 -53.86
CA SER E 565 6.00 68.75 -52.74
C SER E 565 4.50 68.54 -53.07
N GLU E 566 4.21 67.78 -54.11
CA GLU E 566 2.83 67.44 -54.39
C GLU E 566 2.31 66.59 -53.24
N LEU E 567 1.16 66.98 -52.73
CA LEU E 567 0.54 66.36 -51.57
C LEU E 567 1.40 66.29 -50.29
N SER E 568 2.24 67.30 -50.09
CA SER E 568 2.83 67.59 -48.77
C SER E 568 3.72 66.51 -48.17
N PRO E 569 4.59 65.89 -48.97
CA PRO E 569 5.63 65.03 -48.38
C PRO E 569 6.44 65.75 -47.33
N ASP E 570 6.75 67.01 -47.58
CA ASP E 570 7.47 67.86 -46.64
C ASP E 570 6.83 67.84 -45.25
N LEU E 571 5.49 67.80 -45.16
CA LEU E 571 4.81 67.67 -43.87
C LEU E 571 5.00 66.26 -43.28
N PHE E 572 4.81 65.22 -44.13
CA PHE E 572 5.02 63.88 -43.64
C PHE E 572 6.44 63.72 -43.07
N PHE E 573 7.45 64.03 -43.87
CA PHE E 573 8.83 63.83 -43.45
C PHE E 573 9.27 64.69 -42.23
N TRP E 574 8.85 65.94 -42.14
CA TRP E 574 9.13 66.72 -40.93
C TRP E 574 8.37 66.20 -39.71
N LEU E 575 7.08 65.87 -39.81
CA LEU E 575 6.39 65.30 -38.63
C LEU E 575 6.98 63.91 -38.27
N TYR E 576 7.44 63.18 -39.28
CA TYR E 576 8.16 61.95 -39.01
C TYR E 576 9.36 62.24 -38.11
N PHE E 577 10.14 63.27 -38.43
CA PHE E 577 11.29 63.62 -37.60
C PHE E 577 10.84 64.00 -36.18
N LEU E 578 9.78 64.81 -36.12
CA LEU E 578 9.38 65.37 -34.85
C LEU E 578 9.06 64.30 -33.81
N ARG E 579 8.33 63.29 -34.27
CA ARG E 579 7.87 62.16 -33.48
C ARG E 579 8.96 61.31 -32.91
N THR E 580 10.01 61.10 -33.69
CA THR E 580 11.02 60.06 -33.40
C THR E 580 12.42 60.53 -33.03
N GLY E 581 12.80 61.74 -33.42
CA GLY E 581 14.15 62.24 -33.21
C GLY E 581 15.22 61.67 -34.12
N SER E 582 14.82 61.02 -35.20
CA SER E 582 15.77 60.20 -36.00
C SER E 582 16.72 61.06 -36.78
N LYS E 583 18.02 60.82 -36.64
CA LYS E 583 18.99 61.62 -37.40
C LYS E 583 18.75 61.53 -38.90
N ASP E 584 18.55 60.31 -39.38
CA ASP E 584 18.37 60.08 -40.80
C ASP E 584 17.17 60.83 -41.31
N ALA E 585 16.15 60.92 -40.48
CA ALA E 585 14.93 61.57 -40.88
C ALA E 585 15.10 63.04 -40.88
N TYR E 586 15.86 63.59 -39.95
CA TYR E 586 16.20 65.04 -39.98
C TYR E 586 16.93 65.33 -41.33
N ARG E 587 17.94 64.53 -41.65
CA ARG E 587 18.77 64.75 -42.83
C ARG E 587 18.01 64.65 -44.15
N PHE E 588 17.13 63.66 -44.26
CA PHE E 588 16.26 63.49 -45.44
C PHE E 588 15.36 64.72 -45.69
N ALA E 589 14.69 65.16 -44.61
CA ALA E 589 13.78 66.32 -44.66
C ALA E 589 14.54 67.69 -44.80
N GLU E 590 15.72 67.78 -44.21
CA GLU E 590 16.54 68.94 -44.37
C GLU E 590 16.89 69.06 -45.88
N ALA E 591 17.48 68.02 -46.46
CA ALA E 591 17.71 68.00 -47.92
C ALA E 591 16.47 68.35 -48.77
N LEU E 592 15.32 67.82 -48.39
CA LEU E 592 14.08 68.13 -49.06
C LEU E 592 13.73 69.62 -48.91
N THR E 593 13.69 70.15 -47.71
CA THR E 593 13.44 71.59 -47.55
C THR E 593 14.42 72.52 -48.29
N ARG E 594 15.69 72.18 -48.27
CA ARG E 594 16.74 72.98 -48.98
C ARG E 594 16.61 73.02 -50.49
N HIS E 595 15.95 72.02 -51.06
CA HIS E 595 15.68 71.96 -52.49
C HIS E 595 14.38 72.65 -52.91
N THR E 596 13.35 72.35 -52.19
CA THR E 596 12.01 72.47 -52.64
C THR E 596 11.58 73.91 -52.38
N GLY E 597 11.97 74.43 -51.20
CA GLY E 597 11.77 75.82 -50.86
C GLY E 597 12.64 76.82 -51.62
N GLU E 598 13.60 76.35 -52.43
CA GLU E 598 14.50 77.22 -53.23
C GLU E 598 14.35 77.01 -54.74
N VAL E 599 14.58 75.79 -55.21
CA VAL E 599 14.59 75.46 -56.63
C VAL E 599 13.18 75.36 -57.19
N ASP E 600 12.22 74.96 -56.33
CA ASP E 600 10.84 74.75 -56.75
C ASP E 600 9.97 75.98 -56.55
N VAL E 601 10.54 77.11 -56.13
CA VAL E 601 9.71 78.31 -55.97
C VAL E 601 10.33 79.53 -56.67
N TYR E 602 9.47 80.52 -57.01
CA TYR E 602 9.96 81.80 -57.60
C TYR E 602 10.24 82.87 -56.54
N HIS E 603 11.41 83.47 -56.62
CA HIS E 603 11.84 84.45 -55.61
C HIS E 603 11.79 85.90 -56.05
N ILE E 604 11.60 86.15 -57.35
CA ILE E 604 11.48 87.50 -57.94
C ILE E 604 10.54 87.38 -59.10
N GLY E 605 10.20 88.51 -59.73
CA GLY E 605 9.40 88.52 -60.93
C GLY E 605 7.96 88.61 -60.55
N ASP E 606 7.08 88.50 -61.54
CA ASP E 606 5.64 88.66 -61.35
C ASP E 606 4.97 87.48 -60.67
N TRP E 607 5.68 86.34 -60.68
CA TRP E 607 5.25 85.13 -60.01
C TRP E 607 6.06 84.86 -58.73
N LYS E 608 6.73 85.88 -58.19
CA LYS E 608 7.39 85.76 -56.87
C LYS E 608 6.39 85.27 -55.83
N GLY E 609 6.78 84.23 -55.08
CA GLY E 609 5.92 83.63 -54.07
C GLY E 609 5.07 82.43 -54.49
N LEU E 610 4.97 82.20 -55.78
CA LEU E 610 4.46 80.95 -56.30
C LEU E 610 5.61 79.99 -56.51
N GLY E 611 5.24 78.70 -56.45
CA GLY E 611 6.12 77.56 -56.83
C GLY E 611 5.52 76.81 -57.98
N THR E 612 6.28 75.86 -58.51
CA THR E 612 5.91 75.15 -59.71
C THR E 612 5.52 73.68 -59.46
N ARG E 613 4.28 73.36 -59.86
CA ARG E 613 3.75 71.99 -59.87
C ARG E 613 4.73 70.95 -60.44
N HIS E 614 4.74 69.78 -59.81
CA HIS E 614 5.50 68.60 -60.27
C HIS E 614 5.69 68.45 -61.79
N GLY E 615 6.94 68.21 -62.22
CA GLY E 615 7.21 67.91 -63.62
C GLY E 615 8.60 67.44 -63.98
N VAL E 616 8.82 67.27 -65.28
CA VAL E 616 10.09 66.77 -65.79
C VAL E 616 11.24 67.67 -65.41
N GLN E 617 10.97 68.96 -65.35
CA GLN E 617 11.90 69.93 -64.79
C GLN E 617 11.22 70.57 -63.62
N HIS E 618 12.02 71.18 -62.73
CA HIS E 618 11.51 71.80 -61.50
C HIS E 618 10.71 73.06 -61.76
N TRP E 619 10.79 73.58 -62.99
CA TRP E 619 10.08 74.78 -63.43
C TRP E 619 9.24 74.52 -64.70
N SER E 620 9.15 73.29 -65.19
CA SER E 620 8.50 73.03 -66.51
C SER E 620 6.98 73.36 -66.56
N ASP E 621 6.23 72.84 -65.60
CA ASP E 621 4.76 72.95 -65.58
C ASP E 621 4.26 74.39 -65.44
N SER E 622 3.05 74.63 -65.96
CA SER E 622 2.44 75.97 -65.96
C SER E 622 1.52 76.30 -64.78
N ALA E 623 1.31 75.36 -63.85
CA ALA E 623 0.54 75.62 -62.63
C ALA E 623 1.48 76.26 -61.66
N LYS E 624 1.42 77.58 -61.58
CA LYS E 624 2.27 78.32 -60.67
C LYS E 624 1.36 78.71 -59.54
N GLN E 625 1.60 78.11 -58.37
CA GLN E 625 0.64 78.10 -57.26
C GLN E 625 1.36 78.23 -55.95
N ALA E 626 0.66 78.80 -54.96
CA ALA E 626 1.18 78.99 -53.59
C ALA E 626 1.25 77.68 -52.78
N ARG E 627 0.57 76.68 -53.29
CA ARG E 627 0.56 75.34 -52.73
C ARG E 627 1.93 74.64 -52.76
N ILE E 628 2.80 75.05 -53.70
CA ILE E 628 4.13 74.52 -53.72
C ILE E 628 5.03 75.30 -52.77
N SER E 629 4.86 76.62 -52.75
CA SER E 629 5.75 77.49 -51.98
C SER E 629 5.33 77.54 -50.54
N GLN E 630 4.07 77.21 -50.28
CA GLN E 630 3.50 76.90 -48.96
C GLN E 630 4.51 76.91 -47.83
N PRO E 631 4.59 78.03 -47.09
CA PRO E 631 5.59 78.16 -46.03
C PRO E 631 5.40 77.27 -44.82
N GLN E 632 4.26 76.59 -44.71
CA GLN E 632 4.10 75.57 -43.68
C GLN E 632 5.13 74.48 -43.83
N TYR E 633 5.46 74.16 -45.08
CA TYR E 633 6.57 73.27 -45.41
C TYR E 633 7.95 73.68 -44.82
N ARG E 634 8.19 74.98 -44.62
CA ARG E 634 9.46 75.47 -44.07
C ARG E 634 9.45 75.75 -42.57
N LYS E 635 8.28 75.68 -41.96
CA LYS E 635 8.09 76.20 -40.59
C LYS E 635 8.86 75.38 -39.53
N TYR E 636 8.78 74.06 -39.68
CA TYR E 636 9.33 73.10 -38.73
C TYR E 636 10.86 73.25 -38.74
N PHE E 637 11.46 73.28 -39.92
CA PHE E 637 12.88 73.47 -40.01
C PHE E 637 13.28 74.88 -39.58
N PHE E 638 12.50 75.89 -39.96
CA PHE E 638 12.82 77.27 -39.60
C PHE E 638 13.07 77.38 -38.11
N TYR E 639 12.15 76.89 -37.31
CA TYR E 639 12.30 76.90 -35.85
C TYR E 639 13.35 75.92 -35.31
N LEU E 640 13.40 74.68 -35.82
CA LEU E 640 14.34 73.66 -35.24
C LEU E 640 15.81 73.97 -35.50
N SER E 641 16.09 74.70 -36.57
CA SER E 641 17.43 75.16 -36.92
C SER E 641 17.92 76.38 -36.11
N GLY E 642 17.03 76.96 -35.31
CA GLY E 642 17.37 78.11 -34.52
C GLY E 642 17.26 79.34 -35.38
N GLY E 643 16.27 79.32 -36.26
CA GLY E 643 15.91 80.52 -37.02
C GLY E 643 16.88 80.75 -38.17
N ASP E 644 17.29 79.67 -38.83
CA ASP E 644 18.06 79.71 -40.07
C ASP E 644 17.62 80.88 -40.95
N GLU E 645 18.57 81.78 -41.18
CA GLU E 645 18.26 83.11 -41.61
C GLU E 645 17.89 83.16 -43.08
N ARG E 646 18.50 82.29 -43.88
CA ARG E 646 18.12 82.14 -45.28
C ARG E 646 16.64 81.81 -45.40
N VAL E 647 16.20 80.76 -44.70
CA VAL E 647 14.81 80.35 -44.72
C VAL E 647 13.95 81.47 -44.12
N GLY E 648 14.49 82.24 -43.15
CA GLY E 648 13.83 83.45 -42.66
C GLY E 648 13.43 84.39 -43.80
N GLU E 649 14.38 84.62 -44.67
CA GLU E 649 14.26 85.52 -45.80
C GLU E 649 13.25 84.96 -46.79
N LEU E 650 13.35 83.66 -47.08
CA LEU E 650 12.39 82.95 -47.91
C LEU E 650 10.94 83.06 -47.39
N LEU E 651 10.80 83.00 -46.08
CA LEU E 651 9.50 83.09 -45.46
C LEU E 651 8.90 84.48 -45.66
N GLU E 652 9.77 85.50 -45.64
CA GLU E 652 9.37 86.88 -45.87
C GLU E 652 9.04 87.16 -47.33
N GLU E 653 9.91 86.69 -48.23
CA GLU E 653 9.63 86.77 -49.66
C GLU E 653 8.19 86.42 -49.98
N LEU E 654 7.65 85.43 -49.28
CA LEU E 654 6.31 84.92 -49.58
C LEU E 654 5.17 85.80 -49.08
N LEU E 655 5.47 86.86 -48.32
CA LEU E 655 4.40 87.75 -47.92
C LEU E 655 3.88 88.54 -49.15
N ASP E 656 4.66 88.58 -50.22
CA ASP E 656 4.18 89.14 -51.48
C ASP E 656 3.31 88.23 -52.35
N THR E 657 2.92 87.05 -51.85
CA THR E 657 2.21 86.08 -52.69
C THR E 657 0.83 86.55 -53.10
N ASP E 658 0.12 87.27 -52.22
CA ASP E 658 -1.26 87.77 -52.56
C ASP E 658 -1.31 88.73 -53.75
N LYS E 659 -0.27 89.54 -53.93
CA LYS E 659 -0.07 90.28 -55.17
C LYS E 659 -0.18 89.45 -56.46
N THR E 660 0.23 88.18 -56.48
CA THR E 660 0.26 87.37 -57.75
C THR E 660 -1.08 87.10 -58.41
N TYR E 661 -2.16 87.17 -57.64
CA TYR E 661 -3.49 86.84 -58.14
C TYR E 661 -4.03 87.96 -58.98
N GLY E 662 -3.39 89.12 -58.91
CA GLY E 662 -3.53 90.16 -59.95
C GLY E 662 -2.84 89.83 -61.28
N GLU E 663 -1.64 89.28 -61.24
CA GLU E 663 -0.88 89.02 -62.46
C GLU E 663 -1.21 87.68 -63.16
N LEU E 664 -1.82 86.73 -62.44
CA LEU E 664 -1.99 85.37 -62.94
C LEU E 664 -3.04 84.64 -62.18
N ASP E 665 -3.91 83.91 -62.88
CA ASP E 665 -5.01 83.16 -62.22
C ASP E 665 -4.77 81.63 -62.26
N PRO E 666 -4.61 80.99 -61.08
CA PRO E 666 -4.33 79.56 -61.07
C PRO E 666 -5.44 78.72 -61.73
N GLN E 667 -6.68 79.22 -61.68
CA GLN E 667 -7.83 78.60 -62.37
C GLN E 667 -8.11 79.07 -63.81
N ARG E 668 -7.23 79.85 -64.43
CA ARG E 668 -7.52 80.46 -65.74
C ARG E 668 -8.07 79.53 -66.82
N LYS E 669 -7.73 78.25 -66.75
CA LYS E 669 -8.07 77.31 -67.81
C LYS E 669 -9.27 76.47 -67.54
N VAL E 670 -9.81 76.51 -66.33
CA VAL E 670 -10.93 75.58 -65.94
C VAL E 670 -12.19 76.20 -65.31
N ARG E 671 -12.05 77.40 -64.74
CA ARG E 671 -13.19 78.13 -64.19
C ARG E 671 -14.21 78.49 -65.27
N THR E 672 -15.49 78.34 -64.91
CA THR E 672 -16.63 78.57 -65.84
C THR E 672 -17.41 79.88 -65.63
N ASP E 673 -17.01 80.67 -64.63
CA ASP E 673 -17.71 81.91 -64.31
C ASP E 673 -17.31 83.13 -65.18
N GLY E 674 -16.39 82.90 -66.15
CA GLY E 674 -15.96 83.91 -67.11
C GLY E 674 -15.11 85.03 -66.54
N TRP E 675 -14.58 84.87 -65.34
CA TRP E 675 -13.82 85.91 -64.66
C TRP E 675 -12.31 85.92 -65.05
N GLU E 676 -11.68 87.09 -64.95
CA GLU E 676 -10.24 87.28 -65.23
C GLU E 676 -9.72 88.39 -64.34
N PRO E 677 -8.40 88.35 -64.02
CA PRO E 677 -7.84 89.53 -63.29
C PRO E 677 -7.79 90.79 -64.15
N SER E 678 -8.09 91.93 -63.56
CA SER E 678 -8.00 93.20 -64.28
C SER E 678 -7.57 94.32 -63.32
N PRO E 679 -7.01 95.40 -63.87
CA PRO E 679 -6.26 96.35 -63.05
C PRO E 679 -7.06 96.95 -61.89
N ASN E 680 -6.44 97.00 -60.71
CA ASN E 680 -7.04 97.62 -59.51
C ASN E 680 -8.39 97.01 -59.11
N SER E 681 -8.57 95.70 -59.33
CA SER E 681 -9.80 94.99 -58.97
C SER E 681 -9.59 94.11 -57.74
N THR E 682 -10.67 93.53 -57.27
CA THR E 682 -10.57 92.36 -56.38
C THR E 682 -9.99 91.17 -57.21
N VAL E 683 -9.42 90.20 -56.49
CA VAL E 683 -8.70 89.06 -57.10
C VAL E 683 -9.16 87.69 -56.56
N SER E 684 -9.20 86.69 -57.45
CA SER E 684 -9.72 85.36 -57.15
C SER E 684 -8.60 84.43 -56.77
N PHE E 685 -8.69 83.90 -55.55
CA PHE E 685 -7.92 82.71 -55.18
C PHE E 685 -8.83 81.67 -54.52
N GLY E 686 -8.29 80.46 -54.41
CA GLY E 686 -8.96 79.35 -53.72
C GLY E 686 -8.92 79.39 -52.20
N LEU E 687 -10.02 78.98 -51.59
CA LEU E 687 -10.12 78.90 -50.13
C LEU E 687 -9.41 77.74 -49.52
N GLY E 688 -8.87 76.85 -50.33
CA GLY E 688 -8.27 75.60 -49.85
C GLY E 688 -6.79 75.56 -50.16
N THR E 689 -6.46 75.31 -51.43
CA THR E 689 -5.06 75.23 -51.83
C THR E 689 -4.41 76.59 -51.61
N ASP E 690 -4.78 77.54 -52.45
CA ASP E 690 -4.22 78.88 -52.42
C ASP E 690 -4.31 79.50 -51.00
N TRP E 691 -5.50 79.60 -50.40
CA TRP E 691 -5.57 80.17 -49.03
C TRP E 691 -4.60 79.55 -47.99
N SER E 692 -4.35 78.23 -48.03
CA SER E 692 -3.50 77.57 -47.01
C SER E 692 -2.04 78.04 -47.06
N GLY E 693 -1.56 78.43 -48.24
CA GLY E 693 -0.21 78.97 -48.39
C GLY E 693 -0.11 80.40 -47.92
N LEU E 694 -1.06 81.23 -48.34
CA LEU E 694 -1.14 82.63 -47.94
C LEU E 694 -1.25 82.70 -46.43
N ALA E 695 -2.20 81.93 -45.88
CA ALA E 695 -2.44 81.88 -44.44
C ALA E 695 -1.22 81.47 -43.62
N ALA E 696 -0.46 80.52 -44.12
CA ALA E 696 0.64 80.01 -43.34
C ALA E 696 1.71 81.05 -43.35
N GLY E 697 1.84 81.76 -44.48
CA GLY E 697 2.74 82.92 -44.57
C GLY E 697 2.44 84.05 -43.57
N TRP E 698 1.15 84.37 -43.44
CA TRP E 698 0.71 85.39 -42.54
C TRP E 698 0.88 84.92 -41.13
N LEU E 699 0.52 83.66 -40.84
CA LEU E 699 0.72 83.17 -39.50
C LEU E 699 2.23 83.16 -39.12
N ILE E 700 3.10 82.76 -40.02
CA ILE E 700 4.52 82.78 -39.68
C ILE E 700 5.02 84.20 -39.37
N GLU E 701 4.67 85.20 -40.20
CA GLU E 701 5.16 86.57 -39.93
C GLU E 701 4.65 87.09 -38.59
N TRP E 702 3.37 86.85 -38.34
CA TRP E 702 2.78 87.25 -37.07
C TRP E 702 3.57 86.65 -35.91
N GLU E 703 3.83 85.34 -35.93
CA GLU E 703 4.60 84.68 -34.84
C GLU E 703 5.95 85.29 -34.64
N ARG E 704 6.62 85.62 -35.75
CA ARG E 704 7.96 86.15 -35.68
C ARG E 704 8.08 87.64 -35.31
N ARG E 705 6.94 88.33 -35.32
CA ARG E 705 6.88 89.77 -35.13
C ARG E 705 7.97 90.46 -35.95
N GLY E 706 8.04 90.11 -37.24
CA GLY E 706 8.88 90.82 -38.21
C GLY E 706 8.22 92.08 -38.81
N PRO E 707 8.99 92.81 -39.65
CA PRO E 707 8.54 94.11 -40.17
C PRO E 707 7.06 94.17 -40.49
N ARG E 708 6.51 93.10 -41.06
CA ARG E 708 5.12 93.10 -41.59
C ARG E 708 4.10 92.33 -40.75
N TRP E 709 4.35 92.20 -39.45
CA TRP E 709 3.46 91.40 -38.65
C TRP E 709 2.03 91.96 -38.53
N GLU E 710 1.90 93.28 -38.38
CA GLU E 710 0.58 93.90 -38.22
C GLU E 710 -0.27 93.69 -39.46
N GLU E 711 0.36 93.84 -40.64
CA GLU E 711 -0.25 93.45 -41.92
C GLU E 711 -0.65 91.97 -42.01
N ALA E 712 0.28 91.12 -41.58
CA ALA E 712 0.09 89.68 -41.57
C ALA E 712 -1.09 89.32 -40.68
N LYS E 713 -1.09 89.84 -39.46
CA LYS E 713 -2.22 89.69 -38.55
C LYS E 713 -3.56 90.12 -39.16
N THR E 714 -3.59 91.25 -39.85
CA THR E 714 -4.83 91.74 -40.41
C THR E 714 -5.27 90.85 -41.56
N LYS E 715 -4.36 90.50 -42.46
CA LYS E 715 -4.73 89.65 -43.58
C LYS E 715 -5.28 88.27 -43.15
N LEU E 716 -4.59 87.63 -42.21
CA LEU E 716 -5.06 86.37 -41.67
C LEU E 716 -6.47 86.55 -41.07
N THR E 717 -6.60 87.46 -40.10
CA THR E 717 -7.86 87.66 -39.38
C THR E 717 -9.01 88.06 -40.29
N ASN E 718 -8.74 88.91 -41.26
CA ASN E 718 -9.81 89.34 -42.18
C ASN E 718 -10.32 88.16 -43.03
N THR E 719 -9.38 87.43 -43.63
CA THR E 719 -9.70 86.33 -44.55
C THR E 719 -10.37 85.13 -43.83
N ILE E 720 -10.04 84.96 -42.54
CA ILE E 720 -10.71 83.97 -41.68
C ILE E 720 -12.16 84.43 -41.51
N ALA E 721 -12.34 85.68 -41.06
CA ALA E 721 -13.70 86.30 -40.98
C ALA E 721 -14.43 86.25 -42.32
N GLY E 722 -13.73 86.58 -43.40
CA GLY E 722 -14.29 86.39 -44.74
C GLY E 722 -14.86 85.00 -44.97
N ILE E 723 -14.02 83.97 -44.79
CA ILE E 723 -14.43 82.57 -44.99
C ILE E 723 -15.60 82.26 -44.07
N ALA E 724 -15.51 82.69 -42.81
CA ALA E 724 -16.60 82.47 -41.84
C ALA E 724 -17.98 82.96 -42.33
N ASN E 725 -17.99 84.12 -42.99
CA ASN E 725 -19.24 84.78 -43.45
C ASN E 725 -19.71 84.41 -44.84
N LEU E 726 -18.95 83.59 -45.56
CA LEU E 726 -19.49 82.95 -46.75
C LEU E 726 -20.60 82.02 -46.32
N THR E 727 -21.64 81.92 -47.14
CA THR E 727 -22.84 81.20 -46.73
C THR E 727 -22.51 79.73 -46.53
N ASN E 728 -21.72 79.15 -47.41
CA ASN E 728 -21.29 77.76 -47.28
C ASN E 728 -19.81 77.59 -46.87
N GLY E 729 -19.22 78.60 -46.28
CA GLY E 729 -17.84 78.52 -45.81
C GLY E 729 -16.79 78.02 -46.80
N PHE E 730 -15.95 77.10 -46.33
CA PHE E 730 -14.95 76.43 -47.18
C PHE E 730 -15.52 75.67 -48.39
N VAL E 731 -16.79 75.27 -48.32
CA VAL E 731 -17.45 74.54 -49.39
C VAL E 731 -17.64 75.48 -50.58
N THR E 732 -17.82 76.77 -50.32
CA THR E 732 -17.58 77.81 -51.35
C THR E 732 -16.23 77.51 -51.99
N GLY E 733 -16.13 77.43 -53.29
CA GLY E 733 -14.79 77.07 -53.84
C GLY E 733 -13.62 78.01 -53.53
N SER E 734 -13.96 79.30 -53.58
CA SER E 734 -13.04 80.37 -53.81
C SER E 734 -13.71 81.66 -53.35
N GLY E 735 -12.87 82.67 -53.18
CA GLY E 735 -13.34 84.00 -52.83
C GLY E 735 -12.81 85.01 -53.81
N LEU E 736 -13.12 86.27 -53.48
CA LEU E 736 -12.62 87.46 -54.15
C LEU E 736 -12.02 88.37 -53.08
N TYR E 737 -10.72 88.60 -53.19
CA TYR E 737 -9.92 89.29 -52.18
C TYR E 737 -9.62 90.69 -52.67
N ASP E 738 -9.70 91.66 -51.78
CA ASP E 738 -9.44 93.07 -52.12
C ASP E 738 -8.02 93.38 -51.70
N PRO E 739 -7.14 93.68 -52.64
CA PRO E 739 -5.76 93.95 -52.23
C PRO E 739 -5.53 95.27 -51.48
N VAL E 740 -6.54 96.14 -51.28
CA VAL E 740 -6.38 97.41 -50.53
C VAL E 740 -7.10 97.39 -49.15
N THR E 741 -8.34 96.90 -49.11
CA THR E 741 -9.08 96.73 -47.82
C THR E 741 -8.65 95.45 -47.08
N TRP E 742 -8.03 94.52 -47.83
CA TRP E 742 -7.59 93.23 -47.32
C TRP E 742 -8.77 92.40 -46.82
N THR E 743 -9.81 92.26 -47.62
CA THR E 743 -11.01 91.55 -47.19
C THR E 743 -11.32 90.48 -48.20
N LEU E 744 -12.26 89.60 -47.83
CA LEU E 744 -12.57 88.44 -48.62
C LEU E 744 -14.07 88.30 -48.68
N GLY E 745 -14.60 88.50 -49.88
CA GLY E 745 -16.01 88.27 -50.18
C GLY E 745 -16.17 87.13 -51.17
N PRO E 746 -17.41 86.85 -51.58
CA PRO E 746 -17.73 85.64 -52.33
C PRO E 746 -17.25 85.63 -53.77
N PRO E 747 -17.33 84.48 -54.45
CA PRO E 747 -16.74 84.39 -55.79
C PRO E 747 -17.58 85.08 -56.85
N PRO E 748 -16.99 85.29 -58.04
CA PRO E 748 -17.67 86.04 -59.11
C PRO E 748 -19.12 85.66 -59.32
N SER E 749 -19.42 84.37 -59.45
CA SER E 749 -20.79 83.89 -59.70
C SER E 749 -21.78 83.97 -58.50
N ASP E 750 -21.38 84.53 -57.35
CA ASP E 750 -22.28 84.61 -56.18
C ASP E 750 -22.09 85.94 -55.44
N PRO E 751 -22.22 87.09 -56.15
CA PRO E 751 -22.00 88.43 -55.54
C PRO E 751 -22.85 88.72 -54.29
N GLY E 752 -24.07 88.14 -54.21
CA GLY E 752 -24.95 88.34 -53.06
C GLY E 752 -24.98 87.12 -52.17
N ASN E 753 -23.81 86.49 -51.98
CA ASN E 753 -23.61 85.39 -51.02
C ASN E 753 -24.76 84.40 -50.75
N ARG E 754 -25.55 84.09 -51.79
CA ARG E 754 -26.70 83.20 -51.69
C ARG E 754 -26.28 81.79 -51.22
N GLY E 755 -25.06 81.37 -51.59
CA GLY E 755 -24.53 80.01 -51.35
C GLY E 755 -23.89 79.45 -52.61
N ASN E 756 -22.67 78.94 -52.49
CA ASN E 756 -21.97 78.28 -53.60
C ASN E 756 -21.23 77.01 -53.14
N VAL E 757 -21.08 76.06 -54.08
CA VAL E 757 -20.53 74.72 -53.81
C VAL E 757 -19.54 74.34 -54.89
N SER E 758 -18.29 74.19 -54.49
CA SER E 758 -17.24 73.74 -55.39
C SER E 758 -16.19 73.04 -54.53
N ILE E 759 -16.20 71.71 -54.64
CA ILE E 759 -15.36 70.83 -53.83
C ILE E 759 -14.20 70.37 -54.65
N SER E 760 -13.00 70.40 -54.09
CA SER E 760 -11.85 69.75 -54.69
C SER E 760 -11.14 68.82 -53.71
N HIS E 761 -10.74 67.66 -54.21
CA HIS E 761 -9.97 66.73 -53.43
C HIS E 761 -8.61 67.30 -53.03
N LEU E 762 -8.13 68.32 -53.76
CA LEU E 762 -6.85 68.93 -53.47
C LEU E 762 -6.84 69.91 -52.31
N ASN E 763 -7.99 70.47 -51.94
CA ASN E 763 -8.03 71.56 -50.99
C ASN E 763 -7.39 71.37 -49.64
N ALA E 764 -7.45 70.17 -49.09
CA ALA E 764 -7.02 69.96 -47.69
C ALA E 764 -5.69 69.24 -47.57
N VAL E 765 -5.06 68.93 -48.69
CA VAL E 765 -3.86 68.08 -48.66
C VAL E 765 -2.52 68.85 -48.94
N PHE E 766 -2.60 70.20 -48.84
CA PHE E 766 -1.47 71.09 -49.00
C PHE E 766 -1.25 72.00 -47.81
N GLY E 767 -1.76 71.57 -46.67
CA GLY E 767 -1.46 72.21 -45.39
C GLY E 767 -2.62 72.79 -44.65
N LEU E 768 -3.81 72.73 -45.25
CA LEU E 768 -4.98 73.44 -44.73
C LEU E 768 -5.30 73.09 -43.28
N PRO E 769 -5.39 71.81 -42.92
CA PRO E 769 -5.78 71.51 -41.55
C PRO E 769 -4.73 71.87 -40.55
N GLU E 770 -3.47 71.77 -40.96
CA GLU E 770 -2.35 72.06 -40.08
C GLU E 770 -2.33 73.55 -39.75
N VAL E 771 -2.47 74.38 -40.79
CA VAL E 771 -2.50 75.83 -40.65
C VAL E 771 -3.76 76.33 -39.96
N VAL E 772 -4.93 75.84 -40.36
CA VAL E 772 -6.13 76.20 -39.63
C VAL E 772 -6.02 75.93 -38.12
N SER E 773 -5.56 74.75 -37.72
CA SER E 773 -5.55 74.43 -36.29
C SER E 773 -4.58 75.31 -35.56
N GLU E 774 -3.37 75.51 -36.10
CA GLU E 774 -2.43 76.54 -35.58
C GLU E 774 -3.06 77.95 -35.53
N ALA E 775 -3.71 78.39 -36.62
CA ALA E 775 -4.44 79.67 -36.72
C ALA E 775 -5.59 79.83 -35.76
N ILE E 776 -6.25 78.72 -35.42
CA ILE E 776 -7.40 78.75 -34.52
C ILE E 776 -6.94 78.95 -33.10
N ALA E 777 -5.85 78.28 -32.76
CA ALA E 777 -5.28 78.36 -31.42
C ALA E 777 -4.54 79.67 -31.18
N TYR E 778 -4.10 80.33 -32.24
CA TYR E 778 -3.34 81.58 -32.14
C TYR E 778 -4.30 82.70 -31.90
N LEU E 779 -5.38 82.73 -32.66
CA LEU E 779 -6.42 83.73 -32.49
C LEU E 779 -7.11 83.66 -31.13
N ALA E 780 -7.20 82.46 -30.55
CA ALA E 780 -7.84 82.23 -29.25
C ALA E 780 -9.25 82.82 -29.20
N ASP E 781 -9.54 83.72 -28.25
CA ASP E 781 -10.83 84.44 -28.18
C ASP E 781 -11.09 85.41 -29.32
N ASP E 782 -10.03 85.93 -29.94
CA ASP E 782 -10.21 86.87 -31.06
C ASP E 782 -10.57 86.17 -32.37
N ILE E 783 -10.70 84.83 -32.34
CA ILE E 783 -11.21 84.11 -33.49
C ILE E 783 -12.59 84.64 -33.90
N PRO E 784 -12.77 84.98 -35.19
CA PRO E 784 -14.08 85.39 -35.73
C PRO E 784 -15.24 84.40 -35.53
N LYS E 785 -16.45 84.94 -35.36
CA LYS E 785 -17.66 84.13 -35.12
C LYS E 785 -17.95 83.19 -36.31
N GLY E 786 -18.04 81.89 -36.01
CA GLY E 786 -18.42 80.87 -36.99
C GLY E 786 -17.32 80.34 -37.90
N PHE E 787 -16.07 80.76 -37.69
CA PHE E 787 -15.00 80.24 -38.53
C PHE E 787 -14.79 78.79 -38.18
N LYS E 788 -14.50 78.55 -36.91
CA LYS E 788 -14.30 77.19 -36.43
C LYS E 788 -15.40 76.22 -36.91
N GLN E 789 -16.67 76.66 -36.85
CA GLN E 789 -17.78 75.84 -37.32
C GLN E 789 -17.71 75.50 -38.81
N ALA E 790 -17.26 76.45 -39.62
CA ALA E 790 -17.19 76.22 -41.06
C ALA E 790 -16.08 75.24 -41.40
N TRP E 791 -15.03 75.25 -40.57
CA TRP E 791 -13.93 74.30 -40.70
C TRP E 791 -14.40 72.90 -40.25
N LEU E 792 -15.10 72.81 -39.13
CA LEU E 792 -15.74 71.54 -38.74
C LEU E 792 -16.76 71.04 -39.75
N ASP E 793 -17.46 71.97 -40.40
CA ASP E 793 -18.41 71.64 -41.45
C ASP E 793 -17.66 71.00 -42.60
N TYR E 794 -16.53 71.55 -42.98
CA TYR E 794 -15.79 70.94 -44.06
C TYR E 794 -15.31 69.51 -43.67
N CYS E 795 -14.66 69.42 -42.52
CA CYS E 795 -14.11 68.19 -42.02
C CYS E 795 -15.16 67.07 -41.94
N TYR E 796 -16.35 67.41 -41.44
CA TYR E 796 -17.44 66.47 -41.24
C TYR E 796 -18.12 66.17 -42.58
N TYR E 797 -18.57 67.18 -43.32
CA TYR E 797 -19.34 66.87 -44.53
C TYR E 797 -18.52 66.19 -45.63
N TYR E 798 -17.18 66.28 -45.59
CA TYR E 798 -16.37 65.77 -46.67
C TYR E 798 -16.75 64.34 -47.05
N HIS E 799 -16.90 63.48 -46.06
CA HIS E 799 -17.35 62.10 -46.29
C HIS E 799 -18.50 61.69 -45.38
N ALA E 800 -19.54 62.52 -45.41
CA ALA E 800 -20.83 62.20 -44.82
C ALA E 800 -21.66 61.53 -45.89
N SER E 801 -22.91 61.25 -45.62
CA SER E 801 -23.73 60.67 -46.68
C SER E 801 -24.06 61.73 -47.74
N ALA E 802 -24.37 61.26 -48.94
CA ALA E 802 -24.81 62.12 -50.04
C ALA E 802 -26.06 62.90 -49.61
N SER E 803 -26.98 62.24 -48.92
CA SER E 803 -28.14 62.90 -48.36
C SER E 803 -27.78 63.97 -47.30
N GLU E 804 -26.78 63.70 -46.47
CA GLU E 804 -26.32 64.67 -45.47
C GLU E 804 -25.75 65.92 -46.15
N GLN E 805 -25.01 65.70 -47.21
CA GLN E 805 -24.42 66.76 -47.98
C GLN E 805 -25.48 67.55 -48.73
N LYS E 806 -26.47 66.87 -49.30
CA LYS E 806 -27.63 67.53 -49.96
C LYS E 806 -28.40 68.40 -48.95
N ASP E 807 -28.81 67.81 -47.82
CA ASP E 807 -29.51 68.52 -46.74
C ASP E 807 -28.82 69.86 -46.46
N ARG E 808 -27.49 69.86 -46.45
CA ARG E 808 -26.72 70.98 -45.95
C ARG E 808 -26.38 72.03 -46.97
N TYR E 809 -25.97 71.57 -48.14
CA TYR E 809 -25.43 72.47 -49.15
C TYR E 809 -26.29 72.63 -50.42
N GLY E 810 -27.30 71.75 -50.60
CA GLY E 810 -28.18 71.77 -51.76
C GLY E 810 -27.87 70.70 -52.81
N VAL E 811 -26.62 70.28 -52.90
CA VAL E 811 -26.23 69.12 -53.75
C VAL E 811 -25.29 68.19 -53.00
N SER E 812 -25.25 66.93 -53.44
CA SER E 812 -24.26 65.95 -52.99
C SER E 812 -22.86 66.31 -53.55
N PHE E 813 -21.78 65.92 -52.87
CA PHE E 813 -20.43 66.11 -53.42
C PHE E 813 -20.15 64.98 -54.41
N SER E 814 -19.63 65.35 -55.58
CA SER E 814 -19.56 64.44 -56.73
C SER E 814 -18.20 63.71 -56.84
N LYS E 815 -17.15 64.50 -57.15
CA LYS E 815 -15.80 63.99 -57.39
C LYS E 815 -14.99 63.88 -56.09
N ILE E 816 -15.47 63.08 -55.11
CA ILE E 816 -14.80 62.99 -53.79
C ILE E 816 -13.83 61.84 -53.81
N SER E 817 -12.55 62.14 -53.68
CA SER E 817 -11.53 61.09 -53.65
C SER E 817 -10.52 61.43 -52.54
N LEU E 818 -9.47 60.61 -52.44
CA LEU E 818 -8.42 60.78 -51.45
C LEU E 818 -9.04 60.71 -50.08
N LEU E 819 -9.86 59.69 -49.86
CA LEU E 819 -10.56 59.44 -48.58
C LEU E 819 -9.63 59.04 -47.41
N GLN E 820 -8.65 58.20 -47.67
CA GLN E 820 -7.59 57.97 -46.69
C GLN E 820 -6.88 59.28 -46.28
N ALA E 821 -6.53 60.08 -47.29
CA ALA E 821 -5.96 61.41 -47.06
C ALA E 821 -6.85 62.25 -46.19
N HIS E 822 -8.14 62.22 -46.47
CA HIS E 822 -9.14 62.97 -45.69
C HIS E 822 -9.62 62.33 -44.40
N SER E 823 -9.20 61.11 -44.09
CA SER E 823 -9.53 60.49 -42.82
C SER E 823 -9.12 61.35 -41.62
N ARG E 824 -7.99 62.03 -41.76
CA ARG E 824 -7.48 62.95 -40.74
C ARG E 824 -8.27 64.24 -40.47
N LEU E 825 -9.26 64.59 -41.30
CA LEU E 825 -10.15 65.73 -41.01
C LEU E 825 -11.28 65.24 -40.12
N ALA E 826 -11.84 64.07 -40.45
CA ALA E 826 -12.71 63.34 -39.56
C ALA E 826 -12.05 63.16 -38.20
N ALA E 827 -10.78 62.77 -38.20
CA ALA E 827 -10.06 62.56 -36.95
C ALA E 827 -10.02 63.81 -36.08
N TYR E 828 -9.64 64.93 -36.69
CA TYR E 828 -9.62 66.24 -36.00
C TYR E 828 -11.03 66.65 -35.54
N ALA E 829 -12.00 66.56 -36.42
CA ALA E 829 -13.39 66.85 -36.06
C ALA E 829 -13.85 66.00 -34.89
N ALA E 830 -13.51 64.71 -34.92
CA ALA E 830 -13.87 63.76 -33.89
C ALA E 830 -13.32 64.16 -32.53
N TYR E 831 -12.02 64.46 -32.50
CA TYR E 831 -11.37 64.92 -31.27
C TYR E 831 -12.05 66.20 -30.70
N GLU E 832 -12.27 67.19 -31.55
CA GLU E 832 -12.82 68.46 -31.05
C GLU E 832 -14.29 68.38 -30.59
N THR E 833 -15.13 67.58 -31.26
CA THR E 833 -16.52 67.36 -30.84
C THR E 833 -16.73 66.24 -29.79
N LYS E 834 -15.68 65.52 -29.43
CA LYS E 834 -15.75 64.37 -28.52
C LYS E 834 -16.64 63.23 -29.05
N ASN E 835 -16.69 63.06 -30.37
CA ASN E 835 -17.63 62.13 -30.98
C ASN E 835 -16.91 60.88 -31.43
N LYS E 836 -17.16 59.78 -30.73
CA LYS E 836 -16.49 58.51 -30.96
C LYS E 836 -16.91 57.88 -32.33
N THR E 837 -18.17 58.00 -32.65
CA THR E 837 -18.66 57.50 -33.94
C THR E 837 -17.94 58.12 -35.16
N LEU E 838 -17.55 59.39 -35.05
CA LEU E 838 -16.80 60.09 -36.08
C LEU E 838 -15.31 59.66 -36.09
N ALA E 839 -14.74 59.41 -34.91
CA ALA E 839 -13.41 58.86 -34.86
C ALA E 839 -13.33 57.55 -35.63
N LEU E 840 -14.39 56.74 -35.57
CA LEU E 840 -14.46 55.46 -36.26
C LEU E 840 -14.64 55.68 -37.76
N ARG E 841 -15.26 56.77 -38.16
CA ARG E 841 -15.25 57.10 -39.60
C ARG E 841 -13.81 57.30 -40.10
N ALA E 842 -13.05 58.02 -39.30
CA ALA E 842 -11.66 58.22 -39.55
C ALA E 842 -10.91 56.92 -39.76
N TRP E 843 -11.06 55.95 -38.85
CA TRP E 843 -10.29 54.69 -38.99
C TRP E 843 -10.78 53.77 -40.13
N LYS E 844 -12.07 53.84 -40.41
CA LYS E 844 -12.65 53.12 -41.52
C LYS E 844 -12.10 53.66 -42.80
N ASP E 845 -12.09 54.98 -42.91
CA ASP E 845 -11.62 55.60 -44.16
C ASP E 845 -10.12 55.39 -44.38
N PHE E 846 -9.35 55.35 -43.30
CA PHE E 846 -7.96 55.01 -43.37
C PHE E 846 -7.71 53.56 -43.80
N TYR E 847 -8.39 52.60 -43.18
CA TYR E 847 -8.16 51.14 -43.43
C TYR E 847 -8.90 50.50 -44.61
N ALA E 848 -9.93 51.16 -45.12
CA ALA E 848 -10.91 50.51 -45.97
C ALA E 848 -11.61 51.50 -46.92
N SER E 849 -10.77 52.27 -47.63
CA SER E 849 -11.21 53.16 -48.75
C SER E 849 -10.18 53.18 -49.90
N ASP E 850 -9.26 54.14 -49.91
CA ASP E 850 -8.33 54.28 -51.03
C ASP E 850 -6.89 54.46 -50.53
N GLY E 851 -5.98 54.96 -51.36
CA GLY E 851 -4.60 55.19 -50.92
C GLY E 851 -3.90 53.85 -50.78
N LEU E 852 -3.21 53.63 -49.65
CA LEU E 852 -2.52 52.37 -49.39
C LEU E 852 -3.34 51.53 -48.44
N LEU E 853 -3.86 50.41 -48.95
CA LEU E 853 -4.75 49.55 -48.13
C LEU E 853 -3.88 48.71 -47.22
N PRO E 854 -4.42 48.26 -46.11
CA PRO E 854 -3.61 47.47 -45.18
C PRO E 854 -3.08 46.15 -45.76
N ASP E 855 -3.75 45.62 -46.77
CA ASP E 855 -3.33 44.38 -47.40
C ASP E 855 -2.75 44.65 -48.79
N ALA E 856 -2.22 45.84 -49.08
CA ALA E 856 -1.38 46.05 -50.25
C ALA E 856 -0.08 45.28 -50.00
N PRO E 857 0.76 45.12 -51.02
CA PRO E 857 1.85 44.17 -50.84
C PRO E 857 2.82 44.48 -49.70
N TRP E 858 3.00 45.75 -49.39
CA TRP E 858 3.89 46.17 -48.33
C TRP E 858 5.26 45.50 -48.40
N ASN E 859 5.88 45.57 -49.59
CA ASN E 859 7.26 45.08 -49.77
C ASN E 859 7.99 45.69 -50.99
N ILE E 860 9.27 45.33 -51.14
CA ILE E 860 10.04 45.72 -52.28
C ILE E 860 10.35 44.48 -53.13
N THR E 861 10.47 44.66 -54.44
CA THR E 861 10.93 43.65 -55.36
C THR E 861 12.26 44.16 -55.92
N HIS E 862 13.23 43.27 -56.00
CA HIS E 862 14.53 43.60 -56.53
C HIS E 862 14.51 43.27 -58.00
N VAL E 863 14.96 44.22 -58.82
CA VAL E 863 15.00 44.04 -60.26
C VAL E 863 16.40 44.25 -60.74
N ASP E 864 16.87 43.32 -61.58
CA ASP E 864 18.28 43.28 -62.07
C ASP E 864 18.37 42.61 -63.46
N GLY E 865 19.59 42.30 -63.91
CA GLY E 865 19.81 41.79 -65.26
C GLY E 865 19.44 42.76 -66.37
N SER E 866 19.07 42.21 -67.54
CA SER E 866 18.84 43.01 -68.73
C SER E 866 17.60 43.83 -68.72
N ASP E 867 16.81 43.82 -67.65
CA ASP E 867 15.57 44.61 -67.61
C ASP E 867 15.86 46.06 -67.36
N VAL E 868 17.01 46.35 -66.78
CA VAL E 868 17.30 47.67 -66.28
C VAL E 868 18.77 48.00 -66.37
N LEU E 869 19.06 49.30 -66.29
CA LEU E 869 20.42 49.83 -66.45
C LEU E 869 21.30 49.37 -65.29
N VAL E 870 20.81 49.55 -64.07
CA VAL E 870 21.52 49.08 -62.86
C VAL E 870 20.51 48.39 -61.93
N PRO E 871 20.97 47.55 -61.00
CA PRO E 871 20.00 46.93 -60.10
C PRO E 871 19.23 47.95 -59.30
N VAL E 872 17.91 47.76 -59.17
CA VAL E 872 17.02 48.62 -58.41
C VAL E 872 15.95 47.85 -57.64
N ASP E 873 15.52 48.46 -56.54
CA ASP E 873 14.44 47.95 -55.70
C ASP E 873 13.23 48.76 -56.05
N GLU E 874 12.08 48.13 -56.18
CA GLU E 874 10.86 48.86 -56.47
C GLU E 874 9.68 48.53 -55.57
N ALA E 875 8.74 49.47 -55.56
CA ALA E 875 7.49 49.35 -54.86
C ALA E 875 6.42 49.86 -55.82
N ALA E 876 6.16 49.08 -56.88
CA ALA E 876 5.28 49.49 -58.00
C ALA E 876 3.89 49.90 -57.51
N TRP E 877 3.48 49.24 -56.44
CA TRP E 877 2.18 49.38 -55.80
C TRP E 877 1.96 50.72 -55.06
N LEU E 878 2.98 51.58 -54.97
CA LEU E 878 2.83 52.94 -54.40
C LEU E 878 3.34 54.02 -55.30
N ALA E 879 2.95 55.23 -54.94
CA ALA E 879 3.36 56.45 -55.59
C ALA E 879 3.48 57.51 -54.48
N THR E 880 4.17 58.60 -54.73
CA THR E 880 4.47 59.55 -53.65
C THR E 880 3.21 60.23 -53.03
N ASN E 881 2.25 60.66 -53.86
CA ASN E 881 0.94 61.06 -53.36
C ASN E 881 0.45 60.08 -52.26
N ASP E 882 0.54 58.78 -52.55
CA ASP E 882 0.07 57.76 -51.60
C ASP E 882 0.81 57.79 -50.23
N ILE E 883 2.14 57.81 -50.24
CA ILE E 883 2.92 57.74 -49.01
C ILE E 883 2.89 59.02 -48.20
N ALA E 884 2.82 60.19 -48.84
CA ALA E 884 2.69 61.47 -48.12
C ALA E 884 1.39 61.53 -47.30
N GLN E 885 0.27 61.20 -47.95
CA GLN E 885 -1.04 61.25 -47.28
C GLN E 885 -1.26 60.06 -46.37
N TYR E 886 -0.75 58.89 -46.74
CA TYR E 886 -0.77 57.75 -45.82
C TYR E 886 -0.08 58.17 -44.52
N GLY E 887 1.12 58.72 -44.66
CA GLY E 887 1.92 59.01 -43.51
C GLY E 887 1.34 60.10 -42.65
N LEU E 888 0.62 61.02 -43.27
CA LEU E 888 0.02 62.11 -42.53
C LEU E 888 -1.21 61.63 -41.84
N ALA E 889 -1.93 60.72 -42.48
CA ALA E 889 -3.13 60.13 -41.90
C ALA E 889 -2.77 59.29 -40.72
N VAL E 890 -1.66 58.57 -40.81
CA VAL E 890 -1.21 57.74 -39.68
C VAL E 890 -0.91 58.62 -38.50
N ILE E 891 -0.10 59.64 -38.77
CA ILE E 891 0.44 60.48 -37.72
C ILE E 891 -0.67 61.25 -37.09
N GLN E 892 -1.48 61.86 -37.92
CA GLN E 892 -2.54 62.68 -37.38
C GLN E 892 -3.71 61.88 -36.74
N ASN E 893 -4.13 60.77 -37.35
CA ASN E 893 -5.17 59.93 -36.78
C ASN E 893 -4.69 59.36 -35.43
N LEU E 894 -3.43 58.89 -35.33
CA LEU E 894 -2.89 58.47 -34.01
C LEU E 894 -2.91 59.58 -32.92
N ALA E 895 -2.60 60.81 -33.32
CA ALA E 895 -2.58 61.90 -32.37
C ALA E 895 -3.99 62.29 -31.89
N TYR E 896 -4.96 62.35 -32.80
CA TYR E 896 -6.36 62.75 -32.46
C TYR E 896 -7.26 61.66 -31.92
N VAL E 897 -7.18 60.44 -32.47
CA VAL E 897 -8.15 59.39 -32.21
C VAL E 897 -7.53 58.00 -31.98
N SER E 898 -6.39 57.92 -31.29
CA SER E 898 -5.84 56.59 -30.99
C SER E 898 -6.66 55.91 -29.94
N ASP E 899 -7.37 56.67 -29.11
CA ASP E 899 -8.31 56.08 -28.15
C ASP E 899 -9.29 55.11 -28.83
N SER E 900 -9.66 55.47 -30.08
CA SER E 900 -10.58 54.72 -30.88
C SER E 900 -9.98 53.68 -31.82
N LEU E 901 -8.65 53.54 -31.85
CA LEU E 901 -8.01 52.56 -32.73
C LEU E 901 -8.33 51.07 -32.41
N ASP E 902 -8.11 50.65 -31.17
CA ASP E 902 -8.48 49.28 -30.79
C ASP E 902 -10.00 49.03 -30.83
N ASP E 903 -10.78 50.05 -30.46
CA ASP E 903 -12.24 50.07 -30.61
C ASP E 903 -12.65 49.72 -32.07
N TYR E 904 -11.98 50.32 -33.06
CA TYR E 904 -12.25 49.99 -34.49
C TYR E 904 -11.85 48.55 -34.82
N GLN E 905 -10.65 48.17 -34.42
CA GLN E 905 -10.13 46.83 -34.64
C GLN E 905 -10.98 45.63 -34.15
N SER E 906 -11.89 45.79 -33.19
CA SER E 906 -12.86 44.69 -32.86
C SER E 906 -14.18 44.65 -33.71
N ASN F 2 9.83 -74.66 41.72
CA ASN F 2 9.15 -75.52 40.68
C ASN F 2 7.82 -74.96 40.12
N CYS F 3 7.07 -74.27 40.99
CA CYS F 3 5.76 -73.68 40.70
C CYS F 3 5.40 -73.22 39.26
N THR F 4 4.36 -73.82 38.71
CA THR F 4 3.69 -73.33 37.48
C THR F 4 2.28 -72.89 37.86
N SER F 5 1.93 -71.65 37.50
CA SER F 5 0.59 -71.08 37.78
C SER F 5 0.08 -70.15 36.67
N SER F 6 -1.23 -70.17 36.48
CA SER F 6 -1.91 -69.32 35.51
C SER F 6 -3.39 -69.11 35.87
N SER F 7 -4.02 -68.17 35.21
CA SER F 7 -5.39 -67.85 35.55
C SER F 7 -6.27 -67.83 34.34
N ALA F 8 -7.56 -68.10 34.53
CA ALA F 8 -8.56 -67.89 33.47
C ALA F 8 -9.84 -67.35 34.03
N THR F 9 -10.47 -66.46 33.27
CA THR F 9 -11.71 -65.86 33.71
C THR F 9 -12.90 -66.42 32.96
N VAL F 10 -14.00 -66.51 33.71
CA VAL F 10 -15.31 -66.90 33.20
C VAL F 10 -16.34 -65.84 33.50
N HIS F 11 -17.23 -65.64 32.55
CA HIS F 11 -18.27 -64.63 32.63
C HIS F 11 -19.63 -65.28 32.47
N TRP F 12 -20.62 -64.58 32.99
CA TRP F 12 -22.00 -64.90 32.69
C TRP F 12 -22.26 -64.76 31.19
N LEU F 13 -23.19 -65.56 30.73
CA LEU F 13 -23.40 -65.73 29.36
C LEU F 13 -24.07 -64.52 28.78
N GLY F 14 -25.03 -63.96 29.51
CA GLY F 14 -25.66 -62.70 29.12
C GLY F 14 -25.35 -61.67 30.18
N ASP F 15 -26.41 -61.00 30.65
CA ASP F 15 -26.34 -60.11 31.83
C ASP F 15 -26.11 -60.95 33.11
N LYS F 16 -25.53 -60.36 34.16
CA LYS F 16 -25.42 -61.10 35.44
C LYS F 16 -26.79 -61.47 36.01
N PRO F 17 -26.90 -62.65 36.66
CA PRO F 17 -28.17 -63.04 37.26
C PRO F 17 -28.44 -62.34 38.58
N THR F 18 -29.71 -62.20 38.90
CA THR F 18 -30.15 -61.80 40.24
C THR F 18 -30.20 -63.02 41.18
N TYR F 19 -30.27 -64.20 40.59
CA TYR F 19 -30.23 -65.46 41.32
C TYR F 19 -29.48 -66.54 40.52
N HIS F 20 -28.65 -67.30 41.22
CA HIS F 20 -28.24 -68.59 40.75
C HIS F 20 -28.25 -69.54 41.95
N ALA F 21 -28.16 -70.85 41.67
CA ALA F 21 -28.46 -71.94 42.62
C ALA F 21 -27.33 -72.99 42.64
N GLY F 22 -26.13 -72.48 42.47
CA GLY F 22 -24.96 -73.24 42.14
C GLY F 22 -24.78 -73.56 40.68
N VAL F 23 -23.55 -73.43 40.20
CA VAL F 23 -23.27 -73.63 38.79
C VAL F 23 -21.98 -74.38 38.54
N THR F 24 -22.01 -75.13 37.43
CA THR F 24 -20.89 -75.85 36.95
C THR F 24 -20.42 -75.21 35.66
N PHE F 25 -19.12 -75.24 35.43
CA PHE F 25 -18.55 -74.72 34.18
C PHE F 25 -17.25 -75.38 33.78
N GLY F 26 -16.90 -75.23 32.51
CA GLY F 26 -15.72 -75.86 31.93
C GLY F 26 -14.57 -74.87 31.85
N LEU F 27 -13.32 -75.39 31.96
CA LEU F 27 -12.12 -74.59 31.64
C LEU F 27 -11.10 -75.37 30.90
N PRO F 28 -10.56 -74.82 29.82
CA PRO F 28 -9.45 -75.44 29.13
C PRO F 28 -8.10 -75.05 29.66
N TRP F 29 -7.07 -75.82 29.31
CA TRP F 29 -5.70 -75.58 29.80
C TRP F 29 -4.67 -75.97 28.71
N PRO F 30 -3.55 -75.23 28.61
CA PRO F 30 -2.56 -75.52 27.54
C PRO F 30 -2.01 -76.94 27.60
N GLN F 31 -1.85 -77.56 26.43
CA GLN F 31 -1.20 -78.86 26.30
C GLN F 31 0.13 -78.91 27.06
N GLY F 32 0.22 -79.81 28.03
CA GLY F 32 1.44 -80.10 28.78
C GLY F 32 1.63 -79.34 30.08
N LYS F 33 0.70 -78.46 30.44
CA LYS F 33 1.00 -77.49 31.51
C LYS F 33 0.75 -77.99 32.93
N TYR F 34 -0.40 -78.66 33.15
CA TYR F 34 -0.89 -79.11 34.45
C TYR F 34 -1.12 -80.63 34.51
N ARG F 35 -0.61 -81.27 35.55
CA ARG F 35 -0.76 -82.73 35.68
C ARG F 35 -1.97 -82.98 36.51
N PRO F 36 -2.72 -84.04 36.18
CA PRO F 36 -3.92 -84.29 36.95
C PRO F 36 -3.49 -84.79 38.27
N GLN F 37 -4.27 -84.48 39.29
CA GLN F 37 -3.99 -84.93 40.64
C GLN F 37 -2.80 -84.17 41.29
N GLU F 38 -2.14 -83.29 40.54
CA GLU F 38 -0.99 -82.50 41.03
C GLU F 38 -1.26 -81.01 40.82
N THR F 39 -2.53 -80.60 40.91
CA THR F 39 -2.94 -79.30 40.50
C THR F 39 -4.17 -78.88 41.28
N SER F 40 -4.09 -77.70 41.90
CA SER F 40 -5.17 -77.15 42.68
C SER F 40 -5.64 -75.87 42.03
N PHE F 41 -6.84 -75.43 42.41
CA PHE F 41 -7.57 -74.41 41.67
C PHE F 41 -8.22 -73.54 42.70
N SER F 42 -8.16 -72.23 42.57
CA SER F 42 -8.90 -71.39 43.50
C SER F 42 -9.62 -70.24 42.80
N LEU F 43 -10.70 -69.81 43.44
CA LEU F 43 -11.65 -68.90 42.86
C LEU F 43 -11.30 -67.50 43.31
N THR F 44 -11.67 -66.51 42.49
CA THR F 44 -11.62 -65.07 42.87
C THR F 44 -12.85 -64.37 42.24
N GLY F 45 -13.47 -63.46 42.99
CA GLY F 45 -14.54 -62.57 42.51
C GLY F 45 -14.15 -61.13 42.82
N ASP F 46 -13.64 -60.43 41.78
CA ASP F 46 -13.29 -58.97 41.76
C ASP F 46 -13.26 -58.18 43.13
N GLU F 52 -11.25 -71.19 46.90
CA GLU F 52 -11.61 -72.52 47.40
C GLU F 52 -11.74 -73.46 46.22
N LEU F 53 -12.88 -73.37 45.56
CA LEU F 53 -13.24 -74.08 44.32
C LEU F 53 -13.19 -75.56 44.08
N GLN F 54 -14.36 -76.12 43.86
CA GLN F 54 -14.56 -77.52 43.56
C GLN F 54 -14.23 -77.87 42.14
N SER F 55 -13.26 -78.73 41.91
CA SER F 55 -12.84 -79.04 40.57
C SER F 55 -12.59 -80.48 40.27
N TRP F 56 -12.66 -80.83 39.00
CA TRP F 56 -12.36 -82.18 38.53
C TRP F 56 -12.09 -82.14 37.04
N ALA F 57 -11.66 -83.27 36.49
CA ALA F 57 -11.24 -83.39 35.11
C ALA F 57 -12.33 -83.97 34.19
N THR F 58 -12.50 -83.35 33.02
CA THR F 58 -13.35 -83.90 31.97
C THR F 58 -12.58 -84.36 30.78
N GLY F 59 -11.37 -83.85 30.61
CA GLY F 59 -10.58 -84.19 29.45
C GLY F 59 -9.10 -84.06 29.68
N TYR F 60 -8.32 -84.84 28.95
CA TYR F 60 -6.88 -84.86 29.11
C TYR F 60 -6.22 -84.74 27.74
N TRP F 61 -4.95 -84.32 27.71
CA TRP F 61 -4.19 -84.26 26.46
C TRP F 61 -3.54 -85.62 26.18
N ALA F 62 -3.00 -85.82 24.98
CA ALA F 62 -2.35 -87.11 24.63
C ALA F 62 -1.25 -87.43 25.63
N ASP F 63 -0.47 -86.42 25.99
CA ASP F 63 0.57 -86.55 27.04
C ASP F 63 0.10 -86.80 28.52
N GLY F 64 -1.21 -86.88 28.76
CA GLY F 64 -1.76 -87.06 30.12
C GLY F 64 -2.08 -85.79 30.90
N SER F 65 -1.71 -84.60 30.37
CA SER F 65 -1.92 -83.35 31.10
C SER F 65 -3.39 -82.97 30.98
N LEU F 66 -3.87 -82.11 31.87
CA LEU F 66 -5.26 -81.64 31.87
C LEU F 66 -5.59 -80.79 30.66
N LYS F 67 -6.65 -81.13 29.93
CA LYS F 67 -7.09 -80.42 28.72
C LYS F 67 -8.33 -79.59 29.00
N TRP F 68 -9.33 -80.25 29.59
CA TRP F 68 -10.56 -79.62 30.10
C TRP F 68 -10.78 -80.04 31.54
N THR F 69 -11.28 -79.11 32.33
CA THR F 69 -11.74 -79.34 33.68
C THR F 69 -13.12 -78.77 33.82
N ALA F 70 -13.80 -79.28 34.84
CA ALA F 70 -15.12 -78.85 35.26
C ALA F 70 -14.99 -78.26 36.68
N HIS F 71 -15.83 -77.29 37.01
CA HIS F 71 -15.74 -76.65 38.30
C HIS F 71 -17.12 -76.35 38.77
N ALA F 72 -17.28 -76.31 40.10
CA ALA F 72 -18.58 -76.03 40.69
C ALA F 72 -18.46 -75.01 41.81
N ILE F 73 -19.40 -74.08 41.84
CA ILE F 73 -19.60 -73.20 43.00
C ILE F 73 -20.98 -73.38 43.67
N ALA F 74 -21.04 -73.06 44.96
CA ALA F 74 -22.26 -73.15 45.74
C ALA F 74 -23.28 -72.11 45.31
N GLU F 75 -24.55 -72.28 45.66
CA GLU F 75 -25.45 -71.13 45.71
C GLU F 75 -24.91 -70.10 46.73
N SER F 76 -24.88 -68.86 46.27
CA SER F 76 -24.44 -67.73 47.04
C SER F 76 -25.35 -66.59 46.70
N ASN F 77 -25.70 -65.81 47.72
CA ASN F 77 -26.49 -64.63 47.53
C ASN F 77 -25.60 -63.52 46.96
N GLN F 78 -24.26 -63.67 47.08
CA GLN F 78 -23.28 -62.77 46.42
C GLN F 78 -22.98 -63.22 45.02
N ILE F 79 -23.18 -62.34 44.06
CA ILE F 79 -23.02 -62.68 42.66
C ILE F 79 -22.15 -61.64 41.99
N TYR F 80 -21.02 -62.09 41.47
CA TYR F 80 -20.02 -61.19 40.86
C TYR F 80 -20.24 -61.02 39.37
N ASP F 81 -19.55 -60.04 38.77
CA ASP F 81 -19.59 -59.81 37.30
C ASP F 81 -18.70 -60.82 36.55
N GLN F 82 -17.57 -61.16 37.17
CA GLN F 82 -16.68 -62.24 36.71
C GLN F 82 -16.07 -63.07 37.84
N TYR F 83 -15.54 -64.22 37.44
CA TYR F 83 -14.93 -65.19 38.37
C TYR F 83 -13.59 -65.63 37.75
N THR F 84 -12.53 -65.65 38.56
CA THR F 84 -11.24 -65.99 38.05
C THR F 84 -10.70 -67.21 38.77
N VAL F 85 -10.35 -68.24 38.00
CA VAL F 85 -9.79 -69.47 38.53
C VAL F 85 -8.31 -69.31 38.38
N THR F 86 -7.55 -69.50 39.46
CA THR F 86 -6.12 -69.62 39.35
C THR F 86 -5.75 -71.08 39.58
N ALA F 87 -5.03 -71.66 38.62
CA ALA F 87 -4.45 -72.99 38.74
C ALA F 87 -3.08 -72.89 39.33
N SER F 88 -2.71 -73.83 40.21
CA SER F 88 -1.32 -73.91 40.73
C SER F 88 -0.92 -75.36 40.84
N SER F 89 0.32 -75.67 40.45
CA SER F 89 0.91 -76.96 40.73
C SER F 89 1.21 -77.13 42.23
N LEU F 90 1.60 -78.36 42.61
CA LEU F 90 1.85 -78.69 44.02
C LEU F 90 3.07 -77.95 44.51
N GLY F 91 4.07 -77.78 43.63
CA GLY F 91 5.31 -77.09 43.92
C GLY F 91 5.17 -75.66 44.39
N CYS F 92 4.07 -75.03 44.03
CA CYS F 92 3.82 -73.70 44.52
C CYS F 92 3.69 -73.74 46.02
N VAL F 93 2.98 -74.72 46.58
CA VAL F 93 2.77 -74.81 48.03
C VAL F 93 3.85 -75.66 48.78
N LYS F 94 4.33 -76.71 48.14
CA LYS F 94 5.34 -77.60 48.71
C LYS F 94 6.74 -77.01 48.87
N SER F 95 7.04 -75.87 48.23
CA SER F 95 8.30 -75.12 48.47
C SER F 95 8.10 -73.74 49.13
N SER F 96 6.85 -73.49 49.57
CA SER F 96 6.36 -72.20 50.05
C SER F 96 7.14 -71.64 51.25
N SER F 97 6.90 -72.21 52.42
CA SER F 97 7.20 -71.56 53.70
C SER F 97 6.46 -70.17 53.89
N SER F 98 5.14 -70.26 54.05
CA SER F 98 4.28 -69.14 54.43
C SER F 98 3.06 -69.73 55.17
N SER F 99 2.66 -69.13 56.29
CA SER F 99 1.48 -69.62 57.03
C SER F 99 0.21 -69.15 56.29
N SER F 100 -0.75 -70.07 56.11
CA SER F 100 -2.08 -69.77 55.53
C SER F 100 -3.18 -70.16 56.53
N GLU F 101 -4.14 -69.28 56.80
CA GLU F 101 -5.33 -69.65 57.56
C GLU F 101 -6.13 -70.73 56.81
N SER F 102 -6.47 -71.83 57.49
CA SER F 102 -7.39 -72.86 56.95
C SER F 102 -8.77 -72.51 57.48
N SER F 103 -9.73 -72.37 56.57
CA SER F 103 -11.06 -71.86 56.90
C SER F 103 -12.13 -72.80 56.36
N ALA F 104 -13.26 -72.85 57.06
CA ALA F 104 -14.43 -73.63 56.65
C ALA F 104 -15.23 -72.84 55.63
N PRO F 105 -15.70 -73.49 54.54
CA PRO F 105 -16.80 -72.86 53.78
C PRO F 105 -18.06 -72.58 54.61
N ASN F 106 -18.84 -71.61 54.13
CA ASN F 106 -20.12 -71.17 54.75
C ASN F 106 -21.15 -72.31 54.83
N SER F 107 -21.21 -73.10 53.76
CA SER F 107 -22.08 -74.27 53.65
C SER F 107 -21.35 -75.40 52.91
N SER F 108 -21.70 -76.64 53.24
CA SER F 108 -21.09 -77.82 52.63
C SER F 108 -22.08 -78.98 52.63
N ILE F 109 -21.91 -79.91 51.71
CA ILE F 109 -22.86 -81.01 51.53
C ILE F 109 -22.39 -82.26 52.29
N VAL F 110 -23.34 -82.91 52.94
CA VAL F 110 -23.08 -84.16 53.62
C VAL F 110 -24.12 -85.18 53.11
N VAL F 111 -23.63 -86.34 52.67
CA VAL F 111 -24.46 -87.42 52.22
C VAL F 111 -24.25 -88.52 53.23
N THR F 112 -25.33 -89.12 53.74
CA THR F 112 -25.25 -90.34 54.52
C THR F 112 -25.79 -91.44 53.62
N ASP F 113 -25.27 -92.65 53.79
CA ASP F 113 -25.59 -93.80 52.94
C ASP F 113 -26.02 -94.97 53.82
N ASN F 114 -26.92 -95.80 53.27
CA ASN F 114 -27.15 -97.16 53.76
C ASN F 114 -27.85 -97.97 52.68
N SER F 115 -28.15 -99.23 52.98
CA SER F 115 -28.64 -100.17 51.96
C SER F 115 -30.08 -99.89 51.49
N ASP F 116 -30.83 -99.07 52.26
CA ASP F 116 -32.16 -98.58 51.84
C ASP F 116 -32.08 -97.32 50.99
N ALA F 117 -31.34 -96.33 51.46
CA ALA F 117 -31.47 -95.00 50.91
C ALA F 117 -30.24 -94.13 51.08
N LEU F 118 -30.09 -93.24 50.11
CA LEU F 118 -29.07 -92.24 50.06
C LEU F 118 -29.70 -90.89 50.46
N THR F 119 -29.23 -90.27 51.52
CA THR F 119 -29.72 -88.95 51.88
C THR F 119 -28.67 -87.90 51.48
N VAL F 120 -29.09 -86.77 50.93
CA VAL F 120 -28.20 -85.69 50.51
C VAL F 120 -28.67 -84.39 51.11
N ASN F 121 -27.85 -83.84 52.02
CA ASN F 121 -28.19 -82.63 52.77
C ASN F 121 -27.35 -81.53 52.21
N THR F 122 -27.96 -80.39 51.86
CA THR F 122 -27.22 -79.23 51.36
C THR F 122 -27.05 -78.14 52.42
N GLY F 123 -27.66 -78.31 53.59
CA GLY F 123 -27.75 -77.27 54.63
C GLY F 123 -28.93 -76.33 54.46
N GLU F 124 -29.70 -76.54 53.38
CA GLU F 124 -31.00 -75.89 53.09
C GLU F 124 -32.12 -76.90 52.80
N VAL F 125 -31.77 -78.02 52.16
CA VAL F 125 -32.65 -79.16 52.04
C VAL F 125 -31.94 -80.45 52.27
N ALA F 126 -32.72 -81.46 52.59
CA ALA F 126 -32.20 -82.81 52.67
C ALA F 126 -33.18 -83.72 51.94
N VAL F 127 -32.68 -84.44 50.95
CA VAL F 127 -33.54 -85.27 50.16
C VAL F 127 -33.04 -86.70 50.11
N SER F 128 -33.96 -87.65 50.32
CA SER F 128 -33.62 -89.07 50.33
C SER F 128 -33.86 -89.69 48.97
N PHE F 129 -33.06 -90.66 48.58
CA PHE F 129 -33.24 -91.37 47.33
C PHE F 129 -33.18 -92.87 47.65
N PRO F 130 -34.33 -93.54 47.62
CA PRO F 130 -34.33 -94.98 47.79
C PRO F 130 -33.49 -95.68 46.76
N LYS F 131 -32.94 -96.83 47.14
CA LYS F 131 -32.20 -97.70 46.22
C LYS F 131 -33.09 -98.73 45.52
N GLY F 132 -34.38 -98.77 45.90
CA GLY F 132 -35.34 -99.63 45.25
C GLY F 132 -36.76 -99.14 45.46
N GLY F 133 -37.67 -99.82 44.80
CA GLY F 133 -39.07 -99.43 44.84
C GLY F 133 -39.45 -98.53 43.68
N ASN F 134 -40.63 -97.94 43.80
CA ASN F 134 -41.19 -97.07 42.81
C ASN F 134 -41.41 -95.65 43.37
N VAL F 135 -40.52 -95.21 44.24
CA VAL F 135 -40.47 -93.83 44.72
C VAL F 135 -39.00 -93.38 44.58
N ILE F 136 -38.79 -92.35 43.76
CA ILE F 136 -37.45 -91.81 43.44
C ILE F 136 -36.97 -90.90 44.54
N ILE F 137 -37.89 -90.18 45.16
CA ILE F 137 -37.58 -89.39 46.33
C ILE F 137 -38.50 -89.75 47.53
N GLY F 138 -37.91 -90.18 48.64
CA GLY F 138 -38.63 -90.46 49.87
C GLY F 138 -39.27 -89.21 50.40
N ASP F 139 -38.45 -88.25 50.78
CA ASP F 139 -38.92 -86.93 51.23
C ASP F 139 -37.88 -85.82 51.05
N ILE F 140 -38.34 -84.60 51.15
CA ILE F 140 -37.52 -83.45 51.04
C ILE F 140 -37.77 -82.69 52.31
N LYS F 141 -36.74 -82.56 53.15
CA LYS F 141 -36.84 -81.82 54.42
C LYS F 141 -36.07 -80.52 54.26
N THR F 142 -36.59 -79.44 54.87
CA THR F 142 -35.86 -78.18 55.07
C THR F 142 -34.91 -78.27 56.28
N LYS F 143 -34.10 -77.21 56.46
CA LYS F 143 -33.11 -77.07 57.58
C LYS F 143 -33.68 -77.49 58.93
N SER F 144 -34.84 -76.87 59.23
CA SER F 144 -35.77 -77.21 60.33
C SER F 144 -35.92 -78.73 60.56
N GLY F 145 -36.12 -79.47 59.49
CA GLY F 145 -36.38 -80.91 59.53
C GLY F 145 -37.79 -81.25 59.09
N LYS F 146 -38.59 -80.23 58.79
CA LYS F 146 -39.96 -80.49 58.36
C LYS F 146 -40.00 -81.00 56.92
N VAL F 147 -40.82 -82.01 56.73
CA VAL F 147 -41.07 -82.57 55.42
C VAL F 147 -41.99 -81.62 54.68
N ILE F 148 -41.52 -81.21 53.52
CA ILE F 148 -42.27 -80.32 52.65
C ILE F 148 -42.74 -80.96 51.35
N GLY F 149 -42.25 -82.16 51.05
CA GLY F 149 -42.80 -82.98 50.00
C GLY F 149 -42.18 -84.35 50.04
N ALA F 150 -42.90 -85.34 49.48
CA ALA F 150 -42.54 -86.76 49.58
C ALA F 150 -43.00 -87.60 48.40
N ASN F 151 -42.48 -88.81 48.34
CA ASN F 151 -42.82 -89.74 47.28
C ASN F 151 -42.78 -89.15 45.87
N GLY F 152 -41.72 -88.40 45.62
CA GLY F 152 -41.30 -88.10 44.27
C GLY F 152 -41.32 -89.37 43.43
N ARG F 153 -42.21 -89.40 42.44
CA ARG F 153 -42.41 -90.61 41.66
C ARG F 153 -42.63 -90.25 40.19
N LEU F 154 -42.32 -91.18 39.30
CA LEU F 154 -42.46 -90.98 37.87
C LEU F 154 -43.77 -91.63 37.44
N VAL F 155 -44.65 -90.86 36.78
CA VAL F 155 -45.91 -91.41 36.29
C VAL F 155 -45.86 -91.58 34.77
N LEU F 156 -46.55 -92.60 34.27
CA LEU F 156 -46.57 -92.88 32.85
C LEU F 156 -47.84 -93.63 32.53
N GLN F 157 -48.56 -93.15 31.52
CA GLN F 157 -49.83 -93.71 31.10
C GLN F 157 -49.77 -93.97 29.58
N SER F 158 -50.18 -95.15 29.14
CA SER F 158 -50.28 -95.45 27.70
C SER F 158 -51.69 -95.95 27.27
N GLN F 159 -51.84 -96.25 25.97
CA GLN F 159 -53.04 -96.96 25.48
C GLN F 159 -52.63 -97.90 24.38
N ASP F 160 -53.45 -98.91 24.13
CA ASP F 160 -53.05 -100.04 23.28
C ASP F 160 -53.42 -99.83 21.82
N SER F 161 -54.24 -98.81 21.58
CA SER F 161 -54.67 -98.47 20.24
C SER F 161 -55.32 -97.08 20.18
N VAL F 162 -55.64 -96.70 18.95
CA VAL F 162 -56.10 -95.37 18.58
C VAL F 162 -57.28 -95.49 17.59
N PRO F 163 -58.37 -94.78 17.87
CA PRO F 163 -59.43 -94.86 16.84
C PRO F 163 -59.01 -94.10 15.58
N ASP F 164 -59.47 -94.58 14.42
CA ASP F 164 -59.32 -93.90 13.14
C ASP F 164 -59.59 -92.40 13.17
N ASN F 165 -60.57 -92.02 14.02
CA ASN F 165 -61.10 -90.66 14.10
C ASN F 165 -62.09 -90.62 15.26
N PHE F 166 -62.71 -89.46 15.48
CA PHE F 166 -63.57 -89.21 16.67
C PHE F 166 -64.84 -90.05 16.62
N ASP F 167 -65.45 -90.08 15.45
CA ASP F 167 -66.61 -90.94 15.17
C ASP F 167 -66.34 -92.41 15.53
N ASN F 168 -65.11 -92.86 15.34
CA ASN F 168 -64.74 -94.26 15.54
C ASN F 168 -64.55 -94.67 17.04
N ARG F 169 -64.58 -93.71 17.96
CA ARG F 169 -64.56 -94.00 19.41
C ARG F 169 -65.69 -94.98 19.82
N ALA F 170 -66.85 -94.80 19.19
CA ALA F 170 -68.01 -95.67 19.38
C ALA F 170 -67.74 -97.16 19.14
N ASN F 171 -67.01 -97.46 18.07
CA ASN F 171 -66.81 -98.84 17.60
C ASN F 171 -65.37 -99.34 17.81
N SER F 172 -64.56 -98.63 18.59
CA SER F 172 -63.11 -98.94 18.69
C SER F 172 -62.62 -98.69 20.12
N PRO F 173 -62.76 -99.70 21.03
CA PRO F 173 -62.49 -99.44 22.45
C PRO F 173 -60.98 -99.33 22.79
N ILE F 174 -60.68 -98.46 23.77
CA ILE F 174 -59.30 -98.16 24.23
C ILE F 174 -58.98 -98.85 25.59
N GLN F 175 -58.12 -99.88 25.58
CA GLN F 175 -57.55 -100.39 26.84
C GLN F 175 -56.39 -99.42 27.34
N TYR F 176 -56.65 -98.64 28.39
CA TYR F 176 -55.61 -97.86 29.09
C TYR F 176 -54.71 -98.65 30.13
N SER F 177 -53.39 -98.45 30.08
CA SER F 177 -52.44 -98.87 31.14
C SER F 177 -51.90 -97.66 31.96
N ASN F 178 -51.48 -97.90 33.21
CA ASN F 178 -50.76 -96.94 34.06
C ASN F 178 -49.49 -97.57 34.57
N PHE F 179 -48.45 -96.76 34.78
CA PHE F 179 -47.12 -97.19 35.22
C PHE F 179 -46.43 -96.20 36.22
N ASP F 180 -45.56 -96.77 37.07
CA ASP F 180 -44.66 -96.06 38.00
C ASP F 180 -43.27 -96.30 37.47
N GLY F 181 -42.34 -95.43 37.84
CA GLY F 181 -40.92 -95.68 37.63
C GLY F 181 -40.30 -96.59 38.69
N ASN F 182 -39.70 -97.68 38.25
CA ASN F 182 -39.15 -98.71 39.09
C ASN F 182 -37.64 -98.52 39.07
N ILE F 183 -37.06 -98.28 40.24
CA ILE F 183 -35.63 -98.06 40.37
C ILE F 183 -34.82 -99.34 40.25
N ASN F 184 -33.70 -99.29 39.53
CA ASN F 184 -32.77 -100.42 39.43
C ASN F 184 -31.35 -100.14 39.95
N GLU F 185 -30.83 -98.93 39.72
CA GLU F 185 -29.55 -98.52 40.29
C GLU F 185 -29.65 -97.10 40.80
N VAL F 186 -28.82 -96.81 41.78
CA VAL F 186 -28.61 -95.46 42.23
C VAL F 186 -27.11 -95.28 42.39
N PHE F 187 -26.56 -94.24 41.75
CA PHE F 187 -25.12 -93.89 41.84
C PHE F 187 -25.01 -92.49 42.44
N VAL F 188 -23.84 -92.16 42.99
CA VAL F 188 -23.63 -90.80 43.50
C VAL F 188 -22.19 -90.31 43.21
N ASN F 189 -22.10 -89.10 42.67
CA ASN F 189 -20.86 -88.35 42.50
C ASN F 189 -20.95 -87.22 43.51
N GLN F 190 -20.36 -87.45 44.67
CA GLN F 190 -20.39 -86.47 45.76
C GLN F 190 -19.16 -85.56 45.79
N THR F 191 -19.42 -84.27 46.03
CA THR F 191 -18.39 -83.28 46.38
C THR F 191 -19.05 -82.33 47.36
N SER F 192 -18.25 -81.54 48.06
CA SER F 192 -18.78 -80.54 49.04
C SER F 192 -19.73 -79.50 48.43
N ALA F 193 -19.44 -79.13 47.20
CA ALA F 193 -20.16 -78.04 46.53
C ALA F 193 -21.31 -78.58 45.75
N ARG F 194 -21.14 -79.77 45.20
CA ARG F 194 -22.12 -80.32 44.27
C ARG F 194 -22.16 -81.83 44.26
N THR F 195 -23.36 -82.36 44.48
CA THR F 195 -23.59 -83.78 44.41
C THR F 195 -24.63 -84.07 43.34
N LEU F 196 -24.31 -85.09 42.53
CA LEU F 196 -25.12 -85.56 41.41
C LEU F 196 -25.60 -86.96 41.80
N VAL F 197 -26.93 -87.12 41.94
CA VAL F 197 -27.53 -88.43 42.16
C VAL F 197 -28.16 -88.89 40.83
N THR F 198 -27.64 -89.99 40.29
CA THR F 198 -28.04 -90.55 39.00
C THR F 198 -28.89 -91.81 39.27
N VAL F 199 -30.20 -91.76 39.00
CA VAL F 199 -31.10 -92.90 39.22
C VAL F 199 -31.57 -93.57 37.94
N ARG F 200 -31.37 -94.87 37.77
CA ARG F 200 -31.82 -95.58 36.59
C ARG F 200 -32.94 -96.58 36.87
N GLY F 201 -33.67 -96.92 35.80
CA GLY F 201 -34.76 -97.85 35.91
C GLY F 201 -35.61 -98.01 34.68
N ASN F 202 -36.84 -98.49 34.91
CA ASN F 202 -37.81 -98.91 33.89
C ASN F 202 -39.10 -98.32 34.37
N HIS F 203 -40.12 -98.35 33.52
CA HIS F 203 -41.48 -98.17 33.98
C HIS F 203 -42.23 -99.52 34.04
N THR F 204 -42.90 -99.77 35.16
CA THR F 204 -43.61 -101.03 35.33
C THR F 204 -45.04 -100.75 35.68
N VAL F 205 -45.88 -101.66 35.23
CA VAL F 205 -47.31 -101.45 35.21
C VAL F 205 -47.96 -101.54 36.57
N THR F 206 -49.00 -100.77 36.79
CA THR F 206 -49.69 -100.71 38.08
C THR F 206 -51.20 -100.96 37.94
N ASP F 207 -51.87 -100.19 37.10
CA ASP F 207 -53.30 -100.30 36.81
C ASP F 207 -53.35 -100.67 35.32
N GLY F 208 -54.40 -101.39 34.88
CA GLY F 208 -54.56 -101.76 33.46
C GLY F 208 -53.73 -102.97 33.01
N THR F 209 -53.60 -103.16 31.70
CA THR F 209 -53.33 -104.51 31.15
C THR F 209 -51.83 -104.87 31.28
N ASP F 210 -51.51 -106.15 31.54
CA ASP F 210 -50.09 -106.55 31.73
C ASP F 210 -49.36 -106.06 30.49
N HIS F 211 -48.27 -105.37 30.76
CA HIS F 211 -47.37 -104.84 29.76
C HIS F 211 -45.98 -105.07 30.32
N ASP F 212 -45.06 -105.55 29.50
CA ASP F 212 -43.69 -105.78 30.00
C ASP F 212 -43.10 -104.48 30.56
N PRO F 213 -42.11 -104.60 31.46
CA PRO F 213 -41.46 -103.34 31.89
C PRO F 213 -40.86 -102.61 30.67
N TRP F 214 -40.94 -101.28 30.64
CA TRP F 214 -40.47 -100.52 29.44
C TRP F 214 -40.18 -99.06 29.73
N LEU F 215 -39.72 -98.37 28.68
CA LEU F 215 -39.43 -96.94 28.70
C LEU F 215 -38.36 -96.67 29.71
N PRO F 216 -37.14 -97.18 29.47
CA PRO F 216 -36.10 -96.99 30.45
C PRO F 216 -35.75 -95.54 30.66
N PHE F 217 -35.52 -95.19 31.92
CA PHE F 217 -35.20 -93.83 32.31
C PHE F 217 -33.84 -93.72 33.00
N VAL F 218 -33.31 -92.51 32.96
CA VAL F 218 -32.22 -92.09 33.81
C VAL F 218 -32.63 -90.74 34.34
N VAL F 219 -32.49 -90.53 35.64
CA VAL F 219 -32.81 -89.24 36.19
C VAL F 219 -31.66 -88.76 37.06
N ARG F 220 -31.13 -87.58 36.70
CA ARG F 220 -29.97 -86.96 37.32
C ARG F 220 -30.39 -85.77 38.15
N PHE F 221 -29.99 -85.81 39.41
CA PHE F 221 -30.38 -84.81 40.37
C PHE F 221 -29.11 -84.06 40.73
N TYR F 222 -29.10 -82.77 40.45
CA TYR F 222 -27.95 -81.93 40.76
C TYR F 222 -28.34 -81.13 42.01
N LEU F 223 -27.64 -81.36 43.12
CA LEU F 223 -27.79 -80.56 44.32
C LEU F 223 -26.48 -79.85 44.61
N TYR F 224 -26.59 -78.65 45.16
CA TYR F 224 -25.47 -77.77 45.36
C TYR F 224 -25.54 -77.20 46.77
N ALA F 225 -24.40 -77.06 47.44
CA ALA F 225 -24.35 -76.51 48.80
C ALA F 225 -25.10 -75.20 48.93
N ASN F 226 -25.80 -75.02 50.05
CA ASN F 226 -26.56 -73.78 50.33
C ASN F 226 -27.72 -73.57 49.33
N SER F 227 -28.26 -74.67 48.76
CA SER F 227 -29.38 -74.60 47.79
C SER F 227 -30.58 -75.51 48.09
N ALA F 228 -31.74 -74.85 48.13
CA ALA F 228 -33.06 -75.50 48.13
C ALA F 228 -33.61 -75.76 46.72
N THR F 229 -32.82 -75.49 45.67
CA THR F 229 -33.17 -75.66 44.24
C THR F 229 -32.46 -76.91 43.73
N ILE F 230 -33.09 -77.65 42.85
CA ILE F 230 -32.56 -78.94 42.39
C ILE F 230 -32.83 -79.07 40.90
N LYS F 231 -31.80 -79.30 40.12
CA LYS F 231 -31.92 -79.37 38.67
C LYS F 231 -31.99 -80.82 38.37
N VAL F 232 -33.04 -81.22 37.67
CA VAL F 232 -33.39 -82.63 37.39
C VAL F 232 -33.30 -82.87 35.88
N MET F 233 -32.38 -83.70 35.40
CA MET F 233 -32.35 -84.07 33.98
C MET F 233 -33.04 -85.46 33.76
N HIS F 234 -34.29 -85.43 33.37
CA HIS F 234 -35.09 -86.62 33.14
C HIS F 234 -34.86 -87.08 31.70
N SER F 235 -34.37 -88.30 31.51
CA SER F 235 -34.12 -88.86 30.18
C SER F 235 -34.90 -90.15 29.99
N ILE F 236 -35.59 -90.32 28.86
CA ILE F 236 -36.24 -91.61 28.54
C ILE F 236 -35.84 -92.12 27.18
N VAL F 237 -35.92 -93.44 27.02
CA VAL F 237 -35.66 -94.08 25.73
C VAL F 237 -36.99 -94.69 25.21
N PHE F 238 -37.47 -94.28 24.02
CA PHE F 238 -38.69 -94.88 23.47
C PHE F 238 -38.49 -96.37 23.06
N ASP F 239 -39.11 -97.21 23.88
CA ASP F 239 -38.95 -98.65 23.89
C ASP F 239 -40.07 -99.43 23.16
N GLY F 240 -41.19 -98.76 22.88
CA GLY F 240 -42.41 -99.43 22.46
C GLY F 240 -42.50 -99.79 21.00
N ASP F 241 -43.66 -100.38 20.67
CA ASP F 241 -43.97 -100.92 19.34
C ASP F 241 -45.23 -100.25 18.85
N GLU F 242 -45.62 -100.51 17.60
CA GLU F 242 -46.92 -100.09 17.02
C GLU F 242 -48.04 -99.85 18.06
N ASN F 243 -48.17 -100.76 19.04
CA ASN F 243 -49.33 -100.76 19.95
C ASN F 243 -49.18 -99.98 21.26
N ASP F 244 -48.08 -99.23 21.39
CA ASP F 244 -47.82 -98.43 22.58
C ASP F 244 -47.89 -96.96 22.22
N PHE F 245 -48.91 -96.29 22.75
CA PHE F 245 -49.18 -94.91 22.48
C PHE F 245 -49.08 -94.26 23.82
N ILE F 246 -48.02 -93.48 24.02
CA ILE F 246 -47.86 -92.73 25.26
C ILE F 246 -48.99 -91.69 25.29
N THR F 247 -49.71 -91.63 26.40
CA THR F 247 -50.85 -90.71 26.60
C THR F 247 -50.59 -89.68 27.72
N GLY F 248 -49.61 -90.00 28.57
CA GLY F 248 -49.27 -89.23 29.77
C GLY F 248 -47.85 -89.57 30.26
N LEU F 249 -47.13 -88.53 30.69
CA LEU F 249 -45.74 -88.66 31.08
C LEU F 249 -45.46 -87.54 32.06
N GLY F 250 -44.93 -87.90 33.23
CA GLY F 250 -44.85 -86.94 34.33
C GLY F 250 -44.04 -87.32 35.53
N ILE F 251 -43.95 -86.35 36.43
CA ILE F 251 -43.25 -86.45 37.69
C ILE F 251 -44.23 -85.92 38.70
N ARG F 252 -44.36 -86.64 39.81
CA ARG F 252 -45.35 -86.33 40.86
C ARG F 252 -44.71 -86.36 42.26
N PHE F 253 -45.24 -85.50 43.13
CA PHE F 253 -44.86 -85.45 44.53
C PHE F 253 -46.11 -85.30 45.41
N ASP F 254 -46.07 -85.92 46.61
CA ASP F 254 -47.07 -85.67 47.66
C ASP F 254 -46.56 -84.50 48.41
N VAL F 255 -47.47 -83.69 48.94
CA VAL F 255 -47.16 -82.52 49.72
C VAL F 255 -48.05 -82.54 50.99
N PRO F 256 -47.45 -82.72 52.19
CA PRO F 256 -48.19 -82.73 53.45
C PRO F 256 -48.85 -81.39 53.74
N LEU F 257 -50.17 -81.40 53.80
CA LEU F 257 -50.92 -80.21 54.12
C LEU F 257 -51.64 -80.30 55.45
N LYS F 258 -51.96 -81.51 55.93
CA LYS F 258 -52.58 -81.70 57.27
C LYS F 258 -51.94 -80.79 58.30
N GLY F 259 -52.79 -80.05 59.00
CA GLY F 259 -52.34 -79.09 59.97
C GLY F 259 -52.59 -77.67 59.49
N GLU F 260 -52.58 -77.45 58.17
CA GLU F 260 -52.82 -76.10 57.62
C GLU F 260 -54.28 -75.75 57.45
N GLU F 261 -54.72 -74.70 58.12
CA GLU F 261 -56.04 -74.13 57.87
C GLU F 261 -56.20 -73.88 56.37
N TYR F 262 -57.33 -74.26 55.78
CA TYR F 262 -57.51 -74.16 54.31
C TYR F 262 -57.20 -72.76 53.74
N TYR F 263 -57.50 -71.72 54.50
CA TYR F 263 -57.17 -70.35 54.15
C TYR F 263 -55.69 -69.99 54.19
N ASP F 264 -54.84 -70.92 54.62
CA ASP F 264 -53.38 -70.78 54.60
C ASP F 264 -52.71 -71.86 53.73
N ARG F 265 -53.47 -72.49 52.84
CA ARG F 265 -52.89 -73.35 51.81
C ARG F 265 -52.86 -72.52 50.55
N HIS F 266 -51.74 -72.52 49.84
CA HIS F 266 -51.55 -71.64 48.72
C HIS F 266 -51.22 -72.39 47.46
N ILE F 267 -51.78 -71.84 46.39
CA ILE F 267 -51.60 -72.33 45.05
C ILE F 267 -51.02 -71.18 44.22
N ARG F 268 -49.97 -71.50 43.47
CA ARG F 268 -49.44 -70.61 42.42
C ARG F 268 -49.08 -71.32 41.12
N PHE F 269 -49.35 -70.62 40.02
CA PHE F 269 -48.91 -71.01 38.70
C PHE F 269 -48.23 -69.83 38.08
N ALA F 270 -47.07 -70.08 37.47
CA ALA F 270 -46.41 -69.07 36.64
C ALA F 270 -47.23 -68.92 35.41
N GLY F 271 -47.43 -67.67 35.02
CA GLY F 271 -48.17 -67.28 33.81
C GLY F 271 -47.27 -66.66 32.73
N VAL F 272 -47.71 -65.55 32.17
CA VAL F 272 -47.10 -65.01 30.99
C VAL F 272 -46.15 -63.93 31.42
N ASP F 273 -44.94 -64.02 30.86
CA ASP F 273 -43.80 -63.18 31.25
C ASP F 273 -43.48 -63.46 32.70
N GLY F 274 -43.53 -62.45 33.57
CA GLY F 274 -43.28 -62.63 35.02
C GLY F 274 -44.55 -62.61 35.86
N GLY F 275 -45.64 -63.05 35.24
CA GLY F 275 -46.92 -63.20 35.88
C GLY F 275 -46.92 -64.39 36.82
N ILE F 276 -47.68 -64.26 37.90
CA ILE F 276 -47.96 -65.35 38.83
C ILE F 276 -49.45 -65.33 39.19
N PHE F 277 -50.03 -66.53 39.16
CA PHE F 277 -51.41 -66.78 39.59
C PHE F 277 -51.40 -67.06 41.10
N ASN F 278 -52.16 -66.25 41.86
CA ASN F 278 -52.08 -66.29 43.35
C ASN F 278 -53.45 -66.61 44.00
N GLU F 279 -53.59 -67.84 44.49
CA GLU F 279 -54.79 -68.23 45.23
C GLU F 279 -54.56 -69.06 46.52
N ALA F 280 -55.66 -69.17 47.28
CA ALA F 280 -55.75 -70.07 48.39
C ALA F 280 -56.77 -71.18 48.10
N VAL F 281 -56.57 -72.34 48.73
CA VAL F 281 -57.54 -73.44 48.70
C VAL F 281 -58.91 -72.95 49.18
N GLN F 282 -58.94 -72.05 50.16
CA GLN F 282 -60.18 -71.42 50.60
C GLN F 282 -59.97 -69.94 50.77
N GLY F 283 -60.54 -69.17 49.87
CA GLY F 283 -60.27 -67.76 49.73
C GLY F 283 -61.24 -66.85 50.46
N ILE F 284 -60.66 -65.76 50.96
CA ILE F 284 -61.20 -64.84 51.93
C ILE F 284 -61.36 -63.44 51.33
N THR F 285 -60.71 -63.27 50.17
CA THR F 285 -60.78 -62.08 49.34
C THR F 285 -61.97 -62.19 48.40
N GLY F 286 -62.59 -61.05 48.14
CA GLY F 286 -63.71 -60.97 47.22
C GLY F 286 -64.97 -61.67 47.69
N LEU F 287 -65.10 -61.86 49.01
CA LEU F 287 -66.31 -62.36 49.64
C LEU F 287 -67.23 -61.19 49.88
N ARG F 288 -68.47 -61.49 50.26
CA ARG F 288 -69.52 -60.49 50.50
C ARG F 288 -69.20 -59.57 51.68
N ARG F 289 -68.64 -60.17 52.73
CA ARG F 289 -68.12 -59.46 53.91
C ARG F 289 -66.61 -59.57 53.99
N ASP F 290 -66.04 -58.49 54.48
CA ASP F 290 -64.62 -58.25 54.50
C ASP F 290 -64.13 -58.68 55.88
N PRO F 291 -63.29 -59.73 55.96
CA PRO F 291 -62.80 -60.09 57.29
C PRO F 291 -61.80 -59.09 57.87
N GLY F 292 -61.23 -58.25 57.02
CA GLY F 292 -60.33 -57.16 57.42
C GLY F 292 -59.23 -56.98 56.37
N GLU F 293 -58.84 -55.73 56.15
CA GLU F 293 -57.88 -55.39 55.11
C GLU F 293 -56.55 -56.20 55.22
N GLU F 294 -56.06 -56.40 56.45
CA GLU F 294 -54.75 -57.06 56.70
C GLU F 294 -54.79 -58.55 56.39
N ILE F 295 -55.88 -59.19 56.81
CA ILE F 295 -56.12 -60.63 56.60
C ILE F 295 -56.27 -60.94 55.11
N ARG F 296 -56.93 -60.05 54.38
CA ARG F 296 -56.99 -60.16 52.93
C ARG F 296 -55.60 -60.03 52.27
N ALA F 297 -54.90 -58.92 52.55
CA ALA F 297 -53.53 -58.70 51.99
C ALA F 297 -52.54 -59.83 52.35
N ALA F 298 -52.71 -60.41 53.53
CA ALA F 298 -51.88 -61.52 53.98
C ALA F 298 -52.18 -62.81 53.24
N GLN F 299 -53.46 -63.18 53.09
CA GLN F 299 -53.73 -64.40 52.28
C GLN F 299 -53.08 -64.33 50.86
N PHE F 300 -53.31 -63.21 50.17
CA PHE F 300 -52.75 -62.93 48.88
C PHE F 300 -51.23 -63.05 48.86
N ALA F 301 -50.58 -62.57 49.91
CA ALA F 301 -49.12 -62.62 50.07
C ALA F 301 -48.61 -63.97 50.53
N GLY F 302 -49.50 -64.87 50.90
CA GLY F 302 -49.11 -66.22 51.24
C GLY F 302 -48.75 -66.42 52.71
N GLN F 303 -49.00 -65.41 53.54
CA GLN F 303 -48.69 -65.46 54.97
C GLN F 303 -49.76 -66.17 55.75
N LYS F 304 -49.41 -66.57 56.97
CA LYS F 304 -50.35 -67.21 57.90
C LYS F 304 -51.36 -66.18 58.33
N LEU F 305 -52.65 -66.48 58.18
CA LEU F 305 -53.69 -65.54 58.59
C LEU F 305 -53.79 -65.43 60.12
N ALA F 306 -54.31 -64.28 60.58
CA ALA F 306 -54.53 -64.01 62.03
C ALA F 306 -55.51 -65.03 62.64
N ASP F 307 -55.51 -65.19 63.97
CA ASP F 307 -56.45 -66.15 64.64
C ASP F 307 -57.89 -65.89 64.16
N THR F 308 -58.65 -66.98 64.01
CA THR F 308 -60.01 -66.91 63.46
C THR F 308 -60.80 -65.80 64.22
N GLU F 309 -60.57 -65.72 65.55
CA GLU F 309 -61.24 -64.77 66.46
C GLU F 309 -60.94 -63.29 66.32
N THR F 310 -59.94 -62.88 65.52
CA THR F 310 -59.66 -61.43 65.27
C THR F 310 -60.45 -60.81 64.11
N TRP F 311 -61.06 -61.68 63.28
CA TRP F 311 -61.72 -61.26 62.04
C TRP F 311 -63.07 -60.66 62.36
N GLU F 312 -63.64 -59.92 61.41
CA GLU F 312 -65.04 -59.50 61.53
C GLU F 312 -65.91 -60.80 61.60
N PRO F 313 -66.86 -60.89 62.58
CA PRO F 313 -67.52 -62.20 62.81
C PRO F 313 -68.44 -62.68 61.70
N ARG F 314 -69.00 -61.76 60.92
CA ARG F 314 -69.80 -62.12 59.75
C ARG F 314 -69.06 -63.01 58.73
N VAL F 315 -67.76 -63.24 58.90
CA VAL F 315 -67.00 -64.14 58.03
C VAL F 315 -66.59 -65.44 58.66
N SER F 316 -65.93 -65.39 59.83
CA SER F 316 -65.40 -66.62 60.54
C SER F 316 -66.45 -67.70 60.76
N THR F 317 -67.59 -67.24 61.26
CA THR F 317 -68.79 -68.06 61.48
C THR F 317 -69.41 -68.67 60.19
N ARG F 318 -68.90 -68.30 59.00
CA ARG F 318 -69.36 -68.79 57.69
C ARG F 318 -68.30 -69.40 56.76
N LEU F 319 -67.10 -69.67 57.28
CA LEU F 319 -66.13 -70.52 56.56
C LEU F 319 -66.69 -71.87 56.05
N LYS F 320 -67.63 -72.49 56.75
CA LYS F 320 -68.26 -73.76 56.30
C LYS F 320 -68.84 -73.60 54.88
N TRP F 321 -69.36 -72.39 54.60
CA TRP F 321 -70.06 -72.03 53.35
C TRP F 321 -69.21 -71.40 52.20
N ILE F 322 -67.92 -71.19 52.45
CA ILE F 322 -67.01 -70.82 51.40
C ILE F 322 -66.44 -72.11 50.81
N PRO F 323 -66.54 -72.28 49.47
CA PRO F 323 -66.05 -73.48 48.89
C PRO F 323 -64.56 -73.71 49.02
N THR F 324 -64.21 -74.96 49.03
CA THR F 324 -62.89 -75.43 49.17
C THR F 324 -62.48 -75.96 47.78
N TRP F 325 -61.28 -75.60 47.32
CA TRP F 325 -60.85 -75.95 45.97
C TRP F 325 -59.69 -76.90 46.04
N ALA F 326 -59.92 -78.13 45.63
CA ALA F 326 -58.91 -79.14 45.77
C ALA F 326 -57.99 -79.30 44.59
N ASP F 327 -58.49 -79.02 43.38
CA ASP F 327 -57.81 -79.44 42.16
C ASP F 327 -57.71 -78.30 41.22
N TYR F 328 -56.50 -78.04 40.72
CA TYR F 328 -56.23 -77.02 39.70
C TYR F 328 -55.54 -77.68 38.55
N GLY F 329 -55.94 -77.36 37.32
CA GLY F 329 -55.34 -77.98 36.12
C GLY F 329 -54.92 -76.90 35.17
N LEU F 330 -53.63 -76.91 34.75
CA LEU F 330 -53.11 -76.04 33.66
C LEU F 330 -52.63 -76.86 32.47
N THR F 331 -53.18 -76.61 31.30
CA THR F 331 -52.90 -77.40 30.09
C THR F 331 -52.35 -76.47 28.97
N GLN F 332 -51.23 -76.89 28.38
CA GLN F 332 -50.53 -76.10 27.40
C GLN F 332 -50.34 -77.04 26.26
N LEU F 333 -51.35 -77.05 25.40
CA LEU F 333 -51.57 -78.08 24.41
C LEU F 333 -51.19 -77.65 23.04
N THR F 334 -51.08 -76.34 22.85
CA THR F 334 -50.38 -75.77 21.70
C THR F 334 -49.28 -74.92 22.26
N ALA F 335 -48.41 -74.43 21.37
CA ALA F 335 -47.35 -73.53 21.78
C ALA F 335 -47.88 -72.16 22.00
N ASP F 336 -49.16 -71.92 21.73
CA ASP F 336 -49.70 -70.57 21.75
C ASP F 336 -50.83 -70.25 22.70
N GLY F 337 -51.42 -71.25 23.36
CA GLY F 337 -52.48 -70.98 24.34
C GLY F 337 -52.53 -71.99 25.45
N PHE F 338 -52.90 -71.58 26.66
CA PHE F 338 -53.06 -72.56 27.74
C PHE F 338 -54.37 -72.36 28.42
N GLY F 339 -54.87 -73.46 28.96
CA GLY F 339 -56.12 -73.47 29.71
C GLY F 339 -55.78 -73.56 31.17
N LEU F 340 -56.65 -73.04 32.00
CA LEU F 340 -56.48 -73.06 33.42
C LEU F 340 -57.84 -73.23 34.05
N LYS F 341 -57.97 -74.24 34.89
CA LYS F 341 -59.24 -74.57 35.56
C LYS F 341 -59.01 -75.09 36.98
N LYS F 342 -60.00 -74.84 37.83
CA LYS F 342 -60.02 -75.42 39.18
C LYS F 342 -61.36 -76.08 39.46
N ARG F 343 -61.38 -76.95 40.47
CA ARG F 343 -62.56 -77.74 40.80
C ARG F 343 -62.65 -78.04 42.30
N THR F 344 -63.84 -77.88 42.89
CA THR F 344 -64.03 -78.17 44.32
C THR F 344 -63.65 -79.61 44.67
N LYS F 345 -64.20 -80.57 43.93
CA LYS F 345 -63.78 -81.97 44.10
C LYS F 345 -64.23 -82.86 42.97
N ALA F 346 -63.62 -84.03 42.91
CA ALA F 346 -64.05 -85.02 41.95
C ALA F 346 -65.60 -85.17 42.03
N GLY F 347 -66.23 -85.41 40.87
CA GLY F 347 -67.68 -85.56 40.75
C GLY F 347 -68.45 -84.26 40.57
N GLN F 348 -67.78 -83.11 40.71
CA GLN F 348 -68.32 -81.81 40.30
C GLN F 348 -67.59 -81.33 39.04
N SER F 349 -68.14 -80.27 38.46
CA SER F 349 -67.56 -79.63 37.27
C SER F 349 -66.41 -78.68 37.63
N TRP F 350 -65.52 -78.54 36.66
CA TRP F 350 -64.48 -77.55 36.74
C TRP F 350 -65.02 -76.12 36.45
N VAL F 351 -64.60 -75.14 37.25
CA VAL F 351 -64.75 -73.73 36.90
C VAL F 351 -63.50 -73.27 36.12
N ASN F 352 -63.73 -72.89 34.88
CA ASN F 352 -62.68 -72.30 34.08
C ASN F 352 -62.14 -70.95 34.67
N ILE F 353 -60.85 -70.68 34.45
CA ILE F 353 -60.11 -69.53 35.02
C ILE F 353 -59.60 -68.63 33.89
N PRO F 354 -59.52 -67.27 34.13
CA PRO F 354 -58.94 -66.41 33.08
C PRO F 354 -57.54 -66.85 32.69
N SER F 355 -57.34 -67.29 31.46
CA SER F 355 -56.03 -67.82 31.07
C SER F 355 -55.26 -66.89 30.07
N GLY F 356 -54.33 -67.45 29.29
CA GLY F 356 -53.65 -66.67 28.31
C GLY F 356 -52.80 -67.51 27.39
N THR F 357 -51.77 -66.91 26.84
CA THR F 357 -51.01 -67.48 25.74
C THR F 357 -50.01 -68.57 26.19
N ARG F 358 -48.90 -68.14 26.84
CA ARG F 358 -47.76 -69.01 27.11
C ARG F 358 -47.37 -68.99 28.56
N ALA F 359 -47.74 -70.07 29.26
CA ALA F 359 -47.47 -70.26 30.67
C ALA F 359 -46.01 -70.55 30.86
N GLU F 360 -45.36 -69.86 31.79
CA GLU F 360 -43.91 -69.90 31.86
C GLU F 360 -43.42 -71.15 32.68
N GLY F 361 -44.33 -72.01 33.16
CA GLY F 361 -43.98 -73.42 33.41
C GLY F 361 -43.70 -73.98 34.80
N LEU F 362 -44.26 -73.33 35.83
CA LEU F 362 -44.05 -73.66 37.22
C LEU F 362 -45.37 -73.65 38.03
N ALA F 363 -45.55 -74.62 38.91
CA ALA F 363 -46.68 -74.58 39.86
C ALA F 363 -46.15 -74.76 41.29
N TYR F 364 -46.74 -74.00 42.23
CA TYR F 364 -46.46 -74.20 43.67
C TYR F 364 -47.67 -74.64 44.48
N LEU F 365 -47.50 -75.74 45.22
CA LEU F 365 -48.47 -76.19 46.22
C LEU F 365 -47.79 -76.22 47.59
N GLY F 366 -48.31 -75.44 48.54
CA GLY F 366 -47.95 -75.60 49.94
C GLY F 366 -48.71 -74.66 50.87
N GLY F 367 -48.16 -74.39 52.07
CA GLY F 367 -48.80 -73.50 53.05
C GLY F 367 -47.86 -72.65 53.86
N ALA F 368 -48.42 -71.62 54.52
CA ALA F 368 -47.65 -70.71 55.37
C ALA F 368 -46.87 -71.37 56.53
N THR F 369 -47.39 -72.48 57.03
CA THR F 369 -46.90 -73.23 58.18
C THR F 369 -46.29 -74.55 57.74
N GLN F 370 -47.01 -75.29 56.90
CA GLN F 370 -46.54 -76.63 56.52
C GLN F 370 -45.35 -76.67 55.54
N GLY F 371 -45.10 -75.53 54.89
CA GLY F 371 -44.13 -75.42 53.81
C GLY F 371 -44.73 -75.90 52.51
N GLY F 372 -43.87 -76.25 51.57
CA GLY F 372 -44.35 -76.64 50.26
C GLY F 372 -43.26 -76.89 49.23
N LEU F 373 -43.73 -77.24 48.03
CA LEU F 373 -42.90 -77.62 46.90
C LEU F 373 -43.38 -76.87 45.67
N ALA F 374 -42.44 -76.50 44.82
CA ALA F 374 -42.78 -75.97 43.50
C ALA F 374 -42.01 -76.77 42.53
N VAL F 375 -42.60 -77.01 41.38
CA VAL F 375 -42.01 -77.89 40.37
C VAL F 375 -42.15 -77.15 39.02
N GLY F 376 -41.24 -77.41 38.08
CA GLY F 376 -41.31 -76.73 36.81
C GLY F 376 -40.51 -77.36 35.70
N LEU F 377 -40.81 -76.95 34.47
CA LEU F 377 -40.13 -77.49 33.31
C LEU F 377 -39.47 -76.35 32.51
N ARG F 378 -38.18 -76.47 32.21
CA ARG F 378 -37.51 -75.47 31.39
C ARG F 378 -38.15 -75.45 30.00
N ASP F 379 -38.45 -74.26 29.47
CA ASP F 379 -39.01 -74.11 28.14
C ASP F 379 -40.37 -74.84 27.98
N PHE F 380 -41.15 -74.86 29.05
CA PHE F 380 -42.43 -75.61 29.18
C PHE F 380 -43.27 -75.51 27.92
N TRP F 381 -43.62 -74.28 27.52
CA TRP F 381 -44.50 -74.07 26.36
C TRP F 381 -43.88 -74.40 25.03
N LYS F 382 -42.55 -74.34 24.93
CA LYS F 382 -41.88 -74.67 23.69
C LYS F 382 -41.81 -76.18 23.52
N ARG F 383 -42.25 -76.93 24.54
CA ARG F 383 -42.17 -78.38 24.57
C ARG F 383 -43.56 -79.08 24.70
N TYR F 384 -44.59 -78.31 24.41
CA TYR F 384 -45.99 -78.69 24.45
C TYR F 384 -46.18 -80.04 23.75
N PRO F 385 -47.16 -80.87 24.11
CA PRO F 385 -48.22 -80.55 25.05
C PRO F 385 -47.78 -80.92 26.44
N VAL F 386 -47.94 -79.98 27.36
CA VAL F 386 -47.55 -80.18 28.75
C VAL F 386 -48.62 -79.62 29.65
N GLY F 387 -48.45 -79.86 30.94
CA GLY F 387 -49.32 -79.27 31.95
C GLY F 387 -48.83 -79.45 33.39
N LEU F 388 -49.50 -78.78 34.30
CA LEU F 388 -49.22 -78.82 35.73
C LEU F 388 -50.54 -79.06 36.45
N ASP F 389 -50.56 -80.02 37.36
CA ASP F 389 -51.75 -80.35 38.16
C ASP F 389 -51.48 -80.25 39.65
N ILE F 390 -52.40 -79.63 40.35
CA ILE F 390 -52.50 -79.74 41.76
C ILE F 390 -53.78 -80.55 42.02
N SER F 391 -53.68 -81.52 42.91
CA SER F 391 -54.84 -82.31 43.26
C SER F 391 -54.93 -82.49 44.75
N ASN F 392 -56.17 -82.71 45.18
CA ASN F 392 -56.51 -82.99 46.58
C ASN F 392 -55.96 -81.95 47.54
N ALA F 393 -55.96 -80.69 47.15
CA ALA F 393 -55.39 -79.68 48.02
C ALA F 393 -56.21 -79.48 49.28
N ALA F 394 -57.39 -80.09 49.35
CA ALA F 394 -58.27 -80.00 50.52
C ALA F 394 -58.12 -81.19 51.47
N SER F 395 -57.29 -82.16 51.12
CA SER F 395 -57.00 -83.31 51.97
C SER F 395 -55.79 -83.06 52.86
N ASP F 396 -55.49 -84.06 53.69
CA ASP F 396 -54.25 -84.12 54.49
C ASP F 396 -52.98 -84.12 53.63
N THR F 397 -53.12 -84.62 52.41
CA THR F 397 -52.04 -84.73 51.44
C THR F 397 -52.53 -84.38 50.06
N GLY F 398 -52.05 -83.25 49.55
CA GLY F 398 -52.15 -82.90 48.13
C GLY F 398 -51.10 -83.59 47.30
N GLU F 399 -51.28 -83.55 45.97
CA GLU F 399 -50.28 -84.01 44.99
C GLU F 399 -49.96 -82.83 44.05
N LEU F 400 -48.70 -82.70 43.65
CA LEU F 400 -48.25 -81.70 42.67
C LEU F 400 -47.58 -82.47 41.55
N THR F 401 -48.12 -82.33 40.33
CA THR F 401 -47.68 -83.12 39.19
C THR F 401 -47.26 -82.22 38.02
N LEU F 402 -46.14 -82.60 37.40
CA LEU F 402 -45.71 -81.97 36.19
C LEU F 402 -45.85 -83.00 35.05
N TRP F 403 -46.60 -82.62 34.01
CA TRP F 403 -46.79 -83.45 32.84
C TRP F 403 -45.83 -83.04 31.74
N LEU F 404 -44.86 -83.89 31.45
CA LEU F 404 -43.97 -83.70 30.31
C LEU F 404 -44.68 -83.98 28.96
N TYR F 405 -45.64 -84.92 28.98
CA TYR F 405 -46.65 -85.09 27.95
C TYR F 405 -48.02 -85.05 28.64
N SER F 406 -48.95 -84.21 28.17
CA SER F 406 -50.26 -84.09 28.86
C SER F 406 -51.31 -85.04 28.34
N PRO F 407 -51.99 -85.73 29.26
CA PRO F 407 -53.20 -86.50 28.90
C PRO F 407 -54.31 -85.70 28.23
N ALA F 408 -54.42 -84.41 28.50
CA ALA F 408 -55.40 -83.56 27.78
C ALA F 408 -55.14 -83.49 26.27
N ALA F 409 -53.94 -83.88 25.86
CA ALA F 409 -53.56 -83.93 24.46
C ALA F 409 -54.01 -85.21 23.80
N GLU F 410 -53.95 -85.21 22.48
CA GLU F 410 -54.17 -86.41 21.68
C GLU F 410 -52.97 -87.36 22.07
N PRO F 411 -53.10 -88.68 21.90
CA PRO F 411 -52.02 -89.61 22.20
C PRO F 411 -50.83 -89.47 21.27
N LEU F 412 -49.64 -89.74 21.81
CA LEU F 412 -48.38 -89.58 21.12
C LEU F 412 -48.19 -90.75 20.16
N ASP F 413 -48.32 -90.47 18.86
CA ASP F 413 -48.26 -91.48 17.78
C ASP F 413 -46.95 -91.29 17.02
N LEU F 414 -46.05 -92.25 17.18
CA LEU F 414 -44.74 -92.24 16.51
C LEU F 414 -44.67 -93.20 15.32
N ARG F 415 -45.84 -93.70 14.86
CA ARG F 415 -45.86 -94.70 13.78
C ARG F 415 -45.50 -94.03 12.48
N PRO F 416 -45.25 -94.82 11.41
CA PRO F 416 -44.89 -94.22 10.13
C PRO F 416 -46.00 -93.35 9.56
N PHE F 417 -45.62 -92.20 8.97
CA PHE F 417 -46.63 -91.27 8.39
C PHE F 417 -47.18 -91.75 7.02
N HIS F 418 -46.60 -92.81 6.44
CA HIS F 418 -47.26 -93.49 5.32
C HIS F 418 -46.92 -94.97 5.21
N ASP F 419 -47.75 -95.72 4.49
CA ASP F 419 -47.65 -97.19 4.46
C ASP F 419 -46.62 -97.79 3.49
N GLY F 420 -45.99 -96.93 2.71
CA GLY F 420 -44.89 -97.26 1.82
C GLY F 420 -45.22 -96.89 0.39
N LEU F 421 -46.49 -96.53 0.14
CA LEU F 421 -46.98 -96.18 -1.19
C LEU F 421 -46.74 -97.29 -2.27
N GLY F 422 -46.67 -98.56 -1.84
CA GLY F 422 -46.46 -99.71 -2.73
C GLY F 422 -45.05 -99.89 -3.25
N GLN F 423 -44.08 -99.27 -2.58
CA GLN F 423 -42.69 -99.47 -2.96
C GLN F 423 -42.33 -100.89 -2.59
N ASP F 424 -41.69 -101.58 -3.53
CA ASP F 424 -41.34 -103.00 -3.41
C ASP F 424 -39.86 -103.20 -3.87
N GLY F 425 -38.93 -103.01 -2.94
CA GLY F 425 -37.50 -103.22 -3.20
C GLY F 425 -36.69 -101.94 -3.40
N TYR F 426 -35.37 -102.11 -3.37
CA TYR F 426 -34.42 -101.01 -3.54
C TYR F 426 -34.68 -100.14 -4.76
N GLU F 427 -34.95 -100.74 -5.91
CA GLU F 427 -35.24 -99.98 -7.13
C GLU F 427 -36.41 -99.00 -6.94
N ASP F 428 -37.55 -99.44 -6.40
CA ASP F 428 -38.68 -98.52 -6.18
C ASP F 428 -38.32 -97.40 -5.15
N GLN F 429 -37.57 -97.79 -4.13
CA GLN F 429 -37.13 -96.92 -3.06
C GLN F 429 -36.26 -95.79 -3.60
N LEU F 430 -35.30 -96.14 -4.47
CA LEU F 430 -34.39 -95.15 -5.05
C LEU F 430 -35.12 -94.30 -6.06
N ASP F 431 -36.14 -94.86 -6.71
CA ASP F 431 -36.97 -94.10 -7.65
C ASP F 431 -37.80 -93.04 -6.88
N ALA F 432 -38.33 -93.43 -5.72
CA ALA F 432 -39.06 -92.51 -4.86
C ALA F 432 -38.13 -91.38 -4.29
N LEU F 433 -36.93 -91.79 -3.93
CA LEU F 433 -35.89 -90.86 -3.51
C LEU F 433 -35.68 -89.77 -4.54
N GLU F 434 -35.99 -90.05 -5.79
CA GLU F 434 -35.74 -89.08 -6.86
C GLU F 434 -36.82 -88.00 -7.00
N ILE F 435 -37.92 -88.09 -6.25
CA ILE F 435 -38.96 -87.01 -6.25
C ILE F 435 -39.26 -86.40 -4.86
N THR F 436 -39.56 -87.22 -3.85
CA THR F 436 -39.48 -86.79 -2.45
C THR F 436 -38.04 -87.05 -2.22
N TYR F 437 -37.40 -86.45 -1.27
CA TYR F 437 -35.94 -86.79 -1.17
C TYR F 437 -35.74 -87.90 -0.12
N GLU F 438 -36.60 -88.94 -0.15
CA GLU F 438 -36.73 -89.92 0.95
C GLU F 438 -36.19 -91.28 0.55
N ASP F 439 -35.33 -91.87 1.35
CA ASP F 439 -34.81 -93.19 1.09
C ASP F 439 -35.62 -94.10 1.99
N TRP F 440 -36.83 -94.49 1.56
CA TRP F 440 -37.72 -95.36 2.39
C TRP F 440 -37.32 -96.85 2.38
N GLU F 441 -37.65 -97.54 3.47
CA GLU F 441 -37.51 -98.98 3.52
C GLU F 441 -38.45 -99.55 4.61
N PRO F 442 -39.11 -100.69 4.32
CA PRO F 442 -40.01 -101.22 5.33
C PRO F 442 -39.28 -101.67 6.64
N GLY F 443 -39.88 -101.35 7.80
CA GLY F 443 -39.29 -101.68 9.09
C GLY F 443 -38.22 -100.70 9.55
N PHE F 444 -37.85 -99.73 8.70
CA PHE F 444 -36.85 -98.69 9.04
C PHE F 444 -37.48 -97.42 9.57
N ASP F 445 -38.76 -97.21 9.33
CA ASP F 445 -39.41 -95.96 9.72
C ASP F 445 -39.88 -96.06 11.16
N THR F 446 -38.93 -96.35 12.07
CA THR F 446 -39.20 -96.82 13.41
C THR F 446 -38.54 -95.90 14.45
N PRO F 447 -39.30 -95.49 15.49
CA PRO F 447 -38.71 -94.77 16.61
C PRO F 447 -38.08 -95.66 17.63
N TYR F 448 -38.10 -96.97 17.43
CA TYR F 448 -37.56 -97.85 18.44
C TYR F 448 -36.12 -97.38 18.74
N GLY F 449 -35.93 -96.85 19.93
CA GLY F 449 -34.60 -96.47 20.37
C GLY F 449 -34.30 -94.97 20.46
N ILE F 450 -35.25 -94.10 20.07
CA ILE F 450 -35.00 -92.65 20.19
C ILE F 450 -35.03 -92.33 21.66
N ALA F 451 -34.47 -91.20 22.05
CA ALA F 451 -34.46 -90.73 23.45
C ALA F 451 -34.88 -89.29 23.52
N ARG F 452 -35.22 -88.82 24.71
CA ARG F 452 -35.46 -87.43 24.93
C ARG F 452 -35.19 -87.07 26.38
N THR F 453 -34.45 -85.98 26.56
CA THR F 453 -34.12 -85.45 27.85
C THR F 453 -34.89 -84.12 28.10
N SER F 454 -35.35 -83.94 29.34
CA SER F 454 -36.15 -82.82 29.74
C SER F 454 -35.47 -82.22 30.95
N GLU F 455 -35.38 -80.89 31.00
CA GLU F 455 -34.73 -80.21 32.12
C GLU F 455 -35.76 -79.67 33.11
N VAL F 456 -35.84 -80.33 34.26
CA VAL F 456 -36.87 -80.12 35.23
C VAL F 456 -36.26 -79.41 36.45
N TYR F 457 -37.02 -78.53 37.11
CA TYR F 457 -36.56 -77.95 38.38
C TYR F 457 -37.56 -78.22 39.49
N LEU F 458 -37.02 -78.58 40.68
CA LEU F 458 -37.72 -78.59 41.99
C LEU F 458 -37.22 -77.50 42.95
N PHE F 459 -38.12 -76.95 43.74
CA PHE F 459 -37.81 -75.87 44.66
C PHE F 459 -38.51 -76.13 45.97
N ALA F 460 -37.75 -76.29 47.05
CA ALA F 460 -38.30 -76.49 48.38
C ALA F 460 -38.36 -75.21 49.14
N PHE F 461 -39.44 -75.02 49.88
CA PHE F 461 -39.64 -73.84 50.69
C PHE F 461 -40.08 -74.21 52.10
N ASP F 462 -39.57 -73.50 53.10
CA ASP F 462 -39.95 -73.75 54.49
C ASP F 462 -41.37 -73.15 54.74
N GLN F 463 -41.75 -72.18 53.92
CA GLN F 463 -43.08 -71.56 53.99
C GLN F 463 -43.43 -71.00 52.61
N THR F 464 -44.68 -70.60 52.42
CA THR F 464 -45.10 -70.13 51.11
C THR F 464 -44.26 -68.89 50.77
N PRO F 465 -43.65 -68.87 49.58
CA PRO F 465 -42.73 -67.80 49.30
C PRO F 465 -43.48 -66.67 48.70
N THR F 466 -42.80 -65.54 48.62
CA THR F 466 -43.35 -64.35 47.97
C THR F 466 -43.53 -64.63 46.46
N SER F 467 -44.44 -63.91 45.82
CA SER F 467 -44.70 -64.07 44.38
C SER F 467 -43.47 -63.64 43.54
N ASP F 468 -42.81 -62.55 43.95
CA ASP F 468 -41.58 -62.11 43.33
C ASP F 468 -40.56 -63.23 43.36
N LYS F 469 -40.38 -63.89 44.52
CA LYS F 469 -39.46 -65.06 44.58
C LYS F 469 -39.93 -66.08 43.54
N LEU F 470 -41.24 -66.37 43.45
CA LEU F 470 -41.73 -67.39 42.48
C LEU F 470 -41.43 -67.02 41.06
N ALA F 471 -41.51 -65.72 40.78
CA ALA F 471 -41.18 -65.18 39.46
C ALA F 471 -39.71 -65.36 39.14
N SER F 472 -38.83 -65.11 40.11
CA SER F 472 -37.39 -65.24 39.86
C SER F 472 -36.96 -66.67 39.62
N LEU F 473 -37.54 -67.61 40.35
CA LEU F 473 -37.20 -69.01 40.14
C LEU F 473 -37.76 -69.50 38.78
N THR F 474 -38.93 -68.99 38.41
CA THR F 474 -39.50 -69.29 37.13
C THR F 474 -38.57 -68.71 36.05
N ALA F 475 -38.20 -67.45 36.17
CA ALA F 475 -37.34 -66.82 35.16
C ALA F 475 -35.96 -67.45 35.10
N TYR F 476 -35.44 -67.81 36.29
CA TYR F 476 -34.24 -68.64 36.48
C TYR F 476 -34.32 -69.91 35.67
N MET F 477 -35.34 -70.75 35.90
CA MET F 477 -35.31 -72.11 35.33
C MET F 477 -35.40 -72.08 33.81
N ASN F 478 -36.02 -71.01 33.31
CA ASN F 478 -36.11 -70.73 31.86
C ASN F 478 -34.91 -70.05 31.22
N ASP F 479 -34.04 -69.45 32.02
CA ASP F 479 -32.76 -68.95 31.55
C ASP F 479 -31.66 -69.32 32.57
N PRO F 480 -31.27 -70.59 32.61
CA PRO F 480 -30.38 -70.99 33.68
C PRO F 480 -28.97 -70.40 33.56
N PRO F 481 -28.53 -69.60 34.54
CA PRO F 481 -27.21 -69.00 34.40
C PRO F 481 -26.13 -70.00 34.07
N VAL F 482 -25.32 -69.61 33.10
CA VAL F 482 -24.17 -70.33 32.59
C VAL F 482 -22.95 -69.43 32.76
N LEU F 483 -21.89 -70.02 33.32
CA LEU F 483 -20.58 -69.41 33.34
C LEU F 483 -19.84 -70.08 32.23
N VAL F 484 -19.06 -69.29 31.51
CA VAL F 484 -18.27 -69.81 30.40
C VAL F 484 -16.98 -69.02 30.22
N ALA F 485 -15.97 -69.69 29.69
CA ALA F 485 -14.67 -69.09 29.43
C ALA F 485 -14.68 -68.12 28.27
N GLU F 486 -13.56 -67.47 28.07
CA GLU F 486 -13.42 -66.40 27.09
C GLU F 486 -13.04 -67.00 25.78
N PRO F 487 -13.66 -66.53 24.70
CA PRO F 487 -13.29 -66.97 23.35
C PRO F 487 -11.79 -66.98 23.09
N LYS F 488 -11.17 -65.85 23.40
CA LYS F 488 -9.73 -65.64 23.28
C LYS F 488 -8.96 -66.76 23.93
N TYR F 489 -9.33 -67.11 25.15
CA TYR F 489 -8.57 -68.11 25.93
C TYR F 489 -8.86 -69.53 25.49
N ILE F 490 -10.13 -69.82 25.24
CA ILE F 490 -10.49 -71.10 24.63
C ILE F 490 -9.66 -71.29 23.33
N HIS F 491 -9.58 -70.24 22.52
CA HIS F 491 -8.76 -70.32 21.32
C HIS F 491 -7.26 -70.54 21.64
N GLU F 492 -6.76 -69.81 22.63
CA GLU F 492 -5.33 -69.86 22.96
C GLU F 492 -4.89 -71.26 23.42
N THR F 493 -5.77 -71.97 24.14
CA THR F 493 -5.46 -73.32 24.59
C THR F 493 -5.52 -74.37 23.49
N GLN F 494 -6.14 -74.04 22.36
CA GLN F 494 -6.27 -75.03 21.28
C GLN F 494 -6.98 -76.32 21.78
N ALA F 495 -7.87 -76.15 22.75
CA ALA F 495 -8.47 -77.23 23.47
C ALA F 495 -9.82 -77.62 22.91
N LEU F 496 -10.25 -76.91 21.88
CA LEU F 496 -11.49 -77.21 21.24
C LEU F 496 -11.31 -76.93 19.75
N GLY F 497 -10.20 -77.43 19.22
CA GLY F 497 -9.92 -77.38 17.78
C GLY F 497 -9.14 -76.15 17.35
N GLU F 498 -8.26 -76.34 16.36
CA GLU F 498 -7.49 -75.25 15.74
C GLU F 498 -8.18 -74.52 14.58
N TYR F 499 -9.37 -75.00 14.14
CA TYR F 499 -9.95 -74.64 12.83
C TYR F 499 -11.00 -73.51 12.91
N TRP F 500 -10.93 -72.67 13.94
CA TRP F 500 -11.73 -71.46 14.06
C TRP F 500 -10.91 -70.48 14.82
N ALA F 501 -11.26 -69.21 14.68
CA ALA F 501 -10.53 -68.12 15.31
C ALA F 501 -11.50 -66.99 15.64
N LEU F 502 -11.10 -65.99 16.43
CA LEU F 502 -12.04 -64.88 16.72
C LEU F 502 -12.30 -64.10 15.43
N PRO F 503 -13.35 -63.27 15.41
CA PRO F 503 -13.57 -62.44 14.24
C PRO F 503 -12.86 -61.09 14.38
N GLY F 504 -11.53 -61.07 14.28
CA GLY F 504 -10.74 -59.82 14.31
C GLY F 504 -9.92 -59.40 13.07
N SER F 505 -10.53 -59.39 11.89
CA SER F 505 -9.85 -59.06 10.63
C SER F 505 -10.27 -57.63 10.28
N ALA F 506 -9.29 -56.79 9.96
CA ALA F 506 -9.58 -55.42 9.52
C ALA F 506 -10.17 -55.44 8.10
N SER F 507 -9.93 -56.49 7.34
CA SER F 507 -10.46 -56.60 5.98
C SER F 507 -11.95 -56.26 5.92
N PRO F 508 -12.35 -55.32 5.04
CA PRO F 508 -13.79 -55.02 4.92
C PRO F 508 -14.63 -56.17 4.34
N ALA F 509 -13.97 -57.06 3.60
CA ALA F 509 -14.60 -58.24 3.08
C ALA F 509 -14.88 -59.21 4.23
N ALA F 510 -13.92 -59.35 5.15
CA ALA F 510 -14.16 -60.15 6.35
C ALA F 510 -15.37 -59.62 7.15
N ALA F 511 -15.52 -58.30 7.17
CA ALA F 511 -16.59 -57.67 7.93
C ALA F 511 -17.91 -58.05 7.34
N THR F 512 -17.98 -58.04 6.02
CA THR F 512 -19.18 -58.43 5.29
C THR F 512 -19.55 -59.88 5.64
N LEU F 513 -18.54 -60.74 5.67
CA LEU F 513 -18.71 -62.12 6.07
C LEU F 513 -19.25 -62.26 7.47
N GLU F 514 -18.79 -61.44 8.40
CA GLU F 514 -19.33 -61.54 9.75
C GLU F 514 -20.76 -61.09 9.75
N ASP F 515 -21.09 -60.03 9.01
CA ASP F 515 -22.48 -59.58 8.93
C ASP F 515 -23.35 -60.64 8.34
N ARG F 516 -22.83 -61.42 7.39
CA ARG F 516 -23.61 -62.49 6.76
C ARG F 516 -23.86 -63.70 7.66
N LEU F 517 -22.87 -64.11 8.44
CA LEU F 517 -23.08 -65.09 9.52
C LEU F 517 -24.18 -64.60 10.51
N GLN F 518 -24.13 -63.32 10.91
CA GLN F 518 -25.14 -62.74 11.79
C GLN F 518 -26.51 -62.78 11.14
N PHE F 519 -26.56 -62.50 9.85
CA PHE F 519 -27.80 -62.56 9.08
C PHE F 519 -28.38 -63.98 9.13
N ILE F 520 -27.52 -64.96 8.85
CA ILE F 520 -27.97 -66.35 8.83
C ILE F 520 -28.48 -66.71 10.21
N PHE F 521 -27.76 -66.33 11.27
CA PHE F 521 -28.16 -66.68 12.62
C PHE F 521 -29.51 -66.07 12.95
N ASP F 522 -29.59 -64.74 12.81
CA ASP F 522 -30.78 -64.03 13.16
C ASP F 522 -32.01 -64.66 12.49
N PHE F 523 -31.84 -65.09 11.24
CA PHE F 523 -32.91 -65.67 10.43
C PHE F 523 -33.34 -67.03 10.97
N TYR F 524 -32.36 -67.92 11.17
CA TYR F 524 -32.65 -69.21 11.73
C TYR F 524 -33.34 -69.08 13.12
N LYS F 525 -32.77 -68.27 14.01
CA LYS F 525 -33.43 -67.97 15.29
C LYS F 525 -34.87 -67.45 15.16
N GLY F 526 -35.13 -66.65 14.12
CA GLY F 526 -36.46 -66.07 13.93
C GLY F 526 -37.44 -67.13 13.47
N GLN F 527 -36.95 -68.08 12.66
CA GLN F 527 -37.80 -69.11 12.04
C GLN F 527 -38.34 -70.07 13.05
N ILE F 528 -37.61 -70.27 14.12
CA ILE F 528 -38.11 -71.15 15.14
C ILE F 528 -39.46 -70.65 15.67
N GLU F 529 -39.63 -69.35 15.94
CA GLU F 529 -40.94 -68.87 16.40
C GLU F 529 -41.92 -68.83 15.26
N GLN F 530 -41.53 -68.23 14.15
CA GLN F 530 -42.52 -67.95 13.10
C GLN F 530 -43.18 -69.22 12.54
N ARG F 531 -42.40 -70.32 12.51
CA ARG F 531 -42.82 -71.62 11.97
C ARG F 531 -43.23 -72.62 13.06
N ARG F 532 -43.07 -72.21 14.33
CA ARG F 532 -43.51 -72.96 15.50
C ARG F 532 -42.81 -74.28 15.56
N TRP F 533 -41.47 -74.24 15.49
CA TRP F 533 -40.66 -75.46 15.61
C TRP F 533 -40.42 -75.70 17.09
N TYR F 534 -41.52 -76.06 17.71
CA TYR F 534 -41.62 -76.32 19.11
C TYR F 534 -42.29 -77.67 19.21
N GLY F 535 -42.25 -78.27 20.41
CA GLY F 535 -42.88 -79.56 20.66
C GLY F 535 -42.06 -80.54 21.45
N PHE F 536 -42.75 -81.41 22.16
CA PHE F 536 -42.16 -82.42 22.98
C PHE F 536 -40.92 -83.02 22.37
N LEU F 537 -41.08 -83.56 21.18
CA LEU F 537 -39.94 -84.11 20.44
C LEU F 537 -39.28 -83.10 19.52
N ASP F 538 -40.04 -82.20 18.93
CA ASP F 538 -39.53 -81.34 17.86
C ASP F 538 -38.51 -80.26 18.28
N TYR F 539 -38.78 -79.57 19.37
CA TYR F 539 -37.96 -78.42 19.77
C TYR F 539 -36.43 -78.60 19.76
N GLY F 540 -35.74 -77.66 19.10
CA GLY F 540 -34.31 -77.65 18.95
C GLY F 540 -33.89 -78.05 17.56
N ASP F 541 -34.78 -78.66 16.80
CA ASP F 541 -34.52 -78.91 15.37
C ASP F 541 -35.08 -77.77 14.50
N PHE F 542 -34.77 -77.86 13.21
CA PHE F 542 -35.21 -76.94 12.17
C PHE F 542 -35.26 -77.68 10.87
N MET F 543 -35.84 -77.06 9.85
CA MET F 543 -36.05 -77.77 8.59
C MET F 543 -34.95 -77.54 7.55
N HIS F 544 -35.03 -78.32 6.47
CA HIS F 544 -33.94 -78.51 5.53
C HIS F 544 -34.05 -77.63 4.26
N THR F 545 -35.19 -77.68 3.58
CA THR F 545 -35.40 -76.93 2.35
C THR F 545 -36.82 -76.31 2.31
N TYR F 546 -36.91 -75.16 1.60
CA TYR F 546 -38.12 -74.34 1.56
C TYR F 546 -38.90 -74.58 0.27
N ASP F 547 -40.23 -74.39 0.38
CA ASP F 547 -41.17 -74.43 -0.73
C ASP F 547 -41.51 -72.98 -1.07
N PRO F 548 -40.94 -72.45 -2.16
CA PRO F 548 -41.15 -71.04 -2.50
C PRO F 548 -42.59 -70.71 -2.84
N ASP F 549 -43.35 -71.67 -3.35
CA ASP F 549 -44.73 -71.42 -3.79
C ASP F 549 -45.69 -71.38 -2.61
N ARG F 550 -45.55 -72.35 -1.73
CA ARG F 550 -46.38 -72.43 -0.52
C ARG F 550 -45.94 -71.48 0.56
N HIS F 551 -44.69 -71.04 0.48
CA HIS F 551 -44.11 -70.25 1.54
C HIS F 551 -44.09 -70.98 2.89
N THR F 552 -43.79 -72.28 2.86
CA THR F 552 -43.45 -73.06 4.05
C THR F 552 -42.18 -73.81 3.73
N TRP F 553 -41.55 -74.30 4.78
CA TRP F 553 -40.50 -75.24 4.64
C TRP F 553 -41.22 -76.53 4.30
N ARG F 554 -40.51 -77.45 3.67
CA ARG F 554 -41.16 -78.61 3.10
C ARG F 554 -41.36 -79.70 4.18
N TYR F 555 -42.25 -79.40 5.11
CA TYR F 555 -42.51 -80.23 6.29
C TYR F 555 -43.16 -81.53 5.88
N ASP F 556 -43.82 -81.52 4.71
CA ASP F 556 -44.54 -82.70 4.20
C ASP F 556 -43.86 -83.46 3.04
N VAL F 557 -42.63 -83.13 2.70
CA VAL F 557 -41.97 -83.74 1.53
C VAL F 557 -40.64 -84.34 1.94
N GLY F 558 -40.68 -85.65 2.24
CA GLY F 558 -39.50 -86.51 2.29
C GLY F 558 -38.29 -85.92 2.97
N GLY F 559 -37.17 -85.97 2.29
CA GLY F 559 -35.91 -85.44 2.81
C GLY F 559 -35.84 -83.97 3.13
N TYR F 560 -36.83 -83.19 2.74
CA TYR F 560 -36.72 -81.74 2.89
C TYR F 560 -37.26 -81.22 4.19
N ALA F 561 -37.74 -82.09 5.07
CA ALA F 561 -38.34 -81.63 6.32
C ALA F 561 -37.32 -81.45 7.48
N TRP F 562 -37.35 -82.27 8.55
CA TRP F 562 -36.50 -82.02 9.70
C TRP F 562 -35.08 -82.30 9.29
N ASP F 563 -34.16 -81.43 9.72
CA ASP F 563 -32.87 -81.35 9.08
C ASP F 563 -31.90 -82.36 9.61
N ASN F 564 -32.02 -82.71 10.89
CA ASN F 564 -31.25 -83.79 11.55
C ASN F 564 -29.77 -83.70 11.26
N SER F 565 -29.19 -82.54 11.55
CA SER F 565 -27.75 -82.32 11.38
C SER F 565 -27.16 -82.68 10.01
N GLU F 566 -27.94 -82.49 8.97
CA GLU F 566 -27.45 -82.67 7.59
C GLU F 566 -26.55 -81.50 7.16
N LEU F 567 -25.42 -81.87 6.58
CA LEU F 567 -24.29 -80.97 6.33
C LEU F 567 -23.84 -80.15 7.55
N SER F 568 -23.92 -80.78 8.73
CA SER F 568 -23.23 -80.27 9.94
C SER F 568 -23.61 -78.88 10.48
N PRO F 569 -24.90 -78.50 10.49
CA PRO F 569 -25.27 -77.23 11.14
C PRO F 569 -24.84 -77.20 12.58
N ASP F 570 -24.84 -78.33 13.27
CA ASP F 570 -24.28 -78.43 14.64
C ASP F 570 -22.85 -77.86 14.74
N LEU F 571 -22.00 -78.12 13.75
CA LEU F 571 -20.67 -77.55 13.76
C LEU F 571 -20.67 -76.04 13.55
N PHE F 572 -21.46 -75.57 12.57
CA PHE F 572 -21.57 -74.15 12.29
C PHE F 572 -22.02 -73.34 13.52
N PHE F 573 -23.15 -73.71 14.10
CA PHE F 573 -23.65 -72.99 15.24
C PHE F 573 -22.76 -73.11 16.47
N TRP F 574 -22.06 -74.21 16.69
CA TRP F 574 -21.15 -74.26 17.85
C TRP F 574 -19.89 -73.42 17.62
N LEU F 575 -19.31 -73.49 16.43
CA LEU F 575 -18.17 -72.65 16.21
C LEU F 575 -18.63 -71.19 16.21
N TYR F 576 -19.81 -70.89 15.69
CA TYR F 576 -20.35 -69.55 15.82
C TYR F 576 -20.36 -69.08 17.25
N PHE F 577 -20.84 -69.94 18.16
CA PHE F 577 -20.83 -69.54 19.59
C PHE F 577 -19.39 -69.28 20.00
N LEU F 578 -18.50 -70.20 19.63
CA LEU F 578 -17.16 -70.20 20.21
C LEU F 578 -16.40 -68.94 19.96
N ARG F 579 -16.51 -68.43 18.74
CA ARG F 579 -15.84 -67.22 18.29
C ARG F 579 -16.41 -65.92 18.91
N THR F 580 -17.69 -65.88 19.23
CA THR F 580 -18.36 -64.63 19.67
C THR F 580 -18.86 -64.50 21.10
N GLY F 581 -19.13 -65.62 21.77
CA GLY F 581 -19.60 -65.60 23.15
C GLY F 581 -21.05 -65.26 23.32
N SER F 582 -21.80 -65.22 22.22
CA SER F 582 -23.18 -64.75 22.23
C SER F 582 -24.10 -65.67 23.04
N LYS F 583 -24.81 -65.07 24.00
CA LYS F 583 -25.84 -65.77 24.77
C LYS F 583 -26.82 -66.52 23.85
N ASP F 584 -27.36 -65.79 22.86
CA ASP F 584 -28.35 -66.29 21.90
C ASP F 584 -27.82 -67.48 21.13
N ALA F 585 -26.56 -67.38 20.73
CA ALA F 585 -25.94 -68.43 19.95
C ALA F 585 -25.75 -69.67 20.81
N TYR F 586 -25.26 -69.50 22.03
CA TYR F 586 -25.20 -70.64 22.96
C TYR F 586 -26.59 -71.32 23.03
N ARG F 587 -27.63 -70.54 23.30
CA ARG F 587 -28.97 -71.11 23.53
C ARG F 587 -29.47 -71.87 22.31
N PHE F 588 -29.32 -71.28 21.13
CA PHE F 588 -29.69 -71.94 19.87
C PHE F 588 -29.01 -73.34 19.64
N ALA F 589 -27.69 -73.36 19.76
CA ALA F 589 -26.92 -74.58 19.65
C ALA F 589 -27.15 -75.59 20.80
N GLU F 590 -27.38 -75.09 22.01
CA GLU F 590 -27.77 -75.94 23.13
C GLU F 590 -29.07 -76.67 22.75
N ALA F 591 -30.09 -75.92 22.32
CA ALA F 591 -31.37 -76.58 21.95
C ALA F 591 -31.22 -77.54 20.81
N LEU F 592 -30.39 -77.18 19.86
CA LEU F 592 -30.05 -78.07 18.76
C LEU F 592 -29.43 -79.36 19.25
N THR F 593 -28.34 -79.28 20.02
CA THR F 593 -27.70 -80.50 20.62
C THR F 593 -28.60 -81.40 21.47
N ARG F 594 -29.42 -80.79 22.30
CA ARG F 594 -30.41 -81.50 23.07
C ARG F 594 -31.42 -82.28 22.25
N HIS F 595 -31.65 -81.87 21.01
CA HIS F 595 -32.54 -82.58 20.12
C HIS F 595 -31.84 -83.63 19.26
N THR F 596 -30.87 -83.19 18.50
CA THR F 596 -30.23 -84.02 17.53
C THR F 596 -29.50 -85.19 18.20
N GLY F 597 -28.79 -84.93 19.30
CA GLY F 597 -28.08 -86.00 19.98
C GLY F 597 -28.92 -87.08 20.70
N GLU F 598 -30.21 -86.73 20.93
CA GLU F 598 -31.22 -87.51 21.68
C GLU F 598 -32.29 -88.10 20.74
N VAL F 599 -33.11 -87.22 20.14
CA VAL F 599 -34.25 -87.62 19.31
C VAL F 599 -33.86 -88.25 17.97
N ASP F 600 -32.81 -87.73 17.36
CA ASP F 600 -32.38 -88.15 16.01
C ASP F 600 -31.41 -89.34 15.97
N VAL F 601 -31.08 -89.93 17.12
CA VAL F 601 -30.17 -91.08 17.11
C VAL F 601 -30.79 -92.25 17.86
N TYR F 602 -30.34 -93.45 17.54
CA TYR F 602 -30.77 -94.65 18.29
C TYR F 602 -29.82 -94.96 19.44
N HIS F 603 -30.38 -95.25 20.60
CA HIS F 603 -29.57 -95.50 21.80
C HIS F 603 -29.56 -96.93 22.26
N ILE F 604 -30.46 -97.77 21.74
CA ILE F 604 -30.47 -99.20 21.99
C ILE F 604 -30.82 -99.91 20.69
N GLY F 605 -30.89 -101.23 20.74
CA GLY F 605 -31.29 -102.02 19.61
C GLY F 605 -30.12 -102.30 18.72
N ASP F 606 -30.40 -102.93 17.60
CA ASP F 606 -29.40 -103.30 16.61
C ASP F 606 -28.76 -102.14 15.88
N TRP F 607 -29.42 -100.99 15.84
CA TRP F 607 -28.85 -99.81 15.18
C TRP F 607 -28.43 -98.79 16.22
N LYS F 608 -28.07 -99.27 17.41
CA LYS F 608 -27.56 -98.41 18.45
C LYS F 608 -26.30 -97.71 17.95
N GLY F 609 -26.33 -96.39 17.99
CA GLY F 609 -25.19 -95.58 17.60
C GLY F 609 -25.23 -95.02 16.20
N LEU F 610 -26.34 -95.23 15.50
CA LEU F 610 -26.61 -94.58 14.25
C LEU F 610 -27.70 -93.60 14.51
N GLY F 611 -27.69 -92.53 13.72
CA GLY F 611 -28.82 -91.59 13.67
C GLY F 611 -29.53 -91.69 12.32
N THR F 612 -30.62 -90.98 12.22
CA THR F 612 -31.48 -91.03 11.05
C THR F 612 -31.39 -89.75 10.18
N ARG F 613 -31.20 -89.97 8.88
CA ARG F 613 -31.18 -88.91 7.87
C ARG F 613 -32.48 -88.12 7.90
N HIS F 614 -32.33 -86.82 7.69
CA HIS F 614 -33.42 -85.86 7.53
C HIS F 614 -34.69 -86.40 6.92
N GLY F 615 -35.83 -85.94 7.42
CA GLY F 615 -37.13 -86.43 6.95
C GLY F 615 -38.40 -85.86 7.59
N VAL F 616 -39.53 -86.30 7.07
CA VAL F 616 -40.83 -85.83 7.58
C VAL F 616 -40.96 -86.10 9.07
N GLN F 617 -40.49 -87.27 9.48
CA GLN F 617 -40.28 -87.55 10.89
C GLN F 617 -38.78 -87.65 11.15
N HIS F 618 -38.46 -87.47 12.43
CA HIS F 618 -37.09 -87.58 12.92
C HIS F 618 -36.46 -88.99 12.80
N TRP F 619 -37.27 -90.01 12.49
CA TRP F 619 -36.84 -91.41 12.36
C TRP F 619 -37.37 -92.12 11.08
N SER F 620 -37.95 -91.37 10.13
CA SER F 620 -38.67 -92.00 8.99
C SER F 620 -37.79 -92.58 7.89
N ASP F 621 -36.64 -91.94 7.66
CA ASP F 621 -35.72 -92.29 6.55
C ASP F 621 -34.90 -93.56 6.84
N SER F 622 -34.61 -94.30 5.77
CA SER F 622 -33.91 -95.59 5.92
C SER F 622 -32.40 -95.44 5.97
N ALA F 623 -31.86 -94.29 5.55
CA ALA F 623 -30.42 -94.05 5.74
C ALA F 623 -30.16 -93.87 7.23
N LYS F 624 -29.83 -94.99 7.88
CA LYS F 624 -29.41 -94.98 9.28
C LYS F 624 -27.89 -94.99 9.24
N GLN F 625 -27.30 -93.92 9.74
CA GLN F 625 -25.89 -93.64 9.54
C GLN F 625 -25.25 -92.91 10.74
N ALA F 626 -23.92 -93.05 10.84
CA ALA F 626 -23.06 -92.43 11.87
C ALA F 626 -22.81 -90.94 11.67
N ARG F 627 -22.87 -90.52 10.42
CA ARG F 627 -23.08 -89.13 9.99
C ARG F 627 -23.91 -88.30 10.94
N ILE F 628 -25.06 -88.84 11.38
CA ILE F 628 -26.05 -88.13 12.17
C ILE F 628 -25.69 -88.23 13.67
N SER F 629 -25.28 -89.39 14.15
CA SER F 629 -24.94 -89.55 15.59
C SER F 629 -23.62 -88.88 15.88
N GLN F 630 -22.78 -88.82 14.85
CA GLN F 630 -21.55 -88.05 14.79
C GLN F 630 -21.18 -87.33 16.07
N PRO F 631 -20.42 -88.00 16.94
CA PRO F 631 -20.16 -87.43 18.25
C PRO F 631 -19.42 -86.07 18.29
N GLN F 632 -18.71 -85.74 17.22
CA GLN F 632 -18.09 -84.42 17.07
C GLN F 632 -19.07 -83.28 17.24
N TYR F 633 -20.27 -83.47 16.74
CA TYR F 633 -21.37 -82.55 17.02
C TYR F 633 -21.67 -82.28 18.51
N ARG F 634 -21.31 -83.21 19.41
CA ARG F 634 -21.56 -83.00 20.84
C ARG F 634 -20.34 -82.56 21.63
N LYS F 635 -19.18 -82.57 20.99
CA LYS F 635 -17.90 -82.40 21.70
C LYS F 635 -17.77 -81.03 22.36
N TYR F 636 -18.22 -80.00 21.65
CA TYR F 636 -18.08 -78.64 22.11
C TYR F 636 -18.95 -78.47 23.36
N PHE F 637 -20.23 -78.86 23.27
CA PHE F 637 -21.11 -78.70 24.43
C PHE F 637 -20.71 -79.58 25.58
N PHE F 638 -20.17 -80.78 25.30
CA PHE F 638 -19.78 -81.65 26.39
C PHE F 638 -18.76 -80.98 27.28
N TYR F 639 -17.72 -80.38 26.69
CA TYR F 639 -16.72 -79.62 27.47
C TYR F 639 -17.20 -78.26 28.08
N LEU F 640 -17.85 -77.39 27.30
CA LEU F 640 -18.26 -76.03 27.74
C LEU F 640 -19.20 -76.04 28.94
N SER F 641 -20.14 -76.97 28.92
CA SER F 641 -21.04 -77.29 30.02
C SER F 641 -20.42 -77.86 31.29
N GLY F 642 -19.13 -78.16 31.29
CA GLY F 642 -18.53 -78.81 32.45
C GLY F 642 -18.83 -80.30 32.52
N GLY F 643 -18.91 -80.95 31.37
CA GLY F 643 -19.00 -82.40 31.31
C GLY F 643 -20.38 -82.97 31.63
N ASP F 644 -21.43 -82.25 31.22
CA ASP F 644 -22.84 -82.68 31.30
C ASP F 644 -22.92 -84.20 31.16
N GLU F 645 -23.35 -84.84 32.25
CA GLU F 645 -23.21 -86.29 32.41
C GLU F 645 -24.12 -87.07 31.45
N ARG F 646 -25.28 -86.50 31.10
CA ARG F 646 -26.14 -87.07 30.07
C ARG F 646 -25.42 -87.25 28.75
N VAL F 647 -24.96 -86.12 28.20
CA VAL F 647 -24.19 -86.10 26.96
C VAL F 647 -22.95 -86.99 27.13
N GLY F 648 -22.38 -87.01 28.32
CA GLY F 648 -21.32 -87.96 28.65
C GLY F 648 -21.62 -89.40 28.26
N GLU F 649 -22.82 -89.88 28.64
CA GLU F 649 -23.19 -91.27 28.31
C GLU F 649 -23.68 -91.41 26.89
N LEU F 650 -24.32 -90.38 26.35
CA LEU F 650 -24.56 -90.37 24.92
C LEU F 650 -23.25 -90.63 24.20
N LEU F 651 -22.19 -89.98 24.65
CA LEU F 651 -20.88 -90.14 23.98
C LEU F 651 -20.34 -91.55 24.10
N GLU F 652 -20.55 -92.17 25.25
CA GLU F 652 -20.12 -93.54 25.48
C GLU F 652 -20.95 -94.55 24.69
N GLU F 653 -22.26 -94.33 24.59
CA GLU F 653 -23.17 -95.21 23.83
C GLU F 653 -22.70 -95.38 22.41
N LEU F 654 -22.09 -94.35 21.87
CA LEU F 654 -21.62 -94.35 20.47
C LEU F 654 -20.36 -95.18 20.22
N LEU F 655 -19.69 -95.64 21.27
CA LEU F 655 -18.50 -96.45 21.12
C LEU F 655 -18.81 -97.80 20.51
N ASP F 656 -20.07 -98.20 20.52
CA ASP F 656 -20.56 -99.42 19.88
C ASP F 656 -21.02 -99.26 18.41
N THR F 657 -20.78 -98.11 17.81
CA THR F 657 -21.28 -97.79 16.47
C THR F 657 -20.67 -98.74 15.43
N ASP F 658 -19.41 -99.12 15.65
CA ASP F 658 -18.69 -100.01 14.75
C ASP F 658 -19.29 -101.41 14.64
N LYS F 659 -20.02 -101.86 15.65
CA LYS F 659 -20.81 -103.10 15.55
C LYS F 659 -21.96 -103.06 14.52
N THR F 660 -22.52 -101.89 14.23
CA THR F 660 -23.68 -101.79 13.32
C THR F 660 -23.43 -102.19 11.88
N TYR F 661 -22.17 -102.12 11.43
CA TYR F 661 -21.81 -102.49 10.05
C TYR F 661 -21.82 -104.01 9.85
N GLY F 662 -21.81 -104.77 10.94
CA GLY F 662 -22.22 -106.19 10.88
C GLY F 662 -23.72 -106.39 10.66
N GLU F 663 -24.56 -105.51 11.19
CA GLU F 663 -26.01 -105.61 11.07
C GLU F 663 -26.62 -104.88 9.91
N LEU F 664 -25.98 -103.82 9.40
CA LEU F 664 -26.63 -102.94 8.41
C LEU F 664 -25.61 -102.22 7.58
N ASP F 665 -25.85 -102.12 6.29
CA ASP F 665 -24.88 -101.58 5.36
C ASP F 665 -25.46 -100.30 4.75
N PRO F 666 -24.87 -99.15 5.06
CA PRO F 666 -25.47 -97.91 4.52
C PRO F 666 -25.44 -97.82 2.97
N GLN F 667 -24.44 -98.45 2.38
CA GLN F 667 -24.34 -98.58 0.92
C GLN F 667 -25.18 -99.75 0.32
N ARG F 668 -25.97 -100.47 1.12
CA ARG F 668 -26.62 -101.69 0.62
C ARG F 668 -27.34 -101.52 -0.72
N LYS F 669 -27.86 -100.33 -1.03
CA LYS F 669 -28.69 -100.13 -2.22
C LYS F 669 -27.97 -99.54 -3.43
N VAL F 670 -26.76 -99.03 -3.23
CA VAL F 670 -26.08 -98.29 -4.31
C VAL F 670 -24.77 -98.94 -4.70
N ARG F 671 -24.07 -99.46 -3.72
CA ARG F 671 -22.96 -100.43 -3.87
C ARG F 671 -23.07 -101.35 -5.11
N THR F 672 -22.01 -101.42 -5.91
CA THR F 672 -21.97 -102.34 -7.08
C THR F 672 -20.98 -103.55 -7.01
N ASP F 673 -20.30 -103.74 -5.88
CA ASP F 673 -19.33 -104.81 -5.73
C ASP F 673 -19.95 -106.16 -5.20
N GLY F 674 -21.28 -106.24 -5.22
CA GLY F 674 -22.02 -107.42 -4.81
C GLY F 674 -21.63 -107.96 -3.45
N TRP F 675 -21.25 -107.04 -2.55
CA TRP F 675 -20.85 -107.39 -1.18
C TRP F 675 -22.02 -107.21 -0.19
N GLU F 676 -22.15 -108.15 0.74
CA GLU F 676 -23.10 -108.05 1.87
C GLU F 676 -22.38 -108.35 3.18
N PRO F 677 -22.95 -107.93 4.31
CA PRO F 677 -22.39 -108.44 5.58
C PRO F 677 -22.78 -109.88 5.82
N SER F 678 -22.00 -110.56 6.65
CA SER F 678 -22.21 -111.96 7.00
C SER F 678 -21.48 -112.24 8.32
N PRO F 679 -21.95 -113.24 9.10
CA PRO F 679 -21.47 -113.37 10.47
C PRO F 679 -19.96 -113.53 10.54
N ASN F 680 -19.32 -112.90 11.53
CA ASN F 680 -17.87 -113.03 11.78
C ASN F 680 -16.94 -112.65 10.61
N SER F 681 -17.43 -111.86 9.66
CA SER F 681 -16.57 -111.38 8.58
C SER F 681 -16.17 -109.95 8.86
N THR F 682 -15.25 -109.46 8.03
CA THR F 682 -14.90 -108.05 8.03
C THR F 682 -16.10 -107.20 7.49
N VAL F 683 -16.22 -105.96 7.94
CA VAL F 683 -17.41 -105.13 7.70
C VAL F 683 -17.03 -103.87 6.93
N SER F 684 -17.89 -103.49 6.01
CA SER F 684 -17.67 -102.34 5.13
C SER F 684 -18.16 -101.07 5.79
N PHE F 685 -17.30 -100.06 5.85
CA PHE F 685 -17.77 -98.67 6.04
C PHE F 685 -16.99 -97.68 5.19
N GLY F 686 -17.53 -96.49 5.04
CA GLY F 686 -16.87 -95.42 4.31
C GLY F 686 -15.81 -94.65 5.09
N LEU F 687 -14.78 -94.23 4.38
CA LEU F 687 -13.66 -93.51 4.96
C LEU F 687 -13.98 -92.04 5.27
N GLY F 688 -15.16 -91.58 4.85
CA GLY F 688 -15.55 -90.18 4.93
C GLY F 688 -16.63 -90.06 5.97
N THR F 689 -17.89 -90.20 5.52
CA THR F 689 -19.00 -90.07 6.43
C THR F 689 -18.84 -90.99 7.62
N ASP F 690 -18.99 -92.27 7.38
CA ASP F 690 -18.95 -93.25 8.48
C ASP F 690 -17.69 -93.15 9.38
N TRP F 691 -16.49 -93.19 8.79
CA TRP F 691 -15.24 -93.09 9.57
C TRP F 691 -15.12 -91.81 10.42
N SER F 692 -15.61 -90.68 9.89
CA SER F 692 -15.54 -89.43 10.60
C SER F 692 -16.30 -89.52 11.89
N GLY F 693 -17.41 -90.26 11.87
CA GLY F 693 -18.26 -90.46 13.05
C GLY F 693 -17.61 -91.40 14.04
N LEU F 694 -17.08 -92.49 13.50
CA LEU F 694 -16.34 -93.47 14.31
C LEU F 694 -15.16 -92.84 14.99
N ALA F 695 -14.26 -92.28 14.20
CA ALA F 695 -13.02 -91.70 14.74
C ALA F 695 -13.24 -90.63 15.83
N ALA F 696 -14.29 -89.83 15.65
CA ALA F 696 -14.56 -88.72 16.54
C ALA F 696 -14.94 -89.25 17.87
N GLY F 697 -15.83 -90.24 17.86
CA GLY F 697 -16.27 -90.97 19.07
C GLY F 697 -15.14 -91.71 19.78
N TRP F 698 -14.20 -92.27 19.02
CA TRP F 698 -13.02 -92.85 19.64
C TRP F 698 -12.08 -91.78 20.20
N LEU F 699 -11.73 -90.75 19.41
CA LEU F 699 -10.93 -89.63 19.94
C LEU F 699 -11.50 -89.01 21.22
N ILE F 700 -12.82 -88.81 21.26
CA ILE F 700 -13.44 -88.29 22.45
C ILE F 700 -13.23 -89.24 23.63
N GLU F 701 -13.37 -90.56 23.42
CA GLU F 701 -13.20 -91.49 24.55
C GLU F 701 -11.75 -91.46 25.04
N TRP F 702 -10.79 -91.41 24.12
CA TRP F 702 -9.39 -91.34 24.47
C TRP F 702 -9.10 -90.08 25.29
N GLU F 703 -9.54 -88.92 24.77
CA GLU F 703 -9.46 -87.64 25.51
C GLU F 703 -9.89 -87.78 26.94
N ARG F 704 -11.04 -88.43 27.13
CA ARG F 704 -11.63 -88.58 28.46
C ARG F 704 -11.01 -89.64 29.36
N ARG F 705 -10.14 -90.49 28.84
CA ARG F 705 -9.61 -91.61 29.63
C ARG F 705 -10.73 -92.33 30.38
N GLY F 706 -11.81 -92.56 29.66
CA GLY F 706 -12.94 -93.34 30.15
C GLY F 706 -12.72 -94.84 29.95
N PRO F 707 -13.67 -95.65 30.42
CA PRO F 707 -13.39 -97.09 30.63
C PRO F 707 -12.96 -97.84 29.38
N ARG F 708 -13.05 -97.22 28.20
CA ARG F 708 -12.69 -97.88 26.95
C ARG F 708 -11.66 -97.16 26.17
N TRP F 709 -10.83 -96.36 26.85
CA TRP F 709 -9.92 -95.47 26.13
C TRP F 709 -8.82 -96.19 25.38
N GLU F 710 -8.35 -97.31 25.90
CA GLU F 710 -7.26 -98.04 25.28
C GLU F 710 -7.75 -98.71 24.03
N GLU F 711 -9.00 -99.19 24.09
CA GLU F 711 -9.74 -99.65 22.91
C GLU F 711 -9.92 -98.56 21.84
N ALA F 712 -10.49 -97.44 22.26
CA ALA F 712 -10.62 -96.23 21.42
C ALA F 712 -9.31 -95.76 20.76
N LYS F 713 -8.29 -95.61 21.58
CA LYS F 713 -6.98 -95.23 21.09
C LYS F 713 -6.48 -96.20 20.04
N THR F 714 -6.69 -97.50 20.29
CA THR F 714 -6.20 -98.55 19.41
C THR F 714 -6.97 -98.48 18.12
N LYS F 715 -8.30 -98.41 18.23
CA LYS F 715 -9.14 -98.40 17.03
C LYS F 715 -8.94 -97.18 16.12
N LEU F 716 -8.67 -96.02 16.72
CA LEU F 716 -8.35 -94.81 15.95
C LEU F 716 -7.00 -94.99 15.23
N THR F 717 -5.96 -95.36 15.99
CA THR F 717 -4.63 -95.51 15.45
C THR F 717 -4.55 -96.61 14.36
N ASN F 718 -5.18 -97.76 14.58
CA ASN F 718 -5.19 -98.80 13.54
C ASN F 718 -5.96 -98.36 12.28
N THR F 719 -7.13 -97.73 12.46
CA THR F 719 -7.91 -97.23 11.29
C THR F 719 -7.22 -96.10 10.56
N ILE F 720 -6.48 -95.29 11.31
CA ILE F 720 -5.66 -94.24 10.74
C ILE F 720 -4.52 -94.82 9.92
N ALA F 721 -3.79 -95.77 10.47
CA ALA F 721 -2.73 -96.48 9.71
C ALA F 721 -3.29 -97.21 8.48
N GLY F 722 -4.43 -97.86 8.65
CA GLY F 722 -5.16 -98.46 7.54
C GLY F 722 -5.39 -97.51 6.38
N ILE F 723 -5.98 -96.34 6.64
CA ILE F 723 -6.22 -95.36 5.57
C ILE F 723 -4.89 -94.99 4.93
N ALA F 724 -3.86 -94.77 5.73
CA ALA F 724 -2.53 -94.51 5.18
C ALA F 724 -2.03 -95.64 4.23
N ASN F 725 -2.19 -96.91 4.62
CA ASN F 725 -1.65 -98.03 3.80
C ASN F 725 -2.49 -98.38 2.56
N LEU F 726 -3.62 -97.69 2.39
CA LEU F 726 -4.37 -97.78 1.14
C LEU F 726 -3.61 -97.08 0.04
N THR F 727 -3.67 -97.64 -1.16
CA THR F 727 -2.90 -97.08 -2.24
C THR F 727 -3.34 -95.63 -2.51
N ASN F 728 -4.64 -95.38 -2.49
CA ASN F 728 -5.15 -94.05 -2.75
C ASN F 728 -5.66 -93.26 -1.51
N GLY F 729 -5.36 -93.71 -0.29
CA GLY F 729 -5.81 -93.03 0.93
C GLY F 729 -7.33 -92.91 1.01
N PHE F 730 -7.83 -91.73 1.39
CA PHE F 730 -9.29 -91.44 1.42
C PHE F 730 -10.04 -91.53 0.06
N VAL F 731 -9.30 -91.59 -1.04
CA VAL F 731 -9.89 -91.60 -2.37
C VAL F 731 -10.45 -93.01 -2.71
N THR F 732 -9.80 -94.08 -2.27
CA THR F 732 -10.47 -95.38 -2.11
C THR F 732 -11.70 -95.01 -1.32
N GLY F 733 -12.89 -95.40 -1.70
CA GLY F 733 -14.08 -94.80 -1.01
C GLY F 733 -14.36 -95.26 0.40
N SER F 734 -13.99 -96.52 0.65
CA SER F 734 -14.45 -97.29 1.78
C SER F 734 -13.40 -98.32 2.05
N GLY F 735 -13.55 -99.02 3.16
CA GLY F 735 -12.67 -100.12 3.51
C GLY F 735 -13.43 -101.30 4.10
N LEU F 736 -12.65 -102.27 4.57
CA LEU F 736 -13.14 -103.42 5.27
C LEU F 736 -12.44 -103.43 6.60
N TYR F 737 -13.23 -103.51 7.66
CA TYR F 737 -12.76 -103.42 9.04
C TYR F 737 -13.01 -104.76 9.68
N ASP F 738 -12.01 -105.27 10.41
CA ASP F 738 -12.06 -106.53 11.14
C ASP F 738 -12.55 -106.21 12.54
N PRO F 739 -13.69 -106.77 12.93
CA PRO F 739 -14.15 -106.47 14.30
C PRO F 739 -13.40 -107.16 15.44
N VAL F 740 -12.41 -108.02 15.17
CA VAL F 740 -11.56 -108.53 16.28
C VAL F 740 -10.13 -108.01 16.26
N THR F 741 -9.48 -107.90 15.10
CA THR F 741 -8.13 -107.33 15.08
C THR F 741 -8.15 -105.79 15.17
N TRP F 742 -9.30 -105.19 14.89
CA TRP F 742 -9.47 -103.74 14.82
C TRP F 742 -8.52 -103.08 13.81
N THR F 743 -8.48 -103.64 12.61
CA THR F 743 -7.64 -103.16 11.49
C THR F 743 -8.56 -102.81 10.33
N LEU F 744 -8.02 -102.14 9.33
CA LEU F 744 -8.82 -101.65 8.24
C LEU F 744 -8.05 -101.95 7.01
N GLY F 745 -8.66 -102.65 6.08
CA GLY F 745 -8.04 -103.03 4.81
C GLY F 745 -8.86 -102.53 3.64
N PRO F 746 -8.41 -102.81 2.42
CA PRO F 746 -9.10 -102.25 1.28
C PRO F 746 -10.50 -102.88 1.03
N PRO F 747 -11.32 -102.23 0.18
CA PRO F 747 -12.70 -102.64 -0.02
C PRO F 747 -12.85 -103.92 -0.83
N PRO F 748 -14.08 -104.52 -0.84
CA PRO F 748 -14.35 -105.80 -1.54
C PRO F 748 -13.77 -105.94 -2.95
N SER F 749 -13.81 -104.89 -3.77
CA SER F 749 -13.30 -104.91 -5.16
C SER F 749 -11.79 -104.74 -5.39
N ASP F 750 -10.95 -104.72 -4.33
CA ASP F 750 -9.52 -104.38 -4.46
C ASP F 750 -8.68 -105.07 -3.37
N PRO F 751 -8.85 -106.40 -3.20
CA PRO F 751 -8.17 -107.08 -2.05
C PRO F 751 -6.62 -106.99 -2.05
N GLY F 752 -6.03 -106.72 -3.23
CA GLY F 752 -4.62 -106.45 -3.36
C GLY F 752 -4.19 -104.98 -3.24
N ASN F 753 -5.08 -104.06 -2.80
CA ASN F 753 -4.70 -102.65 -2.56
C ASN F 753 -3.98 -102.09 -3.82
N ARG F 754 -4.49 -102.44 -5.01
CA ARG F 754 -3.97 -101.93 -6.31
C ARG F 754 -4.32 -100.45 -6.51
N GLY F 755 -5.45 -100.01 -5.94
CA GLY F 755 -5.91 -98.64 -6.12
C GLY F 755 -7.36 -98.61 -6.55
N ASN F 756 -8.15 -97.84 -5.82
CA ASN F 756 -9.59 -97.81 -6.03
C ASN F 756 -9.99 -96.36 -5.86
N VAL F 757 -11.02 -95.92 -6.61
CA VAL F 757 -11.42 -94.49 -6.60
C VAL F 757 -12.90 -94.35 -6.43
N SER F 758 -13.31 -93.70 -5.36
CA SER F 758 -14.73 -93.50 -5.09
C SER F 758 -14.91 -92.20 -4.30
N ILE F 759 -15.42 -91.19 -5.02
CA ILE F 759 -15.53 -89.83 -4.53
C ILE F 759 -16.97 -89.58 -4.18
N SER F 760 -17.18 -88.95 -3.04
CA SER F 760 -18.49 -88.45 -2.68
C SER F 760 -18.37 -87.03 -2.18
N HIS F 761 -19.17 -86.12 -2.76
CA HIS F 761 -19.26 -84.74 -2.26
C HIS F 761 -19.63 -84.71 -0.77
N LEU F 762 -20.24 -85.78 -0.27
CA LEU F 762 -20.61 -85.89 1.14
C LEU F 762 -19.50 -86.21 2.11
N ASN F 763 -18.39 -86.78 1.67
CA ASN F 763 -17.44 -87.40 2.62
C ASN F 763 -16.84 -86.50 3.69
N ALA F 764 -16.65 -85.22 3.34
CA ALA F 764 -15.89 -84.32 4.17
C ALA F 764 -16.77 -83.28 4.87
N VAL F 765 -18.07 -83.37 4.70
CA VAL F 765 -18.96 -82.28 5.19
C VAL F 765 -19.75 -82.67 6.41
N PHE F 766 -19.36 -83.75 7.07
CA PHE F 766 -20.01 -84.29 8.26
C PHE F 766 -19.00 -84.52 9.38
N GLY F 767 -17.85 -83.87 9.28
CA GLY F 767 -16.95 -83.75 10.40
C GLY F 767 -15.52 -84.07 10.10
N LEU F 768 -15.24 -84.67 8.95
CA LEU F 768 -13.93 -85.22 8.65
C LEU F 768 -12.78 -84.25 8.91
N PRO F 769 -12.84 -83.02 8.38
CA PRO F 769 -11.64 -82.19 8.60
C PRO F 769 -11.44 -81.81 10.04
N GLU F 770 -12.52 -81.60 10.75
CA GLU F 770 -12.46 -81.18 12.14
C GLU F 770 -11.83 -82.27 13.01
N VAL F 771 -12.34 -83.47 12.83
CA VAL F 771 -11.89 -84.64 13.59
C VAL F 771 -10.48 -84.98 13.19
N VAL F 772 -10.23 -85.06 11.89
CA VAL F 772 -8.86 -85.36 11.39
C VAL F 772 -7.83 -84.39 11.94
N SER F 773 -8.14 -83.09 11.95
CA SER F 773 -7.15 -82.15 12.46
C SER F 773 -6.93 -82.38 13.96
N GLU F 774 -7.98 -82.65 14.74
CA GLU F 774 -7.84 -82.95 16.17
C GLU F 774 -7.08 -84.26 16.41
N ALA F 775 -7.41 -85.32 15.65
CA ALA F 775 -6.65 -86.60 15.67
C ALA F 775 -5.19 -86.43 15.30
N ILE F 776 -4.87 -85.57 14.33
CA ILE F 776 -3.47 -85.39 13.91
C ILE F 776 -2.68 -84.75 15.05
N ALA F 777 -3.26 -83.74 15.68
CA ALA F 777 -2.59 -83.04 16.77
C ALA F 777 -2.36 -84.00 17.98
N TYR F 778 -3.41 -84.76 18.32
CA TYR F 778 -3.40 -85.73 19.41
C TYR F 778 -2.33 -86.81 19.24
N LEU F 779 -2.30 -87.47 18.09
CA LEU F 779 -1.29 -88.51 17.85
C LEU F 779 0.20 -88.05 17.90
N ALA F 780 0.45 -86.77 17.59
CA ALA F 780 1.81 -86.20 17.67
C ALA F 780 2.81 -87.02 16.83
N ASP F 781 4.04 -87.14 17.35
CA ASP F 781 5.03 -88.19 17.01
C ASP F 781 4.46 -89.55 16.62
N ASP F 782 3.45 -90.04 17.36
CA ASP F 782 2.96 -91.42 17.15
C ASP F 782 1.97 -91.58 15.98
N ILE F 783 1.78 -90.53 15.19
CA ILE F 783 0.96 -90.63 13.99
C ILE F 783 1.57 -91.57 12.93
N PRO F 784 0.74 -92.43 12.30
CA PRO F 784 1.29 -93.36 11.31
C PRO F 784 1.82 -92.70 10.05
N LYS F 785 2.79 -93.37 9.43
CA LYS F 785 3.49 -92.83 8.29
C LYS F 785 2.53 -92.68 7.13
N GLY F 786 2.45 -91.45 6.64
CA GLY F 786 1.68 -91.12 5.46
C GLY F 786 0.20 -90.90 5.68
N PHE F 787 -0.27 -90.81 6.92
CA PHE F 787 -1.66 -90.41 7.12
C PHE F 787 -1.82 -88.98 6.68
N LYS F 788 -1.05 -88.11 7.29
CA LYS F 788 -1.09 -86.68 6.99
C LYS F 788 -1.03 -86.38 5.48
N GLN F 789 -0.17 -87.10 4.75
CA GLN F 789 -0.01 -86.91 3.31
C GLN F 789 -1.28 -87.26 2.61
N ALA F 790 -1.86 -88.39 2.98
CA ALA F 790 -3.11 -88.83 2.37
C ALA F 790 -4.29 -87.85 2.59
N TRP F 791 -4.29 -87.19 3.74
CA TRP F 791 -5.34 -86.22 4.05
C TRP F 791 -5.05 -85.00 3.20
N LEU F 792 -3.83 -84.52 3.23
CA LEU F 792 -3.43 -83.42 2.35
C LEU F 792 -3.70 -83.69 0.86
N ASP F 793 -3.46 -84.92 0.42
CA ASP F 793 -3.76 -85.39 -0.95
C ASP F 793 -5.28 -85.23 -1.24
N TYR F 794 -6.12 -85.63 -0.29
CA TYR F 794 -7.55 -85.47 -0.49
C TYR F 794 -7.92 -83.99 -0.61
N CYS F 795 -7.38 -83.19 0.32
CA CYS F 795 -7.72 -81.77 0.41
C CYS F 795 -7.34 -81.05 -0.87
N TYR F 796 -6.15 -81.40 -1.40
CA TYR F 796 -5.64 -80.76 -2.60
C TYR F 796 -6.34 -81.28 -3.92
N TYR F 797 -6.42 -82.59 -4.15
CA TYR F 797 -6.96 -83.02 -5.44
C TYR F 797 -8.50 -82.82 -5.56
N TYR F 798 -9.18 -82.55 -4.45
CA TYR F 798 -10.64 -82.44 -4.54
C TYR F 798 -11.09 -81.44 -5.62
N HIS F 799 -10.46 -80.25 -5.64
CA HIS F 799 -10.63 -79.28 -6.72
C HIS F 799 -9.33 -78.80 -7.37
N ALA F 800 -8.42 -79.74 -7.61
CA ALA F 800 -7.33 -79.54 -8.59
C ALA F 800 -7.87 -79.76 -10.02
N SER F 801 -7.02 -79.73 -11.05
CA SER F 801 -7.54 -79.92 -12.40
C SER F 801 -7.92 -81.40 -12.66
N ALA F 802 -8.82 -81.61 -13.62
CA ALA F 802 -9.15 -82.95 -14.09
C ALA F 802 -7.89 -83.76 -14.45
N SER F 803 -6.88 -83.10 -15.03
CA SER F 803 -5.61 -83.72 -15.36
C SER F 803 -4.73 -84.00 -14.15
N GLU F 804 -4.73 -83.12 -13.16
CA GLU F 804 -4.02 -83.41 -11.89
C GLU F 804 -4.62 -84.65 -11.28
N GLN F 805 -5.94 -84.71 -11.28
CA GLN F 805 -6.62 -85.86 -10.71
C GLN F 805 -6.24 -87.15 -11.46
N LYS F 806 -6.37 -87.15 -12.80
CA LYS F 806 -6.00 -88.29 -13.67
C LYS F 806 -4.53 -88.71 -13.53
N ASP F 807 -3.63 -87.75 -13.36
CA ASP F 807 -2.20 -88.05 -13.23
C ASP F 807 -1.94 -88.86 -11.95
N ARG F 808 -2.75 -88.62 -10.92
CA ARG F 808 -2.51 -89.18 -9.59
C ARG F 808 -3.29 -90.42 -9.26
N TYR F 809 -4.53 -90.49 -9.76
CA TYR F 809 -5.47 -91.49 -9.32
C TYR F 809 -5.90 -92.47 -10.40
N GLY F 810 -5.79 -92.06 -11.67
CA GLY F 810 -6.10 -92.92 -12.82
C GLY F 810 -7.31 -92.45 -13.58
N VAL F 811 -8.24 -91.80 -12.88
CA VAL F 811 -9.33 -91.05 -13.51
C VAL F 811 -9.38 -89.65 -12.95
N SER F 812 -10.17 -88.81 -13.59
CA SER F 812 -10.58 -87.52 -13.02
C SER F 812 -11.83 -87.75 -12.17
N PHE F 813 -12.06 -86.85 -11.21
CA PHE F 813 -13.17 -86.96 -10.30
C PHE F 813 -14.45 -86.49 -11.01
N SER F 814 -15.51 -87.28 -10.83
CA SER F 814 -16.72 -87.14 -11.63
C SER F 814 -17.62 -86.09 -11.01
N LYS F 815 -18.28 -86.52 -9.93
CA LYS F 815 -19.39 -85.81 -9.35
C LYS F 815 -18.89 -85.02 -8.14
N ILE F 816 -18.20 -83.90 -8.46
CA ILE F 816 -17.62 -82.99 -7.46
C ILE F 816 -18.51 -81.76 -7.27
N SER F 817 -19.29 -81.79 -6.20
CA SER F 817 -20.15 -80.69 -5.84
C SER F 817 -19.62 -80.06 -4.56
N LEU F 818 -20.40 -79.11 -4.04
CA LEU F 818 -20.19 -78.51 -2.71
C LEU F 818 -18.77 -77.97 -2.66
N LEU F 819 -18.44 -77.22 -3.69
CA LEU F 819 -17.12 -76.62 -3.83
C LEU F 819 -16.87 -75.50 -2.80
N GLN F 820 -17.86 -74.64 -2.60
CA GLN F 820 -17.82 -73.69 -1.50
C GLN F 820 -17.57 -74.42 -0.17
N ALA F 821 -18.37 -75.45 0.11
CA ALA F 821 -18.24 -76.23 1.32
C ALA F 821 -16.82 -76.80 1.44
N HIS F 822 -16.26 -77.24 0.33
CA HIS F 822 -14.91 -77.78 0.34
C HIS F 822 -13.79 -76.69 0.20
N SER F 823 -14.13 -75.42 0.05
CA SER F 823 -13.07 -74.45 0.05
C SER F 823 -12.18 -74.62 1.31
N ARG F 824 -12.80 -74.93 2.45
CA ARG F 824 -12.04 -75.05 3.68
C ARG F 824 -11.08 -76.23 3.75
N LEU F 825 -11.24 -77.24 2.90
CA LEU F 825 -10.20 -78.27 2.80
C LEU F 825 -8.96 -77.67 2.12
N ALA F 826 -9.17 -76.88 1.07
CA ALA F 826 -8.07 -76.21 0.40
C ALA F 826 -7.41 -75.21 1.34
N ALA F 827 -8.22 -74.53 2.13
CA ALA F 827 -7.74 -73.56 3.12
C ALA F 827 -6.81 -74.19 4.15
N TYR F 828 -7.19 -75.37 4.63
CA TYR F 828 -6.41 -76.13 5.63
C TYR F 828 -5.11 -76.56 5.01
N ALA F 829 -5.20 -77.16 3.83
CA ALA F 829 -4.02 -77.58 3.07
C ALA F 829 -3.05 -76.43 2.77
N ALA F 830 -3.61 -75.24 2.54
CA ALA F 830 -2.82 -74.06 2.24
C ALA F 830 -2.01 -73.67 3.48
N TYR F 831 -2.70 -73.58 4.61
CA TYR F 831 -2.06 -73.23 5.87
C TYR F 831 -0.93 -74.19 6.23
N GLU F 832 -1.16 -75.47 6.02
CA GLU F 832 -0.24 -76.49 6.49
C GLU F 832 1.01 -76.51 5.60
N THR F 833 0.81 -76.26 4.30
CA THR F 833 1.94 -76.21 3.32
C THR F 833 2.43 -74.80 3.02
N LYS F 834 1.91 -73.80 3.71
CA LYS F 834 2.40 -72.43 3.58
C LYS F 834 2.38 -72.03 2.10
N ASN F 835 1.27 -72.29 1.40
CA ASN F 835 1.18 -72.10 -0.06
C ASN F 835 0.09 -71.11 -0.43
N LYS F 836 0.50 -69.90 -0.72
CA LYS F 836 -0.40 -68.80 -1.07
C LYS F 836 -1.39 -69.13 -2.19
N THR F 837 -0.89 -69.74 -3.26
CA THR F 837 -1.69 -70.01 -4.46
C THR F 837 -2.89 -70.87 -4.09
N LEU F 838 -2.62 -71.89 -3.26
CA LEU F 838 -3.63 -72.79 -2.80
C LEU F 838 -4.68 -72.08 -1.90
N ALA F 839 -4.22 -71.17 -1.05
CA ALA F 839 -5.14 -70.30 -0.33
C ALA F 839 -6.04 -69.51 -1.27
N LEU F 840 -5.54 -69.04 -2.41
CA LEU F 840 -6.39 -68.31 -3.37
C LEU F 840 -7.41 -69.22 -4.04
N ARG F 841 -7.16 -70.53 -4.10
CA ARG F 841 -8.21 -71.47 -4.49
C ARG F 841 -9.31 -71.45 -3.47
N ALA F 842 -8.91 -71.53 -2.21
CA ALA F 842 -9.86 -71.43 -1.13
C ALA F 842 -10.81 -70.27 -1.32
N TRP F 843 -10.30 -69.07 -1.42
CA TRP F 843 -11.19 -67.93 -1.56
C TRP F 843 -11.96 -67.94 -2.90
N LYS F 844 -11.36 -68.48 -3.94
CA LYS F 844 -12.01 -68.48 -5.26
C LYS F 844 -13.26 -69.36 -5.19
N ASP F 845 -13.05 -70.58 -4.70
CA ASP F 845 -14.14 -71.51 -4.48
C ASP F 845 -15.17 -70.98 -3.43
N PHE F 846 -14.73 -70.23 -2.44
CA PHE F 846 -15.67 -69.55 -1.54
C PHE F 846 -16.57 -68.54 -2.27
N TYR F 847 -15.94 -67.64 -3.03
CA TYR F 847 -16.61 -66.46 -3.62
C TYR F 847 -17.26 -66.69 -4.98
N ALA F 848 -16.81 -67.68 -5.74
CA ALA F 848 -17.27 -67.87 -7.12
C ALA F 848 -17.34 -69.35 -7.55
N SER F 849 -18.22 -70.10 -6.89
CA SER F 849 -18.59 -71.48 -7.33
C SER F 849 -20.07 -71.82 -7.00
N ASP F 850 -20.36 -72.38 -5.84
CA ASP F 850 -21.74 -72.80 -5.56
C ASP F 850 -22.06 -72.40 -4.14
N GLY F 851 -23.05 -73.04 -3.51
CA GLY F 851 -23.50 -72.60 -2.20
C GLY F 851 -24.08 -71.21 -2.35
N LEU F 852 -23.70 -70.31 -1.45
CA LEU F 852 -24.26 -68.98 -1.42
C LEU F 852 -23.23 -68.07 -2.04
N LEU F 853 -23.57 -67.53 -3.20
CA LEU F 853 -22.69 -66.61 -3.90
C LEU F 853 -22.72 -65.24 -3.19
N PRO F 854 -21.61 -64.51 -3.25
CA PRO F 854 -21.58 -63.21 -2.62
C PRO F 854 -22.62 -62.26 -3.19
N ASP F 855 -23.07 -62.45 -4.44
CA ASP F 855 -24.09 -61.55 -5.04
C ASP F 855 -25.51 -62.12 -5.00
N ALA F 856 -25.76 -63.13 -4.16
CA ALA F 856 -27.12 -63.59 -3.94
C ALA F 856 -27.96 -62.51 -3.14
N PRO F 857 -29.28 -62.71 -3.04
CA PRO F 857 -30.12 -61.63 -2.50
C PRO F 857 -29.71 -61.12 -1.13
N TRP F 858 -29.23 -62.01 -0.27
CA TRP F 858 -28.79 -61.66 1.09
C TRP F 858 -29.82 -60.80 1.79
N ASN F 859 -31.08 -61.21 1.80
CA ASN F 859 -32.15 -60.48 2.49
C ASN F 859 -33.34 -61.39 2.84
N ILE F 860 -34.33 -60.83 3.52
CA ILE F 860 -35.53 -61.56 3.80
C ILE F 860 -36.65 -60.84 3.13
N THR F 861 -37.75 -61.54 2.94
CA THR F 861 -38.95 -61.05 2.29
C THR F 861 -40.16 -61.41 3.16
N HIS F 862 -41.02 -60.42 3.41
CA HIS F 862 -42.14 -60.63 4.28
C HIS F 862 -43.33 -61.03 3.42
N VAL F 863 -43.93 -62.19 3.74
CA VAL F 863 -45.13 -62.68 3.06
C VAL F 863 -46.27 -62.71 4.05
N ASP F 864 -47.44 -62.18 3.64
CA ASP F 864 -48.61 -62.01 4.53
C ASP F 864 -49.96 -62.05 3.79
N GLY F 865 -51.05 -61.76 4.45
CA GLY F 865 -52.37 -61.89 3.81
C GLY F 865 -52.76 -63.30 3.42
N SER F 866 -53.45 -63.46 2.28
CA SER F 866 -54.03 -64.75 1.90
C SER F 866 -53.08 -65.78 1.32
N ASP F 867 -51.80 -65.45 1.12
CA ASP F 867 -50.86 -66.42 0.52
C ASP F 867 -50.52 -67.50 1.53
N VAL F 868 -50.51 -67.10 2.81
CA VAL F 868 -50.07 -67.97 3.90
C VAL F 868 -50.96 -67.95 5.16
N LEU F 869 -50.83 -69.03 5.92
CA LEU F 869 -51.56 -69.18 7.18
C LEU F 869 -51.29 -68.02 8.13
N VAL F 870 -50.02 -67.79 8.43
CA VAL F 870 -49.63 -66.65 9.25
C VAL F 870 -48.53 -65.86 8.62
N PRO F 871 -48.37 -64.60 9.01
CA PRO F 871 -47.27 -63.85 8.42
C PRO F 871 -45.90 -64.49 8.70
N VAL F 872 -45.07 -64.52 7.66
CA VAL F 872 -43.73 -65.09 7.68
C VAL F 872 -42.67 -64.26 6.92
N ASP F 873 -41.42 -64.41 7.36
CA ASP F 873 -40.25 -63.92 6.65
C ASP F 873 -39.64 -65.15 5.95
N GLU F 874 -39.12 -64.97 4.75
CA GLU F 874 -38.49 -66.04 4.01
C GLU F 874 -37.22 -65.64 3.32
N ALA F 875 -36.46 -66.66 2.94
CA ALA F 875 -35.17 -66.55 2.29
C ALA F 875 -35.14 -67.73 1.34
N ALA F 876 -36.02 -67.66 0.36
CA ALA F 876 -36.20 -68.75 -0.63
C ALA F 876 -34.91 -69.15 -1.35
N TRP F 877 -33.99 -68.18 -1.47
CA TRP F 877 -32.68 -68.32 -2.15
C TRP F 877 -31.66 -69.17 -1.38
N LEU F 878 -31.95 -69.49 -0.12
CA LEU F 878 -31.14 -70.43 0.68
C LEU F 878 -31.93 -71.62 1.19
N ALA F 879 -31.16 -72.64 1.53
CA ALA F 879 -31.58 -73.85 2.23
C ALA F 879 -30.51 -74.18 3.31
N THR F 880 -30.81 -75.10 4.24
CA THR F 880 -29.96 -75.31 5.40
C THR F 880 -28.60 -75.96 5.06
N ASN F 881 -28.58 -76.82 4.06
CA ASN F 881 -27.30 -77.28 3.56
C ASN F 881 -26.35 -76.12 3.21
N ASP F 882 -26.89 -75.06 2.62
CA ASP F 882 -26.09 -73.92 2.18
C ASP F 882 -25.53 -73.15 3.37
N ILE F 883 -26.39 -72.78 4.33
CA ILE F 883 -25.94 -71.97 5.46
C ILE F 883 -24.96 -72.74 6.35
N ALA F 884 -25.21 -74.02 6.59
CA ALA F 884 -24.30 -74.73 7.49
C ALA F 884 -22.91 -74.76 6.89
N GLN F 885 -22.83 -74.96 5.58
CA GLN F 885 -21.51 -75.08 4.92
C GLN F 885 -20.93 -73.75 4.59
N TYR F 886 -21.76 -72.76 4.29
CA TYR F 886 -21.28 -71.39 4.10
C TYR F 886 -20.63 -70.92 5.38
N GLY F 887 -21.27 -71.20 6.49
CA GLY F 887 -20.81 -70.73 7.76
C GLY F 887 -19.52 -71.36 8.16
N LEU F 888 -19.45 -72.68 7.98
CA LEU F 888 -18.24 -73.41 8.28
C LEU F 888 -17.10 -72.96 7.43
N ALA F 889 -17.38 -72.57 6.19
CA ALA F 889 -16.32 -72.10 5.28
C ALA F 889 -15.82 -70.73 5.64
N VAL F 890 -16.72 -69.78 5.93
CA VAL F 890 -16.31 -68.46 6.42
C VAL F 890 -15.35 -68.70 7.57
N ILE F 891 -15.86 -69.39 8.59
CA ILE F 891 -15.13 -69.53 9.84
C ILE F 891 -13.75 -70.16 9.64
N GLN F 892 -13.72 -71.23 8.86
CA GLN F 892 -12.51 -72.02 8.68
C GLN F 892 -11.52 -71.38 7.70
N ASN F 893 -12.04 -70.78 6.63
CA ASN F 893 -11.22 -70.01 5.70
C ASN F 893 -10.60 -68.82 6.40
N LEU F 894 -11.40 -68.07 7.15
CA LEU F 894 -10.82 -66.97 7.96
C LEU F 894 -9.74 -67.46 8.95
N ALA F 895 -9.90 -68.64 9.53
CA ALA F 895 -8.93 -69.12 10.47
C ALA F 895 -7.63 -69.55 9.79
N TYR F 896 -7.71 -70.25 8.67
CA TYR F 896 -6.48 -70.73 7.98
C TYR F 896 -5.81 -69.73 7.01
N VAL F 897 -6.60 -68.90 6.33
CA VAL F 897 -6.08 -68.18 5.19
C VAL F 897 -6.59 -66.74 5.12
N SER F 898 -6.73 -66.08 6.26
CA SER F 898 -7.21 -64.71 6.24
C SER F 898 -6.13 -63.79 5.71
N ASP F 899 -4.87 -64.16 5.89
CA ASP F 899 -3.76 -63.30 5.41
C ASP F 899 -3.76 -63.12 3.90
N SER F 900 -4.37 -64.09 3.21
CA SER F 900 -4.63 -64.08 1.78
C SER F 900 -6.01 -63.48 1.36
N LEU F 901 -6.86 -63.07 2.30
CA LEU F 901 -8.21 -62.63 1.92
C LEU F 901 -8.21 -61.32 1.17
N ASP F 902 -7.41 -60.35 1.59
CA ASP F 902 -7.35 -59.09 0.91
C ASP F 902 -6.57 -59.31 -0.39
N ASP F 903 -5.64 -60.25 -0.37
CA ASP F 903 -4.84 -60.54 -1.57
C ASP F 903 -5.81 -60.95 -2.66
N TYR F 904 -6.69 -61.91 -2.34
CA TYR F 904 -7.77 -62.33 -3.26
C TYR F 904 -8.62 -61.14 -3.79
N GLN F 905 -9.01 -60.22 -2.91
CA GLN F 905 -9.86 -59.07 -3.27
C GLN F 905 -9.28 -58.07 -4.28
N SER F 906 -8.01 -58.19 -4.71
CA SER F 906 -7.46 -57.35 -5.82
C SER F 906 -7.27 -58.04 -7.18
N PHE G 1 -108.04 -40.03 -3.96
CA PHE G 1 -107.65 -39.76 -2.58
C PHE G 1 -106.20 -39.38 -2.46
N ASN G 2 -105.80 -38.80 -1.35
CA ASN G 2 -104.44 -38.31 -1.23
C ASN G 2 -103.34 -39.24 -0.81
N CYS G 3 -102.12 -38.76 -0.95
CA CYS G 3 -100.93 -39.51 -0.63
C CYS G 3 -100.25 -39.08 0.63
N THR G 4 -99.81 -40.08 1.35
CA THR G 4 -99.01 -39.91 2.52
C THR G 4 -97.78 -40.73 2.16
N SER G 5 -96.65 -40.08 2.13
CA SER G 5 -95.41 -40.68 1.75
C SER G 5 -94.27 -40.06 2.51
N SER G 6 -93.27 -40.85 2.80
CA SER G 6 -92.11 -40.35 3.56
C SER G 6 -90.99 -41.31 3.34
N SER G 7 -89.81 -40.95 3.84
CA SER G 7 -88.60 -41.70 3.56
C SER G 7 -87.77 -41.94 4.82
N ALA G 8 -87.03 -43.03 4.81
CA ALA G 8 -86.10 -43.36 5.89
C ALA G 8 -84.91 -43.97 5.25
N THR G 9 -83.76 -43.57 5.78
CA THR G 9 -82.50 -43.92 5.18
C THR G 9 -81.75 -44.81 6.12
N VAL G 10 -81.06 -45.76 5.50
CA VAL G 10 -80.43 -46.86 6.18
C VAL G 10 -78.93 -46.81 5.79
N HIS G 11 -78.06 -47.17 6.71
CA HIS G 11 -76.60 -46.98 6.57
C HIS G 11 -75.88 -48.23 6.93
N TRP G 12 -74.75 -48.52 6.30
CA TRP G 12 -73.91 -49.62 6.77
C TRP G 12 -73.40 -49.34 8.20
N LEU G 13 -73.20 -50.42 8.98
CA LEU G 13 -72.98 -50.26 10.42
C LEU G 13 -71.64 -49.68 10.66
N GLY G 14 -70.60 -50.27 10.09
CA GLY G 14 -69.29 -49.64 10.23
C GLY G 14 -68.90 -48.94 8.94
N ASP G 15 -67.66 -49.23 8.53
CA ASP G 15 -67.20 -48.96 7.19
C ASP G 15 -68.07 -49.73 6.16
N LYS G 16 -68.33 -49.11 5.01
CA LYS G 16 -68.95 -49.77 3.87
C LYS G 16 -68.22 -51.07 3.51
N PRO G 17 -68.94 -52.16 3.24
CA PRO G 17 -68.25 -53.42 2.94
C PRO G 17 -68.06 -53.66 1.46
N THR G 18 -67.15 -54.58 1.15
CA THR G 18 -66.73 -54.90 -0.23
C THR G 18 -67.49 -56.11 -0.77
N TYR G 19 -68.01 -56.94 0.13
CA TYR G 19 -68.95 -58.00 -0.22
C TYR G 19 -70.12 -58.02 0.78
N HIS G 20 -71.33 -58.22 0.29
CA HIS G 20 -72.41 -58.77 1.12
C HIS G 20 -73.16 -59.86 0.37
N ALA G 21 -73.93 -60.65 1.12
CA ALA G 21 -74.71 -61.77 0.58
C ALA G 21 -76.24 -61.56 0.66
N GLY G 22 -76.67 -60.33 0.92
CA GLY G 22 -78.05 -59.99 0.99
C GLY G 22 -78.27 -59.73 2.46
N VAL G 23 -79.05 -58.69 2.79
CA VAL G 23 -79.26 -58.36 4.19
C VAL G 23 -80.72 -58.05 4.51
N THR G 24 -81.14 -58.45 5.70
CA THR G 24 -82.42 -58.08 6.22
C THR G 24 -82.13 -56.93 7.18
N PHE G 25 -83.02 -55.94 7.18
CA PHE G 25 -82.91 -54.80 8.06
C PHE G 25 -84.31 -54.29 8.45
N GLY G 26 -84.38 -53.49 9.51
CA GLY G 26 -85.65 -53.06 10.05
C GLY G 26 -85.76 -51.57 10.00
N LEU G 27 -86.99 -51.08 10.02
CA LEU G 27 -87.24 -49.64 10.01
C LEU G 27 -88.48 -49.33 10.84
N PRO G 28 -88.41 -48.31 11.70
CA PRO G 28 -89.56 -47.91 12.47
C PRO G 28 -90.40 -46.93 11.66
N TRP G 29 -91.67 -46.73 12.06
CA TRP G 29 -92.58 -45.75 11.39
C TRP G 29 -93.41 -45.00 12.41
N PRO G 30 -93.80 -43.75 12.11
CA PRO G 30 -94.54 -43.06 13.17
C PRO G 30 -95.94 -43.62 13.46
N GLN G 31 -96.40 -43.44 14.69
CA GLN G 31 -97.72 -43.91 15.09
C GLN G 31 -98.78 -43.29 14.15
N GLY G 32 -99.63 -44.14 13.55
CA GLY G 32 -100.81 -43.72 12.80
C GLY G 32 -100.61 -43.31 11.35
N LYS G 33 -99.42 -43.58 10.83
CA LYS G 33 -99.05 -43.10 9.52
C LYS G 33 -99.31 -44.05 8.35
N TYR G 34 -99.11 -45.36 8.54
CA TYR G 34 -99.24 -46.34 7.43
C TYR G 34 -100.03 -47.63 7.77
N ARG G 35 -100.98 -47.97 6.92
CA ARG G 35 -101.78 -49.15 7.10
C ARG G 35 -100.99 -50.32 6.54
N PRO G 36 -100.94 -51.44 7.27
CA PRO G 36 -100.11 -52.59 7.00
C PRO G 36 -100.00 -53.24 5.62
N GLN G 37 -101.12 -53.53 4.95
CA GLN G 37 -101.01 -54.22 3.65
C GLN G 37 -101.30 -53.27 2.53
N GLU G 38 -101.53 -52.00 2.84
CA GLU G 38 -101.86 -51.00 1.86
C GLU G 38 -100.67 -50.14 1.48
N THR G 39 -99.56 -50.31 2.19
CA THR G 39 -98.44 -49.41 2.03
C THR G 39 -97.47 -50.07 1.08
N SER G 40 -97.01 -49.28 0.11
CA SER G 40 -96.03 -49.72 -0.89
C SER G 40 -94.65 -49.09 -0.59
N PHE G 41 -93.58 -49.85 -0.81
CA PHE G 41 -92.22 -49.50 -0.39
C PHE G 41 -91.25 -49.53 -1.58
N SER G 42 -90.35 -48.55 -1.64
CA SER G 42 -89.41 -48.42 -2.78
C SER G 42 -88.01 -48.36 -2.27
N LEU G 43 -87.05 -48.67 -3.14
CA LEU G 43 -85.64 -48.52 -2.79
C LEU G 43 -84.85 -47.68 -3.81
N THR G 44 -84.16 -46.67 -3.31
CA THR G 44 -83.10 -45.96 -4.05
C THR G 44 -81.80 -46.29 -3.31
N GLY G 45 -80.80 -46.82 -4.02
CA GLY G 45 -79.43 -46.91 -3.52
C GLY G 45 -78.64 -45.74 -4.10
N ASP G 46 -78.23 -44.79 -3.25
CA ASP G 46 -77.60 -43.54 -3.71
C ASP G 46 -78.56 -42.79 -4.72
N THR G 47 -78.40 -42.94 -6.05
CA THR G 47 -79.35 -42.35 -7.05
C THR G 47 -79.48 -43.15 -8.37
N GLU G 52 -88.08 -51.06 -5.93
CA GLU G 52 -89.25 -51.97 -5.74
C GLU G 52 -88.91 -53.07 -4.68
N LEU G 53 -89.38 -52.92 -3.43
CA LEU G 53 -88.70 -53.57 -2.23
C LEU G 53 -89.48 -54.62 -1.39
N GLN G 54 -88.85 -55.80 -1.21
CA GLN G 54 -89.37 -56.89 -0.36
C GLN G 54 -89.57 -56.40 1.06
N SER G 55 -90.83 -56.40 1.52
CA SER G 55 -91.17 -55.78 2.82
C SER G 55 -92.27 -56.52 3.61
N TRP G 56 -92.14 -56.51 4.93
CA TRP G 56 -93.12 -57.13 5.79
C TRP G 56 -93.12 -56.52 7.19
N ALA G 57 -94.18 -56.78 7.95
CA ALA G 57 -94.34 -56.20 9.28
C ALA G 57 -93.84 -57.12 10.42
N THR G 58 -93.08 -56.55 11.34
CA THR G 58 -92.59 -57.27 12.51
C THR G 58 -93.27 -56.80 13.79
N GLY G 59 -93.65 -55.52 13.85
CA GLY G 59 -94.55 -55.00 14.89
C GLY G 59 -95.48 -53.86 14.46
N TYR G 60 -96.56 -53.66 15.22
CA TYR G 60 -97.59 -52.66 14.92
C TYR G 60 -97.89 -51.78 16.13
N TRP G 61 -98.43 -50.62 15.87
CA TRP G 61 -98.85 -49.71 16.92
C TRP G 61 -100.22 -50.14 17.47
N ALA G 62 -100.77 -49.39 18.42
CA ALA G 62 -102.08 -49.75 19.04
C ALA G 62 -103.27 -49.66 18.09
N ASP G 63 -103.23 -48.69 17.16
CA ASP G 63 -104.26 -48.54 16.11
C ASP G 63 -104.09 -49.44 14.87
N GLY G 64 -103.26 -50.46 14.96
CA GLY G 64 -103.04 -51.34 13.84
C GLY G 64 -102.04 -50.84 12.80
N SER G 65 -101.51 -49.62 12.93
CA SER G 65 -100.60 -49.04 11.92
C SER G 65 -99.20 -49.63 12.05
N LEU G 66 -98.37 -49.45 11.02
CA LEU G 66 -97.03 -50.02 11.05
C LEU G 66 -96.11 -49.31 12.04
N LYS G 67 -95.50 -50.10 12.93
CA LYS G 67 -94.53 -49.62 13.92
C LYS G 67 -93.11 -50.01 13.48
N TRP G 68 -92.91 -51.28 13.12
CA TRP G 68 -91.61 -51.75 12.61
C TRP G 68 -91.83 -52.64 11.39
N THR G 69 -91.08 -52.38 10.32
CA THR G 69 -91.02 -53.25 9.16
C THR G 69 -89.67 -53.95 9.11
N ALA G 70 -89.61 -54.97 8.25
CA ALA G 70 -88.38 -55.63 7.88
C ALA G 70 -88.33 -55.69 6.38
N HIS G 71 -87.10 -55.67 5.86
CA HIS G 71 -86.81 -55.52 4.42
C HIS G 71 -85.62 -56.39 4.11
N ALA G 72 -85.55 -56.85 2.87
CA ALA G 72 -84.48 -57.74 2.43
C ALA G 72 -83.97 -57.32 1.07
N ILE G 73 -82.66 -57.27 0.89
CA ILE G 73 -82.08 -57.06 -0.45
C ILE G 73 -81.31 -58.28 -0.85
N ALA G 74 -81.22 -58.51 -2.15
CA ALA G 74 -80.41 -59.61 -2.72
C ALA G 74 -78.94 -59.32 -2.65
N GLU G 75 -78.14 -60.34 -2.79
CA GLU G 75 -76.73 -60.12 -3.05
C GLU G 75 -76.53 -59.30 -4.34
N SER G 76 -75.56 -58.38 -4.28
CA SER G 76 -75.23 -57.52 -5.41
C SER G 76 -73.75 -57.08 -5.39
N ASN G 77 -73.17 -56.84 -6.57
CA ASN G 77 -71.87 -56.11 -6.72
C ASN G 77 -71.99 -54.66 -6.50
N GLN G 78 -73.11 -54.10 -6.91
CA GLN G 78 -73.42 -52.73 -6.61
C GLN G 78 -73.68 -52.73 -5.12
N ILE G 79 -72.80 -52.06 -4.37
CA ILE G 79 -72.95 -51.82 -2.93
C ILE G 79 -72.89 -50.31 -2.67
N TYR G 80 -73.91 -49.77 -2.01
CA TYR G 80 -74.08 -48.32 -1.93
C TYR G 80 -73.82 -47.79 -0.52
N ASP G 81 -73.56 -46.49 -0.42
CA ASP G 81 -73.25 -45.81 0.86
C ASP G 81 -74.47 -45.72 1.76
N GLN G 82 -75.64 -45.61 1.13
CA GLN G 82 -76.89 -45.61 1.85
C GLN G 82 -78.07 -46.10 0.99
N TYR G 83 -79.08 -46.63 1.66
CA TYR G 83 -80.25 -47.19 1.01
C TYR G 83 -81.43 -46.42 1.56
N THR G 84 -82.15 -45.75 0.70
CA THR G 84 -83.28 -44.96 1.13
C THR G 84 -84.56 -45.70 0.76
N VAL G 85 -85.36 -46.03 1.78
CA VAL G 85 -86.69 -46.62 1.62
C VAL G 85 -87.79 -45.54 1.55
N THR G 86 -88.66 -45.65 0.57
CA THR G 86 -89.80 -44.72 0.43
C THR G 86 -91.13 -45.48 0.63
N ALA G 87 -91.86 -45.08 1.67
CA ALA G 87 -93.20 -45.60 1.96
C ALA G 87 -94.23 -44.74 1.29
N SER G 88 -95.25 -45.38 0.72
CA SER G 88 -96.39 -44.69 0.10
C SER G 88 -97.72 -45.39 0.42
N SER G 89 -98.68 -44.59 0.81
CA SER G 89 -100.01 -45.06 1.12
C SER G 89 -100.80 -45.29 -0.13
N LEU G 90 -101.90 -46.00 0.03
CA LEU G 90 -102.75 -46.40 -1.05
C LEU G 90 -103.17 -45.36 -2.05
N GLY G 91 -103.30 -44.13 -1.61
CA GLY G 91 -103.75 -43.07 -2.46
C GLY G 91 -102.73 -42.51 -3.38
N SER G 107 -83.92 -60.36 -10.38
CA SER G 107 -83.86 -61.80 -10.14
C SER G 107 -84.40 -62.23 -8.76
N SER G 108 -84.76 -63.51 -8.67
CA SER G 108 -85.77 -63.95 -7.71
C SER G 108 -85.67 -65.45 -7.43
N ILE G 109 -85.90 -65.82 -6.16
CA ILE G 109 -85.67 -67.21 -5.73
C ILE G 109 -86.86 -68.08 -6.20
N VAL G 110 -86.55 -69.22 -6.78
CA VAL G 110 -87.58 -70.17 -7.10
C VAL G 110 -87.44 -71.34 -6.11
N VAL G 111 -88.56 -71.72 -5.51
CA VAL G 111 -88.64 -72.93 -4.67
C VAL G 111 -89.61 -73.91 -5.34
N THR G 112 -89.20 -75.17 -5.36
CA THR G 112 -89.99 -76.25 -5.91
C THR G 112 -90.12 -77.28 -4.80
N ASP G 113 -91.37 -77.72 -4.58
CA ASP G 113 -91.68 -78.83 -3.69
C ASP G 113 -91.54 -80.17 -4.43
N ASN G 114 -91.02 -81.18 -3.73
CA ASN G 114 -91.15 -82.60 -4.14
C ASN G 114 -91.84 -83.38 -3.02
N SER G 115 -92.36 -84.54 -3.38
CA SER G 115 -92.95 -85.46 -2.44
C SER G 115 -92.13 -85.58 -1.12
N ASP G 116 -90.82 -85.73 -1.26
CA ASP G 116 -89.92 -86.11 -0.16
C ASP G 116 -88.96 -85.00 0.33
N ALA G 117 -88.85 -83.87 -0.41
CA ALA G 117 -87.80 -82.84 -0.18
C ALA G 117 -88.07 -81.54 -0.92
N LEU G 118 -87.87 -80.40 -0.26
CA LEU G 118 -88.06 -79.14 -0.99
C LEU G 118 -86.73 -78.50 -1.38
N THR G 119 -86.75 -77.68 -2.44
CA THR G 119 -85.51 -77.17 -3.05
C THR G 119 -85.63 -75.66 -3.12
N VAL G 120 -84.63 -74.94 -2.61
CA VAL G 120 -84.53 -73.46 -2.77
C VAL G 120 -83.38 -73.15 -3.74
N ASN G 121 -83.69 -72.44 -4.83
CA ASN G 121 -82.72 -72.01 -5.87
C ASN G 121 -82.65 -70.49 -5.96
N THR G 122 -81.48 -69.93 -5.63
CA THR G 122 -81.27 -68.47 -5.54
C THR G 122 -80.78 -67.88 -6.83
N GLY G 123 -80.52 -68.73 -7.82
CA GLY G 123 -79.85 -68.32 -9.05
C GLY G 123 -78.37 -68.68 -9.07
N GLU G 124 -77.74 -68.76 -7.89
CA GLU G 124 -76.35 -69.20 -7.72
C GLU G 124 -76.23 -70.57 -7.03
N VAL G 125 -77.14 -70.91 -6.13
CA VAL G 125 -77.17 -72.26 -5.57
C VAL G 125 -78.60 -72.83 -5.53
N ALA G 126 -78.68 -74.15 -5.63
CA ALA G 126 -79.89 -74.88 -5.38
C ALA G 126 -79.60 -75.82 -4.23
N VAL G 127 -80.34 -75.69 -3.13
CA VAL G 127 -80.21 -76.54 -1.95
C VAL G 127 -81.50 -77.30 -1.66
N SER G 128 -81.42 -78.62 -1.61
CA SER G 128 -82.55 -79.45 -1.24
C SER G 128 -82.55 -79.79 0.26
N PHE G 129 -83.74 -79.80 0.84
CA PHE G 129 -83.95 -80.04 2.22
C PHE G 129 -84.96 -81.17 2.37
N PRO G 130 -84.51 -82.41 2.72
CA PRO G 130 -85.48 -83.48 2.94
C PRO G 130 -86.42 -83.10 4.05
N LYS G 131 -87.64 -83.63 3.95
CA LYS G 131 -88.75 -83.36 4.91
C LYS G 131 -88.79 -84.37 6.03
N GLY G 132 -87.96 -85.40 5.91
CA GLY G 132 -87.75 -86.36 6.96
C GLY G 132 -86.39 -87.01 6.89
N GLY G 133 -86.09 -87.82 7.92
CA GLY G 133 -84.81 -88.52 8.03
C GLY G 133 -83.68 -87.72 8.68
N ASN G 134 -82.47 -88.21 8.44
CA ASN G 134 -81.29 -87.79 9.16
C ASN G 134 -80.29 -87.01 8.35
N VAL G 135 -80.79 -86.42 7.25
CA VAL G 135 -79.99 -85.57 6.39
C VAL G 135 -80.72 -84.24 6.23
N ILE G 136 -80.10 -83.14 6.66
CA ILE G 136 -80.73 -81.82 6.69
C ILE G 136 -80.62 -81.13 5.32
N ILE G 137 -79.60 -81.49 4.56
CA ILE G 137 -79.41 -80.98 3.21
C ILE G 137 -79.06 -82.18 2.33
N GLY G 138 -79.81 -82.40 1.26
CA GLY G 138 -79.58 -83.51 0.36
C GLY G 138 -78.42 -83.23 -0.57
N ASP G 139 -78.54 -82.20 -1.37
CA ASP G 139 -77.36 -81.70 -2.06
C ASP G 139 -77.43 -80.20 -2.27
N ILE G 140 -76.25 -79.66 -2.63
CA ILE G 140 -76.05 -78.25 -2.93
C ILE G 140 -75.47 -78.19 -4.34
N LYS G 141 -76.16 -77.51 -5.24
CA LYS G 141 -75.74 -77.44 -6.64
C LYS G 141 -75.35 -76.04 -6.93
N THR G 142 -74.42 -75.84 -7.86
CA THR G 142 -74.08 -74.48 -8.38
C THR G 142 -75.01 -74.11 -9.53
N LYS G 143 -74.92 -72.88 -10.04
CA LYS G 143 -75.82 -72.47 -11.14
C LYS G 143 -75.78 -73.36 -12.42
N SER G 144 -74.64 -73.97 -12.73
CA SER G 144 -74.53 -74.99 -13.81
C SER G 144 -75.16 -76.39 -13.53
N GLY G 145 -75.60 -76.65 -12.31
CA GLY G 145 -76.15 -77.97 -11.93
C GLY G 145 -75.10 -78.92 -11.37
N LYS G 146 -73.85 -78.47 -11.27
CA LYS G 146 -72.79 -79.29 -10.69
C LYS G 146 -73.04 -79.47 -9.19
N VAL G 147 -73.02 -80.73 -8.73
CA VAL G 147 -73.21 -81.07 -7.31
C VAL G 147 -71.90 -80.90 -6.57
N ILE G 148 -71.88 -79.95 -5.63
CA ILE G 148 -70.65 -79.61 -4.93
C ILE G 148 -70.61 -79.99 -3.46
N GLY G 149 -71.71 -80.43 -2.90
CA GLY G 149 -71.76 -80.88 -1.52
C GLY G 149 -73.04 -81.63 -1.32
N ALA G 150 -73.09 -82.53 -0.35
CA ALA G 150 -74.24 -83.42 -0.17
C ALA G 150 -74.31 -84.04 1.22
N ASN G 151 -75.51 -84.40 1.66
CA ASN G 151 -75.75 -84.99 2.95
C ASN G 151 -75.33 -84.12 4.16
N GLY G 152 -75.84 -82.90 4.18
CA GLY G 152 -75.68 -81.98 5.32
C GLY G 152 -76.33 -82.54 6.57
N ARG G 153 -75.51 -82.83 7.57
CA ARG G 153 -75.95 -83.61 8.72
C ARG G 153 -75.41 -83.09 10.03
N LEU G 154 -76.29 -83.06 11.04
CA LEU G 154 -75.91 -82.75 12.40
C LEU G 154 -75.16 -83.95 12.98
N VAL G 155 -74.10 -83.66 13.74
CA VAL G 155 -73.36 -84.67 14.44
C VAL G 155 -73.39 -84.31 15.93
N LEU G 156 -73.46 -85.35 16.77
CA LEU G 156 -73.40 -85.21 18.20
C LEU G 156 -72.69 -86.45 18.70
N GLN G 157 -71.85 -86.28 19.70
CA GLN G 157 -71.16 -87.37 20.31
C GLN G 157 -71.19 -87.07 21.80
N SER G 158 -71.56 -88.07 22.61
CA SER G 158 -71.54 -87.90 24.05
C SER G 158 -70.95 -89.14 24.69
N GLN G 159 -70.70 -89.08 25.99
CA GLN G 159 -70.28 -90.26 26.74
C GLN G 159 -71.01 -90.24 28.07
N ASP G 160 -71.06 -91.41 28.70
CA ASP G 160 -71.86 -91.64 29.93
C ASP G 160 -71.22 -91.31 31.31
N SER G 161 -69.90 -91.12 31.36
CA SER G 161 -69.21 -90.75 32.59
C SER G 161 -67.88 -90.11 32.26
N VAL G 162 -67.26 -89.51 33.27
CA VAL G 162 -65.94 -88.88 33.13
C VAL G 162 -65.09 -89.34 34.27
N PRO G 163 -63.87 -89.81 33.97
CA PRO G 163 -63.06 -90.23 35.08
C PRO G 163 -62.74 -89.01 35.96
N ASP G 164 -62.36 -89.26 37.20
CA ASP G 164 -62.14 -88.18 38.16
C ASP G 164 -60.88 -87.36 37.85
N ASN G 165 -59.92 -88.04 37.25
CA ASN G 165 -58.59 -87.49 36.98
C ASN G 165 -57.95 -88.41 35.94
N PHE G 166 -56.75 -88.06 35.48
CA PHE G 166 -56.16 -88.79 34.35
C PHE G 166 -55.80 -90.25 34.70
N ASP G 167 -55.34 -90.42 35.93
CA ASP G 167 -54.95 -91.73 36.42
C ASP G 167 -56.10 -92.72 36.51
N ASN G 168 -57.36 -92.26 36.60
CA ASN G 168 -58.51 -93.21 36.76
C ASN G 168 -59.09 -93.79 35.47
N ARG G 169 -58.48 -93.53 34.31
CA ARG G 169 -59.02 -94.01 33.03
C ARG G 169 -59.03 -95.53 32.91
N ALA G 170 -58.06 -96.20 33.54
CA ALA G 170 -58.11 -97.68 33.62
C ALA G 170 -59.24 -98.18 34.57
N ASN G 171 -59.50 -97.44 35.64
CA ASN G 171 -60.58 -97.74 36.59
C ASN G 171 -61.98 -97.27 36.17
N SER G 172 -62.11 -96.22 35.35
CA SER G 172 -63.46 -95.73 34.90
C SER G 172 -63.68 -95.77 33.36
N PRO G 173 -64.16 -96.92 32.82
CA PRO G 173 -64.37 -97.01 31.36
C PRO G 173 -65.53 -96.13 30.86
N ILE G 174 -65.29 -95.48 29.72
CA ILE G 174 -66.23 -94.54 29.11
C ILE G 174 -67.03 -95.30 28.05
N GLN G 175 -68.36 -95.22 28.07
CA GLN G 175 -69.17 -95.72 26.93
C GLN G 175 -69.70 -94.56 26.09
N TYR G 176 -69.19 -94.51 24.85
CA TYR G 176 -69.38 -93.44 23.91
C TYR G 176 -70.61 -93.72 23.05
N SER G 177 -71.43 -92.71 22.80
CA SER G 177 -72.55 -92.76 21.84
C SER G 177 -72.28 -91.79 20.67
N ASN G 178 -72.69 -92.16 19.45
CA ASN G 178 -72.82 -91.21 18.33
C ASN G 178 -74.29 -90.96 17.97
N PHE G 179 -74.61 -89.71 17.62
CA PHE G 179 -75.94 -89.32 17.26
C PHE G 179 -75.96 -88.57 15.95
N ASP G 180 -77.13 -88.63 15.32
CA ASP G 180 -77.52 -87.94 14.07
C ASP G 180 -78.55 -86.87 14.39
N GLY G 181 -78.73 -85.90 13.52
CA GLY G 181 -79.92 -85.05 13.60
C GLY G 181 -81.09 -85.61 12.82
N ASN G 182 -82.17 -85.97 13.52
CA ASN G 182 -83.38 -86.51 12.91
C ASN G 182 -84.46 -85.43 12.81
N ILE G 183 -85.14 -85.37 11.68
CA ILE G 183 -86.02 -84.25 11.33
C ILE G 183 -87.48 -84.51 11.68
N ASN G 184 -88.17 -83.56 12.29
CA ASN G 184 -89.63 -83.72 12.56
C ASN G 184 -90.51 -82.88 11.63
N GLU G 185 -90.21 -81.58 11.58
CA GLU G 185 -90.89 -80.59 10.80
C GLU G 185 -89.90 -79.79 9.94
N VAL G 186 -90.38 -79.28 8.82
CA VAL G 186 -89.66 -78.33 8.01
C VAL G 186 -90.63 -77.20 7.71
N PHE G 187 -90.13 -75.97 7.75
CA PHE G 187 -90.89 -74.77 7.42
C PHE G 187 -90.16 -74.00 6.34
N VAL G 188 -90.90 -73.16 5.62
CA VAL G 188 -90.34 -72.29 4.56
C VAL G 188 -91.06 -70.96 4.69
N ASN G 189 -90.30 -69.87 4.80
CA ASN G 189 -90.82 -68.53 4.59
C ASN G 189 -90.14 -68.10 3.33
N GLN G 190 -90.90 -68.16 2.23
CA GLN G 190 -90.45 -67.78 0.88
C GLN G 190 -90.82 -66.36 0.56
N THR G 191 -89.82 -65.61 0.08
CA THR G 191 -90.02 -64.32 -0.59
C THR G 191 -89.05 -64.22 -1.78
N SER G 192 -89.20 -63.21 -2.63
CA SER G 192 -88.36 -63.09 -3.83
C SER G 192 -86.86 -62.87 -3.53
N ALA G 193 -86.61 -62.03 -2.54
CA ALA G 193 -85.27 -61.57 -2.21
C ALA G 193 -84.60 -62.57 -1.30
N ARG G 194 -85.33 -63.04 -0.26
CA ARG G 194 -84.85 -64.12 0.63
C ARG G 194 -85.80 -65.22 1.02
N THR G 195 -85.23 -66.35 1.38
CA THR G 195 -85.99 -67.52 1.77
C THR G 195 -85.35 -68.20 2.98
N LEU G 196 -86.19 -68.43 3.98
CA LEU G 196 -85.79 -68.97 5.27
C LEU G 196 -86.35 -70.39 5.41
N VAL G 197 -85.49 -71.39 5.42
CA VAL G 197 -85.87 -72.76 5.70
C VAL G 197 -85.59 -73.02 7.18
N THR G 198 -86.62 -73.40 7.93
CA THR G 198 -86.47 -73.61 9.35
C THR G 198 -86.62 -75.10 9.56
N VAL G 199 -85.65 -75.75 10.19
CA VAL G 199 -85.67 -77.21 10.34
C VAL G 199 -85.55 -77.57 11.81
N ARG G 200 -86.45 -78.45 12.26
CA ARG G 200 -86.61 -78.77 13.67
C ARG G 200 -86.46 -80.24 13.89
N GLY G 201 -86.10 -80.58 15.12
CA GLY G 201 -85.86 -81.96 15.44
C GLY G 201 -85.12 -82.24 16.72
N ASN G 202 -84.27 -83.26 16.64
CA ASN G 202 -83.80 -84.06 17.75
C ASN G 202 -82.55 -84.78 17.31
N HIS G 203 -81.74 -85.22 18.26
CA HIS G 203 -80.65 -86.11 17.90
C HIS G 203 -81.03 -87.53 18.31
N THR G 204 -80.84 -88.49 17.40
CA THR G 204 -81.19 -89.89 17.62
C THR G 204 -79.93 -90.69 17.43
N VAL G 205 -79.83 -91.80 18.13
CA VAL G 205 -78.58 -92.54 18.22
C VAL G 205 -78.26 -93.29 16.89
N THR G 206 -76.97 -93.46 16.58
CA THR G 206 -76.49 -94.27 15.41
C THR G 206 -75.59 -95.38 15.96
N ASP G 207 -74.27 -95.22 15.87
CA ASP G 207 -73.33 -96.13 16.58
C ASP G 207 -73.28 -95.93 18.11
N GLY G 208 -72.55 -96.83 18.77
CA GLY G 208 -72.26 -96.75 20.20
C GLY G 208 -73.36 -97.26 21.11
N THR G 209 -73.14 -97.04 22.41
CA THR G 209 -74.07 -97.42 23.45
C THR G 209 -75.43 -96.71 23.17
N ASP G 210 -76.54 -97.43 23.37
CA ASP G 210 -77.89 -96.89 23.09
C ASP G 210 -78.33 -95.76 24.08
N HIS G 211 -79.24 -94.90 23.60
CA HIS G 211 -79.58 -93.66 24.27
C HIS G 211 -80.91 -93.08 23.72
N ASP G 212 -81.70 -92.48 24.59
CA ASP G 212 -82.95 -91.82 24.17
C ASP G 212 -82.71 -90.64 23.22
N PRO G 213 -83.68 -90.38 22.31
CA PRO G 213 -83.62 -89.14 21.52
C PRO G 213 -83.47 -87.91 22.39
N TRP G 214 -82.51 -87.04 22.09
CA TRP G 214 -82.32 -85.82 22.88
C TRP G 214 -81.72 -84.65 22.08
N LEU G 215 -81.49 -83.55 22.79
CA LEU G 215 -80.84 -82.37 22.31
C LEU G 215 -81.62 -81.73 21.18
N PRO G 216 -82.82 -81.22 21.48
CA PRO G 216 -83.68 -80.56 20.50
C PRO G 216 -82.97 -79.47 19.74
N PHE G 217 -82.98 -79.54 18.41
CA PHE G 217 -82.39 -78.49 17.59
C PHE G 217 -83.42 -77.72 16.78
N VAL G 218 -83.00 -76.54 16.33
CA VAL G 218 -83.64 -75.92 15.17
C VAL G 218 -82.60 -75.21 14.39
N VAL G 219 -82.57 -75.46 13.09
CA VAL G 219 -81.58 -74.88 12.17
C VAL G 219 -82.27 -74.02 11.11
N ARG G 220 -81.99 -72.73 11.16
CA ARG G 220 -82.55 -71.77 10.22
C ARG G 220 -81.52 -71.47 9.15
N PHE G 221 -81.90 -71.69 7.91
CA PHE G 221 -81.06 -71.43 6.73
C PHE G 221 -81.61 -70.21 6.02
N TYR G 222 -80.80 -69.15 5.93
CA TYR G 222 -81.21 -67.90 5.30
C TYR G 222 -80.55 -67.83 3.93
N LEU G 223 -81.34 -68.03 2.87
CA LEU G 223 -80.83 -67.94 1.48
C LEU G 223 -81.36 -66.68 0.89
N TYR G 224 -80.53 -66.03 0.09
CA TYR G 224 -80.83 -64.75 -0.56
C TYR G 224 -80.65 -64.88 -2.09
N ALA G 225 -81.48 -64.15 -2.81
CA ALA G 225 -81.43 -64.12 -4.26
C ALA G 225 -80.06 -63.75 -4.74
N ASN G 226 -79.58 -64.48 -5.73
CA ASN G 226 -78.29 -64.20 -6.36
C ASN G 226 -77.05 -64.46 -5.45
N SER G 227 -77.24 -65.21 -4.36
CA SER G 227 -76.15 -65.55 -3.45
C SER G 227 -75.88 -67.05 -3.34
N ALA G 228 -74.59 -67.38 -3.28
CA ALA G 228 -74.10 -68.75 -2.97
C ALA G 228 -73.59 -68.88 -1.55
N THR G 229 -73.81 -67.85 -0.75
CA THR G 229 -73.59 -67.87 0.70
C THR G 229 -74.94 -68.14 1.38
N ILE G 230 -74.95 -69.09 2.31
CA ILE G 230 -76.11 -69.43 3.10
C ILE G 230 -75.71 -69.24 4.55
N LYS G 231 -76.57 -68.56 5.27
CA LYS G 231 -76.34 -68.27 6.66
C LYS G 231 -77.17 -69.26 7.45
N VAL G 232 -76.51 -69.98 8.35
CA VAL G 232 -77.11 -71.01 9.18
C VAL G 232 -77.16 -70.63 10.67
N MET G 233 -78.36 -70.45 11.23
CA MET G 233 -78.51 -70.22 12.64
C MET G 233 -78.88 -71.53 13.29
N HIS G 234 -77.87 -72.17 13.89
CA HIS G 234 -77.99 -73.46 14.58
C HIS G 234 -78.22 -73.31 16.09
N SER G 235 -79.42 -73.62 16.55
CA SER G 235 -79.83 -73.47 17.96
C SER G 235 -80.02 -74.84 18.53
N ILE G 236 -79.50 -75.09 19.73
CA ILE G 236 -79.83 -76.33 20.47
C ILE G 236 -80.27 -76.07 21.91
N VAL G 237 -80.98 -77.04 22.50
CA VAL G 237 -81.42 -76.96 23.89
C VAL G 237 -80.86 -78.16 24.64
N PHE G 238 -80.28 -77.91 25.83
CA PHE G 238 -79.61 -79.02 26.58
CA PHE G 238 -79.61 -78.97 26.57
C PHE G 238 -80.63 -79.77 27.40
N ASP G 239 -80.93 -80.97 26.91
CA ASP G 239 -82.04 -81.85 27.28
C ASP G 239 -81.59 -82.87 28.29
N GLY G 240 -80.28 -83.02 28.46
CA GLY G 240 -79.73 -84.22 29.08
C GLY G 240 -79.69 -84.13 30.58
N ASP G 241 -79.38 -85.27 31.21
CA ASP G 241 -79.19 -85.36 32.67
C ASP G 241 -77.72 -85.37 33.06
N GLU G 242 -77.50 -85.40 34.37
CA GLU G 242 -76.20 -85.63 34.99
C GLU G 242 -75.24 -86.64 34.27
N ASN G 243 -75.77 -87.70 33.65
CA ASN G 243 -74.91 -88.72 32.98
C ASN G 243 -74.65 -88.47 31.49
N ASP G 244 -75.01 -87.28 31.00
CA ASP G 244 -74.82 -86.92 29.59
C ASP G 244 -73.73 -85.87 29.43
N PHE G 245 -72.57 -86.28 28.89
CA PHE G 245 -71.42 -85.39 28.69
C PHE G 245 -71.16 -85.20 27.19
N ILE G 246 -71.54 -84.03 26.67
CA ILE G 246 -71.35 -83.78 25.23
C ILE G 246 -69.84 -83.81 24.93
N THR G 247 -69.46 -84.45 23.85
CA THR G 247 -68.05 -84.74 23.53
C THR G 247 -67.64 -84.04 22.19
N GLY G 248 -68.56 -84.05 21.23
CA GLY G 248 -68.46 -83.29 20.00
C GLY G 248 -69.84 -82.88 19.52
N LEU G 249 -69.93 -81.73 18.89
CA LEU G 249 -71.18 -81.23 18.35
C LEU G 249 -70.77 -80.62 17.00
N GLY G 250 -71.54 -80.82 15.93
CA GLY G 250 -71.11 -80.36 14.61
C GLY G 250 -72.09 -80.40 13.45
N ILE G 251 -71.61 -79.94 12.30
CA ILE G 251 -72.27 -80.00 10.99
C ILE G 251 -71.29 -80.69 10.02
N ARG G 252 -71.79 -81.61 9.20
CA ARG G 252 -70.91 -82.35 8.33
C ARG G 252 -71.49 -82.44 6.94
N PHE G 253 -70.60 -82.43 5.96
CA PHE G 253 -70.97 -82.51 4.57
C PHE G 253 -70.08 -83.48 3.86
N ASP G 254 -70.63 -84.19 2.89
CA ASP G 254 -69.82 -84.90 1.88
C ASP G 254 -69.51 -83.93 0.73
N VAL G 255 -68.30 -84.04 0.16
CA VAL G 255 -67.92 -83.29 -1.05
C VAL G 255 -67.47 -84.31 -2.09
N PRO G 256 -68.06 -84.29 -3.31
CA PRO G 256 -67.86 -85.43 -4.22
C PRO G 256 -66.49 -85.72 -4.80
N LEU G 257 -65.75 -84.79 -5.35
CA LEU G 257 -64.34 -85.18 -5.70
C LEU G 257 -64.01 -86.29 -6.71
N LYS G 258 -64.93 -87.16 -7.12
CA LYS G 258 -64.59 -88.40 -7.84
C LYS G 258 -63.87 -88.20 -9.17
N GLY G 259 -64.31 -87.27 -9.99
CA GLY G 259 -63.51 -87.02 -11.24
C GLY G 259 -62.08 -86.45 -11.11
N GLU G 260 -61.73 -85.87 -9.97
CA GLU G 260 -60.53 -85.05 -9.82
C GLU G 260 -59.28 -85.83 -9.58
N GLU G 261 -58.24 -85.46 -10.29
CA GLU G 261 -56.89 -85.93 -9.99
C GLU G 261 -56.55 -85.39 -8.61
N TYR G 262 -55.70 -86.12 -7.89
CA TYR G 262 -55.37 -85.76 -6.49
C TYR G 262 -54.72 -84.37 -6.41
N TYR G 263 -53.86 -84.09 -7.39
CA TYR G 263 -53.20 -82.81 -7.56
C TYR G 263 -54.09 -81.65 -7.98
N ASP G 264 -55.39 -81.92 -8.25
CA ASP G 264 -56.38 -80.90 -8.59
C ASP G 264 -57.44 -80.75 -7.48
N ARG G 265 -57.16 -81.35 -6.32
CA ARG G 265 -58.03 -81.30 -5.14
C ARG G 265 -57.36 -80.43 -4.13
N HIS G 266 -58.12 -79.49 -3.60
CA HIS G 266 -57.57 -78.42 -2.78
C HIS G 266 -58.15 -78.35 -1.37
N ILE G 267 -57.30 -77.85 -0.48
CA ILE G 267 -57.61 -77.73 0.91
C ILE G 267 -57.16 -76.32 1.32
N ARG G 268 -58.06 -75.55 1.96
CA ARG G 268 -57.71 -74.31 2.64
C ARG G 268 -58.32 -74.17 4.04
N PHE G 269 -57.55 -73.73 5.03
CA PHE G 269 -58.15 -73.17 6.26
C PHE G 269 -57.79 -71.71 6.37
N ALA G 270 -58.75 -70.92 6.79
CA ALA G 270 -58.45 -69.58 7.33
C ALA G 270 -57.52 -69.68 8.55
N GLY G 271 -56.42 -68.91 8.48
CA GLY G 271 -55.47 -68.72 9.56
C GLY G 271 -55.75 -67.41 10.27
N VAL G 272 -54.70 -66.64 10.56
CA VAL G 272 -54.79 -65.50 11.46
C VAL G 272 -54.98 -64.18 10.69
N ASP G 273 -55.85 -63.29 11.19
CA ASP G 273 -55.92 -61.92 10.61
C ASP G 273 -55.76 -61.92 9.08
N GLY G 274 -56.57 -62.69 8.37
CA GLY G 274 -56.56 -62.60 6.90
C GLY G 274 -55.81 -63.71 6.21
N GLY G 275 -55.09 -64.55 6.95
CA GLY G 275 -54.35 -65.63 6.38
C GLY G 275 -55.17 -66.75 5.81
N ILE G 276 -54.57 -67.53 4.91
CA ILE G 276 -55.16 -68.75 4.34
C ILE G 276 -54.03 -69.75 4.15
N PHE G 277 -54.28 -70.99 4.58
CA PHE G 277 -53.38 -72.10 4.38
C PHE G 277 -53.82 -72.75 3.08
N ASN G 278 -52.86 -73.12 2.25
CA ASN G 278 -53.14 -73.45 0.86
C ASN G 278 -52.44 -74.73 0.42
N GLU G 279 -53.17 -75.81 0.33
CA GLU G 279 -52.59 -77.09 -0.11
C GLU G 279 -53.51 -77.88 -1.05
N ALA G 280 -52.89 -78.94 -1.60
CA ALA G 280 -53.47 -79.96 -2.45
C ALA G 280 -53.31 -81.37 -1.88
N VAL G 281 -54.28 -82.21 -2.17
CA VAL G 281 -54.26 -83.55 -1.62
C VAL G 281 -52.98 -84.24 -2.04
N GLN G 282 -52.56 -84.05 -3.28
CA GLN G 282 -51.26 -84.51 -3.74
C GLN G 282 -50.54 -83.27 -4.30
N GLY G 283 -49.61 -82.78 -3.51
CA GLY G 283 -48.89 -81.58 -3.81
C GLY G 283 -47.67 -81.85 -4.63
N ILE G 284 -47.45 -80.90 -5.56
CA ILE G 284 -46.42 -80.92 -6.58
C ILE G 284 -45.39 -79.75 -6.50
N THR G 285 -45.58 -78.85 -5.53
CA THR G 285 -44.59 -77.84 -5.13
C THR G 285 -43.60 -78.43 -4.11
N GLY G 286 -42.39 -77.89 -4.08
CA GLY G 286 -41.40 -78.27 -3.09
C GLY G 286 -40.94 -79.72 -3.23
N LEU G 287 -40.84 -80.20 -4.46
CA LEU G 287 -40.28 -81.52 -4.69
C LEU G 287 -38.83 -81.38 -5.14
N ARG G 288 -38.15 -82.52 -5.30
CA ARG G 288 -36.76 -82.56 -5.74
C ARG G 288 -36.62 -82.22 -7.20
N ARG G 289 -37.74 -82.32 -7.93
CA ARG G 289 -37.80 -81.99 -9.35
C ARG G 289 -38.92 -81.03 -9.53
N ASP G 290 -38.84 -80.30 -10.61
CA ASP G 290 -39.79 -79.25 -10.85
C ASP G 290 -40.63 -79.67 -12.06
N PRO G 291 -41.94 -79.78 -11.89
CA PRO G 291 -42.77 -80.13 -13.05
C PRO G 291 -42.95 -78.99 -14.05
N GLY G 292 -42.65 -77.76 -13.61
CA GLY G 292 -42.80 -76.54 -14.43
C GLY G 292 -43.30 -75.39 -13.56
N GLU G 293 -42.65 -74.23 -13.67
CA GLU G 293 -43.01 -73.07 -12.87
C GLU G 293 -44.51 -72.76 -12.93
N GLU G 294 -45.05 -72.70 -14.14
CA GLU G 294 -46.47 -72.39 -14.37
C GLU G 294 -47.40 -73.36 -13.64
N ILE G 295 -46.96 -74.62 -13.59
CA ILE G 295 -47.71 -75.70 -12.97
C ILE G 295 -47.74 -75.61 -11.45
N ARG G 296 -46.58 -75.37 -10.83
CA ARG G 296 -46.54 -75.11 -9.40
C ARG G 296 -47.40 -73.87 -9.03
N ALA G 297 -47.30 -72.79 -9.79
CA ALA G 297 -48.13 -71.57 -9.54
C ALA G 297 -49.61 -71.87 -9.65
N ALA G 298 -49.95 -72.77 -10.57
CA ALA G 298 -51.32 -73.13 -10.84
C ALA G 298 -51.91 -73.92 -9.67
N GLN G 299 -51.14 -74.89 -9.13
CA GLN G 299 -51.67 -75.72 -8.06
C GLN G 299 -51.99 -74.85 -6.85
N PHE G 300 -51.01 -74.04 -6.45
CA PHE G 300 -51.16 -73.10 -5.36
C PHE G 300 -52.33 -72.11 -5.55
N ALA G 301 -52.63 -71.76 -6.80
CA ALA G 301 -53.77 -70.89 -7.07
C ALA G 301 -55.08 -71.64 -7.14
N GLY G 302 -55.09 -72.96 -6.93
CA GLY G 302 -56.31 -73.73 -7.08
C GLY G 302 -56.83 -73.97 -8.49
N GLN G 303 -55.97 -73.80 -9.49
CA GLN G 303 -56.36 -74.06 -10.88
C GLN G 303 -56.07 -75.51 -11.28
N LYS G 304 -56.71 -75.94 -12.37
CA LYS G 304 -56.56 -77.29 -12.91
C LYS G 304 -55.18 -77.38 -13.55
N LEU G 305 -54.43 -78.41 -13.24
CA LEU G 305 -53.08 -78.53 -13.78
C LEU G 305 -53.14 -79.02 -15.21
N ALA G 306 -52.18 -78.59 -16.02
CA ALA G 306 -52.12 -78.98 -17.42
C ALA G 306 -51.95 -80.48 -17.54
N ASP G 307 -52.25 -81.05 -18.70
CA ASP G 307 -52.17 -82.50 -18.84
C ASP G 307 -50.73 -82.92 -18.55
N THR G 308 -50.55 -84.07 -17.89
CA THR G 308 -49.20 -84.53 -17.41
C THR G 308 -48.14 -84.73 -18.52
N GLU G 309 -48.59 -85.03 -19.72
CA GLU G 309 -47.73 -85.04 -20.91
C GLU G 309 -46.93 -83.72 -21.07
N THR G 310 -47.43 -82.58 -20.59
CA THR G 310 -46.65 -81.31 -20.60
C THR G 310 -45.59 -81.12 -19.49
N TRP G 311 -45.74 -81.88 -18.39
CA TRP G 311 -44.86 -81.74 -17.20
C TRP G 311 -43.49 -82.27 -17.52
N GLU G 312 -42.49 -81.75 -16.79
CA GLU G 312 -41.18 -82.39 -16.70
C GLU G 312 -41.35 -83.87 -16.29
N PRO G 313 -40.90 -84.80 -17.16
CA PRO G 313 -41.14 -86.23 -16.88
C PRO G 313 -40.52 -86.81 -15.58
N ARG G 314 -39.49 -86.21 -15.04
CA ARG G 314 -38.93 -86.72 -13.77
C ARG G 314 -39.90 -86.58 -12.60
N VAL G 315 -40.84 -85.65 -12.71
CA VAL G 315 -42.00 -85.58 -11.83
C VAL G 315 -43.14 -86.52 -12.24
N SER G 316 -43.78 -86.31 -13.40
CA SER G 316 -45.03 -87.07 -13.77
C SER G 316 -44.92 -88.57 -13.61
N THR G 317 -43.75 -89.11 -13.97
CA THR G 317 -43.53 -90.56 -13.92
C THR G 317 -43.31 -91.06 -12.52
N ARG G 318 -43.36 -90.19 -11.53
CA ARG G 318 -43.15 -90.51 -10.13
C ARG G 318 -44.28 -90.08 -9.19
N LEU G 319 -45.36 -89.56 -9.76
CA LEU G 319 -46.59 -89.34 -9.04
C LEU G 319 -46.97 -90.43 -8.02
N LYS G 320 -46.84 -91.71 -8.38
CA LYS G 320 -47.19 -92.75 -7.40
C LYS G 320 -46.43 -92.55 -6.07
N TRP G 321 -45.15 -92.16 -6.12
CA TRP G 321 -44.31 -91.98 -4.90
C TRP G 321 -44.49 -90.69 -4.06
N ILE G 322 -45.27 -89.76 -4.61
CA ILE G 322 -45.62 -88.54 -3.89
C ILE G 322 -46.81 -88.86 -3.00
N PRO G 323 -46.71 -88.66 -1.66
CA PRO G 323 -47.84 -89.04 -0.82
C PRO G 323 -49.07 -88.25 -1.14
N THR G 324 -50.17 -88.76 -0.61
CA THR G 324 -51.52 -88.29 -0.88
C THR G 324 -52.13 -88.00 0.49
N TRP G 325 -52.63 -86.80 0.75
CA TRP G 325 -53.04 -86.41 2.13
C TRP G 325 -54.54 -86.36 2.28
N ALA G 326 -55.08 -87.34 3.00
CA ALA G 326 -56.52 -87.58 3.10
C ALA G 326 -57.16 -86.71 4.12
N ASP G 327 -56.55 -86.63 5.30
CA ASP G 327 -57.20 -86.05 6.49
C ASP G 327 -56.44 -84.83 6.91
N TYR G 328 -57.17 -83.76 7.27
CA TYR G 328 -56.59 -82.49 7.73
C TYR G 328 -57.39 -82.08 8.95
N GLY G 329 -56.73 -81.69 10.04
CA GLY G 329 -57.47 -81.32 11.26
C GLY G 329 -56.99 -80.07 11.94
N LEU G 330 -57.88 -79.11 12.15
CA LEU G 330 -57.58 -77.91 12.88
C LEU G 330 -58.37 -77.94 14.20
N THR G 331 -57.68 -77.76 15.33
CA THR G 331 -58.33 -77.75 16.64
C THR G 331 -57.98 -76.46 17.34
N GLN G 332 -58.99 -75.73 17.75
CA GLN G 332 -58.82 -74.52 18.52
C GLN G 332 -59.38 -74.85 19.91
N LEU G 333 -58.48 -75.34 20.79
CA LEU G 333 -58.82 -75.85 22.13
C LEU G 333 -58.75 -74.80 23.22
N THR G 334 -58.23 -73.62 22.91
CA THR G 334 -58.32 -72.45 23.81
C THR G 334 -58.57 -71.19 22.99
N ALA G 335 -58.85 -70.09 23.69
CA ALA G 335 -59.02 -68.81 22.99
C ALA G 335 -57.76 -68.30 22.36
N ASP G 336 -56.61 -68.91 22.68
CA ASP G 336 -55.30 -68.39 22.28
C ASP G 336 -54.45 -69.19 21.31
N GLY G 337 -54.73 -70.47 21.11
CA GLY G 337 -53.83 -71.36 20.33
C GLY G 337 -54.58 -72.33 19.47
N PHE G 338 -54.13 -72.53 18.24
CA PHE G 338 -54.67 -73.60 17.40
C PHE G 338 -53.59 -74.51 16.92
N GLY G 339 -53.96 -75.79 16.84
CA GLY G 339 -53.15 -76.81 16.22
C GLY G 339 -53.69 -77.10 14.85
N LEU G 340 -52.80 -77.56 13.98
CA LEU G 340 -53.17 -77.98 12.65
C LEU G 340 -52.29 -79.18 12.27
N LYS G 341 -52.85 -80.09 11.50
CA LYS G 341 -52.12 -81.29 11.13
C LYS G 341 -52.83 -82.03 10.04
N LYS G 342 -52.13 -82.95 9.40
CA LYS G 342 -52.72 -83.75 8.33
C LYS G 342 -52.16 -85.15 8.34
N ARG G 343 -52.85 -86.05 7.65
CA ARG G 343 -52.49 -87.46 7.66
C ARG G 343 -52.70 -88.16 6.30
N THR G 344 -51.77 -89.04 5.90
CA THR G 344 -51.98 -89.76 4.64
C THR G 344 -53.21 -90.61 4.69
N LYS G 345 -53.38 -91.34 5.80
CA LYS G 345 -54.60 -92.10 6.11
C LYS G 345 -54.58 -92.79 7.50
N ALA G 346 -55.73 -93.30 7.95
CA ALA G 346 -55.84 -93.98 9.24
C ALA G 346 -54.86 -95.14 9.30
N GLY G 347 -54.24 -95.36 10.47
CA GLY G 347 -53.14 -96.33 10.58
C GLY G 347 -51.75 -95.74 10.42
N GLN G 348 -51.66 -94.43 10.21
CA GLN G 348 -50.40 -93.71 10.09
C GLN G 348 -50.44 -92.57 11.08
N SER G 349 -49.28 -92.05 11.44
CA SER G 349 -49.24 -90.91 12.36
C SER G 349 -49.73 -89.66 11.63
N TRP G 350 -50.17 -88.67 12.41
CA TRP G 350 -50.35 -87.30 11.89
C TRP G 350 -48.98 -86.64 11.75
N VAL G 351 -48.95 -85.67 10.84
CA VAL G 351 -47.82 -84.78 10.64
C VAL G 351 -48.28 -83.39 11.06
N ASN G 352 -47.50 -82.76 11.91
CA ASN G 352 -47.86 -81.47 12.46
C ASN G 352 -47.53 -80.39 11.40
N ILE G 353 -48.36 -79.35 11.39
CA ILE G 353 -48.32 -78.28 10.41
C ILE G 353 -48.03 -76.98 11.15
N PRO G 354 -47.25 -76.09 10.53
CA PRO G 354 -46.94 -74.89 11.27
C PRO G 354 -48.21 -74.15 11.53
N SER G 355 -48.43 -73.68 12.74
CA SER G 355 -49.73 -73.16 13.18
C SER G 355 -49.59 -71.80 13.90
N GLY G 356 -50.60 -71.38 14.65
CA GLY G 356 -50.57 -70.06 15.28
C GLY G 356 -51.63 -69.86 16.35
N THR G 357 -52.06 -68.61 16.54
CA THR G 357 -52.85 -68.26 17.68
C THR G 357 -54.35 -68.48 17.49
N ARG G 358 -54.95 -67.64 16.67
CA ARG G 358 -56.37 -67.66 16.46
C ARG G 358 -56.88 -67.80 15.06
N ALA G 359 -57.29 -69.01 14.71
CA ALA G 359 -57.81 -69.30 13.40
C ALA G 359 -59.14 -68.63 13.25
N GLU G 360 -59.40 -68.12 12.08
CA GLU G 360 -60.60 -67.39 11.84
C GLU G 360 -61.82 -68.19 11.44
N GLY G 361 -61.68 -69.51 11.43
CA GLY G 361 -62.78 -70.42 11.28
C GLY G 361 -63.49 -70.90 10.08
N LEU G 362 -62.81 -70.98 8.97
CA LEU G 362 -63.42 -71.43 7.76
C LEU G 362 -62.57 -72.50 7.13
N ALA G 363 -63.20 -73.47 6.51
CA ALA G 363 -62.48 -74.51 5.83
C ALA G 363 -63.16 -74.83 4.51
N TYR G 364 -62.33 -75.11 3.52
CA TYR G 364 -62.71 -75.45 2.14
C TYR G 364 -62.17 -76.80 1.75
N LEU G 365 -62.99 -77.53 1.02
CA LEU G 365 -62.58 -78.75 0.33
C LEU G 365 -63.34 -78.79 -0.99
N GLY G 366 -62.59 -79.12 -2.04
CA GLY G 366 -63.16 -79.17 -3.37
C GLY G 366 -62.08 -79.34 -4.39
N GLY G 367 -62.40 -78.99 -5.63
CA GLY G 367 -61.49 -79.14 -6.76
C GLY G 367 -61.67 -78.09 -7.84
N ALA G 368 -60.67 -78.01 -8.72
CA ALA G 368 -60.71 -77.14 -9.93
C ALA G 368 -61.84 -77.46 -10.87
N THR G 369 -62.20 -78.75 -10.89
CA THR G 369 -63.19 -79.35 -11.80
C THR G 369 -64.52 -79.68 -11.12
N GLN G 370 -64.46 -80.40 -10.01
CA GLN G 370 -65.67 -80.82 -9.29
C GLN G 370 -66.30 -79.72 -8.41
N GLY G 371 -65.60 -78.60 -8.21
CA GLY G 371 -66.07 -77.50 -7.37
C GLY G 371 -65.97 -77.93 -5.93
N GLY G 372 -66.66 -77.23 -5.04
CA GLY G 372 -66.60 -77.64 -3.63
C GLY G 372 -67.31 -76.74 -2.66
N LEU G 373 -66.96 -76.89 -1.39
CA LEU G 373 -67.74 -76.25 -0.34
C LEU G 373 -66.84 -75.70 0.72
N ALA G 374 -67.23 -74.52 1.21
CA ALA G 374 -66.59 -73.95 2.40
C ALA G 374 -67.60 -73.79 3.51
N VAL G 375 -67.17 -74.21 4.71
CA VAL G 375 -67.99 -74.15 5.88
C VAL G 375 -67.25 -73.36 6.96
N GLY G 376 -67.91 -72.42 7.63
CA GLY G 376 -67.27 -71.76 8.76
C GLY G 376 -68.20 -71.38 9.87
N LEU G 377 -67.61 -70.96 10.99
CA LEU G 377 -68.33 -70.47 12.18
C LEU G 377 -68.00 -69.03 12.47
N ARG G 378 -69.01 -68.21 12.68
CA ARG G 378 -68.78 -66.85 13.14
C ARG G 378 -68.27 -66.89 14.58
N ASP G 379 -67.31 -66.00 14.87
CA ASP G 379 -66.64 -65.91 16.16
C ASP G 379 -65.95 -67.24 16.63
N PHE G 380 -65.56 -68.08 15.68
CA PHE G 380 -64.89 -69.36 15.90
C PHE G 380 -64.08 -69.40 17.19
N TRP G 381 -62.92 -68.75 17.20
CA TRP G 381 -62.02 -68.85 18.36
C TRP G 381 -62.59 -68.25 19.64
N LYS G 382 -63.48 -67.26 19.52
CA LYS G 382 -64.13 -66.74 20.69
C LYS G 382 -65.14 -67.75 21.28
N ARG G 383 -65.41 -68.84 20.58
CA ARG G 383 -66.41 -69.79 20.99
C ARG G 383 -65.80 -71.19 21.20
N TYR G 384 -64.52 -71.21 21.59
CA TYR G 384 -63.71 -72.41 21.84
C TYR G 384 -64.40 -73.31 22.88
N PRO G 385 -64.22 -74.64 22.88
CA PRO G 385 -63.34 -75.38 22.02
C PRO G 385 -64.03 -75.76 20.73
N VAL G 386 -63.46 -75.34 19.60
CA VAL G 386 -63.98 -75.62 18.24
C VAL G 386 -62.90 -76.27 17.39
N GLY G 387 -63.30 -76.79 16.22
CA GLY G 387 -62.37 -77.43 15.27
C GLY G 387 -62.90 -77.54 13.84
N LEU G 388 -62.01 -77.80 12.88
CA LEU G 388 -62.40 -78.03 11.46
C LEU G 388 -61.72 -79.29 10.94
N ASP G 389 -62.52 -80.21 10.40
CA ASP G 389 -61.97 -81.45 9.83
C ASP G 389 -62.24 -81.52 8.35
N ILE G 390 -61.23 -81.95 7.64
CA ILE G 390 -61.37 -82.47 6.30
C ILE G 390 -60.93 -83.92 6.42
N SER G 391 -61.63 -84.77 5.67
CA SER G 391 -61.71 -86.16 5.97
C SER G 391 -61.81 -87.00 4.65
N ASN G 392 -60.91 -87.95 4.49
CA ASN G 392 -60.91 -88.82 3.29
C ASN G 392 -60.79 -88.06 1.96
N ALA G 393 -60.00 -86.99 1.90
CA ALA G 393 -59.83 -86.19 0.66
C ALA G 393 -59.23 -86.96 -0.57
N ALA G 394 -58.67 -88.17 -0.34
CA ALA G 394 -58.12 -89.02 -1.40
C ALA G 394 -59.06 -90.11 -1.91
N SER G 395 -60.34 -89.97 -1.61
CA SER G 395 -61.37 -90.94 -1.98
C SER G 395 -62.37 -90.36 -2.95
N ASP G 396 -63.23 -91.21 -3.50
CA ASP G 396 -64.36 -90.79 -4.34
C ASP G 396 -65.21 -89.78 -3.59
N THR G 397 -65.39 -89.92 -2.28
CA THR G 397 -66.12 -88.93 -1.49
C THR G 397 -65.30 -88.56 -0.27
N GLY G 398 -65.14 -87.23 -0.07
CA GLY G 398 -64.50 -86.64 1.11
C GLY G 398 -65.54 -85.98 1.96
N GLU G 399 -65.24 -85.79 3.25
CA GLU G 399 -66.14 -85.07 4.19
C GLU G 399 -65.50 -83.82 4.75
N LEU G 400 -66.36 -82.89 5.15
CA LEU G 400 -65.96 -81.59 5.67
C LEU G 400 -66.85 -81.27 6.84
N THR G 401 -66.24 -80.99 7.99
CA THR G 401 -66.94 -80.95 9.25
C THR G 401 -66.54 -79.73 10.07
N LEU G 402 -67.53 -78.93 10.46
CA LEU G 402 -67.36 -77.92 11.49
C LEU G 402 -67.70 -78.56 12.84
N TRP G 403 -66.80 -78.43 13.80
CA TRP G 403 -67.08 -78.86 15.15
C TRP G 403 -67.33 -77.61 15.99
N LEU G 404 -68.57 -77.50 16.48
CA LEU G 404 -68.99 -76.43 17.37
C LEU G 404 -68.51 -76.68 18.82
N TYR G 405 -68.30 -77.97 19.13
CA TYR G 405 -67.61 -78.42 20.35
C TYR G 405 -66.70 -79.47 19.83
N SER G 406 -65.40 -79.32 20.09
CA SER G 406 -64.39 -80.22 19.51
C SER G 406 -64.21 -81.45 20.36
N PRO G 407 -64.24 -82.63 19.72
CA PRO G 407 -63.86 -83.86 20.41
C PRO G 407 -62.44 -83.87 20.99
N ALA G 408 -61.53 -82.99 20.54
CA ALA G 408 -60.15 -82.93 21.10
C ALA G 408 -60.05 -82.22 22.46
N ALA G 409 -61.17 -81.62 22.89
CA ALA G 409 -61.27 -80.97 24.19
C ALA G 409 -61.73 -81.97 25.27
N GLU G 410 -61.78 -81.52 26.52
CA GLU G 410 -62.36 -82.33 27.60
C GLU G 410 -63.90 -82.34 27.42
N PRO G 411 -64.60 -83.42 27.83
CA PRO G 411 -66.04 -83.46 27.74
C PRO G 411 -66.68 -82.25 28.35
N LEU G 412 -67.70 -81.72 27.70
CA LEU G 412 -68.49 -80.63 28.28
C LEU G 412 -69.19 -81.14 29.57
N ASP G 413 -68.73 -80.64 30.71
CA ASP G 413 -69.23 -81.05 32.01
C ASP G 413 -70.08 -79.91 32.56
N LEU G 414 -71.39 -80.09 32.52
CA LEU G 414 -72.37 -79.08 32.91
C LEU G 414 -72.90 -79.23 34.34
N ARG G 415 -72.42 -80.27 35.04
CA ARG G 415 -72.88 -80.60 36.39
C ARG G 415 -72.55 -79.48 37.37
N PRO G 416 -73.13 -79.52 38.59
CA PRO G 416 -72.87 -78.40 39.50
C PRO G 416 -71.44 -78.39 40.01
N PHE G 417 -70.97 -77.18 40.29
CA PHE G 417 -69.58 -76.97 40.64
C PHE G 417 -69.24 -77.28 42.09
N HIS G 418 -70.23 -77.17 42.98
CA HIS G 418 -70.12 -77.73 44.33
C HIS G 418 -71.31 -78.62 44.70
N ASP G 419 -71.15 -79.36 45.79
CA ASP G 419 -72.08 -80.42 46.25
C ASP G 419 -73.10 -79.98 47.29
N GLY G 420 -73.05 -78.73 47.68
CA GLY G 420 -74.03 -78.13 48.54
C GLY G 420 -73.38 -77.67 49.82
N LEU G 421 -72.23 -78.28 50.16
CA LEU G 421 -71.41 -77.88 51.32
C LEU G 421 -72.08 -78.20 52.66
N GLY G 422 -72.97 -79.20 52.66
CA GLY G 422 -73.77 -79.54 53.81
C GLY G 422 -74.93 -78.59 54.09
N GLN G 423 -75.27 -77.73 53.13
CA GLN G 423 -76.47 -76.91 53.25
C GLN G 423 -77.73 -77.79 53.22
N ASP G 424 -78.59 -77.53 54.18
CA ASP G 424 -79.69 -78.44 54.52
C ASP G 424 -80.86 -77.60 55.01
N GLY G 425 -81.61 -77.02 54.08
CA GLY G 425 -82.73 -76.16 54.42
C GLY G 425 -82.47 -74.71 54.11
N TYR G 426 -83.56 -73.94 54.11
CA TYR G 426 -83.60 -72.53 53.70
C TYR G 426 -82.70 -71.64 54.56
N GLU G 427 -82.66 -71.93 55.86
CA GLU G 427 -81.91 -71.13 56.84
C GLU G 427 -80.41 -71.16 56.53
N ASP G 428 -79.92 -72.36 56.25
CA ASP G 428 -78.56 -72.57 55.81
C ASP G 428 -78.25 -71.88 54.49
N GLN G 429 -79.18 -72.00 53.54
CA GLN G 429 -79.05 -71.38 52.23
C GLN G 429 -78.94 -69.87 52.34
N LEU G 430 -79.80 -69.26 53.16
CA LEU G 430 -79.79 -67.79 53.36
C LEU G 430 -78.58 -67.25 54.16
N ASP G 431 -77.94 -68.14 54.94
CA ASP G 431 -76.68 -67.87 55.67
C ASP G 431 -75.52 -67.82 54.66
N ALA G 432 -75.37 -68.89 53.85
CA ALA G 432 -74.37 -68.94 52.73
C ALA G 432 -74.51 -67.73 51.81
N LEU G 433 -75.74 -67.34 51.51
CA LEU G 433 -75.99 -66.12 50.76
C LEU G 433 -75.36 -64.87 51.39
N GLU G 434 -75.15 -64.88 52.71
CA GLU G 434 -74.64 -63.69 53.38
C GLU G 434 -73.11 -63.54 53.18
N ILE G 435 -72.43 -64.62 52.75
CA ILE G 435 -70.96 -64.65 52.56
C ILE G 435 -70.51 -64.81 51.08
N THR G 436 -71.05 -65.77 50.33
CA THR G 436 -70.68 -65.91 48.92
C THR G 436 -71.62 -65.21 47.93
N TYR G 437 -72.81 -64.80 48.40
CA TYR G 437 -73.84 -64.15 47.54
C TYR G 437 -74.52 -65.10 46.57
N GLU G 438 -74.36 -66.42 46.83
CA GLU G 438 -75.05 -67.50 46.14
C GLU G 438 -76.19 -67.98 47.04
N ASP G 439 -77.40 -68.02 46.44
CA ASP G 439 -78.57 -68.62 47.05
C ASP G 439 -78.71 -69.98 46.42
N TRP G 440 -78.04 -70.95 47.00
CA TRP G 440 -78.09 -72.32 46.51
C TRP G 440 -79.37 -73.06 46.96
N GLU G 441 -79.66 -74.20 46.32
CA GLU G 441 -80.65 -75.20 46.78
C GLU G 441 -80.49 -76.53 45.98
N PRO G 442 -80.69 -77.71 46.62
CA PRO G 442 -80.44 -78.92 45.79
C PRO G 442 -81.40 -79.00 44.59
N GLY G 443 -80.91 -79.56 43.49
CA GLY G 443 -81.71 -79.70 42.27
C GLY G 443 -81.83 -78.42 41.42
N PHE G 444 -81.64 -77.23 41.99
CA PHE G 444 -81.73 -75.98 41.22
C PHE G 444 -80.49 -75.62 40.34
N ASP G 445 -79.31 -76.14 40.72
CA ASP G 445 -78.06 -75.91 40.01
C ASP G 445 -78.03 -76.86 38.83
N THR G 446 -78.85 -76.58 37.83
CA THR G 446 -79.10 -77.54 36.77
C THR G 446 -79.04 -76.84 35.43
N PRO G 447 -78.30 -77.41 34.47
CA PRO G 447 -78.34 -76.87 33.12
C PRO G 447 -79.66 -77.17 32.32
N TYR G 448 -80.61 -77.96 32.87
CA TYR G 448 -81.79 -78.46 32.10
C TYR G 448 -82.60 -77.39 31.37
N GLY G 449 -82.53 -77.41 30.04
CA GLY G 449 -83.26 -76.49 29.22
C GLY G 449 -82.61 -75.16 28.91
N ILE G 450 -81.32 -75.00 29.15
CA ILE G 450 -80.61 -73.85 28.57
C ILE G 450 -80.45 -74.09 27.08
N ALA G 451 -80.11 -73.02 26.36
CA ALA G 451 -79.90 -73.09 24.93
C ALA G 451 -78.67 -72.31 24.49
N ARG G 452 -78.22 -72.60 23.27
CA ARG G 452 -77.17 -71.85 22.65
C ARG G 452 -77.35 -71.85 21.15
N THR G 453 -77.16 -70.67 20.58
CA THR G 453 -77.33 -70.47 19.14
C THR G 453 -75.97 -70.11 18.54
N SER G 454 -75.63 -70.76 17.42
CA SER G 454 -74.34 -70.60 16.74
C SER G 454 -74.58 -70.07 15.33
N GLU G 455 -73.74 -69.15 14.88
CA GLU G 455 -73.91 -68.55 13.56
C GLU G 455 -72.93 -69.18 12.61
N VAL G 456 -73.42 -70.08 11.78
CA VAL G 456 -72.61 -70.85 10.84
C VAL G 456 -72.87 -70.31 9.45
N TYR G 457 -71.86 -70.43 8.57
CA TYR G 457 -71.98 -70.07 7.14
C TYR G 457 -71.56 -71.23 6.24
N LEU G 458 -72.28 -71.44 5.14
CA LEU G 458 -71.83 -72.33 4.07
C LEU G 458 -71.63 -71.46 2.83
N PHE G 459 -70.63 -71.83 2.03
CA PHE G 459 -70.35 -71.15 0.76
C PHE G 459 -70.13 -72.21 -0.32
N ALA G 460 -70.86 -72.11 -1.43
CA ALA G 460 -70.77 -73.08 -2.53
C ALA G 460 -69.91 -72.50 -3.64
N PHE G 461 -69.11 -73.36 -4.27
CA PHE G 461 -68.16 -72.96 -5.35
C PHE G 461 -68.19 -73.92 -6.54
N ASP G 462 -68.23 -73.34 -7.72
CA ASP G 462 -68.24 -74.09 -8.98
C ASP G 462 -66.86 -74.66 -9.29
N GLN G 463 -65.82 -73.93 -8.92
CA GLN G 463 -64.44 -74.43 -8.96
C GLN G 463 -63.78 -73.87 -7.70
N THR G 464 -62.63 -74.40 -7.31
CA THR G 464 -61.91 -73.88 -6.17
C THR G 464 -61.69 -72.38 -6.38
N PRO G 465 -62.10 -71.56 -5.40
CA PRO G 465 -61.99 -70.12 -5.50
C PRO G 465 -60.60 -69.63 -5.19
N THR G 466 -60.36 -68.33 -5.41
CA THR G 466 -59.06 -67.72 -5.16
C THR G 466 -58.90 -67.65 -3.65
N SER G 467 -57.66 -67.64 -3.19
CA SER G 467 -57.41 -67.42 -1.78
C SER G 467 -57.91 -66.05 -1.30
N ASP G 468 -57.81 -65.02 -2.13
CA ASP G 468 -58.30 -63.69 -1.75
C ASP G 468 -59.77 -63.73 -1.44
N LYS G 469 -60.54 -64.48 -2.21
CA LYS G 469 -61.97 -64.64 -2.00
C LYS G 469 -62.23 -65.42 -0.71
N LEU G 470 -61.51 -66.50 -0.45
CA LEU G 470 -61.75 -67.23 0.82
C LEU G 470 -61.40 -66.40 2.02
N ALA G 471 -60.37 -65.58 1.94
CA ALA G 471 -60.14 -64.57 2.97
C ALA G 471 -61.32 -63.58 3.12
N SER G 472 -61.80 -63.03 2.02
CA SER G 472 -62.88 -62.03 2.05
C SER G 472 -64.18 -62.58 2.65
N LEU G 473 -64.50 -63.83 2.35
CA LEU G 473 -65.72 -64.45 2.89
C LEU G 473 -65.47 -64.75 4.34
N THR G 474 -64.31 -65.32 4.65
CA THR G 474 -63.90 -65.50 6.04
C THR G 474 -64.07 -64.20 6.84
N ALA G 475 -63.72 -63.07 6.24
CA ALA G 475 -63.81 -61.77 6.93
C ALA G 475 -65.26 -61.37 7.11
N TYR G 476 -66.04 -61.61 6.05
CA TYR G 476 -67.50 -61.42 5.96
C TYR G 476 -68.18 -62.17 7.09
N MET G 477 -67.94 -63.47 7.15
CA MET G 477 -68.47 -64.34 8.18
C MET G 477 -68.29 -63.79 9.61
N ASN G 478 -67.10 -63.27 9.93
CA ASN G 478 -66.82 -62.69 11.25
C ASN G 478 -67.24 -61.24 11.43
N ASP G 479 -67.76 -60.61 10.39
CA ASP G 479 -68.36 -59.28 10.57
C ASP G 479 -69.51 -59.13 9.56
N PRO G 480 -70.58 -59.91 9.77
CA PRO G 480 -71.61 -59.92 8.75
C PRO G 480 -72.23 -58.54 8.66
N PRO G 481 -72.30 -57.95 7.46
CA PRO G 481 -72.80 -56.58 7.33
C PRO G 481 -74.22 -56.38 7.73
N VAL G 482 -74.42 -55.26 8.40
CA VAL G 482 -75.66 -54.86 9.00
C VAL G 482 -76.04 -53.49 8.41
N LEU G 483 -77.32 -53.30 8.14
CA LEU G 483 -77.84 -51.98 7.80
C LEU G 483 -78.84 -51.53 8.87
N VAL G 484 -78.74 -50.26 9.28
CA VAL G 484 -79.53 -49.67 10.40
C VAL G 484 -79.98 -48.25 10.09
N ALA G 485 -81.07 -47.87 10.74
CA ALA G 485 -81.70 -46.60 10.55
C ALA G 485 -80.85 -45.54 11.20
N GLU G 486 -81.07 -44.30 10.81
CA GLU G 486 -80.36 -43.20 11.46
C GLU G 486 -80.88 -43.11 12.91
N PRO G 487 -79.97 -42.92 13.92
CA PRO G 487 -80.33 -42.60 15.30
C PRO G 487 -81.42 -41.55 15.42
N LYS G 488 -81.22 -40.40 14.81
CA LYS G 488 -82.22 -39.35 14.74
C LYS G 488 -83.62 -39.88 14.35
N TYR G 489 -83.68 -40.74 13.32
CA TYR G 489 -84.98 -41.23 12.80
C TYR G 489 -85.69 -42.20 13.77
N ILE G 490 -84.96 -43.19 14.29
CA ILE G 490 -85.49 -44.09 15.31
C ILE G 490 -86.09 -43.26 16.47
N HIS G 491 -85.42 -42.17 16.87
CA HIS G 491 -85.89 -41.34 17.98
C HIS G 491 -87.25 -40.67 17.70
N GLU G 492 -87.33 -39.95 16.58
CA GLU G 492 -88.59 -39.30 16.11
C GLU G 492 -89.81 -40.22 16.02
N THR G 493 -89.62 -41.42 15.43
CA THR G 493 -90.69 -42.42 15.29
C THR G 493 -91.33 -42.82 16.62
N GLN G 494 -90.51 -42.74 17.67
CA GLN G 494 -90.88 -43.06 19.04
C GLN G 494 -91.14 -44.53 19.12
N ALA G 495 -90.59 -45.23 18.13
CA ALA G 495 -90.93 -46.62 17.86
C ALA G 495 -90.13 -47.60 18.65
N LEU G 496 -89.26 -47.12 19.52
CA LEU G 496 -88.45 -47.97 20.33
C LEU G 496 -88.09 -47.30 21.68
N GLY G 497 -89.03 -46.56 22.24
CA GLY G 497 -88.86 -45.96 23.57
C GLY G 497 -88.82 -44.45 23.52
N GLU G 498 -89.39 -43.81 24.53
CA GLU G 498 -89.34 -42.35 24.67
C GLU G 498 -88.29 -41.89 25.72
N TYR G 499 -87.66 -42.87 26.37
CA TYR G 499 -86.82 -42.70 27.57
C TYR G 499 -85.31 -42.55 27.22
N TRP G 500 -84.98 -42.17 25.98
CA TRP G 500 -83.61 -41.99 25.55
C TRP G 500 -83.60 -40.97 24.44
N ALA G 501 -82.50 -40.22 24.37
CA ALA G 501 -82.37 -39.13 23.46
C ALA G 501 -80.96 -39.13 22.90
N LEU G 502 -80.73 -38.44 21.78
CA LEU G 502 -79.37 -38.25 21.25
C LEU G 502 -78.55 -37.33 22.17
N PRO G 503 -77.20 -37.43 22.13
CA PRO G 503 -76.33 -36.51 22.89
C PRO G 503 -75.89 -35.25 22.13
N GLY G 504 -75.16 -34.37 22.82
CA GLY G 504 -74.24 -33.37 22.18
C GLY G 504 -74.73 -31.94 22.17
N SER G 505 -75.09 -31.43 23.35
CA SER G 505 -75.65 -30.07 23.53
C SER G 505 -75.23 -29.01 22.48
N SER G 507 -73.96 -27.82 26.57
CA SER G 507 -73.79 -28.08 28.01
C SER G 507 -72.52 -28.91 28.26
N PRO G 508 -71.58 -28.39 29.08
CA PRO G 508 -70.33 -29.12 29.31
C PRO G 508 -70.45 -30.31 30.30
N ALA G 509 -71.40 -30.27 31.24
CA ALA G 509 -71.59 -31.36 32.20
C ALA G 509 -72.20 -32.61 31.58
N ALA G 510 -73.04 -32.41 30.57
CA ALA G 510 -73.56 -33.50 29.76
C ALA G 510 -72.42 -34.19 29.00
N ALA G 511 -71.50 -33.41 28.43
CA ALA G 511 -70.38 -33.96 27.64
C ALA G 511 -69.44 -34.78 28.50
N THR G 512 -69.31 -34.41 29.79
CA THR G 512 -68.48 -35.20 30.71
C THR G 512 -69.22 -36.52 31.01
N LEU G 513 -70.55 -36.46 31.10
CA LEU G 513 -71.34 -37.68 31.19
C LEU G 513 -71.21 -38.54 29.94
N GLU G 514 -71.17 -37.96 28.74
CA GLU G 514 -70.89 -38.79 27.55
C GLU G 514 -69.47 -39.41 27.61
N ASP G 515 -68.51 -38.63 28.08
CA ASP G 515 -67.13 -39.14 28.27
C ASP G 515 -67.13 -40.30 29.27
N ARG G 516 -67.95 -40.23 30.29
CA ARG G 516 -68.05 -41.33 31.25
C ARG G 516 -68.84 -42.59 30.77
N LEU G 517 -69.76 -42.42 29.82
CA LEU G 517 -70.37 -43.60 29.16
C LEU G 517 -69.33 -44.27 28.25
N GLN G 518 -68.62 -43.45 27.47
CA GLN G 518 -67.47 -43.87 26.65
C GLN G 518 -66.46 -44.63 27.49
N PHE G 519 -66.17 -44.12 28.67
CA PHE G 519 -65.23 -44.77 29.56
C PHE G 519 -65.72 -46.18 29.91
N ILE G 520 -66.93 -46.26 30.42
CA ILE G 520 -67.54 -47.53 30.79
C ILE G 520 -67.51 -48.58 29.65
N PHE G 521 -67.92 -48.17 28.45
CA PHE G 521 -67.97 -49.07 27.30
C PHE G 521 -66.59 -49.57 26.86
N ASP G 522 -65.62 -48.64 26.78
CA ASP G 522 -64.24 -48.97 26.36
C ASP G 522 -63.68 -50.01 27.34
N PHE G 523 -63.88 -49.78 28.65
CA PHE G 523 -63.36 -50.67 29.68
C PHE G 523 -63.92 -52.10 29.61
N TYR G 524 -65.24 -52.19 29.51
CA TYR G 524 -65.97 -53.47 29.36
C TYR G 524 -65.58 -54.21 28.09
N LYS G 525 -65.55 -53.51 26.95
CA LYS G 525 -65.07 -54.11 25.69
C LYS G 525 -63.65 -54.69 25.82
N GLY G 526 -62.80 -53.99 26.59
CA GLY G 526 -61.46 -54.43 26.90
C GLY G 526 -61.46 -55.72 27.68
N GLN G 527 -62.32 -55.79 28.71
CA GLN G 527 -62.25 -56.90 29.68
C GLN G 527 -62.59 -58.26 29.06
N ILE G 528 -63.50 -58.23 28.07
CA ILE G 528 -63.79 -59.41 27.28
C ILE G 528 -62.44 -60.05 26.88
N GLU G 529 -61.58 -59.27 26.22
CA GLU G 529 -60.29 -59.80 25.76
C GLU G 529 -59.35 -60.09 26.97
N GLN G 530 -59.12 -59.07 27.82
CA GLN G 530 -58.11 -59.20 28.87
C GLN G 530 -58.37 -60.40 29.78
N ARG G 531 -59.65 -60.69 30.05
CA ARG G 531 -60.06 -61.77 30.95
C ARG G 531 -60.46 -63.09 30.26
N ARG G 532 -60.44 -63.10 28.94
CA ARG G 532 -60.74 -64.29 28.16
C ARG G 532 -62.15 -64.82 28.42
N TRP G 533 -63.10 -63.89 28.44
CA TRP G 533 -64.50 -64.21 28.54
C TRP G 533 -64.98 -64.67 27.21
N TYR G 534 -64.40 -65.80 26.84
CA TYR G 534 -64.63 -66.47 25.59
C TYR G 534 -65.07 -67.89 25.94
N GLY G 535 -65.62 -68.57 24.93
CA GLY G 535 -66.00 -69.95 25.05
C GLY G 535 -67.40 -70.26 24.57
N PHE G 536 -67.60 -71.56 24.36
CA PHE G 536 -68.78 -72.12 23.69
C PHE G 536 -70.06 -71.57 24.29
N LEU G 537 -70.20 -71.60 25.62
CA LEU G 537 -71.36 -71.00 26.32
C LEU G 537 -71.04 -69.61 26.91
N ASP G 538 -69.82 -69.42 27.45
CA ASP G 538 -69.53 -68.19 28.19
C ASP G 538 -69.59 -66.93 27.31
N TYR G 539 -69.20 -67.04 26.03
CA TYR G 539 -68.94 -65.84 25.23
C TYR G 539 -70.17 -65.01 25.01
N GLY G 540 -70.05 -63.77 25.43
CA GLY G 540 -71.10 -62.77 25.34
C GLY G 540 -71.43 -62.22 26.72
N ASP G 541 -71.16 -63.02 27.78
CA ASP G 541 -71.45 -62.55 29.15
C ASP G 541 -70.26 -61.76 29.67
N PHE G 542 -70.41 -61.17 30.85
CA PHE G 542 -69.29 -60.62 31.65
C PHE G 542 -69.59 -60.79 33.13
N MET G 543 -68.70 -60.33 34.01
CA MET G 543 -68.79 -60.66 35.41
C MET G 543 -69.30 -59.50 36.31
N HIS G 544 -69.61 -59.84 37.58
CA HIS G 544 -70.47 -59.01 38.43
C HIS G 544 -69.65 -58.00 39.24
N THR G 545 -68.64 -58.51 39.96
CA THR G 545 -67.86 -57.72 40.93
C THR G 545 -66.40 -58.18 40.99
N TYR G 546 -65.53 -57.19 41.21
CA TYR G 546 -64.09 -57.38 41.28
C TYR G 546 -63.59 -57.79 42.65
N ASP G 547 -62.62 -58.69 42.66
CA ASP G 547 -61.79 -58.97 43.83
C ASP G 547 -60.53 -58.07 43.76
N PRO G 548 -60.41 -57.04 44.66
CA PRO G 548 -59.32 -56.04 44.50
C PRO G 548 -57.94 -56.50 44.94
N ASP G 549 -57.87 -57.59 45.70
CA ASP G 549 -56.61 -58.15 46.16
C ASP G 549 -56.01 -59.18 45.19
N ARG G 550 -56.87 -59.90 44.47
CA ARG G 550 -56.39 -60.94 43.54
C ARG G 550 -56.19 -60.38 42.14
N HIS G 551 -56.85 -59.24 41.86
CA HIS G 551 -56.80 -58.52 40.61
C HIS G 551 -57.49 -59.36 39.54
N THR G 552 -58.76 -59.66 39.82
CA THR G 552 -59.59 -60.60 39.06
C THR G 552 -61.09 -60.34 39.33
N TRP G 553 -61.94 -60.73 38.39
CA TRP G 553 -63.37 -60.72 38.66
C TRP G 553 -63.61 -61.95 39.53
N ARG G 554 -64.63 -61.89 40.38
CA ARG G 554 -64.88 -62.96 41.34
C ARG G 554 -65.57 -64.14 40.64
N TYR G 555 -64.86 -64.73 39.70
CA TYR G 555 -65.33 -65.89 38.95
C TYR G 555 -65.60 -67.12 39.85
N ASP G 556 -65.06 -67.13 41.06
CA ASP G 556 -65.12 -68.28 41.98
C ASP G 556 -65.95 -68.02 43.25
N VAL G 557 -66.66 -66.90 43.32
CA VAL G 557 -67.35 -66.51 44.55
C VAL G 557 -68.83 -66.33 44.23
N GLY G 558 -69.56 -67.40 44.51
CA GLY G 558 -71.00 -67.43 44.38
C GLY G 558 -71.55 -66.44 43.37
N GLY G 559 -72.16 -65.39 43.87
CA GLY G 559 -72.92 -64.47 43.04
C GLY G 559 -72.14 -63.35 42.37
N TYR G 560 -70.82 -63.33 42.53
CA TYR G 560 -70.04 -62.23 41.99
C TYR G 560 -69.37 -62.58 40.66
N ALA G 561 -69.65 -63.77 40.12
CA ALA G 561 -69.09 -64.22 38.85
C ALA G 561 -69.96 -63.78 37.66
N TRP G 562 -70.52 -64.71 36.87
CA TRP G 562 -71.18 -64.33 35.62
C TRP G 562 -72.38 -63.46 35.96
N ASP G 563 -72.57 -62.37 35.23
CA ASP G 563 -73.54 -61.30 35.64
C ASP G 563 -75.01 -61.50 35.22
N ASN G 564 -75.28 -62.31 34.20
CA ASN G 564 -76.65 -62.71 33.81
C ASN G 564 -77.65 -61.53 33.96
N SER G 565 -77.35 -60.47 33.23
CA SER G 565 -78.26 -59.35 33.08
C SER G 565 -78.72 -58.76 34.44
N GLU G 566 -77.86 -58.84 35.46
CA GLU G 566 -78.20 -58.32 36.77
C GLU G 566 -78.09 -56.82 36.80
N LEU G 567 -79.21 -56.18 37.13
CA LEU G 567 -79.44 -54.73 37.04
C LEU G 567 -79.37 -54.20 35.62
N SER G 568 -79.72 -55.03 34.64
CA SER G 568 -80.09 -54.55 33.28
C SER G 568 -79.00 -53.96 32.41
N PRO G 569 -77.83 -54.60 32.35
CA PRO G 569 -76.77 -54.08 31.49
C PRO G 569 -77.24 -54.12 30.04
N ASP G 570 -78.05 -55.11 29.72
CA ASP G 570 -78.59 -55.26 28.37
C ASP G 570 -79.31 -53.98 27.97
N LEU G 571 -80.10 -53.42 28.88
CA LEU G 571 -80.82 -52.19 28.61
C LEU G 571 -79.87 -51.05 28.34
N PHE G 572 -78.83 -50.91 29.17
CA PHE G 572 -77.82 -49.86 28.95
C PHE G 572 -77.11 -49.98 27.60
N PHE G 573 -76.47 -51.12 27.38
CA PHE G 573 -75.70 -51.33 26.14
C PHE G 573 -76.51 -51.21 24.84
N TRP G 574 -77.78 -51.60 24.85
CA TRP G 574 -78.64 -51.44 23.68
C TRP G 574 -79.08 -50.00 23.53
N LEU G 575 -79.43 -49.35 24.64
CA LEU G 575 -79.75 -47.92 24.59
C LEU G 575 -78.51 -47.09 24.23
N TYR G 576 -77.34 -47.55 24.65
CA TYR G 576 -76.09 -46.90 24.26
C TYR G 576 -75.89 -47.02 22.74
N PHE G 577 -76.20 -48.17 22.16
CA PHE G 577 -76.16 -48.29 20.70
C PHE G 577 -77.15 -47.32 20.02
N LEU G 578 -78.40 -47.29 20.48
CA LEU G 578 -79.42 -46.51 19.79
C LEU G 578 -79.07 -45.03 19.66
N ARG G 579 -78.53 -44.46 20.74
CA ARG G 579 -78.07 -43.08 20.82
C ARG G 579 -76.89 -42.73 19.92
N THR G 580 -75.96 -43.67 19.79
CA THR G 580 -74.67 -43.41 19.14
C THR G 580 -74.56 -43.96 17.72
N GLY G 581 -75.13 -45.13 17.45
CA GLY G 581 -75.05 -45.77 16.12
C GLY G 581 -73.72 -46.49 15.87
N SER G 582 -72.94 -46.67 16.94
CA SER G 582 -71.55 -47.23 16.91
C SER G 582 -71.50 -48.72 16.56
N LYS G 583 -70.59 -49.12 15.69
CA LYS G 583 -70.48 -50.51 15.31
C LYS G 583 -70.14 -51.35 16.54
N ASP G 584 -69.06 -50.96 17.22
CA ASP G 584 -68.58 -51.59 18.45
C ASP G 584 -69.74 -51.85 19.47
N ALA G 585 -70.58 -50.83 19.64
CA ALA G 585 -71.65 -50.88 20.59
C ALA G 585 -72.69 -51.96 20.26
N TYR G 586 -73.14 -51.98 19.01
CA TYR G 586 -74.07 -53.00 18.50
C TYR G 586 -73.50 -54.39 18.68
N ARG G 587 -72.27 -54.58 18.24
CA ARG G 587 -71.57 -55.87 18.36
C ARG G 587 -71.37 -56.36 19.79
N PHE G 588 -71.21 -55.43 20.73
CA PHE G 588 -71.10 -55.78 22.17
C PHE G 588 -72.46 -56.13 22.78
N ALA G 589 -73.48 -55.35 22.42
CA ALA G 589 -74.85 -55.66 22.80
C ALA G 589 -75.44 -56.92 22.09
N GLU G 590 -75.00 -57.18 20.86
CA GLU G 590 -75.44 -58.34 20.11
C GLU G 590 -74.93 -59.59 20.75
N ALA G 591 -73.63 -59.61 21.03
CA ALA G 591 -72.99 -60.77 21.68
C ALA G 591 -73.64 -61.08 23.05
N LEU G 592 -73.83 -60.04 23.87
CA LEU G 592 -74.58 -60.15 25.14
C LEU G 592 -75.98 -60.81 24.99
N THR G 593 -76.81 -60.19 24.18
CA THR G 593 -78.11 -60.70 23.90
C THR G 593 -78.12 -62.13 23.39
N ARG G 594 -77.16 -62.48 22.53
CA ARG G 594 -77.12 -63.82 22.01
C ARG G 594 -76.75 -64.83 23.07
N HIS G 595 -76.15 -64.38 24.15
CA HIS G 595 -75.76 -65.26 25.26
C HIS G 595 -76.83 -65.26 26.32
N THR G 596 -77.17 -64.08 26.74
CA THR G 596 -77.91 -63.87 27.95
C THR G 596 -79.35 -64.39 27.76
N GLY G 597 -79.94 -64.19 26.59
CA GLY G 597 -81.26 -64.69 26.34
C GLY G 597 -81.34 -66.17 25.99
N GLU G 598 -80.18 -66.82 25.82
CA GLU G 598 -80.06 -68.21 25.43
C GLU G 598 -79.55 -69.10 26.58
N VAL G 599 -78.35 -68.79 27.06
CA VAL G 599 -77.67 -69.63 28.06
C VAL G 599 -78.27 -69.35 29.42
N ASP G 600 -78.54 -68.09 29.69
CA ASP G 600 -78.97 -67.68 31.02
C ASP G 600 -80.49 -67.86 31.29
N VAL G 601 -81.23 -68.50 30.37
CA VAL G 601 -82.66 -68.75 30.54
C VAL G 601 -83.05 -70.20 30.21
N TYR G 602 -84.19 -70.63 30.73
CA TYR G 602 -84.68 -71.99 30.52
C TYR G 602 -85.78 -72.03 29.41
N HIS G 603 -85.64 -72.95 28.49
CA HIS G 603 -86.48 -73.02 27.31
C HIS G 603 -87.45 -74.23 27.28
N ILE G 604 -87.34 -75.11 28.27
CA ILE G 604 -88.27 -76.22 28.45
C ILE G 604 -88.39 -76.49 29.94
N GLY G 605 -89.18 -77.51 30.31
CA GLY G 605 -89.35 -77.95 31.68
C GLY G 605 -90.26 -77.03 32.45
N ASP G 606 -90.28 -77.24 33.78
CA ASP G 606 -91.23 -76.55 34.66
C ASP G 606 -90.87 -75.08 34.89
N TRP G 607 -89.58 -74.78 34.82
CA TRP G 607 -89.07 -73.40 34.98
C TRP G 607 -88.98 -72.64 33.66
N LYS G 608 -89.43 -73.25 32.55
CA LYS G 608 -89.49 -72.61 31.25
C LYS G 608 -90.10 -71.25 31.38
N GLY G 609 -89.36 -70.25 30.85
CA GLY G 609 -89.71 -68.84 30.97
C GLY G 609 -88.88 -68.10 32.03
N LEU G 610 -88.12 -68.84 32.82
CA LEU G 610 -87.24 -68.23 33.81
C LEU G 610 -85.76 -68.31 33.43
N GLY G 611 -85.03 -67.28 33.84
CA GLY G 611 -83.58 -67.26 33.79
C GLY G 611 -82.96 -67.35 35.18
N THR G 612 -81.70 -67.76 35.24
CA THR G 612 -80.98 -67.97 36.48
C THR G 612 -80.18 -66.76 36.88
N ARG G 613 -80.21 -66.46 38.18
CA ARG G 613 -79.48 -65.33 38.79
C ARG G 613 -77.99 -65.49 38.59
N HIS G 614 -77.30 -64.36 38.54
CA HIS G 614 -75.84 -64.28 38.48
C HIS G 614 -75.18 -65.23 39.47
N GLY G 615 -74.16 -65.92 38.97
CA GLY G 615 -73.57 -67.04 39.70
C GLY G 615 -72.30 -67.54 39.03
N VAL G 616 -71.67 -68.55 39.64
CA VAL G 616 -70.38 -69.05 39.20
C VAL G 616 -70.56 -69.77 37.88
N GLN G 617 -71.53 -70.67 37.80
CA GLN G 617 -72.02 -71.15 36.50
C GLN G 617 -73.24 -70.30 36.14
N HIS G 618 -73.65 -70.37 34.87
CA HIS G 618 -74.74 -69.52 34.35
C HIS G 618 -76.09 -70.01 34.79
N TRP G 619 -76.13 -71.24 35.32
CA TRP G 619 -77.35 -71.89 35.78
C TRP G 619 -77.27 -72.37 37.24
N SER G 620 -76.23 -71.94 37.98
CA SER G 620 -75.89 -72.49 39.30
C SER G 620 -76.77 -72.00 40.47
N ASP G 621 -77.24 -70.77 40.40
CA ASP G 621 -77.94 -70.16 41.52
C ASP G 621 -79.41 -70.64 41.57
N SER G 622 -80.03 -70.64 42.76
CA SER G 622 -81.39 -71.14 42.87
C SER G 622 -82.47 -70.10 42.56
N ALA G 623 -82.14 -68.81 42.48
CA ALA G 623 -83.14 -67.79 42.18
C ALA G 623 -83.50 -67.75 40.69
N LYS G 624 -84.50 -68.55 40.31
CA LYS G 624 -85.02 -68.56 38.96
C LYS G 624 -86.11 -67.51 38.95
N GLN G 625 -86.00 -66.56 38.02
CA GLN G 625 -86.88 -65.41 37.95
C GLN G 625 -87.05 -64.86 36.55
N ALA G 626 -88.19 -64.22 36.32
CA ALA G 626 -88.53 -63.57 35.05
C ALA G 626 -87.68 -62.32 34.82
N ARG G 627 -87.12 -61.81 35.90
CA ARG G 627 -86.10 -60.73 35.95
C ARG G 627 -84.91 -60.85 34.96
N ILE G 628 -84.44 -62.06 34.79
CA ILE G 628 -83.34 -62.37 33.91
C ILE G 628 -83.90 -62.66 32.53
N SER G 629 -84.94 -63.51 32.45
CA SER G 629 -85.59 -63.86 31.16
C SER G 629 -86.14 -62.63 30.43
N GLN G 630 -86.49 -61.62 31.24
CA GLN G 630 -87.01 -60.31 30.82
C GLN G 630 -86.89 -60.05 29.33
N PRO G 631 -88.00 -60.17 28.60
CA PRO G 631 -87.93 -59.93 27.15
C PRO G 631 -87.76 -58.49 26.75
N GLN G 632 -87.88 -57.54 27.69
CA GLN G 632 -87.50 -56.16 27.40
C GLN G 632 -86.05 -56.07 26.98
N TYR G 633 -85.21 -56.96 27.53
CA TYR G 633 -83.79 -57.10 27.11
C TYR G 633 -83.52 -57.50 25.65
N ARG G 634 -84.52 -58.08 24.96
CA ARG G 634 -84.39 -58.49 23.54
C ARG G 634 -85.23 -57.66 22.56
N LYS G 635 -85.94 -56.65 23.05
CA LYS G 635 -86.90 -55.93 22.19
C LYS G 635 -86.14 -55.21 21.05
N TYR G 636 -85.16 -54.41 21.46
CA TYR G 636 -84.35 -53.55 20.57
C TYR G 636 -83.71 -54.41 19.48
N PHE G 637 -83.03 -55.50 19.87
CA PHE G 637 -82.34 -56.35 18.88
C PHE G 637 -83.35 -56.99 17.97
N PHE G 638 -84.42 -57.53 18.56
CA PHE G 638 -85.46 -58.17 17.76
C PHE G 638 -85.89 -57.30 16.57
N TYR G 639 -86.11 -56.01 16.81
CA TYR G 639 -86.59 -55.11 15.77
C TYR G 639 -85.46 -54.54 14.86
N LEU G 640 -84.36 -54.09 15.45
CA LEU G 640 -83.21 -53.62 14.66
C LEU G 640 -82.65 -54.65 13.70
N SER G 641 -82.77 -55.92 14.07
CA SER G 641 -82.34 -57.04 13.23
C SER G 641 -83.28 -57.34 12.09
N GLY G 642 -84.44 -56.67 12.05
CA GLY G 642 -85.51 -57.07 11.13
C GLY G 642 -86.17 -58.38 11.56
N GLY G 643 -86.47 -58.48 12.84
CA GLY G 643 -87.19 -59.59 13.39
C GLY G 643 -86.46 -60.90 13.36
N ASP G 644 -85.17 -60.88 13.77
CA ASP G 644 -84.37 -62.13 13.85
C ASP G 644 -85.27 -63.25 14.37
N GLU G 645 -85.29 -64.36 13.65
CA GLU G 645 -86.35 -65.36 13.87
C GLU G 645 -86.13 -66.18 15.11
N ARG G 646 -84.87 -66.48 15.44
CA ARG G 646 -84.57 -67.18 16.68
C ARG G 646 -84.97 -66.36 17.88
N VAL G 647 -84.71 -65.05 17.89
CA VAL G 647 -85.18 -64.20 19.00
C VAL G 647 -86.71 -64.09 19.00
N GLY G 648 -87.33 -64.13 17.83
CA GLY G 648 -88.80 -64.15 17.74
C GLY G 648 -89.41 -65.32 18.50
N GLU G 649 -88.87 -66.50 18.29
CA GLU G 649 -89.38 -67.64 19.04
C GLU G 649 -88.94 -67.63 20.51
N LEU G 650 -87.77 -67.08 20.84
CA LEU G 650 -87.41 -66.90 22.24
C LEU G 650 -88.46 -66.03 22.93
N LEU G 651 -88.86 -64.94 22.28
CA LEU G 651 -89.90 -64.10 22.85
C LEU G 651 -91.21 -64.89 23.10
N GLU G 652 -91.55 -65.77 22.18
CA GLU G 652 -92.82 -66.47 22.25
C GLU G 652 -92.85 -67.50 23.38
N GLU G 653 -91.73 -68.18 23.58
CA GLU G 653 -91.52 -69.08 24.71
C GLU G 653 -91.85 -68.41 26.05
N LEU G 654 -91.48 -67.15 26.23
CA LEU G 654 -91.63 -66.45 27.51
C LEU G 654 -93.09 -66.02 27.84
N LEU G 655 -94.02 -66.27 26.92
CA LEU G 655 -95.43 -66.06 27.18
C LEU G 655 -95.98 -67.15 28.14
N ASP G 656 -95.25 -68.25 28.31
CA ASP G 656 -95.58 -69.26 29.32
C ASP G 656 -94.99 -68.96 30.72
N THR G 657 -94.41 -67.78 30.92
CA THR G 657 -93.78 -67.41 32.20
C THR G 657 -94.73 -67.41 33.40
N ASP G 658 -95.92 -66.82 33.22
CA ASP G 658 -96.94 -66.81 34.29
C ASP G 658 -97.27 -68.21 34.82
N LYS G 659 -97.18 -69.24 33.99
CA LYS G 659 -97.39 -70.60 34.48
C LYS G 659 -96.42 -70.99 35.62
N THR G 660 -95.18 -70.48 35.57
CA THR G 660 -94.13 -70.88 36.57
C THR G 660 -94.45 -70.52 38.02
N TYR G 661 -95.26 -69.48 38.25
CA TYR G 661 -95.62 -69.09 39.63
C TYR G 661 -96.50 -70.10 40.37
N GLY G 662 -97.13 -71.03 39.66
CA GLY G 662 -97.79 -72.17 40.26
C GLY G 662 -96.89 -73.38 40.58
N GLU G 663 -95.71 -73.44 39.99
CA GLU G 663 -94.71 -74.51 40.26
C GLU G 663 -93.60 -74.05 41.23
N LEU G 664 -93.32 -72.74 41.27
CA LEU G 664 -92.14 -72.28 41.96
C LEU G 664 -92.32 -70.85 42.37
N ASP G 665 -92.14 -70.55 43.66
CA ASP G 665 -92.29 -69.19 44.20
C ASP G 665 -90.94 -68.49 44.31
N PRO G 666 -90.76 -67.34 43.63
CA PRO G 666 -89.51 -66.62 43.87
C PRO G 666 -89.24 -66.28 45.34
N GLN G 667 -90.28 -65.94 46.10
CA GLN G 667 -90.12 -65.56 47.50
C GLN G 667 -90.17 -66.74 48.50
N ARG G 668 -90.08 -67.97 48.01
CA ARG G 668 -90.24 -69.16 48.86
C ARG G 668 -89.39 -69.13 50.16
N LYS G 669 -88.23 -68.47 50.13
CA LYS G 669 -87.32 -68.48 51.28
C LYS G 669 -87.47 -67.36 52.30
N VAL G 670 -88.05 -66.24 51.89
CA VAL G 670 -87.92 -64.96 52.61
C VAL G 670 -89.27 -64.30 52.96
N ARG G 671 -90.32 -65.11 52.90
CA ARG G 671 -91.69 -64.62 52.83
C ARG G 671 -92.38 -64.92 54.16
N THR G 672 -92.83 -63.85 54.82
CA THR G 672 -93.37 -63.89 56.18
C THR G 672 -94.86 -64.27 56.31
N ASP G 673 -95.58 -64.33 55.20
CA ASP G 673 -97.05 -64.47 55.21
C ASP G 673 -97.53 -65.92 55.08
N GLY G 674 -96.62 -66.88 55.20
CA GLY G 674 -97.03 -68.29 55.26
C GLY G 674 -97.63 -68.88 54.00
N TRP G 675 -97.60 -68.17 52.87
CA TRP G 675 -98.24 -68.64 51.62
C TRP G 675 -97.39 -69.75 50.93
N GLU G 676 -97.97 -70.47 49.99
CA GLU G 676 -97.31 -71.58 49.30
C GLU G 676 -98.17 -71.83 48.03
N PRO G 677 -97.56 -72.19 46.89
CA PRO G 677 -98.44 -72.48 45.75
C PRO G 677 -99.17 -73.82 45.95
N SER G 678 -100.49 -73.82 45.78
CA SER G 678 -101.33 -75.03 45.87
C SER G 678 -102.02 -75.25 44.52
N PRO G 679 -102.52 -76.48 44.25
CA PRO G 679 -103.01 -76.72 42.88
C PRO G 679 -104.35 -75.99 42.52
N ASN G 680 -104.51 -75.65 41.25
CA ASN G 680 -105.71 -74.97 40.73
C ASN G 680 -106.04 -73.66 41.46
N SER G 681 -105.03 -72.92 41.90
CA SER G 681 -105.26 -71.68 42.67
C SER G 681 -104.45 -70.46 42.21
N THR G 682 -104.81 -69.29 42.76
CA THR G 682 -104.03 -68.09 42.52
C THR G 682 -102.56 -68.31 42.90
N VAL G 683 -101.70 -67.54 42.22
CA VAL G 683 -100.23 -67.69 42.29
C VAL G 683 -99.61 -66.31 42.54
N SER G 684 -98.54 -66.27 43.33
CA SER G 684 -97.98 -64.97 43.77
C SER G 684 -96.76 -64.57 42.96
N PHE G 685 -96.74 -63.28 42.61
CA PHE G 685 -95.60 -62.66 41.99
C PHE G 685 -95.48 -61.17 42.37
N GLY G 686 -94.25 -60.66 42.35
CA GLY G 686 -93.98 -59.25 42.68
C GLY G 686 -94.46 -58.29 41.60
N LEU G 687 -94.70 -57.05 41.96
CA LEU G 687 -95.22 -56.06 41.03
C LEU G 687 -94.14 -55.29 40.29
N GLY G 688 -92.87 -55.58 40.59
CA GLY G 688 -91.75 -54.96 39.88
C GLY G 688 -90.95 -55.98 39.08
N THR G 689 -90.17 -56.77 39.80
CA THR G 689 -89.21 -57.64 39.17
C THR G 689 -89.97 -58.61 38.29
N ASP G 690 -90.80 -59.42 38.91
CA ASP G 690 -91.62 -60.42 38.18
C ASP G 690 -92.57 -59.81 37.10
N TRP G 691 -93.35 -58.82 37.49
CA TRP G 691 -94.31 -58.19 36.59
C TRP G 691 -93.68 -57.46 35.42
N SER G 692 -92.51 -56.86 35.61
CA SER G 692 -91.87 -56.08 34.53
C SER G 692 -91.55 -57.02 33.39
N GLY G 693 -91.01 -58.19 33.73
CA GLY G 693 -90.78 -59.25 32.76
C GLY G 693 -92.04 -59.77 32.09
N LEU G 694 -93.05 -60.04 32.90
CA LEU G 694 -94.34 -60.49 32.39
C LEU G 694 -94.94 -59.45 31.44
N ALA G 695 -95.01 -58.21 31.87
CA ALA G 695 -95.67 -57.19 31.05
C ALA G 695 -94.96 -56.99 29.73
N ALA G 696 -93.63 -56.94 29.78
CA ALA G 696 -92.77 -56.80 28.60
C ALA G 696 -93.09 -57.84 27.52
N GLY G 697 -93.14 -59.10 27.92
CA GLY G 697 -93.46 -60.21 27.03
C GLY G 697 -94.85 -60.11 26.41
N TRP G 698 -95.83 -59.73 27.23
CA TRP G 698 -97.20 -59.55 26.75
C TRP G 698 -97.28 -58.40 25.78
N LEU G 699 -96.64 -57.27 26.11
CA LEU G 699 -96.70 -56.10 25.23
C LEU G 699 -96.16 -56.43 23.83
N ILE G 700 -95.01 -57.09 23.79
CA ILE G 700 -94.34 -57.52 22.57
C ILE G 700 -95.23 -58.38 21.67
N GLU G 701 -95.91 -59.36 22.23
CA GLU G 701 -96.77 -60.25 21.42
C GLU G 701 -97.94 -59.47 20.88
N TRP G 702 -98.49 -58.59 21.72
CA TRP G 702 -99.48 -57.60 21.32
C TRP G 702 -98.94 -56.75 20.16
N GLU G 703 -97.75 -56.17 20.34
CA GLU G 703 -97.08 -55.37 19.32
C GLU G 703 -96.88 -56.16 18.02
N ARG G 704 -96.41 -57.39 18.18
CA ARG G 704 -96.17 -58.29 17.05
C ARG G 704 -97.44 -58.87 16.39
N ARG G 705 -98.61 -58.71 17.05
CA ARG G 705 -99.84 -59.43 16.68
C ARG G 705 -99.58 -60.95 16.38
N GLY G 706 -98.76 -61.58 17.20
CA GLY G 706 -98.54 -63.03 17.08
C GLY G 706 -99.72 -63.89 17.53
N PRO G 707 -99.57 -65.22 17.49
CA PRO G 707 -100.76 -66.09 17.68
C PRO G 707 -101.54 -65.91 18.99
N ARG G 708 -100.97 -65.19 19.97
CA ARG G 708 -101.51 -65.08 21.32
C ARG G 708 -101.71 -63.60 21.71
N TRP G 709 -101.90 -62.78 20.68
CA TRP G 709 -101.88 -61.35 20.90
C TRP G 709 -103.07 -60.87 21.69
N GLU G 710 -104.22 -61.46 21.41
CA GLU G 710 -105.45 -61.23 22.18
C GLU G 710 -105.26 -61.62 23.62
N GLU G 711 -104.71 -62.81 23.87
CA GLU G 711 -104.41 -63.25 25.24
C GLU G 711 -103.50 -62.24 25.97
N ALA G 712 -102.39 -61.91 25.32
CA ALA G 712 -101.37 -60.99 25.87
C ALA G 712 -101.91 -59.60 26.22
N LYS G 713 -102.62 -59.00 25.26
CA LYS G 713 -103.33 -57.74 25.48
C LYS G 713 -104.19 -57.79 26.75
N THR G 714 -104.93 -58.86 26.89
CA THR G 714 -105.83 -59.02 28.01
C THR G 714 -105.09 -59.15 29.32
N LYS G 715 -104.07 -60.01 29.37
CA LYS G 715 -103.23 -60.13 30.58
C LYS G 715 -102.51 -58.83 30.94
N LEU G 716 -102.08 -58.10 29.93
CA LEU G 716 -101.48 -56.80 30.16
C LEU G 716 -102.52 -55.85 30.71
N THR G 717 -103.59 -55.61 29.95
CA THR G 717 -104.68 -54.68 30.38
C THR G 717 -105.25 -55.00 31.78
N ASN G 718 -105.49 -56.28 32.05
CA ASN G 718 -106.05 -56.70 33.32
C ASN G 718 -105.11 -56.39 34.45
N THR G 719 -103.92 -57.01 34.40
CA THR G 719 -102.92 -56.86 35.47
C THR G 719 -102.61 -55.37 35.69
N ILE G 720 -102.64 -54.55 34.64
CA ILE G 720 -102.51 -53.10 34.80
C ILE G 720 -103.67 -52.50 35.58
N ALA G 721 -104.88 -52.96 35.26
CA ALA G 721 -106.10 -52.59 36.03
C ALA G 721 -105.97 -53.05 37.48
N GLY G 722 -105.72 -54.35 37.66
CA GLY G 722 -105.52 -54.97 38.97
C GLY G 722 -104.61 -54.21 39.95
N ILE G 723 -103.45 -53.76 39.44
CA ILE G 723 -102.50 -52.96 40.21
C ILE G 723 -103.13 -51.62 40.54
N ALA G 724 -103.78 -51.01 39.56
CA ALA G 724 -104.43 -49.71 39.80
C ALA G 724 -105.54 -49.81 40.86
N ASN G 725 -106.26 -50.93 40.88
CA ASN G 725 -107.29 -51.11 41.89
C ASN G 725 -106.73 -51.48 43.26
N LEU G 726 -105.53 -52.07 43.31
CA LEU G 726 -104.84 -52.24 44.62
C LEU G 726 -104.71 -50.88 45.27
N THR G 727 -104.90 -50.86 46.58
CA THR G 727 -105.15 -49.60 47.25
C THR G 727 -103.81 -48.84 47.34
N ASN G 728 -102.76 -49.58 47.74
CA ASN G 728 -101.40 -49.03 47.74
C ASN G 728 -100.65 -49.17 46.41
N GLY G 729 -101.25 -49.91 45.47
CA GLY G 729 -100.81 -49.83 44.10
C GLY G 729 -99.50 -50.54 43.98
N PHE G 730 -98.53 -49.87 43.37
CA PHE G 730 -97.22 -50.48 43.19
C PHE G 730 -96.55 -50.73 44.55
N VAL G 731 -96.78 -49.83 45.49
CA VAL G 731 -96.19 -49.93 46.80
C VAL G 731 -96.65 -51.18 47.54
N THR G 732 -97.82 -51.71 47.18
CA THR G 732 -98.19 -53.07 47.58
C THR G 732 -97.05 -53.96 47.10
N GLY G 733 -96.66 -54.94 47.89
CA GLY G 733 -95.48 -55.73 47.49
C GLY G 733 -95.77 -56.52 46.21
N SER G 734 -96.86 -57.27 46.30
CA SER G 734 -97.08 -58.40 45.46
C SER G 734 -98.53 -58.36 45.01
N GLY G 735 -98.98 -59.47 44.45
CA GLY G 735 -100.36 -59.65 44.09
C GLY G 735 -100.55 -61.14 43.94
N LEU G 736 -101.81 -61.54 43.93
CA LEU G 736 -102.18 -62.88 43.55
C LEU G 736 -102.82 -62.75 42.18
N TYR G 737 -102.65 -63.80 41.39
CA TYR G 737 -102.96 -63.73 39.99
C TYR G 737 -103.72 -64.99 39.63
N ASP G 738 -104.90 -64.84 39.04
CA ASP G 738 -105.75 -65.99 38.75
C ASP G 738 -105.31 -66.53 37.41
N PRO G 739 -104.86 -67.79 37.38
CA PRO G 739 -104.47 -68.34 36.08
C PRO G 739 -105.58 -68.47 35.07
N VAL G 740 -106.85 -68.58 35.49
CA VAL G 740 -107.93 -68.82 34.51
C VAL G 740 -108.66 -67.52 34.16
N THR G 741 -108.80 -66.60 35.11
CA THR G 741 -109.44 -65.31 34.82
C THR G 741 -108.46 -64.20 34.57
N TRP G 742 -107.16 -64.44 34.77
CA TRP G 742 -106.11 -63.48 34.40
C TRP G 742 -106.26 -62.12 35.07
N THR G 743 -106.55 -62.14 36.36
CA THR G 743 -106.81 -60.95 37.15
C THR G 743 -105.88 -60.98 38.33
N LEU G 744 -105.61 -59.76 38.82
CA LEU G 744 -104.67 -59.53 39.87
C LEU G 744 -105.35 -59.05 41.15
N GLY G 745 -105.39 -59.93 42.15
CA GLY G 745 -105.86 -59.60 43.51
C GLY G 745 -104.74 -59.13 44.42
N PRO G 746 -105.06 -58.75 45.68
CA PRO G 746 -104.02 -58.28 46.61
C PRO G 746 -103.21 -59.44 47.20
N PRO G 747 -102.13 -59.13 47.95
CA PRO G 747 -101.30 -60.22 48.51
C PRO G 747 -102.00 -60.99 49.64
N PRO G 748 -101.52 -62.21 49.96
CA PRO G 748 -102.22 -63.05 50.98
C PRO G 748 -102.43 -62.43 52.36
N SER G 749 -101.50 -61.56 52.79
CA SER G 749 -101.61 -60.83 54.06
C SER G 749 -102.62 -59.65 54.05
N ASP G 750 -103.29 -59.39 52.94
CA ASP G 750 -104.24 -58.27 52.86
C ASP G 750 -105.40 -58.62 51.96
N PRO G 751 -106.15 -59.70 52.30
CA PRO G 751 -107.16 -60.25 51.40
C PRO G 751 -108.29 -59.25 51.10
N GLY G 752 -108.54 -58.34 52.04
CA GLY G 752 -109.53 -57.29 51.85
C GLY G 752 -109.01 -55.99 51.28
N ASN G 753 -107.79 -55.98 50.75
CA ASN G 753 -107.28 -54.77 50.12
C ASN G 753 -107.45 -53.49 51.00
N ARG G 754 -107.20 -53.66 52.30
CA ARG G 754 -107.12 -52.53 53.25
C ARG G 754 -105.81 -51.68 53.04
N GLY G 755 -104.74 -52.29 52.52
CA GLY G 755 -103.44 -51.60 52.31
C GLY G 755 -102.25 -52.38 52.87
N ASN G 756 -101.36 -52.79 51.97
CA ASN G 756 -100.10 -53.48 52.32
C ASN G 756 -98.93 -52.66 51.79
N VAL G 757 -97.84 -52.56 52.54
CA VAL G 757 -96.63 -51.81 52.06
C VAL G 757 -95.34 -52.62 52.21
N SER G 758 -94.83 -53.09 51.08
CA SER G 758 -93.57 -53.79 51.01
C SER G 758 -92.77 -53.19 49.86
N ILE G 759 -91.63 -52.59 50.18
CA ILE G 759 -90.73 -52.04 49.19
C ILE G 759 -89.51 -52.95 49.02
N SER G 760 -89.04 -53.06 47.76
CA SER G 760 -87.72 -53.64 47.39
C SER G 760 -86.97 -52.71 46.41
N HIS G 761 -85.71 -52.47 46.71
CA HIS G 761 -84.81 -51.67 45.84
C HIS G 761 -84.63 -52.28 44.44
N LEU G 762 -84.86 -53.59 44.31
CA LEU G 762 -84.83 -54.28 43.02
C LEU G 762 -86.04 -53.97 42.12
N ASN G 763 -87.23 -53.81 42.67
CA ASN G 763 -88.47 -53.82 41.83
C ASN G 763 -88.39 -53.03 40.54
N ALA G 764 -87.73 -51.85 40.57
CA ALA G 764 -87.69 -50.93 39.41
C ALA G 764 -86.44 -50.93 38.49
N VAL G 765 -85.52 -51.85 38.70
CA VAL G 765 -84.27 -51.76 37.98
C VAL G 765 -84.03 -52.88 36.98
N PHE G 766 -85.03 -53.77 36.79
CA PHE G 766 -84.97 -54.85 35.80
C PHE G 766 -85.97 -54.61 34.67
N GLY G 767 -86.10 -53.35 34.25
CA GLY G 767 -86.93 -53.00 33.13
C GLY G 767 -88.31 -52.43 33.45
N LEU G 768 -88.67 -52.28 34.72
CA LEU G 768 -89.99 -51.72 35.07
C LEU G 768 -90.32 -50.33 34.43
N PRO G 769 -89.48 -49.28 34.63
CA PRO G 769 -89.82 -47.97 34.02
C PRO G 769 -90.00 -47.96 32.51
N GLU G 770 -89.24 -48.81 31.83
CA GLU G 770 -89.21 -48.91 30.37
C GLU G 770 -90.50 -49.60 29.87
N VAL G 771 -90.90 -50.68 30.54
CA VAL G 771 -92.09 -51.42 30.14
C VAL G 771 -93.33 -50.63 30.47
N VAL G 772 -93.42 -50.13 31.70
CA VAL G 772 -94.54 -49.29 32.10
C VAL G 772 -94.70 -48.10 31.16
N SER G 773 -93.59 -47.47 30.76
CA SER G 773 -93.62 -46.27 29.91
C SER G 773 -94.24 -46.54 28.56
N GLU G 774 -93.70 -47.55 27.88
CA GLU G 774 -94.18 -48.10 26.59
C GLU G 774 -95.63 -48.60 26.74
N ALA G 775 -95.92 -49.29 27.85
CA ALA G 775 -97.25 -49.82 28.09
C ALA G 775 -98.32 -48.73 28.14
N ILE G 776 -98.06 -47.67 28.91
CA ILE G 776 -98.99 -46.54 29.02
C ILE G 776 -99.28 -45.94 27.64
N ALA G 777 -98.21 -45.77 26.85
CA ALA G 777 -98.31 -45.05 25.59
C ALA G 777 -99.09 -45.85 24.58
N TYR G 778 -99.02 -47.18 24.72
CA TYR G 778 -99.60 -48.14 23.78
C TYR G 778 -101.09 -48.26 24.04
N LEU G 779 -101.46 -48.41 25.31
CA LEU G 779 -102.87 -48.41 25.79
C LEU G 779 -103.67 -47.13 25.52
N ALA G 780 -102.97 -45.98 25.42
CA ALA G 780 -103.62 -44.70 25.11
C ALA G 780 -104.82 -44.42 26.07
N ASP G 781 -105.97 -44.01 25.53
CA ASP G 781 -107.19 -43.79 26.32
C ASP G 781 -107.99 -45.06 26.69
N ASP G 782 -107.45 -46.26 26.43
CA ASP G 782 -107.99 -47.50 27.03
C ASP G 782 -107.27 -47.91 28.32
N ILE G 783 -106.45 -47.02 28.86
CA ILE G 783 -105.68 -47.29 30.07
C ILE G 783 -106.60 -47.31 31.30
N PRO G 784 -106.42 -48.31 32.20
CA PRO G 784 -107.28 -48.29 33.39
C PRO G 784 -107.12 -47.00 34.27
N LYS G 785 -108.21 -46.60 34.95
CA LYS G 785 -108.26 -45.33 35.71
C LYS G 785 -107.26 -45.35 36.87
N GLY G 786 -106.44 -44.28 36.95
CA GLY G 786 -105.41 -44.13 38.00
C GLY G 786 -104.22 -45.10 38.04
N PHE G 787 -103.91 -45.76 36.91
CA PHE G 787 -102.71 -46.59 36.81
C PHE G 787 -101.51 -45.71 36.53
N LYS G 788 -101.70 -44.63 35.76
CA LYS G 788 -100.61 -43.69 35.54
C LYS G 788 -100.23 -43.09 36.87
N GLN G 789 -101.23 -42.61 37.61
CA GLN G 789 -100.98 -42.01 38.92
C GLN G 789 -100.36 -43.05 39.87
N ALA G 790 -100.84 -44.30 39.85
CA ALA G 790 -100.25 -45.33 40.75
C ALA G 790 -98.73 -45.54 40.57
N TRP G 791 -98.26 -45.27 39.35
CA TRP G 791 -96.87 -45.34 38.95
C TRP G 791 -96.13 -44.04 39.27
N LEU G 792 -96.71 -42.89 38.91
CA LEU G 792 -96.19 -41.58 39.36
C LEU G 792 -95.96 -41.56 40.86
N ASP G 793 -96.86 -42.20 41.61
CA ASP G 793 -96.69 -42.44 43.05
C ASP G 793 -95.35 -43.10 43.36
N TYR G 794 -95.12 -44.32 42.86
CA TYR G 794 -93.89 -45.08 43.15
C TYR G 794 -92.69 -44.24 42.77
N CYS G 795 -92.77 -43.59 41.62
CA CYS G 795 -91.67 -42.74 41.18
C CYS G 795 -91.38 -41.62 42.17
N TYR G 796 -92.43 -40.97 42.67
CA TYR G 796 -92.32 -39.86 43.59
C TYR G 796 -91.93 -40.33 44.98
N TYR G 797 -92.69 -41.24 45.56
CA TYR G 797 -92.46 -41.64 46.93
C TYR G 797 -91.23 -42.51 47.18
N TYR G 798 -90.60 -43.04 46.14
CA TYR G 798 -89.47 -43.97 46.35
C TYR G 798 -88.37 -43.37 47.23
N HIS G 799 -87.93 -42.16 46.88
CA HIS G 799 -86.97 -41.39 47.66
C HIS G 799 -87.44 -39.93 47.86
N ALA G 800 -88.68 -39.78 48.29
CA ALA G 800 -89.09 -38.58 49.01
C ALA G 800 -88.68 -38.84 50.46
N SER G 801 -88.88 -37.85 51.32
CA SER G 801 -88.54 -38.00 52.75
C SER G 801 -89.41 -39.07 53.46
N ALA G 802 -88.90 -39.56 54.59
CA ALA G 802 -89.61 -40.56 55.41
C ALA G 802 -90.92 -40.03 56.01
N SER G 803 -91.04 -38.71 56.12
CA SER G 803 -92.27 -38.05 56.54
C SER G 803 -93.32 -38.16 55.43
N GLU G 804 -93.07 -37.53 54.28
CA GLU G 804 -93.99 -37.57 53.11
C GLU G 804 -94.47 -38.98 52.78
N GLN G 805 -93.60 -39.95 53.00
CA GLN G 805 -93.99 -41.34 52.84
C GLN G 805 -95.10 -41.73 53.80
N LYS G 806 -94.84 -41.68 55.12
CA LYS G 806 -95.82 -42.04 56.19
C LYS G 806 -97.17 -41.30 56.04
N ASP G 807 -97.07 -39.99 55.91
CA ASP G 807 -98.14 -39.12 55.41
C ASP G 807 -99.13 -39.73 54.39
N ARG G 808 -98.59 -40.42 53.37
CA ARG G 808 -99.40 -41.00 52.27
C ARG G 808 -99.77 -42.45 52.50
N TYR G 809 -98.86 -43.24 53.04
CA TYR G 809 -99.00 -44.69 53.05
C TYR G 809 -99.21 -45.32 54.46
N GLY G 810 -99.04 -44.52 55.53
CA GLY G 810 -99.16 -44.99 56.92
C GLY G 810 -97.88 -45.53 57.54
N VAL G 811 -96.79 -45.49 56.78
CA VAL G 811 -95.46 -45.85 57.27
C VAL G 811 -94.42 -45.24 56.30
N SER G 812 -93.21 -44.95 56.79
CA SER G 812 -92.07 -44.66 55.92
C SER G 812 -91.53 -46.00 55.36
N PHE G 813 -90.52 -45.95 54.48
CA PHE G 813 -90.02 -47.19 53.83
C PHE G 813 -88.72 -47.66 54.48
N SER G 814 -88.63 -48.97 54.72
CA SER G 814 -87.46 -49.60 55.35
C SER G 814 -86.40 -49.91 54.29
N LYS G 815 -85.14 -49.71 54.68
CA LYS G 815 -83.97 -50.02 53.83
C LYS G 815 -84.12 -49.67 52.35
N ILE G 816 -84.29 -48.37 52.05
CA ILE G 816 -84.35 -47.88 50.68
C ILE G 816 -82.91 -47.64 50.14
N SER G 817 -82.58 -48.20 48.97
CA SER G 817 -81.25 -47.99 48.38
C SER G 817 -81.28 -47.86 46.84
N LEU G 818 -80.19 -48.24 46.17
CA LEU G 818 -79.94 -47.93 44.75
C LEU G 818 -80.52 -46.59 44.32
N LEU G 819 -80.22 -45.57 45.10
CA LEU G 819 -80.80 -44.25 44.93
C LEU G 819 -80.42 -43.60 43.58
N GLN G 820 -79.20 -43.84 43.11
CA GLN G 820 -78.73 -43.28 41.81
C GLN G 820 -79.41 -43.97 40.65
N ALA G 821 -79.52 -45.31 40.74
CA ALA G 821 -80.32 -46.11 39.80
C ALA G 821 -81.73 -45.56 39.63
N HIS G 822 -82.30 -45.10 40.75
CA HIS G 822 -83.69 -44.59 40.80
C HIS G 822 -83.91 -43.11 40.47
N SER G 823 -82.86 -42.32 40.43
CA SER G 823 -83.03 -40.96 39.94
C SER G 823 -83.88 -40.93 38.67
N ARG G 824 -83.70 -41.91 37.77
CA ARG G 824 -84.45 -41.98 36.48
C ARG G 824 -85.98 -42.10 36.61
N LEU G 825 -86.45 -42.83 37.62
CA LEU G 825 -87.87 -42.83 38.01
C LEU G 825 -88.33 -41.42 38.36
N ALA G 826 -87.59 -40.76 39.26
CA ALA G 826 -87.85 -39.37 39.61
C ALA G 826 -87.79 -38.43 38.39
N ALA G 827 -86.85 -38.67 37.47
CA ALA G 827 -86.74 -37.83 36.25
C ALA G 827 -87.95 -37.95 35.27
N TYR G 828 -88.47 -39.17 35.12
CA TYR G 828 -89.68 -39.43 34.31
C TYR G 828 -90.86 -38.60 34.84
N ALA G 829 -91.19 -38.86 36.10
CA ALA G 829 -92.27 -38.19 36.83
C ALA G 829 -92.13 -36.69 36.79
N ALA G 830 -90.90 -36.20 36.89
CA ALA G 830 -90.66 -34.78 36.78
C ALA G 830 -91.12 -34.24 35.42
N TYR G 831 -90.67 -34.86 34.33
CA TYR G 831 -91.05 -34.43 32.96
C TYR G 831 -92.56 -34.57 32.71
N GLU G 832 -93.15 -35.65 33.22
CA GLU G 832 -94.56 -35.94 32.98
C GLU G 832 -95.49 -34.99 33.76
N THR G 833 -95.21 -34.76 35.04
CA THR G 833 -95.95 -33.76 35.88
C THR G 833 -95.51 -32.27 35.69
N LYS G 834 -94.51 -32.01 34.85
CA LYS G 834 -93.94 -30.68 34.68
C LYS G 834 -93.60 -30.02 36.04
N ASN G 835 -92.75 -30.73 36.80
CA ASN G 835 -92.34 -30.37 38.18
C ASN G 835 -90.81 -30.05 38.26
N LYS G 836 -90.44 -28.77 38.19
CA LYS G 836 -89.02 -28.35 38.26
C LYS G 836 -88.33 -28.70 39.60
N THR G 837 -89.11 -28.78 40.67
CA THR G 837 -88.58 -29.16 41.99
C THR G 837 -88.12 -30.63 42.04
N LEU G 838 -88.87 -31.50 41.37
CA LEU G 838 -88.56 -32.92 41.39
C LEU G 838 -87.39 -33.25 40.44
N ALA G 839 -87.24 -32.46 39.37
CA ALA G 839 -86.09 -32.58 38.44
C ALA G 839 -84.75 -32.36 39.15
N LEU G 840 -84.73 -31.37 40.07
CA LEU G 840 -83.58 -31.08 40.91
C LEU G 840 -83.27 -32.20 41.86
N ARG G 841 -84.28 -32.91 42.33
CA ARG G 841 -84.09 -34.00 43.28
C ARG G 841 -83.55 -35.25 42.61
N ALA G 842 -83.86 -35.42 41.32
CA ALA G 842 -83.37 -36.57 40.52
C ALA G 842 -81.90 -36.35 40.24
N TRP G 843 -81.59 -35.15 39.73
CA TRP G 843 -80.22 -34.73 39.60
C TRP G 843 -79.43 -34.74 40.93
N LYS G 844 -80.04 -34.45 42.07
CA LYS G 844 -79.32 -34.60 43.37
C LYS G 844 -79.01 -36.08 43.64
N ASP G 845 -79.98 -36.96 43.47
CA ASP G 845 -79.75 -38.39 43.67
C ASP G 845 -78.74 -38.95 42.64
N PHE G 846 -78.65 -38.38 41.43
CA PHE G 846 -77.63 -38.84 40.46
C PHE G 846 -76.19 -38.53 40.94
N TYR G 847 -75.91 -37.23 41.14
CA TYR G 847 -74.57 -36.77 41.54
C TYR G 847 -74.14 -36.98 43.01
N ALA G 848 -75.07 -37.25 43.92
CA ALA G 848 -74.71 -37.21 45.34
C ALA G 848 -75.57 -38.13 46.16
N SER G 849 -75.51 -39.43 45.81
CA SER G 849 -76.15 -40.49 46.60
C SER G 849 -75.28 -41.74 46.61
N ASP G 850 -75.57 -42.75 45.79
CA ASP G 850 -74.78 -43.99 45.77
C ASP G 850 -74.29 -44.26 44.32
N GLY G 851 -73.93 -45.50 44.00
CA GLY G 851 -73.50 -45.84 42.64
C GLY G 851 -72.13 -45.27 42.33
N LEU G 852 -72.04 -44.55 41.20
CA LEU G 852 -70.80 -43.90 40.81
C LEU G 852 -70.91 -42.39 41.03
N LEU G 853 -70.31 -41.96 42.13
CA LEU G 853 -70.21 -40.54 42.45
C LEU G 853 -69.35 -39.82 41.38
N PRO G 854 -69.61 -38.54 41.13
CA PRO G 854 -68.87 -37.74 40.11
C PRO G 854 -67.36 -37.49 40.36
N ASP G 855 -66.90 -37.74 41.59
CA ASP G 855 -65.46 -37.60 41.95
C ASP G 855 -64.87 -38.92 42.49
N ALA G 856 -65.44 -40.04 42.05
CA ALA G 856 -64.77 -41.33 42.13
C ALA G 856 -63.56 -41.32 41.14
N PRO G 857 -62.68 -42.33 41.23
CA PRO G 857 -61.40 -42.24 40.51
C PRO G 857 -61.47 -41.96 38.99
N TRP G 858 -62.50 -42.51 38.33
CA TRP G 858 -62.78 -42.38 36.88
C TRP G 858 -61.60 -42.62 35.97
N ASN G 859 -60.84 -43.65 36.31
CA ASN G 859 -59.62 -44.00 35.62
C ASN G 859 -59.40 -45.51 35.77
N ILE G 860 -58.58 -46.08 34.88
CA ILE G 860 -58.20 -47.49 34.99
C ILE G 860 -56.78 -47.53 35.52
N THR G 861 -56.44 -48.61 36.24
CA THR G 861 -55.11 -48.88 36.77
C THR G 861 -54.58 -50.14 36.14
N HIS G 862 -53.29 -50.13 35.76
CA HIS G 862 -52.63 -51.27 35.12
C HIS G 862 -51.90 -52.11 36.18
N VAL G 863 -51.99 -53.43 36.04
CA VAL G 863 -51.36 -54.37 36.96
C VAL G 863 -50.63 -55.47 36.19
N ASP G 864 -49.45 -55.82 36.67
CA ASP G 864 -48.54 -56.69 35.95
C ASP G 864 -47.59 -57.27 36.99
N GLY G 865 -46.48 -57.82 36.56
CA GLY G 865 -45.53 -58.37 37.50
C GLY G 865 -46.13 -59.61 38.14
N SER G 866 -45.64 -59.95 39.33
CA SER G 866 -45.99 -61.22 39.95
C SER G 866 -47.34 -61.18 40.65
N ASP G 867 -48.06 -60.07 40.57
CA ASP G 867 -49.41 -59.99 41.15
C ASP G 867 -50.45 -60.75 40.35
N VAL G 868 -50.21 -60.92 39.06
CA VAL G 868 -51.24 -61.44 38.19
C VAL G 868 -50.69 -62.36 37.11
N LEU G 869 -51.55 -63.27 36.66
CA LEU G 869 -51.24 -64.27 35.68
C LEU G 869 -50.76 -63.61 34.39
N VAL G 870 -51.54 -62.63 33.93
CA VAL G 870 -51.24 -61.83 32.72
C VAL G 870 -51.54 -60.38 33.05
N PRO G 871 -50.90 -59.44 32.35
CA PRO G 871 -51.21 -58.03 32.72
C PRO G 871 -52.69 -57.69 32.52
N VAL G 872 -53.27 -56.87 33.40
CA VAL G 872 -54.66 -56.43 33.24
C VAL G 872 -54.89 -54.96 33.64
N ASP G 873 -56.00 -54.45 33.14
CA ASP G 873 -56.52 -53.16 33.49
C ASP G 873 -57.64 -53.41 34.45
N GLU G 874 -57.72 -52.60 35.50
CA GLU G 874 -58.80 -52.70 36.46
C GLU G 874 -59.42 -51.35 36.79
N ALA G 875 -60.64 -51.43 37.31
CA ALA G 875 -61.32 -50.29 37.93
C ALA G 875 -62.03 -50.90 39.11
N ALA G 876 -61.31 -50.99 40.23
CA ALA G 876 -61.82 -51.66 41.43
C ALA G 876 -62.99 -50.91 42.12
N TRP G 877 -62.99 -49.59 41.92
CA TRP G 877 -64.04 -48.67 42.35
C TRP G 877 -65.43 -48.80 41.74
N LEU G 878 -65.60 -49.67 40.75
CA LEU G 878 -66.94 -49.94 40.15
C LEU G 878 -67.19 -51.41 40.14
N ALA G 879 -68.45 -51.69 39.89
CA ALA G 879 -68.92 -53.04 39.72
C ALA G 879 -70.03 -52.98 38.64
N THR G 880 -70.36 -54.14 38.08
CA THR G 880 -71.22 -54.16 36.92
C THR G 880 -72.61 -53.62 37.22
N ASN G 881 -73.10 -53.84 38.44
CA ASN G 881 -74.34 -53.20 38.89
C ASN G 881 -74.28 -51.68 38.82
N ASP G 882 -73.13 -51.08 39.18
CA ASP G 882 -73.00 -49.61 39.23
C ASP G 882 -73.05 -49.00 37.83
N ILE G 883 -72.29 -49.57 36.89
CA ILE G 883 -72.19 -49.00 35.51
C ILE G 883 -73.48 -49.14 34.74
N ALA G 884 -74.17 -50.26 34.98
CA ALA G 884 -75.44 -50.56 34.34
C ALA G 884 -76.44 -49.45 34.62
N GLN G 885 -76.63 -49.18 35.90
CA GLN G 885 -77.61 -48.22 36.35
C GLN G 885 -77.10 -46.81 36.15
N TYR G 886 -75.80 -46.56 36.41
CA TYR G 886 -75.20 -45.24 36.10
C TYR G 886 -75.51 -44.87 34.66
N GLY G 887 -75.20 -45.81 33.76
CA GLY G 887 -75.50 -45.70 32.32
C GLY G 887 -76.96 -45.41 31.95
N LEU G 888 -77.88 -46.23 32.46
CA LEU G 888 -79.34 -45.94 32.33
C LEU G 888 -79.75 -44.57 32.92
N ALA G 889 -79.16 -44.21 34.06
CA ALA G 889 -79.49 -42.96 34.70
C ALA G 889 -79.01 -41.76 33.92
N VAL G 890 -77.83 -41.86 33.28
CA VAL G 890 -77.35 -40.78 32.40
C VAL G 890 -78.28 -40.58 31.21
N ILE G 891 -78.49 -41.68 30.48
CA ILE G 891 -79.32 -41.69 29.26
C ILE G 891 -80.70 -41.13 29.54
N GLN G 892 -81.30 -41.61 30.64
CA GLN G 892 -82.69 -41.28 30.97
C GLN G 892 -82.88 -39.88 31.62
N ASN G 893 -82.06 -39.52 32.59
CA ASN G 893 -82.12 -38.17 33.18
C ASN G 893 -81.81 -37.10 32.14
N LEU G 894 -80.91 -37.37 31.18
CA LEU G 894 -80.69 -36.44 30.08
C LEU G 894 -81.92 -36.30 29.18
N ALA G 895 -82.63 -37.40 28.97
CA ALA G 895 -83.74 -37.46 28.00
C ALA G 895 -84.94 -36.69 28.49
N TYR G 896 -85.25 -36.89 29.77
CA TYR G 896 -86.38 -36.26 30.43
C TYR G 896 -86.07 -34.83 30.94
N VAL G 897 -84.96 -34.64 31.64
CA VAL G 897 -84.70 -33.42 32.41
C VAL G 897 -83.32 -32.79 32.16
N SER G 898 -82.94 -32.64 30.89
CA SER G 898 -81.68 -31.92 30.59
C SER G 898 -81.81 -30.40 30.78
N ASP G 899 -83.02 -29.86 30.64
CA ASP G 899 -83.31 -28.46 31.06
C ASP G 899 -83.01 -28.17 32.52
N SER G 900 -83.21 -29.14 33.40
CA SER G 900 -82.93 -28.94 34.84
C SER G 900 -81.46 -29.18 35.23
N LEU G 901 -80.62 -29.61 34.29
CA LEU G 901 -79.21 -29.95 34.60
C LEU G 901 -78.34 -28.74 34.93
N ASP G 902 -78.39 -27.68 34.13
CA ASP G 902 -77.55 -26.46 34.36
C ASP G 902 -78.03 -25.69 35.60
N ASP G 903 -79.35 -25.62 35.76
CA ASP G 903 -79.99 -25.16 37.02
C ASP G 903 -79.40 -25.88 38.25
N TYR G 904 -79.35 -27.23 38.24
CA TYR G 904 -78.79 -28.00 39.37
C TYR G 904 -77.29 -27.72 39.66
N GLN G 905 -76.50 -27.50 38.60
CA GLN G 905 -75.04 -27.25 38.74
C GLN G 905 -74.73 -25.90 39.40
N SER G 906 -75.71 -24.99 39.45
CA SER G 906 -75.71 -23.86 40.38
C SER G 906 -75.72 -24.31 41.88
N PHE H 1 52.53 6.10 -100.37
CA PHE H 1 53.65 6.41 -99.49
C PHE H 1 53.23 6.38 -98.00
N ASN H 2 54.19 6.66 -97.11
CA ASN H 2 53.95 6.78 -95.68
C ASN H 2 52.95 7.85 -95.29
N CYS H 3 52.26 7.57 -94.19
CA CYS H 3 51.42 8.53 -93.51
C CYS H 3 52.09 9.00 -92.23
N THR H 4 52.04 10.31 -92.04
CA THR H 4 52.53 10.99 -90.83
C THR H 4 51.39 11.92 -90.42
N SER H 5 50.87 11.70 -89.20
CA SER H 5 49.62 12.30 -88.75
C SER H 5 49.56 12.34 -87.21
N SER H 6 49.36 13.53 -86.67
CA SER H 6 49.23 13.75 -85.24
C SER H 6 47.98 14.58 -84.98
N SER H 7 47.68 14.79 -83.69
CA SER H 7 46.51 15.56 -83.24
C SER H 7 46.90 16.55 -82.16
N ALA H 8 46.22 17.68 -82.17
CA ALA H 8 46.38 18.67 -81.13
C ALA H 8 45.01 19.20 -80.81
N THR H 9 44.79 19.41 -79.51
CA THR H 9 43.51 19.83 -79.01
C THR H 9 43.63 21.24 -78.48
N VAL H 10 42.54 21.96 -78.68
CA VAL H 10 42.46 23.37 -78.36
C VAL H 10 41.23 23.51 -77.40
N HIS H 11 41.32 24.32 -76.35
CA HIS H 11 40.25 24.45 -75.34
CA HIS H 11 40.28 24.45 -75.32
C HIS H 11 39.92 25.92 -75.13
N TRP H 12 38.69 26.21 -74.71
CA TRP H 12 38.29 27.60 -74.40
C TRP H 12 39.14 28.16 -73.26
N LEU H 13 39.26 29.49 -73.27
CA LEU H 13 40.19 30.15 -72.37
C LEU H 13 39.75 30.11 -70.94
N GLY H 14 38.51 30.43 -70.67
CA GLY H 14 37.98 30.18 -69.33
C GLY H 14 36.94 29.09 -69.38
N ASP H 15 35.74 29.47 -68.97
CA ASP H 15 34.56 28.65 -69.11
C ASP H 15 34.14 28.62 -70.56
N LYS H 16 33.55 27.51 -70.96
CA LYS H 16 32.86 27.36 -72.21
C LYS H 16 31.90 28.54 -72.40
N PRO H 17 32.02 29.33 -73.49
CA PRO H 17 31.08 30.42 -73.71
C PRO H 17 29.72 29.95 -74.24
N THR H 18 28.73 30.83 -74.14
CA THR H 18 27.35 30.57 -74.56
C THR H 18 27.13 31.13 -75.94
N TYR H 19 28.06 31.94 -76.39
CA TYR H 19 28.00 32.53 -77.72
C TYR H 19 29.41 32.90 -78.17
N HIS H 20 29.72 32.47 -79.38
CA HIS H 20 30.85 32.99 -80.10
C HIS H 20 30.48 33.27 -81.56
N ALA H 21 31.35 34.01 -82.26
CA ALA H 21 31.04 34.63 -83.55
C ALA H 21 32.06 34.26 -84.60
N GLY H 22 32.54 33.04 -84.54
CA GLY H 22 33.73 32.60 -85.22
C GLY H 22 34.98 32.99 -84.46
N VAL H 23 35.98 32.10 -84.41
CA VAL H 23 37.26 32.46 -83.79
C VAL H 23 38.46 32.02 -84.65
N THR H 24 39.55 32.73 -84.47
CA THR H 24 40.81 32.33 -85.04
C THR H 24 41.72 31.91 -83.92
N PHE H 25 42.40 30.78 -84.07
CA PHE H 25 43.30 30.29 -83.05
C PHE H 25 44.58 29.74 -83.71
N GLY H 26 45.65 29.67 -82.93
CA GLY H 26 46.96 29.23 -83.42
C GLY H 26 47.23 27.81 -83.01
N LEU H 27 48.13 27.14 -83.72
CA LEU H 27 48.63 25.80 -83.31
C LEU H 27 50.11 25.59 -83.69
N PRO H 28 50.97 25.28 -82.71
CA PRO H 28 52.34 24.93 -83.00
C PRO H 28 52.47 23.50 -83.53
N TRP H 29 53.57 23.21 -84.23
CA TRP H 29 53.87 21.86 -84.75
C TRP H 29 55.34 21.54 -84.55
N PRO H 30 55.67 20.24 -84.37
CA PRO H 30 57.09 19.90 -84.15
C PRO H 30 57.97 20.14 -85.38
N GLN H 31 59.21 20.57 -85.10
CA GLN H 31 60.19 20.83 -86.14
C GLN H 31 60.28 19.63 -87.08
N GLY H 32 60.07 19.90 -88.37
CA GLY H 32 60.29 18.92 -89.41
C GLY H 32 59.20 17.87 -89.55
N LYS H 33 57.99 18.15 -89.11
CA LYS H 33 56.92 17.14 -89.15
C LYS H 33 56.02 17.22 -90.36
N TYR H 34 55.67 18.46 -90.72
CA TYR H 34 54.68 18.71 -91.75
C TYR H 34 55.17 19.77 -92.74
N ARG H 35 54.95 19.49 -94.03
CA ARG H 35 55.29 20.38 -95.10
C ARG H 35 54.14 21.35 -95.32
N PRO H 36 54.43 22.62 -95.56
CA PRO H 36 53.39 23.58 -95.96
C PRO H 36 52.72 23.19 -97.27
N GLN H 37 51.47 23.60 -97.45
CA GLN H 37 50.69 23.39 -98.67
C GLN H 37 50.40 21.93 -99.05
N GLU H 38 51.07 20.98 -98.38
CA GLU H 38 50.86 19.52 -98.57
C GLU H 38 50.11 18.88 -97.40
N THR H 39 49.93 19.63 -96.34
CA THR H 39 49.43 19.06 -95.12
C THR H 39 47.97 19.48 -95.08
N SER H 40 47.09 18.49 -94.91
CA SER H 40 45.66 18.76 -94.76
C SER H 40 45.28 18.70 -93.27
N PHE H 41 44.16 19.33 -92.93
CA PHE H 41 43.76 19.55 -91.53
C PHE H 41 42.28 19.23 -91.30
N SER H 42 41.98 18.64 -90.15
CA SER H 42 40.62 18.17 -89.81
C SER H 42 40.18 18.65 -88.45
N LEU H 43 38.89 18.93 -88.31
CA LEU H 43 38.34 19.39 -87.04
C LEU H 43 37.33 18.41 -86.49
N THR H 44 37.64 17.85 -85.34
CA THR H 44 36.71 17.06 -84.53
C THR H 44 36.35 17.97 -83.33
N GLY H 45 35.12 18.46 -83.27
CA GLY H 45 34.57 19.00 -82.02
C GLY H 45 33.66 17.97 -81.39
N ASP H 46 34.24 16.99 -80.65
CA ASP H 46 33.46 15.87 -80.04
C ASP H 46 32.65 15.07 -81.13
N SER H 51 34.86 17.33 -89.85
CA SER H 51 34.85 18.66 -90.54
C SER H 51 36.20 19.13 -91.16
N GLU H 52 36.13 19.77 -92.33
CA GLU H 52 37.31 20.30 -93.07
C GLU H 52 37.66 21.70 -92.57
N LEU H 53 38.91 21.94 -92.20
CA LEU H 53 39.26 23.14 -91.40
C LEU H 53 40.10 24.17 -92.14
N GLN H 54 39.60 25.40 -92.13
CA GLN H 54 40.30 26.57 -92.71
C GLN H 54 41.62 26.75 -91.99
N SER H 55 42.72 26.65 -92.75
CA SER H 55 44.08 26.59 -92.19
C SER H 55 45.12 27.34 -93.03
N TRP H 56 46.01 28.06 -92.35
CA TRP H 56 47.11 28.79 -92.98
C TRP H 56 48.37 28.82 -92.11
N ALA H 57 49.47 29.26 -92.68
CA ALA H 57 50.73 29.33 -91.98
C ALA H 57 51.01 30.73 -91.41
N THR H 58 51.35 30.81 -90.13
CA THR H 58 51.82 32.06 -89.56
C THR H 58 53.32 32.05 -89.39
N GLY H 59 53.91 30.86 -89.26
CA GLY H 59 55.36 30.75 -89.11
C GLY H 59 55.95 29.38 -89.39
N TYR H 60 57.26 29.37 -89.67
CA TYR H 60 57.96 28.23 -90.23
C TYR H 60 59.25 27.95 -89.47
N TRP H 61 59.60 26.68 -89.46
CA TRP H 61 60.89 26.26 -88.99
C TRP H 61 61.95 26.59 -90.07
N ALA H 62 63.22 26.36 -89.72
CA ALA H 62 64.33 26.62 -90.63
C ALA H 62 64.22 25.76 -91.90
N ASP H 63 63.84 24.49 -91.74
CA ASP H 63 63.75 23.58 -92.90
C ASP H 63 62.50 23.82 -93.77
N GLY H 64 61.73 24.86 -93.48
CA GLY H 64 60.52 25.12 -94.21
C GLY H 64 59.27 24.38 -93.75
N SER H 65 59.38 23.53 -92.73
CA SER H 65 58.22 22.84 -92.20
C SER H 65 57.38 23.80 -91.36
N LEU H 66 56.12 23.42 -91.10
CA LEU H 66 55.20 24.27 -90.35
C LEU H 66 55.56 24.36 -88.87
N LYS H 67 55.71 25.60 -88.40
CA LYS H 67 55.98 25.87 -86.99
C LYS H 67 54.68 26.25 -86.30
N TRP H 68 54.00 27.26 -86.83
CA TRP H 68 52.72 27.74 -86.33
C TRP H 68 51.71 27.84 -87.45
N THR H 69 50.53 27.28 -87.25
CA THR H 69 49.41 27.54 -88.12
C THR H 69 48.42 28.43 -87.40
N ALA H 70 47.59 29.14 -88.18
CA ALA H 70 46.31 29.70 -87.70
C ALA H 70 45.13 28.94 -88.32
N HIS H 71 43.98 28.99 -87.68
CA HIS H 71 42.75 28.31 -88.17
C HIS H 71 41.52 29.12 -87.81
N ALA H 72 40.45 29.02 -88.60
CA ALA H 72 39.21 29.77 -88.34
C ALA H 72 37.95 28.91 -88.39
N ILE H 73 37.12 28.96 -87.34
CA ILE H 73 35.80 28.33 -87.38
C ILE H 73 34.75 29.38 -87.55
N ALA H 74 33.64 29.00 -88.16
CA ALA H 74 32.51 29.90 -88.36
C ALA H 74 31.77 30.12 -87.07
N GLU H 75 30.94 31.17 -87.04
CA GLU H 75 29.85 31.22 -86.04
C GLU H 75 28.94 29.97 -86.16
N SER H 76 28.67 29.40 -84.99
CA SER H 76 27.85 28.22 -84.85
C SER H 76 27.04 28.33 -83.56
N ASN H 77 25.88 27.66 -83.51
CA ASN H 77 25.19 27.42 -82.24
C ASN H 77 25.80 26.23 -81.55
N GLN H 78 26.52 25.36 -82.26
CA GLN H 78 27.22 24.25 -81.63
C GLN H 78 28.57 24.69 -81.11
N ILE H 79 28.67 24.70 -79.78
CA ILE H 79 29.87 25.12 -79.06
C ILE H 79 30.23 23.93 -78.17
N TYR H 80 31.45 23.44 -78.34
CA TYR H 80 31.95 22.21 -77.76
C TYR H 80 32.99 22.51 -76.68
N ASP H 81 33.28 21.54 -75.83
CA ASP H 81 34.27 21.74 -74.75
C ASP H 81 35.72 21.69 -75.26
N GLN H 82 35.95 20.85 -76.27
CA GLN H 82 37.24 20.84 -76.91
C GLN H 82 37.14 20.69 -78.42
N TYR H 83 38.15 21.25 -79.07
CA TYR H 83 38.26 21.25 -80.49
C TYR H 83 39.55 20.56 -80.82
N THR H 84 39.47 19.51 -81.61
CA THR H 84 40.63 18.69 -81.92
C THR H 84 40.98 18.83 -83.42
N VAL H 85 42.20 19.31 -83.67
CA VAL H 85 42.73 19.50 -85.03
C VAL H 85 43.63 18.31 -85.32
N THR H 86 43.37 17.66 -86.45
CA THR H 86 44.10 16.48 -86.89
C THR H 86 44.79 16.80 -88.23
N ALA H 87 46.12 16.89 -88.19
CA ALA H 87 46.96 17.15 -89.37
C ALA H 87 47.44 15.84 -89.99
N SER H 88 47.43 15.80 -91.33
CA SER H 88 47.94 14.63 -92.06
C SER H 88 48.79 15.03 -93.27
N SER H 89 49.90 14.31 -93.45
CA SER H 89 50.79 14.53 -94.57
C SER H 89 50.16 14.04 -95.87
N LEU H 90 50.83 14.33 -96.99
CA LEU H 90 50.32 14.12 -98.37
C LEU H 90 49.97 12.67 -98.70
N GLY H 91 50.71 11.72 -98.11
CA GLY H 91 50.50 10.32 -98.42
C GLY H 91 49.42 9.57 -97.65
N CYS H 92 48.68 10.25 -96.76
CA CYS H 92 47.63 9.56 -95.97
C CYS H 92 46.34 9.40 -96.77
N VAL H 93 45.59 8.34 -96.45
CA VAL H 93 44.19 8.19 -96.88
C VAL H 93 44.09 7.93 -98.39
N SER H 107 28.04 26.69 -95.06
CA SER H 107 28.34 28.09 -94.65
C SER H 107 29.66 28.63 -95.23
N SER H 108 29.58 29.38 -96.35
CA SER H 108 30.78 29.99 -97.00
C SER H 108 30.54 31.48 -97.25
N ILE H 109 31.55 32.30 -96.95
CA ILE H 109 31.47 33.75 -97.17
C ILE H 109 31.57 34.01 -98.68
N VAL H 110 30.70 34.87 -99.20
CA VAL H 110 30.76 35.23 -100.61
C VAL H 110 31.11 36.71 -100.72
N VAL H 111 32.15 36.96 -101.51
CA VAL H 111 32.77 38.27 -101.73
C VAL H 111 32.46 38.66 -103.20
N THR H 112 31.87 39.82 -103.42
CA THR H 112 31.61 40.26 -104.75
C THR H 112 32.19 41.64 -104.87
N ASP H 113 32.78 41.86 -106.05
CA ASP H 113 33.48 43.06 -106.37
C ASP H 113 32.64 43.82 -107.38
N ASN H 114 32.59 45.14 -107.22
CA ASN H 114 31.99 46.04 -108.21
C ASN H 114 33.05 47.07 -108.58
N SER H 115 32.67 47.96 -109.46
CA SER H 115 33.48 49.09 -109.81
C SER H 115 33.83 49.91 -108.52
N ASP H 116 32.78 50.34 -107.81
CA ASP H 116 32.87 51.30 -106.70
C ASP H 116 33.36 50.75 -105.34
N ALA H 117 33.18 49.44 -105.10
CA ALA H 117 33.06 48.93 -103.74
C ALA H 117 32.91 47.44 -103.73
N LEU H 118 33.60 46.78 -102.83
CA LEU H 118 33.40 45.36 -102.66
C LEU H 118 32.40 45.02 -101.55
N THR H 119 31.72 43.88 -101.66
CA THR H 119 30.72 43.43 -100.68
C THR H 119 31.18 42.09 -100.08
N VAL H 120 31.25 41.99 -98.75
CA VAL H 120 31.49 40.70 -98.04
C VAL H 120 30.20 40.23 -97.41
N ASN H 121 29.75 39.05 -97.83
CA ASN H 121 28.53 38.44 -97.32
C ASN H 121 28.80 37.09 -96.60
N THR H 122 28.35 37.02 -95.36
CA THR H 122 28.59 35.90 -94.47
C THR H 122 27.44 34.89 -94.48
N GLY H 123 26.31 35.29 -95.04
CA GLY H 123 25.09 34.52 -94.94
C GLY H 123 24.16 35.16 -93.93
N GLU H 124 24.72 35.78 -92.87
CA GLU H 124 23.94 36.54 -91.91
C GLU H 124 23.97 38.04 -92.17
N VAL H 125 25.06 38.60 -92.69
CA VAL H 125 25.11 40.04 -93.13
C VAL H 125 25.89 40.22 -94.41
N ALA H 126 25.56 41.30 -95.11
CA ALA H 126 26.31 41.73 -96.27
C ALA H 126 26.76 43.18 -96.04
N VAL H 127 28.09 43.40 -96.04
CA VAL H 127 28.69 44.74 -95.83
C VAL H 127 29.49 45.18 -97.05
N SER H 128 29.21 46.40 -97.50
CA SER H 128 29.84 47.01 -98.66
C SER H 128 30.94 47.94 -98.18
N PHE H 129 32.12 47.82 -98.78
CA PHE H 129 33.27 48.64 -98.44
C PHE H 129 33.68 49.45 -99.65
N PRO H 130 33.44 50.77 -99.64
CA PRO H 130 33.89 51.58 -100.78
C PRO H 130 35.40 51.56 -100.96
N LYS H 131 35.88 51.76 -102.19
CA LYS H 131 37.31 51.69 -102.55
C LYS H 131 38.03 53.03 -102.50
N GLY H 132 37.28 54.08 -102.17
CA GLY H 132 37.79 55.45 -102.13
C GLY H 132 36.68 56.28 -101.55
N GLY H 133 36.95 57.51 -101.19
CA GLY H 133 35.92 58.33 -100.53
C GLY H 133 35.99 58.36 -99.01
N ASN H 134 34.99 59.04 -98.42
CA ASN H 134 34.95 59.34 -96.99
C ASN H 134 33.93 58.48 -96.21
N VAL H 135 33.72 57.23 -96.69
CA VAL H 135 32.75 56.32 -96.09
C VAL H 135 33.37 54.93 -96.02
N ILE H 136 33.55 54.37 -94.83
CA ILE H 136 34.27 53.09 -94.70
C ILE H 136 33.32 51.94 -95.06
N ILE H 137 32.06 52.09 -94.68
CA ILE H 137 31.04 51.11 -94.96
C ILE H 137 29.88 51.82 -95.62
N GLY H 138 29.46 51.31 -96.77
CA GLY H 138 28.42 51.91 -97.55
C GLY H 138 27.08 51.56 -96.94
N ASP H 139 26.87 50.26 -96.78
CA ASP H 139 25.72 49.78 -96.04
C ASP H 139 25.93 48.39 -95.47
N ILE H 140 25.08 48.04 -94.51
CA ILE H 140 25.05 46.70 -93.90
C ILE H 140 23.67 46.11 -94.11
N LYS H 141 23.59 44.94 -94.75
CA LYS H 141 22.29 44.30 -95.01
C LYS H 141 22.18 43.05 -94.17
N THR H 142 20.97 42.68 -93.79
CA THR H 142 20.74 41.38 -93.14
C THR H 142 20.34 40.34 -94.19
N LYS H 143 20.26 39.07 -93.79
CA LYS H 143 19.82 37.97 -94.71
C LYS H 143 18.68 38.35 -95.67
N SER H 144 17.67 39.08 -95.17
CA SER H 144 16.50 39.45 -95.97
C SER H 144 16.73 40.52 -97.07
N GLY H 145 17.90 41.15 -97.12
CA GLY H 145 18.13 42.35 -97.96
C GLY H 145 17.86 43.70 -97.27
N LYS H 146 17.33 43.66 -96.05
CA LYS H 146 17.00 44.88 -95.32
C LYS H 146 18.27 45.69 -94.92
N VAL H 147 18.32 46.96 -95.36
CA VAL H 147 19.38 47.86 -94.98
C VAL H 147 19.16 48.32 -93.55
N ILE H 148 20.04 47.87 -92.66
CA ILE H 148 19.98 48.20 -91.22
C ILE H 148 20.95 49.29 -90.80
N GLY H 149 22.05 49.44 -91.51
CA GLY H 149 22.97 50.56 -91.29
C GLY H 149 23.70 50.99 -92.56
N ALA H 150 24.10 52.25 -92.57
CA ALA H 150 24.65 52.90 -93.75
C ALA H 150 25.76 53.87 -93.33
N ASN H 151 26.68 54.14 -94.24
CA ASN H 151 27.63 55.26 -94.12
C ASN H 151 28.52 55.23 -92.88
N GLY H 152 29.04 54.05 -92.57
CA GLY H 152 30.13 53.90 -91.59
C GLY H 152 31.26 54.88 -91.89
N ARG H 153 31.55 55.75 -90.95
CA ARG H 153 32.57 56.77 -91.12
C ARG H 153 33.38 56.97 -89.85
N LEU H 154 34.68 57.09 -90.03
CA LEU H 154 35.55 57.57 -88.97
C LEU H 154 35.30 59.08 -88.78
N VAL H 155 35.29 59.53 -87.52
CA VAL H 155 35.16 60.95 -87.25
C VAL H 155 36.29 61.36 -86.30
N LEU H 156 36.69 62.63 -86.44
CA LEU H 156 37.78 63.20 -85.65
C LEU H 156 37.53 64.67 -85.53
N GLN H 157 37.68 65.20 -84.33
CA GLN H 157 37.51 66.63 -84.08
C GLN H 157 38.76 67.10 -83.34
N SER H 158 39.20 68.34 -83.58
CA SER H 158 40.39 68.86 -82.87
C SER H 158 40.34 70.38 -82.72
N GLN H 159 41.24 70.94 -81.91
CA GLN H 159 41.35 72.40 -81.78
C GLN H 159 42.80 72.92 -81.84
N ASP H 160 42.93 74.17 -82.28
CA ASP H 160 44.19 74.81 -82.59
C ASP H 160 44.99 75.17 -81.34
N SER H 161 44.29 75.32 -80.22
CA SER H 161 44.93 75.67 -78.96
C SER H 161 44.05 75.29 -77.79
N VAL H 162 44.53 75.57 -76.58
CA VAL H 162 43.84 75.19 -75.35
C VAL H 162 44.05 76.25 -74.22
N PRO H 163 42.97 76.81 -73.67
CA PRO H 163 43.25 77.86 -72.67
C PRO H 163 44.00 77.35 -71.42
N ASP H 164 44.83 78.22 -70.83
CA ASP H 164 45.60 77.95 -69.60
C ASP H 164 44.79 77.35 -68.46
N ASN H 165 43.56 77.84 -68.30
CA ASN H 165 42.68 77.52 -67.15
C ASN H 165 41.25 78.00 -67.49
N PHE H 166 40.25 77.61 -66.71
CA PHE H 166 38.83 77.85 -67.07
C PHE H 166 38.56 79.34 -67.24
N ASP H 167 39.20 80.16 -66.39
CA ASP H 167 39.09 81.64 -66.47
C ASP H 167 39.57 82.28 -67.77
N ASN H 168 40.53 81.65 -68.41
CA ASN H 168 41.13 82.17 -69.61
C ASN H 168 40.32 81.94 -70.92
N ARG H 169 39.17 81.29 -70.86
CA ARG H 169 38.34 81.02 -72.06
C ARG H 169 37.87 82.28 -72.75
N ALA H 170 37.76 83.32 -71.99
CA ALA H 170 37.32 84.59 -72.51
C ALA H 170 38.45 85.30 -73.20
N ASN H 171 39.69 84.97 -72.87
CA ASN H 171 40.83 85.61 -73.49
C ASN H 171 41.56 84.71 -74.46
N SER H 172 41.08 83.51 -74.66
CA SER H 172 41.71 82.59 -75.55
C SER H 172 40.66 81.89 -76.34
N PRO H 173 40.30 82.43 -77.49
CA PRO H 173 39.30 81.82 -78.32
C PRO H 173 39.86 80.60 -78.99
N ILE H 174 39.03 79.58 -79.13
CA ILE H 174 39.48 78.37 -79.74
C ILE H 174 38.80 78.07 -81.05
N GLN H 175 39.59 77.64 -81.99
CA GLN H 175 39.15 77.30 -83.30
C GLN H 175 39.06 75.82 -83.45
N TYR H 176 37.85 75.31 -83.57
CA TYR H 176 37.59 73.89 -83.76
C TYR H 176 37.85 73.46 -85.20
N SER H 177 37.93 72.16 -85.43
CA SER H 177 38.12 71.55 -86.76
C SER H 177 37.54 70.13 -86.76
N ASN H 178 36.69 69.81 -87.73
CA ASN H 178 36.13 68.47 -87.90
C ASN H 178 36.76 67.77 -89.09
N PHE H 179 36.91 66.45 -88.95
CA PHE H 179 37.49 65.55 -89.95
C PHE H 179 36.72 64.25 -90.19
N ASP H 180 37.06 63.67 -91.33
CA ASP H 180 36.50 62.47 -91.94
C ASP H 180 37.64 61.47 -92.14
N GLY H 181 37.36 60.18 -92.10
CA GLY H 181 38.30 59.21 -92.61
C GLY H 181 38.23 59.09 -94.13
N ASN H 182 39.24 59.60 -94.83
CA ASN H 182 39.36 59.44 -96.29
C ASN H 182 40.15 58.15 -96.61
N ILE H 183 39.64 57.34 -97.54
CA ILE H 183 40.23 56.04 -97.86
C ILE H 183 41.27 56.12 -98.95
N ASN H 184 42.40 55.42 -98.77
CA ASN H 184 43.46 55.34 -99.79
C ASN H 184 43.55 53.94 -100.46
N GLU H 185 43.68 52.91 -99.64
CA GLU H 185 43.69 51.54 -100.12
C GLU H 185 42.65 50.70 -99.34
N VAL H 186 42.15 49.67 -100.00
CA VAL H 186 41.34 48.65 -99.37
C VAL H 186 41.97 47.29 -99.73
N PHE H 187 41.98 46.37 -98.77
CA PHE H 187 42.58 45.05 -98.91
C PHE H 187 41.58 44.00 -98.42
N VAL H 188 41.71 42.79 -98.95
CA VAL H 188 40.82 41.67 -98.63
C VAL H 188 41.66 40.41 -98.47
N ASN H 189 41.57 39.77 -97.31
CA ASN H 189 42.03 38.39 -97.22
C ASN H 189 40.77 37.59 -97.07
N GLN H 190 40.34 36.98 -98.17
CA GLN H 190 39.09 36.19 -98.22
C GLN H 190 39.37 34.71 -98.08
N THR H 191 38.68 34.05 -97.13
CA THR H 191 38.65 32.57 -96.99
C THR H 191 37.21 32.11 -96.72
N SER H 192 36.95 30.81 -96.77
CA SER H 192 35.56 30.32 -96.60
C SER H 192 34.94 30.73 -95.27
N ALA H 193 35.67 30.42 -94.20
CA ALA H 193 35.22 30.61 -92.82
C ALA H 193 35.28 32.08 -92.38
N ARG H 194 36.38 32.76 -92.75
CA ARG H 194 36.65 34.15 -92.36
C ARG H 194 37.16 35.01 -93.48
N THR H 195 36.68 36.24 -93.53
CA THR H 195 37.23 37.27 -94.40
C THR H 195 37.67 38.52 -93.59
N LEU H 196 38.92 38.93 -93.79
CA LEU H 196 39.48 40.17 -93.22
C LEU H 196 39.55 41.34 -94.26
N VAL H 197 38.82 42.41 -94.04
CA VAL H 197 38.86 43.56 -94.92
C VAL H 197 39.70 44.63 -94.23
N THR H 198 40.86 44.95 -94.79
CA THR H 198 41.76 45.92 -94.18
C THR H 198 41.63 47.27 -94.87
N VAL H 199 41.38 48.35 -94.14
CA VAL H 199 41.14 49.64 -94.79
C VAL H 199 42.01 50.72 -94.26
N ARG H 200 42.81 51.36 -95.13
CA ARG H 200 43.80 52.35 -94.75
C ARG H 200 43.56 53.77 -95.16
N GLY H 201 44.09 54.69 -94.40
CA GLY H 201 43.90 56.06 -94.72
C GLY H 201 44.40 57.12 -93.81
N ASN H 202 43.79 58.25 -94.01
CA ASN H 202 44.06 59.52 -93.42
C ASN H 202 42.81 60.20 -92.96
N HIS H 203 42.96 61.29 -92.24
CA HIS H 203 41.83 62.06 -91.81
C HIS H 203 41.94 63.38 -92.54
N THR H 204 40.85 63.80 -93.15
CA THR H 204 40.85 64.99 -94.02
C THR H 204 39.72 65.96 -93.62
N VAL H 205 40.00 67.24 -93.60
CA VAL H 205 39.10 68.18 -92.98
C VAL H 205 37.72 68.24 -93.68
N THR H 206 36.66 68.54 -92.92
CA THR H 206 35.31 68.84 -93.45
C THR H 206 34.94 70.28 -93.03
N ASP H 207 34.24 70.44 -91.90
CA ASP H 207 33.91 71.76 -91.35
C ASP H 207 35.05 72.30 -90.48
N GLY H 208 35.01 73.61 -90.23
CA GLY H 208 35.98 74.31 -89.38
C GLY H 208 37.24 74.79 -90.11
N THR H 209 38.18 75.31 -89.31
CA THR H 209 39.49 75.78 -89.77
C THR H 209 40.25 74.76 -90.63
N ASP H 210 40.75 75.21 -91.78
CA ASP H 210 41.54 74.31 -92.64
C ASP H 210 42.78 73.76 -91.89
N HIS H 211 43.10 72.49 -92.16
CA HIS H 211 44.17 71.75 -91.51
C HIS H 211 44.59 70.67 -92.51
N ASP H 212 45.87 70.34 -92.55
CA ASP H 212 46.35 69.33 -93.49
C ASP H 212 45.85 67.92 -93.18
N PRO H 213 45.82 67.03 -94.19
CA PRO H 213 45.51 65.65 -93.89
C PRO H 213 46.44 65.09 -92.82
N TRP H 214 45.88 64.46 -91.79
CA TRP H 214 46.66 63.81 -90.73
C TRP H 214 46.01 62.58 -90.08
N LEU H 215 46.73 62.00 -89.13
CA LEU H 215 46.24 60.93 -88.29
C LEU H 215 45.94 59.71 -89.14
N PRO H 216 47.01 59.04 -89.59
CA PRO H 216 46.85 57.78 -90.32
C PRO H 216 46.06 56.74 -89.55
N PHE H 217 45.10 56.10 -90.19
CA PHE H 217 44.44 54.93 -89.62
C PHE H 217 44.63 53.70 -90.47
N VAL H 218 44.46 52.55 -89.85
CA VAL H 218 44.07 51.37 -90.59
C VAL H 218 42.98 50.70 -89.77
N VAL H 219 41.94 50.22 -90.42
CA VAL H 219 40.79 49.55 -89.76
C VAL H 219 40.62 48.18 -90.38
N ARG H 220 40.71 47.17 -89.53
CA ARG H 220 40.57 45.78 -89.94
C ARG H 220 39.20 45.30 -89.47
N PHE H 221 38.39 44.84 -90.43
CA PHE H 221 37.12 44.22 -90.17
C PHE H 221 37.25 42.72 -90.35
N TYR H 222 37.03 41.96 -89.28
CA TYR H 222 36.98 40.48 -89.34
C TYR H 222 35.50 40.06 -89.41
N LEU H 223 35.06 39.60 -90.58
CA LEU H 223 33.73 38.99 -90.74
C LEU H 223 33.92 37.51 -90.81
N TYR H 224 32.94 36.78 -90.28
CA TYR H 224 32.98 35.31 -90.26
C TYR H 224 31.69 34.66 -90.86
N ALA H 225 31.85 33.49 -91.44
CA ALA H 225 30.70 32.76 -92.00
C ALA H 225 29.63 32.52 -90.93
N ASN H 226 28.39 32.77 -91.32
CA ASN H 226 27.24 32.54 -90.47
C ASN H 226 27.16 33.54 -89.28
N SER H 227 27.80 34.71 -89.42
CA SER H 227 27.80 35.71 -88.34
C SER H 227 27.40 37.12 -88.74
N ALA H 228 26.62 37.75 -87.87
CA ALA H 228 26.15 39.14 -87.99
C ALA H 228 26.92 40.07 -87.06
N THR H 229 28.05 39.58 -86.56
CA THR H 229 28.95 40.30 -85.65
C THR H 229 30.23 40.54 -86.43
N ILE H 230 30.70 41.78 -86.38
CA ILE H 230 31.92 42.21 -87.08
C ILE H 230 32.81 42.80 -86.02
N LYS H 231 34.03 42.32 -86.02
CA LYS H 231 35.04 42.71 -85.07
C LYS H 231 35.90 43.71 -85.81
N VAL H 232 36.03 44.90 -85.23
CA VAL H 232 36.71 46.04 -85.85
C VAL H 232 37.92 46.45 -85.04
N MET H 233 39.10 46.23 -85.60
CA MET H 233 40.33 46.64 -84.98
C MET H 233 40.77 47.98 -85.58
N HIS H 234 40.60 49.05 -84.81
CA HIS H 234 40.83 50.46 -85.25
C HIS H 234 42.15 51.02 -84.73
N SER H 235 43.15 51.07 -85.60
CA SER H 235 44.50 51.54 -85.28
C SER H 235 44.68 52.98 -85.81
N ILE H 236 45.23 53.87 -84.98
CA ILE H 236 45.65 55.22 -85.40
C ILE H 236 47.08 55.55 -84.94
N VAL H 237 47.74 56.43 -85.67
CA VAL H 237 49.09 56.82 -85.39
C VAL H 237 49.04 58.29 -85.15
N PHE H 238 49.57 58.77 -84.02
CA PHE H 238 49.47 60.20 -83.72
C PHE H 238 50.56 61.00 -84.47
N ASP H 239 50.06 61.72 -85.47
CA ASP H 239 50.75 62.36 -86.56
C ASP H 239 51.04 63.82 -86.23
N GLY H 240 50.28 64.42 -85.33
CA GLY H 240 50.27 65.86 -85.17
C GLY H 240 51.38 66.42 -84.32
N ASP H 241 51.33 67.75 -84.21
CA ASP H 241 52.32 68.56 -83.50
C ASP H 241 51.71 69.13 -82.21
N GLU H 242 52.44 70.00 -81.52
CA GLU H 242 51.94 70.63 -80.31
C GLU H 242 50.61 71.42 -80.43
N ASN H 243 50.26 71.93 -81.61
CA ASN H 243 49.02 72.70 -81.76
C ASN H 243 47.82 71.86 -82.14
N ASP H 244 47.97 70.53 -82.09
CA ASP H 244 46.88 69.62 -82.44
C ASP H 244 46.40 68.87 -81.22
N PHE H 245 45.19 69.27 -80.77
CA PHE H 245 44.59 68.77 -79.55
C PHE H 245 43.34 67.97 -79.90
N ILE H 246 43.43 66.63 -79.86
CA ILE H 246 42.28 65.77 -80.21
C ILE H 246 41.13 66.06 -79.22
N THR H 247 39.96 66.30 -79.77
CA THR H 247 38.77 66.73 -79.04
C THR H 247 37.75 65.60 -79.02
N GLY H 248 37.57 64.98 -80.18
CA GLY H 248 36.74 63.80 -80.33
C GLY H 248 37.35 62.83 -81.33
N LEU H 249 37.09 61.54 -81.13
CA LEU H 249 37.51 60.47 -82.02
C LEU H 249 36.40 59.43 -82.04
N GLY H 250 35.95 59.03 -83.22
CA GLY H 250 34.77 58.16 -83.30
C GLY H 250 34.60 57.28 -84.52
N ILE H 251 33.56 56.46 -84.45
CA ILE H 251 33.03 55.67 -85.55
C ILE H 251 31.53 55.92 -85.50
N ARG H 252 30.94 56.17 -86.65
CA ARG H 252 29.57 56.65 -86.73
C ARG H 252 28.86 56.02 -87.87
N PHE H 253 27.60 55.63 -87.62
CA PHE H 253 26.70 55.06 -88.63
C PHE H 253 25.39 55.81 -88.68
N ASP H 254 24.77 55.85 -89.86
CA ASP H 254 23.36 56.18 -90.01
C ASP H 254 22.57 54.86 -89.89
N VAL H 255 21.35 54.98 -89.38
CA VAL H 255 20.43 53.87 -89.26
C VAL H 255 19.14 54.42 -89.81
N PRO H 256 18.62 53.83 -90.93
CA PRO H 256 17.40 54.37 -91.54
C PRO H 256 16.18 53.94 -90.75
N LEU H 257 15.31 54.90 -90.46
CA LEU H 257 14.18 54.66 -89.59
C LEU H 257 12.88 55.06 -90.20
N LYS H 258 12.90 55.46 -91.48
CA LYS H 258 11.70 56.00 -92.13
C LYS H 258 10.62 54.92 -92.19
N GLY H 259 9.40 55.32 -91.79
CA GLY H 259 8.24 54.44 -91.70
C GLY H 259 8.13 53.49 -90.51
N GLU H 260 9.06 53.57 -89.55
CA GLU H 260 8.79 53.02 -88.24
C GLU H 260 8.05 54.07 -87.52
N GLU H 261 6.97 53.64 -86.85
CA GLU H 261 6.21 54.55 -86.00
C GLU H 261 7.17 54.88 -84.86
N TYR H 262 7.13 56.09 -84.32
CA TYR H 262 8.10 56.49 -83.27
C TYR H 262 8.10 55.54 -82.06
N TYR H 263 6.92 55.04 -81.71
CA TYR H 263 6.72 54.04 -80.66
C TYR H 263 7.20 52.65 -81.01
N ASP H 264 7.63 52.44 -82.27
CA ASP H 264 8.23 51.17 -82.70
C ASP H 264 9.75 51.36 -82.89
N ARG H 265 10.31 52.49 -82.43
CA ARG H 265 11.76 52.78 -82.53
C ARG H 265 12.37 52.70 -81.16
N HIS H 266 13.44 51.94 -81.08
CA HIS H 266 14.01 51.55 -79.80
C HIS H 266 15.45 52.05 -79.56
N ILE H 267 15.78 52.19 -78.28
CA ILE H 267 17.07 52.70 -77.85
C ILE H 267 17.51 51.80 -76.69
N ARG H 268 18.73 51.27 -76.76
CA ARG H 268 19.32 50.60 -75.62
C ARG H 268 20.77 51.02 -75.41
N PHE H 269 21.13 51.26 -74.14
CA PHE H 269 22.54 51.29 -73.73
C PHE H 269 22.83 50.15 -72.76
N ALA H 270 24.00 49.56 -72.84
CA ALA H 270 24.43 48.68 -71.77
C ALA H 270 24.76 49.55 -70.56
N GLY H 271 24.45 49.01 -69.38
CA GLY H 271 24.76 49.66 -68.09
C GLY H 271 25.82 48.83 -67.41
N VAL H 272 25.59 48.47 -66.15
CA VAL H 272 26.58 47.89 -65.25
C VAL H 272 26.35 46.39 -65.08
N ASP H 273 27.43 45.62 -64.89
CA ASP H 273 27.35 44.16 -64.57
C ASP H 273 26.11 43.49 -65.16
N GLY H 274 25.93 43.58 -66.48
CA GLY H 274 24.83 42.86 -67.19
C GLY H 274 23.53 43.64 -67.46
N GLY H 275 23.45 44.89 -67.04
CA GLY H 275 22.27 45.71 -67.26
C GLY H 275 22.14 46.30 -68.66
N ILE H 276 20.91 46.63 -69.01
CA ILE H 276 20.56 47.25 -70.28
C ILE H 276 19.45 48.28 -69.97
N PHE H 277 19.59 49.47 -70.56
CA PHE H 277 18.60 50.53 -70.51
C PHE H 277 17.70 50.28 -71.71
N ASN H 278 16.38 50.41 -71.53
CA ASN H 278 15.43 50.01 -72.57
C ASN H 278 14.39 51.08 -72.80
N GLU H 279 14.49 51.83 -73.89
CA GLU H 279 13.49 52.88 -74.17
C GLU H 279 13.11 52.92 -75.66
N ALA H 280 12.03 53.68 -75.88
CA ALA H 280 11.50 53.95 -77.17
C ALA H 280 11.50 55.46 -77.55
N VAL H 281 11.62 55.77 -78.82
CA VAL H 281 11.66 57.15 -79.21
C VAL H 281 10.39 57.88 -78.72
N GLN H 282 9.25 57.21 -78.72
CA GLN H 282 8.04 57.79 -78.14
C GLN H 282 7.46 56.71 -77.29
N GLY H 283 7.56 56.91 -75.99
CA GLY H 283 7.21 55.92 -75.01
C GLY H 283 5.75 55.98 -74.64
N ILE H 284 5.23 54.77 -74.40
CA ILE H 284 3.81 54.46 -74.16
C ILE H 284 3.55 53.84 -72.78
N THR H 285 4.65 53.48 -72.10
CA THR H 285 4.61 53.07 -70.71
C THR H 285 4.64 54.35 -69.84
N GLY H 286 4.05 54.24 -68.66
CA GLY H 286 4.09 55.29 -67.65
C GLY H 286 3.33 56.56 -67.96
N LEU H 287 2.26 56.42 -68.72
CA LEU H 287 1.40 57.56 -69.06
C LEU H 287 0.28 57.62 -68.02
N ARG H 288 -0.50 58.69 -68.12
CA ARG H 288 -1.72 58.87 -67.30
C ARG H 288 -2.82 57.90 -67.68
N ARG H 289 -2.72 57.32 -68.87
CA ARG H 289 -3.65 56.30 -69.32
C ARG H 289 -2.89 55.16 -69.87
N ASP H 290 -3.55 54.03 -69.89
CA ASP H 290 -2.92 52.78 -70.20
C ASP H 290 -3.43 52.40 -71.60
N PRO H 291 -2.52 52.28 -72.58
CA PRO H 291 -2.98 51.82 -73.91
C PRO H 291 -3.46 50.35 -73.93
N GLY H 292 -3.02 49.57 -72.93
CA GLY H 292 -3.21 48.11 -72.90
C GLY H 292 -1.98 47.42 -72.32
N GLU H 293 -2.18 46.47 -71.42
CA GLU H 293 -1.04 45.79 -70.81
C GLU H 293 -0.11 45.13 -71.85
N GLU H 294 -0.68 44.47 -72.86
CA GLU H 294 0.12 43.72 -73.84
C GLU H 294 1.00 44.68 -74.61
N ILE H 295 0.39 45.83 -74.90
CA ILE H 295 1.03 46.88 -75.66
C ILE H 295 2.22 47.50 -74.90
N ARG H 296 2.03 47.82 -73.63
CA ARG H 296 3.15 48.25 -72.80
C ARG H 296 4.24 47.16 -72.73
N ALA H 297 3.83 45.91 -72.55
CA ALA H 297 4.77 44.81 -72.41
C ALA H 297 5.59 44.60 -73.66
N ALA H 298 4.97 44.90 -74.80
CA ALA H 298 5.55 44.80 -76.12
C ALA H 298 6.60 45.90 -76.38
N GLN H 299 6.23 47.13 -76.06
CA GLN H 299 7.13 48.23 -76.35
C GLN H 299 8.41 48.00 -75.61
N PHE H 300 8.30 47.74 -74.31
CA PHE H 300 9.44 47.37 -73.49
C PHE H 300 10.26 46.19 -74.04
N ALA H 301 9.58 45.25 -74.68
CA ALA H 301 10.25 44.10 -75.28
C ALA H 301 10.89 44.34 -76.64
N GLY H 302 10.74 45.53 -77.22
CA GLY H 302 11.20 45.78 -78.60
C GLY H 302 10.42 45.15 -79.76
N GLN H 303 9.18 44.75 -79.48
CA GLN H 303 8.28 44.21 -80.51
C GLN H 303 7.44 45.35 -81.15
N LYS H 304 6.97 45.12 -82.36
CA LYS H 304 6.13 46.08 -83.08
C LYS H 304 4.81 46.14 -82.38
N LEU H 305 4.39 47.34 -82.03
CA LEU H 305 3.18 47.48 -81.30
C LEU H 305 2.01 47.20 -82.22
N ALA H 306 0.93 46.66 -81.64
CA ALA H 306 -0.35 46.47 -82.32
C ALA H 306 -0.90 47.76 -82.93
N ASP H 307 -1.72 47.64 -83.97
CA ASP H 307 -2.38 48.78 -84.61
C ASP H 307 -3.11 49.65 -83.54
N THR H 308 -3.04 50.97 -83.72
CA THR H 308 -3.56 51.96 -82.74
C THR H 308 -5.07 51.89 -82.47
N GLU H 309 -5.85 51.52 -83.47
CA GLU H 309 -7.29 51.30 -83.26
C GLU H 309 -7.62 50.14 -82.26
N THR H 310 -6.66 49.27 -81.93
CA THR H 310 -6.85 48.29 -80.83
C THR H 310 -6.46 48.83 -79.46
N TRP H 311 -5.87 50.04 -79.43
CA TRP H 311 -5.45 50.66 -78.16
C TRP H 311 -6.65 51.32 -77.50
N GLU H 312 -6.50 51.59 -76.21
CA GLU H 312 -7.38 52.50 -75.48
C GLU H 312 -7.37 53.89 -76.12
N PRO H 313 -8.52 54.36 -76.61
CA PRO H 313 -8.50 55.68 -77.35
C PRO H 313 -8.02 56.94 -76.60
N ARG H 314 -8.09 56.94 -75.26
CA ARG H 314 -7.54 58.09 -74.49
C ARG H 314 -6.04 58.24 -74.65
N VAL H 315 -5.35 57.12 -74.96
CA VAL H 315 -3.96 57.14 -75.41
C VAL H 315 -3.81 57.48 -76.91
N SER H 316 -4.41 56.71 -77.81
CA SER H 316 -4.15 56.87 -79.27
C SER H 316 -4.45 58.26 -79.86
N THR H 317 -5.52 58.89 -79.37
CA THR H 317 -5.93 60.22 -79.84
C THR H 317 -5.05 61.32 -79.29
N ARG H 318 -4.11 60.97 -78.41
CA ARG H 318 -3.20 61.92 -77.80
C ARG H 318 -1.70 61.65 -78.06
N LEU H 319 -1.36 60.72 -78.96
CA LEU H 319 0.03 60.52 -79.40
C LEU H 319 0.79 61.81 -79.71
N LYS H 320 0.11 62.73 -80.37
CA LYS H 320 0.68 64.06 -80.66
C LYS H 320 1.29 64.70 -79.42
N TRP H 321 0.63 64.57 -78.27
CA TRP H 321 1.09 65.24 -77.03
C TRP H 321 2.18 64.49 -76.23
N ILE H 322 2.59 63.29 -76.68
CA ILE H 322 3.60 62.53 -76.00
C ILE H 322 4.91 62.93 -76.67
N PRO H 323 5.92 63.35 -75.87
CA PRO H 323 7.13 63.80 -76.54
C PRO H 323 7.88 62.69 -77.22
N THR H 324 8.67 63.10 -78.19
CA THR H 324 9.45 62.24 -79.06
C THR H 324 10.89 62.56 -78.73
N TRP H 325 11.71 61.54 -78.39
CA TRP H 325 13.10 61.77 -77.89
C TRP H 325 14.16 61.42 -78.93
N ALA H 326 14.78 62.44 -79.49
CA ALA H 326 15.63 62.25 -80.68
C ALA H 326 17.04 61.85 -80.29
N ASP H 327 17.56 62.47 -79.23
CA ASP H 327 19.00 62.47 -78.91
C ASP H 327 19.22 61.81 -77.55
N TYR H 328 20.06 60.79 -77.51
CA TYR H 328 20.46 60.18 -76.23
C TYR H 328 22.00 60.20 -76.14
N GLY H 329 22.55 60.61 -75.01
CA GLY H 329 24.01 60.64 -74.84
C GLY H 329 24.52 59.96 -73.57
N LEU H 330 25.39 58.96 -73.73
CA LEU H 330 26.12 58.35 -72.62
C LEU H 330 27.56 58.88 -72.60
N THR H 331 28.02 59.36 -71.43
CA THR H 331 29.42 59.84 -71.29
C THR H 331 30.21 59.17 -70.14
N GLN H 332 31.31 58.52 -70.44
CA GLN H 332 32.07 57.85 -69.44
C GLN H 332 33.40 58.59 -69.33
N LEU H 333 33.33 59.71 -68.60
CA LEU H 333 34.43 60.67 -68.43
C LEU H 333 35.46 60.29 -67.39
N THR H 334 35.16 59.27 -66.58
CA THR H 334 36.12 58.69 -65.64
C THR H 334 35.98 57.19 -65.69
N ALA H 335 36.98 56.50 -65.17
CA ALA H 335 36.85 55.07 -64.88
C ALA H 335 35.71 54.68 -63.91
N ASP H 336 35.25 55.60 -63.06
CA ASP H 336 34.29 55.27 -62.02
C ASP H 336 32.84 55.72 -62.19
N GLY H 337 32.50 56.57 -63.16
CA GLY H 337 31.15 57.16 -63.23
C GLY H 337 30.76 57.52 -64.65
N PHE H 338 29.53 57.17 -65.05
CA PHE H 338 28.95 57.64 -66.32
C PHE H 338 27.67 58.43 -66.13
N GLY H 339 27.51 59.40 -67.01
CA GLY H 339 26.30 60.14 -67.12
C GLY H 339 25.56 59.70 -68.37
N LEU H 340 24.25 59.88 -68.31
CA LEU H 340 23.35 59.55 -69.37
C LEU H 340 22.22 60.56 -69.37
N LYS H 341 21.73 60.86 -70.56
CA LYS H 341 20.76 61.92 -70.69
C LYS H 341 20.12 61.86 -72.06
N LYS H 342 19.00 62.58 -72.25
CA LYS H 342 18.32 62.63 -73.54
C LYS H 342 17.59 63.94 -73.78
N ARG H 343 17.17 64.13 -75.02
CA ARG H 343 16.70 65.43 -75.46
C ARG H 343 15.67 65.27 -76.56
N THR H 344 14.57 66.02 -76.48
CA THR H 344 13.58 65.97 -77.54
C THR H 344 14.17 66.41 -78.84
N LYS H 345 14.91 67.51 -78.82
CA LYS H 345 15.70 67.98 -79.98
C LYS H 345 16.58 69.21 -79.70
N ALA H 346 17.42 69.54 -80.66
CA ALA H 346 18.33 70.65 -80.49
C ALA H 346 17.53 71.94 -80.29
N GLY H 347 17.91 72.74 -79.30
CA GLY H 347 17.16 73.91 -78.94
C GLY H 347 16.40 73.71 -77.64
N GLN H 348 16.54 72.55 -77.03
CA GLN H 348 15.85 72.27 -75.81
C GLN H 348 16.88 71.80 -74.81
N SER H 349 16.53 71.79 -73.53
CA SER H 349 17.42 71.22 -72.53
C SER H 349 17.37 69.72 -72.62
N TRP H 350 18.49 69.12 -72.20
CA TRP H 350 18.57 67.70 -71.92
C TRP H 350 17.88 67.39 -70.59
N VAL H 351 17.23 66.24 -70.56
CA VAL H 351 16.69 65.69 -69.34
C VAL H 351 17.70 64.68 -68.90
N ASN H 352 18.05 64.71 -67.61
CA ASN H 352 19.00 63.72 -67.09
C ASN H 352 18.28 62.38 -66.81
N ILE H 353 19.01 61.30 -67.04
CA ILE H 353 18.54 59.91 -66.89
C ILE H 353 19.30 59.22 -65.72
N PRO H 354 18.60 58.36 -64.96
CA PRO H 354 19.31 57.68 -63.88
C PRO H 354 20.44 56.83 -64.40
N SER H 355 21.62 56.99 -63.81
CA SER H 355 22.88 56.48 -64.32
C SER H 355 23.65 55.73 -63.22
N GLY H 356 24.95 55.49 -63.41
CA GLY H 356 25.74 54.71 -62.46
C GLY H 356 27.22 54.66 -62.73
N THR H 357 27.89 53.62 -62.25
CA THR H 357 29.34 53.60 -62.22
C THR H 357 30.03 53.35 -63.58
N ARG H 358 29.95 52.11 -64.06
CA ARG H 358 30.77 51.64 -65.17
C ARG H 358 29.93 51.03 -66.28
N ALA H 359 29.65 51.82 -67.32
CA ALA H 359 28.87 51.33 -68.47
C ALA H 359 29.69 50.34 -69.29
N GLU H 360 29.13 49.14 -69.54
CA GLU H 360 29.87 48.06 -70.17
C GLU H 360 30.02 48.24 -71.71
N GLY H 361 29.41 49.28 -72.28
CA GLY H 361 29.94 49.91 -73.49
C GLY H 361 29.27 49.74 -74.84
N LEU H 362 27.99 49.45 -74.86
CA LEU H 362 27.27 49.14 -76.12
C LEU H 362 26.02 49.99 -76.21
N ALA H 363 25.67 50.31 -77.45
CA ALA H 363 24.48 51.10 -77.75
C ALA H 363 23.81 50.55 -79.01
N TYR H 364 22.47 50.56 -78.99
CA TYR H 364 21.61 50.02 -80.05
C TYR H 364 20.69 51.10 -80.48
N LEU H 365 20.54 51.24 -81.80
CA LEU H 365 19.50 52.08 -82.42
C LEU H 365 18.84 51.29 -83.56
N GLY H 366 17.51 51.29 -83.59
CA GLY H 366 16.77 50.60 -84.66
C GLY H 366 15.29 50.52 -84.38
N GLY H 367 14.63 49.59 -85.03
CA GLY H 367 13.17 49.41 -84.87
C GLY H 367 12.70 47.95 -84.98
N ALA H 368 11.44 47.76 -84.61
CA ALA H 368 10.73 46.47 -84.72
C ALA H 368 10.64 45.91 -86.13
N THR H 369 10.61 46.82 -87.09
CA THR H 369 10.29 46.61 -88.49
C THR H 369 11.49 46.96 -89.38
N GLN H 370 12.07 48.15 -89.20
CA GLN H 370 13.31 48.55 -89.90
C GLN H 370 14.60 47.85 -89.46
N GLY H 371 14.56 47.12 -88.35
CA GLY H 371 15.74 46.51 -87.80
C GLY H 371 16.74 47.58 -87.37
N GLY H 372 17.99 47.16 -87.19
CA GLY H 372 18.97 48.11 -86.70
C GLY H 372 20.33 47.56 -86.35
N LEU H 373 21.03 48.31 -85.50
CA LEU H 373 22.46 48.17 -85.34
C LEU H 373 22.94 48.48 -83.94
N ALA H 374 23.84 47.65 -83.44
CA ALA H 374 24.51 47.96 -82.18
C ALA H 374 25.99 48.14 -82.45
N VAL H 375 26.57 49.08 -81.71
CA VAL H 375 27.96 49.45 -81.80
C VAL H 375 28.45 49.40 -80.38
N GLY H 376 29.63 48.85 -80.15
CA GLY H 376 30.26 49.06 -78.88
C GLY H 376 31.75 48.87 -78.89
N LEU H 377 32.35 49.08 -77.71
CA LEU H 377 33.80 49.14 -77.52
C LEU H 377 34.24 48.19 -76.44
N ARG H 378 35.10 47.27 -76.78
CA ARG H 378 35.65 46.38 -75.81
C ARG H 378 36.46 47.20 -74.83
N ASP H 379 36.29 46.87 -73.54
CA ASP H 379 36.90 47.54 -72.43
C ASP H 379 36.50 49.03 -72.29
N PHE H 380 35.32 49.41 -72.80
CA PHE H 380 34.78 50.77 -72.69
C PHE H 380 35.30 51.62 -71.52
N TRP H 381 34.79 51.37 -70.32
CA TRP H 381 35.09 52.22 -69.17
C TRP H 381 36.57 52.22 -68.77
N LYS H 382 37.32 51.16 -69.12
CA LYS H 382 38.75 51.09 -68.86
C LYS H 382 39.59 51.91 -69.81
N ARG H 383 38.98 52.29 -70.94
CA ARG H 383 39.61 53.11 -71.95
C ARG H 383 39.05 54.53 -72.00
N TYR H 384 38.52 55.00 -70.86
CA TYR H 384 37.93 56.34 -70.72
C TYR H 384 38.97 57.42 -71.10
N PRO H 385 38.58 58.61 -71.55
CA PRO H 385 37.21 59.09 -71.72
C PRO H 385 36.53 58.68 -73.03
N VAL H 386 35.43 57.92 -72.88
CA VAL H 386 34.63 57.41 -73.99
C VAL H 386 33.15 57.79 -73.89
N GLY H 387 32.40 57.51 -74.95
CA GLY H 387 30.99 57.84 -75.02
C GLY H 387 30.19 57.16 -76.11
N LEU H 388 28.87 57.19 -75.97
CA LEU H 388 27.95 56.64 -76.96
C LEU H 388 26.83 57.62 -77.12
N ASP H 389 26.44 57.80 -78.39
CA ASP H 389 25.55 58.89 -78.85
C ASP H 389 24.58 58.34 -79.88
N ILE H 390 23.29 58.54 -79.62
CA ILE H 390 22.25 58.41 -80.61
C ILE H 390 21.76 59.82 -80.92
N SER H 391 21.60 60.08 -82.22
CA SER H 391 21.09 61.36 -82.64
C SER H 391 20.01 61.24 -83.71
N ASN H 392 19.07 62.21 -83.65
CA ASN H 392 18.01 62.41 -84.64
C ASN H 392 17.16 61.17 -84.81
N ALA H 393 16.87 60.47 -83.71
CA ALA H 393 16.05 59.27 -83.71
C ALA H 393 14.57 59.52 -84.10
N ALA H 394 14.15 60.77 -84.17
CA ALA H 394 12.78 61.17 -84.51
C ALA H 394 12.62 61.56 -85.99
N SER H 395 13.62 61.21 -86.80
CA SER H 395 13.81 61.69 -88.16
C SER H 395 13.89 60.50 -89.07
N ASP H 396 13.83 60.76 -90.36
CA ASP H 396 13.97 59.71 -91.38
C ASP H 396 15.23 58.86 -91.23
N THR H 397 16.33 59.51 -90.87
CA THR H 397 17.63 58.85 -90.71
C THR H 397 18.14 59.22 -89.35
N GLY H 398 18.56 58.20 -88.58
CA GLY H 398 19.11 58.42 -87.24
C GLY H 398 20.59 58.23 -87.31
N GLU H 399 21.34 58.75 -86.35
CA GLU H 399 22.77 58.44 -86.25
C GLU H 399 23.10 57.75 -84.94
N LEU H 400 24.05 56.81 -85.01
CA LEU H 400 24.62 56.11 -83.86
C LEU H 400 26.14 56.20 -83.90
N THR H 401 26.71 56.76 -82.85
CA THR H 401 28.14 57.04 -82.79
C THR H 401 28.84 56.41 -81.55
N LEU H 402 29.93 55.69 -81.77
CA LEU H 402 30.83 55.30 -80.69
C LEU H 402 31.89 56.38 -80.61
N TRP H 403 32.20 56.86 -79.41
CA TRP H 403 33.30 57.81 -79.18
C TRP H 403 34.51 57.16 -78.45
N LEU H 404 35.59 56.94 -79.19
CA LEU H 404 36.82 56.42 -78.62
C LEU H 404 37.52 57.46 -77.78
N TYR H 405 37.35 58.74 -78.12
CA TYR H 405 37.70 59.88 -77.26
C TYR H 405 36.49 60.79 -77.20
N SER H 406 36.06 61.20 -76.02
CA SER H 406 34.79 61.93 -75.94
C SER H 406 35.00 63.44 -75.97
N PRO H 407 34.27 64.14 -76.85
CA PRO H 407 34.22 65.62 -76.80
C PRO H 407 33.76 66.22 -75.46
N ALA H 408 33.10 65.43 -74.61
CA ALA H 408 32.67 65.92 -73.29
C ALA H 408 33.79 65.95 -72.24
N ALA H 409 34.94 65.35 -72.59
CA ALA H 409 36.18 65.44 -71.80
C ALA H 409 37.00 66.71 -72.14
N GLU H 410 38.04 66.94 -71.37
CA GLU H 410 39.03 67.96 -71.68
C GLU H 410 39.80 67.49 -72.91
N PRO H 411 40.28 68.45 -73.75
CA PRO H 411 41.03 68.03 -74.94
C PRO H 411 42.23 67.21 -74.57
N LEU H 412 42.54 66.21 -75.39
CA LEU H 412 43.71 65.33 -75.21
C LEU H 412 44.98 66.14 -75.41
N ASP H 413 45.82 66.19 -74.37
CA ASP H 413 46.95 67.08 -74.33
C ASP H 413 48.21 66.25 -74.25
N LEU H 414 48.75 65.92 -75.42
CA LEU H 414 49.97 65.10 -75.53
C LEU H 414 51.30 65.82 -75.37
N ARG H 415 51.24 67.12 -75.08
CA ARG H 415 52.44 67.94 -74.93
C ARG H 415 53.32 67.58 -73.72
N PRO H 416 54.56 68.07 -73.69
CA PRO H 416 55.42 67.75 -72.57
C PRO H 416 54.91 68.19 -71.20
N PHE H 417 55.19 67.39 -70.18
CA PHE H 417 54.71 67.75 -68.85
C PHE H 417 55.59 68.76 -68.12
N HIS H 418 56.85 68.90 -68.52
CA HIS H 418 57.67 70.06 -68.11
C HIS H 418 58.49 70.73 -69.24
N ASP H 419 59.10 71.89 -68.94
CA ASP H 419 59.85 72.73 -69.90
C ASP H 419 61.38 72.59 -69.84
N GLY H 420 61.87 71.38 -69.63
CA GLY H 420 63.28 71.14 -69.32
C GLY H 420 63.86 71.64 -68.01
N LEU H 421 63.14 72.50 -67.26
CA LEU H 421 63.56 72.96 -65.92
C LEU H 421 64.92 73.71 -65.91
N GLY H 422 65.22 74.40 -67.02
CA GLY H 422 66.52 74.99 -67.28
C GLY H 422 67.61 74.03 -67.76
N GLN H 423 67.35 72.73 -67.90
CA GLN H 423 68.38 71.83 -68.43
C GLN H 423 68.90 72.34 -69.80
N ASP H 424 70.24 72.43 -69.91
CA ASP H 424 70.98 73.00 -71.05
C ASP H 424 72.17 72.10 -71.39
N GLY H 425 71.91 71.07 -72.19
CA GLY H 425 72.95 70.15 -72.63
C GLY H 425 73.12 68.94 -71.75
N TYR H 426 73.92 68.01 -72.24
CA TYR H 426 74.01 66.63 -71.76
C TYR H 426 74.42 66.51 -70.31
N GLU H 427 75.25 67.43 -69.84
CA GLU H 427 75.80 67.34 -68.47
C GLU H 427 74.68 67.58 -67.42
N ASP H 428 73.94 68.69 -67.61
CA ASP H 428 72.72 68.99 -66.90
C ASP H 428 71.69 67.84 -66.97
N GLN H 429 71.53 67.24 -68.15
CA GLN H 429 70.59 66.15 -68.36
C GLN H 429 70.97 64.95 -67.52
N LEU H 430 72.24 64.56 -67.53
CA LEU H 430 72.71 63.42 -66.71
C LEU H 430 72.75 63.70 -65.17
N ASP H 431 72.67 64.98 -64.83
CA ASP H 431 72.57 65.45 -63.46
C ASP H 431 71.13 65.34 -62.98
N ALA H 432 70.17 65.80 -63.79
CA ALA H 432 68.74 65.57 -63.49
C ALA H 432 68.36 64.10 -63.45
N LEU H 433 69.05 63.26 -64.25
CA LEU H 433 68.85 61.81 -64.20
C LEU H 433 69.31 61.22 -62.85
N GLU H 434 70.13 61.93 -62.07
CA GLU H 434 70.64 61.37 -60.79
C GLU H 434 69.62 61.48 -59.63
N ILE H 435 68.61 62.35 -59.79
CA ILE H 435 67.58 62.60 -58.76
C ILE H 435 66.10 62.19 -59.13
N THR H 436 65.63 62.52 -60.34
CA THR H 436 64.32 62.05 -60.81
C THR H 436 64.34 60.74 -61.62
N TYR H 437 65.51 60.26 -62.03
CA TYR H 437 65.67 59.11 -62.98
C TYR H 437 65.12 59.37 -64.39
N GLU H 438 64.94 60.63 -64.77
CA GLU H 438 64.51 61.00 -66.11
C GLU H 438 65.76 61.49 -66.87
N ASP H 439 66.03 60.84 -68.03
CA ASP H 439 67.01 61.32 -69.01
C ASP H 439 66.27 62.16 -70.06
N TRP H 440 66.04 63.44 -69.73
CA TRP H 440 65.37 64.42 -70.60
C TRP H 440 66.30 65.02 -71.69
N GLU H 441 65.71 65.58 -72.75
CA GLU H 441 66.45 66.34 -73.76
C GLU H 441 65.44 67.09 -74.59
N PRO H 442 65.76 68.33 -75.05
CA PRO H 442 64.69 69.08 -75.76
C PRO H 442 64.27 68.35 -77.05
N GLY H 443 62.98 68.41 -77.37
CA GLY H 443 62.49 67.84 -78.63
C GLY H 443 62.26 66.33 -78.60
N PHE H 444 62.79 65.62 -77.59
CA PHE H 444 62.63 64.16 -77.43
C PHE H 444 61.36 63.75 -76.64
N ASP H 445 60.76 64.71 -75.93
CA ASP H 445 59.53 64.47 -75.16
C ASP H 445 58.34 64.69 -76.05
N THR H 446 58.18 63.81 -77.02
CA THR H 446 57.18 64.05 -78.07
C THR H 446 56.38 62.81 -78.34
N PRO H 447 55.06 62.98 -78.48
CA PRO H 447 54.19 61.88 -78.90
C PRO H 447 54.29 61.50 -80.39
N TYR H 448 55.07 62.22 -81.22
CA TYR H 448 55.04 62.04 -82.67
C TYR H 448 55.25 60.59 -83.10
N GLY H 449 54.23 59.97 -83.66
CA GLY H 449 54.33 58.60 -84.14
C GLY H 449 54.00 57.46 -83.17
N ILE H 450 53.50 57.77 -81.97
CA ILE H 450 52.91 56.71 -81.13
C ILE H 450 51.61 56.20 -81.78
N ALA H 451 51.05 55.10 -81.31
CA ALA H 451 49.83 54.57 -81.89
C ALA H 451 48.97 53.92 -80.84
N ARG H 452 47.70 53.78 -81.15
CA ARG H 452 46.78 53.04 -80.30
C ARG H 452 45.80 52.23 -81.15
N THR H 453 45.56 50.99 -80.75
CA THR H 453 44.55 50.13 -81.41
C THR H 453 43.33 49.89 -80.48
N SER H 454 42.13 50.23 -80.94
CA SER H 454 40.89 50.07 -80.15
C SER H 454 40.09 48.86 -80.69
N GLU H 455 39.55 48.02 -79.82
CA GLU H 455 38.79 46.83 -80.28
C GLU H 455 37.26 47.07 -80.24
N VAL H 456 36.65 47.28 -81.40
CA VAL H 456 35.29 47.78 -81.54
C VAL H 456 34.49 46.66 -82.17
N TYR H 457 33.18 46.65 -81.92
CA TYR H 457 32.28 45.64 -82.46
C TYR H 457 31.02 46.29 -82.98
N LEU H 458 30.57 45.83 -84.17
CA LEU H 458 29.31 46.16 -84.76
C LEU H 458 28.45 44.89 -84.79
N PHE H 459 27.18 45.02 -84.47
CA PHE H 459 26.23 43.87 -84.50
C PHE H 459 24.99 44.29 -85.30
N ALA H 460 24.66 43.49 -86.32
CA ALA H 460 23.56 43.79 -87.22
C ALA H 460 22.30 43.02 -86.79
N PHE H 461 21.13 43.69 -86.82
CA PHE H 461 19.84 43.06 -86.43
C PHE H 461 18.70 43.21 -87.43
N ASP H 462 18.01 42.11 -87.68
CA ASP H 462 16.87 42.12 -88.59
C ASP H 462 15.70 42.89 -87.99
N GLN H 463 15.44 42.67 -86.70
CA GLN H 463 14.47 43.44 -85.88
C GLN H 463 15.18 43.80 -84.57
N THR H 464 14.57 44.64 -83.73
CA THR H 464 15.13 44.91 -82.41
C THR H 464 15.23 43.59 -81.62
N PRO H 465 16.43 43.22 -81.14
CA PRO H 465 16.60 41.99 -80.43
C PRO H 465 16.14 42.10 -78.99
N THR H 466 16.14 40.95 -78.31
CA THR H 466 15.76 40.88 -76.90
C THR H 466 16.85 41.61 -76.10
N SER H 467 16.47 42.16 -74.96
CA SER H 467 17.46 42.76 -74.07
C SER H 467 18.47 41.71 -73.53
N ASP H 468 18.02 40.48 -73.31
CA ASP H 468 18.94 39.43 -72.92
C ASP H 468 19.99 39.16 -73.98
N LYS H 469 19.61 39.28 -75.26
CA LYS H 469 20.58 39.15 -76.34
C LYS H 469 21.59 40.29 -76.27
N LEU H 470 21.11 41.54 -76.20
CA LEU H 470 22.01 42.68 -76.17
C LEU H 470 22.96 42.62 -75.04
N ALA H 471 22.52 42.08 -73.92
CA ALA H 471 23.42 41.87 -72.77
C ALA H 471 24.42 40.77 -73.06
N SER H 472 23.96 39.71 -73.66
CA SER H 472 24.83 38.63 -74.04
C SER H 472 25.95 39.03 -75.04
N LEU H 473 25.65 39.93 -76.00
CA LEU H 473 26.66 40.41 -76.97
C LEU H 473 27.58 41.39 -76.29
N THR H 474 27.01 42.11 -75.33
CA THR H 474 27.76 43.08 -74.54
C THR H 474 28.81 42.30 -73.74
N ALA H 475 28.38 41.23 -73.09
CA ALA H 475 29.32 40.40 -72.31
C ALA H 475 30.34 39.72 -73.22
N TYR H 476 29.92 39.35 -74.44
CA TYR H 476 30.81 38.82 -75.51
C TYR H 476 31.96 39.79 -75.81
N MET H 477 31.57 40.98 -76.26
CA MET H 477 32.47 42.09 -76.60
C MET H 477 33.55 42.32 -75.56
N ASN H 478 33.20 42.20 -74.27
CA ASN H 478 34.15 42.47 -73.19
C ASN H 478 34.99 41.27 -72.79
N ASP H 479 34.63 40.08 -73.27
CA ASP H 479 35.45 38.90 -73.01
C ASP H 479 35.36 38.02 -74.24
N PRO H 480 35.95 38.46 -75.34
CA PRO H 480 35.79 37.74 -76.60
C PRO H 480 36.46 36.36 -76.53
N PRO H 481 35.69 35.30 -76.71
CA PRO H 481 36.26 33.95 -76.55
C PRO H 481 37.51 33.68 -77.37
N VAL H 482 38.41 32.93 -76.72
CA VAL H 482 39.68 32.50 -77.23
C VAL H 482 39.77 30.99 -77.15
N LEU H 483 40.33 30.39 -78.18
CA LEU H 483 40.79 29.01 -78.14
C LEU H 483 42.34 28.98 -78.15
N VAL H 484 42.93 28.28 -77.17
CA VAL H 484 44.38 28.09 -77.07
C VAL H 484 44.69 26.61 -76.97
N ALA H 485 45.93 26.27 -77.26
CA ALA H 485 46.38 24.90 -77.21
C ALA H 485 46.76 24.54 -75.79
N GLU H 486 46.96 23.24 -75.56
CA GLU H 486 47.32 22.74 -74.25
C GLU H 486 48.76 23.19 -73.91
N PRO H 487 48.98 23.80 -72.72
CA PRO H 487 50.34 24.15 -72.31
C PRO H 487 51.34 23.02 -72.56
N LYS H 488 50.96 21.82 -72.14
CA LYS H 488 51.71 20.57 -72.36
C LYS H 488 52.18 20.44 -73.82
N TYR H 489 51.26 20.60 -74.77
CA TYR H 489 51.57 20.45 -76.19
C TYR H 489 52.51 21.57 -76.72
N ILE H 490 52.18 22.84 -76.47
CA ILE H 490 53.03 23.99 -76.88
C ILE H 490 54.48 23.77 -76.45
N HIS H 491 54.67 23.27 -75.23
CA HIS H 491 55.99 22.94 -74.72
C HIS H 491 56.72 21.85 -75.52
N GLU H 492 56.02 20.76 -75.86
CA GLU H 492 56.59 19.62 -76.61
C GLU H 492 57.07 20.00 -77.99
N THR H 493 56.32 20.91 -78.62
CA THR H 493 56.64 21.37 -79.98
C THR H 493 57.86 22.30 -80.04
N GLN H 494 58.37 22.73 -78.90
CA GLN H 494 59.48 23.66 -78.87
C GLN H 494 59.21 24.88 -79.73
N ALA H 495 57.97 25.12 -80.14
CA ALA H 495 57.66 26.17 -81.13
C ALA H 495 57.54 27.54 -80.53
N LEU H 496 57.81 27.70 -79.24
CA LEU H 496 57.75 29.00 -78.62
C LEU H 496 58.79 29.18 -77.49
N GLY H 497 59.96 28.57 -77.66
CA GLY H 497 61.03 28.63 -76.65
C GLY H 497 61.29 27.32 -75.90
N GLU H 498 62.57 27.12 -75.62
CA GLU H 498 63.03 25.98 -74.82
C GLU H 498 63.25 26.40 -73.37
N TYR H 499 63.03 27.71 -73.08
CA TYR H 499 63.45 28.37 -71.81
C TYR H 499 62.37 28.40 -70.70
N TRP H 500 61.32 27.58 -70.84
CA TRP H 500 60.21 27.51 -69.87
C TRP H 500 59.68 26.11 -69.88
N ALA H 501 59.12 25.71 -68.74
CA ALA H 501 58.54 24.38 -68.61
C ALA H 501 57.33 24.56 -67.72
N LEU H 502 56.50 23.53 -67.65
CA LEU H 502 55.38 23.53 -66.70
C LEU H 502 55.86 23.51 -65.22
N PRO H 503 54.93 23.82 -64.28
CA PRO H 503 55.17 23.51 -62.86
C PRO H 503 54.64 22.12 -62.43
N GLY H 504 55.07 21.68 -61.24
CA GLY H 504 54.32 20.70 -60.43
C GLY H 504 55.05 19.44 -60.04
N SER H 505 56.29 19.60 -59.58
CA SER H 505 57.15 18.47 -59.23
C SER H 505 57.95 18.79 -57.98
N SER H 507 58.75 18.37 -55.11
CA SER H 507 59.70 19.40 -54.68
C SER H 507 59.00 20.55 -53.92
N PRO H 508 59.24 20.68 -52.59
CA PRO H 508 58.53 21.72 -51.84
C PRO H 508 59.00 23.17 -52.16
N ALA H 509 60.29 23.37 -52.42
CA ALA H 509 60.83 24.70 -52.76
C ALA H 509 60.35 25.26 -54.12
N ALA H 510 60.09 24.37 -55.10
CA ALA H 510 59.45 24.76 -56.36
C ALA H 510 58.05 25.29 -56.12
N ALA H 511 57.23 24.51 -55.42
CA ALA H 511 55.86 24.93 -55.11
C ALA H 511 55.84 26.32 -54.43
N THR H 512 56.81 26.59 -53.58
CA THR H 512 56.93 27.90 -52.92
C THR H 512 57.28 28.99 -53.94
N LEU H 513 58.10 28.63 -54.95
CA LEU H 513 58.36 29.55 -56.05
C LEU H 513 57.07 29.79 -56.90
N GLU H 514 56.23 28.77 -57.09
CA GLU H 514 54.98 28.97 -57.84
C GLU H 514 54.04 29.91 -57.10
N ASP H 515 54.01 29.76 -55.77
CA ASP H 515 53.18 30.59 -54.91
C ASP H 515 53.61 32.03 -54.97
N ARG H 516 54.91 32.26 -55.01
CA ARG H 516 55.46 33.62 -55.16
C ARG H 516 55.24 34.27 -56.59
N LEU H 517 55.18 33.45 -57.66
CA LEU H 517 54.74 33.95 -58.98
C LEU H 517 53.27 34.33 -58.91
N GLN H 518 52.47 33.35 -58.48
CA GLN H 518 51.05 33.57 -58.17
C GLN H 518 50.81 34.86 -57.35
N PHE H 519 51.63 35.09 -56.34
CA PHE H 519 51.49 36.24 -55.47
C PHE H 519 51.76 37.53 -56.22
N ILE H 520 52.86 37.54 -56.97
CA ILE H 520 53.27 38.68 -57.79
C ILE H 520 52.19 39.03 -58.80
N PHE H 521 51.62 38.00 -59.41
CA PHE H 521 50.59 38.19 -60.42
C PHE H 521 49.27 38.79 -59.83
N ASP H 522 48.81 38.20 -58.71
CA ASP H 522 47.58 38.61 -58.02
C ASP H 522 47.65 40.04 -57.52
N PHE H 523 48.83 40.46 -57.13
CA PHE H 523 49.09 41.83 -56.70
C PHE H 523 49.03 42.83 -57.88
N TYR H 524 49.75 42.50 -58.97
CA TYR H 524 49.76 43.34 -60.18
C TYR H 524 48.35 43.45 -60.84
N LYS H 525 47.68 42.34 -61.05
CA LYS H 525 46.29 42.40 -61.51
C LYS H 525 45.47 43.32 -60.58
N GLY H 526 45.67 43.13 -59.27
CA GLY H 526 45.05 43.97 -58.24
C GLY H 526 45.26 45.48 -58.41
N GLN H 527 46.52 45.86 -58.67
CA GLN H 527 46.91 47.25 -58.66
C GLN H 527 46.30 48.03 -59.85
N ILE H 528 46.13 47.35 -61.00
CA ILE H 528 45.44 47.96 -62.14
C ILE H 528 44.23 48.70 -61.60
N GLU H 529 43.34 47.97 -60.93
CA GLU H 529 42.10 48.54 -60.43
C GLU H 529 42.36 49.53 -59.26
N GLN H 530 43.17 49.14 -58.30
CA GLN H 530 43.34 50.00 -57.12
C GLN H 530 43.92 51.37 -57.46
N ARG H 531 44.87 51.41 -58.38
CA ARG H 531 45.49 52.67 -58.84
C ARG H 531 44.85 53.32 -60.08
N ARG H 532 43.73 52.78 -60.56
CA ARG H 532 43.02 53.29 -61.74
C ARG H 532 43.93 53.54 -62.92
N TRP H 533 44.66 52.48 -63.28
CA TRP H 533 45.52 52.49 -64.45
C TRP H 533 44.69 52.08 -65.66
N TYR H 534 43.69 52.94 -65.89
CA TYR H 534 42.74 52.82 -66.93
C TYR H 534 42.95 54.10 -67.71
N GLY H 535 42.44 54.15 -68.93
CA GLY H 535 42.55 55.35 -69.71
C GLY H 535 42.78 55.02 -71.15
N PHE H 536 42.49 56.01 -71.98
CA PHE H 536 42.51 55.90 -73.43
C PHE H 536 43.85 55.39 -73.93
N LEU H 537 44.91 56.04 -73.52
CA LEU H 537 46.23 55.58 -73.87
C LEU H 537 46.82 54.71 -72.77
N ASP H 538 46.53 55.03 -71.50
CA ASP H 538 47.26 54.39 -70.38
C ASP H 538 46.97 52.88 -70.20
N TYR H 539 45.72 52.48 -70.42
CA TYR H 539 45.26 51.15 -70.00
C TYR H 539 46.08 50.07 -70.62
N GLY H 540 46.76 49.32 -69.78
CA GLY H 540 47.58 48.20 -70.20
C GLY H 540 48.93 48.26 -69.53
N ASP H 541 49.42 49.46 -69.22
CA ASP H 541 50.76 49.56 -68.58
C ASP H 541 50.58 49.49 -67.09
N PHE H 542 51.73 49.52 -66.39
CA PHE H 542 51.75 49.66 -64.93
C PHE H 542 53.06 50.36 -64.57
N MET H 543 53.25 50.73 -63.31
CA MET H 543 54.35 51.63 -62.95
C MET H 543 55.60 50.90 -62.47
N HIS H 544 56.65 51.65 -62.24
CA HIS H 544 58.02 51.12 -62.13
C HIS H 544 58.46 50.92 -60.67
N THR H 545 58.25 51.96 -59.84
CA THR H 545 58.74 52.00 -58.46
C THR H 545 57.80 52.79 -57.51
N TYR H 546 57.67 52.29 -56.28
CA TYR H 546 56.76 52.84 -55.25
C TYR H 546 57.37 53.95 -54.35
N ASP H 547 56.59 54.99 -54.08
CA ASP H 547 56.87 55.93 -53.01
C ASP H 547 56.24 55.39 -51.72
N PRO H 548 57.07 54.81 -50.79
CA PRO H 548 56.49 54.27 -49.50
C PRO H 548 55.93 55.30 -48.53
N ASP H 549 56.28 56.56 -48.68
CA ASP H 549 55.79 57.59 -47.78
C ASP H 549 54.40 58.08 -48.16
N ARG H 550 54.19 58.33 -49.46
CA ARG H 550 52.88 58.82 -49.98
C ARG H 550 51.88 57.70 -50.18
N HIS H 551 52.39 56.46 -50.25
CA HIS H 551 51.61 55.28 -50.58
C HIS H 551 50.95 55.36 -52.02
N THR H 552 51.70 55.93 -52.99
CA THR H 552 51.45 55.87 -54.44
C THR H 552 52.61 55.15 -55.13
N TRP H 553 52.34 54.70 -56.35
CA TRP H 553 53.41 54.40 -57.27
C TRP H 553 53.96 55.76 -57.72
N ARG H 554 55.23 55.83 -58.13
CA ARG H 554 55.87 57.12 -58.39
C ARG H 554 55.45 57.77 -59.74
N TYR H 555 54.17 58.06 -59.87
CA TYR H 555 53.57 58.60 -61.11
C TYR H 555 54.08 59.99 -61.53
N ASP H 556 54.81 60.66 -60.64
CA ASP H 556 55.21 62.04 -60.86
C ASP H 556 56.71 62.27 -60.70
N VAL H 557 57.49 61.19 -60.67
CA VAL H 557 58.94 61.29 -60.50
C VAL H 557 59.63 60.58 -61.66
N GLY H 558 59.92 61.41 -62.67
CA GLY H 558 60.65 61.01 -63.85
C GLY H 558 60.52 59.54 -64.25
N GLY H 559 61.57 58.78 -64.04
CA GLY H 559 61.61 57.41 -64.56
C GLY H 559 60.92 56.35 -63.74
N TYR H 560 60.29 56.77 -62.64
CA TYR H 560 59.75 55.84 -61.70
C TYR H 560 58.25 55.59 -61.92
N ALA H 561 57.69 56.16 -63.00
CA ALA H 561 56.26 56.17 -63.29
C ALA H 561 55.94 55.01 -64.27
N TRP H 562 55.32 55.29 -65.42
CA TRP H 562 54.90 54.21 -66.34
C TRP H 562 56.08 53.33 -66.70
N ASP H 563 55.87 52.03 -66.78
CA ASP H 563 56.99 51.06 -66.85
C ASP H 563 57.51 50.73 -68.26
N ASN H 564 56.69 50.77 -69.30
CA ASN H 564 57.14 50.70 -70.68
C ASN H 564 58.16 49.56 -70.87
N SER H 565 57.74 48.38 -70.42
CA SER H 565 58.46 47.13 -70.61
C SER H 565 59.92 47.11 -70.11
N GLU H 566 60.22 47.88 -69.05
CA GLU H 566 61.56 47.92 -68.47
C GLU H 566 61.85 46.63 -67.73
N LEU H 567 63.04 46.07 -67.96
CA LEU H 567 63.41 44.67 -67.65
C LEU H 567 62.35 43.61 -67.94
N SER H 568 61.57 43.80 -69.00
CA SER H 568 60.87 42.69 -69.66
C SER H 568 59.70 42.05 -68.93
N PRO H 569 58.88 42.86 -68.25
CA PRO H 569 57.71 42.28 -67.62
C PRO H 569 56.91 41.50 -68.67
N ASP H 570 56.85 42.04 -69.88
CA ASP H 570 56.19 41.37 -71.02
C ASP H 570 56.63 39.89 -71.15
N LEU H 571 57.94 39.63 -71.06
CA LEU H 571 58.38 38.23 -71.15
C LEU H 571 57.92 37.39 -69.97
N PHE H 572 57.95 37.98 -68.77
CA PHE H 572 57.48 37.27 -67.59
C PHE H 572 56.01 36.88 -67.70
N PHE H 573 55.16 37.86 -67.91
CA PHE H 573 53.71 37.62 -67.96
C PHE H 573 53.27 36.65 -69.07
N TRP H 574 53.92 36.70 -70.24
CA TRP H 574 53.55 35.81 -71.33
C TRP H 574 54.03 34.39 -71.07
N LEU H 575 55.21 34.27 -70.48
CA LEU H 575 55.73 32.96 -70.08
C LEU H 575 54.89 32.40 -68.93
N TYR H 576 54.46 33.27 -68.02
CA TYR H 576 53.57 32.87 -66.94
C TYR H 576 52.23 32.29 -67.46
N PHE H 577 51.72 32.86 -68.58
CA PHE H 577 50.55 32.30 -69.26
C PHE H 577 50.85 30.97 -69.95
N LEU H 578 51.97 30.94 -70.65
CA LEU H 578 52.36 29.72 -71.33
C LEU H 578 52.38 28.48 -70.43
N ARG H 579 52.89 28.68 -69.22
CA ARG H 579 53.03 27.64 -68.23
C ARG H 579 51.72 27.24 -67.56
N THR H 580 50.87 28.23 -67.30
CA THR H 580 49.68 28.04 -66.46
C THR H 580 48.38 27.74 -67.22
N GLY H 581 48.18 28.34 -68.40
CA GLY H 581 46.88 28.25 -69.14
C GLY H 581 45.80 29.26 -68.67
N SER H 582 46.18 30.14 -67.75
CA SER H 582 45.25 31.01 -67.03
C SER H 582 44.58 32.09 -67.90
N LYS H 583 43.25 32.16 -67.83
CA LYS H 583 42.51 33.25 -68.47
C LYS H 583 43.02 34.62 -68.00
N ASP H 584 43.07 34.80 -66.68
CA ASP H 584 43.52 36.08 -66.08
C ASP H 584 44.92 36.45 -66.58
N ALA H 585 45.79 35.44 -66.73
CA ALA H 585 47.15 35.64 -67.18
C ALA H 585 47.23 36.13 -68.63
N TYR H 586 46.51 35.46 -69.53
CA TYR H 586 46.46 35.81 -70.96
C TYR H 586 45.87 37.22 -71.07
N ARG H 587 44.78 37.47 -70.36
CA ARG H 587 44.11 38.77 -70.43
C ARG H 587 44.93 39.93 -69.95
N PHE H 588 45.75 39.72 -68.93
CA PHE H 588 46.66 40.73 -68.39
C PHE H 588 47.85 41.01 -69.36
N ALA H 589 48.46 39.95 -69.88
CA ALA H 589 49.52 40.08 -70.87
C ALA H 589 49.01 40.62 -72.25
N GLU H 590 47.80 40.22 -72.65
CA GLU H 590 47.18 40.79 -73.85
C GLU H 590 47.01 42.31 -73.75
N ALA H 591 46.59 42.81 -72.60
CA ALA H 591 46.35 44.26 -72.42
C ALA H 591 47.66 45.08 -72.40
N LEU H 592 48.66 44.48 -71.77
CA LEU H 592 50.02 44.97 -71.77
C LEU H 592 50.56 45.12 -73.21
N THR H 593 50.50 44.01 -73.95
CA THR H 593 50.99 43.96 -75.30
C THR H 593 50.31 44.98 -76.21
N ARG H 594 48.99 45.16 -76.03
CA ARG H 594 48.21 46.16 -76.82
C ARG H 594 48.55 47.60 -76.46
N HIS H 595 49.20 47.77 -75.31
CA HIS H 595 49.72 49.05 -74.89
C HIS H 595 51.17 49.25 -75.27
N THR H 596 52.06 48.40 -74.76
CA THR H 596 53.50 48.63 -74.88
C THR H 596 53.90 48.66 -76.34
N GLY H 597 53.41 47.69 -77.10
CA GLY H 597 53.71 47.64 -78.53
C GLY H 597 53.09 48.76 -79.38
N GLU H 598 52.20 49.56 -78.79
CA GLU H 598 51.48 50.54 -79.52
C GLU H 598 51.81 51.94 -79.05
N VAL H 599 51.52 52.24 -77.78
CA VAL H 599 51.69 53.59 -77.22
C VAL H 599 53.17 53.87 -76.96
N ASP H 600 53.94 52.86 -76.54
CA ASP H 600 55.30 53.07 -76.06
C ASP H 600 56.35 52.91 -77.19
N VAL H 601 55.93 52.66 -78.43
CA VAL H 601 56.85 52.62 -79.57
C VAL H 601 56.41 53.60 -80.65
N TYR H 602 57.39 54.07 -81.44
CA TYR H 602 57.15 55.00 -82.55
C TYR H 602 57.00 54.20 -83.87
N HIS H 603 56.01 54.59 -84.66
CA HIS H 603 55.65 53.86 -85.88
C HIS H 603 55.88 54.66 -87.17
N ILE H 604 56.35 55.90 -87.04
CA ILE H 604 56.76 56.71 -88.19
C ILE H 604 57.97 57.57 -87.84
N GLY H 605 58.48 58.28 -88.83
CA GLY H 605 59.51 59.28 -88.64
C GLY H 605 60.88 58.67 -88.44
N ASP H 606 61.78 59.54 -88.01
CA ASP H 606 63.20 59.24 -87.87
C ASP H 606 63.47 58.14 -86.82
N TRP H 607 62.64 58.12 -85.78
CA TRP H 607 62.82 57.20 -84.66
C TRP H 607 62.05 55.91 -84.82
N LYS H 608 61.44 55.72 -85.99
CA LYS H 608 60.63 54.53 -86.27
C LYS H 608 61.33 53.24 -85.89
N GLY H 609 60.69 52.49 -84.99
CA GLY H 609 61.18 51.20 -84.54
C GLY H 609 61.84 51.29 -83.19
N LEU H 610 61.87 52.50 -82.62
CA LEU H 610 62.31 52.73 -81.24
C LEU H 610 61.15 53.05 -80.30
N GLY H 611 61.32 52.60 -79.05
CA GLY H 611 60.38 52.86 -78.00
C GLY H 611 61.00 53.74 -76.94
N THR H 612 60.16 54.45 -76.19
CA THR H 612 60.63 55.33 -75.14
C THR H 612 60.79 54.61 -73.81
N ARG H 613 61.93 54.85 -73.18
CA ARG H 613 62.22 54.44 -71.80
C ARG H 613 61.12 54.92 -70.79
N HIS H 614 60.80 54.05 -69.84
CA HIS H 614 59.92 54.38 -68.75
C HIS H 614 59.94 55.83 -68.24
N GLY H 615 58.76 56.40 -68.12
CA GLY H 615 58.63 57.78 -67.68
C GLY H 615 57.25 58.19 -67.29
N VAL H 616 57.16 59.47 -66.94
CA VAL H 616 55.94 60.09 -66.45
C VAL H 616 54.86 60.10 -67.49
N GLN H 617 55.17 60.55 -68.70
CA GLN H 617 54.39 60.26 -69.91
C GLN H 617 55.01 59.04 -70.58
N HIS H 618 54.28 58.41 -71.48
CA HIS H 618 54.79 57.19 -72.17
C HIS H 618 55.92 57.47 -73.18
N TRP H 619 56.07 58.74 -73.52
CA TRP H 619 56.95 59.22 -74.56
C TRP H 619 57.86 60.39 -74.10
N SER H 620 58.03 60.55 -72.78
CA SER H 620 58.67 61.75 -72.19
C SER H 620 60.20 61.67 -72.14
N ASP H 621 60.74 60.46 -72.01
CA ASP H 621 62.15 60.30 -71.77
C ASP H 621 62.92 60.32 -73.09
N SER H 622 64.13 60.88 -73.08
CA SER H 622 64.93 61.01 -74.29
C SER H 622 65.52 59.68 -74.70
N ALA H 623 65.56 58.67 -73.83
CA ALA H 623 66.16 57.39 -74.16
C ALA H 623 65.27 56.54 -75.07
N LYS H 624 65.23 56.90 -76.36
CA LYS H 624 64.56 56.11 -77.39
C LYS H 624 65.47 54.97 -77.78
N GLN H 625 64.98 53.73 -77.66
CA GLN H 625 65.79 52.53 -77.85
C GLN H 625 65.00 51.32 -78.34
N ALA H 626 65.70 50.43 -79.05
CA ALA H 626 65.15 49.17 -79.51
C ALA H 626 64.76 48.19 -78.40
N ARG H 627 65.23 48.39 -77.17
CA ARG H 627 64.88 47.48 -76.05
C ARG H 627 63.42 47.62 -75.55
N ILE H 628 62.80 48.76 -75.83
CA ILE H 628 61.39 48.97 -75.54
C ILE H 628 60.57 48.27 -76.64
N SER H 629 60.80 48.67 -77.89
CA SER H 629 60.07 48.11 -79.07
C SER H 629 60.23 46.59 -79.30
N GLN H 630 61.34 46.06 -78.80
CA GLN H 630 61.74 44.66 -78.84
C GLN H 630 60.63 43.69 -79.24
N PRO H 631 60.66 43.20 -80.50
CA PRO H 631 59.60 42.28 -81.01
C PRO H 631 59.48 40.94 -80.29
N GLN H 632 60.51 40.59 -79.52
CA GLN H 632 60.45 39.40 -78.68
C GLN H 632 59.31 39.48 -77.70
N TYR H 633 58.96 40.70 -77.28
CA TYR H 633 57.78 40.93 -76.40
C TYR H 633 56.40 40.67 -77.03
N ARG H 634 56.27 40.88 -78.33
CA ARG H 634 55.02 40.63 -79.07
C ARG H 634 54.92 39.25 -79.69
N LYS H 635 56.01 38.46 -79.62
CA LYS H 635 56.12 37.20 -80.38
C LYS H 635 55.08 36.13 -79.98
N TYR H 636 54.94 35.96 -78.66
CA TYR H 636 54.11 34.89 -78.05
C TYR H 636 52.66 35.19 -78.43
N PHE H 637 52.25 36.45 -78.27
CA PHE H 637 50.88 36.86 -78.62
C PHE H 637 50.63 36.69 -80.09
N PHE H 638 51.59 37.11 -80.93
CA PHE H 638 51.44 37.01 -82.39
C PHE H 638 51.02 35.59 -82.80
N TYR H 639 51.68 34.57 -82.25
CA TYR H 639 51.42 33.19 -82.67
C TYR H 639 50.23 32.58 -81.97
N LEU H 640 50.05 32.87 -80.68
CA LEU H 640 48.86 32.39 -79.92
C LEU H 640 47.54 33.02 -80.37
N SER H 641 47.58 34.27 -80.81
CA SER H 641 46.41 34.93 -81.35
C SER H 641 45.96 34.45 -82.71
N GLY H 642 46.75 33.55 -83.32
CA GLY H 642 46.53 33.12 -84.71
C GLY H 642 47.03 34.13 -85.75
N GLY H 643 48.16 34.76 -85.45
CA GLY H 643 48.74 35.76 -86.33
C GLY H 643 48.00 37.06 -86.37
N ASP H 644 47.59 37.58 -85.23
CA ASP H 644 46.94 38.91 -85.22
C ASP H 644 47.59 39.88 -86.24
N GLU H 645 46.76 40.39 -87.13
CA GLU H 645 47.25 41.10 -88.30
C GLU H 645 47.83 42.44 -87.95
N ARG H 646 47.22 43.14 -86.99
CA ARG H 646 47.77 44.37 -86.42
C ARG H 646 49.14 44.20 -85.77
N VAL H 647 49.39 43.12 -85.04
CA VAL H 647 50.71 42.84 -84.46
C VAL H 647 51.69 42.34 -85.54
N GLY H 648 51.17 41.68 -86.56
CA GLY H 648 52.01 41.33 -87.72
C GLY H 648 52.56 42.54 -88.43
N GLU H 649 51.71 43.52 -88.66
CA GLU H 649 52.09 44.85 -89.14
C GLU H 649 53.19 45.47 -88.24
N LEU H 650 52.96 45.49 -86.91
CA LEU H 650 53.89 46.14 -85.98
C LEU H 650 55.29 45.53 -86.08
N LEU H 651 55.29 44.20 -86.19
CA LEU H 651 56.50 43.42 -86.30
C LEU H 651 57.31 43.76 -87.56
N GLU H 652 56.61 43.86 -88.68
CA GLU H 652 57.20 44.28 -89.95
C GLU H 652 57.78 45.73 -89.94
N GLU H 653 57.13 46.65 -89.21
CA GLU H 653 57.61 48.02 -89.00
C GLU H 653 59.02 48.07 -88.38
N LEU H 654 59.32 47.11 -87.50
CA LEU H 654 60.56 47.07 -86.74
C LEU H 654 61.78 46.61 -87.54
N LEU H 655 61.56 46.13 -88.76
CA LEU H 655 62.64 45.77 -89.66
C LEU H 655 63.52 46.99 -90.05
N ASP H 656 62.92 48.18 -89.92
CA ASP H 656 63.56 49.48 -90.13
C ASP H 656 64.25 50.05 -88.86
N THR H 657 64.37 49.25 -87.80
CA THR H 657 65.00 49.72 -86.58
C THR H 657 66.54 50.04 -86.74
N ASP H 658 67.26 49.16 -87.44
CA ASP H 658 68.69 49.39 -87.75
C ASP H 658 69.05 50.69 -88.47
N LYS H 659 68.10 51.26 -89.21
CA LYS H 659 68.29 52.59 -89.79
C LYS H 659 68.48 53.63 -88.70
N THR H 660 67.83 53.47 -87.55
CA THR H 660 67.80 54.54 -86.52
C THR H 660 69.18 54.86 -85.98
N TYR H 661 70.09 53.88 -85.95
CA TYR H 661 71.41 54.11 -85.35
C TYR H 661 72.23 55.15 -86.10
N GLY H 662 71.88 55.42 -87.36
CA GLY H 662 72.48 56.48 -88.17
C GLY H 662 71.82 57.84 -88.09
N GLU H 663 70.68 57.93 -87.41
CA GLU H 663 70.07 59.22 -87.04
C GLU H 663 70.26 59.56 -85.55
N LEU H 664 70.40 58.54 -84.69
CA LEU H 664 70.32 58.70 -83.25
C LEU H 664 71.12 57.66 -82.52
N ASP H 665 72.09 58.13 -81.75
CA ASP H 665 72.98 57.28 -80.98
C ASP H 665 72.34 57.10 -79.61
N PRO H 666 72.00 55.85 -79.24
CA PRO H 666 71.51 55.63 -77.88
C PRO H 666 72.58 55.90 -76.80
N GLN H 667 73.88 55.72 -77.12
CA GLN H 667 74.95 56.04 -76.16
C GLN H 667 75.45 57.50 -76.28
N ARG H 668 74.70 58.38 -76.95
CA ARG H 668 75.18 59.74 -77.26
C ARG H 668 75.62 60.62 -76.07
N LYS H 669 75.22 60.28 -74.84
CA LYS H 669 75.53 61.08 -73.66
C LYS H 669 76.65 60.52 -72.76
N VAL H 670 76.96 59.23 -72.84
CA VAL H 670 77.88 58.57 -71.86
C VAL H 670 79.05 57.81 -72.51
N ARG H 671 79.44 58.27 -73.69
CA ARG H 671 80.32 57.54 -74.62
C ARG H 671 81.75 58.17 -74.56
N THR H 672 82.74 57.37 -74.14
CA THR H 672 84.18 57.74 -74.08
C THR H 672 84.84 58.10 -75.44
N ASP H 673 84.48 57.37 -76.50
CA ASP H 673 85.31 57.25 -77.70
C ASP H 673 85.16 58.35 -78.80
N GLY H 674 84.57 59.51 -78.49
CA GLY H 674 84.50 60.67 -79.41
C GLY H 674 83.73 60.48 -80.72
N TRP H 675 82.87 59.47 -80.75
CA TRP H 675 82.18 59.05 -81.97
C TRP H 675 80.82 59.75 -82.12
N GLU H 676 80.34 59.81 -83.35
CA GLU H 676 79.10 60.46 -83.72
C GLU H 676 78.66 59.78 -85.06
N PRO H 677 77.40 59.96 -85.48
CA PRO H 677 77.11 59.46 -86.83
C PRO H 677 77.35 60.57 -87.83
N SER H 678 78.29 60.32 -88.74
CA SER H 678 78.40 61.07 -89.99
C SER H 678 77.48 60.37 -91.03
N PRO H 679 77.26 61.00 -92.21
CA PRO H 679 76.51 60.33 -93.30
C PRO H 679 77.28 59.20 -94.05
N ASN H 680 76.51 58.26 -94.59
CA ASN H 680 77.01 57.18 -95.46
C ASN H 680 78.12 56.40 -94.74
N SER H 681 77.84 56.02 -93.50
CA SER H 681 78.85 55.44 -92.62
C SER H 681 78.31 54.40 -91.66
N THR H 682 79.22 53.57 -91.19
CA THR H 682 78.94 52.60 -90.16
C THR H 682 78.20 53.26 -89.01
N VAL H 683 77.34 52.47 -88.36
CA VAL H 683 76.52 52.94 -87.23
C VAL H 683 76.75 52.06 -86.01
N SER H 684 76.71 52.70 -84.82
CA SER H 684 77.04 52.03 -83.53
C SER H 684 75.80 51.67 -82.70
N PHE H 685 75.73 50.39 -82.34
CA PHE H 685 74.71 49.91 -81.47
C PHE H 685 75.34 48.90 -80.51
N GLY H 686 74.65 48.62 -79.39
CA GLY H 686 75.12 47.70 -78.36
C GLY H 686 74.80 46.25 -78.68
N LEU H 687 75.61 45.32 -78.19
CA LEU H 687 75.40 43.88 -78.44
C LEU H 687 74.44 43.22 -77.48
N GLY H 688 73.95 43.97 -76.48
CA GLY H 688 73.04 43.42 -75.47
C GLY H 688 71.68 43.99 -75.72
N THR H 689 71.49 45.25 -75.31
CA THR H 689 70.19 45.87 -75.40
C THR H 689 69.75 45.92 -76.87
N ASP H 690 70.41 46.78 -77.62
CA ASP H 690 70.09 47.07 -79.03
C ASP H 690 70.04 45.83 -79.97
N TRP H 691 71.13 45.06 -80.04
CA TRP H 691 71.18 43.83 -80.84
C TRP H 691 70.09 42.82 -80.60
N SER H 692 69.84 42.51 -79.33
CA SER H 692 68.79 41.52 -78.93
C SER H 692 67.43 41.91 -79.53
N GLY H 693 67.15 43.22 -79.57
CA GLY H 693 65.94 43.74 -80.22
C GLY H 693 65.92 43.61 -81.74
N LEU H 694 67.01 43.99 -82.38
CA LEU H 694 67.13 43.86 -83.81
C LEU H 694 67.09 42.41 -84.27
N ALA H 695 67.76 41.55 -83.52
CA ALA H 695 67.85 40.15 -83.86
C ALA H 695 66.50 39.48 -83.74
N ALA H 696 65.74 39.78 -82.69
CA ALA H 696 64.41 39.20 -82.53
C ALA H 696 63.53 39.56 -83.73
N GLY H 697 63.59 40.82 -84.14
CA GLY H 697 62.87 41.28 -85.32
C GLY H 697 63.26 40.51 -86.59
N TRP H 698 64.57 40.35 -86.77
CA TRP H 698 65.08 39.64 -87.93
C TRP H 698 64.64 38.20 -87.90
N LEU H 699 64.78 37.54 -86.77
CA LEU H 699 64.45 36.13 -86.67
C LEU H 699 62.95 35.89 -86.92
N ILE H 700 62.09 36.79 -86.42
CA ILE H 700 60.63 36.70 -86.66
C ILE H 700 60.26 36.79 -88.16
N GLU H 701 60.84 37.73 -88.92
CA GLU H 701 60.54 37.81 -90.36
C GLU H 701 60.98 36.55 -91.09
N TRP H 702 62.15 36.05 -90.73
CA TRP H 702 62.64 34.81 -91.28
C TRP H 702 61.64 33.68 -90.96
N GLU H 703 61.31 33.49 -89.69
CA GLU H 703 60.32 32.47 -89.30
C GLU H 703 59.02 32.56 -90.11
N ARG H 704 58.56 33.79 -90.33
CA ARG H 704 57.31 34.09 -91.08
C ARG H 704 57.40 33.92 -92.59
N ARG H 705 58.64 33.98 -93.12
CA ARG H 705 58.86 34.00 -94.58
C ARG H 705 58.08 35.14 -95.22
N GLY H 706 58.14 36.28 -94.53
CA GLY H 706 57.54 37.52 -95.03
C GLY H 706 58.34 38.17 -96.14
N PRO H 707 57.87 39.32 -96.64
CA PRO H 707 58.46 40.00 -97.79
C PRO H 707 59.96 40.23 -97.69
N ARG H 708 60.50 40.41 -96.47
CA ARG H 708 61.90 40.73 -96.28
C ARG H 708 62.66 39.63 -95.57
N TRP H 709 62.25 38.38 -95.77
CA TRP H 709 62.83 37.28 -95.00
C TRP H 709 64.27 37.00 -95.39
N GLU H 710 64.59 37.18 -96.66
CA GLU H 710 65.96 36.92 -97.12
C GLU H 710 66.90 37.97 -96.51
N GLU H 711 66.45 39.23 -96.47
CA GLU H 711 67.17 40.37 -95.82
C GLU H 711 67.40 40.09 -94.34
N ALA H 712 66.34 39.64 -93.68
CA ALA H 712 66.35 39.26 -92.28
C ALA H 712 67.30 38.11 -92.00
N LYS H 713 67.08 36.95 -92.64
CA LYS H 713 68.00 35.83 -92.52
C LYS H 713 69.47 36.28 -92.58
N THR H 714 69.74 37.17 -93.53
CA THR H 714 71.08 37.59 -93.84
C THR H 714 71.56 38.52 -92.73
N LYS H 715 70.78 39.56 -92.42
CA LYS H 715 71.18 40.50 -91.33
C LYS H 715 71.43 39.80 -89.98
N LEU H 716 70.65 38.79 -89.66
CA LEU H 716 70.83 38.02 -88.42
C LEU H 716 72.10 37.19 -88.49
N THR H 717 72.21 36.37 -89.54
CA THR H 717 73.39 35.49 -89.68
C THR H 717 74.70 36.28 -89.68
N ASN H 718 74.74 37.40 -90.43
CA ASN H 718 75.96 38.18 -90.48
C ASN H 718 76.34 38.62 -89.08
N THR H 719 75.46 39.40 -88.44
CA THR H 719 75.74 40.04 -87.15
C THR H 719 76.06 39.03 -86.04
N ILE H 720 75.51 37.83 -86.14
CA ILE H 720 75.95 36.73 -85.28
C ILE H 720 77.41 36.42 -85.55
N ALA H 721 77.77 36.25 -86.83
CA ALA H 721 79.17 36.01 -87.23
C ALA H 721 80.07 37.10 -86.67
N GLY H 722 79.76 38.37 -86.98
CA GLY H 722 80.54 39.54 -86.50
C GLY H 722 80.85 39.58 -84.99
N ILE H 723 79.87 39.18 -84.18
CA ILE H 723 80.03 38.98 -82.75
C ILE H 723 80.97 37.80 -82.48
N ALA H 724 80.82 36.69 -83.20
CA ALA H 724 81.80 35.59 -83.10
C ALA H 724 83.24 36.00 -83.47
N ASN H 725 83.38 36.99 -84.35
CA ASN H 725 84.69 37.42 -84.84
C ASN H 725 85.27 38.56 -84.03
N LEU H 726 84.49 39.15 -83.13
CA LEU H 726 85.06 40.00 -82.08
C LEU H 726 85.80 39.10 -81.08
N THR H 727 86.99 39.53 -80.65
CA THR H 727 87.88 38.65 -79.87
C THR H 727 87.27 38.43 -78.49
N ASN H 728 86.72 39.51 -77.92
CA ASN H 728 85.99 39.41 -76.64
C ASN H 728 84.52 38.96 -76.75
N GLY H 729 83.93 39.08 -77.94
CA GLY H 729 82.65 38.42 -78.20
C GLY H 729 81.58 39.33 -77.71
N PHE H 730 80.64 38.81 -76.93
CA PHE H 730 79.62 39.69 -76.32
C PHE H 730 80.25 40.69 -75.33
N VAL H 731 81.33 40.29 -74.67
CA VAL H 731 81.94 41.12 -73.63
C VAL H 731 82.40 42.51 -74.16
N THR H 732 82.63 42.62 -75.46
CA THR H 732 82.97 43.92 -76.06
C THR H 732 81.80 44.91 -76.00
N GLY H 733 80.56 44.42 -75.94
CA GLY H 733 79.38 45.26 -75.73
C GLY H 733 79.03 46.31 -76.79
N SER H 734 79.83 46.42 -77.85
CA SER H 734 79.55 47.37 -78.92
C SER H 734 80.10 46.86 -80.24
N GLY H 735 79.71 47.58 -81.28
CA GLY H 735 79.99 47.20 -82.65
C GLY H 735 79.62 48.31 -83.60
N LEU H 736 80.29 48.30 -84.75
CA LEU H 736 79.96 49.16 -85.87
C LEU H 736 79.34 48.22 -86.90
N TYR H 737 78.24 48.67 -87.48
CA TYR H 737 77.44 47.84 -88.36
C TYR H 737 77.31 48.61 -89.69
N ASP H 738 77.56 47.92 -90.81
CA ASP H 738 77.53 48.58 -92.10
C ASP H 738 76.11 48.53 -92.68
N PRO H 739 75.48 49.72 -92.88
CA PRO H 739 74.11 49.68 -93.41
C PRO H 739 73.95 49.06 -94.82
N VAL H 740 75.03 48.89 -95.59
CA VAL H 740 74.91 48.39 -96.98
C VAL H 740 75.31 46.93 -97.07
N THR H 741 76.35 46.53 -96.36
CA THR H 741 76.84 45.14 -96.39
C THR H 741 76.33 44.31 -95.25
N TRP H 742 75.70 44.99 -94.28
CA TRP H 742 75.04 44.32 -93.14
C TRP H 742 76.01 43.47 -92.34
N THR H 743 77.18 44.04 -92.10
CA THR H 743 78.25 43.33 -91.40
C THR H 743 78.52 44.13 -90.16
N LEU H 744 79.08 43.41 -89.18
CA LEU H 744 79.35 43.97 -87.88
C LEU H 744 80.84 43.84 -87.51
N GLY H 745 81.48 45.01 -87.35
CA GLY H 745 82.86 45.09 -86.87
C GLY H 745 83.02 45.55 -85.41
N PRO H 746 84.27 45.77 -84.97
CA PRO H 746 84.54 46.22 -83.60
C PRO H 746 84.19 47.70 -83.37
N PRO H 747 84.21 48.17 -82.10
CA PRO H 747 83.87 49.57 -81.77
C PRO H 747 84.89 50.59 -82.26
N PRO H 748 84.53 51.88 -82.29
CA PRO H 748 85.46 52.92 -82.78
C PRO H 748 86.85 52.96 -82.10
N SER H 749 86.88 52.79 -80.78
CA SER H 749 88.13 52.76 -80.00
C SER H 749 89.03 51.52 -80.24
N ASP H 750 88.41 50.43 -80.66
CA ASP H 750 89.12 49.21 -80.90
C ASP H 750 89.04 48.74 -82.32
N PRO H 751 89.64 49.50 -83.21
CA PRO H 751 89.73 49.06 -84.58
C PRO H 751 90.78 47.98 -84.57
N GLY H 752 90.56 47.01 -85.41
CA GLY H 752 91.51 45.95 -85.50
C GLY H 752 91.30 44.89 -84.48
N ASN H 753 90.10 44.82 -83.92
CA ASN H 753 89.65 43.78 -83.02
C ASN H 753 90.69 43.12 -82.12
N ARG H 754 91.36 43.97 -81.38
CA ARG H 754 92.42 43.65 -80.46
C ARG H 754 91.93 43.14 -79.14
N GLY H 755 90.72 43.53 -78.79
CA GLY H 755 90.12 43.18 -77.49
C GLY H 755 89.68 44.45 -76.78
N ASN H 756 88.39 44.55 -76.48
CA ASN H 756 87.77 45.71 -75.80
C ASN H 756 86.83 45.16 -74.75
N VAL H 757 86.87 45.67 -73.51
CA VAL H 757 85.92 45.22 -72.45
C VAL H 757 85.00 46.35 -72.02
N SER H 758 83.69 46.09 -72.17
CA SER H 758 82.64 47.03 -71.81
C SER H 758 81.34 46.29 -71.50
N ILE H 759 81.09 46.12 -70.20
CA ILE H 759 79.95 45.37 -69.67
C ILE H 759 78.79 46.29 -69.25
N SER H 760 77.56 45.79 -69.41
CA SER H 760 76.38 46.43 -68.81
C SER H 760 75.44 45.46 -68.10
N HIS H 761 74.97 45.90 -66.94
CA HIS H 761 73.97 45.18 -66.16
C HIS H 761 72.64 45.05 -66.97
N LEU H 762 72.38 46.02 -67.87
CA LEU H 762 71.23 46.02 -68.78
C LEU H 762 71.27 45.01 -69.93
N ASN H 763 72.45 44.64 -70.43
CA ASN H 763 72.57 43.88 -71.69
C ASN H 763 71.72 42.64 -71.86
N ALA H 764 71.55 41.86 -70.80
CA ALA H 764 70.97 40.51 -70.95
C ALA H 764 69.51 40.35 -70.50
N VAL H 765 68.87 41.47 -70.17
CA VAL H 765 67.59 41.43 -69.47
C VAL H 765 66.41 41.94 -70.30
N PHE H 766 66.68 42.59 -71.42
CA PHE H 766 65.66 42.98 -72.38
C PHE H 766 65.55 41.99 -73.53
N GLY H 767 65.64 40.70 -73.25
CA GLY H 767 65.33 39.69 -74.25
C GLY H 767 66.49 38.89 -74.79
N LEU H 768 67.72 39.28 -74.49
CA LEU H 768 68.92 38.62 -75.08
C LEU H 768 69.01 37.08 -74.98
N PRO H 769 68.83 36.48 -73.78
CA PRO H 769 68.88 35.00 -73.73
C PRO H 769 67.76 34.30 -74.46
N GLU H 770 66.61 34.94 -74.54
CA GLU H 770 65.46 34.33 -75.21
C GLU H 770 65.69 34.35 -76.74
N VAL H 771 66.13 35.49 -77.29
CA VAL H 771 66.39 35.62 -78.75
C VAL H 771 67.56 34.72 -79.18
N VAL H 772 68.68 34.82 -78.44
CA VAL H 772 69.87 34.03 -78.67
C VAL H 772 69.58 32.52 -78.63
N SER H 773 68.81 32.04 -77.66
CA SER H 773 68.48 30.59 -77.58
C SER H 773 67.69 30.08 -78.80
N GLU H 774 66.69 30.85 -79.24
CA GLU H 774 65.77 30.48 -80.34
C GLU H 774 66.60 30.51 -81.65
N ALA H 775 67.38 31.58 -81.77
CA ALA H 775 68.27 31.82 -82.91
C ALA H 775 69.34 30.73 -83.09
N ILE H 776 69.99 30.30 -82.01
CA ILE H 776 70.93 29.20 -82.07
C ILE H 776 70.22 27.97 -82.61
N ALA H 777 69.05 27.65 -82.07
CA ALA H 777 68.32 26.46 -82.48
C ALA H 777 67.87 26.52 -83.95
N TYR H 778 67.64 27.74 -84.45
CA TYR H 778 67.15 27.97 -85.81
C TYR H 778 68.23 27.79 -86.84
N LEU H 779 69.42 28.31 -86.51
CA LEU H 779 70.57 28.29 -87.39
C LEU H 779 71.19 26.89 -87.49
N ALA H 780 70.92 26.02 -86.50
CA ALA H 780 71.28 24.59 -86.61
C ALA H 780 72.79 24.40 -86.99
N ASP H 781 73.09 23.47 -87.90
CA ASP H 781 74.48 23.30 -88.37
C ASP H 781 74.95 24.41 -89.35
N ASP H 782 74.12 25.43 -89.59
CA ASP H 782 74.57 26.69 -90.25
C ASP H 782 75.02 27.82 -89.31
N ILE H 783 75.06 27.59 -87.99
CA ILE H 783 75.50 28.64 -87.06
C ILE H 783 76.99 28.97 -87.27
N PRO H 784 77.37 30.28 -87.24
CA PRO H 784 78.82 30.58 -87.34
C PRO H 784 79.71 29.91 -86.25
N LYS H 785 80.89 29.40 -86.64
CA LYS H 785 81.80 28.71 -85.70
C LYS H 785 82.19 29.69 -84.57
N GLY H 786 82.05 29.22 -83.32
CA GLY H 786 82.44 29.98 -82.13
C GLY H 786 81.51 31.05 -81.60
N PHE H 787 80.30 31.19 -82.15
CA PHE H 787 79.29 32.13 -81.61
C PHE H 787 78.57 31.54 -80.41
N LYS H 788 78.25 30.25 -80.47
CA LYS H 788 77.67 29.59 -79.32
C LYS H 788 78.60 29.70 -78.11
N GLN H 789 79.89 29.46 -78.31
CA GLN H 789 80.84 29.61 -77.21
C GLN H 789 80.90 31.07 -76.73
N ALA H 790 80.93 32.03 -77.64
CA ALA H 790 80.94 33.45 -77.22
C ALA H 790 79.75 33.85 -76.33
N TRP H 791 78.63 33.10 -76.47
CA TRP H 791 77.47 33.33 -75.66
C TRP H 791 77.65 32.67 -74.29
N LEU H 792 78.00 31.38 -74.30
CA LEU H 792 78.27 30.66 -73.04
C LEU H 792 79.29 31.43 -72.22
N ASP H 793 80.22 32.08 -72.92
CA ASP H 793 81.16 33.01 -72.31
C ASP H 793 80.37 34.02 -71.47
N TYR H 794 79.57 34.90 -72.10
CA TYR H 794 78.88 35.94 -71.35
C TYR H 794 78.13 35.33 -70.18
N CYS H 795 77.45 34.21 -70.42
CA CYS H 795 76.77 33.49 -69.35
C CYS H 795 77.70 33.10 -68.22
N TYR H 796 78.83 32.46 -68.51
CA TYR H 796 79.76 32.00 -67.47
C TYR H 796 80.39 33.17 -66.77
N TYR H 797 81.17 33.98 -67.49
CA TYR H 797 82.04 34.94 -66.85
C TYR H 797 81.31 36.17 -66.26
N TYR H 798 79.97 36.27 -66.38
CA TYR H 798 79.23 37.47 -65.93
C TYR H 798 79.35 37.70 -64.42
N HIS H 799 79.10 36.64 -63.66
CA HIS H 799 79.28 36.63 -62.19
C HIS H 799 80.24 35.53 -61.79
N ALA H 800 81.33 35.43 -62.51
CA ALA H 800 82.49 34.69 -62.02
C ALA H 800 83.29 35.69 -61.16
N SER H 801 84.39 35.20 -60.58
CA SER H 801 85.21 36.04 -59.70
C SER H 801 86.01 36.99 -60.57
N ALA H 802 86.29 38.17 -60.02
CA ALA H 802 87.26 39.13 -60.59
C ALA H 802 88.64 38.52 -60.87
N SER H 803 88.93 37.37 -60.25
CA SER H 803 90.05 36.53 -60.66
C SER H 803 89.84 36.00 -62.11
N GLU H 804 88.81 35.17 -62.33
CA GLU H 804 88.60 34.53 -63.64
C GLU H 804 88.29 35.50 -64.77
N GLN H 805 87.57 36.58 -64.46
CA GLN H 805 87.35 37.67 -65.39
C GLN H 805 88.67 38.30 -65.89
N LYS H 806 89.68 38.44 -65.03
CA LYS H 806 91.00 38.99 -65.43
C LYS H 806 91.81 38.00 -66.27
N ASP H 807 91.91 36.73 -65.84
CA ASP H 807 92.71 35.73 -66.60
C ASP H 807 92.16 35.47 -68.02
N ARG H 808 90.85 35.70 -68.23
CA ARG H 808 90.20 35.51 -69.54
C ARG H 808 90.28 36.72 -70.43
N TYR H 809 89.86 37.88 -69.93
CA TYR H 809 89.74 39.11 -70.72
C TYR H 809 90.77 40.21 -70.38
N GLY H 810 91.57 40.01 -69.34
CA GLY H 810 92.69 40.90 -69.01
C GLY H 810 92.32 42.03 -68.09
N VAL H 811 91.11 41.97 -67.56
CA VAL H 811 90.64 42.90 -66.54
C VAL H 811 89.40 42.25 -65.89
N SER H 812 89.10 42.63 -64.65
CA SER H 812 87.85 42.24 -64.02
C SER H 812 86.73 43.17 -64.53
N PHE H 813 85.46 42.90 -64.15
CA PHE H 813 84.30 43.68 -64.64
C PHE H 813 83.85 44.75 -63.64
N SER H 814 83.66 45.98 -64.13
CA SER H 814 83.32 47.16 -63.33
C SER H 814 81.88 47.24 -62.78
N LYS H 815 80.92 47.55 -63.65
CA LYS H 815 79.55 47.84 -63.20
C LYS H 815 78.63 46.62 -63.00
N ILE H 816 79.18 45.50 -62.55
CA ILE H 816 78.42 44.25 -62.33
C ILE H 816 77.30 44.40 -61.28
N SER H 817 76.06 44.08 -61.68
CA SER H 817 74.88 44.08 -60.78
C SER H 817 73.70 43.29 -61.43
N LEU H 818 72.48 43.44 -60.91
CA LEU H 818 71.32 42.59 -61.26
C LEU H 818 71.68 41.11 -61.30
N LEU H 819 72.22 40.65 -60.19
CA LEU H 819 72.75 39.30 -60.06
C LEU H 819 71.68 38.23 -60.00
N GLN H 820 70.50 38.54 -59.49
CA GLN H 820 69.40 37.55 -59.44
C GLN H 820 68.78 37.31 -60.80
N ALA H 821 68.60 38.42 -61.52
CA ALA H 821 68.23 38.41 -62.93
C ALA H 821 69.16 37.56 -63.83
N HIS H 822 70.47 37.68 -63.63
CA HIS H 822 71.43 36.96 -64.45
C HIS H 822 71.67 35.52 -64.00
N SER H 823 71.16 35.13 -62.84
CA SER H 823 71.20 33.71 -62.48
C SER H 823 70.75 32.79 -63.65
N ARG H 824 69.68 33.18 -64.36
CA ARG H 824 69.15 32.41 -65.51
C ARG H 824 70.09 32.26 -66.72
N LEU H 825 71.02 33.20 -66.89
CA LEU H 825 72.11 33.01 -67.86
C LEU H 825 72.99 31.84 -67.43
N ALA H 826 73.36 31.82 -66.15
CA ALA H 826 74.13 30.71 -65.60
C ALA H 826 73.39 29.36 -65.73
N ALA H 827 72.08 29.37 -65.61
CA ALA H 827 71.27 28.15 -65.69
C ALA H 827 71.17 27.61 -67.11
N TYR H 828 71.15 28.51 -68.09
CA TYR H 828 71.20 28.10 -69.50
C TYR H 828 72.50 27.35 -69.72
N ALA H 829 73.61 28.05 -69.50
CA ALA H 829 74.97 27.54 -69.73
C ALA H 829 75.32 26.28 -68.92
N ALA H 830 74.62 26.01 -67.82
CA ALA H 830 74.85 24.82 -67.03
C ALA H 830 74.12 23.61 -67.58
N TYR H 831 72.90 23.79 -68.10
CA TYR H 831 72.15 22.70 -68.78
C TYR H 831 72.86 22.29 -70.06
N GLU H 832 73.37 23.27 -70.80
CA GLU H 832 74.03 23.01 -72.08
C GLU H 832 75.38 22.29 -71.87
N THR H 833 76.24 22.82 -70.99
CA THR H 833 77.53 22.14 -70.62
C THR H 833 77.44 20.97 -69.56
N LYS H 834 76.21 20.55 -69.18
CA LYS H 834 75.94 19.46 -68.20
C LYS H 834 76.76 19.58 -66.90
N ASN H 835 76.87 20.82 -66.41
CA ASN H 835 77.84 21.30 -65.40
C ASN H 835 77.20 21.55 -64.01
N LYS H 836 77.19 20.51 -63.14
CA LYS H 836 76.57 20.58 -61.81
C LYS H 836 77.09 21.77 -60.96
N THR H 837 78.35 22.16 -61.12
CA THR H 837 78.93 23.27 -60.34
C THR H 837 78.17 24.59 -60.56
N LEU H 838 78.03 24.97 -61.83
CA LEU H 838 77.45 26.28 -62.20
C LEU H 838 75.94 26.34 -61.94
N ALA H 839 75.27 25.18 -61.98
CA ALA H 839 73.86 25.08 -61.60
C ALA H 839 73.67 25.62 -60.18
N LEU H 840 74.55 25.19 -59.26
CA LEU H 840 74.51 25.65 -57.88
C LEU H 840 74.79 27.16 -57.80
N ARG H 841 75.71 27.66 -58.61
CA ARG H 841 76.00 29.12 -58.65
C ARG H 841 74.84 29.96 -59.17
N ALA H 842 74.04 29.37 -60.07
CA ALA H 842 72.83 30.02 -60.57
C ALA H 842 71.84 30.14 -59.41
N TRP H 843 71.53 29.00 -58.80
CA TRP H 843 70.66 28.99 -57.64
C TRP H 843 71.20 29.84 -56.46
N LYS H 844 72.52 29.91 -56.27
CA LYS H 844 73.09 30.77 -55.22
C LYS H 844 72.90 32.28 -55.52
N ASP H 845 72.97 32.62 -56.79
CA ASP H 845 72.68 33.97 -57.24
C ASP H 845 71.16 34.24 -57.20
N PHE H 846 70.34 33.22 -57.40
CA PHE H 846 68.90 33.39 -57.21
C PHE H 846 68.54 33.73 -55.75
N TYR H 847 68.66 32.74 -54.86
CA TYR H 847 68.31 32.92 -53.43
C TYR H 847 69.19 33.87 -52.54
N ALA H 848 70.44 34.13 -52.89
CA ALA H 848 71.32 34.86 -51.98
C ALA H 848 72.08 35.94 -52.71
N SER H 849 71.38 36.90 -53.31
CA SER H 849 72.07 38.05 -53.92
C SER H 849 71.25 39.35 -53.87
N ASP H 850 70.48 39.66 -54.91
CA ASP H 850 69.69 40.90 -54.91
C ASP H 850 68.29 40.60 -55.45
N GLY H 851 67.56 41.65 -55.80
CA GLY H 851 66.20 41.50 -56.25
C GLY H 851 65.35 41.12 -55.06
N LEU H 852 64.84 39.89 -55.05
CA LEU H 852 63.92 39.45 -54.01
C LEU H 852 64.45 38.20 -53.31
N LEU H 853 65.00 38.41 -52.10
CA LEU H 853 65.63 37.29 -51.36
C LEU H 853 64.47 36.47 -50.83
N PRO H 854 64.72 35.22 -50.43
CA PRO H 854 63.59 34.30 -50.07
C PRO H 854 62.89 34.57 -48.72
N ASP H 855 63.47 35.48 -47.94
CA ASP H 855 63.01 35.87 -46.59
C ASP H 855 62.81 37.38 -46.59
N ALA H 856 62.48 37.95 -47.74
CA ALA H 856 61.89 39.28 -47.81
C ALA H 856 60.40 39.16 -47.35
N PRO H 857 59.69 40.29 -47.22
CA PRO H 857 58.39 40.22 -46.55
C PRO H 857 57.35 39.25 -47.13
N TRP H 858 57.17 39.29 -48.46
CA TRP H 858 56.26 38.41 -49.24
C TRP H 858 54.81 38.41 -48.77
N ASN H 859 54.36 39.61 -48.46
CA ASN H 859 52.99 39.86 -48.03
C ASN H 859 52.62 41.27 -48.50
N ILE H 860 51.34 41.58 -48.47
CA ILE H 860 50.87 42.92 -48.78
C ILE H 860 50.44 43.53 -47.47
N THR H 861 50.60 44.84 -47.36
CA THR H 861 50.11 45.63 -46.26
C THR H 861 48.95 46.44 -46.84
N HIS H 862 47.90 46.66 -46.05
CA HIS H 862 46.72 47.49 -46.44
C HIS H 862 46.82 48.85 -45.75
N VAL H 863 46.43 49.92 -46.46
CA VAL H 863 46.56 51.30 -46.00
C VAL H 863 45.30 52.06 -46.33
N ASP H 864 44.82 52.83 -45.36
CA ASP H 864 43.50 53.44 -45.42
C ASP H 864 43.49 54.67 -44.54
N GLY H 865 42.30 55.18 -44.24
CA GLY H 865 42.17 56.37 -43.43
C GLY H 865 42.84 57.55 -44.11
N SER H 866 43.27 58.52 -43.32
CA SER H 866 43.74 59.82 -43.81
C SER H 866 45.12 59.79 -44.49
N ASP H 867 45.82 58.65 -44.49
CA ASP H 867 47.11 58.56 -45.22
C ASP H 867 47.00 58.66 -46.74
N VAL H 868 45.87 58.22 -47.31
CA VAL H 868 45.71 58.06 -48.74
C VAL H 868 44.33 58.41 -49.26
N LEU H 869 44.29 58.87 -50.51
CA LEU H 869 43.06 59.23 -51.19
C LEU H 869 42.03 58.12 -51.09
N VAL H 870 42.48 56.91 -51.36
CA VAL H 870 41.61 55.77 -51.34
C VAL H 870 42.31 54.59 -50.74
N PRO H 871 41.59 53.61 -50.25
CA PRO H 871 42.32 52.45 -49.69
C PRO H 871 43.07 51.60 -50.75
N VAL H 872 44.27 51.17 -50.38
CA VAL H 872 45.11 50.41 -51.28
C VAL H 872 45.93 49.35 -50.54
N ASP H 873 46.26 48.29 -51.28
CA ASP H 873 47.27 47.32 -50.87
C ASP H 873 48.60 47.78 -51.46
N GLU H 874 49.67 47.65 -50.67
CA GLU H 874 51.03 47.94 -51.10
C GLU H 874 51.99 46.79 -50.79
N ALA H 875 53.09 46.79 -51.55
CA ALA H 875 54.21 45.91 -51.39
C ALA H 875 55.45 46.78 -51.61
N ALA H 876 55.73 47.59 -50.58
CA ALA H 876 56.73 48.68 -50.68
C ALA H 876 58.15 48.20 -50.87
N TRP H 877 58.37 46.95 -50.40
CA TRP H 877 59.58 46.13 -50.53
C TRP H 877 59.92 45.53 -51.92
N LEU H 878 59.11 45.85 -52.92
CA LEU H 878 59.41 45.46 -54.31
C LEU H 878 59.19 46.59 -55.26
N ALA H 879 59.70 46.36 -56.45
CA ALA H 879 59.51 47.23 -57.58
C ALA H 879 59.34 46.34 -58.82
N THR H 880 58.85 46.94 -59.93
CA THR H 880 58.50 46.15 -61.13
C THR H 880 59.70 45.43 -61.78
N ASN H 881 60.87 46.07 -61.77
CA ASN H 881 62.14 45.41 -62.14
C ASN H 881 62.42 44.14 -61.35
N ASP H 882 62.14 44.18 -60.05
CA ASP H 882 62.42 43.03 -59.19
C ASP H 882 61.56 41.84 -59.59
N ILE H 883 60.24 42.07 -59.66
CA ILE H 883 59.24 41.00 -59.94
C ILE H 883 59.40 40.40 -61.34
N ALA H 884 59.74 41.26 -62.31
CA ALA H 884 59.88 40.83 -63.70
C ALA H 884 61.03 39.86 -63.85
N GLN H 885 62.19 40.29 -63.37
CA GLN H 885 63.39 39.44 -63.41
C GLN H 885 63.31 38.30 -62.42
N TYR H 886 62.78 38.53 -61.21
CA TYR H 886 62.45 37.41 -60.32
C TYR H 886 61.66 36.35 -61.04
N GLY H 887 60.61 36.79 -61.77
CA GLY H 887 59.67 35.89 -62.46
C GLY H 887 60.36 35.08 -63.54
N LEU H 888 61.08 35.78 -64.41
CA LEU H 888 61.79 35.11 -65.51
C LEU H 888 62.76 34.07 -64.98
N ALA H 889 63.52 34.49 -63.97
CA ALA H 889 64.49 33.66 -63.27
C ALA H 889 63.88 32.40 -62.68
N VAL H 890 62.76 32.55 -61.97
CA VAL H 890 62.03 31.35 -61.47
C VAL H 890 61.75 30.39 -62.63
N ILE H 891 61.08 30.93 -63.64
CA ILE H 891 60.56 30.16 -64.76
C ILE H 891 61.71 29.48 -65.50
N GLN H 892 62.75 30.25 -65.78
CA GLN H 892 63.93 29.79 -66.51
C GLN H 892 64.85 28.84 -65.69
N ASN H 893 65.29 29.22 -64.49
CA ASN H 893 66.14 28.36 -63.67
C ASN H 893 65.50 26.96 -63.51
N LEU H 894 64.21 26.92 -63.13
CA LEU H 894 63.45 25.68 -63.07
C LEU H 894 63.48 24.87 -64.36
N ALA H 895 63.35 25.56 -65.48
CA ALA H 895 63.31 24.90 -66.79
C ALA H 895 64.63 24.20 -67.10
N TYR H 896 65.72 24.83 -66.70
CA TYR H 896 67.08 24.39 -67.05
C TYR H 896 67.79 23.53 -65.97
N VAL H 897 67.53 23.85 -64.69
CA VAL H 897 68.27 23.27 -63.56
C VAL H 897 67.40 22.97 -62.32
N SER H 898 66.25 22.34 -62.52
CA SER H 898 65.40 21.91 -61.38
C SER H 898 65.98 20.67 -60.68
N ASP H 899 66.75 19.87 -61.42
CA ASP H 899 67.46 18.74 -60.83
C ASP H 899 68.41 19.25 -59.76
N SER H 900 69.13 20.31 -60.07
CA SER H 900 70.09 20.87 -59.11
C SER H 900 69.47 21.78 -58.02
N LEU H 901 68.14 21.87 -57.93
CA LEU H 901 67.47 22.66 -56.86
C LEU H 901 67.53 21.98 -55.47
N ASP H 902 67.21 20.69 -55.41
CA ASP H 902 67.25 19.95 -54.13
C ASP H 902 68.69 19.94 -53.60
N ASP H 903 69.65 19.74 -54.50
CA ASP H 903 71.08 19.77 -54.16
C ASP H 903 71.52 21.11 -53.52
N TYR H 904 71.05 22.26 -54.03
CA TYR H 904 71.34 23.59 -53.42
C TYR H 904 70.86 23.78 -51.96
N GLN H 905 69.64 23.33 -51.64
CA GLN H 905 69.09 23.51 -50.29
C GLN H 905 69.87 22.61 -49.29
N SER H 906 70.62 23.28 -48.41
CA SER H 906 71.68 22.67 -47.56
C SER H 906 71.20 22.46 -46.10
#